data_2LEH
#
_entry.id   2LEH
#
_cell.length_a   1.000
_cell.length_b   1.000
_cell.length_c   1.000
_cell.angle_alpha   90.00
_cell.angle_beta   90.00
_cell.angle_gamma   90.00
#
_symmetry.space_group_name_H-M   'P 1'
#
loop_
_entity.id
_entity.type
_entity.pdbx_description
1 polymer 'Survival of motor neuron protein-interacting protein 1'
2 polymer 'Survival motor neuron protein'
#
loop_
_entity_poly.entity_id
_entity_poly.type
_entity_poly.pdbx_seq_one_letter_code
_entity_poly.pdbx_strand_id
1 'polypeptide(L)'
;GYSPTLQWQQQQVAQFSTVRQNVNKHRSHWKSQQLDSNVTMPKSEDEEGWKKFCLGEKLCADGAVGPATNESPGIDYVQI
GFPPLLSIVSRMNQATVTSVLEYLSNWFGERDFTPELGRWLYALLACLEKPLLPEAHSLIRQLARRCSEVRLLVDSKDDE
RVPALNLLICLVSRYFDQRDLADEPSLEY
;
A
2 'polypeptide(L)' GQSDDSDIWDDTALIKAYDKAVASFK B
#
# COMPACT_ATOMS: atom_id res chain seq x y z
N GLY A 1 -0.34 -19.21 23.65
CA GLY A 1 -1.44 -18.22 23.47
C GLY A 1 -1.98 -18.29 22.05
N TYR A 2 -2.27 -19.51 21.60
CA TYR A 2 -2.80 -19.70 20.25
C TYR A 2 -4.15 -19.00 20.14
N SER A 3 -4.97 -19.21 21.17
CA SER A 3 -6.31 -18.62 21.20
C SER A 3 -6.22 -17.09 21.32
N PRO A 4 -5.64 -16.57 22.38
CA PRO A 4 -5.50 -15.09 22.56
C PRO A 4 -4.42 -14.50 21.65
N THR A 5 -4.81 -14.18 20.41
CA THR A 5 -3.86 -13.61 19.43
C THR A 5 -4.11 -12.11 19.30
N LEU A 6 -4.83 -11.56 20.26
CA LEU A 6 -5.16 -10.14 20.26
C LEU A 6 -3.88 -9.31 20.40
N GLN A 7 -2.95 -9.78 21.22
CA GLN A 7 -1.70 -9.05 21.45
C GLN A 7 -0.99 -8.75 20.13
N TRP A 8 -0.82 -9.78 19.31
CA TRP A 8 -0.14 -9.61 18.03
C TRP A 8 -1.01 -8.79 17.07
N GLN A 9 -2.31 -9.02 17.13
CA GLN A 9 -3.27 -8.35 16.26
C GLN A 9 -3.19 -6.83 16.41
N GLN A 10 -3.01 -6.35 17.64
CA GLN A 10 -2.94 -4.92 17.89
C GLN A 10 -1.74 -4.30 17.18
N GLN A 11 -0.62 -5.01 17.18
CA GLN A 11 0.60 -4.50 16.56
C GLN A 11 0.38 -4.14 15.09
N GLN A 12 -0.36 -4.98 14.36
CA GLN A 12 -0.59 -4.73 12.94
C GLN A 12 -1.41 -3.46 12.71
N VAL A 13 -2.60 -3.40 13.30
CA VAL A 13 -3.46 -2.23 13.15
C VAL A 13 -2.83 -1.00 13.80
N ALA A 14 -2.18 -1.23 14.94
CA ALA A 14 -1.54 -0.14 15.67
C ALA A 14 -0.63 0.67 14.76
N GLN A 15 0.05 -0.01 13.86
CA GLN A 15 0.97 0.65 12.93
C GLN A 15 0.24 1.67 12.05
N PHE A 16 -0.99 1.33 11.67
CA PHE A 16 -1.77 2.20 10.80
C PHE A 16 -1.99 3.58 11.44
N SER A 17 -2.37 3.60 12.70
CA SER A 17 -2.58 4.87 13.40
C SER A 17 -1.29 5.67 13.41
N THR A 18 -0.20 4.95 13.64
CA THR A 18 1.14 5.53 13.68
C THR A 18 1.50 6.15 12.34
N VAL A 19 1.16 5.48 11.25
CA VAL A 19 1.48 5.98 9.91
C VAL A 19 0.88 7.38 9.71
N ARG A 20 -0.36 7.57 10.11
CA ARG A 20 -1.01 8.87 9.94
C ARG A 20 -0.22 9.98 10.65
N GLN A 21 0.38 9.65 11.80
CA GLN A 21 1.14 10.63 12.56
C GLN A 21 2.33 11.13 11.76
N ASN A 22 2.96 10.22 11.01
CA ASN A 22 4.12 10.58 10.20
C ASN A 22 3.77 11.58 9.12
N VAL A 23 2.59 11.42 8.53
CA VAL A 23 2.13 12.31 7.47
C VAL A 23 2.00 13.75 7.97
N ASN A 24 1.47 13.90 9.17
CA ASN A 24 1.28 15.23 9.75
C ASN A 24 2.61 15.95 9.92
N LYS A 25 3.64 15.21 10.29
CA LYS A 25 4.97 15.80 10.49
C LYS A 25 5.50 16.41 9.20
N HIS A 26 5.29 15.71 8.10
CA HIS A 26 5.79 16.17 6.80
C HIS A 26 4.86 17.22 6.18
N ARG A 27 3.70 17.42 6.78
CA ARG A 27 2.74 18.39 6.26
C ARG A 27 3.36 19.80 6.25
N SER A 28 4.02 20.15 7.34
CA SER A 28 4.66 21.45 7.45
C SER A 28 5.79 21.60 6.43
N HIS A 29 6.58 20.53 6.28
CA HIS A 29 7.72 20.54 5.36
C HIS A 29 7.25 20.72 3.90
N TRP A 30 6.20 20.01 3.49
CA TRP A 30 5.70 20.13 2.13
C TRP A 30 5.09 21.52 1.89
N LYS A 31 4.43 22.05 2.90
CA LYS A 31 3.79 23.36 2.82
C LYS A 31 4.81 24.42 2.47
N SER A 32 6.08 24.11 2.70
CA SER A 32 7.16 25.03 2.43
C SER A 32 7.46 25.10 0.94
N GLN A 33 6.78 24.24 0.15
CA GLN A 33 6.99 24.24 -1.30
C GLN A 33 5.74 23.70 -2.00
N GLN A 34 5.54 24.11 -3.25
CA GLN A 34 4.37 23.67 -4.03
C GLN A 34 4.63 22.33 -4.71
N LEU A 35 3.61 21.81 -5.39
CA LEU A 35 3.75 20.53 -6.09
C LEU A 35 4.50 20.71 -7.39
N ASP A 36 5.82 20.76 -7.29
CA ASP A 36 6.67 20.93 -8.46
C ASP A 36 8.09 20.49 -8.13
N SER A 37 8.30 20.21 -6.86
CA SER A 37 9.60 19.78 -6.39
C SER A 37 10.08 18.56 -7.16
N ASN A 38 9.16 17.63 -7.43
CA ASN A 38 9.49 16.43 -8.18
C ASN A 38 8.24 15.61 -8.47
N VAL A 39 7.09 16.29 -8.64
CA VAL A 39 5.82 15.59 -8.91
C VAL A 39 5.11 16.17 -10.14
N THR A 40 4.92 15.31 -11.15
CA THR A 40 4.22 15.70 -12.38
C THR A 40 2.92 14.90 -12.49
N MET A 41 1.79 15.58 -12.37
CA MET A 41 0.48 14.92 -12.45
C MET A 41 -0.15 15.10 -13.85
N PRO A 42 -0.21 14.08 -14.69
CA PRO A 42 -0.83 14.21 -16.04
C PRO A 42 -2.27 14.74 -15.96
N LYS A 43 -2.66 15.51 -16.96
CA LYS A 43 -4.00 16.09 -17.01
C LYS A 43 -5.06 15.10 -16.53
N SER A 44 -6.06 15.61 -15.83
CA SER A 44 -7.14 14.79 -15.29
C SER A 44 -7.92 14.07 -16.40
N GLU A 45 -8.16 14.76 -17.51
CA GLU A 45 -8.91 14.16 -18.61
C GLU A 45 -8.15 13.01 -19.25
N ASP A 46 -6.84 12.90 -18.94
CA ASP A 46 -6.01 11.83 -19.48
C ASP A 46 -5.87 10.70 -18.45
N GLU A 47 -6.93 9.92 -18.29
CA GLU A 47 -6.93 8.83 -17.33
C GLU A 47 -5.75 7.88 -17.54
N GLU A 48 -5.32 7.75 -18.79
CA GLU A 48 -4.20 6.86 -19.11
C GLU A 48 -2.92 7.34 -18.42
N GLY A 49 -2.77 8.65 -18.30
CA GLY A 49 -1.59 9.23 -17.68
C GLY A 49 -1.47 8.87 -16.20
N TRP A 50 -2.60 8.84 -15.52
CA TRP A 50 -2.61 8.53 -14.08
C TRP A 50 -2.21 7.08 -13.81
N LYS A 51 -2.79 6.16 -14.57
CA LYS A 51 -2.49 4.74 -14.38
C LYS A 51 -1.01 4.45 -14.65
N LYS A 52 -0.50 4.95 -15.76
CA LYS A 52 0.89 4.72 -16.11
C LYS A 52 1.86 5.51 -15.23
N PHE A 53 1.56 6.79 -15.03
CA PHE A 53 2.43 7.64 -14.22
C PHE A 53 2.54 7.15 -12.78
N CYS A 54 1.39 6.83 -12.17
CA CYS A 54 1.37 6.39 -10.79
C CYS A 54 2.03 5.02 -10.61
N LEU A 55 1.72 4.06 -11.50
CA LEU A 55 2.27 2.71 -11.40
C LEU A 55 3.51 2.55 -12.27
N GLY A 56 3.84 3.57 -13.06
CA GLY A 56 5.01 3.48 -13.92
C GLY A 56 4.91 2.29 -14.88
N GLU A 57 5.85 2.21 -15.82
CA GLU A 57 5.87 1.11 -16.80
C GLU A 57 6.96 0.09 -16.44
N LYS A 58 7.70 0.39 -15.39
CA LYS A 58 8.78 -0.50 -14.95
C LYS A 58 8.24 -1.85 -14.50
N LEU A 59 7.00 -1.86 -14.00
CA LEU A 59 6.42 -3.12 -13.57
C LEU A 59 6.31 -4.06 -14.75
N CYS A 60 5.92 -3.50 -15.90
CA CYS A 60 5.79 -4.29 -17.12
C CYS A 60 7.16 -4.85 -17.53
N ALA A 61 8.19 -4.03 -17.40
CA ALA A 61 9.53 -4.46 -17.77
C ALA A 61 10.13 -5.36 -16.69
N ASP A 62 9.50 -5.34 -15.51
CA ASP A 62 9.94 -6.13 -14.35
C ASP A 62 11.42 -5.89 -14.03
N GLY A 63 11.77 -6.02 -12.76
CA GLY A 63 13.14 -5.80 -12.33
C GLY A 63 13.43 -6.52 -11.02
N ALA A 64 14.02 -7.71 -11.11
CA ALA A 64 14.35 -8.49 -9.94
C ALA A 64 15.24 -9.67 -10.31
N VAL A 65 15.12 -10.13 -11.54
CA VAL A 65 15.91 -11.26 -12.01
C VAL A 65 17.40 -10.91 -11.98
N GLY A 66 17.73 -9.72 -12.48
CA GLY A 66 19.13 -9.28 -12.50
C GLY A 66 19.38 -8.28 -13.63
N PRO A 67 19.59 -8.76 -14.83
CA PRO A 67 19.86 -7.88 -16.02
C PRO A 67 18.65 -6.99 -16.36
N ALA A 68 17.47 -7.41 -15.93
CA ALA A 68 16.26 -6.65 -16.19
C ALA A 68 16.33 -5.30 -15.50
N THR A 69 16.88 -5.27 -14.29
CA THR A 69 17.01 -4.04 -13.53
C THR A 69 17.91 -3.06 -14.27
N ASN A 70 19.03 -3.56 -14.79
CA ASN A 70 19.97 -2.72 -15.52
C ASN A 70 19.58 -2.62 -16.99
N GLU A 71 18.29 -2.39 -17.24
CA GLU A 71 17.79 -2.27 -18.61
C GLU A 71 17.82 -0.83 -19.09
N SER A 72 18.53 0.01 -18.35
CA SER A 72 18.64 1.42 -18.70
C SER A 72 19.71 2.11 -17.87
N PRO A 73 20.92 1.60 -17.89
CA PRO A 73 22.06 2.18 -17.12
C PRO A 73 22.59 3.47 -17.77
N GLY A 74 22.05 4.61 -17.35
CA GLY A 74 22.46 5.91 -17.88
C GLY A 74 22.59 6.94 -16.77
N ILE A 75 21.55 7.03 -15.94
CA ILE A 75 21.54 7.99 -14.82
C ILE A 75 21.06 7.29 -13.55
N ASP A 76 19.86 7.67 -13.06
CA ASP A 76 19.33 7.07 -11.85
C ASP A 76 17.82 7.32 -11.76
N TYR A 77 17.45 8.56 -11.47
CA TYR A 77 16.05 8.93 -11.35
C TYR A 77 15.25 8.48 -12.58
N VAL A 78 15.89 8.52 -13.73
CA VAL A 78 15.23 8.14 -14.97
C VAL A 78 14.90 6.65 -14.99
N GLN A 79 15.85 5.82 -14.57
CA GLN A 79 15.65 4.37 -14.56
C GLN A 79 14.96 3.91 -13.29
N ILE A 80 14.49 4.88 -12.51
CA ILE A 80 13.79 4.61 -11.25
C ILE A 80 12.36 5.14 -11.34
N GLY A 81 12.16 6.13 -12.20
CA GLY A 81 10.83 6.72 -12.37
C GLY A 81 10.45 7.53 -11.13
N PHE A 82 9.17 7.87 -11.01
CA PHE A 82 8.66 8.64 -9.88
C PHE A 82 7.99 7.70 -8.87
N PRO A 83 8.63 7.34 -7.77
CA PRO A 83 8.00 6.42 -6.78
C PRO A 83 6.97 7.17 -5.91
N PRO A 84 6.05 6.46 -5.30
CA PRO A 84 5.00 7.11 -4.45
C PRO A 84 5.60 7.79 -3.23
N LEU A 85 5.09 8.98 -2.92
CA LEU A 85 5.55 9.75 -1.77
C LEU A 85 4.40 10.54 -1.17
N LEU A 86 4.67 11.23 -0.08
CA LEU A 86 3.66 12.00 0.61
C LEU A 86 3.14 13.13 -0.30
N SER A 87 4.06 13.79 -1.00
CA SER A 87 3.68 14.89 -1.89
C SER A 87 2.80 14.40 -3.03
N ILE A 88 3.17 13.28 -3.64
CA ILE A 88 2.39 12.74 -4.74
C ILE A 88 1.02 12.30 -4.27
N VAL A 89 1.02 11.52 -3.20
CA VAL A 89 -0.20 10.97 -2.63
C VAL A 89 -1.10 12.06 -2.03
N SER A 90 -0.49 13.03 -1.35
CA SER A 90 -1.25 14.09 -0.70
C SER A 90 -2.18 14.83 -1.66
N ARG A 91 -1.79 14.94 -2.93
CA ARG A 91 -2.62 15.66 -3.91
C ARG A 91 -3.66 14.74 -4.52
N MET A 92 -3.44 13.43 -4.44
CA MET A 92 -4.39 12.48 -5.01
C MET A 92 -5.64 12.37 -4.17
N ASN A 93 -6.79 12.35 -4.83
CA ASN A 93 -8.07 12.25 -4.15
C ASN A 93 -8.39 10.79 -3.83
N GLN A 94 -9.25 10.61 -2.84
CA GLN A 94 -9.66 9.26 -2.45
C GLN A 94 -10.43 8.60 -3.60
N ALA A 95 -11.27 9.41 -4.22
CA ALA A 95 -12.10 8.96 -5.34
C ALA A 95 -11.28 8.63 -6.57
N THR A 96 -10.18 9.34 -6.80
CA THR A 96 -9.38 9.10 -8.00
C THR A 96 -8.84 7.68 -8.06
N VAL A 97 -8.25 7.23 -6.96
CA VAL A 97 -7.69 5.88 -6.93
C VAL A 97 -8.80 4.83 -6.95
N THR A 98 -9.98 5.21 -6.46
CA THR A 98 -11.11 4.29 -6.43
C THR A 98 -11.51 3.85 -7.84
N SER A 99 -11.57 4.78 -8.77
CA SER A 99 -11.92 4.45 -10.15
C SER A 99 -10.81 3.60 -10.77
N VAL A 100 -9.58 3.96 -10.48
CA VAL A 100 -8.41 3.25 -11.01
C VAL A 100 -8.43 1.78 -10.57
N LEU A 101 -9.20 1.49 -9.53
CA LEU A 101 -9.30 0.13 -9.00
C LEU A 101 -9.90 -0.82 -10.04
N GLU A 102 -10.82 -0.31 -10.84
CA GLU A 102 -11.49 -1.13 -11.85
C GLU A 102 -10.48 -1.71 -12.85
N TYR A 103 -9.54 -0.88 -13.27
CA TYR A 103 -8.53 -1.31 -14.24
C TYR A 103 -7.69 -2.47 -13.67
N LEU A 104 -7.33 -2.34 -12.40
CA LEU A 104 -6.49 -3.34 -11.74
C LEU A 104 -7.15 -4.72 -11.75
N SER A 105 -8.45 -4.75 -11.50
CA SER A 105 -9.18 -6.01 -11.46
C SER A 105 -9.23 -6.67 -12.84
N ASN A 106 -9.15 -5.85 -13.89
CA ASN A 106 -9.21 -6.35 -15.26
C ASN A 106 -8.10 -7.37 -15.55
N TRP A 107 -6.91 -7.13 -15.00
CA TRP A 107 -5.79 -8.04 -15.22
C TRP A 107 -6.19 -9.47 -14.83
N PHE A 108 -6.98 -9.59 -13.76
CA PHE A 108 -7.43 -10.91 -13.30
C PHE A 108 -6.25 -11.87 -13.21
N GLY A 109 -6.30 -12.93 -14.00
CA GLY A 109 -5.23 -13.91 -13.99
C GLY A 109 -5.37 -14.87 -12.82
N GLU A 110 -6.50 -14.79 -12.13
CA GLU A 110 -6.79 -15.63 -10.98
C GLU A 110 -5.52 -15.95 -10.17
N ARG A 111 -4.84 -17.02 -10.56
CA ARG A 111 -3.62 -17.45 -9.87
C ARG A 111 -2.65 -16.29 -9.69
N ASP A 112 -2.81 -15.23 -10.50
CA ASP A 112 -1.94 -14.08 -10.39
C ASP A 112 -2.38 -13.17 -9.26
N PHE A 113 -1.41 -12.55 -8.59
CA PHE A 113 -1.70 -11.63 -7.49
C PHE A 113 -0.56 -10.63 -7.37
N THR A 114 0.48 -10.83 -8.19
CA THR A 114 1.66 -9.95 -8.23
C THR A 114 1.93 -9.30 -6.87
N PRO A 115 2.76 -9.88 -6.01
CA PRO A 115 3.07 -9.30 -4.67
C PRO A 115 3.61 -7.87 -4.77
N GLU A 116 3.76 -7.39 -6.00
CA GLU A 116 4.25 -6.03 -6.23
C GLU A 116 3.22 -5.00 -5.79
N LEU A 117 1.95 -5.33 -6.01
CA LEU A 117 0.84 -4.45 -5.66
C LEU A 117 0.73 -4.28 -4.14
N GLY A 118 1.19 -5.27 -3.41
CA GLY A 118 1.11 -5.22 -1.95
C GLY A 118 1.79 -3.97 -1.40
N ARG A 119 2.93 -3.60 -1.95
CA ARG A 119 3.61 -2.39 -1.50
C ARG A 119 2.71 -1.19 -1.76
N TRP A 120 2.00 -1.26 -2.87
CA TRP A 120 1.06 -0.22 -3.29
C TRP A 120 -0.22 -0.29 -2.43
N LEU A 121 -0.62 -1.51 -2.10
CA LEU A 121 -1.86 -1.75 -1.33
C LEU A 121 -1.91 -0.89 -0.06
N TYR A 122 -0.81 -0.81 0.67
CA TYR A 122 -0.78 -0.02 1.90
C TYR A 122 -1.10 1.44 1.63
N ALA A 123 -0.62 1.97 0.51
CA ALA A 123 -0.86 3.37 0.17
C ALA A 123 -2.36 3.67 0.00
N LEU A 124 -3.12 2.71 -0.52
CA LEU A 124 -4.56 2.91 -0.73
C LEU A 124 -5.28 3.19 0.59
N LEU A 125 -4.97 2.45 1.63
CA LEU A 125 -5.62 2.66 2.92
C LEU A 125 -5.28 4.04 3.47
N ALA A 126 -4.01 4.42 3.33
CA ALA A 126 -3.55 5.71 3.80
C ALA A 126 -4.22 6.85 3.02
N CYS A 127 -4.64 6.55 1.78
CA CYS A 127 -5.29 7.56 0.94
C CYS A 127 -6.77 7.67 1.26
N LEU A 128 -7.32 6.66 1.94
CA LEU A 128 -8.74 6.65 2.32
C LEU A 128 -8.91 7.32 3.69
N GLU A 129 -9.88 8.25 3.75
CA GLU A 129 -10.16 8.98 5.00
C GLU A 129 -11.66 9.21 5.13
N LYS A 130 -12.09 9.70 6.30
CA LYS A 130 -13.50 9.95 6.53
C LYS A 130 -14.29 8.67 6.23
N PRO A 131 -15.61 8.67 6.39
CA PRO A 131 -16.43 7.44 6.11
C PRO A 131 -16.35 7.00 4.64
N LEU A 132 -16.37 5.70 4.43
CA LEU A 132 -16.29 5.15 3.07
C LEU A 132 -17.67 5.17 2.41
N LEU A 133 -17.72 5.58 1.15
CA LEU A 133 -18.98 5.63 0.43
C LEU A 133 -19.57 4.21 0.33
N PRO A 134 -20.86 4.05 0.13
CA PRO A 134 -21.45 2.68 0.01
C PRO A 134 -20.69 1.83 -1.00
N GLU A 135 -20.30 2.47 -2.11
CA GLU A 135 -19.57 1.78 -3.16
C GLU A 135 -18.18 1.37 -2.69
N ALA A 136 -17.55 2.25 -1.92
CA ALA A 136 -16.21 2.01 -1.42
C ALA A 136 -16.17 0.79 -0.50
N HIS A 137 -17.21 0.61 0.30
CA HIS A 137 -17.26 -0.53 1.22
C HIS A 137 -17.39 -1.83 0.41
N SER A 138 -18.19 -1.79 -0.64
CA SER A 138 -18.41 -2.96 -1.48
C SER A 138 -17.13 -3.42 -2.16
N LEU A 139 -16.35 -2.49 -2.71
CA LEU A 139 -15.12 -2.85 -3.44
C LEU A 139 -14.07 -3.51 -2.55
N ILE A 140 -13.85 -3.00 -1.34
CA ILE A 140 -12.86 -3.59 -0.45
C ILE A 140 -13.24 -5.03 -0.14
N ARG A 141 -14.53 -5.31 -0.16
CA ARG A 141 -15.01 -6.67 0.09
C ARG A 141 -14.62 -7.59 -1.07
N GLN A 142 -14.66 -7.07 -2.29
CA GLN A 142 -14.36 -7.86 -3.49
C GLN A 142 -12.92 -8.39 -3.50
N LEU A 143 -11.95 -7.53 -3.23
CA LEU A 143 -10.54 -7.95 -3.27
C LEU A 143 -10.19 -8.94 -2.17
N ALA A 144 -10.77 -8.78 -0.99
CA ALA A 144 -10.48 -9.67 0.14
C ALA A 144 -10.94 -11.10 -0.15
N ARG A 145 -12.10 -11.22 -0.78
CA ARG A 145 -12.67 -12.53 -1.10
C ARG A 145 -11.82 -13.28 -2.13
N ARG A 146 -11.26 -12.55 -3.09
CA ARG A 146 -10.46 -13.17 -4.13
C ARG A 146 -9.21 -13.81 -3.53
N CYS A 147 -8.64 -13.15 -2.54
CA CYS A 147 -7.43 -13.66 -1.88
C CYS A 147 -7.64 -15.07 -1.34
N SER A 148 -8.86 -15.35 -0.87
CA SER A 148 -9.19 -16.66 -0.32
C SER A 148 -8.93 -17.77 -1.34
N GLU A 149 -9.13 -17.47 -2.61
CA GLU A 149 -8.93 -18.46 -3.65
C GLU A 149 -7.49 -18.96 -3.66
N VAL A 150 -6.56 -18.06 -3.39
CA VAL A 150 -5.14 -18.42 -3.36
C VAL A 150 -4.86 -19.49 -2.29
N ARG A 151 -5.52 -19.35 -1.14
CA ARG A 151 -5.33 -20.30 -0.04
C ARG A 151 -5.68 -21.72 -0.49
N LEU A 152 -6.76 -21.85 -1.25
CA LEU A 152 -7.19 -23.17 -1.72
C LEU A 152 -6.09 -23.79 -2.59
N LEU A 153 -5.48 -22.98 -3.43
CA LEU A 153 -4.42 -23.46 -4.32
C LEU A 153 -3.23 -23.96 -3.52
N VAL A 154 -2.88 -23.27 -2.45
CA VAL A 154 -1.74 -23.68 -1.62
C VAL A 154 -1.91 -25.13 -1.17
N ASP A 155 -0.86 -25.92 -1.39
CA ASP A 155 -0.89 -27.33 -1.01
C ASP A 155 -0.77 -27.52 0.50
N SER A 156 0.11 -26.75 1.14
CA SER A 156 0.34 -26.86 2.59
C SER A 156 -0.06 -25.59 3.33
N LYS A 157 -0.90 -25.74 4.35
CA LYS A 157 -1.35 -24.61 5.16
C LYS A 157 -0.17 -23.99 5.91
N ASP A 158 0.81 -24.82 6.26
CA ASP A 158 1.97 -24.36 7.00
C ASP A 158 2.96 -23.65 6.08
N ASP A 159 2.53 -23.39 4.84
CA ASP A 159 3.35 -22.72 3.81
C ASP A 159 4.48 -21.88 4.41
N GLU A 160 4.30 -20.56 4.37
CA GLU A 160 5.30 -19.63 4.90
C GLU A 160 4.76 -18.22 4.76
N ARG A 161 3.88 -18.05 3.78
CA ARG A 161 3.25 -16.76 3.51
C ARG A 161 1.89 -16.70 4.20
N VAL A 162 1.29 -17.86 4.36
CA VAL A 162 -0.02 -17.97 4.99
C VAL A 162 -0.08 -17.14 6.30
N PRO A 163 0.90 -17.22 7.17
CA PRO A 163 0.87 -16.44 8.45
C PRO A 163 0.69 -14.93 8.23
N ALA A 164 1.41 -14.40 7.24
CA ALA A 164 1.32 -12.97 6.93
C ALA A 164 -0.04 -12.66 6.35
N LEU A 165 -0.49 -13.56 5.49
CA LEU A 165 -1.79 -13.40 4.85
C LEU A 165 -2.89 -13.39 5.91
N ASN A 166 -2.79 -14.29 6.88
CA ASN A 166 -3.81 -14.36 7.92
C ASN A 166 -3.92 -13.03 8.67
N LEU A 167 -2.78 -12.45 9.00
CA LEU A 167 -2.76 -11.17 9.72
C LEU A 167 -3.34 -10.05 8.86
N LEU A 168 -3.06 -10.10 7.56
CA LEU A 168 -3.52 -9.08 6.63
C LEU A 168 -5.05 -8.98 6.59
N ILE A 169 -5.73 -10.12 6.56
CA ILE A 169 -7.18 -10.15 6.52
C ILE A 169 -7.78 -9.55 7.79
N CYS A 170 -7.20 -9.90 8.93
CA CYS A 170 -7.70 -9.41 10.22
C CYS A 170 -7.73 -7.88 10.24
N LEU A 171 -6.75 -7.26 9.61
CA LEU A 171 -6.63 -5.81 9.59
C LEU A 171 -7.87 -5.15 8.97
N VAL A 172 -8.32 -5.68 7.84
CA VAL A 172 -9.48 -5.14 7.13
C VAL A 172 -10.77 -5.23 7.95
N SER A 173 -11.00 -6.38 8.58
CA SER A 173 -12.22 -6.62 9.36
C SER A 173 -12.38 -5.68 10.56
N ARG A 174 -11.29 -5.40 11.28
CA ARG A 174 -11.36 -4.56 12.47
C ARG A 174 -11.28 -3.07 12.16
N TYR A 175 -10.35 -2.68 11.30
CA TYR A 175 -10.18 -1.27 10.98
C TYR A 175 -11.46 -0.68 10.40
N PHE A 176 -12.07 -1.40 9.46
CA PHE A 176 -13.31 -0.93 8.83
C PHE A 176 -14.52 -1.44 9.62
N ASP A 177 -14.26 -2.27 10.61
CA ASP A 177 -15.32 -2.84 11.44
C ASP A 177 -16.24 -3.72 10.62
N GLN A 178 -15.71 -4.29 9.54
CA GLN A 178 -16.51 -5.17 8.69
C GLN A 178 -16.60 -6.55 9.33
N ARG A 179 -17.55 -6.71 10.23
CA ARG A 179 -17.73 -7.98 10.93
C ARG A 179 -18.11 -9.08 9.95
N ASP A 180 -18.49 -8.71 8.75
CA ASP A 180 -18.87 -9.69 7.74
C ASP A 180 -17.70 -10.60 7.39
N LEU A 181 -16.48 -10.04 7.42
CA LEU A 181 -15.27 -10.83 7.10
C LEU A 181 -14.62 -11.32 8.39
N ALA A 182 -15.08 -10.82 9.52
CA ALA A 182 -14.52 -11.22 10.80
C ALA A 182 -14.80 -12.69 11.06
N ASP A 183 -13.80 -13.39 11.58
CA ASP A 183 -13.94 -14.81 11.87
C ASP A 183 -14.53 -15.02 13.27
N GLU A 184 -15.84 -14.95 13.37
CA GLU A 184 -16.51 -15.13 14.65
C GLU A 184 -16.52 -16.61 15.05
N PRO A 185 -16.48 -16.94 16.32
CA PRO A 185 -16.47 -18.36 16.77
C PRO A 185 -17.82 -19.05 16.52
N SER A 186 -18.71 -18.96 17.51
CA SER A 186 -20.03 -19.58 17.39
C SER A 186 -21.01 -18.90 18.33
N LEU A 187 -20.83 -17.59 18.52
CA LEU A 187 -21.69 -16.81 19.39
C LEU A 187 -21.62 -17.33 20.83
N GLU A 188 -20.80 -18.35 21.04
CA GLU A 188 -20.65 -18.93 22.38
C GLU A 188 -22.01 -19.34 22.94
N TYR A 189 -22.89 -19.81 22.07
CA TYR A 189 -24.22 -20.23 22.49
C TYR A 189 -24.95 -19.10 23.20
N GLY B 1 20.15 30.99 2.64
CA GLY B 1 20.81 29.76 2.10
C GLY B 1 19.98 29.19 0.95
N GLN B 2 20.49 28.13 0.34
CA GLN B 2 19.79 27.51 -0.78
C GLN B 2 18.47 26.90 -0.30
N SER B 3 18.49 26.31 0.89
CA SER B 3 17.30 25.69 1.45
C SER B 3 16.76 24.60 0.52
N ASP B 4 16.98 23.35 0.90
CA ASP B 4 16.52 22.20 0.12
C ASP B 4 16.03 21.10 1.05
N ASP B 5 15.57 21.51 2.22
CA ASP B 5 15.08 20.56 3.21
C ASP B 5 13.82 19.86 2.71
N SER B 6 13.69 18.57 3.02
CA SER B 6 12.53 17.79 2.60
C SER B 6 12.71 16.33 2.97
N ASP B 7 13.97 15.92 3.11
CA ASP B 7 14.31 14.54 3.47
C ASP B 7 14.81 14.48 4.91
N ILE B 8 14.62 15.57 5.62
CA ILE B 8 15.06 15.67 7.00
C ILE B 8 14.60 14.47 7.83
N TRP B 9 13.37 14.01 7.59
CA TRP B 9 12.82 12.84 8.31
C TRP B 9 12.38 11.76 7.32
N ASP B 10 13.00 10.59 7.42
CA ASP B 10 12.72 9.46 6.54
C ASP B 10 11.27 9.44 6.07
N ASP B 11 11.03 10.03 4.90
CA ASP B 11 9.70 10.05 4.31
C ASP B 11 9.34 8.66 3.81
N THR B 12 10.36 7.80 3.76
CA THR B 12 10.19 6.43 3.30
C THR B 12 9.57 5.59 4.41
N ALA B 13 9.10 6.27 5.45
CA ALA B 13 8.49 5.61 6.58
C ALA B 13 7.40 4.67 6.11
N LEU B 14 6.69 5.07 5.06
CA LEU B 14 5.62 4.26 4.50
C LEU B 14 6.18 2.95 3.97
N ILE B 15 7.34 3.03 3.33
CA ILE B 15 7.97 1.84 2.75
C ILE B 15 8.43 0.87 3.82
N LYS B 16 9.00 1.39 4.91
CA LYS B 16 9.49 0.54 6.00
C LYS B 16 8.36 -0.33 6.55
N ALA B 17 7.17 0.23 6.64
CA ALA B 17 6.03 -0.49 7.19
C ALA B 17 5.72 -1.74 6.37
N TYR B 18 6.02 -1.70 5.08
CA TYR B 18 5.76 -2.84 4.20
C TYR B 18 6.52 -4.09 4.65
N ASP B 19 7.81 -3.93 4.94
CA ASP B 19 8.66 -5.05 5.33
C ASP B 19 8.29 -5.65 6.70
N LYS B 20 7.91 -4.79 7.65
CA LYS B 20 7.57 -5.26 8.99
C LYS B 20 6.37 -6.19 8.98
N ALA B 21 5.31 -5.78 8.28
CA ALA B 21 4.08 -6.57 8.21
C ALA B 21 4.34 -7.95 7.58
N VAL B 22 5.04 -7.96 6.45
CA VAL B 22 5.34 -9.21 5.77
C VAL B 22 6.36 -10.01 6.57
N ALA B 23 7.37 -9.32 7.09
CA ALA B 23 8.40 -9.96 7.88
C ALA B 23 7.81 -10.68 9.08
N SER B 24 6.59 -10.27 9.48
CA SER B 24 5.92 -10.87 10.63
C SER B 24 5.79 -12.39 10.45
N PHE B 25 6.88 -13.08 10.71
CA PHE B 25 6.90 -14.54 10.60
C PHE B 25 8.19 -15.08 11.21
N LYS B 26 9.28 -14.34 11.04
CA LYS B 26 10.57 -14.75 11.57
C LYS B 26 10.46 -15.07 13.06
N GLY A 1 -2.83 -20.61 27.10
CA GLY A 1 -1.58 -19.84 26.83
C GLY A 1 -1.90 -18.61 26.01
N TYR A 2 -3.16 -18.15 26.09
CA TYR A 2 -3.59 -16.97 25.35
C TYR A 2 -3.42 -15.72 26.20
N SER A 3 -2.59 -14.80 25.73
CA SER A 3 -2.33 -13.56 26.45
C SER A 3 -1.15 -12.80 25.82
N PRO A 4 0.04 -13.36 25.85
CA PRO A 4 1.24 -12.69 25.26
C PRO A 4 1.11 -12.56 23.73
N THR A 5 0.23 -13.36 23.16
CA THR A 5 0.01 -13.34 21.72
C THR A 5 -0.56 -11.99 21.27
N LEU A 6 -1.00 -11.20 22.24
CA LEU A 6 -1.58 -9.89 21.93
C LEU A 6 -0.54 -9.00 21.25
N GLN A 7 0.68 -9.05 21.75
CA GLN A 7 1.75 -8.22 21.19
C GLN A 7 1.89 -8.49 19.69
N TRP A 8 1.82 -9.75 19.31
CA TRP A 8 1.94 -10.12 17.89
C TRP A 8 0.73 -9.63 17.08
N GLN A 9 -0.46 -9.79 17.63
CA GLN A 9 -1.68 -9.39 16.93
C GLN A 9 -1.76 -7.87 16.74
N GLN A 10 -1.35 -7.11 17.74
CA GLN A 10 -1.41 -5.66 17.65
C GLN A 10 -0.52 -5.10 16.54
N GLN A 11 0.71 -5.59 16.47
CA GLN A 11 1.66 -5.12 15.46
C GLN A 11 0.99 -4.92 14.10
N GLN A 12 0.06 -5.81 13.76
CA GLN A 12 -0.63 -5.73 12.47
C GLN A 12 -1.44 -4.42 12.36
N VAL A 13 -2.57 -4.38 13.06
CA VAL A 13 -3.44 -3.20 13.03
C VAL A 13 -2.76 -1.98 13.65
N ALA A 14 -2.03 -2.23 14.73
CA ALA A 14 -1.33 -1.15 15.45
C ALA A 14 -0.50 -0.31 14.50
N GLN A 15 0.12 -0.95 13.52
CA GLN A 15 0.97 -0.24 12.57
C GLN A 15 0.20 0.80 11.77
N PHE A 16 -1.03 0.47 11.42
CA PHE A 16 -1.86 1.38 10.62
C PHE A 16 -2.05 2.72 11.33
N SER A 17 -2.41 2.68 12.61
CA SER A 17 -2.61 3.91 13.36
C SER A 17 -1.32 4.72 13.39
N THR A 18 -0.22 3.99 13.51
CA THR A 18 1.12 4.58 13.54
C THR A 18 1.45 5.28 12.22
N VAL A 19 1.10 4.64 11.10
CA VAL A 19 1.39 5.21 9.79
C VAL A 19 0.77 6.60 9.64
N ARG A 20 -0.44 6.78 10.13
CA ARG A 20 -1.10 8.07 10.03
C ARG A 20 -0.29 9.14 10.74
N GLN A 21 0.34 8.76 11.85
CA GLN A 21 1.15 9.70 12.62
C GLN A 21 2.34 10.21 11.80
N ASN A 22 2.90 9.31 10.99
CA ASN A 22 4.06 9.63 10.17
C ASN A 22 3.73 10.71 9.13
N VAL A 23 2.53 10.63 8.55
CA VAL A 23 2.11 11.60 7.55
C VAL A 23 2.00 13.00 8.14
N ASN A 24 1.46 13.09 9.35
CA ASN A 24 1.26 14.39 10.01
C ASN A 24 2.60 15.13 10.18
N LYS A 25 3.63 14.40 10.58
CA LYS A 25 4.94 15.02 10.79
C LYS A 25 5.50 15.58 9.49
N HIS A 26 5.31 14.83 8.42
CA HIS A 26 5.81 15.21 7.12
C HIS A 26 5.00 16.35 6.52
N ARG A 27 3.84 16.64 7.12
CA ARG A 27 3.01 17.72 6.61
C ARG A 27 3.77 19.04 6.67
N SER A 28 4.46 19.25 7.79
CA SER A 28 5.25 20.47 7.97
C SER A 28 6.36 20.53 6.92
N HIS A 29 6.98 19.39 6.64
CA HIS A 29 8.04 19.33 5.65
C HIS A 29 7.50 19.72 4.28
N TRP A 30 6.39 19.11 3.88
CA TRP A 30 5.78 19.41 2.59
C TRP A 30 5.28 20.85 2.57
N LYS A 31 4.83 21.32 3.73
CA LYS A 31 4.32 22.69 3.84
C LYS A 31 5.43 23.68 3.49
N SER A 32 6.65 23.30 3.83
CA SER A 32 7.81 24.14 3.57
C SER A 32 8.18 24.08 2.09
N GLN A 33 7.43 23.29 1.33
CA GLN A 33 7.67 23.14 -0.11
C GLN A 33 9.06 22.60 -0.42
N GLN A 34 9.10 21.62 -1.32
CA GLN A 34 10.35 20.99 -1.75
C GLN A 34 10.40 20.96 -3.28
N LEU A 35 10.20 19.79 -3.87
CA LEU A 35 10.20 19.68 -5.32
C LEU A 35 9.07 20.53 -5.88
N ASP A 36 7.90 20.41 -5.26
CA ASP A 36 6.73 21.17 -5.66
C ASP A 36 5.58 20.92 -4.68
N SER A 37 4.48 21.61 -4.88
CA SER A 37 3.32 21.45 -4.00
C SER A 37 2.62 20.11 -4.27
N ASN A 38 2.88 19.55 -5.45
CA ASN A 38 2.28 18.27 -5.82
C ASN A 38 2.86 17.77 -7.14
N VAL A 39 3.85 18.48 -7.65
CA VAL A 39 4.46 18.12 -8.92
C VAL A 39 3.37 17.97 -9.98
N THR A 40 3.75 17.80 -11.23
CA THR A 40 2.76 17.68 -12.32
C THR A 40 2.44 16.22 -12.63
N MET A 41 1.14 15.93 -12.68
CA MET A 41 0.63 14.59 -12.99
C MET A 41 -0.31 14.68 -14.19
N PRO A 42 -0.41 13.66 -15.02
CA PRO A 42 -1.31 13.69 -16.22
C PRO A 42 -2.78 13.86 -15.83
N LYS A 43 -3.52 14.57 -16.67
CA LYS A 43 -4.94 14.82 -16.40
C LYS A 43 -5.67 13.54 -16.03
N SER A 44 -6.77 13.71 -15.31
CA SER A 44 -7.57 12.57 -14.88
C SER A 44 -8.17 11.85 -16.08
N GLU A 45 -8.50 12.61 -17.12
CA GLU A 45 -9.09 12.03 -18.33
C GLU A 45 -8.07 11.17 -19.07
N ASP A 46 -6.80 11.32 -18.71
CA ASP A 46 -5.73 10.54 -19.35
C ASP A 46 -5.33 9.35 -18.48
N GLU A 47 -6.25 8.40 -18.35
CA GLU A 47 -5.99 7.23 -17.53
C GLU A 47 -4.68 6.55 -17.94
N GLU A 48 -4.34 6.63 -19.22
CA GLU A 48 -3.11 6.04 -19.71
C GLU A 48 -1.92 6.68 -19.04
N GLY A 49 -1.99 8.00 -18.87
CA GLY A 49 -0.90 8.75 -18.23
C GLY A 49 -0.75 8.33 -16.77
N TRP A 50 -1.88 8.14 -16.10
CA TRP A 50 -1.88 7.75 -14.69
C TRP A 50 -1.38 6.32 -14.52
N LYS A 51 -1.83 5.43 -15.40
CA LYS A 51 -1.44 4.03 -15.31
C LYS A 51 0.06 3.87 -15.47
N LYS A 52 0.63 4.47 -16.50
CA LYS A 52 2.06 4.34 -16.74
C LYS A 52 2.87 5.16 -15.74
N PHE A 53 2.44 6.39 -15.50
CA PHE A 53 3.16 7.27 -14.57
C PHE A 53 3.14 6.76 -13.13
N CYS A 54 1.95 6.36 -12.65
CA CYS A 54 1.81 5.90 -11.27
C CYS A 54 2.27 4.45 -11.05
N LEU A 55 1.89 3.53 -11.95
CA LEU A 55 2.26 2.11 -11.79
C LEU A 55 3.48 1.74 -12.63
N GLY A 56 4.10 2.73 -13.27
CA GLY A 56 5.28 2.46 -14.07
C GLY A 56 4.96 1.50 -15.22
N GLU A 57 6.01 0.93 -15.80
CA GLU A 57 5.85 -0.02 -16.91
C GLU A 57 7.20 -0.65 -17.26
N LYS A 58 8.26 0.17 -17.22
CA LYS A 58 9.61 -0.31 -17.51
C LYS A 58 10.06 -1.35 -16.50
N LEU A 59 9.53 -1.25 -15.29
CA LEU A 59 9.90 -2.19 -14.24
C LEU A 59 9.64 -3.61 -14.71
N CYS A 60 8.51 -3.81 -15.37
CA CYS A 60 8.16 -5.13 -15.89
C CYS A 60 9.16 -5.56 -16.95
N ALA A 61 9.46 -4.64 -17.84
CA ALA A 61 10.40 -4.90 -18.93
C ALA A 61 11.80 -5.16 -18.39
N ASP A 62 12.18 -4.42 -17.35
CA ASP A 62 13.50 -4.57 -16.74
C ASP A 62 13.51 -5.77 -15.80
N GLY A 63 13.51 -5.49 -14.50
CA GLY A 63 13.53 -6.56 -13.50
C GLY A 63 14.96 -7.04 -13.26
N ALA A 64 15.92 -6.25 -13.72
CA ALA A 64 17.33 -6.59 -13.57
C ALA A 64 17.87 -6.06 -12.25
N VAL A 65 17.03 -5.33 -11.52
CA VAL A 65 17.44 -4.77 -10.23
C VAL A 65 17.42 -5.87 -9.17
N GLY A 66 18.61 -6.33 -8.80
CA GLY A 66 18.74 -7.38 -7.79
C GLY A 66 20.14 -7.99 -7.82
N PRO A 67 20.42 -8.82 -8.78
CA PRO A 67 21.76 -9.46 -8.93
C PRO A 67 22.85 -8.43 -9.20
N ALA A 68 22.44 -7.28 -9.74
CA ALA A 68 23.37 -6.20 -10.05
C ALA A 68 22.62 -4.88 -10.18
N THR A 69 23.23 -3.79 -9.72
CA THR A 69 22.60 -2.48 -9.80
C THR A 69 23.65 -1.37 -9.81
N ASN A 70 24.64 -1.49 -8.93
CA ASN A 70 25.70 -0.49 -8.85
C ASN A 70 26.49 -0.44 -10.14
N GLU A 71 26.76 -1.62 -10.70
CA GLU A 71 27.51 -1.71 -11.95
C GLU A 71 26.63 -1.32 -13.14
N SER A 72 25.80 -0.30 -12.95
CA SER A 72 24.91 0.17 -14.00
C SER A 72 24.57 1.64 -13.81
N PRO A 73 25.57 2.49 -13.74
CA PRO A 73 25.37 3.96 -13.55
C PRO A 73 24.78 4.62 -14.79
N GLY A 74 24.16 3.82 -15.66
CA GLY A 74 23.55 4.33 -16.90
C GLY A 74 22.08 4.63 -16.69
N ILE A 75 21.64 4.58 -15.43
CA ILE A 75 20.24 4.84 -15.11
C ILE A 75 19.95 6.33 -15.16
N ASP A 76 18.89 6.70 -15.89
CA ASP A 76 18.47 8.10 -16.01
C ASP A 76 17.17 8.30 -15.22
N TYR A 77 17.17 9.24 -14.30
CA TYR A 77 16.00 9.51 -13.49
C TYR A 77 14.86 10.07 -14.35
N VAL A 78 15.23 10.60 -15.52
CA VAL A 78 14.25 11.19 -16.43
C VAL A 78 13.24 10.15 -16.92
N GLN A 79 13.72 8.97 -17.29
CA GLN A 79 12.84 7.91 -17.79
C GLN A 79 12.16 7.18 -16.65
N ILE A 80 12.45 7.64 -15.44
CA ILE A 80 11.87 7.06 -14.23
C ILE A 80 10.76 7.97 -13.69
N GLY A 81 10.84 9.24 -14.01
CA GLY A 81 9.84 10.21 -13.57
C GLY A 81 9.83 10.36 -12.06
N PHE A 82 8.96 11.24 -11.57
CA PHE A 82 8.85 11.49 -10.12
C PHE A 82 7.99 10.38 -9.48
N PRO A 83 8.40 9.80 -8.37
CA PRO A 83 7.59 8.73 -7.70
C PRO A 83 6.44 9.33 -6.89
N PRO A 84 5.43 8.57 -6.58
CA PRO A 84 4.27 9.07 -5.80
C PRO A 84 4.66 9.34 -4.34
N LEU A 85 4.16 10.44 -3.78
CA LEU A 85 4.47 10.80 -2.39
C LEU A 85 3.24 11.42 -1.70
N LEU A 86 3.47 11.98 -0.53
CA LEU A 86 2.38 12.58 0.25
C LEU A 86 1.74 13.77 -0.48
N SER A 87 2.58 14.64 -1.05
CA SER A 87 2.06 15.82 -1.74
C SER A 87 1.20 15.47 -2.96
N ILE A 88 1.67 14.52 -3.76
CA ILE A 88 0.92 14.11 -4.95
C ILE A 88 -0.39 13.46 -4.55
N VAL A 89 -0.29 12.57 -3.57
CA VAL A 89 -1.45 11.86 -3.07
C VAL A 89 -2.40 12.80 -2.36
N SER A 90 -1.83 13.74 -1.60
CA SER A 90 -2.62 14.69 -0.83
C SER A 90 -3.60 15.45 -1.74
N ARG A 91 -3.19 15.72 -2.98
CA ARG A 91 -4.06 16.44 -3.91
C ARG A 91 -4.99 15.47 -4.64
N MET A 92 -4.58 14.21 -4.71
CA MET A 92 -5.39 13.21 -5.39
C MET A 92 -6.65 12.90 -4.58
N ASN A 93 -7.79 12.91 -5.26
CA ASN A 93 -9.06 12.63 -4.59
C ASN A 93 -9.21 11.14 -4.31
N GLN A 94 -9.96 10.81 -3.27
CA GLN A 94 -10.19 9.42 -2.90
C GLN A 94 -10.96 8.70 -3.99
N ALA A 95 -11.95 9.39 -4.53
CA ALA A 95 -12.80 8.82 -5.57
C ALA A 95 -12.02 8.53 -6.84
N THR A 96 -11.05 9.38 -7.18
CA THR A 96 -10.28 9.18 -8.41
C THR A 96 -9.53 7.85 -8.42
N VAL A 97 -8.77 7.58 -7.35
CA VAL A 97 -8.01 6.34 -7.28
C VAL A 97 -8.93 5.15 -7.10
N THR A 98 -10.11 5.38 -6.53
CA THR A 98 -11.05 4.31 -6.29
C THR A 98 -11.45 3.66 -7.62
N SER A 99 -11.73 4.49 -8.62
CA SER A 99 -12.10 3.99 -9.95
C SER A 99 -10.93 3.27 -10.58
N VAL A 100 -9.73 3.77 -10.34
CA VAL A 100 -8.51 3.18 -10.88
C VAL A 100 -8.35 1.76 -10.36
N LEU A 101 -8.99 1.47 -9.23
CA LEU A 101 -8.92 0.15 -8.63
C LEU A 101 -9.53 -0.88 -9.58
N GLU A 102 -10.61 -0.48 -10.23
CA GLU A 102 -11.32 -1.37 -11.15
C GLU A 102 -10.43 -1.81 -12.31
N TYR A 103 -9.58 -0.91 -12.81
CA TYR A 103 -8.72 -1.24 -13.94
C TYR A 103 -7.78 -2.41 -13.61
N LEU A 104 -7.14 -2.34 -12.43
CA LEU A 104 -6.19 -3.39 -12.02
C LEU A 104 -6.88 -4.75 -11.94
N SER A 105 -8.10 -4.76 -11.43
CA SER A 105 -8.82 -6.00 -11.27
C SER A 105 -9.01 -6.71 -12.62
N ASN A 106 -9.31 -5.93 -13.65
CA ASN A 106 -9.52 -6.47 -14.99
C ASN A 106 -8.23 -7.08 -15.54
N TRP A 107 -7.10 -6.47 -15.20
CA TRP A 107 -5.81 -6.94 -15.68
C TRP A 107 -5.62 -8.42 -15.34
N PHE A 108 -6.10 -8.80 -14.14
CA PHE A 108 -6.01 -10.17 -13.62
C PHE A 108 -5.66 -11.20 -14.69
N GLY A 109 -6.61 -12.05 -15.04
CA GLY A 109 -6.37 -13.07 -16.04
C GLY A 109 -5.15 -13.90 -15.68
N GLU A 110 -4.75 -13.83 -14.42
CA GLU A 110 -3.58 -14.57 -13.96
C GLU A 110 -3.48 -14.46 -12.43
N ARG A 111 -2.88 -15.46 -11.80
CA ARG A 111 -2.74 -15.47 -10.35
C ARG A 111 -1.84 -14.30 -9.90
N ASP A 112 -2.33 -13.08 -10.07
CA ASP A 112 -1.57 -11.90 -9.68
C ASP A 112 -1.68 -11.68 -8.18
N PHE A 113 -0.60 -11.19 -7.57
CA PHE A 113 -0.55 -10.91 -6.14
C PHE A 113 0.84 -10.42 -5.80
N THR A 114 1.68 -10.34 -6.83
CA THR A 114 3.08 -9.90 -6.72
C THR A 114 3.33 -9.04 -5.47
N PRO A 115 4.48 -9.18 -4.83
CA PRO A 115 4.80 -8.39 -3.60
C PRO A 115 5.09 -6.93 -3.94
N GLU A 116 5.36 -6.68 -5.22
CA GLU A 116 5.65 -5.33 -5.67
C GLU A 116 4.40 -4.46 -5.53
N LEU A 117 3.27 -5.05 -5.90
CA LEU A 117 1.98 -4.37 -5.81
C LEU A 117 1.61 -4.12 -4.35
N GLY A 118 2.07 -5.01 -3.48
CA GLY A 118 1.77 -4.88 -2.05
C GLY A 118 2.24 -3.54 -1.50
N ARG A 119 3.38 -3.05 -1.98
CA ARG A 119 3.86 -1.76 -1.50
C ARG A 119 2.83 -0.69 -1.87
N TRP A 120 2.30 -0.80 -3.07
CA TRP A 120 1.29 0.14 -3.57
C TRP A 120 -0.02 -0.05 -2.80
N LEU A 121 -0.34 -1.30 -2.47
CA LEU A 121 -1.58 -1.63 -1.77
C LEU A 121 -1.75 -0.79 -0.51
N TYR A 122 -0.69 -0.66 0.28
CA TYR A 122 -0.76 0.13 1.50
C TYR A 122 -1.04 1.60 1.20
N ALA A 123 -0.45 2.10 0.12
CA ALA A 123 -0.62 3.50 -0.28
C ALA A 123 -2.09 3.87 -0.52
N LEU A 124 -2.86 2.93 -1.05
CA LEU A 124 -4.26 3.21 -1.33
C LEU A 124 -5.04 3.55 -0.06
N LEU A 125 -4.82 2.78 0.99
CA LEU A 125 -5.52 2.99 2.25
C LEU A 125 -5.15 4.35 2.85
N ALA A 126 -3.88 4.72 2.75
CA ALA A 126 -3.39 5.99 3.28
C ALA A 126 -4.13 7.18 2.67
N CYS A 127 -4.67 7.00 1.46
CA CYS A 127 -5.37 8.10 0.79
C CYS A 127 -6.82 8.21 1.29
N LEU A 128 -7.31 7.14 1.90
CA LEU A 128 -8.68 7.13 2.43
C LEU A 128 -8.68 7.69 3.86
N GLU A 129 -9.65 8.57 4.14
CA GLU A 129 -9.77 9.19 5.46
C GLU A 129 -10.77 8.45 6.34
N LYS A 130 -11.06 9.02 7.51
CA LYS A 130 -11.99 8.40 8.44
C LYS A 130 -13.30 8.01 7.76
N PRO A 131 -14.07 8.96 7.28
CA PRO A 131 -15.38 8.67 6.60
C PRO A 131 -15.17 7.87 5.31
N LEU A 132 -16.07 6.91 5.06
CA LEU A 132 -16.00 6.07 3.86
C LEU A 132 -17.31 6.15 3.07
N LEU A 133 -17.19 6.36 1.77
CA LEU A 133 -18.37 6.44 0.92
C LEU A 133 -19.05 5.07 0.84
N PRO A 134 -20.37 4.99 0.75
CA PRO A 134 -21.05 3.66 0.66
C PRO A 134 -20.40 2.77 -0.41
N GLU A 135 -20.10 3.36 -1.55
CA GLU A 135 -19.49 2.62 -2.65
C GLU A 135 -18.08 2.18 -2.29
N ALA A 136 -17.35 3.03 -1.59
CA ALA A 136 -15.97 2.72 -1.20
C ALA A 136 -15.92 1.48 -0.30
N HIS A 137 -16.92 1.35 0.57
CA HIS A 137 -16.98 0.22 1.49
C HIS A 137 -17.17 -1.09 0.72
N SER A 138 -18.00 -1.06 -0.31
CA SER A 138 -18.28 -2.24 -1.10
C SER A 138 -17.03 -2.76 -1.81
N LEU A 139 -16.25 -1.84 -2.38
CA LEU A 139 -15.04 -2.19 -3.13
C LEU A 139 -13.97 -2.88 -2.27
N ILE A 140 -13.76 -2.40 -1.05
CA ILE A 140 -12.73 -3.00 -0.21
C ILE A 140 -13.08 -4.45 0.13
N ARG A 141 -14.36 -4.75 0.23
CA ARG A 141 -14.81 -6.10 0.56
C ARG A 141 -14.58 -7.09 -0.60
N GLN A 142 -14.81 -6.64 -1.83
CA GLN A 142 -14.70 -7.51 -3.00
C GLN A 142 -13.25 -7.95 -3.30
N LEU A 143 -12.29 -7.05 -3.15
CA LEU A 143 -10.89 -7.42 -3.44
C LEU A 143 -10.38 -8.44 -2.42
N ALA A 144 -10.83 -8.29 -1.17
CA ALA A 144 -10.41 -9.20 -0.10
C ALA A 144 -10.84 -10.63 -0.39
N ARG A 145 -12.02 -10.77 -1.00
CA ARG A 145 -12.56 -12.08 -1.33
C ARG A 145 -11.67 -12.81 -2.33
N ARG A 146 -11.10 -12.07 -3.28
CA ARG A 146 -10.25 -12.67 -4.29
C ARG A 146 -9.01 -13.30 -3.67
N CYS A 147 -8.44 -12.62 -2.69
CA CYS A 147 -7.25 -13.10 -2.00
C CYS A 147 -7.51 -14.46 -1.36
N SER A 148 -8.71 -14.64 -0.81
CA SER A 148 -9.07 -15.89 -0.15
C SER A 148 -8.98 -17.09 -1.10
N GLU A 149 -9.46 -16.92 -2.33
CA GLU A 149 -9.46 -18.02 -3.29
C GLU A 149 -8.05 -18.48 -3.63
N VAL A 150 -7.13 -17.53 -3.75
CA VAL A 150 -5.74 -17.85 -4.08
C VAL A 150 -5.10 -18.73 -3.01
N ARG A 151 -5.35 -18.40 -1.75
CA ARG A 151 -4.76 -19.13 -0.62
C ARG A 151 -5.15 -20.61 -0.59
N LEU A 152 -6.43 -20.93 -0.78
CA LEU A 152 -6.87 -22.33 -0.78
C LEU A 152 -6.21 -23.09 -1.93
N LEU A 153 -6.07 -22.42 -3.06
CA LEU A 153 -5.47 -23.03 -4.24
C LEU A 153 -4.03 -23.47 -3.96
N VAL A 154 -3.29 -22.68 -3.19
CA VAL A 154 -1.91 -23.02 -2.87
C VAL A 154 -1.83 -24.49 -2.42
N ASP A 155 -0.73 -25.15 -2.77
CA ASP A 155 -0.55 -26.55 -2.41
C ASP A 155 -0.33 -26.74 -0.91
N SER A 156 0.52 -25.90 -0.31
CA SER A 156 0.82 -26.00 1.13
C SER A 156 0.13 -24.89 1.91
N LYS A 157 -0.55 -25.26 3.01
CA LYS A 157 -1.23 -24.29 3.84
C LYS A 157 -0.22 -23.34 4.50
N ASP A 158 0.92 -23.89 4.91
CA ASP A 158 1.96 -23.08 5.53
C ASP A 158 2.74 -22.32 4.46
N ASP A 159 2.75 -22.87 3.25
CA ASP A 159 3.42 -22.25 2.12
C ASP A 159 4.73 -21.57 2.55
N GLU A 160 4.72 -20.25 2.58
CA GLU A 160 5.88 -19.48 2.97
C GLU A 160 5.47 -18.02 3.04
N ARG A 161 4.43 -17.68 2.28
CA ARG A 161 3.90 -16.30 2.21
C ARG A 161 2.49 -16.27 2.78
N VAL A 162 1.80 -17.39 2.68
CA VAL A 162 0.43 -17.49 3.18
C VAL A 162 0.28 -16.91 4.61
N PRO A 163 1.19 -17.18 5.54
CA PRO A 163 1.03 -16.63 6.93
C PRO A 163 0.87 -15.11 6.91
N ALA A 164 1.69 -14.45 6.11
CA ALA A 164 1.62 -13.00 6.00
C ALA A 164 0.25 -12.59 5.44
N LEU A 165 -0.20 -13.33 4.43
CA LEU A 165 -1.48 -13.05 3.82
C LEU A 165 -2.63 -13.20 4.81
N ASN A 166 -2.56 -14.25 5.63
CA ASN A 166 -3.64 -14.49 6.59
C ASN A 166 -3.81 -13.31 7.57
N LEU A 167 -2.71 -12.81 8.09
CA LEU A 167 -2.74 -11.69 9.02
C LEU A 167 -3.18 -10.40 8.32
N LEU A 168 -2.79 -10.25 7.06
CA LEU A 168 -3.13 -9.06 6.29
C LEU A 168 -4.64 -8.89 6.18
N ILE A 169 -5.36 -9.98 5.95
CA ILE A 169 -6.81 -9.93 5.84
C ILE A 169 -7.44 -9.48 7.16
N CYS A 170 -6.93 -10.02 8.26
CA CYS A 170 -7.45 -9.66 9.58
C CYS A 170 -7.44 -8.16 9.79
N LEU A 171 -6.45 -7.48 9.23
CA LEU A 171 -6.32 -6.04 9.40
C LEU A 171 -7.55 -5.29 8.87
N VAL A 172 -8.00 -5.66 7.68
CA VAL A 172 -9.16 -5.00 7.07
C VAL A 172 -10.45 -5.23 7.88
N SER A 173 -10.66 -6.46 8.33
CA SER A 173 -11.86 -6.80 9.08
C SER A 173 -12.04 -5.96 10.35
N ARG A 174 -10.94 -5.66 11.04
CA ARG A 174 -11.03 -4.90 12.29
C ARG A 174 -11.08 -3.39 12.03
N TYR A 175 -10.22 -2.90 11.14
CA TYR A 175 -10.19 -1.47 10.87
C TYR A 175 -11.53 -1.00 10.31
N PHE A 176 -12.06 -1.75 9.34
CA PHE A 176 -13.35 -1.41 8.71
C PHE A 176 -14.50 -2.05 9.47
N ASP A 177 -14.17 -2.89 10.46
CA ASP A 177 -15.17 -3.58 11.27
C ASP A 177 -16.07 -4.46 10.40
N GLN A 178 -15.51 -4.99 9.33
CA GLN A 178 -16.28 -5.86 8.43
C GLN A 178 -16.35 -7.28 9.00
N ARG A 179 -17.26 -7.47 9.96
CA ARG A 179 -17.41 -8.78 10.60
C ARG A 179 -17.72 -9.85 9.57
N ASP A 180 -18.25 -9.45 8.42
CA ASP A 180 -18.59 -10.41 7.38
C ASP A 180 -17.33 -11.11 6.86
N LEU A 181 -16.20 -10.38 6.84
CA LEU A 181 -14.93 -10.96 6.38
C LEU A 181 -14.15 -11.52 7.57
N ALA A 182 -14.59 -11.20 8.78
CA ALA A 182 -13.91 -11.68 9.97
C ALA A 182 -14.11 -13.18 10.15
N ASP A 183 -13.04 -13.88 10.50
CA ASP A 183 -13.11 -15.33 10.72
C ASP A 183 -13.35 -15.65 12.19
N GLU A 184 -14.61 -15.56 12.60
CA GLU A 184 -14.99 -15.83 13.99
C GLU A 184 -15.43 -17.29 14.14
N PRO A 185 -15.25 -17.90 15.29
CA PRO A 185 -15.66 -19.31 15.52
C PRO A 185 -17.18 -19.42 15.67
N SER A 186 -17.89 -18.51 15.02
CA SER A 186 -19.35 -18.50 15.08
C SER A 186 -19.92 -19.75 14.41
N LEU A 187 -19.10 -20.34 13.57
CA LEU A 187 -19.49 -21.56 12.88
C LEU A 187 -19.77 -22.66 13.91
N GLU A 188 -18.92 -22.74 14.91
CA GLU A 188 -19.06 -23.74 15.96
C GLU A 188 -20.32 -23.47 16.79
N TYR A 189 -20.56 -22.19 17.06
CA TYR A 189 -21.74 -21.80 17.84
C TYR A 189 -22.99 -22.44 17.27
N GLY B 1 25.53 18.97 -0.40
CA GLY B 1 24.42 19.66 0.31
C GLY B 1 24.48 19.33 1.80
N GLN B 2 23.91 20.21 2.62
CA GLN B 2 23.90 20.03 4.07
C GLN B 2 22.62 20.61 4.67
N SER B 3 22.22 20.08 5.83
CA SER B 3 21.02 20.55 6.50
C SER B 3 19.89 20.81 5.50
N ASP B 4 19.91 20.05 4.41
CA ASP B 4 18.89 20.19 3.35
C ASP B 4 18.57 18.83 2.75
N ASP B 5 18.57 17.80 3.58
CA ASP B 5 18.29 16.45 3.11
C ASP B 5 16.86 16.36 2.59
N SER B 6 16.67 15.60 1.52
CA SER B 6 15.35 15.44 0.93
C SER B 6 14.41 14.63 1.84
N ASP B 7 14.95 13.55 2.44
CA ASP B 7 14.15 12.67 3.29
C ASP B 7 14.23 13.05 4.77
N ILE B 8 15.01 14.09 5.09
CA ILE B 8 15.19 14.56 6.47
C ILE B 8 15.02 13.42 7.50
N TRP B 9 13.84 13.36 8.10
CA TRP B 9 13.54 12.33 9.09
C TRP B 9 13.31 10.98 8.44
N ASP B 10 12.13 10.79 7.86
CA ASP B 10 11.81 9.52 7.20
C ASP B 10 10.48 9.61 6.46
N ASP B 11 10.47 10.34 5.35
CA ASP B 11 9.25 10.49 4.55
C ASP B 11 8.89 9.16 3.90
N THR B 12 9.86 8.24 3.89
CA THR B 12 9.66 6.92 3.31
C THR B 12 8.91 6.05 4.29
N ALA B 13 8.35 6.68 5.31
CA ALA B 13 7.61 5.98 6.35
C ALA B 13 6.62 5.00 5.75
N LEU B 14 5.99 5.40 4.66
CA LEU B 14 5.02 4.54 4.00
C LEU B 14 5.71 3.28 3.44
N ILE B 15 6.88 3.49 2.85
CA ILE B 15 7.65 2.37 2.26
C ILE B 15 8.19 1.42 3.34
N LYS B 16 8.70 1.98 4.42
CA LYS B 16 9.27 1.19 5.52
C LYS B 16 8.25 0.23 6.12
N ALA B 17 7.02 0.68 6.23
CA ALA B 17 5.95 -0.11 6.82
C ALA B 17 5.74 -1.41 6.07
N TYR B 18 6.04 -1.42 4.78
CA TYR B 18 5.87 -2.63 3.96
C TYR B 18 6.71 -3.79 4.49
N ASP B 19 7.97 -3.52 4.80
CA ASP B 19 8.89 -4.56 5.27
C ASP B 19 8.45 -5.19 6.60
N LYS B 20 7.95 -4.36 7.52
CA LYS B 20 7.55 -4.86 8.83
C LYS B 20 6.39 -5.85 8.77
N ALA B 21 5.37 -5.51 7.98
CA ALA B 21 4.19 -6.37 7.86
C ALA B 21 4.55 -7.75 7.31
N VAL B 22 5.38 -7.78 6.27
CA VAL B 22 5.78 -9.03 5.66
C VAL B 22 6.75 -9.78 6.58
N ALA B 23 7.42 -9.05 7.46
CA ALA B 23 8.38 -9.66 8.39
C ALA B 23 7.67 -10.62 9.33
N SER B 24 6.38 -10.36 9.58
CA SER B 24 5.60 -11.20 10.48
C SER B 24 5.75 -12.68 10.11
N PHE B 25 6.38 -12.95 8.99
CA PHE B 25 6.59 -14.33 8.55
C PHE B 25 7.38 -15.10 9.59
N LYS B 26 8.47 -14.49 10.08
CA LYS B 26 9.30 -15.14 11.09
C LYS B 26 8.61 -15.10 12.45
N GLY A 1 3.04 -19.06 28.45
CA GLY A 1 2.03 -18.02 28.83
C GLY A 1 1.39 -17.44 27.58
N TYR A 2 0.80 -18.31 26.76
CA TYR A 2 0.14 -17.88 25.52
C TYR A 2 -1.32 -17.57 25.80
N SER A 3 -1.72 -16.33 25.55
CA SER A 3 -3.10 -15.92 25.77
C SER A 3 -3.28 -14.42 25.46
N PRO A 4 -2.52 -13.56 26.09
CA PRO A 4 -2.63 -12.09 25.86
C PRO A 4 -1.88 -11.66 24.59
N THR A 5 -1.99 -12.48 23.55
CA THR A 5 -1.31 -12.18 22.29
C THR A 5 -1.97 -11.01 21.57
N LEU A 6 -2.81 -10.27 22.29
CA LEU A 6 -3.51 -9.12 21.73
C LEU A 6 -2.51 -8.04 21.32
N GLN A 7 -1.48 -7.85 22.15
CA GLN A 7 -0.48 -6.82 21.89
C GLN A 7 0.14 -6.99 20.49
N TRP A 8 0.58 -8.19 20.18
CA TRP A 8 1.20 -8.44 18.88
C TRP A 8 0.19 -8.21 17.75
N GLN A 9 -1.05 -8.60 17.97
CA GLN A 9 -2.09 -8.44 16.95
C GLN A 9 -2.32 -6.95 16.63
N GLN A 10 -2.28 -6.11 17.65
CA GLN A 10 -2.51 -4.67 17.46
C GLN A 10 -1.41 -4.05 16.58
N GLN A 11 -0.18 -4.52 16.75
CA GLN A 11 0.95 -3.99 15.99
C GLN A 11 0.56 -3.68 14.54
N GLN A 12 -0.26 -4.54 13.94
CA GLN A 12 -0.67 -4.34 12.54
C GLN A 12 -1.52 -3.08 12.38
N VAL A 13 -2.73 -3.11 12.92
CA VAL A 13 -3.66 -1.97 12.81
C VAL A 13 -3.10 -0.74 13.52
N ALA A 14 -2.50 -0.95 14.68
CA ALA A 14 -1.94 0.14 15.47
C ALA A 14 -1.00 0.99 14.64
N GLN A 15 -0.22 0.34 13.79
CA GLN A 15 0.74 1.03 12.95
C GLN A 15 0.04 1.96 11.95
N PHE A 16 -1.12 1.54 11.47
CA PHE A 16 -1.87 2.32 10.50
C PHE A 16 -2.20 3.71 11.04
N SER A 17 -2.70 3.77 12.26
CA SER A 17 -3.03 5.07 12.87
C SER A 17 -1.78 5.92 12.97
N THR A 18 -0.68 5.26 13.34
CA THR A 18 0.61 5.91 13.47
C THR A 18 1.08 6.49 12.13
N VAL A 19 0.89 5.74 11.05
CA VAL A 19 1.31 6.20 9.72
C VAL A 19 0.66 7.54 9.40
N ARG A 20 -0.61 7.70 9.73
CA ARG A 20 -1.32 8.95 9.46
C ARG A 20 -0.61 10.12 10.14
N GLN A 21 -0.06 9.86 11.32
CA GLN A 21 0.64 10.89 12.08
C GLN A 21 1.87 11.39 11.32
N ASN A 22 2.55 10.46 10.65
CA ASN A 22 3.76 10.79 9.89
C ASN A 22 3.46 11.74 8.74
N VAL A 23 2.32 11.56 8.09
CA VAL A 23 1.95 12.41 6.96
C VAL A 23 1.76 13.86 7.40
N ASN A 24 1.09 14.05 8.53
CA ASN A 24 0.80 15.38 9.05
C ASN A 24 2.08 16.18 9.34
N LYS A 25 3.07 15.52 9.93
CA LYS A 25 4.33 16.20 10.26
C LYS A 25 5.03 16.70 9.00
N HIS A 26 5.01 15.86 7.98
CA HIS A 26 5.67 16.19 6.72
C HIS A 26 4.88 17.20 5.90
N ARG A 27 3.69 17.55 6.37
CA ARG A 27 2.88 18.51 5.64
C ARG A 27 3.62 19.84 5.49
N SER A 28 4.24 20.28 6.58
CA SER A 28 5.00 21.52 6.58
C SER A 28 6.21 21.41 5.65
N HIS A 29 6.87 20.26 5.70
CA HIS A 29 8.06 20.03 4.88
C HIS A 29 7.74 20.13 3.39
N TRP A 30 6.69 19.43 2.95
CA TRP A 30 6.34 19.47 1.53
C TRP A 30 5.88 20.86 1.11
N LYS A 31 5.26 21.59 2.03
CA LYS A 31 4.77 22.92 1.73
C LYS A 31 5.91 23.84 1.32
N SER A 32 7.09 23.62 1.91
CA SER A 32 8.26 24.44 1.63
C SER A 32 9.02 23.93 0.41
N GLN A 33 8.52 22.86 -0.22
CA GLN A 33 9.18 22.30 -1.41
C GLN A 33 8.57 22.88 -2.69
N GLN A 34 9.30 22.75 -3.80
CA GLN A 34 8.83 23.27 -5.08
C GLN A 34 7.72 22.38 -5.66
N LEU A 35 7.96 21.84 -6.85
CA LEU A 35 6.95 21.00 -7.52
C LEU A 35 6.92 19.59 -6.91
N ASP A 36 7.88 19.27 -6.08
CA ASP A 36 7.91 17.95 -5.46
C ASP A 36 6.71 17.79 -4.54
N SER A 37 6.07 18.91 -4.22
CA SER A 37 4.91 18.91 -3.34
C SER A 37 3.78 18.04 -3.89
N ASN A 38 3.58 18.06 -5.20
CA ASN A 38 2.52 17.27 -5.81
C ASN A 38 2.81 17.10 -7.30
N VAL A 39 3.94 17.66 -7.71
CA VAL A 39 4.37 17.58 -9.10
C VAL A 39 3.19 17.74 -10.06
N THR A 40 3.36 17.25 -11.30
CA THR A 40 2.32 17.36 -12.34
C THR A 40 1.70 16.00 -12.65
N MET A 41 0.37 15.96 -12.71
CA MET A 41 -0.34 14.72 -13.03
C MET A 41 -0.50 14.61 -14.55
N PRO A 42 -0.58 13.41 -15.09
CA PRO A 42 -0.73 13.21 -16.57
C PRO A 42 -2.16 13.45 -17.05
N LYS A 43 -2.81 14.48 -16.53
CA LYS A 43 -4.17 14.81 -16.94
C LYS A 43 -5.13 13.65 -16.70
N SER A 44 -6.28 13.95 -16.11
CA SER A 44 -7.29 12.93 -15.83
C SER A 44 -7.81 12.31 -17.12
N GLU A 45 -7.71 13.07 -18.21
CA GLU A 45 -8.20 12.60 -19.51
C GLU A 45 -7.35 11.45 -20.05
N ASP A 46 -6.18 11.21 -19.45
CA ASP A 46 -5.29 10.13 -19.91
C ASP A 46 -5.12 9.09 -18.81
N GLU A 47 -6.21 8.38 -18.51
CA GLU A 47 -6.17 7.36 -17.47
C GLU A 47 -4.94 6.47 -17.61
N GLU A 48 -4.56 6.17 -18.85
CA GLU A 48 -3.39 5.32 -19.08
C GLU A 48 -2.14 5.97 -18.50
N GLY A 49 -2.09 7.30 -18.58
CA GLY A 49 -0.96 8.05 -18.05
C GLY A 49 -0.86 7.90 -16.53
N TRP A 50 -2.01 7.81 -15.88
CA TRP A 50 -2.06 7.68 -14.43
C TRP A 50 -1.49 6.34 -13.98
N LYS A 51 -1.84 5.26 -14.69
CA LYS A 51 -1.38 3.93 -14.32
C LYS A 51 0.15 3.83 -14.33
N LYS A 52 0.77 4.27 -15.41
CA LYS A 52 2.23 4.19 -15.50
C LYS A 52 2.91 5.22 -14.60
N PHE A 53 2.41 6.45 -14.63
CA PHE A 53 2.99 7.53 -13.84
C PHE A 53 2.87 7.30 -12.33
N CYS A 54 1.67 6.98 -11.85
CA CYS A 54 1.45 6.79 -10.42
C CYS A 54 2.12 5.53 -9.87
N LEU A 55 2.00 4.41 -10.57
CA LEU A 55 2.58 3.16 -10.08
C LEU A 55 4.07 3.07 -10.38
N GLY A 56 4.47 3.43 -11.62
CA GLY A 56 5.89 3.37 -11.99
C GLY A 56 6.22 2.04 -12.68
N GLU A 57 7.07 2.11 -13.71
CA GLU A 57 7.48 0.91 -14.46
C GLU A 57 8.93 0.54 -14.13
N LYS A 58 9.57 1.35 -13.28
CA LYS A 58 10.95 1.08 -12.89
C LYS A 58 11.05 -0.23 -12.13
N LEU A 59 10.01 -0.56 -11.38
CA LEU A 59 10.00 -1.79 -10.62
C LEU A 59 10.12 -2.96 -11.57
N CYS A 60 9.39 -2.87 -12.68
CA CYS A 60 9.42 -3.91 -13.69
C CYS A 60 10.81 -4.02 -14.30
N ALA A 61 11.45 -2.87 -14.55
CA ALA A 61 12.77 -2.87 -15.15
C ALA A 61 13.81 -3.42 -14.18
N ASP A 62 13.88 -2.83 -12.99
CA ASP A 62 14.83 -3.28 -11.98
C ASP A 62 14.64 -2.51 -10.67
N GLY A 63 14.19 -1.26 -10.79
CA GLY A 63 13.98 -0.40 -9.62
C GLY A 63 15.18 0.52 -9.41
N ALA A 64 16.21 0.32 -10.23
CA ALA A 64 17.42 1.14 -10.14
C ALA A 64 17.90 1.27 -8.71
N VAL A 65 17.94 0.15 -7.98
CA VAL A 65 18.39 0.14 -6.59
C VAL A 65 19.76 -0.52 -6.47
N GLY A 66 20.81 0.32 -6.37
CA GLY A 66 22.18 -0.19 -6.25
C GLY A 66 23.17 0.78 -6.88
N PRO A 67 22.90 1.22 -8.08
CA PRO A 67 23.78 2.16 -8.83
C PRO A 67 24.08 3.44 -8.04
N ALA A 68 23.10 3.93 -7.30
CA ALA A 68 23.26 5.15 -6.51
C ALA A 68 22.36 5.12 -5.27
N THR A 69 22.85 4.51 -4.20
CA THR A 69 22.08 4.43 -2.96
C THR A 69 21.83 5.82 -2.39
N ASN A 70 22.89 6.63 -2.32
CA ASN A 70 22.77 7.98 -1.79
C ASN A 70 24.00 8.81 -2.16
N GLU A 71 24.91 8.19 -2.92
CA GLU A 71 26.13 8.88 -3.34
C GLU A 71 25.86 9.77 -4.54
N SER A 72 24.59 10.11 -4.74
CA SER A 72 24.16 10.97 -5.86
C SER A 72 25.24 12.00 -6.24
N PRO A 73 26.06 11.75 -7.24
CA PRO A 73 27.13 12.71 -7.64
C PRO A 73 26.59 13.82 -8.54
N GLY A 74 25.32 13.71 -8.90
CA GLY A 74 24.69 14.70 -9.74
C GLY A 74 23.20 14.43 -9.82
N ILE A 75 22.39 15.47 -9.64
CA ILE A 75 20.94 15.32 -9.67
C ILE A 75 20.39 15.62 -11.07
N ASP A 76 19.68 14.65 -11.62
CA ASP A 76 19.11 14.79 -12.96
C ASP A 76 18.01 13.76 -13.20
N TYR A 77 18.25 12.53 -12.77
CA TYR A 77 17.29 11.44 -12.96
C TYR A 77 16.02 11.63 -12.14
N VAL A 78 16.19 12.09 -10.90
CA VAL A 78 15.05 12.28 -9.99
C VAL A 78 14.16 13.42 -10.41
N GLN A 79 14.75 14.47 -10.97
CA GLN A 79 13.97 15.64 -11.39
C GLN A 79 13.29 15.35 -12.72
N ILE A 80 13.37 14.09 -13.14
CA ILE A 80 12.75 13.64 -14.39
C ILE A 80 11.69 12.58 -14.10
N GLY A 81 11.84 11.91 -12.97
CA GLY A 81 10.88 10.87 -12.56
C GLY A 81 10.65 10.90 -11.06
N PHE A 82 9.56 11.54 -10.66
CA PHE A 82 9.22 11.67 -9.26
C PHE A 82 8.51 10.39 -8.76
N PRO A 83 9.00 9.71 -7.73
CA PRO A 83 8.33 8.48 -7.23
C PRO A 83 7.10 8.83 -6.38
N PRO A 84 6.20 7.91 -6.18
CA PRO A 84 4.98 8.16 -5.36
C PRO A 84 5.34 8.42 -3.90
N LEU A 85 4.67 9.41 -3.29
CA LEU A 85 4.93 9.75 -1.89
C LEU A 85 3.64 10.19 -1.20
N LEU A 86 3.76 10.50 0.08
CA LEU A 86 2.62 10.92 0.87
C LEU A 86 2.07 12.26 0.36
N SER A 87 2.97 13.17 -0.04
CA SER A 87 2.55 14.48 -0.52
C SER A 87 1.68 14.40 -1.77
N ILE A 88 2.08 13.59 -2.75
CA ILE A 88 1.29 13.43 -3.97
C ILE A 88 -0.03 12.76 -3.64
N VAL A 89 0.06 11.73 -2.83
CA VAL A 89 -1.10 10.96 -2.44
C VAL A 89 -2.05 11.79 -1.59
N SER A 90 -1.47 12.60 -0.71
CA SER A 90 -2.25 13.43 0.20
C SER A 90 -3.20 14.39 -0.53
N ARG A 91 -2.79 14.91 -1.69
CA ARG A 91 -3.63 15.86 -2.41
C ARG A 91 -4.63 15.14 -3.32
N MET A 92 -4.34 13.87 -3.64
CA MET A 92 -5.24 13.09 -4.47
C MET A 92 -6.46 12.67 -3.67
N ASN A 93 -7.62 12.71 -4.31
CA ASN A 93 -8.86 12.33 -3.65
C ASN A 93 -8.91 10.83 -3.36
N GLN A 94 -9.62 10.47 -2.31
CA GLN A 94 -9.77 9.07 -1.95
C GLN A 94 -10.56 8.34 -3.04
N ALA A 95 -11.57 9.04 -3.56
CA ALA A 95 -12.44 8.49 -4.59
C ALA A 95 -11.72 8.31 -5.93
N THR A 96 -10.75 9.17 -6.23
CA THR A 96 -10.04 9.08 -7.51
C THR A 96 -9.32 7.74 -7.68
N VAL A 97 -8.56 7.33 -6.67
CA VAL A 97 -7.83 6.07 -6.75
C VAL A 97 -8.80 4.88 -6.68
N THR A 98 -9.95 5.10 -6.06
CA THR A 98 -10.94 4.04 -5.92
C THR A 98 -11.45 3.57 -7.29
N SER A 99 -11.75 4.52 -8.16
CA SER A 99 -12.22 4.18 -9.51
C SER A 99 -11.11 3.49 -10.30
N VAL A 100 -9.90 4.00 -10.14
CA VAL A 100 -8.74 3.45 -10.83
C VAL A 100 -8.55 1.99 -10.45
N LEU A 101 -9.09 1.61 -9.30
CA LEU A 101 -8.98 0.24 -8.81
C LEU A 101 -9.67 -0.71 -9.79
N GLU A 102 -10.82 -0.31 -10.31
CA GLU A 102 -11.58 -1.14 -11.23
C GLU A 102 -10.86 -1.38 -12.55
N TYR A 103 -10.21 -0.36 -13.11
CA TYR A 103 -9.52 -0.52 -14.39
C TYR A 103 -8.42 -1.58 -14.32
N LEU A 104 -7.56 -1.47 -13.31
CA LEU A 104 -6.44 -2.40 -13.16
C LEU A 104 -6.92 -3.85 -12.98
N SER A 105 -7.98 -4.03 -12.20
CA SER A 105 -8.48 -5.37 -11.92
C SER A 105 -8.87 -6.14 -13.19
N ASN A 106 -9.61 -5.50 -14.08
CA ASN A 106 -10.04 -6.17 -15.31
C ASN A 106 -8.87 -6.51 -16.23
N TRP A 107 -7.97 -5.55 -16.40
CA TRP A 107 -6.81 -5.75 -17.27
C TRP A 107 -5.81 -6.71 -16.66
N PHE A 108 -5.48 -6.51 -15.38
CA PHE A 108 -4.51 -7.36 -14.70
C PHE A 108 -5.16 -8.68 -14.27
N GLY A 109 -5.00 -9.01 -13.01
CA GLY A 109 -5.55 -10.25 -12.48
C GLY A 109 -4.59 -11.41 -12.74
N GLU A 110 -3.38 -11.08 -13.20
CA GLU A 110 -2.36 -12.08 -13.49
C GLU A 110 -1.41 -12.19 -12.29
N ARG A 111 -0.90 -13.38 -12.04
CA ARG A 111 0.02 -13.59 -10.91
C ARG A 111 -0.54 -12.92 -9.65
N ASP A 112 -1.20 -13.71 -8.82
CA ASP A 112 -1.80 -13.20 -7.59
C ASP A 112 -0.73 -12.98 -6.52
N PHE A 113 -1.16 -12.38 -5.42
CA PHE A 113 -0.28 -12.07 -4.28
C PHE A 113 0.98 -11.37 -4.76
N THR A 114 0.96 -10.95 -6.02
CA THR A 114 2.10 -10.26 -6.64
C THR A 114 2.84 -9.38 -5.59
N PRO A 115 4.15 -9.53 -5.41
CA PRO A 115 4.89 -8.75 -4.36
C PRO A 115 5.06 -7.26 -4.68
N GLU A 116 5.00 -6.90 -5.95
CA GLU A 116 5.17 -5.49 -6.33
C GLU A 116 3.99 -4.65 -5.85
N LEU A 117 2.79 -5.20 -6.02
CA LEU A 117 1.57 -4.49 -5.63
C LEU A 117 1.50 -4.28 -4.12
N GLY A 118 2.11 -5.17 -3.35
CA GLY A 118 2.07 -5.06 -1.90
C GLY A 118 2.64 -3.72 -1.43
N ARG A 119 3.71 -3.26 -2.07
CA ARG A 119 4.29 -1.98 -1.69
C ARG A 119 3.26 -0.88 -1.94
N TRP A 120 2.59 -1.00 -3.08
CA TRP A 120 1.55 -0.05 -3.48
C TRP A 120 0.32 -0.20 -2.58
N LEU A 121 0.02 -1.44 -2.19
CA LEU A 121 -1.15 -1.75 -1.38
C LEU A 121 -1.26 -0.86 -0.13
N TYR A 122 -0.15 -0.65 0.57
CA TYR A 122 -0.17 0.16 1.78
C TYR A 122 -0.59 1.60 1.48
N ALA A 123 -0.09 2.15 0.39
CA ALA A 123 -0.41 3.53 0.01
C ALA A 123 -1.91 3.70 -0.27
N LEU A 124 -2.53 2.67 -0.81
CA LEU A 124 -3.95 2.72 -1.16
C LEU A 124 -4.82 2.95 0.07
N LEU A 125 -4.55 2.23 1.16
CA LEU A 125 -5.34 2.39 2.37
C LEU A 125 -5.17 3.79 2.95
N ALA A 126 -3.95 4.30 2.90
CA ALA A 126 -3.66 5.62 3.42
C ALA A 126 -4.33 6.71 2.59
N CYS A 127 -4.86 6.32 1.43
CA CYS A 127 -5.52 7.28 0.54
C CYS A 127 -6.98 7.49 0.96
N LEU A 128 -7.44 6.69 1.91
CA LEU A 128 -8.80 6.78 2.42
C LEU A 128 -8.83 7.66 3.67
N GLU A 129 -9.72 8.65 3.68
CA GLU A 129 -9.82 9.56 4.82
C GLU A 129 -10.77 9.02 5.89
N LYS A 130 -10.98 9.82 6.93
CA LYS A 130 -11.86 9.41 8.02
C LYS A 130 -13.16 8.81 7.47
N PRO A 131 -13.99 9.58 6.81
CA PRO A 131 -15.27 9.07 6.24
C PRO A 131 -15.03 8.03 5.15
N LEU A 132 -15.87 7.00 5.12
CA LEU A 132 -15.78 5.93 4.11
C LEU A 132 -17.09 5.81 3.35
N LEU A 133 -17.04 6.05 2.05
CA LEU A 133 -18.24 5.95 1.22
C LEU A 133 -18.76 4.51 1.25
N PRO A 134 -20.05 4.30 1.09
CA PRO A 134 -20.62 2.91 1.10
C PRO A 134 -19.99 2.06 -0.01
N GLU A 135 -19.63 2.71 -1.10
CA GLU A 135 -19.02 2.03 -2.24
C GLU A 135 -17.63 1.50 -1.87
N ALA A 136 -16.92 2.27 -1.06
CA ALA A 136 -15.56 1.90 -0.64
C ALA A 136 -15.56 0.59 0.14
N HIS A 137 -16.55 0.41 1.00
CA HIS A 137 -16.65 -0.82 1.80
C HIS A 137 -16.92 -2.03 0.90
N SER A 138 -17.78 -1.84 -0.09
CA SER A 138 -18.14 -2.92 -1.00
C SER A 138 -16.95 -3.42 -1.81
N LEU A 139 -16.14 -2.50 -2.33
CA LEU A 139 -14.99 -2.89 -3.16
C LEU A 139 -13.94 -3.69 -2.41
N ILE A 140 -13.60 -3.27 -1.19
CA ILE A 140 -12.58 -3.99 -0.42
C ILE A 140 -13.02 -5.44 -0.20
N ARG A 141 -14.32 -5.65 -0.13
CA ARG A 141 -14.86 -7.00 0.05
C ARG A 141 -14.60 -7.85 -1.19
N GLN A 142 -14.70 -7.23 -2.37
CA GLN A 142 -14.53 -7.95 -3.64
C GLN A 142 -13.14 -8.58 -3.79
N LEU A 143 -12.09 -7.78 -3.55
CA LEU A 143 -10.72 -8.28 -3.71
C LEU A 143 -10.34 -9.33 -2.67
N ALA A 144 -10.84 -9.17 -1.45
CA ALA A 144 -10.52 -10.11 -0.38
C ALA A 144 -11.04 -11.52 -0.68
N ARG A 145 -12.22 -11.60 -1.29
CA ARG A 145 -12.82 -12.90 -1.59
C ARG A 145 -11.99 -13.70 -2.59
N ARG A 146 -11.42 -13.01 -3.58
CA ARG A 146 -10.59 -13.70 -4.58
C ARG A 146 -9.36 -14.31 -3.92
N CYS A 147 -8.80 -13.60 -2.96
CA CYS A 147 -7.61 -14.08 -2.25
C CYS A 147 -7.87 -15.46 -1.64
N SER A 148 -9.10 -15.69 -1.19
CA SER A 148 -9.46 -16.97 -0.58
C SER A 148 -9.29 -18.14 -1.55
N GLU A 149 -9.70 -17.96 -2.80
CA GLU A 149 -9.61 -19.02 -3.79
C GLU A 149 -8.16 -19.42 -4.05
N VAL A 150 -7.28 -18.43 -4.08
CA VAL A 150 -5.87 -18.67 -4.34
C VAL A 150 -5.24 -19.54 -3.25
N ARG A 151 -5.58 -19.26 -2.01
CA ARG A 151 -5.05 -19.98 -0.86
C ARG A 151 -5.39 -21.47 -0.90
N LEU A 152 -6.61 -21.82 -1.25
CA LEU A 152 -7.00 -23.22 -1.33
C LEU A 152 -6.16 -23.94 -2.38
N LEU A 153 -5.90 -23.24 -3.47
CA LEU A 153 -5.12 -23.79 -4.58
C LEU A 153 -3.68 -24.11 -4.13
N VAL A 154 -3.10 -23.26 -3.30
CA VAL A 154 -1.73 -23.46 -2.82
C VAL A 154 -1.47 -24.93 -2.53
N ASP A 155 -0.31 -25.41 -2.99
CA ASP A 155 0.07 -26.81 -2.79
C ASP A 155 0.25 -27.14 -1.30
N SER A 156 0.87 -26.22 -0.56
CA SER A 156 1.10 -26.45 0.88
C SER A 156 1.14 -25.13 1.66
N LYS A 157 0.76 -25.22 2.94
CA LYS A 157 0.75 -24.06 3.82
C LYS A 157 2.18 -23.58 4.05
N ASP A 158 3.13 -24.42 3.68
CA ASP A 158 4.54 -24.09 3.84
C ASP A 158 5.01 -23.12 2.75
N ASP A 159 4.05 -22.57 2.01
CA ASP A 159 4.36 -21.62 0.95
C ASP A 159 5.31 -20.53 1.44
N GLU A 160 5.56 -20.50 2.76
CA GLU A 160 6.46 -19.51 3.38
C GLU A 160 5.85 -18.10 3.34
N ARG A 161 4.97 -17.86 2.37
CA ARG A 161 4.31 -16.56 2.22
C ARG A 161 2.93 -16.58 2.88
N VAL A 162 2.34 -17.78 2.89
CA VAL A 162 1.01 -17.97 3.46
C VAL A 162 0.91 -17.39 4.89
N PRO A 163 1.86 -17.63 5.76
CA PRO A 163 1.80 -17.12 7.17
C PRO A 163 1.55 -15.60 7.20
N ALA A 164 2.27 -14.87 6.37
CA ALA A 164 2.09 -13.42 6.31
C ALA A 164 0.76 -13.09 5.66
N LEU A 165 0.41 -13.89 4.66
CA LEU A 165 -0.83 -13.68 3.92
C LEU A 165 -2.04 -13.82 4.84
N ASN A 166 -2.04 -14.87 5.66
CA ASN A 166 -3.17 -15.11 6.57
C ASN A 166 -3.34 -13.97 7.56
N LEU A 167 -2.23 -13.47 8.09
CA LEU A 167 -2.27 -12.38 9.05
C LEU A 167 -2.81 -11.10 8.39
N LEU A 168 -2.44 -10.90 7.13
CA LEU A 168 -2.84 -9.72 6.38
C LEU A 168 -4.37 -9.64 6.24
N ILE A 169 -5.00 -10.78 6.01
CA ILE A 169 -6.46 -10.82 5.86
C ILE A 169 -7.15 -10.34 7.13
N CYS A 170 -6.65 -10.78 8.28
CA CYS A 170 -7.25 -10.38 9.55
C CYS A 170 -7.29 -8.86 9.69
N LEU A 171 -6.28 -8.20 9.12
CA LEU A 171 -6.19 -6.73 9.19
C LEU A 171 -7.42 -6.07 8.56
N VAL A 172 -7.81 -6.54 7.38
CA VAL A 172 -8.96 -5.96 6.67
C VAL A 172 -10.25 -6.12 7.48
N SER A 173 -10.47 -7.30 8.03
CA SER A 173 -11.69 -7.56 8.81
C SER A 173 -11.76 -6.71 10.08
N ARG A 174 -10.60 -6.27 10.58
CA ARG A 174 -10.55 -5.47 11.81
C ARG A 174 -10.67 -3.97 11.53
N TYR A 175 -9.91 -3.49 10.55
CA TYR A 175 -9.93 -2.06 10.24
C TYR A 175 -11.31 -1.60 9.78
N PHE A 176 -11.92 -2.38 8.88
CA PHE A 176 -13.24 -2.04 8.36
C PHE A 176 -14.33 -2.65 9.24
N ASP A 177 -13.90 -3.45 10.21
CA ASP A 177 -14.83 -4.11 11.14
C ASP A 177 -15.80 -5.02 10.38
N GLN A 178 -15.29 -5.65 9.33
CA GLN A 178 -16.11 -6.57 8.53
C GLN A 178 -16.06 -7.98 9.14
N ARG A 179 -16.94 -8.22 10.11
CA ARG A 179 -16.98 -9.51 10.79
C ARG A 179 -17.28 -10.62 9.78
N ASP A 180 -17.83 -10.25 8.62
CA ASP A 180 -18.16 -11.24 7.60
C ASP A 180 -16.91 -11.95 7.10
N LEU A 181 -15.79 -11.22 7.05
CA LEU A 181 -14.52 -11.79 6.59
C LEU A 181 -13.69 -12.27 7.78
N ALA A 182 -14.11 -11.92 8.99
CA ALA A 182 -13.40 -12.32 10.20
C ALA A 182 -13.45 -13.83 10.39
N ASP A 183 -12.32 -14.41 10.79
CA ASP A 183 -12.25 -15.85 11.02
C ASP A 183 -12.64 -16.18 12.45
N GLU A 184 -13.95 -16.33 12.67
CA GLU A 184 -14.46 -16.65 14.00
C GLU A 184 -14.21 -18.14 14.32
N PRO A 185 -13.97 -18.49 15.56
CA PRO A 185 -13.72 -19.92 15.93
C PRO A 185 -14.99 -20.75 15.84
N SER A 186 -16.00 -20.31 16.57
CA SER A 186 -17.29 -20.97 16.59
C SER A 186 -18.24 -20.15 17.45
N LEU A 187 -18.12 -18.83 17.32
CA LEU A 187 -18.93 -17.90 18.10
C LEU A 187 -18.57 -18.02 19.58
N GLU A 188 -19.23 -18.94 20.29
CA GLU A 188 -18.94 -19.15 21.70
C GLU A 188 -19.73 -20.35 22.23
N TYR A 189 -20.19 -21.19 21.32
CA TYR A 189 -20.96 -22.37 21.70
C TYR A 189 -21.10 -23.33 20.53
N GLY B 1 23.03 29.50 18.05
CA GLY B 1 22.20 28.72 17.08
C GLY B 1 21.20 27.85 17.85
N GLN B 2 19.93 27.94 17.47
CA GLN B 2 18.87 27.16 18.13
C GLN B 2 18.05 26.41 17.09
N SER B 3 17.78 25.13 17.36
CA SER B 3 17.01 24.30 16.45
C SER B 3 16.32 23.16 17.21
N ASP B 4 15.24 22.64 16.64
CA ASP B 4 14.50 21.55 17.28
C ASP B 4 13.71 20.77 16.24
N ASP B 5 14.40 20.27 15.22
CA ASP B 5 13.75 19.52 14.15
C ASP B 5 13.18 18.21 14.70
N SER B 6 12.01 17.83 14.19
CA SER B 6 11.36 16.59 14.63
C SER B 6 11.91 15.39 13.87
N ASP B 7 11.04 14.44 13.56
CA ASP B 7 11.44 13.24 12.83
C ASP B 7 11.84 13.60 11.41
N ILE B 8 11.13 14.58 10.88
CA ILE B 8 11.36 15.07 9.54
C ILE B 8 11.79 13.94 8.58
N TRP B 9 13.07 13.65 8.53
CA TRP B 9 13.60 12.61 7.64
C TRP B 9 12.99 11.25 7.99
N ASP B 10 11.74 11.05 7.59
CA ASP B 10 11.04 9.80 7.84
C ASP B 10 9.88 9.65 6.87
N ASP B 11 10.01 10.30 5.71
CA ASP B 11 8.97 10.26 4.69
C ASP B 11 8.85 8.87 4.07
N THR B 12 9.89 8.06 4.25
CA THR B 12 9.90 6.71 3.72
C THR B 12 9.11 5.79 4.64
N ALA B 13 8.38 6.41 5.57
CA ALA B 13 7.60 5.68 6.54
C ALA B 13 6.69 4.66 5.87
N LEU B 14 6.15 5.00 4.71
CA LEU B 14 5.26 4.10 4.00
C LEU B 14 6.00 2.84 3.55
N ILE B 15 7.20 3.04 3.03
CA ILE B 15 8.01 1.93 2.53
C ILE B 15 8.44 0.99 3.65
N LYS B 16 8.85 1.55 4.77
CA LYS B 16 9.32 0.77 5.92
C LYS B 16 8.24 -0.17 6.44
N ALA B 17 7.01 0.31 6.46
CA ALA B 17 5.89 -0.47 6.96
C ALA B 17 5.73 -1.79 6.20
N TYR B 18 6.14 -1.80 4.94
CA TYR B 18 6.02 -3.01 4.13
C TYR B 18 6.82 -4.17 4.73
N ASP B 19 8.07 -3.89 5.10
CA ASP B 19 8.95 -4.92 5.66
C ASP B 19 8.49 -5.44 7.03
N LYS B 20 7.96 -4.55 7.86
CA LYS B 20 7.54 -4.95 9.20
C LYS B 20 6.42 -5.99 9.16
N ALA B 21 5.42 -5.75 8.33
CA ALA B 21 4.29 -6.68 8.22
C ALA B 21 4.75 -8.04 7.73
N VAL B 22 5.64 -8.04 6.75
CA VAL B 22 6.15 -9.29 6.20
C VAL B 22 7.09 -9.96 7.20
N ALA B 23 7.68 -9.16 8.08
CA ALA B 23 8.59 -9.69 9.09
C ALA B 23 7.88 -10.69 9.99
N SER B 24 6.57 -10.50 10.17
CA SER B 24 5.79 -11.40 11.02
C SER B 24 6.04 -12.87 10.69
N PHE B 25 6.76 -13.11 9.60
CA PHE B 25 7.09 -14.47 9.20
C PHE B 25 7.94 -15.13 10.27
N LYS B 26 8.95 -14.39 10.73
CA LYS B 26 9.86 -14.91 11.76
C LYS B 26 9.08 -15.33 13.01
N GLY A 1 -2.01 -18.26 25.62
CA GLY A 1 -1.55 -17.51 24.42
C GLY A 1 -2.66 -16.60 23.92
N TYR A 2 -3.71 -16.46 24.73
CA TYR A 2 -4.84 -15.63 24.36
C TYR A 2 -4.45 -14.15 24.45
N SER A 3 -3.75 -13.80 25.54
CA SER A 3 -3.32 -12.42 25.78
C SER A 3 -1.92 -12.18 25.20
N PRO A 4 -0.98 -13.05 25.47
CA PRO A 4 0.41 -12.90 24.95
C PRO A 4 0.42 -12.67 23.45
N THR A 5 -0.45 -13.36 22.74
CA THR A 5 -0.53 -13.20 21.30
C THR A 5 -0.98 -11.80 20.94
N LEU A 6 -1.29 -11.00 21.96
CA LEU A 6 -1.74 -9.63 21.72
C LEU A 6 -0.66 -8.80 21.04
N GLN A 7 0.59 -8.99 21.47
CA GLN A 7 1.69 -8.24 20.89
C GLN A 7 1.73 -8.43 19.38
N TRP A 8 1.54 -9.66 18.94
CA TRP A 8 1.54 -9.97 17.51
C TRP A 8 0.33 -9.34 16.82
N GLN A 9 -0.82 -9.39 17.49
CA GLN A 9 -2.04 -8.83 16.91
C GLN A 9 -1.94 -7.32 16.73
N GLN A 10 -1.33 -6.64 17.70
CA GLN A 10 -1.20 -5.19 17.63
C GLN A 10 -0.36 -4.73 16.44
N GLN A 11 0.72 -5.45 16.16
CA GLN A 11 1.60 -5.08 15.06
C GLN A 11 0.83 -4.65 13.81
N GLN A 12 -0.26 -5.35 13.51
CA GLN A 12 -1.05 -5.01 12.32
C GLN A 12 -1.71 -3.64 12.43
N VAL A 13 -2.68 -3.53 13.32
CA VAL A 13 -3.41 -2.27 13.52
C VAL A 13 -2.49 -1.17 14.07
N ALA A 14 -1.61 -1.55 14.98
CA ALA A 14 -0.70 -0.59 15.61
C ALA A 14 0.06 0.23 14.58
N GLN A 15 0.53 -0.45 13.55
CA GLN A 15 1.29 0.24 12.50
C GLN A 15 0.41 1.22 11.74
N PHE A 16 -0.84 0.84 11.50
CA PHE A 16 -1.76 1.68 10.75
C PHE A 16 -1.98 3.04 11.41
N SER A 17 -2.26 3.03 12.72
CA SER A 17 -2.48 4.27 13.44
C SER A 17 -1.22 5.13 13.39
N THR A 18 -0.09 4.45 13.49
CA THR A 18 1.22 5.08 13.45
C THR A 18 1.45 5.77 12.10
N VAL A 19 1.06 5.11 11.01
CA VAL A 19 1.25 5.67 9.68
C VAL A 19 0.51 7.01 9.56
N ARG A 20 -0.68 7.09 10.14
CA ARG A 20 -1.49 8.31 10.08
C ARG A 20 -0.75 9.49 10.73
N GLN A 21 -0.04 9.23 11.81
CA GLN A 21 0.69 10.30 12.50
C GLN A 21 1.72 10.94 11.58
N ASN A 22 2.39 10.10 10.80
CA ASN A 22 3.43 10.56 9.88
C ASN A 22 2.82 11.45 8.78
N VAL A 23 1.63 11.13 8.35
CA VAL A 23 0.97 11.90 7.32
C VAL A 23 0.80 13.34 7.79
N ASN A 24 0.44 13.49 9.05
CA ASN A 24 0.20 14.81 9.64
C ASN A 24 1.47 15.69 9.68
N LYS A 25 2.60 15.12 10.07
CA LYS A 25 3.84 15.90 10.18
C LYS A 25 4.31 16.42 8.82
N HIS A 26 4.08 15.63 7.78
CA HIS A 26 4.49 16.00 6.44
C HIS A 26 3.63 17.14 5.89
N ARG A 27 2.37 17.16 6.31
CA ARG A 27 1.43 18.18 5.87
C ARG A 27 1.94 19.58 6.23
N SER A 28 2.46 19.72 7.43
CA SER A 28 2.97 21.00 7.88
C SER A 28 4.08 21.51 6.97
N HIS A 29 5.00 20.62 6.60
CA HIS A 29 6.12 21.03 5.75
C HIS A 29 5.63 21.35 4.33
N TRP A 30 4.74 20.54 3.79
CA TRP A 30 4.24 20.77 2.44
C TRP A 30 3.55 22.12 2.36
N LYS A 31 2.88 22.49 3.44
CA LYS A 31 2.15 23.77 3.48
C LYS A 31 3.12 24.92 3.22
N SER A 32 4.40 24.63 3.37
CA SER A 32 5.43 25.64 3.15
C SER A 32 5.67 25.83 1.66
N GLN A 33 5.02 25.00 0.83
CA GLN A 33 5.17 25.08 -0.61
C GLN A 33 3.91 24.59 -1.32
N GLN A 34 3.76 24.98 -2.58
CA GLN A 34 2.59 24.59 -3.37
C GLN A 34 2.67 23.10 -3.73
N LEU A 35 1.50 22.47 -3.83
CA LEU A 35 1.41 21.05 -4.16
C LEU A 35 2.55 20.26 -3.52
N ASP A 36 3.67 20.20 -4.23
CA ASP A 36 4.84 19.49 -3.75
C ASP A 36 6.10 19.98 -4.45
N SER A 37 7.24 19.42 -4.07
CA SER A 37 8.51 19.82 -4.65
C SER A 37 8.60 19.51 -6.13
N ASN A 38 8.13 18.35 -6.55
CA ASN A 38 8.20 17.99 -7.96
C ASN A 38 7.15 16.94 -8.30
N VAL A 39 5.87 17.35 -8.33
CA VAL A 39 4.76 16.42 -8.66
C VAL A 39 4.00 16.89 -9.89
N THR A 40 4.00 16.06 -10.94
CA THR A 40 3.27 16.37 -12.18
C THR A 40 2.15 15.37 -12.39
N MET A 41 0.91 15.87 -12.46
CA MET A 41 -0.25 14.98 -12.68
C MET A 41 -0.65 15.01 -14.17
N PRO A 42 -0.99 13.89 -14.76
CA PRO A 42 -1.40 13.85 -16.21
C PRO A 42 -2.80 14.43 -16.42
N LYS A 43 -3.06 14.92 -17.62
CA LYS A 43 -4.35 15.49 -17.94
C LYS A 43 -5.49 14.52 -17.61
N SER A 44 -6.54 15.05 -16.98
CA SER A 44 -7.71 14.26 -16.63
C SER A 44 -8.39 13.76 -17.89
N GLU A 45 -8.18 14.48 -19.00
CA GLU A 45 -8.80 14.11 -20.26
C GLU A 45 -8.24 12.77 -20.76
N ASP A 46 -7.15 12.31 -20.15
CA ASP A 46 -6.53 11.03 -20.53
C ASP A 46 -6.30 10.17 -19.30
N GLU A 47 -7.34 9.43 -18.90
CA GLU A 47 -7.25 8.57 -17.72
C GLU A 47 -6.07 7.61 -17.84
N GLU A 48 -5.73 7.24 -19.06
CA GLU A 48 -4.62 6.33 -19.28
C GLU A 48 -3.34 6.89 -18.68
N GLY A 49 -3.24 8.21 -18.67
CA GLY A 49 -2.06 8.88 -18.13
C GLY A 49 -1.90 8.62 -16.64
N TRP A 50 -3.02 8.54 -15.94
CA TRP A 50 -2.99 8.31 -14.49
C TRP A 50 -2.50 6.89 -14.16
N LYS A 51 -3.03 5.91 -14.87
CA LYS A 51 -2.66 4.52 -14.62
C LYS A 51 -1.17 4.30 -14.90
N LYS A 52 -0.69 4.81 -16.03
CA LYS A 52 0.71 4.65 -16.40
C LYS A 52 1.63 5.51 -15.52
N PHE A 53 1.23 6.77 -15.31
CA PHE A 53 2.03 7.69 -14.51
C PHE A 53 2.11 7.22 -13.06
N CYS A 54 0.97 6.83 -12.50
CA CYS A 54 0.92 6.38 -11.11
C CYS A 54 1.71 5.09 -10.90
N LEU A 55 1.54 4.12 -11.80
CA LEU A 55 2.24 2.83 -11.69
C LEU A 55 3.49 2.80 -12.56
N GLY A 56 3.76 3.92 -13.23
CA GLY A 56 4.94 3.99 -14.11
C GLY A 56 4.84 2.96 -15.23
N GLU A 57 5.94 2.26 -15.50
CA GLU A 57 5.95 1.25 -16.55
C GLU A 57 7.26 0.46 -16.53
N LYS A 58 8.32 1.10 -16.05
CA LYS A 58 9.62 0.44 -15.99
C LYS A 58 9.59 -0.74 -15.03
N LEU A 59 8.75 -0.65 -14.00
CA LEU A 59 8.65 -1.74 -13.04
C LEU A 59 8.18 -2.99 -13.76
N CYS A 60 7.20 -2.81 -14.64
CA CYS A 60 6.67 -3.92 -15.42
C CYS A 60 7.75 -4.46 -16.35
N ALA A 61 8.51 -3.55 -16.96
CA ALA A 61 9.57 -3.94 -17.88
C ALA A 61 10.64 -4.76 -17.17
N ASP A 62 10.99 -4.36 -15.96
CA ASP A 62 12.02 -5.07 -15.20
C ASP A 62 12.12 -4.53 -13.77
N GLY A 63 12.49 -3.25 -13.65
CA GLY A 63 12.63 -2.62 -12.34
C GLY A 63 14.00 -2.91 -11.74
N ALA A 64 14.91 -3.43 -12.57
CA ALA A 64 16.26 -3.75 -12.11
C ALA A 64 17.22 -3.85 -13.30
N VAL A 65 17.28 -2.78 -14.10
CA VAL A 65 18.16 -2.76 -15.26
C VAL A 65 19.62 -2.87 -14.84
N GLY A 66 20.00 -2.11 -13.81
CA GLY A 66 21.37 -2.13 -13.32
C GLY A 66 21.59 -1.06 -12.26
N PRO A 67 21.61 0.19 -12.66
CA PRO A 67 21.81 1.33 -11.72
C PRO A 67 20.70 1.40 -10.68
N ALA A 68 19.53 0.88 -11.03
CA ALA A 68 18.39 0.88 -10.11
C ALA A 68 18.70 0.03 -8.86
N THR A 69 19.43 -1.05 -9.07
CA THR A 69 19.79 -1.94 -7.96
C THR A 69 20.65 -1.20 -6.95
N ASN A 70 21.61 -0.43 -7.44
CA ASN A 70 22.51 0.32 -6.57
C ASN A 70 21.74 1.31 -5.71
N GLU A 71 20.71 1.93 -6.29
CA GLU A 71 19.90 2.91 -5.58
C GLU A 71 20.75 4.08 -5.11
N SER A 72 20.95 5.05 -6.01
CA SER A 72 21.74 6.24 -5.68
C SER A 72 21.25 7.45 -6.49
N PRO A 73 20.07 7.93 -6.20
CA PRO A 73 19.48 9.10 -6.92
C PRO A 73 20.40 10.33 -6.84
N GLY A 74 21.33 10.43 -7.78
CA GLY A 74 22.26 11.56 -7.82
C GLY A 74 22.85 11.74 -9.21
N ILE A 75 22.45 10.88 -10.15
CA ILE A 75 22.96 10.96 -11.51
C ILE A 75 22.22 12.07 -12.30
N ASP A 76 21.19 11.67 -13.03
CA ASP A 76 20.43 12.64 -13.82
C ASP A 76 19.04 12.09 -14.15
N TYR A 77 18.97 11.16 -15.09
CA TYR A 77 17.69 10.58 -15.48
C TYR A 77 16.98 10.00 -14.26
N VAL A 78 17.76 9.49 -13.33
CA VAL A 78 17.20 8.89 -12.12
C VAL A 78 16.42 9.92 -11.30
N GLN A 79 17.00 11.12 -11.12
CA GLN A 79 16.34 12.14 -10.32
C GLN A 79 15.25 12.85 -11.11
N ILE A 80 15.19 12.53 -12.39
CA ILE A 80 14.18 13.11 -13.27
C ILE A 80 12.88 12.32 -13.14
N GLY A 81 13.01 11.05 -12.76
CA GLY A 81 11.83 10.20 -12.57
C GLY A 81 11.28 10.36 -11.15
N PHE A 82 9.97 10.57 -11.04
CA PHE A 82 9.32 10.76 -9.74
C PHE A 82 8.81 9.40 -9.20
N PRO A 83 9.41 8.83 -8.17
CA PRO A 83 8.93 7.53 -7.63
C PRO A 83 7.73 7.76 -6.70
N PRO A 84 6.96 6.76 -6.41
CA PRO A 84 5.79 6.94 -5.52
C PRO A 84 6.27 7.37 -4.14
N LEU A 85 5.56 8.32 -3.54
CA LEU A 85 5.99 8.84 -2.25
C LEU A 85 4.96 9.82 -1.68
N LEU A 86 5.38 10.57 -0.68
CA LEU A 86 4.52 11.53 -0.03
C LEU A 86 4.07 12.62 -0.99
N SER A 87 5.00 13.09 -1.82
CA SER A 87 4.67 14.16 -2.76
C SER A 87 3.60 13.73 -3.75
N ILE A 88 3.73 12.54 -4.33
CA ILE A 88 2.74 12.05 -5.28
C ILE A 88 1.43 11.75 -4.57
N VAL A 89 1.53 11.07 -3.44
CA VAL A 89 0.37 10.66 -2.66
C VAL A 89 -0.35 11.85 -2.01
N SER A 90 0.41 12.80 -1.49
CA SER A 90 -0.19 13.95 -0.80
C SER A 90 -1.11 14.77 -1.70
N ARG A 91 -0.71 14.96 -2.95
CA ARG A 91 -1.52 15.74 -3.88
C ARG A 91 -2.57 14.85 -4.54
N MET A 92 -2.34 13.55 -4.51
CA MET A 92 -3.28 12.60 -5.09
C MET A 92 -4.54 12.51 -4.24
N ASN A 93 -5.70 12.55 -4.90
CA ASN A 93 -6.97 12.46 -4.21
C ASN A 93 -7.32 11.01 -3.89
N GLN A 94 -8.10 10.81 -2.84
CA GLN A 94 -8.51 9.47 -2.45
C GLN A 94 -9.40 8.85 -3.55
N ALA A 95 -10.26 9.69 -4.12
CA ALA A 95 -11.17 9.27 -5.16
C ALA A 95 -10.43 8.89 -6.45
N THR A 96 -9.30 9.52 -6.71
CA THR A 96 -8.56 9.24 -7.95
C THR A 96 -8.13 7.77 -8.02
N VAL A 97 -7.50 7.27 -6.96
CA VAL A 97 -7.05 5.88 -6.97
C VAL A 97 -8.23 4.93 -6.87
N THR A 98 -9.34 5.40 -6.33
CA THR A 98 -10.53 4.57 -6.18
C THR A 98 -11.04 4.10 -7.55
N SER A 99 -11.09 5.02 -8.52
CA SER A 99 -11.54 4.68 -9.86
C SER A 99 -10.54 3.73 -10.54
N VAL A 100 -9.27 4.01 -10.33
CA VAL A 100 -8.19 3.21 -10.92
C VAL A 100 -8.26 1.77 -10.42
N LEU A 101 -8.95 1.56 -9.30
CA LEU A 101 -9.08 0.23 -8.72
C LEU A 101 -9.78 -0.74 -9.67
N GLU A 102 -10.79 -0.25 -10.39
CA GLU A 102 -11.54 -1.11 -11.31
C GLU A 102 -10.65 -1.69 -12.40
N TYR A 103 -9.73 -0.88 -12.92
CA TYR A 103 -8.83 -1.33 -13.97
C TYR A 103 -7.94 -2.48 -13.48
N LEU A 104 -7.47 -2.36 -12.25
CA LEU A 104 -6.56 -3.36 -11.67
C LEU A 104 -7.22 -4.73 -11.60
N SER A 105 -8.48 -4.77 -11.21
CA SER A 105 -9.20 -6.02 -11.09
C SER A 105 -9.40 -6.69 -12.45
N ASN A 106 -9.54 -5.88 -13.49
CA ASN A 106 -9.75 -6.40 -14.83
C ASN A 106 -8.54 -7.18 -15.32
N TRP A 107 -7.35 -6.74 -14.93
CA TRP A 107 -6.11 -7.39 -15.35
C TRP A 107 -6.10 -8.87 -14.94
N PHE A 108 -6.61 -9.15 -13.72
CA PHE A 108 -6.69 -10.51 -13.16
C PHE A 108 -6.61 -11.61 -14.23
N GLY A 109 -7.73 -12.27 -14.48
CA GLY A 109 -7.78 -13.34 -15.46
C GLY A 109 -6.72 -14.41 -15.18
N GLU A 110 -6.19 -14.41 -13.96
CA GLU A 110 -5.17 -15.39 -13.57
C GLU A 110 -4.87 -15.26 -12.08
N ARG A 111 -4.38 -16.34 -11.48
CA ARG A 111 -4.07 -16.32 -10.05
C ARG A 111 -2.86 -15.43 -9.78
N ASP A 112 -2.82 -14.27 -10.44
CA ASP A 112 -1.73 -13.33 -10.25
C ASP A 112 -2.01 -12.43 -9.05
N PHE A 113 -0.96 -12.07 -8.34
CA PHE A 113 -1.09 -11.21 -7.16
C PHE A 113 0.28 -10.77 -6.70
N THR A 114 1.23 -10.73 -7.65
CA THR A 114 2.63 -10.36 -7.37
C THR A 114 2.76 -9.49 -6.11
N PRO A 115 3.80 -9.67 -5.32
CA PRO A 115 3.98 -8.87 -4.08
C PRO A 115 4.44 -7.44 -4.36
N GLU A 116 4.56 -7.11 -5.64
CA GLU A 116 4.98 -5.77 -6.03
C GLU A 116 3.90 -4.75 -5.67
N LEU A 117 2.65 -5.16 -5.89
CA LEU A 117 1.49 -4.31 -5.59
C LEU A 117 1.39 -4.09 -4.08
N GLY A 118 1.89 -5.05 -3.31
CA GLY A 118 1.83 -4.97 -1.86
C GLY A 118 2.46 -3.68 -1.35
N ARG A 119 3.57 -3.27 -1.96
CA ARG A 119 4.22 -2.03 -1.56
C ARG A 119 3.26 -0.86 -1.78
N TRP A 120 2.52 -0.96 -2.88
CA TRP A 120 1.53 0.03 -3.24
C TRP A 120 0.28 -0.10 -2.37
N LEU A 121 -0.06 -1.33 -2.03
CA LEU A 121 -1.26 -1.62 -1.25
C LEU A 121 -1.33 -0.78 0.04
N TYR A 122 -0.23 -0.69 0.77
CA TYR A 122 -0.22 0.08 2.01
C TYR A 122 -0.54 1.55 1.75
N ALA A 123 0.00 2.09 0.66
CA ALA A 123 -0.21 3.50 0.32
C ALA A 123 -1.69 3.81 0.07
N LEU A 124 -2.43 2.84 -0.48
CA LEU A 124 -3.84 3.05 -0.80
C LEU A 124 -4.66 3.37 0.46
N LEU A 125 -4.47 2.60 1.51
CA LEU A 125 -5.21 2.84 2.75
C LEU A 125 -4.85 4.20 3.33
N ALA A 126 -3.58 4.54 3.25
CA ALA A 126 -3.10 5.81 3.76
C ALA A 126 -3.74 6.97 3.01
N CYS A 127 -4.20 6.70 1.78
CA CYS A 127 -4.84 7.73 0.96
C CYS A 127 -6.31 7.90 1.32
N LEU A 128 -6.86 6.92 2.04
CA LEU A 128 -8.27 6.97 2.45
C LEU A 128 -8.37 7.70 3.81
N GLU A 129 -9.33 8.62 3.92
CA GLU A 129 -9.53 9.38 5.15
C GLU A 129 -11.03 9.62 5.40
N LYS A 130 -11.37 10.07 6.60
CA LYS A 130 -12.77 10.31 6.93
C LYS A 130 -13.58 9.05 6.59
N PRO A 131 -14.88 9.03 6.81
CA PRO A 131 -15.71 7.83 6.50
C PRO A 131 -15.68 7.51 5.00
N LEU A 132 -15.64 6.21 4.68
CA LEU A 132 -15.59 5.78 3.29
C LEU A 132 -16.97 5.89 2.65
N LEU A 133 -17.00 6.27 1.38
CA LEU A 133 -18.26 6.40 0.66
C LEU A 133 -18.94 5.03 0.55
N PRO A 134 -20.25 4.95 0.40
CA PRO A 134 -20.94 3.64 0.26
C PRO A 134 -20.27 2.76 -0.80
N GLU A 135 -19.90 3.37 -1.91
CA GLU A 135 -19.26 2.64 -3.00
C GLU A 135 -17.85 2.17 -2.63
N ALA A 136 -17.11 3.02 -1.93
CA ALA A 136 -15.73 2.68 -1.52
C ALA A 136 -15.71 1.48 -0.58
N HIS A 137 -16.69 1.41 0.31
CA HIS A 137 -16.79 0.31 1.26
C HIS A 137 -17.06 -1.00 0.52
N SER A 138 -17.89 -0.92 -0.50
CA SER A 138 -18.24 -2.10 -1.29
C SER A 138 -17.01 -2.68 -2.00
N LEU A 139 -16.17 -1.80 -2.54
CA LEU A 139 -14.98 -2.24 -3.30
C LEU A 139 -13.97 -3.00 -2.45
N ILE A 140 -13.70 -2.53 -1.24
CA ILE A 140 -12.72 -3.22 -0.39
C ILE A 140 -13.14 -4.67 -0.16
N ARG A 141 -14.45 -4.90 -0.17
CA ARG A 141 -14.99 -6.25 0.01
C ARG A 141 -14.69 -7.12 -1.22
N GLN A 142 -14.78 -6.52 -2.41
CA GLN A 142 -14.56 -7.27 -3.66
C GLN A 142 -13.14 -7.85 -3.79
N LEU A 143 -12.13 -7.05 -3.51
CA LEU A 143 -10.74 -7.52 -3.64
C LEU A 143 -10.40 -8.59 -2.62
N ALA A 144 -10.98 -8.47 -1.43
CA ALA A 144 -10.71 -9.44 -0.36
C ALA A 144 -11.20 -10.83 -0.74
N ARG A 145 -12.32 -10.90 -1.46
CA ARG A 145 -12.88 -12.20 -1.85
C ARG A 145 -11.95 -12.96 -2.78
N ARG A 146 -11.32 -12.25 -3.72
CA ARG A 146 -10.40 -12.89 -4.66
C ARG A 146 -9.20 -13.49 -3.94
N CYS A 147 -8.69 -12.77 -2.94
CA CYS A 147 -7.53 -13.22 -2.18
C CYS A 147 -7.78 -14.59 -1.54
N SER A 148 -9.00 -14.81 -1.07
CA SER A 148 -9.34 -16.08 -0.43
C SER A 148 -9.23 -17.25 -1.41
N GLU A 149 -9.56 -17.00 -2.67
CA GLU A 149 -9.51 -18.06 -3.68
C GLU A 149 -8.08 -18.55 -3.91
N VAL A 150 -7.14 -17.61 -3.94
CA VAL A 150 -5.72 -17.95 -4.17
C VAL A 150 -5.18 -18.84 -3.05
N ARG A 151 -5.53 -18.49 -1.81
CA ARG A 151 -5.04 -19.20 -0.64
C ARG A 151 -5.44 -20.69 -0.63
N LEU A 152 -6.69 -20.99 -0.99
CA LEU A 152 -7.15 -22.40 -1.00
C LEU A 152 -6.43 -23.22 -2.07
N LEU A 153 -6.19 -22.58 -3.21
CA LEU A 153 -5.53 -23.24 -4.34
C LEU A 153 -4.11 -23.68 -4.01
N VAL A 154 -3.46 -22.94 -3.11
CA VAL A 154 -2.08 -23.23 -2.69
C VAL A 154 -1.79 -24.74 -2.71
N ASP A 155 -0.51 -25.07 -2.85
CA ASP A 155 -0.10 -26.47 -2.88
C ASP A 155 -0.42 -27.15 -1.56
N SER A 156 -0.25 -26.42 -0.46
CA SER A 156 -0.52 -26.96 0.87
C SER A 156 -1.00 -25.85 1.81
N LYS A 157 -1.83 -26.22 2.78
CA LYS A 157 -2.35 -25.25 3.73
C LYS A 157 -1.24 -24.66 4.59
N ASP A 158 -0.24 -25.49 4.88
CA ASP A 158 0.89 -25.06 5.71
C ASP A 158 1.91 -24.26 4.90
N ASP A 159 1.56 -23.90 3.67
CA ASP A 159 2.47 -23.15 2.81
C ASP A 159 3.24 -22.09 3.61
N GLU A 160 4.37 -21.65 3.06
CA GLU A 160 5.22 -20.67 3.71
C GLU A 160 4.67 -19.25 3.54
N ARG A 161 3.83 -19.04 2.53
CA ARG A 161 3.24 -17.72 2.25
C ARG A 161 1.94 -17.54 3.02
N VAL A 162 1.25 -18.64 3.24
CA VAL A 162 -0.04 -18.62 3.94
C VAL A 162 0.00 -17.77 5.22
N PRO A 163 0.99 -17.91 6.08
CA PRO A 163 1.04 -17.12 7.35
C PRO A 163 0.93 -15.62 7.09
N ALA A 164 1.66 -15.14 6.10
CA ALA A 164 1.63 -13.73 5.76
C ALA A 164 0.29 -13.35 5.15
N LEU A 165 -0.19 -14.18 4.22
CA LEU A 165 -1.46 -13.91 3.55
C LEU A 165 -2.61 -13.93 4.55
N ASN A 166 -2.65 -14.93 5.41
CA ASN A 166 -3.74 -15.04 6.38
C ASN A 166 -3.73 -13.87 7.36
N LEU A 167 -2.55 -13.50 7.83
CA LEU A 167 -2.42 -12.40 8.79
C LEU A 167 -2.88 -11.08 8.15
N LEU A 168 -2.54 -10.92 6.88
CA LEU A 168 -2.87 -9.70 6.15
C LEU A 168 -4.39 -9.49 6.08
N ILE A 169 -5.14 -10.56 5.86
CA ILE A 169 -6.59 -10.48 5.76
C ILE A 169 -7.20 -9.97 7.08
N CYS A 170 -6.68 -10.47 8.19
CA CYS A 170 -7.20 -10.08 9.50
C CYS A 170 -7.20 -8.57 9.68
N LEU A 171 -6.23 -7.88 9.07
CA LEU A 171 -6.13 -6.44 9.21
C LEU A 171 -7.40 -5.73 8.70
N VAL A 172 -7.88 -6.14 7.54
CA VAL A 172 -9.07 -5.52 6.94
C VAL A 172 -10.33 -5.77 7.78
N SER A 173 -10.50 -6.99 8.27
CA SER A 173 -11.70 -7.36 9.04
C SER A 173 -11.85 -6.54 10.33
N ARG A 174 -10.76 -6.20 10.99
CA ARG A 174 -10.83 -5.45 12.26
C ARG A 174 -10.89 -3.95 12.04
N TYR A 175 -10.03 -3.43 11.17
CA TYR A 175 -9.99 -1.98 10.94
C TYR A 175 -11.30 -1.47 10.36
N PHE A 176 -11.83 -2.17 9.35
CA PHE A 176 -13.08 -1.75 8.72
C PHE A 176 -14.28 -2.26 9.52
N ASP A 177 -14.00 -3.08 10.52
CA ASP A 177 -15.05 -3.64 11.35
C ASP A 177 -16.01 -4.49 10.52
N GLN A 178 -15.53 -4.92 9.36
CA GLN A 178 -16.33 -5.75 8.47
C GLN A 178 -16.35 -7.19 8.96
N ARG A 179 -17.25 -7.48 9.89
CA ARG A 179 -17.34 -8.82 10.47
C ARG A 179 -17.77 -9.88 9.44
N ASP A 180 -18.14 -9.45 8.24
CA ASP A 180 -18.57 -10.40 7.22
C ASP A 180 -17.43 -11.33 6.82
N LEU A 181 -16.20 -10.82 6.84
CA LEU A 181 -15.02 -11.62 6.49
C LEU A 181 -14.33 -12.14 7.75
N ALA A 182 -14.72 -11.62 8.91
CA ALA A 182 -14.10 -12.06 10.16
C ALA A 182 -14.41 -13.53 10.43
N ASP A 183 -13.39 -14.26 10.87
CA ASP A 183 -13.56 -15.68 11.16
C ASP A 183 -14.01 -15.88 12.61
N GLU A 184 -15.33 -15.80 12.82
CA GLU A 184 -15.89 -15.97 14.15
C GLU A 184 -15.66 -17.41 14.62
N PRO A 185 -15.49 -17.65 15.90
CA PRO A 185 -15.27 -19.03 16.43
C PRO A 185 -16.54 -19.88 16.35
N SER A 186 -17.29 -19.89 17.44
CA SER A 186 -18.54 -20.65 17.52
C SER A 186 -19.52 -19.90 18.39
N LEU A 187 -19.63 -18.60 18.14
CA LEU A 187 -20.52 -17.73 18.91
C LEU A 187 -20.02 -17.68 20.36
N GLU A 188 -20.42 -18.67 21.16
CA GLU A 188 -20.00 -18.72 22.56
C GLU A 188 -20.49 -20.02 23.20
N TYR A 189 -21.47 -20.65 22.59
CA TYR A 189 -22.02 -21.90 23.11
C TYR A 189 -22.46 -21.72 24.56
N GLY B 1 28.79 17.43 -1.33
CA GLY B 1 27.50 17.99 -1.85
C GLY B 1 26.91 18.95 -0.84
N GLN B 2 27.04 20.25 -1.11
CA GLN B 2 26.50 21.26 -0.21
C GLN B 2 24.99 21.33 -0.33
N SER B 3 24.30 21.34 0.81
CA SER B 3 22.84 21.41 0.81
C SER B 3 22.24 20.39 -0.16
N ASP B 4 21.85 19.24 0.38
CA ASP B 4 21.26 18.17 -0.44
C ASP B 4 20.27 17.37 0.40
N ASP B 5 19.80 17.98 1.48
CA ASP B 5 18.86 17.33 2.37
C ASP B 5 17.52 17.10 1.66
N SER B 6 16.89 15.96 1.93
CA SER B 6 15.61 15.64 1.32
C SER B 6 14.86 14.59 2.13
N ASP B 7 15.60 13.81 2.91
CA ASP B 7 14.98 12.77 3.74
C ASP B 7 14.53 13.32 5.08
N ILE B 8 14.79 14.61 5.29
CA ILE B 8 14.44 15.32 6.52
C ILE B 8 14.31 14.38 7.74
N TRP B 9 13.12 13.88 8.02
CA TRP B 9 12.92 12.98 9.17
C TRP B 9 12.92 11.51 8.72
N ASP B 10 11.83 11.09 8.09
CA ASP B 10 11.72 9.71 7.61
C ASP B 10 10.64 9.58 6.54
N ASP B 11 10.97 9.99 5.32
CA ASP B 11 10.03 9.92 4.21
C ASP B 11 9.77 8.47 3.82
N THR B 12 10.73 7.60 4.13
CA THR B 12 10.62 6.17 3.81
C THR B 12 9.87 5.43 4.91
N ALA B 13 9.26 6.19 5.82
CA ALA B 13 8.53 5.60 6.94
C ALA B 13 7.50 4.60 6.44
N LEU B 14 6.76 4.97 5.40
CA LEU B 14 5.74 4.09 4.84
C LEU B 14 6.38 2.85 4.25
N ILE B 15 7.52 3.03 3.59
CA ILE B 15 8.21 1.92 2.96
C ILE B 15 8.71 0.90 4.01
N LYS B 16 9.25 1.41 5.11
CA LYS B 16 9.76 0.55 6.17
C LYS B 16 8.66 -0.38 6.69
N ALA B 17 7.44 0.16 6.77
CA ALA B 17 6.30 -0.60 7.27
C ALA B 17 6.05 -1.85 6.43
N TYR B 18 6.41 -1.80 5.15
CA TYR B 18 6.19 -2.94 4.27
C TYR B 18 6.94 -4.18 4.75
N ASP B 19 8.22 -4.02 5.07
CA ASP B 19 9.05 -5.14 5.52
C ASP B 19 8.55 -5.76 6.83
N LYS B 20 8.11 -4.94 7.76
CA LYS B 20 7.68 -5.46 9.06
C LYS B 20 6.46 -6.37 8.93
N ALA B 21 5.50 -5.98 8.09
CA ALA B 21 4.29 -6.77 7.90
C ALA B 21 4.62 -8.16 7.36
N VAL B 22 5.47 -8.21 6.36
CA VAL B 22 5.86 -9.49 5.76
C VAL B 22 6.78 -10.27 6.70
N ALA B 23 7.47 -9.54 7.58
CA ALA B 23 8.38 -10.18 8.52
C ALA B 23 7.62 -11.12 9.45
N SER B 24 6.34 -10.85 9.67
CA SER B 24 5.52 -11.68 10.53
C SER B 24 5.66 -13.16 10.17
N PHE B 25 6.27 -13.42 9.02
CA PHE B 25 6.47 -14.80 8.58
C PHE B 25 7.40 -15.53 9.55
N LYS B 26 8.49 -14.88 9.93
CA LYS B 26 9.45 -15.47 10.85
C LYS B 26 8.77 -15.90 12.14
N GLY A 1 1.71 -15.56 20.12
CA GLY A 1 1.49 -15.44 21.60
C GLY A 1 0.22 -16.21 21.99
N TYR A 2 0.36 -17.11 22.95
CA TYR A 2 -0.78 -17.91 23.40
C TYR A 2 -1.82 -17.02 24.09
N SER A 3 -1.50 -16.57 25.30
CA SER A 3 -2.41 -15.72 26.07
C SER A 3 -2.30 -14.25 25.65
N PRO A 4 -1.10 -13.74 25.40
CA PRO A 4 -0.89 -12.32 25.01
C PRO A 4 -0.92 -12.13 23.50
N THR A 5 -1.94 -12.68 22.85
CA THR A 5 -2.07 -12.55 21.41
C THR A 5 -2.51 -11.14 21.05
N LEU A 6 -2.75 -10.33 22.08
CA LEU A 6 -3.18 -8.95 21.87
C LEU A 6 -2.11 -8.14 21.13
N GLN A 7 -0.85 -8.36 21.48
CA GLN A 7 0.25 -7.62 20.84
C GLN A 7 0.28 -7.89 19.34
N TRP A 8 0.08 -9.14 18.95
CA TRP A 8 0.10 -9.50 17.52
C TRP A 8 -1.03 -8.83 16.75
N GLN A 9 -2.21 -8.78 17.35
CA GLN A 9 -3.38 -8.18 16.69
C GLN A 9 -3.22 -6.68 16.49
N GLN A 10 -2.66 -5.99 17.47
CA GLN A 10 -2.51 -4.55 17.38
C GLN A 10 -1.58 -4.14 16.23
N GLN A 11 -0.49 -4.86 16.05
CA GLN A 11 0.46 -4.55 14.98
C GLN A 11 -0.26 -4.18 13.68
N GLN A 12 -1.34 -4.88 13.37
CA GLN A 12 -2.10 -4.64 12.14
C GLN A 12 -2.79 -3.26 12.16
N VAL A 13 -3.83 -3.15 12.97
CA VAL A 13 -4.61 -1.90 13.06
C VAL A 13 -3.76 -0.76 13.62
N ALA A 14 -2.93 -1.06 14.60
CA ALA A 14 -2.08 -0.05 15.23
C ALA A 14 -1.24 0.68 14.21
N GLN A 15 -0.75 -0.05 13.21
CA GLN A 15 0.09 0.53 12.17
C GLN A 15 -0.66 1.60 11.37
N PHE A 16 -1.94 1.37 11.11
CA PHE A 16 -2.74 2.30 10.32
C PHE A 16 -2.80 3.69 10.97
N SER A 17 -3.09 3.73 12.26
CA SER A 17 -3.17 5.00 12.97
C SER A 17 -1.81 5.69 12.92
N THR A 18 -0.78 4.88 13.06
CA THR A 18 0.60 5.34 13.04
C THR A 18 0.94 5.99 11.70
N VAL A 19 0.52 5.38 10.60
CA VAL A 19 0.83 5.91 9.28
C VAL A 19 0.31 7.35 9.16
N ARG A 20 -0.89 7.59 9.65
CA ARG A 20 -1.49 8.92 9.58
C ARG A 20 -0.62 9.94 10.31
N GLN A 21 -0.01 9.53 11.42
CA GLN A 21 0.85 10.42 12.19
C GLN A 21 2.03 10.89 11.34
N ASN A 22 2.55 9.99 10.51
CA ASN A 22 3.69 10.30 9.63
C ASN A 22 3.32 11.36 8.59
N VAL A 23 2.09 11.33 8.11
CA VAL A 23 1.67 12.30 7.11
C VAL A 23 1.73 13.72 7.67
N ASN A 24 1.28 13.86 8.91
CA ASN A 24 1.25 15.15 9.58
C ASN A 24 2.64 15.76 9.85
N LYS A 25 3.59 14.93 10.30
CA LYS A 25 4.93 15.44 10.63
C LYS A 25 5.66 15.93 9.37
N HIS A 26 5.41 15.28 8.24
CA HIS A 26 6.05 15.69 6.98
C HIS A 26 5.30 16.86 6.36
N ARG A 27 4.19 17.25 6.96
CA ARG A 27 3.40 18.35 6.42
C ARG A 27 4.25 19.61 6.33
N SER A 28 5.00 19.88 7.40
CA SER A 28 5.88 21.06 7.43
C SER A 28 6.95 20.94 6.36
N HIS A 29 7.46 19.73 6.18
CA HIS A 29 8.50 19.47 5.20
C HIS A 29 8.02 19.77 3.78
N TRP A 30 6.86 19.24 3.42
CA TRP A 30 6.32 19.46 2.08
C TRP A 30 5.87 20.91 1.90
N LYS A 31 5.35 21.50 2.96
CA LYS A 31 4.87 22.89 2.92
C LYS A 31 5.99 23.84 2.52
N SER A 32 7.22 23.42 2.79
CA SER A 32 8.39 24.23 2.48
C SER A 32 8.71 24.18 0.99
N GLN A 33 7.96 23.38 0.24
CA GLN A 33 8.16 23.26 -1.20
C GLN A 33 6.82 23.01 -1.91
N GLN A 34 6.76 23.34 -3.19
CA GLN A 34 5.54 23.16 -3.97
C GLN A 34 5.49 21.74 -4.53
N LEU A 35 4.34 21.35 -5.07
CA LEU A 35 4.20 20.01 -5.64
C LEU A 35 5.15 19.82 -6.82
N ASP A 36 5.27 20.86 -7.65
CA ASP A 36 6.14 20.81 -8.82
C ASP A 36 7.61 20.79 -8.41
N SER A 37 7.85 21.04 -7.13
CA SER A 37 9.21 21.06 -6.60
C SER A 37 9.97 19.79 -6.96
N ASN A 38 9.30 18.64 -6.87
CA ASN A 38 9.97 17.36 -7.18
C ASN A 38 9.04 16.36 -7.88
N VAL A 39 7.84 16.79 -8.28
CA VAL A 39 6.92 15.86 -8.94
C VAL A 39 5.88 16.55 -9.81
N THR A 40 5.61 15.95 -10.98
CA THR A 40 4.61 16.44 -11.92
C THR A 40 3.45 15.44 -12.02
N MET A 41 2.22 15.94 -11.94
CA MET A 41 1.02 15.08 -12.04
C MET A 41 0.37 15.23 -13.42
N PRO A 42 -0.16 14.17 -14.00
CA PRO A 42 -0.81 14.25 -15.34
C PRO A 42 -2.21 14.89 -15.29
N LYS A 43 -2.54 15.63 -16.33
CA LYS A 43 -3.82 16.33 -16.41
C LYS A 43 -4.96 15.38 -16.03
N SER A 44 -5.92 15.91 -15.28
CA SER A 44 -7.07 15.12 -14.84
C SER A 44 -7.89 14.62 -16.01
N GLU A 45 -7.91 15.40 -17.10
CA GLU A 45 -8.68 15.03 -18.29
C GLU A 45 -8.11 13.76 -18.94
N ASP A 46 -7.02 13.23 -18.37
CA ASP A 46 -6.38 12.01 -18.90
C ASP A 46 -6.27 10.96 -17.79
N GLU A 47 -7.38 10.29 -17.50
CA GLU A 47 -7.43 9.28 -16.44
C GLU A 47 -6.35 8.22 -16.65
N GLU A 48 -6.13 7.83 -17.90
CA GLU A 48 -5.12 6.80 -18.20
C GLU A 48 -3.72 7.26 -17.79
N GLY A 49 -3.52 8.57 -17.73
CA GLY A 49 -2.23 9.12 -17.35
C GLY A 49 -1.88 8.85 -15.89
N TRP A 50 -2.88 8.92 -15.02
CA TRP A 50 -2.66 8.72 -13.59
C TRP A 50 -2.29 7.28 -13.24
N LYS A 51 -3.03 6.32 -13.78
CA LYS A 51 -2.77 4.91 -13.45
C LYS A 51 -1.39 4.47 -13.89
N LYS A 52 -1.01 4.83 -15.11
CA LYS A 52 0.30 4.44 -15.62
C LYS A 52 1.40 5.24 -14.93
N PHE A 53 1.20 6.55 -14.83
CA PHE A 53 2.19 7.43 -14.20
C PHE A 53 2.42 7.08 -12.72
N CYS A 54 1.32 6.89 -11.99
CA CYS A 54 1.42 6.59 -10.55
C CYS A 54 2.05 5.22 -10.30
N LEU A 55 1.63 4.22 -11.06
CA LEU A 55 2.16 2.85 -10.90
C LEU A 55 3.27 2.58 -11.93
N GLY A 56 3.60 3.61 -12.72
CA GLY A 56 4.65 3.46 -13.73
C GLY A 56 4.26 2.45 -14.79
N GLU A 57 5.20 1.57 -15.15
CA GLU A 57 4.94 0.55 -16.16
C GLU A 57 6.01 -0.54 -16.13
N LYS A 58 7.21 -0.17 -15.70
CA LYS A 58 8.31 -1.11 -15.64
C LYS A 58 8.04 -2.21 -14.62
N LEU A 59 7.26 -1.88 -13.59
CA LEU A 59 6.94 -2.85 -12.55
C LEU A 59 6.21 -4.01 -13.19
N CYS A 60 5.30 -3.70 -14.10
CA CYS A 60 4.54 -4.72 -14.80
C CYS A 60 5.48 -5.61 -15.59
N ALA A 61 6.49 -5.00 -16.22
CA ALA A 61 7.44 -5.75 -17.03
C ALA A 61 8.21 -6.75 -16.16
N ASP A 62 8.60 -6.32 -14.97
CA ASP A 62 9.34 -7.19 -14.06
C ASP A 62 9.41 -6.57 -12.66
N GLY A 63 10.37 -5.67 -12.47
CA GLY A 63 10.54 -5.01 -11.18
C GLY A 63 11.90 -4.32 -11.10
N ALA A 64 12.95 -5.11 -10.90
CA ALA A 64 14.30 -4.57 -10.81
C ALA A 64 15.34 -5.67 -10.89
N VAL A 65 14.92 -6.89 -10.59
CA VAL A 65 15.83 -8.04 -10.64
C VAL A 65 15.96 -8.54 -12.07
N GLY A 66 17.08 -8.20 -12.70
CA GLY A 66 17.33 -8.60 -14.08
C GLY A 66 18.61 -7.97 -14.63
N PRO A 67 18.57 -6.69 -14.87
CA PRO A 67 19.73 -5.92 -15.40
C PRO A 67 20.91 -5.88 -14.42
N ALA A 68 20.89 -6.78 -13.44
CA ALA A 68 21.95 -6.83 -12.44
C ALA A 68 21.90 -5.59 -11.55
N THR A 69 20.97 -5.59 -10.61
CA THR A 69 20.81 -4.47 -9.69
C THR A 69 22.03 -4.31 -8.80
N ASN A 70 22.52 -5.43 -8.29
CA ASN A 70 23.69 -5.42 -7.41
C ASN A 70 24.91 -4.86 -8.12
N GLU A 71 25.08 -5.22 -9.39
CA GLU A 71 26.22 -4.76 -10.16
C GLU A 71 26.11 -3.26 -10.45
N SER A 72 24.93 -2.75 -10.25
CA SER A 72 24.63 -1.32 -10.46
C SER A 72 25.42 -0.75 -11.65
N PRO A 73 25.10 -1.17 -12.85
CA PRO A 73 25.79 -0.67 -14.08
C PRO A 73 25.77 0.86 -14.16
N GLY A 74 24.64 1.44 -13.78
CA GLY A 74 24.49 2.89 -13.79
C GLY A 74 23.02 3.28 -13.67
N ILE A 75 22.56 3.43 -12.42
CA ILE A 75 21.17 3.80 -12.16
C ILE A 75 21.01 5.32 -12.19
N ASP A 76 20.04 5.81 -12.97
CA ASP A 76 19.76 7.25 -13.06
C ASP A 76 18.33 7.49 -12.60
N TYR A 77 18.18 8.16 -11.47
CA TYR A 77 16.87 8.42 -10.92
C TYR A 77 15.95 9.07 -11.97
N VAL A 78 16.55 9.61 -13.02
CA VAL A 78 15.79 10.26 -14.08
C VAL A 78 14.85 9.28 -14.80
N GLN A 79 15.33 8.08 -15.14
CA GLN A 79 14.49 7.12 -15.85
C GLN A 79 13.58 6.40 -14.89
N ILE A 80 13.82 6.61 -13.62
CA ILE A 80 13.02 5.99 -12.57
C ILE A 80 11.78 6.81 -12.29
N GLY A 81 11.84 8.10 -12.60
CA GLY A 81 10.71 8.99 -12.37
C GLY A 81 10.54 9.26 -10.88
N PHE A 82 9.51 10.04 -10.54
CA PHE A 82 9.23 10.36 -9.15
C PHE A 82 8.42 9.22 -8.52
N PRO A 83 8.88 8.58 -7.45
CA PRO A 83 8.12 7.47 -6.82
C PRO A 83 6.95 8.01 -5.99
N PRO A 84 5.97 7.21 -5.71
CA PRO A 84 4.78 7.65 -4.91
C PRO A 84 5.18 8.01 -3.48
N LEU A 85 4.59 9.08 -2.97
CA LEU A 85 4.89 9.55 -1.60
C LEU A 85 3.61 10.03 -0.93
N LEU A 86 3.74 10.37 0.34
CA LEU A 86 2.58 10.85 1.11
C LEU A 86 2.06 12.15 0.52
N SER A 87 2.98 13.05 0.15
CA SER A 87 2.60 14.34 -0.41
C SER A 87 1.85 14.19 -1.73
N ILE A 88 2.35 13.31 -2.60
CA ILE A 88 1.70 13.11 -3.89
C ILE A 88 0.32 12.51 -3.67
N VAL A 89 0.27 11.52 -2.80
CA VAL A 89 -0.95 10.81 -2.49
C VAL A 89 -1.93 11.73 -1.76
N SER A 90 -1.40 12.54 -0.85
CA SER A 90 -2.24 13.46 -0.10
C SER A 90 -3.02 14.38 -1.02
N ARG A 91 -2.52 14.56 -2.25
CA ARG A 91 -3.20 15.42 -3.22
C ARG A 91 -4.24 14.62 -3.99
N MET A 92 -4.05 13.32 -4.05
CA MET A 92 -4.99 12.44 -4.76
C MET A 92 -6.32 12.37 -4.02
N ASN A 93 -7.41 12.44 -4.77
CA ASN A 93 -8.75 12.38 -4.20
C ASN A 93 -9.14 10.93 -3.96
N GLN A 94 -10.04 10.72 -3.00
CA GLN A 94 -10.51 9.37 -2.70
C GLN A 94 -11.24 8.80 -3.90
N ALA A 95 -11.98 9.66 -4.58
CA ALA A 95 -12.75 9.25 -5.74
C ALA A 95 -11.85 8.86 -6.91
N THR A 96 -10.76 9.59 -7.15
CA THR A 96 -9.87 9.27 -8.26
C THR A 96 -9.24 7.88 -8.13
N VAL A 97 -8.68 7.58 -6.96
CA VAL A 97 -8.05 6.28 -6.75
C VAL A 97 -9.08 5.17 -6.75
N THR A 98 -10.32 5.50 -6.37
CA THR A 98 -11.38 4.51 -6.33
C THR A 98 -11.65 3.94 -7.72
N SER A 99 -11.69 4.82 -8.73
CA SER A 99 -11.93 4.39 -10.10
C SER A 99 -10.74 3.60 -10.65
N VAL A 100 -9.54 3.98 -10.20
CA VAL A 100 -8.31 3.33 -10.61
C VAL A 100 -8.31 1.87 -10.20
N LEU A 101 -9.14 1.53 -9.22
CA LEU A 101 -9.23 0.16 -8.72
C LEU A 101 -9.72 -0.79 -9.80
N GLU A 102 -10.67 -0.34 -10.62
CA GLU A 102 -11.22 -1.19 -11.67
C GLU A 102 -10.15 -1.64 -12.66
N TYR A 103 -9.22 -0.74 -13.00
CA TYR A 103 -8.15 -1.06 -13.94
C TYR A 103 -7.28 -2.19 -13.38
N LEU A 104 -7.01 -2.12 -12.08
CA LEU A 104 -6.18 -3.12 -11.42
C LEU A 104 -6.80 -4.51 -11.52
N SER A 105 -8.10 -4.59 -11.35
CA SER A 105 -8.80 -5.86 -11.40
C SER A 105 -8.65 -6.51 -12.77
N ASN A 106 -8.65 -5.69 -13.82
CA ASN A 106 -8.54 -6.21 -15.18
C ASN A 106 -7.22 -6.94 -15.39
N TRP A 107 -6.17 -6.46 -14.75
CA TRP A 107 -4.85 -7.07 -14.88
C TRP A 107 -4.94 -8.57 -14.56
N PHE A 108 -5.78 -8.92 -13.58
CA PHE A 108 -5.95 -10.32 -13.17
C PHE A 108 -5.91 -11.27 -14.35
N GLY A 109 -7.07 -11.71 -14.80
CA GLY A 109 -7.14 -12.60 -15.94
C GLY A 109 -6.24 -13.83 -15.79
N GLU A 110 -5.80 -14.11 -14.57
CA GLU A 110 -4.94 -15.26 -14.33
C GLU A 110 -4.72 -15.43 -12.82
N ARG A 111 -3.48 -15.68 -12.41
CA ARG A 111 -3.15 -15.85 -10.99
C ARG A 111 -2.21 -14.75 -10.53
N ASP A 112 -2.58 -13.50 -10.82
CA ASP A 112 -1.77 -12.35 -10.43
C ASP A 112 -1.99 -12.03 -8.95
N PHE A 113 -0.93 -11.57 -8.29
CA PHE A 113 -0.99 -11.21 -6.87
C PHE A 113 0.39 -10.68 -6.46
N THR A 114 1.24 -10.48 -7.49
CA THR A 114 2.62 -10.00 -7.31
C THR A 114 2.82 -9.25 -5.99
N PRO A 115 3.96 -9.39 -5.32
CA PRO A 115 4.24 -8.70 -4.03
C PRO A 115 4.63 -7.24 -4.27
N GLU A 116 4.74 -6.88 -5.53
CA GLU A 116 5.10 -5.51 -5.90
C GLU A 116 3.95 -4.56 -5.54
N LEU A 117 2.74 -5.03 -5.77
CA LEU A 117 1.54 -4.24 -5.49
C LEU A 117 1.36 -4.05 -3.99
N GLY A 118 1.87 -5.01 -3.22
CA GLY A 118 1.73 -4.95 -1.76
C GLY A 118 2.34 -3.66 -1.22
N ARG A 119 3.46 -3.24 -1.79
CA ARG A 119 4.11 -2.02 -1.35
C ARG A 119 3.16 -0.85 -1.61
N TRP A 120 2.47 -0.95 -2.75
CA TRP A 120 1.49 0.04 -3.17
C TRP A 120 0.21 -0.09 -2.34
N LEU A 121 -0.15 -1.33 -2.01
CA LEU A 121 -1.38 -1.62 -1.27
C LEU A 121 -1.50 -0.79 0.01
N TYR A 122 -0.40 -0.66 0.75
CA TYR A 122 -0.46 0.10 2.00
C TYR A 122 -0.88 1.54 1.73
N ALA A 123 -0.33 2.12 0.68
CA ALA A 123 -0.65 3.50 0.32
C ALA A 123 -2.13 3.67 -0.04
N LEU A 124 -2.71 2.62 -0.62
CA LEU A 124 -4.12 2.68 -1.05
C LEU A 124 -5.06 2.94 0.13
N LEU A 125 -4.86 2.20 1.22
CA LEU A 125 -5.71 2.34 2.40
C LEU A 125 -5.52 3.73 3.03
N ALA A 126 -4.28 4.21 3.04
CA ALA A 126 -3.96 5.51 3.61
C ALA A 126 -4.56 6.63 2.78
N CYS A 127 -5.06 6.29 1.59
CA CYS A 127 -5.64 7.29 0.70
C CYS A 127 -7.11 7.54 1.04
N LEU A 128 -7.65 6.73 1.95
CA LEU A 128 -9.05 6.88 2.37
C LEU A 128 -9.13 7.78 3.59
N GLU A 129 -10.14 8.64 3.62
CA GLU A 129 -10.34 9.58 4.71
C GLU A 129 -11.36 9.04 5.70
N LYS A 130 -11.59 9.80 6.77
CA LYS A 130 -12.54 9.38 7.80
C LYS A 130 -13.81 8.81 7.18
N PRO A 131 -14.59 9.60 6.47
CA PRO A 131 -15.86 9.11 5.83
C PRO A 131 -15.59 8.07 4.75
N LEU A 132 -16.48 7.06 4.69
CA LEU A 132 -16.37 5.98 3.71
C LEU A 132 -17.66 5.89 2.90
N LEU A 133 -17.55 6.00 1.57
CA LEU A 133 -18.74 5.93 0.73
C LEU A 133 -19.23 4.48 0.64
N PRO A 134 -20.52 4.22 0.57
CA PRO A 134 -21.03 2.83 0.46
C PRO A 134 -20.28 2.05 -0.62
N GLU A 135 -20.00 2.73 -1.73
CA GLU A 135 -19.30 2.09 -2.84
C GLU A 135 -17.90 1.66 -2.42
N ALA A 136 -17.24 2.51 -1.67
CA ALA A 136 -15.89 2.23 -1.20
C ALA A 136 -15.87 1.02 -0.28
N HIS A 137 -16.88 0.90 0.57
CA HIS A 137 -16.98 -0.21 1.50
C HIS A 137 -17.20 -1.53 0.76
N SER A 138 -18.02 -1.49 -0.28
CA SER A 138 -18.31 -2.67 -1.06
C SER A 138 -17.08 -3.23 -1.79
N LEU A 139 -16.30 -2.32 -2.37
CA LEU A 139 -15.11 -2.73 -3.15
C LEU A 139 -14.04 -3.41 -2.31
N ILE A 140 -13.76 -2.90 -1.12
CA ILE A 140 -12.73 -3.49 -0.28
C ILE A 140 -13.05 -4.95 0.01
N ARG A 141 -14.34 -5.26 0.06
CA ARG A 141 -14.77 -6.63 0.32
C ARG A 141 -14.47 -7.53 -0.88
N GLN A 142 -14.65 -7.00 -2.07
CA GLN A 142 -14.44 -7.79 -3.31
C GLN A 142 -13.01 -8.32 -3.45
N LEU A 143 -12.02 -7.46 -3.24
CA LEU A 143 -10.63 -7.88 -3.39
C LEU A 143 -10.22 -8.93 -2.37
N ALA A 144 -10.78 -8.83 -1.16
CA ALA A 144 -10.44 -9.79 -0.11
C ALA A 144 -10.84 -11.21 -0.50
N ARG A 145 -11.97 -11.32 -1.19
CA ARG A 145 -12.48 -12.64 -1.62
C ARG A 145 -11.52 -13.30 -2.61
N ARG A 146 -10.93 -12.50 -3.49
CA ARG A 146 -10.02 -13.05 -4.50
C ARG A 146 -8.80 -13.70 -3.86
N CYS A 147 -8.30 -13.09 -2.79
CA CYS A 147 -7.13 -13.61 -2.10
C CYS A 147 -7.40 -15.01 -1.51
N SER A 148 -8.60 -15.24 -1.02
CA SER A 148 -8.95 -16.52 -0.41
C SER A 148 -8.89 -17.67 -1.42
N GLU A 149 -9.23 -17.40 -2.67
CA GLU A 149 -9.23 -18.44 -3.71
C GLU A 149 -7.82 -18.94 -4.00
N VAL A 150 -6.85 -18.02 -4.01
CA VAL A 150 -5.47 -18.38 -4.30
C VAL A 150 -4.89 -19.30 -3.21
N ARG A 151 -5.22 -18.98 -1.97
CA ARG A 151 -4.71 -19.73 -0.82
C ARG A 151 -5.15 -21.20 -0.86
N LEU A 152 -6.40 -21.46 -1.22
CA LEU A 152 -6.91 -22.83 -1.29
C LEU A 152 -6.14 -23.63 -2.33
N LEU A 153 -5.83 -22.97 -3.44
CA LEU A 153 -5.11 -23.61 -4.54
C LEU A 153 -3.72 -24.06 -4.09
N VAL A 154 -3.05 -23.25 -3.26
CA VAL A 154 -1.71 -23.59 -2.79
C VAL A 154 -1.66 -25.07 -2.35
N ASP A 155 -0.56 -25.72 -2.67
CA ASP A 155 -0.38 -27.13 -2.33
C ASP A 155 -0.13 -27.31 -0.83
N SER A 156 0.72 -26.45 -0.25
CA SER A 156 1.07 -26.54 1.19
C SER A 156 0.58 -25.33 1.96
N LYS A 157 -0.21 -25.58 3.00
CA LYS A 157 -0.74 -24.50 3.84
C LYS A 157 0.40 -23.80 4.60
N ASP A 158 1.45 -24.57 4.90
CA ASP A 158 2.60 -24.02 5.63
C ASP A 158 3.50 -23.22 4.71
N ASP A 159 3.00 -22.97 3.48
CA ASP A 159 3.74 -22.21 2.45
C ASP A 159 4.87 -21.34 3.01
N GLU A 160 4.64 -20.03 3.05
CA GLU A 160 5.62 -19.08 3.54
C GLU A 160 5.00 -17.69 3.51
N ARG A 161 4.01 -17.54 2.62
CA ARG A 161 3.29 -16.29 2.44
C ARG A 161 1.90 -16.42 3.04
N VAL A 162 1.40 -17.66 3.01
CA VAL A 162 0.08 -17.96 3.55
C VAL A 162 -0.14 -17.30 4.93
N PRO A 163 0.68 -17.58 5.93
CA PRO A 163 0.49 -16.96 7.28
C PRO A 163 0.43 -15.43 7.20
N ALA A 164 1.31 -14.84 6.42
CA ALA A 164 1.30 -13.39 6.27
C ALA A 164 0.01 -12.96 5.60
N LEU A 165 -0.41 -13.72 4.58
CA LEU A 165 -1.64 -13.41 3.86
C LEU A 165 -2.84 -13.52 4.78
N ASN A 166 -2.89 -14.57 5.59
CA ASN A 166 -4.03 -14.76 6.48
C ASN A 166 -4.17 -13.61 7.47
N LEU A 167 -3.05 -13.18 8.03
CA LEU A 167 -3.05 -12.08 8.99
C LEU A 167 -3.46 -10.77 8.32
N LEU A 168 -3.05 -10.62 7.07
CA LEU A 168 -3.34 -9.41 6.31
C LEU A 168 -4.85 -9.20 6.18
N ILE A 169 -5.60 -10.27 5.92
CA ILE A 169 -7.06 -10.16 5.80
C ILE A 169 -7.68 -9.65 7.09
N CYS A 170 -7.20 -10.17 8.22
CA CYS A 170 -7.74 -9.78 9.52
C CYS A 170 -7.71 -8.27 9.71
N LEU A 171 -6.69 -7.61 9.18
CA LEU A 171 -6.55 -6.16 9.32
C LEU A 171 -7.76 -5.43 8.76
N VAL A 172 -8.19 -5.83 7.57
CA VAL A 172 -9.33 -5.19 6.91
C VAL A 172 -10.63 -5.37 7.70
N SER A 173 -10.85 -6.58 8.18
CA SER A 173 -12.07 -6.91 8.92
C SER A 173 -12.25 -6.07 10.19
N ARG A 174 -11.15 -5.71 10.84
CA ARG A 174 -11.23 -4.93 12.07
C ARG A 174 -11.39 -3.44 11.79
N TYR A 175 -10.61 -2.92 10.84
CA TYR A 175 -10.68 -1.51 10.53
C TYR A 175 -12.06 -1.13 9.99
N PHE A 176 -12.59 -1.93 9.08
CA PHE A 176 -13.90 -1.67 8.48
C PHE A 176 -15.00 -2.39 9.25
N ASP A 177 -14.62 -3.23 10.21
CA ASP A 177 -15.58 -3.95 11.03
C ASP A 177 -16.47 -4.85 10.17
N GLN A 178 -15.88 -5.50 9.17
CA GLN A 178 -16.64 -6.39 8.29
C GLN A 178 -16.78 -7.77 8.94
N ARG A 179 -17.70 -7.88 9.89
CA ARG A 179 -17.91 -9.15 10.59
C ARG A 179 -18.31 -10.25 9.61
N ASP A 180 -18.83 -9.86 8.46
CA ASP A 180 -19.26 -10.84 7.47
C ASP A 180 -18.04 -11.62 6.95
N LEU A 181 -16.89 -10.94 6.84
CA LEU A 181 -15.66 -11.58 6.34
C LEU A 181 -14.73 -11.97 7.50
N ALA A 182 -15.05 -11.53 8.70
CA ALA A 182 -14.21 -11.84 9.86
C ALA A 182 -14.24 -13.33 10.18
N ASP A 183 -13.17 -14.03 9.82
CA ASP A 183 -13.06 -15.47 10.07
C ASP A 183 -14.39 -16.18 9.81
N GLU A 184 -14.79 -16.22 8.53
CA GLU A 184 -16.05 -16.86 8.17
C GLU A 184 -15.98 -18.37 8.47
N PRO A 185 -17.08 -19.00 8.82
CA PRO A 185 -17.07 -20.47 9.14
C PRO A 185 -16.85 -21.32 7.88
N SER A 186 -17.95 -21.74 7.26
CA SER A 186 -17.90 -22.55 6.05
C SER A 186 -19.09 -22.26 5.15
N LEU A 187 -19.48 -20.99 5.12
CA LEU A 187 -20.62 -20.59 4.30
C LEU A 187 -21.81 -21.51 4.55
N GLU A 188 -21.79 -22.20 5.69
CA GLU A 188 -22.87 -23.12 6.02
C GLU A 188 -23.10 -24.10 4.88
N TYR A 189 -22.07 -24.30 4.08
CA TYR A 189 -22.14 -25.21 2.94
C TYR A 189 -22.34 -26.65 3.41
N GLY B 1 15.55 23.35 21.30
CA GLY B 1 16.47 24.16 20.48
C GLY B 1 15.83 24.46 19.13
N GLN B 2 15.91 25.71 18.70
CA GLN B 2 15.34 26.11 17.42
C GLN B 2 16.06 25.43 16.26
N SER B 3 15.31 25.07 15.23
CA SER B 3 15.89 24.41 14.07
C SER B 3 16.58 23.11 14.46
N ASP B 4 15.84 22.00 14.39
CA ASP B 4 16.37 20.68 14.73
C ASP B 4 15.85 19.64 13.75
N ASP B 5 15.88 19.98 12.48
CA ASP B 5 15.41 19.08 11.44
C ASP B 5 16.26 17.82 11.40
N SER B 6 15.61 16.68 11.22
CA SER B 6 16.34 15.41 11.16
C SER B 6 15.39 14.26 10.78
N ASP B 7 14.11 14.44 11.07
CA ASP B 7 13.10 13.43 10.76
C ASP B 7 12.53 13.66 9.38
N ILE B 8 13.17 14.57 8.64
CA ILE B 8 12.70 14.90 7.33
C ILE B 8 12.77 13.69 6.41
N TRP B 9 13.90 12.99 6.47
CA TRP B 9 14.12 11.82 5.62
C TRP B 9 13.43 10.58 6.18
N ASP B 10 12.17 10.78 6.61
CA ASP B 10 11.36 9.68 7.15
C ASP B 10 10.16 9.46 6.24
N ASP B 11 10.22 10.07 5.05
CA ASP B 11 9.14 9.96 4.08
C ASP B 11 9.02 8.51 3.60
N THR B 12 10.08 7.73 3.82
CA THR B 12 10.07 6.33 3.42
C THR B 12 9.32 5.51 4.47
N ALA B 13 8.66 6.22 5.39
CA ALA B 13 7.91 5.58 6.46
C ALA B 13 6.95 4.53 5.88
N LEU B 14 6.33 4.86 4.76
CA LEU B 14 5.40 3.94 4.12
C LEU B 14 6.12 2.68 3.63
N ILE B 15 7.31 2.87 3.07
CA ILE B 15 8.08 1.76 2.52
C ILE B 15 8.51 0.77 3.61
N LYS B 16 8.97 1.29 4.73
CA LYS B 16 9.43 0.43 5.83
C LYS B 16 8.30 -0.44 6.36
N ALA B 17 7.11 0.12 6.41
CA ALA B 17 5.95 -0.60 6.92
C ALA B 17 5.72 -1.90 6.15
N TYR B 18 6.11 -1.91 4.88
CA TYR B 18 5.95 -3.10 4.05
C TYR B 18 6.78 -4.28 4.58
N ASP B 19 8.06 -4.03 4.85
CA ASP B 19 8.97 -5.09 5.31
C ASP B 19 8.58 -5.69 6.67
N LYS B 20 8.23 -4.87 7.64
CA LYS B 20 7.92 -5.38 8.98
C LYS B 20 6.67 -6.27 9.00
N ALA B 21 5.64 -5.89 8.25
CA ALA B 21 4.41 -6.67 8.23
C ALA B 21 4.66 -8.07 7.66
N VAL B 22 5.42 -8.12 6.58
CA VAL B 22 5.76 -9.39 5.93
C VAL B 22 6.79 -10.16 6.75
N ALA B 23 7.77 -9.44 7.27
CA ALA B 23 8.86 -10.03 8.04
C ALA B 23 8.38 -10.80 9.26
N SER B 24 7.12 -10.71 9.59
CA SER B 24 6.61 -11.44 10.75
C SER B 24 6.94 -12.92 10.57
N PHE B 25 6.12 -13.60 9.80
CA PHE B 25 6.31 -15.03 9.55
C PHE B 25 7.38 -15.27 8.50
N LYS B 26 7.77 -14.21 7.80
CA LYS B 26 8.78 -14.30 6.75
C LYS B 26 8.35 -15.32 5.69
N GLY A 1 -4.34 -18.70 28.33
CA GLY A 1 -3.03 -17.97 28.39
C GLY A 1 -3.08 -16.77 27.46
N TYR A 2 -4.26 -16.50 26.90
CA TYR A 2 -4.43 -15.37 26.00
C TYR A 2 -4.45 -14.07 26.79
N SER A 3 -3.51 -13.18 26.48
CA SER A 3 -3.43 -11.90 27.17
C SER A 3 -2.15 -11.14 26.78
N PRO A 4 -0.99 -11.67 27.09
CA PRO A 4 0.31 -11.00 26.75
C PRO A 4 0.53 -10.94 25.22
N THR A 5 -0.21 -11.77 24.49
CA THR A 5 -0.09 -11.80 23.04
C THR A 5 -0.80 -10.62 22.39
N LEU A 6 -1.36 -9.73 23.23
CA LEU A 6 -2.08 -8.57 22.72
C LEU A 6 -1.12 -7.68 21.93
N GLN A 7 0.10 -7.55 22.42
CA GLN A 7 1.08 -6.71 21.76
C GLN A 7 1.30 -7.16 20.32
N TRP A 8 1.35 -8.47 20.12
CA TRP A 8 1.55 -9.02 18.78
C TRP A 8 0.41 -8.63 17.83
N GLN A 9 -0.83 -8.70 18.32
CA GLN A 9 -1.98 -8.36 17.49
C GLN A 9 -1.99 -6.88 17.10
N GLN A 10 -1.59 -6.03 18.03
CA GLN A 10 -1.57 -4.59 17.79
C GLN A 10 -0.63 -4.22 16.63
N GLN A 11 0.49 -4.91 16.54
CA GLN A 11 1.47 -4.63 15.48
C GLN A 11 0.80 -4.37 14.14
N GLN A 12 -0.26 -5.13 13.83
CA GLN A 12 -0.96 -4.99 12.56
C GLN A 12 -1.67 -3.64 12.44
N VAL A 13 -2.74 -3.48 13.21
CA VAL A 13 -3.53 -2.25 13.18
C VAL A 13 -2.73 -1.04 13.68
N ALA A 14 -1.92 -1.27 14.70
CA ALA A 14 -1.13 -0.19 15.31
C ALA A 14 -0.30 0.57 14.27
N GLN A 15 0.25 -0.13 13.31
CA GLN A 15 1.08 0.51 12.27
C GLN A 15 0.25 1.52 11.46
N PHE A 16 -1.00 1.19 11.23
CA PHE A 16 -1.88 2.05 10.43
C PHE A 16 -2.03 3.44 11.08
N SER A 17 -2.31 3.46 12.38
CA SER A 17 -2.47 4.74 13.07
C SER A 17 -1.17 5.53 13.00
N THR A 18 -0.07 4.81 13.10
CA THR A 18 1.27 5.39 13.04
C THR A 18 1.50 6.07 11.68
N VAL A 19 1.07 5.42 10.60
CA VAL A 19 1.27 6.00 9.27
C VAL A 19 0.65 7.40 9.20
N ARG A 20 -0.53 7.56 9.77
CA ARG A 20 -1.19 8.86 9.75
C ARG A 20 -0.33 9.92 10.42
N GLN A 21 0.38 9.51 11.47
CA GLN A 21 1.24 10.45 12.20
C GLN A 21 2.35 10.98 11.30
N ASN A 22 2.86 10.12 10.42
CA ASN A 22 3.94 10.49 9.52
C ASN A 22 3.53 11.58 8.53
N VAL A 23 2.31 11.49 8.02
CA VAL A 23 1.82 12.46 7.05
C VAL A 23 1.70 13.86 7.67
N ASN A 24 1.19 13.92 8.90
CA ASN A 24 1.00 15.19 9.59
C ASN A 24 2.34 15.95 9.79
N LYS A 25 3.37 15.22 10.16
CA LYS A 25 4.68 15.83 10.42
C LYS A 25 5.28 16.44 9.15
N HIS A 26 5.17 15.70 8.05
CA HIS A 26 5.74 16.14 6.78
C HIS A 26 4.86 17.19 6.10
N ARG A 27 3.66 17.40 6.62
CA ARG A 27 2.76 18.38 6.01
C ARG A 27 3.40 19.76 6.05
N SER A 28 3.95 20.13 7.20
CA SER A 28 4.59 21.43 7.35
C SER A 28 5.86 21.51 6.50
N HIS A 29 6.62 20.41 6.48
CA HIS A 29 7.88 20.38 5.73
C HIS A 29 7.61 20.46 4.22
N TRP A 30 6.66 19.67 3.72
CA TRP A 30 6.36 19.69 2.29
C TRP A 30 5.95 21.11 1.86
N LYS A 31 5.27 21.81 2.75
CA LYS A 31 4.81 23.17 2.45
C LYS A 31 5.99 24.11 2.21
N SER A 32 7.05 23.92 2.99
CA SER A 32 8.23 24.76 2.87
C SER A 32 9.10 24.36 1.69
N GLN A 33 8.73 23.28 1.00
CA GLN A 33 9.50 22.80 -0.15
C GLN A 33 9.02 23.48 -1.43
N GLN A 34 9.82 23.38 -2.49
CA GLN A 34 9.48 23.99 -3.78
C GLN A 34 8.28 23.28 -4.42
N LEU A 35 8.48 22.77 -5.65
CA LEU A 35 7.40 22.07 -6.36
C LEU A 35 7.31 20.63 -5.87
N ASP A 36 8.28 20.22 -5.06
CA ASP A 36 8.30 18.85 -4.55
C ASP A 36 7.08 18.62 -3.67
N SER A 37 6.44 19.71 -3.29
CA SER A 37 5.25 19.63 -2.44
C SER A 37 4.19 18.74 -3.05
N ASN A 38 4.20 18.61 -4.38
CA ASN A 38 3.21 17.78 -5.04
C ASN A 38 3.51 17.69 -6.53
N VAL A 39 4.51 18.45 -6.97
CA VAL A 39 4.93 18.49 -8.36
C VAL A 39 3.72 18.41 -9.29
N THR A 40 3.97 18.13 -10.58
CA THR A 40 2.90 18.03 -11.58
C THR A 40 2.75 16.60 -12.07
N MET A 41 1.54 16.05 -11.95
CA MET A 41 1.26 14.68 -12.39
C MET A 41 0.50 14.71 -13.74
N PRO A 42 0.45 13.64 -14.51
CA PRO A 42 -0.29 13.66 -15.82
C PRO A 42 -1.74 14.15 -15.68
N LYS A 43 -2.15 15.01 -16.60
CA LYS A 43 -3.50 15.58 -16.58
C LYS A 43 -4.58 14.49 -16.62
N SER A 44 -5.73 14.83 -16.05
CA SER A 44 -6.86 13.90 -15.99
C SER A 44 -7.30 13.43 -17.37
N GLU A 45 -7.12 14.27 -18.38
CA GLU A 45 -7.54 13.89 -19.73
C GLU A 45 -6.68 12.74 -20.25
N ASP A 46 -5.82 12.21 -19.39
CA ASP A 46 -4.94 11.08 -19.76
C ASP A 46 -4.83 10.11 -18.60
N GLU A 47 -5.94 9.45 -18.29
CA GLU A 47 -5.96 8.50 -17.18
C GLU A 47 -5.01 7.34 -17.44
N GLU A 48 -4.90 6.92 -18.69
CA GLU A 48 -4.02 5.82 -19.05
C GLU A 48 -2.59 6.15 -18.66
N GLY A 49 -2.17 7.36 -19.00
CA GLY A 49 -0.83 7.82 -18.68
C GLY A 49 -0.63 7.92 -17.18
N TRP A 50 -1.68 8.28 -16.47
CA TRP A 50 -1.62 8.44 -15.02
C TRP A 50 -1.15 7.15 -14.34
N LYS A 51 -1.58 6.00 -14.87
CA LYS A 51 -1.23 4.71 -14.28
C LYS A 51 0.28 4.50 -14.17
N LYS A 52 1.02 4.85 -15.21
CA LYS A 52 2.47 4.64 -15.20
C LYS A 52 3.15 5.50 -14.12
N PHE A 53 2.63 6.71 -13.92
CA PHE A 53 3.21 7.62 -12.92
C PHE A 53 2.88 7.19 -11.49
N CYS A 54 1.60 6.95 -11.22
CA CYS A 54 1.17 6.58 -9.87
C CYS A 54 1.70 5.22 -9.43
N LEU A 55 1.63 4.22 -10.31
CA LEU A 55 2.10 2.88 -9.96
C LEU A 55 3.61 2.77 -10.16
N GLY A 56 4.10 3.28 -11.30
CA GLY A 56 5.54 3.23 -11.59
C GLY A 56 5.85 2.03 -12.49
N GLU A 57 7.00 2.08 -13.15
CA GLU A 57 7.42 1.00 -14.05
C GLU A 57 8.90 0.67 -13.86
N LYS A 58 9.49 1.23 -12.81
CA LYS A 58 10.90 0.97 -12.54
C LYS A 58 11.12 -0.50 -12.21
N LEU A 59 10.10 -1.12 -11.64
CA LEU A 59 10.19 -2.54 -11.30
C LEU A 59 10.39 -3.33 -12.59
N CYS A 60 9.67 -2.94 -13.62
CA CYS A 60 9.76 -3.59 -14.92
C CYS A 60 11.14 -3.41 -15.52
N ALA A 61 11.70 -2.21 -15.37
CA ALA A 61 13.02 -1.90 -15.91
C ALA A 61 14.06 -2.88 -15.40
N ASP A 62 14.01 -3.17 -14.10
CA ASP A 62 14.96 -4.09 -13.51
C ASP A 62 14.59 -4.42 -12.07
N GLY A 63 14.44 -3.37 -11.25
CA GLY A 63 14.09 -3.55 -9.86
C GLY A 63 15.33 -3.86 -9.04
N ALA A 64 16.50 -3.62 -9.64
CA ALA A 64 17.77 -3.87 -8.97
C ALA A 64 18.17 -2.69 -8.10
N VAL A 65 17.26 -1.71 -7.97
CA VAL A 65 17.53 -0.54 -7.16
C VAL A 65 17.29 -0.82 -5.68
N GLY A 66 18.39 -1.02 -4.95
CA GLY A 66 18.30 -1.30 -3.52
C GLY A 66 19.64 -1.77 -2.96
N PRO A 67 20.00 -3.00 -3.22
CA PRO A 67 21.28 -3.58 -2.73
C PRO A 67 22.49 -2.89 -3.35
N ALA A 68 22.28 -2.22 -4.49
CA ALA A 68 23.36 -1.51 -5.20
C ALA A 68 22.89 -0.13 -5.65
N THR A 69 21.94 0.45 -4.93
CA THR A 69 21.42 1.77 -5.27
C THR A 69 22.53 2.82 -5.19
N ASN A 70 23.30 2.79 -4.12
CA ASN A 70 24.38 3.75 -3.92
C ASN A 70 25.44 3.62 -5.01
N GLU A 71 25.75 2.39 -5.39
CA GLU A 71 26.76 2.16 -6.42
C GLU A 71 26.41 2.91 -7.69
N SER A 72 25.14 3.27 -7.79
CA SER A 72 24.62 4.01 -8.94
C SER A 72 25.34 3.63 -10.23
N PRO A 73 25.09 2.45 -10.74
CA PRO A 73 25.73 1.97 -12.01
C PRO A 73 25.55 2.96 -13.16
N GLY A 74 24.37 3.56 -13.24
CA GLY A 74 24.08 4.52 -14.31
C GLY A 74 22.62 4.95 -14.27
N ILE A 75 22.03 4.94 -13.07
CA ILE A 75 20.64 5.33 -12.88
C ILE A 75 20.52 6.84 -12.76
N ASP A 76 19.63 7.44 -13.55
CA ASP A 76 19.39 8.89 -13.50
C ASP A 76 17.96 9.15 -13.05
N TYR A 77 17.82 9.76 -11.89
CA TYR A 77 16.50 10.05 -11.33
C TYR A 77 15.64 10.80 -12.36
N VAL A 78 16.28 11.41 -13.35
CA VAL A 78 15.55 12.17 -14.36
C VAL A 78 14.59 11.29 -15.17
N GLN A 79 15.05 10.11 -15.61
CA GLN A 79 14.20 9.23 -16.41
C GLN A 79 13.23 8.46 -15.54
N ILE A 80 13.38 8.64 -14.24
CA ILE A 80 12.53 7.98 -13.26
C ILE A 80 11.36 8.87 -12.89
N GLY A 81 11.52 10.18 -13.08
CA GLY A 81 10.46 11.12 -12.76
C GLY A 81 10.25 11.20 -11.24
N PHE A 82 9.23 11.94 -10.84
CA PHE A 82 8.93 12.08 -9.41
C PHE A 82 8.23 10.80 -8.91
N PRO A 83 8.74 10.12 -7.90
CA PRO A 83 8.07 8.88 -7.39
C PRO A 83 6.84 9.23 -6.55
N PRO A 84 5.93 8.30 -6.38
CA PRO A 84 4.70 8.55 -5.57
C PRO A 84 5.05 8.80 -4.11
N LEU A 85 4.37 9.77 -3.49
CA LEU A 85 4.61 10.12 -2.08
C LEU A 85 3.31 10.51 -1.39
N LEU A 86 3.39 10.67 -0.09
CA LEU A 86 2.23 11.06 0.71
C LEU A 86 1.76 12.45 0.29
N SER A 87 2.71 13.35 0.04
CA SER A 87 2.36 14.72 -0.33
C SER A 87 1.56 14.79 -1.62
N ILE A 88 1.99 14.05 -2.65
CA ILE A 88 1.26 14.05 -3.92
C ILE A 88 -0.10 13.41 -3.74
N VAL A 89 -0.10 12.28 -3.03
CA VAL A 89 -1.30 11.53 -2.78
C VAL A 89 -2.27 12.34 -1.92
N SER A 90 -1.72 13.03 -0.93
CA SER A 90 -2.54 13.84 -0.03
C SER A 90 -3.33 14.87 -0.83
N ARG A 91 -2.84 15.24 -2.02
CA ARG A 91 -3.53 16.21 -2.86
C ARG A 91 -4.55 15.50 -3.74
N MET A 92 -4.31 14.21 -3.96
CA MET A 92 -5.21 13.40 -4.78
C MET A 92 -6.41 12.98 -3.95
N ASN A 93 -7.60 13.03 -4.56
CA ASN A 93 -8.82 12.65 -3.87
C ASN A 93 -8.88 11.14 -3.65
N GLN A 94 -9.60 10.72 -2.62
CA GLN A 94 -9.76 9.30 -2.35
C GLN A 94 -10.53 8.66 -3.49
N ALA A 95 -11.48 9.40 -4.01
CA ALA A 95 -12.32 8.94 -5.11
C ALA A 95 -11.51 8.78 -6.40
N THR A 96 -10.48 9.58 -6.59
CA THR A 96 -9.70 9.52 -7.81
C THR A 96 -9.04 8.14 -8.00
N VAL A 97 -8.35 7.65 -6.97
CA VAL A 97 -7.69 6.35 -7.08
C VAL A 97 -8.71 5.23 -7.12
N THR A 98 -9.90 5.49 -6.58
CA THR A 98 -10.96 4.49 -6.56
C THR A 98 -11.36 4.14 -8.00
N SER A 99 -11.50 5.14 -8.86
CA SER A 99 -11.87 4.91 -10.25
C SER A 99 -10.76 4.11 -10.94
N VAL A 100 -9.52 4.43 -10.58
CA VAL A 100 -8.36 3.76 -11.15
C VAL A 100 -8.36 2.27 -10.78
N LEU A 101 -9.05 1.93 -9.70
CA LEU A 101 -9.11 0.53 -9.24
C LEU A 101 -9.84 -0.35 -10.26
N GLU A 102 -10.93 0.17 -10.82
CA GLU A 102 -11.71 -0.61 -11.78
C GLU A 102 -10.88 -0.99 -13.00
N TYR A 103 -10.02 -0.08 -13.44
CA TYR A 103 -9.17 -0.34 -14.60
C TYR A 103 -8.20 -1.49 -14.32
N LEU A 104 -7.62 -1.48 -13.13
CA LEU A 104 -6.62 -2.49 -12.75
C LEU A 104 -7.19 -3.91 -12.83
N SER A 105 -8.38 -4.11 -12.29
CA SER A 105 -9.01 -5.43 -12.28
C SER A 105 -9.38 -5.90 -13.68
N ASN A 106 -9.73 -4.95 -14.55
CA ASN A 106 -10.15 -5.26 -15.92
C ASN A 106 -8.99 -5.84 -16.74
N TRP A 107 -7.79 -5.35 -16.52
CA TRP A 107 -6.63 -5.81 -17.28
C TRP A 107 -6.43 -7.32 -17.12
N PHE A 108 -6.49 -7.80 -15.88
CA PHE A 108 -6.30 -9.23 -15.62
C PHE A 108 -5.08 -9.74 -16.38
N GLY A 109 -4.83 -11.05 -16.31
CA GLY A 109 -3.68 -11.63 -16.99
C GLY A 109 -2.39 -11.33 -16.23
N GLU A 110 -2.50 -11.31 -14.91
CA GLU A 110 -1.36 -11.04 -14.04
C GLU A 110 -1.46 -11.89 -12.78
N ARG A 111 -0.43 -12.70 -12.54
CA ARG A 111 -0.42 -13.58 -11.38
C ARG A 111 -0.95 -12.87 -10.14
N ASP A 112 -1.72 -13.61 -9.35
CA ASP A 112 -2.33 -13.08 -8.14
C ASP A 112 -1.35 -13.01 -6.98
N PHE A 113 -1.79 -12.35 -5.91
CA PHE A 113 -0.98 -12.15 -4.71
C PHE A 113 0.37 -11.56 -5.07
N THR A 114 0.50 -11.14 -6.34
CA THR A 114 1.73 -10.54 -6.86
C THR A 114 2.47 -9.74 -5.75
N PRO A 115 3.76 -9.93 -5.55
CA PRO A 115 4.52 -9.24 -4.45
C PRO A 115 4.74 -7.74 -4.69
N GLU A 116 4.80 -7.32 -5.94
CA GLU A 116 5.04 -5.90 -6.24
C GLU A 116 3.86 -5.04 -5.79
N LEU A 117 2.65 -5.52 -6.06
CA LEU A 117 1.44 -4.79 -5.70
C LEU A 117 1.33 -4.60 -4.19
N GLY A 118 1.91 -5.52 -3.42
CA GLY A 118 1.85 -5.42 -1.97
C GLY A 118 2.41 -4.09 -1.47
N ARG A 119 3.50 -3.63 -2.07
CA ARG A 119 4.07 -2.35 -1.66
C ARG A 119 3.04 -1.26 -1.92
N TRP A 120 2.38 -1.37 -3.07
CA TRP A 120 1.35 -0.43 -3.48
C TRP A 120 0.11 -0.58 -2.60
N LEU A 121 -0.20 -1.81 -2.22
CA LEU A 121 -1.39 -2.11 -1.41
C LEU A 121 -1.48 -1.21 -0.18
N TYR A 122 -0.39 -1.07 0.55
CA TYR A 122 -0.40 -0.26 1.76
C TYR A 122 -0.71 1.20 1.44
N ALA A 123 -0.16 1.70 0.34
CA ALA A 123 -0.38 3.10 -0.04
C ALA A 123 -1.84 3.41 -0.32
N LEU A 124 -2.57 2.44 -0.87
CA LEU A 124 -3.98 2.65 -1.22
C LEU A 124 -4.81 2.95 0.02
N LEU A 125 -4.58 2.22 1.09
CA LEU A 125 -5.33 2.42 2.33
C LEU A 125 -5.08 3.82 2.89
N ALA A 126 -3.84 4.26 2.81
CA ALA A 126 -3.46 5.57 3.31
C ALA A 126 -4.23 6.68 2.60
N CYS A 127 -4.75 6.37 1.41
CA CYS A 127 -5.49 7.37 0.64
C CYS A 127 -6.94 7.45 1.08
N LEU A 128 -7.37 6.49 1.89
CA LEU A 128 -8.76 6.46 2.41
C LEU A 128 -8.79 7.04 3.83
N GLU A 129 -9.65 8.02 4.03
CA GLU A 129 -9.79 8.66 5.34
C GLU A 129 -10.77 7.89 6.21
N LYS A 130 -10.97 8.38 7.44
CA LYS A 130 -11.87 7.72 8.38
C LYS A 130 -13.16 7.27 7.68
N PRO A 131 -13.97 8.19 7.19
CA PRO A 131 -15.25 7.84 6.48
C PRO A 131 -14.98 7.08 5.18
N LEU A 132 -15.85 6.11 4.88
CA LEU A 132 -15.73 5.31 3.65
C LEU A 132 -17.00 5.43 2.83
N LEU A 133 -16.85 5.80 1.56
CA LEU A 133 -18.00 5.93 0.68
C LEU A 133 -18.73 4.59 0.57
N PRO A 134 -20.04 4.56 0.45
CA PRO A 134 -20.78 3.26 0.32
C PRO A 134 -20.14 2.36 -0.74
N GLU A 135 -19.79 2.93 -1.87
CA GLU A 135 -19.19 2.18 -2.96
C GLU A 135 -17.77 1.70 -2.61
N ALA A 136 -17.01 2.54 -1.92
CA ALA A 136 -15.65 2.19 -1.54
C ALA A 136 -15.62 0.98 -0.62
N HIS A 137 -16.60 0.90 0.28
CA HIS A 137 -16.68 -0.22 1.21
C HIS A 137 -16.97 -1.52 0.47
N SER A 138 -17.84 -1.45 -0.53
CA SER A 138 -18.21 -2.63 -1.29
C SER A 138 -17.03 -3.21 -2.07
N LEU A 139 -16.26 -2.34 -2.72
CA LEU A 139 -15.13 -2.79 -3.54
C LEU A 139 -14.05 -3.52 -2.73
N ILE A 140 -13.71 -3.00 -1.56
CA ILE A 140 -12.67 -3.64 -0.75
C ILE A 140 -13.08 -5.07 -0.40
N ARG A 141 -14.38 -5.28 -0.28
CA ARG A 141 -14.90 -6.60 0.04
C ARG A 141 -14.65 -7.57 -1.12
N GLN A 142 -14.79 -7.07 -2.34
CA GLN A 142 -14.62 -7.89 -3.54
C GLN A 142 -13.22 -8.50 -3.66
N LEU A 143 -12.19 -7.67 -3.50
CA LEU A 143 -10.82 -8.16 -3.63
C LEU A 143 -10.42 -9.13 -2.52
N ALA A 144 -10.93 -8.91 -1.32
CA ALA A 144 -10.60 -9.76 -0.18
C ALA A 144 -11.11 -11.20 -0.40
N ARG A 145 -12.27 -11.32 -1.02
CA ARG A 145 -12.86 -12.64 -1.27
C ARG A 145 -12.00 -13.48 -2.21
N ARG A 146 -11.42 -12.84 -3.22
CA ARG A 146 -10.60 -13.56 -4.17
C ARG A 146 -9.35 -14.15 -3.50
N CYS A 147 -8.78 -13.39 -2.56
CA CYS A 147 -7.59 -13.83 -1.83
C CYS A 147 -7.87 -15.11 -1.05
N SER A 148 -9.07 -15.21 -0.51
CA SER A 148 -9.45 -16.38 0.28
C SER A 148 -9.37 -17.67 -0.52
N GLU A 149 -9.68 -17.60 -1.82
CA GLU A 149 -9.66 -18.81 -2.66
C GLU A 149 -8.26 -19.44 -2.76
N VAL A 150 -7.24 -18.60 -2.91
CA VAL A 150 -5.87 -19.09 -3.03
C VAL A 150 -5.41 -19.77 -1.73
N ARG A 151 -5.77 -19.15 -0.61
CA ARG A 151 -5.37 -19.64 0.71
C ARG A 151 -5.92 -21.03 1.03
N LEU A 152 -7.15 -21.33 0.62
CA LEU A 152 -7.73 -22.64 0.94
C LEU A 152 -6.92 -23.78 0.32
N LEU A 153 -6.50 -23.64 -0.94
CA LEU A 153 -5.75 -24.70 -1.58
C LEU A 153 -4.34 -24.77 -1.02
N VAL A 154 -3.45 -23.95 -1.56
CA VAL A 154 -2.06 -23.92 -1.12
C VAL A 154 -1.42 -25.31 -1.23
N ASP A 155 -0.26 -25.36 -1.87
CA ASP A 155 0.44 -26.63 -2.02
C ASP A 155 0.80 -27.19 -0.64
N SER A 156 1.27 -26.32 0.24
CA SER A 156 1.65 -26.73 1.59
C SER A 156 1.66 -25.54 2.53
N LYS A 157 1.59 -25.82 3.83
CA LYS A 157 1.60 -24.75 4.83
C LYS A 157 2.94 -24.05 4.81
N ASP A 158 3.92 -24.71 4.20
CA ASP A 158 5.27 -24.16 4.10
C ASP A 158 5.34 -23.14 2.97
N ASP A 159 4.17 -22.77 2.44
CA ASP A 159 4.10 -21.80 1.36
C ASP A 159 4.98 -20.60 1.66
N GLU A 160 5.43 -20.48 2.92
CA GLU A 160 6.28 -19.37 3.37
C GLU A 160 5.54 -18.04 3.33
N ARG A 161 4.51 -17.93 2.49
CA ARG A 161 3.73 -16.71 2.37
C ARG A 161 2.49 -16.79 3.25
N VAL A 162 2.00 -18.01 3.43
CA VAL A 162 0.80 -18.25 4.22
C VAL A 162 0.89 -17.52 5.59
N PRO A 163 1.97 -17.62 6.31
CA PRO A 163 2.10 -16.95 7.64
C PRO A 163 1.84 -15.44 7.56
N ALA A 164 2.45 -14.79 6.58
CA ALA A 164 2.27 -13.36 6.39
C ALA A 164 0.85 -13.05 5.91
N LEU A 165 0.37 -13.88 4.99
CA LEU A 165 -0.96 -13.68 4.42
C LEU A 165 -2.04 -13.78 5.49
N ASN A 166 -1.94 -14.76 6.36
CA ASN A 166 -2.97 -14.98 7.38
C ASN A 166 -3.16 -13.75 8.27
N LEU A 167 -2.07 -13.13 8.69
CA LEU A 167 -2.15 -11.94 9.54
C LEU A 167 -2.75 -10.75 8.78
N LEU A 168 -2.46 -10.68 7.49
CA LEU A 168 -2.93 -9.59 6.64
C LEU A 168 -4.46 -9.55 6.57
N ILE A 169 -5.09 -10.72 6.47
CA ILE A 169 -6.55 -10.79 6.40
C ILE A 169 -7.18 -10.25 7.68
N CYS A 170 -6.62 -10.63 8.81
CA CYS A 170 -7.17 -10.19 10.09
C CYS A 170 -7.15 -8.66 10.21
N LEU A 171 -6.15 -8.04 9.63
CA LEU A 171 -6.00 -6.58 9.70
C LEU A 171 -7.22 -5.85 9.11
N VAL A 172 -7.66 -6.26 7.92
CA VAL A 172 -8.78 -5.60 7.27
C VAL A 172 -10.09 -5.79 8.06
N SER A 173 -10.28 -7.01 8.58
CA SER A 173 -11.51 -7.33 9.32
C SER A 173 -11.69 -6.44 10.55
N ARG A 174 -10.59 -6.06 11.20
CA ARG A 174 -10.67 -5.22 12.40
C ARG A 174 -10.73 -3.74 12.07
N TYR A 175 -9.87 -3.30 11.16
CA TYR A 175 -9.83 -1.88 10.80
C TYR A 175 -11.15 -1.43 10.18
N PHE A 176 -11.68 -2.24 9.25
CA PHE A 176 -12.94 -1.92 8.58
C PHE A 176 -14.14 -2.42 9.39
N ASP A 177 -13.85 -3.15 10.45
CA ASP A 177 -14.90 -3.71 11.33
C ASP A 177 -15.64 -4.84 10.61
N GLN A 178 -15.23 -5.15 9.38
CA GLN A 178 -15.86 -6.23 8.63
C GLN A 178 -15.53 -7.57 9.27
N ARG A 179 -16.24 -7.90 10.35
CA ARG A 179 -15.99 -9.16 11.05
C ARG A 179 -16.43 -10.36 10.23
N ASP A 180 -17.20 -10.11 9.16
CA ASP A 180 -17.65 -11.20 8.31
C ASP A 180 -16.45 -11.89 7.67
N LEU A 181 -15.37 -11.13 7.46
CA LEU A 181 -14.15 -11.67 6.87
C LEU A 181 -13.21 -12.18 7.96
N ALA A 182 -13.59 -12.00 9.23
CA ALA A 182 -12.74 -12.44 10.32
C ALA A 182 -12.61 -13.97 10.31
N ASP A 183 -11.40 -14.45 10.59
CA ASP A 183 -11.16 -15.89 10.61
C ASP A 183 -11.52 -16.49 11.97
N GLU A 184 -12.79 -16.78 12.16
CA GLU A 184 -13.25 -17.36 13.42
C GLU A 184 -12.78 -18.81 13.54
N PRO A 185 -12.53 -19.31 14.73
CA PRO A 185 -12.07 -20.72 14.92
C PRO A 185 -13.16 -21.73 14.57
N SER A 186 -13.93 -22.14 15.56
CA SER A 186 -15.00 -23.11 15.35
C SER A 186 -16.06 -22.99 16.42
N LEU A 187 -16.19 -21.79 16.98
CA LEU A 187 -17.17 -21.55 18.03
C LEU A 187 -16.94 -22.47 19.22
N GLU A 188 -15.90 -23.29 19.14
CA GLU A 188 -15.59 -24.21 20.23
C GLU A 188 -16.80 -25.08 20.55
N TYR A 189 -17.58 -25.39 19.53
CA TYR A 189 -18.77 -26.22 19.71
C TYR A 189 -18.40 -27.56 20.34
N GLY B 1 25.60 30.24 8.13
CA GLY B 1 25.74 29.29 7.00
C GLY B 1 25.58 27.86 7.50
N GLN B 2 26.07 26.90 6.72
CA GLN B 2 25.97 25.48 7.10
C GLN B 2 24.56 25.14 7.54
N SER B 3 23.81 24.51 6.65
CA SER B 3 22.43 24.13 6.94
C SER B 3 22.39 22.94 7.89
N ASP B 4 21.26 22.77 8.57
CA ASP B 4 21.08 21.67 9.52
C ASP B 4 19.61 21.32 9.61
N ASP B 5 19.13 20.56 8.64
CA ASP B 5 17.73 20.18 8.61
C ASP B 5 17.40 19.20 9.73
N SER B 6 16.15 19.20 10.16
CA SER B 6 15.71 18.30 11.21
C SER B 6 15.62 16.86 10.70
N ASP B 7 15.29 15.95 11.61
CA ASP B 7 15.18 14.53 11.27
C ASP B 7 13.87 14.25 10.53
N ILE B 8 13.21 15.31 10.08
CA ILE B 8 11.94 15.17 9.37
C ILE B 8 12.02 14.17 8.20
N TRP B 9 13.20 13.59 7.97
CA TRP B 9 13.36 12.64 6.87
C TRP B 9 12.83 11.28 7.24
N ASP B 10 11.52 11.10 7.02
CA ASP B 10 10.85 9.84 7.32
C ASP B 10 9.66 9.66 6.38
N ASP B 11 9.72 10.34 5.24
CA ASP B 11 8.67 10.28 4.24
C ASP B 11 8.57 8.87 3.66
N THR B 12 9.63 8.10 3.82
CA THR B 12 9.65 6.72 3.32
C THR B 12 8.99 5.80 4.33
N ALA B 13 8.33 6.41 5.31
CA ALA B 13 7.66 5.66 6.37
C ALA B 13 6.73 4.60 5.79
N LEU B 14 6.06 4.93 4.70
CA LEU B 14 5.14 4.00 4.06
C LEU B 14 5.88 2.80 3.49
N ILE B 15 7.03 3.07 2.87
CA ILE B 15 7.82 2.01 2.25
C ILE B 15 8.36 1.03 3.29
N LYS B 16 8.87 1.55 4.41
CA LYS B 16 9.43 0.69 5.47
C LYS B 16 8.38 -0.25 6.04
N ALA B 17 7.17 0.26 6.16
CA ALA B 17 6.06 -0.51 6.71
C ALA B 17 5.83 -1.79 5.94
N TYR B 18 6.19 -1.79 4.65
CA TYR B 18 6.02 -2.98 3.82
C TYR B 18 6.82 -4.17 4.37
N ASP B 19 8.10 -3.94 4.66
CA ASP B 19 8.97 -5.02 5.16
C ASP B 19 8.57 -5.51 6.56
N LYS B 20 8.08 -4.63 7.41
CA LYS B 20 7.70 -5.02 8.78
C LYS B 20 6.57 -6.04 8.78
N ALA B 21 5.54 -5.78 7.99
CA ALA B 21 4.40 -6.67 7.91
C ALA B 21 4.80 -8.03 7.35
N VAL B 22 5.71 -8.01 6.39
CA VAL B 22 6.20 -9.26 5.80
C VAL B 22 7.17 -9.95 6.76
N ALA B 23 7.77 -9.17 7.65
CA ALA B 23 8.73 -9.71 8.61
C ALA B 23 8.07 -10.71 9.55
N SER B 24 6.77 -10.54 9.79
CA SER B 24 6.04 -11.42 10.70
C SER B 24 6.16 -12.90 10.31
N PHE B 25 6.96 -13.21 9.29
CA PHE B 25 7.16 -14.59 8.89
C PHE B 25 7.75 -15.40 10.04
N LYS B 26 8.78 -14.84 10.69
CA LYS B 26 9.44 -15.49 11.82
C LYS B 26 8.92 -14.93 13.13
N GLY A 1 -1.90 -22.15 22.28
CA GLY A 1 -1.95 -21.15 23.38
C GLY A 1 -2.48 -19.82 22.83
N TYR A 2 -3.55 -19.32 23.44
CA TYR A 2 -4.17 -18.05 23.04
C TYR A 2 -4.10 -17.02 24.17
N SER A 3 -3.35 -15.95 23.95
CA SER A 3 -3.19 -14.91 24.95
C SER A 3 -2.11 -13.91 24.53
N PRO A 4 -0.87 -14.33 24.41
CA PRO A 4 0.25 -13.43 24.00
C PRO A 4 0.08 -12.97 22.55
N THR A 5 -0.75 -13.69 21.80
CA THR A 5 -0.99 -13.37 20.40
C THR A 5 -1.62 -11.99 20.26
N LEU A 6 -2.05 -11.41 21.37
CA LEU A 6 -2.66 -10.09 21.35
C LEU A 6 -1.67 -9.05 20.86
N GLN A 7 -0.43 -9.15 21.33
CA GLN A 7 0.61 -8.21 20.92
C GLN A 7 0.86 -8.32 19.43
N TRP A 8 0.86 -9.55 18.93
CA TRP A 8 1.09 -9.80 17.50
C TRP A 8 -0.03 -9.20 16.64
N GLN A 9 -1.27 -9.34 17.09
CA GLN A 9 -2.40 -8.83 16.34
C GLN A 9 -2.39 -7.30 16.25
N GLN A 10 -2.03 -6.66 17.34
CA GLN A 10 -1.99 -5.20 17.39
C GLN A 10 -0.99 -4.61 16.40
N GLN A 11 0.17 -5.24 16.25
CA GLN A 11 1.20 -4.74 15.35
C GLN A 11 0.61 -4.34 13.99
N GLN A 12 -0.36 -5.10 13.51
CA GLN A 12 -0.97 -4.81 12.23
C GLN A 12 -1.77 -3.50 12.26
N VAL A 13 -2.92 -3.52 12.91
CA VAL A 13 -3.80 -2.34 13.00
C VAL A 13 -3.15 -1.19 13.77
N ALA A 14 -2.46 -1.52 14.85
CA ALA A 14 -1.83 -0.49 15.68
C ALA A 14 -0.81 0.32 14.90
N GLN A 15 -0.03 -0.35 14.06
CA GLN A 15 1.00 0.32 13.27
C GLN A 15 0.36 1.25 12.24
N PHE A 16 -0.76 0.83 11.68
CA PHE A 16 -1.46 1.62 10.66
C PHE A 16 -1.84 3.00 11.18
N SER A 17 -2.41 3.05 12.38
CA SER A 17 -2.80 4.33 12.98
C SER A 17 -1.57 5.20 13.18
N THR A 18 -0.50 4.56 13.61
CA THR A 18 0.78 5.21 13.86
C THR A 18 1.36 5.80 12.57
N VAL A 19 1.27 5.05 11.49
CA VAL A 19 1.81 5.50 10.19
C VAL A 19 1.17 6.83 9.77
N ARG A 20 -0.13 6.95 9.96
CA ARG A 20 -0.85 8.18 9.58
C ARG A 20 -0.28 9.39 10.30
N GLN A 21 0.16 9.19 11.55
CA GLN A 21 0.71 10.29 12.33
C GLN A 21 1.94 10.89 11.65
N ASN A 22 2.75 10.02 11.05
CA ASN A 22 3.97 10.45 10.36
C ASN A 22 3.64 11.36 9.18
N VAL A 23 2.55 11.03 8.49
CA VAL A 23 2.12 11.81 7.33
C VAL A 23 1.80 13.26 7.73
N ASN A 24 1.10 13.40 8.86
CA ASN A 24 0.72 14.72 9.35
C ASN A 24 1.95 15.60 9.59
N LYS A 25 3.03 15.00 10.08
CA LYS A 25 4.26 15.75 10.35
C LYS A 25 4.81 16.35 9.06
N HIS A 26 4.76 15.59 7.98
CA HIS A 26 5.28 16.04 6.69
C HIS A 26 4.35 17.05 6.03
N ARG A 27 3.12 17.16 6.54
CA ARG A 27 2.15 18.09 5.96
C ARG A 27 2.68 19.51 6.03
N SER A 28 3.21 19.89 7.18
CA SER A 28 3.75 21.25 7.35
C SER A 28 4.94 21.45 6.42
N HIS A 29 5.79 20.43 6.32
CA HIS A 29 6.99 20.50 5.49
C HIS A 29 6.63 20.67 4.00
N TRP A 30 5.66 19.90 3.52
CA TRP A 30 5.25 20.00 2.11
C TRP A 30 4.60 21.36 1.84
N LYS A 31 3.93 21.90 2.84
CA LYS A 31 3.25 23.18 2.68
C LYS A 31 4.26 24.27 2.28
N SER A 32 5.46 24.15 2.79
CA SER A 32 6.51 25.11 2.51
C SER A 32 7.10 24.85 1.12
N GLN A 33 6.43 23.98 0.35
CA GLN A 33 6.88 23.65 -1.01
C GLN A 33 5.68 23.60 -1.95
N GLN A 34 5.93 23.87 -3.24
CA GLN A 34 4.88 23.85 -4.25
C GLN A 34 4.70 22.45 -4.83
N LEU A 35 3.62 22.24 -5.56
CA LEU A 35 3.37 20.92 -6.16
C LEU A 35 4.49 20.59 -7.16
N ASP A 36 4.88 21.58 -7.94
CA ASP A 36 5.93 21.39 -8.93
C ASP A 36 7.26 21.09 -8.27
N SER A 37 7.28 21.18 -6.95
CA SER A 37 8.52 20.93 -6.20
C SER A 37 9.13 19.59 -6.58
N ASN A 38 8.31 18.56 -6.75
CA ASN A 38 8.84 17.24 -7.10
C ASN A 38 7.79 16.31 -7.70
N VAL A 39 6.68 16.85 -8.21
CA VAL A 39 5.65 15.96 -8.80
C VAL A 39 4.95 16.60 -9.99
N THR A 40 4.78 15.78 -11.04
CA THR A 40 4.07 16.18 -12.25
C THR A 40 2.80 15.32 -12.36
N MET A 41 1.64 15.94 -12.20
CA MET A 41 0.36 15.20 -12.29
C MET A 41 -0.23 15.39 -13.70
N PRO A 42 -0.46 14.36 -14.48
CA PRO A 42 -1.01 14.53 -15.86
C PRO A 42 -2.49 14.91 -15.87
N LYS A 43 -2.90 15.56 -16.96
CA LYS A 43 -4.29 16.01 -17.12
C LYS A 43 -5.28 14.88 -16.83
N SER A 44 -6.38 15.25 -16.17
CA SER A 44 -7.42 14.28 -15.83
C SER A 44 -8.09 13.73 -17.09
N GLU A 45 -8.03 14.50 -18.18
CA GLU A 45 -8.64 14.08 -19.42
C GLU A 45 -7.91 12.88 -19.99
N ASP A 46 -6.72 12.59 -19.44
CA ASP A 46 -5.92 11.44 -19.89
C ASP A 46 -5.80 10.42 -18.78
N GLU A 47 -6.89 9.71 -18.53
CA GLU A 47 -6.91 8.70 -17.46
C GLU A 47 -5.78 7.69 -17.66
N GLU A 48 -5.37 7.50 -18.90
CA GLU A 48 -4.29 6.56 -19.19
C GLU A 48 -2.99 7.02 -18.54
N GLY A 49 -2.80 8.33 -18.51
CA GLY A 49 -1.60 8.90 -17.91
C GLY A 49 -1.54 8.62 -16.40
N TRP A 50 -2.70 8.64 -15.76
CA TRP A 50 -2.76 8.40 -14.32
C TRP A 50 -2.33 6.97 -13.99
N LYS A 51 -2.83 6.01 -14.75
CA LYS A 51 -2.47 4.61 -14.52
C LYS A 51 -0.97 4.43 -14.70
N LYS A 52 -0.45 5.04 -15.75
CA LYS A 52 0.98 4.97 -16.05
C LYS A 52 1.80 5.74 -15.02
N PHE A 53 1.37 6.96 -14.72
CA PHE A 53 2.08 7.82 -13.76
C PHE A 53 1.97 7.30 -12.33
N CYS A 54 0.77 6.88 -11.94
CA CYS A 54 0.54 6.39 -10.59
C CYS A 54 1.33 5.10 -10.32
N LEU A 55 1.31 4.18 -11.28
CA LEU A 55 2.02 2.90 -11.13
C LEU A 55 3.37 2.96 -11.85
N GLY A 56 3.70 4.12 -12.40
CA GLY A 56 4.97 4.28 -13.10
C GLY A 56 5.19 3.17 -14.13
N GLU A 57 6.43 3.09 -14.64
CA GLU A 57 6.80 2.06 -15.63
C GLU A 57 7.99 1.26 -15.11
N LYS A 58 8.44 1.60 -13.91
CA LYS A 58 9.57 0.92 -13.30
C LYS A 58 9.21 -0.54 -13.02
N LEU A 59 7.93 -0.81 -12.83
CA LEU A 59 7.49 -2.17 -12.55
C LEU A 59 7.92 -3.08 -13.70
N CYS A 60 7.83 -2.57 -14.92
CA CYS A 60 8.24 -3.33 -16.09
C CYS A 60 9.72 -3.66 -15.98
N ALA A 61 10.51 -2.68 -15.56
CA ALA A 61 11.95 -2.87 -15.39
C ALA A 61 12.24 -3.57 -14.07
N ASP A 62 11.19 -3.70 -13.24
CA ASP A 62 11.30 -4.34 -11.93
C ASP A 62 12.06 -3.45 -10.96
N GLY A 63 12.84 -2.52 -11.49
CA GLY A 63 13.60 -1.60 -10.65
C GLY A 63 14.79 -2.33 -10.02
N ALA A 64 15.22 -3.41 -10.65
CA ALA A 64 16.33 -4.19 -10.14
C ALA A 64 17.61 -3.37 -10.14
N VAL A 65 17.79 -2.56 -11.18
CA VAL A 65 18.98 -1.72 -11.30
C VAL A 65 18.79 -0.39 -10.58
N GLY A 66 19.32 -0.30 -9.35
CA GLY A 66 19.21 0.92 -8.56
C GLY A 66 19.25 0.62 -7.07
N PRO A 67 18.17 0.11 -6.53
CA PRO A 67 18.07 -0.24 -5.08
C PRO A 67 19.06 -1.35 -4.71
N ALA A 68 19.42 -2.15 -5.70
CA ALA A 68 20.37 -3.24 -5.46
C ALA A 68 21.68 -2.70 -4.89
N THR A 69 22.61 -2.37 -5.77
CA THR A 69 23.90 -1.83 -5.34
C THR A 69 23.70 -0.50 -4.62
N ASN A 70 22.88 0.36 -5.21
CA ASN A 70 22.60 1.66 -4.61
C ASN A 70 23.88 2.46 -4.34
N GLU A 71 24.81 2.44 -5.30
CA GLU A 71 26.08 3.17 -5.17
C GLU A 71 26.03 4.48 -5.94
N SER A 72 24.83 4.90 -6.31
CA SER A 72 24.65 6.13 -7.06
C SER A 72 25.62 6.20 -8.25
N PRO A 73 25.48 5.30 -9.20
CA PRO A 73 26.38 5.27 -10.40
C PRO A 73 26.13 6.45 -11.33
N GLY A 74 24.94 7.06 -11.20
CA GLY A 74 24.58 8.19 -12.03
C GLY A 74 23.07 8.37 -12.03
N ILE A 75 22.62 9.52 -11.54
CA ILE A 75 21.20 9.79 -11.48
C ILE A 75 20.67 10.14 -12.87
N ASP A 76 19.58 9.48 -13.26
CA ASP A 76 18.97 9.72 -14.57
C ASP A 76 17.69 8.89 -14.70
N TYR A 77 17.71 7.68 -14.18
CA TYR A 77 16.56 6.78 -14.25
C TYR A 77 15.40 7.29 -13.39
N VAL A 78 15.72 7.83 -12.22
CA VAL A 78 14.69 8.29 -11.30
C VAL A 78 13.96 9.53 -11.82
N GLN A 79 14.70 10.46 -12.40
CA GLN A 79 14.10 11.70 -12.89
C GLN A 79 13.24 11.40 -14.10
N ILE A 80 13.19 10.12 -14.46
CA ILE A 80 12.38 9.64 -15.58
C ILE A 80 11.17 8.90 -15.04
N GLY A 81 11.31 8.37 -13.82
CA GLY A 81 10.23 7.62 -13.17
C GLY A 81 10.03 8.13 -11.74
N PHE A 82 8.98 8.91 -11.53
CA PHE A 82 8.67 9.47 -10.23
C PHE A 82 7.99 8.42 -9.34
N PRO A 83 8.61 7.96 -8.26
CA PRO A 83 7.97 6.95 -7.37
C PRO A 83 6.93 7.60 -6.47
N PRO A 84 6.01 6.84 -5.93
CA PRO A 84 4.97 7.41 -5.04
C PRO A 84 5.54 7.93 -3.73
N LEU A 85 5.06 9.10 -3.30
CA LEU A 85 5.51 9.72 -2.06
C LEU A 85 4.37 10.47 -1.39
N LEU A 86 4.67 11.12 -0.29
CA LEU A 86 3.68 11.85 0.47
C LEU A 86 3.11 13.00 -0.35
N SER A 87 3.99 13.74 -1.02
CA SER A 87 3.56 14.87 -1.83
C SER A 87 2.67 14.42 -2.99
N ILE A 88 3.09 13.35 -3.66
CA ILE A 88 2.31 12.84 -4.80
C ILE A 88 0.94 12.35 -4.33
N VAL A 89 0.96 11.55 -3.28
CA VAL A 89 -0.25 10.98 -2.70
C VAL A 89 -1.11 12.05 -2.04
N SER A 90 -0.47 12.99 -1.35
CA SER A 90 -1.18 14.04 -0.64
C SER A 90 -2.10 14.84 -1.56
N ARG A 91 -1.66 15.06 -2.81
CA ARG A 91 -2.47 15.83 -3.75
C ARG A 91 -3.51 14.94 -4.43
N MET A 92 -3.28 13.64 -4.38
CA MET A 92 -4.20 12.69 -4.98
C MET A 92 -5.46 12.53 -4.12
N ASN A 93 -6.62 12.49 -4.79
CA ASN A 93 -7.89 12.33 -4.08
C ASN A 93 -8.17 10.85 -3.82
N GLN A 94 -9.01 10.59 -2.83
CA GLN A 94 -9.37 9.21 -2.52
C GLN A 94 -10.18 8.61 -3.68
N ALA A 95 -11.02 9.45 -4.25
CA ALA A 95 -11.88 9.05 -5.36
C ALA A 95 -11.10 8.77 -6.64
N THR A 96 -9.99 9.47 -6.85
CA THR A 96 -9.21 9.29 -8.07
C THR A 96 -8.68 7.86 -8.19
N VAL A 97 -8.06 7.35 -7.14
CA VAL A 97 -7.52 6.00 -7.18
C VAL A 97 -8.65 4.97 -7.16
N THR A 98 -9.79 5.37 -6.62
CA THR A 98 -10.94 4.46 -6.53
C THR A 98 -11.40 4.02 -7.92
N SER A 99 -11.51 4.97 -8.86
CA SER A 99 -11.92 4.65 -10.22
C SER A 99 -10.86 3.79 -10.91
N VAL A 100 -9.60 4.09 -10.61
CA VAL A 100 -8.48 3.36 -11.20
C VAL A 100 -8.49 1.89 -10.76
N LEU A 101 -9.21 1.60 -9.66
CA LEU A 101 -9.29 0.24 -9.13
C LEU A 101 -9.97 -0.70 -10.13
N GLU A 102 -10.98 -0.21 -10.82
CA GLU A 102 -11.72 -1.03 -11.77
C GLU A 102 -10.81 -1.56 -12.88
N TYR A 103 -9.88 -0.74 -13.33
CA TYR A 103 -8.96 -1.14 -14.40
C TYR A 103 -8.10 -2.31 -13.94
N LEU A 104 -7.61 -2.24 -12.71
CA LEU A 104 -6.74 -3.28 -12.17
C LEU A 104 -7.42 -4.64 -12.15
N SER A 105 -8.70 -4.68 -11.76
CA SER A 105 -9.43 -5.94 -11.69
C SER A 105 -9.53 -6.61 -13.06
N ASN A 106 -9.78 -5.83 -14.09
CA ASN A 106 -9.91 -6.36 -15.46
C ASN A 106 -8.61 -7.01 -15.94
N TRP A 107 -7.48 -6.44 -15.53
CA TRP A 107 -6.18 -6.95 -15.95
C TRP A 107 -6.05 -8.44 -15.64
N PHE A 108 -6.57 -8.84 -14.46
CA PHE A 108 -6.53 -10.24 -13.99
C PHE A 108 -6.29 -11.26 -15.11
N GLY A 109 -7.32 -12.02 -15.43
CA GLY A 109 -7.20 -13.02 -16.48
C GLY A 109 -6.01 -13.95 -16.24
N GLU A 110 -5.39 -13.83 -15.06
CA GLU A 110 -4.23 -14.65 -14.71
C GLU A 110 -4.17 -14.84 -13.20
N ARG A 111 -3.10 -15.49 -12.73
CA ARG A 111 -2.92 -15.73 -11.29
C ARG A 111 -2.06 -14.63 -10.70
N ASP A 112 -2.48 -13.38 -10.91
CA ASP A 112 -1.73 -12.23 -10.39
C ASP A 112 -2.00 -12.03 -8.91
N PHE A 113 -0.96 -11.59 -8.20
CA PHE A 113 -1.05 -11.34 -6.76
C PHE A 113 0.30 -10.85 -6.25
N THR A 114 1.22 -10.66 -7.20
CA THR A 114 2.59 -10.20 -6.91
C THR A 114 2.70 -9.44 -5.57
N PRO A 115 3.72 -9.67 -4.77
CA PRO A 115 3.90 -8.97 -3.46
C PRO A 115 4.43 -7.55 -3.64
N GLU A 116 4.74 -7.21 -4.87
CA GLU A 116 5.25 -5.88 -5.18
C GLU A 116 4.15 -4.85 -4.94
N LEU A 117 2.94 -5.21 -5.32
CA LEU A 117 1.78 -4.35 -5.15
C LEU A 117 1.50 -4.12 -3.67
N GLY A 118 1.90 -5.08 -2.85
CA GLY A 118 1.68 -4.98 -1.42
C GLY A 118 2.32 -3.70 -0.87
N ARG A 119 3.46 -3.30 -1.43
CA ARG A 119 4.11 -2.07 -1.01
C ARG A 119 3.18 -0.90 -1.30
N TRP A 120 2.55 -0.98 -2.48
CA TRP A 120 1.59 0.03 -2.93
C TRP A 120 0.30 -0.07 -2.12
N LEU A 121 -0.11 -1.29 -1.80
CA LEU A 121 -1.35 -1.53 -1.07
C LEU A 121 -1.46 -0.68 0.19
N TYR A 122 -0.38 -0.59 0.96
CA TYR A 122 -0.41 0.19 2.20
C TYR A 122 -0.71 1.66 1.91
N ALA A 123 -0.16 2.19 0.83
CA ALA A 123 -0.38 3.59 0.48
C ALA A 123 -1.86 3.89 0.17
N LEU A 124 -2.55 2.92 -0.44
CA LEU A 124 -3.95 3.11 -0.81
C LEU A 124 -4.83 3.37 0.41
N LEU A 125 -4.64 2.58 1.45
CA LEU A 125 -5.44 2.74 2.66
C LEU A 125 -5.16 4.11 3.29
N ALA A 126 -3.90 4.51 3.29
CA ALA A 126 -3.50 5.79 3.85
C ALA A 126 -4.11 6.94 3.03
N CYS A 127 -4.55 6.64 1.81
CA CYS A 127 -5.14 7.65 0.93
C CYS A 127 -6.62 7.84 1.25
N LEU A 128 -7.21 6.88 1.96
CA LEU A 128 -8.62 6.96 2.34
C LEU A 128 -8.73 7.65 3.71
N GLU A 129 -9.61 8.64 3.78
CA GLU A 129 -9.80 9.41 5.02
C GLU A 129 -10.86 8.77 5.90
N LYS A 130 -11.08 9.39 7.07
CA LYS A 130 -12.06 8.89 8.03
C LYS A 130 -13.35 8.45 7.32
N PRO A 131 -14.09 9.36 6.73
CA PRO A 131 -15.36 9.00 6.02
C PRO A 131 -15.09 8.10 4.80
N LEU A 132 -15.97 7.13 4.59
CA LEU A 132 -15.86 6.20 3.45
C LEU A 132 -17.12 6.24 2.60
N LEU A 133 -16.95 6.45 1.30
CA LEU A 133 -18.10 6.50 0.40
C LEU A 133 -18.79 5.12 0.36
N PRO A 134 -20.12 5.04 0.29
CA PRO A 134 -20.79 3.71 0.25
C PRO A 134 -20.15 2.78 -0.78
N GLU A 135 -19.79 3.34 -1.92
CA GLU A 135 -19.18 2.56 -2.99
C GLU A 135 -17.81 2.02 -2.57
N ALA A 136 -17.06 2.84 -1.85
CA ALA A 136 -15.73 2.46 -1.39
C ALA A 136 -15.76 1.25 -0.46
N HIS A 137 -16.79 1.19 0.38
CA HIS A 137 -16.93 0.09 1.32
C HIS A 137 -17.19 -1.23 0.59
N SER A 138 -18.01 -1.16 -0.46
CA SER A 138 -18.36 -2.34 -1.22
C SER A 138 -17.15 -2.94 -1.95
N LEU A 139 -16.34 -2.08 -2.58
CA LEU A 139 -15.18 -2.53 -3.35
C LEU A 139 -14.11 -3.24 -2.51
N ILE A 140 -13.82 -2.73 -1.33
CA ILE A 140 -12.80 -3.34 -0.48
C ILE A 140 -13.16 -4.79 -0.17
N ARG A 141 -14.45 -5.07 -0.08
CA ARG A 141 -14.92 -6.43 0.20
C ARG A 141 -14.66 -7.34 -1.00
N GLN A 142 -14.81 -6.80 -2.20
CA GLN A 142 -14.63 -7.58 -3.43
C GLN A 142 -13.21 -8.16 -3.58
N LEU A 143 -12.20 -7.31 -3.39
CA LEU A 143 -10.81 -7.77 -3.55
C LEU A 143 -10.41 -8.78 -2.47
N ALA A 144 -10.92 -8.60 -1.26
CA ALA A 144 -10.57 -9.50 -0.17
C ALA A 144 -11.01 -10.93 -0.47
N ARG A 145 -12.17 -11.08 -1.12
CA ARG A 145 -12.70 -12.39 -1.44
C ARG A 145 -11.80 -13.13 -2.43
N ARG A 146 -11.25 -12.40 -3.39
CA ARG A 146 -10.39 -13.02 -4.40
C ARG A 146 -9.13 -13.62 -3.77
N CYS A 147 -8.58 -12.93 -2.79
CA CYS A 147 -7.37 -13.41 -2.11
C CYS A 147 -7.57 -14.82 -1.54
N SER A 148 -8.78 -15.10 -1.06
CA SER A 148 -9.09 -16.39 -0.44
C SER A 148 -8.87 -17.59 -1.38
N GLU A 149 -9.27 -17.48 -2.64
CA GLU A 149 -9.13 -18.60 -3.57
C GLU A 149 -7.66 -18.98 -3.79
N VAL A 150 -6.81 -17.99 -3.93
CA VAL A 150 -5.38 -18.23 -4.17
C VAL A 150 -4.75 -18.99 -3.00
N ARG A 151 -5.11 -18.60 -1.79
CA ARG A 151 -4.56 -19.20 -0.59
C ARG A 151 -4.83 -20.72 -0.51
N LEU A 152 -6.05 -21.14 -0.83
CA LEU A 152 -6.39 -22.56 -0.79
C LEU A 152 -5.62 -23.36 -1.86
N LEU A 153 -5.47 -22.74 -3.03
CA LEU A 153 -4.80 -23.38 -4.17
C LEU A 153 -3.33 -23.70 -3.86
N VAL A 154 -2.71 -22.87 -3.03
CA VAL A 154 -1.29 -23.05 -2.66
C VAL A 154 -0.89 -24.53 -2.65
N ASP A 155 0.40 -24.77 -2.87
CA ASP A 155 0.91 -26.13 -2.89
C ASP A 155 0.70 -26.81 -1.54
N SER A 156 0.88 -26.05 -0.46
CA SER A 156 0.72 -26.59 0.89
C SER A 156 0.07 -25.56 1.80
N LYS A 157 -0.75 -26.01 2.74
CA LYS A 157 -1.43 -25.11 3.65
C LYS A 157 -0.42 -24.43 4.59
N ASP A 158 0.64 -25.17 4.94
CA ASP A 158 1.66 -24.65 5.84
C ASP A 158 2.68 -23.78 5.10
N ASP A 159 2.39 -23.44 3.84
CA ASP A 159 3.30 -22.62 3.05
C ASP A 159 3.91 -21.50 3.89
N GLU A 160 4.98 -20.91 3.38
CA GLU A 160 5.68 -19.83 4.07
C GLU A 160 5.00 -18.48 3.83
N ARG A 161 4.21 -18.39 2.77
CA ARG A 161 3.52 -17.14 2.43
C ARG A 161 2.15 -17.06 3.10
N VAL A 162 1.52 -18.20 3.28
CA VAL A 162 0.20 -18.28 3.89
C VAL A 162 0.12 -17.47 5.22
N PRO A 163 1.07 -17.61 6.11
CA PRO A 163 1.02 -16.88 7.44
C PRO A 163 0.88 -15.37 7.26
N ALA A 164 1.63 -14.80 6.33
CA ALA A 164 1.57 -13.36 6.08
C ALA A 164 0.24 -12.99 5.44
N LEU A 165 -0.21 -13.80 4.48
CA LEU A 165 -1.45 -13.54 3.79
C LEU A 165 -2.64 -13.59 4.75
N ASN A 166 -2.65 -14.60 5.61
CA ASN A 166 -3.76 -14.74 6.55
C ASN A 166 -3.84 -13.55 7.52
N LEU A 167 -2.69 -13.14 8.03
CA LEU A 167 -2.63 -12.02 8.97
C LEU A 167 -3.07 -10.71 8.31
N LEU A 168 -2.68 -10.53 7.06
CA LEU A 168 -3.00 -9.31 6.31
C LEU A 168 -4.52 -9.12 6.18
N ILE A 169 -5.23 -10.21 5.94
CA ILE A 169 -6.69 -10.15 5.79
C ILE A 169 -7.35 -9.65 7.08
N CYS A 170 -6.87 -10.14 8.22
CA CYS A 170 -7.44 -9.73 9.50
C CYS A 170 -7.46 -8.21 9.64
N LEU A 171 -6.46 -7.54 9.06
CA LEU A 171 -6.36 -6.09 9.15
C LEU A 171 -7.60 -5.42 8.52
N VAL A 172 -8.00 -5.89 7.34
CA VAL A 172 -9.16 -5.32 6.65
C VAL A 172 -10.44 -5.45 7.47
N SER A 173 -10.68 -6.62 8.04
CA SER A 173 -11.90 -6.85 8.80
C SER A 173 -11.99 -5.99 10.07
N ARG A 174 -10.83 -5.60 10.61
CA ARG A 174 -10.82 -4.79 11.84
C ARG A 174 -10.91 -3.29 11.54
N TYR A 175 -10.11 -2.82 10.58
CA TYR A 175 -10.12 -1.39 10.26
C TYR A 175 -11.47 -0.95 9.71
N PHE A 176 -12.01 -1.73 8.78
CA PHE A 176 -13.31 -1.43 8.17
C PHE A 176 -14.44 -1.99 9.02
N ASP A 177 -14.07 -2.75 10.06
CA ASP A 177 -15.03 -3.35 10.96
C ASP A 177 -16.00 -4.26 10.21
N GLN A 178 -15.52 -4.90 9.15
CA GLN A 178 -16.35 -5.80 8.36
C GLN A 178 -16.46 -7.14 9.07
N ARG A 179 -17.33 -7.20 10.08
CA ARG A 179 -17.53 -8.41 10.86
C ARG A 179 -17.99 -9.57 9.99
N ASP A 180 -18.65 -9.24 8.89
CA ASP A 180 -19.16 -10.26 7.98
C ASP A 180 -18.01 -11.05 7.37
N LEU A 181 -16.87 -10.39 7.17
CA LEU A 181 -15.69 -11.03 6.58
C LEU A 181 -14.75 -11.54 7.67
N ALA A 182 -15.01 -11.14 8.92
CA ALA A 182 -14.17 -11.56 10.03
C ALA A 182 -14.25 -13.06 10.24
N ASP A 183 -13.12 -13.67 10.64
CA ASP A 183 -13.07 -15.12 10.87
C ASP A 183 -13.40 -15.44 12.32
N GLU A 184 -14.68 -15.45 12.65
CA GLU A 184 -15.09 -15.76 14.02
C GLU A 184 -14.82 -17.24 14.32
N PRO A 185 -14.50 -17.59 15.54
CA PRO A 185 -14.22 -19.02 15.91
C PRO A 185 -15.44 -19.91 15.72
N SER A 186 -16.63 -19.33 15.93
CA SER A 186 -17.88 -20.07 15.78
C SER A 186 -19.06 -19.12 15.81
N LEU A 187 -18.94 -18.02 15.06
CA LEU A 187 -20.01 -17.03 15.02
C LEU A 187 -20.43 -16.65 16.43
N GLU A 188 -19.61 -17.03 17.41
CA GLU A 188 -19.89 -16.72 18.81
C GLU A 188 -21.25 -17.26 19.23
N TYR A 189 -21.88 -18.02 18.33
CA TYR A 189 -23.19 -18.58 18.62
C TYR A 189 -23.46 -19.78 17.71
N GLY B 1 19.41 27.75 19.73
CA GLY B 1 19.21 29.22 19.61
C GLY B 1 18.97 29.57 18.14
N GLN B 2 19.86 29.09 17.27
CA GLN B 2 19.74 29.35 15.84
C GLN B 2 20.26 28.16 15.03
N SER B 3 19.76 28.02 13.80
CA SER B 3 20.17 26.93 12.94
C SER B 3 19.96 25.60 13.64
N ASP B 4 18.73 25.07 13.57
CA ASP B 4 18.43 23.80 14.21
C ASP B 4 17.11 23.24 13.66
N ASP B 5 17.05 23.08 12.34
CA ASP B 5 15.85 22.56 11.70
C ASP B 5 15.80 21.04 11.81
N SER B 6 14.64 20.47 11.47
CA SER B 6 14.46 19.02 11.54
C SER B 6 15.08 18.34 10.32
N ASP B 7 15.09 17.01 10.34
CA ASP B 7 15.64 16.22 9.25
C ASP B 7 14.54 15.71 8.35
N ILE B 8 13.37 15.49 8.94
CA ILE B 8 12.17 15.01 8.22
C ILE B 8 12.46 13.98 7.12
N TRP B 9 13.68 13.43 7.08
CA TRP B 9 14.03 12.43 6.06
C TRP B 9 13.59 11.05 6.51
N ASP B 10 12.32 10.94 6.89
CA ASP B 10 11.74 9.67 7.32
C ASP B 10 10.47 9.39 6.52
N ASP B 11 10.36 10.05 5.38
CA ASP B 11 9.19 9.89 4.52
C ASP B 11 9.12 8.45 4.00
N THR B 12 10.23 7.73 4.10
CA THR B 12 10.29 6.35 3.66
C THR B 12 9.62 5.45 4.68
N ALA B 13 8.96 6.08 5.65
CA ALA B 13 8.27 5.38 6.71
C ALA B 13 7.28 4.38 6.12
N LEU B 14 6.64 4.76 5.04
CA LEU B 14 5.67 3.90 4.38
C LEU B 14 6.34 2.63 3.86
N ILE B 15 7.52 2.80 3.28
CA ILE B 15 8.25 1.67 2.70
C ILE B 15 8.67 0.65 3.77
N LYS B 16 9.17 1.13 4.90
CA LYS B 16 9.63 0.25 5.98
C LYS B 16 8.48 -0.60 6.53
N ALA B 17 7.31 0.00 6.60
CA ALA B 17 6.12 -0.67 7.14
C ALA B 17 5.82 -1.95 6.35
N TYR B 18 6.17 -1.96 5.07
CA TYR B 18 5.94 -3.14 4.23
C TYR B 18 6.70 -4.36 4.76
N ASP B 19 7.99 -4.18 5.05
CA ASP B 19 8.84 -5.28 5.51
C ASP B 19 8.44 -5.82 6.89
N LYS B 20 8.03 -4.94 7.79
CA LYS B 20 7.70 -5.36 9.15
C LYS B 20 6.48 -6.33 9.15
N ALA B 21 5.44 -5.98 8.41
CA ALA B 21 4.25 -6.83 8.37
C ALA B 21 4.54 -8.18 7.70
N VAL B 22 5.26 -8.13 6.59
CA VAL B 22 5.61 -9.35 5.86
C VAL B 22 6.66 -10.17 6.59
N ALA B 23 7.68 -9.50 7.11
CA ALA B 23 8.78 -10.17 7.79
C ALA B 23 8.39 -10.65 9.19
N SER B 24 7.24 -10.24 9.68
CA SER B 24 6.81 -10.66 11.02
C SER B 24 7.08 -12.14 11.24
N PHE B 25 6.16 -12.97 10.74
CA PHE B 25 6.31 -14.43 10.90
C PHE B 25 7.60 -14.91 10.26
N LYS B 26 7.88 -14.46 9.04
CA LYS B 26 9.08 -14.86 8.34
C LYS B 26 10.30 -14.16 8.91
N GLY A 1 6.24 -15.40 25.92
CA GLY A 1 5.48 -14.20 25.46
C GLY A 1 4.32 -14.65 24.59
N TYR A 2 4.09 -15.96 24.55
CA TYR A 2 3.00 -16.52 23.75
C TYR A 2 1.66 -16.00 24.26
N SER A 3 1.52 -16.00 25.58
CA SER A 3 0.29 -15.53 26.22
C SER A 3 -0.03 -14.10 25.78
N PRO A 4 0.80 -13.13 26.13
CA PRO A 4 0.58 -11.71 25.74
C PRO A 4 0.71 -11.51 24.23
N THR A 5 -0.19 -12.14 23.48
CA THR A 5 -0.17 -12.04 22.02
C THR A 5 -0.82 -10.73 21.57
N LEU A 6 -1.23 -9.92 22.54
CA LEU A 6 -1.87 -8.64 22.25
C LEU A 6 -0.92 -7.73 21.48
N GLN A 7 0.34 -7.70 21.91
CA GLN A 7 1.34 -6.86 21.26
C GLN A 7 1.45 -7.19 19.77
N TRP A 8 1.40 -8.47 19.45
CA TRP A 8 1.50 -8.90 18.06
C TRP A 8 0.29 -8.45 17.25
N GLN A 9 -0.90 -8.53 17.84
CA GLN A 9 -2.13 -8.14 17.16
C GLN A 9 -2.16 -6.65 16.85
N GLN A 10 -1.71 -5.84 17.79
CA GLN A 10 -1.72 -4.38 17.63
C GLN A 10 -0.79 -3.91 16.51
N GLN A 11 0.35 -4.58 16.36
CA GLN A 11 1.33 -4.18 15.34
C GLN A 11 0.67 -3.75 14.03
N GLN A 12 -0.34 -4.48 13.58
CA GLN A 12 -1.01 -4.17 12.32
C GLN A 12 -1.79 -2.85 12.39
N VAL A 13 -2.88 -2.84 13.14
CA VAL A 13 -3.72 -1.65 13.26
C VAL A 13 -2.94 -0.48 13.87
N ALA A 14 -2.10 -0.79 14.83
CA ALA A 14 -1.30 0.23 15.50
C ALA A 14 -0.49 1.04 14.50
N GLN A 15 0.03 0.34 13.50
CA GLN A 15 0.85 0.97 12.47
C GLN A 15 0.06 1.93 11.60
N PHE A 16 -1.17 1.55 11.26
CA PHE A 16 -2.01 2.39 10.40
C PHE A 16 -2.28 3.76 11.00
N SER A 17 -2.66 3.80 12.27
CA SER A 17 -2.93 5.07 12.93
C SER A 17 -1.66 5.89 12.97
N THR A 18 -0.56 5.20 13.21
CA THR A 18 0.76 5.81 13.28
C THR A 18 1.14 6.43 11.93
N VAL A 19 0.87 5.73 10.84
CA VAL A 19 1.22 6.23 9.52
C VAL A 19 0.59 7.60 9.27
N ARG A 20 -0.66 7.77 9.70
CA ARG A 20 -1.34 9.04 9.53
C ARG A 20 -0.57 10.17 10.21
N GLN A 21 0.04 9.86 11.35
CA GLN A 21 0.80 10.87 12.11
C GLN A 21 2.00 11.35 11.29
N ASN A 22 2.62 10.43 10.58
CA ASN A 22 3.80 10.74 9.77
C ASN A 22 3.49 11.72 8.64
N VAL A 23 2.33 11.54 8.02
CA VAL A 23 1.93 12.40 6.91
C VAL A 23 1.77 13.85 7.37
N ASN A 24 1.15 14.04 8.51
CA ASN A 24 0.91 15.38 9.05
C ASN A 24 2.22 16.15 9.30
N LYS A 25 3.22 15.47 9.85
CA LYS A 25 4.49 16.12 10.16
C LYS A 25 5.22 16.60 8.90
N HIS A 26 5.22 15.76 7.88
CA HIS A 26 5.92 16.07 6.63
C HIS A 26 5.12 17.01 5.74
N ARG A 27 3.87 17.29 6.10
CA ARG A 27 3.04 18.17 5.29
C ARG A 27 3.67 19.56 5.20
N SER A 28 4.15 20.06 6.32
CA SER A 28 4.78 21.38 6.37
C SER A 28 6.11 21.36 5.64
N HIS A 29 6.84 20.25 5.76
CA HIS A 29 8.15 20.12 5.13
C HIS A 29 8.06 20.18 3.59
N TRP A 30 7.10 19.45 3.02
CA TRP A 30 6.93 19.45 1.57
C TRP A 30 6.53 20.83 1.05
N LYS A 31 5.81 21.58 1.88
CA LYS A 31 5.34 22.91 1.49
C LYS A 31 6.52 23.82 1.14
N SER A 32 7.60 23.70 1.89
CA SER A 32 8.78 24.52 1.67
C SER A 32 9.62 24.01 0.49
N GLN A 33 9.23 22.87 -0.09
CA GLN A 33 9.98 22.30 -1.21
C GLN A 33 9.52 22.91 -2.53
N GLN A 34 10.34 22.73 -3.57
CA GLN A 34 10.04 23.28 -4.90
C GLN A 34 8.84 22.57 -5.54
N LEU A 35 9.05 22.00 -6.74
CA LEU A 35 7.97 21.31 -7.44
C LEU A 35 7.80 19.90 -6.89
N ASP A 36 8.69 19.50 -6.00
CA ASP A 36 8.62 18.18 -5.40
C ASP A 36 7.35 18.07 -4.58
N SER A 37 6.71 19.20 -4.38
CA SER A 37 5.47 19.27 -3.61
C SER A 37 4.39 18.41 -4.24
N ASN A 38 4.31 18.40 -5.57
CA ASN A 38 3.30 17.62 -6.24
C ASN A 38 3.69 17.43 -7.70
N VAL A 39 4.88 17.94 -8.03
CA VAL A 39 5.41 17.84 -9.39
C VAL A 39 4.29 17.93 -10.44
N THR A 40 4.34 17.07 -11.47
CA THR A 40 3.32 17.07 -12.53
C THR A 40 2.37 15.89 -12.37
N MET A 41 1.08 16.19 -12.17
CA MET A 41 0.04 15.16 -12.01
C MET A 41 -0.91 15.19 -13.23
N PRO A 42 -0.95 14.18 -14.07
CA PRO A 42 -1.87 14.19 -15.25
C PRO A 42 -3.32 14.52 -14.87
N LYS A 43 -3.95 15.35 -15.70
CA LYS A 43 -5.34 15.77 -15.46
C LYS A 43 -6.26 14.57 -15.32
N SER A 44 -7.40 14.80 -14.68
CA SER A 44 -8.39 13.76 -14.46
C SER A 44 -8.92 13.22 -15.79
N GLU A 45 -9.05 14.10 -16.78
CA GLU A 45 -9.56 13.70 -18.08
C GLU A 45 -8.57 12.77 -18.79
N ASP A 46 -7.33 12.72 -18.29
CA ASP A 46 -6.29 11.87 -18.87
C ASP A 46 -6.13 10.61 -18.04
N GLU A 47 -7.18 9.80 -17.98
CA GLU A 47 -7.14 8.57 -17.21
C GLU A 47 -5.90 7.76 -17.53
N GLU A 48 -5.45 7.82 -18.78
CA GLU A 48 -4.26 7.07 -19.18
C GLU A 48 -3.03 7.57 -18.42
N GLY A 49 -2.93 8.88 -18.24
CA GLY A 49 -1.79 9.45 -17.53
C GLY A 49 -1.77 9.03 -16.06
N TRP A 50 -2.94 8.91 -15.45
CA TRP A 50 -3.02 8.51 -14.05
C TRP A 50 -2.51 7.09 -13.86
N LYS A 51 -2.95 6.17 -14.71
CA LYS A 51 -2.53 4.78 -14.61
C LYS A 51 -1.03 4.67 -14.83
N LYS A 52 -0.55 5.34 -15.87
CA LYS A 52 0.86 5.32 -16.21
C LYS A 52 1.72 5.97 -15.13
N PHE A 53 1.28 7.13 -14.65
CA PHE A 53 2.03 7.86 -13.63
C PHE A 53 1.95 7.22 -12.24
N CYS A 54 0.74 6.85 -11.84
CA CYS A 54 0.55 6.27 -10.51
C CYS A 54 1.23 4.90 -10.35
N LEU A 55 1.11 4.03 -11.35
CA LEU A 55 1.71 2.69 -11.28
C LEU A 55 3.05 2.64 -12.01
N GLY A 56 3.44 3.75 -12.62
CA GLY A 56 4.71 3.80 -13.34
C GLY A 56 4.80 2.69 -14.39
N GLU A 57 5.98 2.11 -14.51
CA GLU A 57 6.21 1.03 -15.48
C GLU A 57 7.60 0.42 -15.27
N LYS A 58 8.43 1.10 -14.49
CA LYS A 58 9.79 0.62 -14.22
C LYS A 58 9.75 -0.70 -13.48
N LEU A 59 8.73 -0.89 -12.64
CA LEU A 59 8.61 -2.13 -11.89
C LEU A 59 8.48 -3.29 -12.87
N CYS A 60 7.65 -3.08 -13.90
CA CYS A 60 7.45 -4.08 -14.93
C CYS A 60 8.74 -4.34 -15.69
N ALA A 61 9.46 -3.26 -16.00
CA ALA A 61 10.71 -3.38 -16.74
C ALA A 61 11.76 -4.15 -15.96
N ASP A 62 11.82 -3.91 -14.64
CA ASP A 62 12.78 -4.61 -13.78
C ASP A 62 12.12 -5.07 -12.49
N GLY A 63 12.06 -4.16 -11.52
CA GLY A 63 11.45 -4.48 -10.22
C GLY A 63 12.45 -5.23 -9.33
N ALA A 64 13.72 -5.23 -9.74
CA ALA A 64 14.75 -5.92 -8.97
C ALA A 64 16.14 -5.36 -9.31
N VAL A 65 16.23 -4.03 -9.39
CA VAL A 65 17.50 -3.36 -9.71
C VAL A 65 18.12 -2.77 -8.44
N GLY A 66 19.13 -3.45 -7.91
CA GLY A 66 19.80 -3.00 -6.69
C GLY A 66 21.15 -3.67 -6.53
N PRO A 67 21.17 -4.90 -6.13
CA PRO A 67 22.43 -5.68 -5.93
C PRO A 67 23.20 -5.83 -7.24
N ALA A 68 22.47 -5.82 -8.36
CA ALA A 68 23.09 -5.96 -9.69
C ALA A 68 23.08 -4.61 -10.41
N THR A 69 23.79 -3.64 -9.83
CA THR A 69 23.86 -2.30 -10.41
C THR A 69 25.05 -2.20 -11.36
N ASN A 70 25.76 -3.31 -11.54
CA ASN A 70 26.91 -3.32 -12.43
C ASN A 70 26.48 -2.94 -13.84
N GLU A 71 25.17 -2.85 -14.05
CA GLU A 71 24.61 -2.49 -15.36
C GLU A 71 24.09 -1.05 -15.34
N SER A 72 24.79 -0.18 -14.62
CA SER A 72 24.39 1.22 -14.54
C SER A 72 25.59 2.09 -14.16
N PRO A 73 26.55 2.18 -15.03
CA PRO A 73 27.78 3.00 -14.79
C PRO A 73 27.54 4.49 -15.05
N GLY A 74 26.41 4.99 -14.56
CA GLY A 74 26.07 6.40 -14.75
C GLY A 74 24.62 6.67 -14.39
N ILE A 75 24.34 6.74 -13.09
CA ILE A 75 22.98 6.99 -12.62
C ILE A 75 22.64 8.47 -12.71
N ASP A 76 21.52 8.76 -13.35
CA ASP A 76 21.03 10.13 -13.50
C ASP A 76 19.57 10.18 -13.09
N TYR A 77 19.27 11.05 -12.13
CA TYR A 77 17.90 11.16 -11.62
C TYR A 77 16.92 11.56 -12.72
N VAL A 78 17.44 12.11 -13.81
CA VAL A 78 16.58 12.56 -14.90
C VAL A 78 15.81 11.38 -15.51
N GLN A 79 16.46 10.22 -15.61
CA GLN A 79 15.81 9.04 -16.20
C GLN A 79 15.14 8.19 -15.14
N ILE A 80 15.08 8.72 -13.92
CA ILE A 80 14.44 8.01 -12.79
C ILE A 80 13.08 8.62 -12.48
N GLY A 81 12.90 9.88 -12.87
CA GLY A 81 11.64 10.56 -12.62
C GLY A 81 11.41 10.76 -11.13
N PHE A 82 10.30 11.43 -10.79
CA PHE A 82 9.96 11.69 -9.40
C PHE A 82 9.17 10.50 -8.81
N PRO A 83 9.64 9.84 -7.77
CA PRO A 83 8.89 8.68 -7.18
C PRO A 83 7.73 9.17 -6.31
N PRO A 84 6.75 8.35 -6.07
CA PRO A 84 5.56 8.74 -5.25
C PRO A 84 5.96 8.97 -3.80
N LEU A 85 5.41 10.03 -3.18
CA LEU A 85 5.72 10.36 -1.79
C LEU A 85 4.50 10.99 -1.11
N LEU A 86 4.72 11.50 0.09
CA LEU A 86 3.65 12.10 0.87
C LEU A 86 3.05 13.32 0.19
N SER A 87 3.90 14.16 -0.39
CA SER A 87 3.42 15.39 -1.03
C SER A 87 2.50 15.13 -2.21
N ILE A 88 2.86 14.19 -3.08
CA ILE A 88 2.02 13.89 -4.25
C ILE A 88 0.74 13.21 -3.81
N VAL A 89 0.90 12.26 -2.91
CA VAL A 89 -0.22 11.49 -2.40
C VAL A 89 -1.18 12.34 -1.57
N SER A 90 -0.64 13.37 -0.92
CA SER A 90 -1.46 14.24 -0.07
C SER A 90 -2.64 14.83 -0.84
N ARG A 91 -2.43 15.19 -2.11
CA ARG A 91 -3.50 15.78 -2.91
C ARG A 91 -4.36 14.70 -3.58
N MET A 92 -3.80 13.52 -3.72
CA MET A 92 -4.53 12.44 -4.38
C MET A 92 -5.87 12.21 -3.71
N ASN A 93 -6.94 12.45 -4.46
CA ASN A 93 -8.28 12.27 -3.94
C ASN A 93 -8.55 10.79 -3.66
N GLN A 94 -9.40 10.53 -2.68
CA GLN A 94 -9.75 9.16 -2.33
C GLN A 94 -10.50 8.49 -3.48
N ALA A 95 -11.37 9.26 -4.11
CA ALA A 95 -12.17 8.78 -5.22
C ALA A 95 -11.33 8.45 -6.46
N THR A 96 -10.23 9.17 -6.67
CA THR A 96 -9.39 8.95 -7.85
C THR A 96 -8.80 7.54 -7.88
N VAL A 97 -8.21 7.11 -6.77
CA VAL A 97 -7.62 5.77 -6.72
C VAL A 97 -8.71 4.69 -6.71
N THR A 98 -9.89 5.06 -6.22
CA THR A 98 -10.99 4.11 -6.16
C THR A 98 -11.37 3.62 -7.56
N SER A 99 -11.47 4.54 -8.51
CA SER A 99 -11.81 4.19 -9.88
C SER A 99 -10.68 3.39 -10.53
N VAL A 100 -9.46 3.78 -10.21
CA VAL A 100 -8.28 3.13 -10.76
C VAL A 100 -8.26 1.64 -10.38
N LEU A 101 -8.99 1.31 -9.32
CA LEU A 101 -9.05 -0.07 -8.85
C LEU A 101 -9.66 -0.99 -9.91
N GLU A 102 -10.67 -0.49 -10.61
CA GLU A 102 -11.37 -1.28 -11.62
C GLU A 102 -10.47 -1.78 -12.76
N TYR A 103 -9.57 -0.95 -13.25
CA TYR A 103 -8.72 -1.37 -14.37
C TYR A 103 -7.82 -2.55 -14.01
N LEU A 104 -7.18 -2.48 -12.85
CA LEU A 104 -6.25 -3.55 -12.44
C LEU A 104 -6.96 -4.90 -12.31
N SER A 105 -8.15 -4.88 -11.74
CA SER A 105 -8.89 -6.12 -11.54
C SER A 105 -9.21 -6.83 -12.85
N ASN A 106 -9.62 -6.07 -13.85
CA ASN A 106 -9.99 -6.63 -15.14
C ASN A 106 -8.83 -7.31 -15.86
N TRP A 107 -7.64 -6.71 -15.79
CA TRP A 107 -6.48 -7.28 -16.47
C TRP A 107 -6.19 -8.70 -16.01
N PHE A 108 -6.13 -8.90 -14.68
CA PHE A 108 -5.87 -10.23 -14.11
C PHE A 108 -4.71 -10.92 -14.86
N GLY A 109 -4.43 -12.16 -14.50
CA GLY A 109 -3.36 -12.91 -15.15
C GLY A 109 -1.99 -12.27 -14.92
N GLU A 110 -1.81 -11.66 -13.75
CA GLU A 110 -0.55 -11.01 -13.40
C GLU A 110 -0.10 -11.45 -12.00
N ARG A 111 -0.27 -12.73 -11.71
CA ARG A 111 0.11 -13.29 -10.41
C ARG A 111 -0.61 -12.54 -9.29
N ASP A 112 -1.38 -13.27 -8.50
CA ASP A 112 -2.12 -12.68 -7.40
C ASP A 112 -1.22 -12.45 -6.19
N PHE A 113 -1.75 -11.69 -5.22
CA PHE A 113 -1.02 -11.37 -3.99
C PHE A 113 0.40 -10.92 -4.33
N THR A 114 0.61 -10.60 -5.60
CA THR A 114 1.92 -10.16 -6.09
C THR A 114 2.67 -9.33 -5.00
N PRO A 115 3.92 -9.61 -4.72
CA PRO A 115 4.68 -8.91 -3.63
C PRO A 115 4.99 -7.44 -3.95
N GLU A 116 5.13 -7.11 -5.23
CA GLU A 116 5.46 -5.73 -5.61
C GLU A 116 4.32 -4.77 -5.27
N LEU A 117 3.10 -5.20 -5.56
CA LEU A 117 1.91 -4.38 -5.30
C LEU A 117 1.68 -4.20 -3.80
N GLY A 118 2.13 -5.16 -3.01
CA GLY A 118 1.94 -5.10 -1.56
C GLY A 118 2.52 -3.82 -0.98
N ARG A 119 3.64 -3.36 -1.51
CA ARG A 119 4.23 -2.12 -1.03
C ARG A 119 3.26 -0.97 -1.31
N TRP A 120 2.60 -1.08 -2.45
CA TRP A 120 1.62 -0.10 -2.89
C TRP A 120 0.30 -0.28 -2.12
N LEU A 121 -0.04 -1.54 -1.83
CA LEU A 121 -1.28 -1.87 -1.12
C LEU A 121 -1.46 -1.02 0.14
N TYR A 122 -0.38 -0.84 0.89
CA TYR A 122 -0.46 -0.05 2.11
C TYR A 122 -0.89 1.38 1.81
N ALA A 123 -0.41 1.92 0.69
CA ALA A 123 -0.73 3.29 0.29
C ALA A 123 -2.23 3.51 0.06
N LEU A 124 -2.91 2.49 -0.47
CA LEU A 124 -4.35 2.62 -0.76
C LEU A 124 -5.15 2.91 0.51
N LEU A 125 -4.87 2.17 1.57
CA LEU A 125 -5.59 2.37 2.84
C LEU A 125 -5.31 3.76 3.41
N ALA A 126 -4.08 4.20 3.30
CA ALA A 126 -3.67 5.50 3.81
C ALA A 126 -4.44 6.63 3.14
N CYS A 127 -4.98 6.36 1.95
CA CYS A 127 -5.74 7.38 1.22
C CYS A 127 -7.18 7.43 1.70
N LEU A 128 -7.59 6.41 2.47
CA LEU A 128 -8.94 6.34 3.03
C LEU A 128 -8.92 6.77 4.50
N GLU A 129 -9.82 7.70 4.85
CA GLU A 129 -9.91 8.20 6.22
C GLU A 129 -11.38 8.38 6.62
N LYS A 130 -12.10 9.17 5.82
CA LYS A 130 -13.52 9.40 6.10
C LYS A 130 -14.32 8.11 5.85
N PRO A 131 -15.62 8.11 6.05
CA PRO A 131 -16.44 6.87 5.83
C PRO A 131 -16.43 6.45 4.36
N LEU A 132 -16.46 5.14 4.13
CA LEU A 132 -16.43 4.61 2.76
C LEU A 132 -17.83 4.69 2.14
N LEU A 133 -17.89 5.19 0.92
CA LEU A 133 -19.16 5.29 0.22
C LEU A 133 -19.76 3.89 0.09
N PRO A 134 -21.06 3.75 -0.10
CA PRO A 134 -21.68 2.39 -0.23
C PRO A 134 -20.91 1.53 -1.23
N GLU A 135 -20.54 2.14 -2.35
CA GLU A 135 -19.79 1.43 -3.39
C GLU A 135 -18.36 1.12 -2.95
N ALA A 136 -17.72 2.07 -2.27
CA ALA A 136 -16.33 1.88 -1.82
C ALA A 136 -16.22 0.71 -0.84
N HIS A 137 -17.18 0.59 0.07
CA HIS A 137 -17.17 -0.48 1.04
C HIS A 137 -17.32 -1.82 0.34
N SER A 138 -18.17 -1.85 -0.67
CA SER A 138 -18.41 -3.07 -1.42
C SER A 138 -17.14 -3.58 -2.10
N LEU A 139 -16.35 -2.66 -2.65
CA LEU A 139 -15.12 -3.03 -3.37
C LEU A 139 -14.07 -3.71 -2.48
N ILE A 140 -13.85 -3.19 -1.28
CA ILE A 140 -12.84 -3.78 -0.39
C ILE A 140 -13.23 -5.22 -0.08
N ARG A 141 -14.53 -5.49 -0.06
CA ARG A 141 -15.03 -6.83 0.19
C ARG A 141 -14.71 -7.77 -0.98
N GLN A 142 -14.78 -7.25 -2.19
CA GLN A 142 -14.54 -8.04 -3.40
C GLN A 142 -13.13 -8.63 -3.46
N LEU A 143 -12.12 -7.81 -3.20
CA LEU A 143 -10.73 -8.26 -3.28
C LEU A 143 -10.37 -9.27 -2.18
N ALA A 144 -10.93 -9.08 -1.00
CA ALA A 144 -10.62 -9.95 0.13
C ALA A 144 -11.11 -11.39 -0.09
N ARG A 145 -12.30 -11.54 -0.66
CA ARG A 145 -12.87 -12.85 -0.91
C ARG A 145 -12.08 -13.64 -1.96
N ARG A 146 -11.63 -12.93 -3.00
CA ARG A 146 -10.88 -13.56 -4.07
C ARG A 146 -9.58 -14.15 -3.57
N CYS A 147 -8.94 -13.44 -2.65
CA CYS A 147 -7.67 -13.91 -2.07
C CYS A 147 -7.82 -15.30 -1.47
N SER A 148 -8.99 -15.59 -0.92
CA SER A 148 -9.24 -16.88 -0.28
C SER A 148 -9.00 -18.05 -1.25
N GLU A 149 -9.27 -17.83 -2.53
CA GLU A 149 -9.09 -18.89 -3.53
C GLU A 149 -7.63 -19.35 -3.58
N VAL A 150 -6.72 -18.41 -3.42
CA VAL A 150 -5.28 -18.71 -3.47
C VAL A 150 -4.90 -19.71 -2.38
N ARG A 151 -5.46 -19.54 -1.18
CA ARG A 151 -5.15 -20.43 -0.07
C ARG A 151 -5.53 -21.87 -0.41
N LEU A 152 -6.67 -22.05 -1.09
CA LEU A 152 -7.11 -23.38 -1.47
C LEU A 152 -6.08 -24.03 -2.40
N LEU A 153 -5.55 -23.22 -3.32
CA LEU A 153 -4.56 -23.71 -4.27
C LEU A 153 -3.30 -24.19 -3.56
N VAL A 154 -2.88 -23.47 -2.52
CA VAL A 154 -1.67 -23.86 -1.79
C VAL A 154 -1.69 -25.35 -1.48
N ASP A 155 -0.61 -26.04 -1.85
CA ASP A 155 -0.52 -27.49 -1.64
C ASP A 155 -0.04 -27.82 -0.23
N SER A 156 0.59 -26.86 0.46
CA SER A 156 1.10 -27.10 1.82
C SER A 156 1.05 -25.85 2.67
N LYS A 157 0.77 -26.05 3.96
CA LYS A 157 0.69 -24.96 4.92
C LYS A 157 2.06 -24.34 5.16
N ASP A 158 3.10 -25.12 4.89
CA ASP A 158 4.47 -24.68 5.08
C ASP A 158 4.90 -23.77 3.94
N ASP A 159 3.95 -23.34 3.13
CA ASP A 159 4.24 -22.47 1.99
C ASP A 159 5.11 -21.29 2.42
N GLU A 160 5.31 -21.13 3.74
CA GLU A 160 6.13 -20.05 4.29
C GLU A 160 5.50 -18.69 4.08
N ARG A 161 4.69 -18.54 3.03
CA ARG A 161 4.02 -17.28 2.72
C ARG A 161 2.64 -17.24 3.36
N VAL A 162 2.03 -18.43 3.47
CA VAL A 162 0.70 -18.56 4.04
C VAL A 162 0.56 -17.79 5.38
N PRO A 163 1.49 -17.90 6.31
CA PRO A 163 1.39 -17.20 7.62
C PRO A 163 1.18 -15.68 7.47
N ALA A 164 1.95 -15.08 6.58
CA ALA A 164 1.83 -13.64 6.34
C ALA A 164 0.49 -13.33 5.69
N LEU A 165 0.10 -14.17 4.73
CA LEU A 165 -1.17 -13.99 4.02
C LEU A 165 -2.36 -14.10 4.95
N ASN A 166 -2.34 -15.10 5.82
CA ASN A 166 -3.46 -15.31 6.74
C ASN A 166 -3.63 -14.14 7.70
N LEU A 167 -2.51 -13.66 8.23
CA LEU A 167 -2.52 -12.55 9.19
C LEU A 167 -2.99 -11.25 8.52
N LEU A 168 -2.58 -11.07 7.26
CA LEU A 168 -2.94 -9.88 6.49
C LEU A 168 -4.46 -9.73 6.34
N ILE A 169 -5.14 -10.85 6.12
CA ILE A 169 -6.60 -10.83 5.95
C ILE A 169 -7.29 -10.31 7.22
N CYS A 170 -6.82 -10.73 8.38
CA CYS A 170 -7.42 -10.31 9.63
C CYS A 170 -7.51 -8.78 9.73
N LEU A 171 -6.53 -8.10 9.16
CA LEU A 171 -6.47 -6.64 9.18
C LEU A 171 -7.72 -6.02 8.52
N VAL A 172 -8.11 -6.56 7.37
CA VAL A 172 -9.25 -6.04 6.63
C VAL A 172 -10.55 -6.14 7.45
N SER A 173 -10.78 -7.28 8.08
CA SER A 173 -12.01 -7.48 8.85
C SER A 173 -12.10 -6.56 10.07
N ARG A 174 -10.96 -6.19 10.64
CA ARG A 174 -10.93 -5.35 11.84
C ARG A 174 -11.01 -3.87 11.51
N TYR A 175 -10.22 -3.43 10.53
CA TYR A 175 -10.19 -2.01 10.18
C TYR A 175 -11.56 -1.54 9.70
N PHE A 176 -12.19 -2.30 8.82
CA PHE A 176 -13.50 -1.95 8.28
C PHE A 176 -14.61 -2.49 9.17
N ASP A 177 -14.21 -3.27 10.18
CA ASP A 177 -15.16 -3.85 11.12
C ASP A 177 -16.20 -4.72 10.41
N GLN A 178 -15.81 -5.33 9.29
CA GLN A 178 -16.72 -6.19 8.56
C GLN A 178 -16.83 -7.54 9.28
N ARG A 179 -17.72 -7.61 10.27
CA ARG A 179 -17.90 -8.82 11.06
C ARG A 179 -18.31 -9.99 10.17
N ASP A 180 -18.97 -9.70 9.06
CA ASP A 180 -19.41 -10.75 8.15
C ASP A 180 -18.22 -11.50 7.58
N LEU A 181 -17.11 -10.79 7.36
CA LEU A 181 -15.90 -11.39 6.80
C LEU A 181 -14.99 -11.92 7.92
N ALA A 182 -15.31 -11.55 9.15
CA ALA A 182 -14.51 -12.00 10.29
C ALA A 182 -14.69 -13.50 10.52
N ASP A 183 -13.62 -14.15 10.96
CA ASP A 183 -13.66 -15.60 11.22
C ASP A 183 -14.16 -15.86 12.63
N GLU A 184 -15.47 -15.88 12.79
CA GLU A 184 -16.07 -16.12 14.11
C GLU A 184 -15.97 -17.61 14.45
N PRO A 185 -15.86 -17.96 15.72
CA PRO A 185 -15.76 -19.39 16.14
C PRO A 185 -17.04 -20.15 15.81
N SER A 186 -18.17 -19.45 15.82
CA SER A 186 -19.45 -20.07 15.51
C SER A 186 -20.54 -19.01 15.33
N LEU A 187 -20.17 -17.88 14.73
CA LEU A 187 -21.12 -16.79 14.50
C LEU A 187 -21.72 -16.30 15.82
N GLU A 188 -21.26 -16.90 16.92
CA GLU A 188 -21.75 -16.51 18.25
C GLU A 188 -23.27 -16.60 18.32
N TYR A 189 -23.85 -17.49 17.52
CA TYR A 189 -25.30 -17.66 17.50
C TYR A 189 -25.75 -18.46 18.71
N GLY B 1 25.44 26.55 3.67
CA GLY B 1 24.84 25.20 3.59
C GLY B 1 23.36 25.32 3.23
N GLN B 2 23.04 25.11 1.96
CA GLN B 2 21.66 25.21 1.51
C GLN B 2 20.91 23.92 1.79
N SER B 3 20.27 23.85 2.96
CA SER B 3 19.52 22.66 3.35
C SER B 3 18.20 22.59 2.60
N ASP B 4 17.75 21.37 2.33
CA ASP B 4 16.49 21.15 1.62
C ASP B 4 16.16 19.66 1.57
N ASP B 5 16.65 18.92 2.56
CA ASP B 5 16.42 17.49 2.62
C ASP B 5 14.98 17.19 3.03
N SER B 6 14.39 16.17 2.39
CA SER B 6 13.01 15.76 2.68
C SER B 6 12.99 14.47 3.50
N ASP B 7 14.15 13.83 3.59
CA ASP B 7 14.29 12.59 4.34
C ASP B 7 14.77 12.86 5.77
N ILE B 8 14.94 14.15 6.07
CA ILE B 8 15.42 14.58 7.39
C ILE B 8 14.92 13.66 8.50
N TRP B 9 13.61 13.38 8.55
CA TRP B 9 13.05 12.50 9.59
C TRP B 9 12.86 11.07 9.06
N ASP B 10 11.73 10.83 8.38
CA ASP B 10 11.46 9.49 7.84
C ASP B 10 10.22 9.51 6.96
N ASP B 11 10.35 10.10 5.77
CA ASP B 11 9.23 10.16 4.84
C ASP B 11 8.99 8.79 4.20
N THR B 12 9.97 7.91 4.34
CA THR B 12 9.87 6.56 3.80
C THR B 12 9.10 5.65 4.76
N ALA B 13 8.47 6.27 5.74
CA ALA B 13 7.71 5.53 6.74
C ALA B 13 6.79 4.52 6.08
N LEU B 14 6.21 4.88 4.94
CA LEU B 14 5.30 3.98 4.24
C LEU B 14 6.04 2.72 3.78
N ILE B 15 7.24 2.92 3.24
CA ILE B 15 8.03 1.82 2.72
C ILE B 15 8.45 0.85 3.84
N LYS B 16 8.86 1.40 4.97
CA LYS B 16 9.31 0.59 6.10
C LYS B 16 8.21 -0.35 6.61
N ALA B 17 6.97 0.14 6.60
CA ALA B 17 5.84 -0.65 7.10
C ALA B 17 5.67 -1.95 6.32
N TYR B 18 6.07 -1.96 5.06
CA TYR B 18 5.94 -3.16 4.22
C TYR B 18 6.75 -4.33 4.81
N ASP B 19 8.00 -4.05 5.16
CA ASP B 19 8.90 -5.08 5.70
C ASP B 19 8.43 -5.66 7.04
N LYS B 20 7.87 -4.82 7.90
CA LYS B 20 7.43 -5.26 9.23
C LYS B 20 6.32 -6.30 9.16
N ALA B 21 5.31 -6.01 8.35
CA ALA B 21 4.17 -6.92 8.20
C ALA B 21 4.61 -8.29 7.69
N VAL B 22 5.45 -8.28 6.66
CA VAL B 22 5.96 -9.51 6.09
C VAL B 22 6.89 -10.22 7.07
N ALA B 23 7.70 -9.44 7.77
CA ALA B 23 8.65 -10.00 8.74
C ALA B 23 7.92 -10.80 9.82
N SER B 24 6.64 -10.50 10.04
CA SER B 24 5.87 -11.21 11.07
C SER B 24 5.86 -12.73 10.86
N PHE B 25 6.60 -13.20 9.87
CA PHE B 25 6.68 -14.63 9.60
C PHE B 25 7.29 -15.34 10.82
N LYS B 26 8.38 -14.79 11.34
CA LYS B 26 9.07 -15.38 12.50
C LYS B 26 8.56 -14.76 13.80
N GLY A 1 1.37 -17.30 23.20
CA GLY A 1 0.61 -16.38 22.30
C GLY A 1 -0.86 -16.77 22.30
N TYR A 2 -1.16 -17.94 22.86
CA TYR A 2 -2.53 -18.43 22.92
C TYR A 2 -3.42 -17.47 23.71
N SER A 3 -2.98 -17.10 24.91
CA SER A 3 -3.74 -16.18 25.76
C SER A 3 -3.40 -14.71 25.43
N PRO A 4 -2.15 -14.33 25.51
CA PRO A 4 -1.72 -12.93 25.21
C PRO A 4 -1.64 -12.65 23.71
N THR A 5 -2.70 -13.01 23.00
CA THR A 5 -2.74 -12.81 21.55
C THR A 5 -2.93 -11.33 21.23
N LEU A 6 -3.07 -10.52 22.27
CA LEU A 6 -3.26 -9.09 22.09
C LEU A 6 -2.05 -8.45 21.41
N GLN A 7 -0.86 -8.89 21.81
CA GLN A 7 0.36 -8.34 21.24
C GLN A 7 0.37 -8.52 19.71
N TRP A 8 0.04 -9.72 19.27
CA TRP A 8 0.01 -10.02 17.84
C TRP A 8 -1.12 -9.26 17.14
N GLN A 9 -2.27 -9.16 17.80
CA GLN A 9 -3.44 -8.49 17.24
C GLN A 9 -3.19 -6.99 17.03
N GLN A 10 -2.54 -6.36 18.00
CA GLN A 10 -2.28 -4.92 17.93
C GLN A 10 -1.36 -4.54 16.77
N GLN A 11 -0.28 -5.31 16.59
CA GLN A 11 0.69 -5.04 15.52
C GLN A 11 -0.01 -4.65 14.22
N GLN A 12 -1.11 -5.32 13.90
CA GLN A 12 -1.82 -5.05 12.66
C GLN A 12 -2.49 -3.67 12.66
N VAL A 13 -3.56 -3.53 13.43
CA VAL A 13 -4.30 -2.27 13.52
C VAL A 13 -3.46 -1.15 14.11
N ALA A 14 -2.67 -1.48 15.13
CA ALA A 14 -1.85 -0.48 15.80
C ALA A 14 -0.90 0.21 14.83
N GLN A 15 -0.33 -0.54 13.90
CA GLN A 15 0.61 0.04 12.93
C GLN A 15 -0.11 1.04 12.02
N PHE A 16 -1.34 0.71 11.67
CA PHE A 16 -2.14 1.55 10.78
C PHE A 16 -2.34 2.95 11.36
N SER A 17 -2.71 3.02 12.64
CA SER A 17 -2.91 4.31 13.29
C SER A 17 -1.61 5.08 13.33
N THR A 18 -0.52 4.34 13.54
CA THR A 18 0.82 4.89 13.60
C THR A 18 1.21 5.52 12.25
N VAL A 19 0.91 4.83 11.16
CA VAL A 19 1.26 5.34 9.84
C VAL A 19 0.64 6.72 9.63
N ARG A 20 -0.60 6.89 10.09
CA ARG A 20 -1.27 8.17 9.95
C ARG A 20 -0.48 9.27 10.66
N GLN A 21 0.14 8.93 11.79
CA GLN A 21 0.92 9.91 12.55
C GLN A 21 2.09 10.45 11.72
N ASN A 22 2.68 9.56 10.92
CA ASN A 22 3.83 9.93 10.08
C ASN A 22 3.46 10.98 9.03
N VAL A 23 2.28 10.83 8.43
CA VAL A 23 1.83 11.75 7.40
C VAL A 23 1.63 13.17 7.95
N ASN A 24 1.04 13.25 9.13
CA ASN A 24 0.75 14.54 9.76
C ASN A 24 2.02 15.35 10.05
N LYS A 25 3.06 14.67 10.52
CA LYS A 25 4.32 15.35 10.85
C LYS A 25 4.96 15.96 9.60
N HIS A 26 4.95 15.19 8.53
CA HIS A 26 5.57 15.61 7.28
C HIS A 26 4.66 16.58 6.51
N ARG A 27 3.43 16.72 6.96
CA ARG A 27 2.49 17.63 6.30
C ARG A 27 3.00 19.06 6.35
N SER A 28 3.49 19.47 7.52
CA SER A 28 4.02 20.82 7.70
C SER A 28 5.20 21.05 6.77
N HIS A 29 6.04 20.03 6.62
CA HIS A 29 7.23 20.14 5.76
C HIS A 29 6.83 20.38 4.30
N TRP A 30 5.83 19.64 3.82
CA TRP A 30 5.37 19.79 2.43
C TRP A 30 4.79 21.19 2.21
N LYS A 31 4.18 21.74 3.25
CA LYS A 31 3.59 23.07 3.16
C LYS A 31 4.64 24.10 2.81
N SER A 32 5.84 23.91 3.34
CA SER A 32 6.94 24.83 3.09
C SER A 32 7.53 24.61 1.69
N GLN A 33 6.91 23.70 0.92
CA GLN A 33 7.36 23.40 -0.44
C GLN A 33 8.83 22.97 -0.48
N GLN A 34 9.09 21.91 -1.26
CA GLN A 34 10.45 21.37 -1.41
C GLN A 34 10.73 21.04 -2.88
N LEU A 35 10.46 19.79 -3.27
CA LEU A 35 10.70 19.37 -4.64
C LEU A 35 9.83 20.20 -5.59
N ASP A 36 8.54 20.30 -5.27
CA ASP A 36 7.61 21.06 -6.07
C ASP A 36 6.24 21.10 -5.40
N SER A 37 5.29 21.78 -6.04
CA SER A 37 3.94 21.89 -5.50
C SER A 37 3.20 20.56 -5.64
N ASN A 38 3.68 19.71 -6.53
CA ASN A 38 3.09 18.40 -6.79
C ASN A 38 3.63 17.90 -8.13
N VAL A 39 4.81 18.40 -8.47
CA VAL A 39 5.45 18.05 -9.71
C VAL A 39 4.44 18.00 -10.87
N THR A 40 4.66 17.10 -11.84
CA THR A 40 3.77 17.01 -13.01
C THR A 40 2.97 15.70 -13.01
N MET A 41 1.64 15.83 -13.13
CA MET A 41 0.73 14.68 -13.19
C MET A 41 0.07 14.62 -14.57
N PRO A 42 -0.23 13.45 -15.08
CA PRO A 42 -0.87 13.31 -16.43
C PRO A 42 -2.37 13.66 -16.41
N LYS A 43 -2.83 14.27 -17.50
CA LYS A 43 -4.22 14.67 -17.62
C LYS A 43 -5.17 13.54 -17.19
N SER A 44 -6.30 13.93 -16.62
CA SER A 44 -7.30 12.97 -16.16
C SER A 44 -7.89 12.18 -17.32
N GLU A 45 -8.01 12.84 -18.48
CA GLU A 45 -8.59 12.19 -19.66
C GLU A 45 -7.67 11.08 -20.18
N ASP A 46 -6.42 11.06 -19.71
CA ASP A 46 -5.45 10.04 -20.12
C ASP A 46 -5.25 9.04 -19.00
N GLU A 47 -6.25 8.18 -18.80
CA GLU A 47 -6.17 7.18 -17.75
C GLU A 47 -4.94 6.31 -17.91
N GLU A 48 -4.55 6.06 -19.14
CA GLU A 48 -3.38 5.24 -19.41
C GLU A 48 -2.11 5.88 -18.84
N GLY A 49 -2.03 7.19 -18.93
CA GLY A 49 -0.85 7.90 -18.43
C GLY A 49 -0.73 7.79 -16.91
N TRP A 50 -1.87 7.82 -16.21
CA TRP A 50 -1.86 7.72 -14.75
C TRP A 50 -1.28 6.39 -14.28
N LYS A 51 -1.75 5.30 -14.88
CA LYS A 51 -1.26 3.98 -14.51
C LYS A 51 0.21 3.85 -14.80
N LYS A 52 0.62 4.34 -15.97
CA LYS A 52 2.01 4.27 -16.39
C LYS A 52 2.92 5.09 -15.48
N PHE A 53 2.49 6.31 -15.15
CA PHE A 53 3.30 7.19 -14.30
C PHE A 53 3.40 6.69 -12.86
N CYS A 54 2.25 6.39 -12.25
CA CYS A 54 2.24 5.93 -10.86
C CYS A 54 2.59 4.45 -10.71
N LEU A 55 1.98 3.58 -11.53
CA LEU A 55 2.25 2.13 -11.45
C LEU A 55 3.23 1.68 -12.55
N GLY A 56 3.92 2.63 -13.17
CA GLY A 56 4.87 2.31 -14.24
C GLY A 56 5.59 0.98 -14.01
N GLU A 57 5.83 0.25 -15.10
CA GLU A 57 6.51 -1.04 -15.03
C GLU A 57 8.02 -0.84 -14.93
N LYS A 58 8.44 0.39 -14.74
CA LYS A 58 9.86 0.70 -14.64
C LYS A 58 10.46 -0.02 -13.44
N LEU A 59 9.72 -0.07 -12.34
CA LEU A 59 10.20 -0.73 -11.14
C LEU A 59 10.50 -2.18 -11.48
N CYS A 60 9.62 -2.79 -12.24
CA CYS A 60 9.80 -4.17 -12.67
C CYS A 60 11.00 -4.30 -13.59
N ALA A 61 11.16 -3.31 -14.48
CA ALA A 61 12.27 -3.33 -15.43
C ALA A 61 13.61 -3.34 -14.72
N ASP A 62 13.74 -2.52 -13.68
CA ASP A 62 14.99 -2.45 -12.93
C ASP A 62 15.30 -3.81 -12.29
N GLY A 63 14.31 -4.37 -11.60
CA GLY A 63 14.47 -5.67 -10.95
C GLY A 63 15.35 -5.54 -9.70
N ALA A 64 15.79 -4.32 -9.42
CA ALA A 64 16.65 -4.08 -8.26
C ALA A 64 16.83 -2.58 -8.04
N VAL A 65 15.88 -1.95 -7.36
CA VAL A 65 15.95 -0.51 -7.08
C VAL A 65 16.55 -0.27 -5.70
N GLY A 66 17.86 -0.03 -5.67
CA GLY A 66 18.54 0.23 -4.40
C GLY A 66 20.04 0.28 -4.58
N PRO A 67 20.62 -0.74 -5.15
CA PRO A 67 22.09 -0.83 -5.37
C PRO A 67 22.63 0.39 -6.14
N ALA A 68 21.89 0.82 -7.16
CA ALA A 68 22.29 1.98 -7.97
C ALA A 68 21.43 3.19 -7.65
N THR A 69 21.66 3.80 -6.49
CA THR A 69 20.91 4.97 -6.05
C THR A 69 21.76 5.86 -5.15
N ASN A 70 22.54 5.23 -4.28
CA ASN A 70 23.39 5.96 -3.36
C ASN A 70 24.44 6.77 -4.13
N GLU A 71 24.98 6.16 -5.18
CA GLU A 71 26.00 6.82 -6.00
C GLU A 71 25.36 7.79 -6.99
N SER A 72 24.17 8.26 -6.66
CA SER A 72 23.47 9.21 -7.54
C SER A 72 22.39 9.96 -6.75
N PRO A 73 22.78 10.84 -5.87
CA PRO A 73 21.82 11.64 -5.04
C PRO A 73 20.82 12.40 -5.91
N GLY A 74 21.30 12.94 -7.04
CA GLY A 74 20.44 13.70 -7.93
C GLY A 74 21.26 14.44 -8.98
N ILE A 75 21.85 13.69 -9.91
CA ILE A 75 22.67 14.28 -10.95
C ILE A 75 21.85 15.23 -11.83
N ASP A 76 20.94 14.66 -12.60
CA ASP A 76 20.10 15.45 -13.50
C ASP A 76 18.82 14.69 -13.83
N TYR A 77 18.94 13.64 -14.62
CA TYR A 77 17.79 12.83 -15.00
C TYR A 77 17.15 12.22 -13.76
N VAL A 78 17.96 11.95 -12.76
CA VAL A 78 17.48 11.33 -11.54
C VAL A 78 16.50 12.25 -10.81
N GLN A 79 16.83 13.53 -10.69
CA GLN A 79 15.97 14.47 -9.99
C GLN A 79 14.77 14.84 -10.84
N ILE A 80 14.82 14.45 -12.09
CA ILE A 80 13.72 14.71 -13.03
C ILE A 80 12.65 13.63 -12.86
N GLY A 81 13.07 12.46 -12.37
CA GLY A 81 12.14 11.36 -12.14
C GLY A 81 11.54 11.50 -10.74
N PHE A 82 10.30 11.99 -10.67
CA PHE A 82 9.63 12.20 -9.39
C PHE A 82 8.95 10.92 -8.88
N PRO A 83 9.43 10.31 -7.80
CA PRO A 83 8.76 9.09 -7.26
C PRO A 83 7.53 9.47 -6.44
N PRO A 84 6.61 8.57 -6.25
CA PRO A 84 5.37 8.88 -5.48
C PRO A 84 5.70 9.20 -4.03
N LEU A 85 5.05 10.22 -3.48
CA LEU A 85 5.28 10.62 -2.07
C LEU A 85 4.00 11.17 -1.46
N LEU A 86 4.11 11.69 -0.26
CA LEU A 86 2.95 12.20 0.46
C LEU A 86 2.32 13.39 -0.26
N SER A 87 3.14 14.31 -0.77
CA SER A 87 2.62 15.50 -1.44
C SER A 87 1.80 15.16 -2.69
N ILE A 88 2.31 14.27 -3.53
CA ILE A 88 1.57 13.90 -4.74
C ILE A 88 0.30 13.15 -4.37
N VAL A 89 0.46 12.20 -3.47
CA VAL A 89 -0.66 11.38 -3.05
C VAL A 89 -1.70 12.22 -2.31
N SER A 90 -1.22 13.13 -1.46
CA SER A 90 -2.12 14.00 -0.72
C SER A 90 -2.92 14.89 -1.67
N ARG A 91 -2.43 15.03 -2.90
CA ARG A 91 -3.13 15.84 -3.90
C ARG A 91 -4.14 15.00 -4.65
N MET A 92 -3.94 13.69 -4.67
CA MET A 92 -4.87 12.80 -5.36
C MET A 92 -6.21 12.77 -4.62
N ASN A 93 -7.29 12.83 -5.39
CA ASN A 93 -8.63 12.80 -4.81
C ASN A 93 -9.03 11.38 -4.44
N GLN A 94 -9.93 11.27 -3.46
CA GLN A 94 -10.40 9.96 -3.02
C GLN A 94 -11.16 9.29 -4.15
N ALA A 95 -11.96 10.09 -4.85
CA ALA A 95 -12.75 9.60 -5.97
C ALA A 95 -11.88 9.21 -7.16
N THR A 96 -10.80 9.95 -7.40
CA THR A 96 -9.94 9.65 -8.54
C THR A 96 -9.32 8.27 -8.44
N VAL A 97 -8.72 7.95 -7.30
CA VAL A 97 -8.10 6.64 -7.12
C VAL A 97 -9.15 5.55 -7.05
N THR A 98 -10.36 5.91 -6.66
CA THR A 98 -11.43 4.93 -6.55
C THR A 98 -11.76 4.31 -7.92
N SER A 99 -11.84 5.16 -8.94
CA SER A 99 -12.14 4.71 -10.30
C SER A 99 -10.97 3.91 -10.86
N VAL A 100 -9.77 4.27 -10.45
CA VAL A 100 -8.56 3.59 -10.92
C VAL A 100 -8.57 2.11 -10.55
N LEU A 101 -9.00 1.82 -9.33
CA LEU A 101 -9.05 0.44 -8.84
C LEU A 101 -9.99 -0.38 -9.74
N GLU A 102 -11.10 0.23 -10.16
CA GLU A 102 -12.06 -0.46 -11.01
C GLU A 102 -11.43 -0.88 -12.34
N TYR A 103 -10.56 -0.03 -12.88
CA TYR A 103 -9.92 -0.33 -14.16
C TYR A 103 -9.09 -1.61 -14.10
N LEU A 104 -8.24 -1.72 -13.09
CA LEU A 104 -7.36 -2.87 -12.95
C LEU A 104 -8.16 -4.17 -12.84
N SER A 105 -9.26 -4.13 -12.11
CA SER A 105 -10.07 -5.34 -11.93
C SER A 105 -10.56 -5.87 -13.27
N ASN A 106 -10.96 -4.97 -14.15
CA ASN A 106 -11.44 -5.36 -15.47
C ASN A 106 -10.33 -6.08 -16.25
N TRP A 107 -9.10 -5.64 -16.03
CA TRP A 107 -7.95 -6.22 -16.72
C TRP A 107 -7.92 -7.74 -16.56
N PHE A 108 -8.32 -8.21 -15.37
CA PHE A 108 -8.36 -9.64 -15.04
C PHE A 108 -7.00 -10.08 -14.51
N GLY A 109 -6.58 -11.28 -14.88
CA GLY A 109 -5.29 -11.80 -14.40
C GLY A 109 -5.43 -12.39 -13.00
N GLU A 110 -6.52 -13.11 -12.78
CA GLU A 110 -6.77 -13.72 -11.48
C GLU A 110 -5.56 -14.52 -11.06
N ARG A 111 -4.84 -15.00 -12.05
CA ARG A 111 -3.63 -15.77 -11.83
C ARG A 111 -2.58 -14.88 -11.18
N ASP A 112 -2.56 -13.61 -11.58
CA ASP A 112 -1.60 -12.66 -11.04
C ASP A 112 -2.02 -12.20 -9.65
N PHE A 113 -1.05 -11.70 -8.89
CA PHE A 113 -1.29 -11.21 -7.54
C PHE A 113 -0.25 -10.15 -7.24
N THR A 114 0.66 -9.96 -8.20
CA THR A 114 1.73 -8.98 -8.10
C THR A 114 2.18 -8.77 -6.63
N PRO A 115 3.24 -9.43 -6.17
CA PRO A 115 3.70 -9.29 -4.76
C PRO A 115 4.43 -7.96 -4.55
N GLU A 116 4.73 -7.30 -5.67
CA GLU A 116 5.36 -5.99 -5.63
C GLU A 116 4.34 -4.96 -5.15
N LEU A 117 3.10 -5.28 -5.44
CA LEU A 117 1.94 -4.45 -5.13
C LEU A 117 1.82 -4.16 -3.63
N GLY A 118 2.34 -5.06 -2.79
CA GLY A 118 2.21 -4.90 -1.35
C GLY A 118 2.79 -3.57 -0.87
N ARG A 119 3.94 -3.17 -1.40
CA ARG A 119 4.53 -1.89 -0.99
C ARG A 119 3.60 -0.77 -1.43
N TRP A 120 3.05 -0.91 -2.62
CA TRP A 120 2.12 0.05 -3.18
C TRP A 120 0.80 0.01 -2.41
N LEU A 121 0.41 -1.19 -1.97
CA LEU A 121 -0.85 -1.40 -1.27
C LEU A 121 -0.99 -0.53 -0.01
N TYR A 122 0.09 -0.39 0.75
CA TYR A 122 0.03 0.40 1.98
C TYR A 122 -0.34 1.85 1.70
N ALA A 123 0.25 2.43 0.65
CA ALA A 123 -0.04 3.81 0.28
C ALA A 123 -1.50 4.01 -0.10
N LEU A 124 -2.09 3.02 -0.76
CA LEU A 124 -3.48 3.11 -1.21
C LEU A 124 -4.46 3.27 -0.04
N LEU A 125 -4.28 2.48 1.01
CA LEU A 125 -5.17 2.53 2.17
C LEU A 125 -5.05 3.87 2.89
N ALA A 126 -3.82 4.37 3.01
CA ALA A 126 -3.57 5.63 3.69
C ALA A 126 -4.06 6.83 2.88
N CYS A 127 -4.44 6.60 1.63
CA CYS A 127 -4.92 7.68 0.77
C CYS A 127 -6.40 7.99 1.01
N LEU A 128 -7.08 7.10 1.74
CA LEU A 128 -8.51 7.29 2.03
C LEU A 128 -8.66 8.20 3.25
N GLU A 129 -9.66 9.08 3.17
CA GLU A 129 -9.95 10.02 4.28
C GLU A 129 -11.45 10.08 4.51
N LYS A 130 -11.85 10.60 5.68
CA LYS A 130 -13.26 10.70 6.01
C LYS A 130 -13.94 9.34 5.79
N PRO A 131 -15.22 9.19 6.08
CA PRO A 131 -15.92 7.88 5.89
C PRO A 131 -15.94 7.45 4.42
N LEU A 132 -15.83 6.14 4.18
CA LEU A 132 -15.83 5.62 2.82
C LEU A 132 -17.25 5.54 2.28
N LEU A 133 -17.43 6.02 1.07
CA LEU A 133 -18.76 6.01 0.45
C LEU A 133 -19.27 4.56 0.37
N PRO A 134 -20.56 4.33 0.30
CA PRO A 134 -21.11 2.94 0.21
C PRO A 134 -20.41 2.13 -0.89
N GLU A 135 -20.15 2.78 -2.03
CA GLU A 135 -19.48 2.11 -3.14
C GLU A 135 -18.04 1.75 -2.80
N ALA A 136 -17.33 2.65 -2.14
CA ALA A 136 -15.93 2.40 -1.78
C ALA A 136 -15.83 1.25 -0.77
N HIS A 137 -16.76 1.22 0.16
CA HIS A 137 -16.78 0.17 1.18
C HIS A 137 -17.02 -1.19 0.54
N SER A 138 -17.90 -1.21 -0.45
CA SER A 138 -18.23 -2.45 -1.15
C SER A 138 -17.02 -3.03 -1.88
N LEU A 139 -16.24 -2.17 -2.52
CA LEU A 139 -15.07 -2.62 -3.29
C LEU A 139 -14.00 -3.31 -2.45
N ILE A 140 -13.68 -2.75 -1.29
CA ILE A 140 -12.66 -3.35 -0.43
C ILE A 140 -13.06 -4.77 -0.05
N ARG A 141 -14.35 -5.02 0.03
CA ARG A 141 -14.84 -6.35 0.36
C ARG A 141 -14.59 -7.33 -0.79
N GLN A 142 -14.73 -6.84 -2.03
CA GLN A 142 -14.56 -7.67 -3.23
C GLN A 142 -13.15 -8.26 -3.36
N LEU A 143 -12.13 -7.44 -3.20
CA LEU A 143 -10.75 -7.89 -3.36
C LEU A 143 -10.36 -8.94 -2.32
N ALA A 144 -10.80 -8.75 -1.08
CA ALA A 144 -10.46 -9.68 -0.01
C ALA A 144 -11.04 -11.08 -0.27
N ARG A 145 -12.22 -11.12 -0.86
CA ARG A 145 -12.88 -12.40 -1.14
C ARG A 145 -12.07 -13.25 -2.12
N ARG A 146 -11.52 -12.63 -3.16
CA ARG A 146 -10.74 -13.36 -4.16
C ARG A 146 -9.47 -13.95 -3.53
N CYS A 147 -8.86 -13.20 -2.64
CA CYS A 147 -7.64 -13.63 -1.97
C CYS A 147 -7.82 -15.00 -1.31
N SER A 148 -9.01 -15.26 -0.80
CA SER A 148 -9.30 -16.52 -0.12
C SER A 148 -9.04 -17.71 -1.06
N GLU A 149 -9.29 -17.51 -2.35
CA GLU A 149 -9.07 -18.58 -3.33
C GLU A 149 -7.61 -19.00 -3.36
N VAL A 150 -6.71 -18.04 -3.21
CA VAL A 150 -5.29 -18.32 -3.23
C VAL A 150 -4.90 -19.29 -2.12
N ARG A 151 -5.45 -19.08 -0.93
CA ARG A 151 -5.14 -19.94 0.22
C ARG A 151 -5.53 -21.40 -0.06
N LEU A 152 -6.67 -21.61 -0.71
CA LEU A 152 -7.12 -22.97 -1.01
C LEU A 152 -6.12 -23.67 -1.93
N LEU A 153 -5.59 -22.94 -2.89
CA LEU A 153 -4.63 -23.49 -3.85
C LEU A 153 -3.36 -23.96 -3.13
N VAL A 154 -2.91 -23.19 -2.14
CA VAL A 154 -1.70 -23.54 -1.40
C VAL A 154 -1.74 -25.00 -0.97
N ASP A 155 -0.63 -25.71 -1.18
CA ASP A 155 -0.55 -27.13 -0.84
C ASP A 155 -0.16 -27.35 0.63
N SER A 156 0.42 -26.34 1.28
CA SER A 156 0.84 -26.49 2.69
C SER A 156 0.87 -25.16 3.43
N LYS A 157 0.74 -25.23 4.76
CA LYS A 157 0.77 -24.03 5.60
C LYS A 157 2.20 -23.56 5.77
N ASP A 158 3.15 -24.43 5.45
CA ASP A 158 4.56 -24.11 5.57
C ASP A 158 5.03 -23.30 4.37
N ASP A 159 4.06 -22.86 3.56
CA ASP A 159 4.36 -22.08 2.37
C ASP A 159 5.20 -20.85 2.72
N GLU A 160 5.40 -20.64 4.03
CA GLU A 160 6.20 -19.51 4.53
C GLU A 160 5.52 -18.17 4.28
N ARG A 161 4.68 -18.11 3.24
CA ARG A 161 3.97 -16.88 2.89
C ARG A 161 2.61 -16.85 3.57
N VAL A 162 2.06 -18.04 3.77
CA VAL A 162 0.73 -18.19 4.38
C VAL A 162 0.61 -17.35 5.67
N PRO A 163 1.57 -17.40 6.58
CA PRO A 163 1.48 -16.62 7.86
C PRO A 163 1.24 -15.13 7.62
N ALA A 164 1.98 -14.56 6.67
CA ALA A 164 1.82 -13.14 6.35
C ALA A 164 0.44 -12.90 5.75
N LEU A 165 0.02 -13.81 4.89
CA LEU A 165 -1.28 -13.70 4.25
C LEU A 165 -2.40 -13.75 5.26
N ASN A 166 -2.29 -14.63 6.24
CA ASN A 166 -3.33 -14.77 7.25
C ASN A 166 -3.51 -13.48 8.05
N LEU A 167 -2.39 -12.86 8.43
CA LEU A 167 -2.44 -11.62 9.20
C LEU A 167 -3.04 -10.49 8.37
N LEU A 168 -2.75 -10.50 7.07
CA LEU A 168 -3.24 -9.47 6.17
C LEU A 168 -4.77 -9.43 6.13
N ILE A 169 -5.43 -10.59 6.08
CA ILE A 169 -6.89 -10.64 6.05
C ILE A 169 -7.49 -10.04 7.31
N CYS A 170 -6.92 -10.38 8.46
CA CYS A 170 -7.44 -9.88 9.74
C CYS A 170 -7.48 -8.34 9.78
N LEU A 171 -6.46 -7.71 9.22
CA LEU A 171 -6.36 -6.25 9.25
C LEU A 171 -7.57 -5.57 8.58
N VAL A 172 -7.97 -6.07 7.41
CA VAL A 172 -9.11 -5.49 6.69
C VAL A 172 -10.42 -5.60 7.47
N SER A 173 -10.67 -6.77 8.03
CA SER A 173 -11.92 -7.00 8.77
C SER A 173 -12.02 -6.20 10.07
N ARG A 174 -10.89 -5.82 10.65
CA ARG A 174 -10.90 -5.08 11.91
C ARG A 174 -10.98 -3.58 11.71
N TYR A 175 -10.15 -3.05 10.80
CA TYR A 175 -10.14 -1.62 10.57
C TYR A 175 -11.49 -1.14 10.06
N PHE A 176 -12.05 -1.86 9.09
CA PHE A 176 -13.35 -1.49 8.53
C PHE A 176 -14.48 -2.13 9.31
N ASP A 177 -14.11 -2.98 10.27
CA ASP A 177 -15.08 -3.68 11.12
C ASP A 177 -16.05 -4.51 10.28
N GLN A 178 -15.57 -5.05 9.16
CA GLN A 178 -16.41 -5.87 8.31
C GLN A 178 -16.58 -7.25 8.93
N ARG A 179 -17.62 -7.40 9.75
CA ARG A 179 -17.87 -8.67 10.43
C ARG A 179 -18.07 -9.80 9.43
N ASP A 180 -18.44 -9.45 8.20
CA ASP A 180 -18.67 -10.45 7.17
C ASP A 180 -17.36 -11.17 6.84
N LEU A 181 -16.24 -10.43 6.92
CA LEU A 181 -14.93 -11.02 6.62
C LEU A 181 -14.24 -11.47 7.92
N ALA A 182 -14.79 -11.06 9.05
CA ALA A 182 -14.20 -11.43 10.34
C ALA A 182 -14.47 -12.89 10.65
N ASP A 183 -13.48 -13.55 11.26
CA ASP A 183 -13.62 -14.95 11.63
C ASP A 183 -14.32 -15.08 12.98
N GLU A 184 -15.62 -14.80 13.00
CA GLU A 184 -16.40 -14.88 14.24
C GLU A 184 -17.19 -16.20 14.31
N PRO A 185 -17.44 -16.72 15.48
CA PRO A 185 -18.21 -18.00 15.64
C PRO A 185 -19.68 -17.82 15.23
N SER A 186 -20.13 -16.57 15.23
CA SER A 186 -21.51 -16.26 14.87
C SER A 186 -21.80 -16.72 13.46
N LEU A 187 -20.84 -16.49 12.58
CA LEU A 187 -20.96 -16.85 11.17
C LEU A 187 -20.38 -18.24 10.96
N GLU A 188 -19.14 -18.40 11.39
CA GLU A 188 -18.47 -19.68 11.28
C GLU A 188 -19.30 -20.73 11.99
N TYR A 189 -20.26 -20.26 12.76
CA TYR A 189 -21.14 -21.17 13.50
C TYR A 189 -22.33 -20.42 14.09
N GLY B 1 24.35 28.83 4.11
CA GLY B 1 23.44 27.73 4.56
C GLY B 1 23.90 27.21 5.92
N GLN B 2 23.04 27.34 6.91
CA GLN B 2 23.35 26.87 8.26
C GLN B 2 23.51 25.36 8.28
N SER B 3 22.79 24.68 7.39
CA SER B 3 22.84 23.23 7.32
C SER B 3 22.46 22.60 8.65
N ASP B 4 21.16 22.47 8.88
CA ASP B 4 20.65 21.88 10.11
C ASP B 4 19.26 21.34 9.88
N ASP B 5 19.18 20.23 9.15
CA ASP B 5 17.89 19.62 8.86
C ASP B 5 17.25 19.07 10.13
N SER B 6 15.91 19.17 10.18
CA SER B 6 15.15 18.67 11.33
C SER B 6 14.81 17.19 11.13
N ASP B 7 13.96 16.68 12.01
CA ASP B 7 13.56 15.27 11.95
C ASP B 7 12.50 15.05 10.86
N ILE B 8 12.29 16.06 10.04
CA ILE B 8 11.29 15.99 8.99
C ILE B 8 11.35 14.68 8.19
N TRP B 9 12.37 13.85 8.44
CA TRP B 9 12.52 12.60 7.72
C TRP B 9 11.38 11.65 8.03
N ASP B 10 11.69 10.36 8.14
CA ASP B 10 10.67 9.36 8.41
C ASP B 10 9.57 9.43 7.36
N ASP B 11 9.85 10.16 6.28
CA ASP B 11 8.89 10.29 5.18
C ASP B 11 8.70 8.94 4.50
N THR B 12 9.77 8.15 4.48
CA THR B 12 9.74 6.82 3.86
C THR B 12 9.04 5.84 4.79
N ALA B 13 8.41 6.39 5.81
CA ALA B 13 7.70 5.58 6.80
C ALA B 13 6.82 4.55 6.11
N LEU B 14 6.21 4.95 5.00
CA LEU B 14 5.35 4.05 4.25
C LEU B 14 6.15 2.88 3.66
N ILE B 15 7.32 3.19 3.12
CA ILE B 15 8.16 2.18 2.48
C ILE B 15 8.67 1.13 3.48
N LYS B 16 9.12 1.58 4.65
CA LYS B 16 9.64 0.68 5.67
C LYS B 16 8.57 -0.30 6.14
N ALA B 17 7.34 0.18 6.19
CA ALA B 17 6.22 -0.62 6.64
C ALA B 17 6.06 -1.89 5.79
N TYR B 18 6.51 -1.83 4.54
CA TYR B 18 6.40 -2.99 3.67
C TYR B 18 7.21 -4.19 4.20
N ASP B 19 8.46 -3.94 4.56
CA ASP B 19 9.33 -5.01 5.05
C ASP B 19 8.90 -5.61 6.38
N LYS B 20 8.48 -4.78 7.33
CA LYS B 20 8.10 -5.28 8.65
C LYS B 20 6.87 -6.20 8.57
N ALA B 21 5.89 -5.82 7.78
CA ALA B 21 4.66 -6.61 7.65
C ALA B 21 4.96 -8.00 7.10
N VAL B 22 5.73 -8.06 6.03
CA VAL B 22 6.08 -9.34 5.43
C VAL B 22 7.08 -10.08 6.31
N ALA B 23 7.81 -9.33 7.12
CA ALA B 23 8.81 -9.93 8.00
C ALA B 23 8.14 -10.79 9.08
N SER B 24 6.83 -10.60 9.24
CA SER B 24 6.08 -11.34 10.26
C SER B 24 6.15 -12.85 10.02
N PHE B 25 7.34 -13.42 10.25
CA PHE B 25 7.55 -14.84 10.08
C PHE B 25 8.73 -15.30 10.94
N LYS B 26 9.94 -14.90 10.53
CA LYS B 26 11.15 -15.27 11.26
C LYS B 26 11.12 -16.74 11.66
N GLY A 1 0.54 -16.69 24.13
CA GLY A 1 -0.94 -16.50 24.24
C GLY A 1 -1.63 -17.22 23.09
N TYR A 2 -1.76 -18.54 23.22
CA TYR A 2 -2.41 -19.34 22.19
C TYR A 2 -3.86 -18.89 22.03
N SER A 3 -4.53 -18.73 23.16
CA SER A 3 -5.93 -18.30 23.19
C SER A 3 -6.04 -16.77 23.16
N PRO A 4 -5.41 -16.09 24.08
CA PRO A 4 -5.46 -14.60 24.13
C PRO A 4 -4.50 -13.96 23.12
N THR A 5 -4.63 -14.38 21.86
CA THR A 5 -3.77 -13.85 20.80
C THR A 5 -4.31 -12.52 20.30
N LEU A 6 -5.34 -12.02 20.96
CA LEU A 6 -5.95 -10.75 20.56
C LEU A 6 -4.94 -9.62 20.70
N GLN A 7 -4.16 -9.64 21.78
CA GLN A 7 -3.15 -8.62 22.02
C GLN A 7 -2.19 -8.55 20.83
N TRP A 8 -1.74 -9.71 20.40
CA TRP A 8 -0.81 -9.79 19.27
C TRP A 8 -1.45 -9.26 17.99
N GLN A 9 -2.72 -9.61 17.78
CA GLN A 9 -3.44 -9.17 16.58
C GLN A 9 -3.56 -7.65 16.53
N GLN A 10 -3.77 -7.04 17.69
CA GLN A 10 -3.91 -5.58 17.76
C GLN A 10 -2.63 -4.87 17.32
N GLN A 11 -1.49 -5.47 17.63
CA GLN A 11 -0.21 -4.87 17.30
C GLN A 11 -0.10 -4.53 15.81
N GLN A 12 -0.62 -5.40 14.94
CA GLN A 12 -0.54 -5.18 13.51
C GLN A 12 -1.31 -3.92 13.08
N VAL A 13 -2.59 -3.89 13.40
CA VAL A 13 -3.44 -2.76 13.03
C VAL A 13 -3.06 -1.48 13.81
N ALA A 14 -2.75 -1.66 15.09
CA ALA A 14 -2.41 -0.52 15.97
C ALA A 14 -1.32 0.38 15.39
N GLN A 15 -0.20 -0.21 14.99
CA GLN A 15 0.91 0.58 14.45
C GLN A 15 0.51 1.30 13.16
N PHE A 16 -0.32 0.65 12.38
CA PHE A 16 -0.75 1.22 11.11
C PHE A 16 -1.42 2.57 11.33
N SER A 17 -2.26 2.65 12.37
CA SER A 17 -2.94 3.91 12.66
C SER A 17 -1.91 4.98 12.99
N THR A 18 -0.91 4.57 13.75
CA THR A 18 0.19 5.44 14.15
C THR A 18 0.97 5.92 12.92
N VAL A 19 1.18 5.03 11.96
CA VAL A 19 1.92 5.39 10.75
C VAL A 19 1.25 6.58 10.06
N ARG A 20 -0.08 6.59 10.04
CA ARG A 20 -0.82 7.67 9.42
C ARG A 20 -0.48 9.01 10.09
N GLN A 21 -0.27 8.97 11.41
CA GLN A 21 0.05 10.19 12.15
C GLN A 21 1.35 10.80 11.64
N ASN A 22 2.29 9.94 11.30
CA ASN A 22 3.60 10.39 10.80
C ASN A 22 3.44 11.14 9.47
N VAL A 23 2.53 10.68 8.63
CA VAL A 23 2.29 11.30 7.33
C VAL A 23 1.86 12.76 7.51
N ASN A 24 0.99 13.00 8.48
CA ASN A 24 0.48 14.33 8.74
C ASN A 24 1.62 15.31 9.09
N LYS A 25 2.59 14.82 9.87
CA LYS A 25 3.71 15.66 10.27
C LYS A 25 4.51 16.15 9.06
N HIS A 26 4.73 15.25 8.10
CA HIS A 26 5.52 15.59 6.92
C HIS A 26 4.72 16.41 5.91
N ARG A 27 3.41 16.49 6.12
CA ARG A 27 2.55 17.25 5.22
C ARG A 27 2.98 18.71 5.20
N SER A 28 3.28 19.25 6.37
CA SER A 28 3.71 20.63 6.50
C SER A 28 5.00 20.90 5.74
N HIS A 29 5.91 19.93 5.74
CA HIS A 29 7.20 20.12 5.06
C HIS A 29 7.00 20.25 3.54
N TRP A 30 6.13 19.42 2.98
CA TRP A 30 5.87 19.47 1.53
C TRP A 30 5.32 20.84 1.13
N LYS A 31 4.59 21.47 2.04
CA LYS A 31 3.98 22.77 1.77
C LYS A 31 5.07 23.78 1.39
N SER A 32 6.24 23.59 1.97
CA SER A 32 7.37 24.47 1.72
C SER A 32 7.98 24.15 0.36
N GLN A 33 7.45 23.14 -0.33
CA GLN A 33 7.93 22.74 -1.64
C GLN A 33 6.77 22.28 -2.51
N GLN A 34 6.45 23.06 -3.54
CA GLN A 34 5.35 22.73 -4.44
C GLN A 34 5.57 21.35 -5.05
N LEU A 35 4.51 20.81 -5.66
CA LEU A 35 4.58 19.50 -6.29
C LEU A 35 5.61 19.51 -7.42
N ASP A 36 5.62 20.62 -8.15
CA ASP A 36 6.54 20.78 -9.26
C ASP A 36 7.98 20.65 -8.77
N SER A 37 8.12 20.55 -7.46
CA SER A 37 9.44 20.44 -6.85
C SER A 37 10.23 19.30 -7.49
N ASN A 38 9.57 18.16 -7.73
CA ASN A 38 10.26 17.02 -8.34
C ASN A 38 9.28 16.05 -8.98
N VAL A 39 8.07 16.51 -9.28
CA VAL A 39 7.07 15.61 -9.88
C VAL A 39 6.00 16.35 -10.68
N THR A 40 5.59 15.75 -11.79
CA THR A 40 4.54 16.30 -12.65
C THR A 40 3.31 15.38 -12.63
N MET A 41 2.14 15.96 -12.35
CA MET A 41 0.89 15.19 -12.32
C MET A 41 0.15 15.36 -13.67
N PRO A 42 -0.40 14.30 -14.25
CA PRO A 42 -1.10 14.40 -15.57
C PRO A 42 -2.49 15.02 -15.43
N LYS A 43 -2.85 15.85 -16.41
CA LYS A 43 -4.14 16.52 -16.40
C LYS A 43 -5.28 15.52 -16.24
N SER A 44 -6.31 15.92 -15.49
CA SER A 44 -7.47 15.06 -15.25
C SER A 44 -8.16 14.70 -16.56
N GLU A 45 -7.98 15.55 -17.56
CA GLU A 45 -8.59 15.33 -18.86
C GLU A 45 -8.01 14.10 -19.54
N ASP A 46 -7.10 13.41 -18.83
CA ASP A 46 -6.46 12.21 -19.36
C ASP A 46 -6.29 11.16 -18.26
N GLU A 47 -7.35 10.42 -17.99
CA GLU A 47 -7.34 9.39 -16.95
C GLU A 47 -6.25 8.35 -17.21
N GLU A 48 -5.94 8.10 -18.48
CA GLU A 48 -4.92 7.12 -18.82
C GLU A 48 -3.56 7.54 -18.27
N GLY A 49 -3.32 8.85 -18.25
CA GLY A 49 -2.05 9.37 -17.75
C GLY A 49 -1.85 9.03 -16.27
N TRP A 50 -2.93 9.13 -15.49
CA TRP A 50 -2.87 8.84 -14.05
C TRP A 50 -2.60 7.36 -13.80
N LYS A 51 -3.29 6.50 -14.55
CA LYS A 51 -3.13 5.05 -14.36
C LYS A 51 -1.70 4.61 -14.67
N LYS A 52 -1.18 5.05 -15.81
CA LYS A 52 0.18 4.68 -16.22
C LYS A 52 1.24 5.42 -15.40
N PHE A 53 1.06 6.73 -15.23
CA PHE A 53 2.03 7.55 -14.50
C PHE A 53 2.16 7.11 -13.05
N CYS A 54 1.03 6.89 -12.39
CA CYS A 54 1.03 6.49 -11.00
C CYS A 54 1.66 5.11 -10.81
N LEU A 55 1.31 4.17 -11.68
CA LEU A 55 1.84 2.81 -11.59
C LEU A 55 3.10 2.66 -12.45
N GLY A 56 3.44 3.70 -13.18
CA GLY A 56 4.64 3.70 -14.03
C GLY A 56 4.69 2.50 -14.96
N GLU A 57 3.65 1.68 -14.92
CA GLU A 57 3.59 0.48 -15.75
C GLU A 57 4.80 -0.41 -15.49
N LYS A 58 5.22 -0.47 -14.24
CA LYS A 58 6.38 -1.27 -13.85
C LYS A 58 6.13 -2.76 -14.08
N LEU A 59 4.87 -3.18 -14.01
CA LEU A 59 4.54 -4.59 -14.24
C LEU A 59 4.93 -4.97 -15.66
N CYS A 60 4.62 -4.07 -16.59
CA CYS A 60 4.94 -4.30 -18.00
C CYS A 60 6.46 -4.32 -18.21
N ALA A 61 7.16 -3.45 -17.48
CA ALA A 61 8.62 -3.37 -17.60
C ALA A 61 9.26 -4.72 -17.32
N ASP A 62 8.82 -5.36 -16.23
CA ASP A 62 9.36 -6.66 -15.87
C ASP A 62 8.57 -7.27 -14.71
N GLY A 63 8.15 -6.43 -13.78
CA GLY A 63 7.39 -6.90 -12.63
C GLY A 63 8.31 -7.50 -11.58
N ALA A 64 9.60 -7.22 -11.69
CA ALA A 64 10.58 -7.73 -10.75
C ALA A 64 11.92 -6.99 -10.90
N VAL A 65 11.98 -5.78 -10.35
CA VAL A 65 13.19 -4.96 -10.43
C VAL A 65 14.10 -5.21 -9.24
N GLY A 66 15.06 -6.11 -9.42
CA GLY A 66 15.99 -6.44 -8.35
C GLY A 66 17.13 -7.33 -8.86
N PRO A 67 16.81 -8.44 -9.46
CA PRO A 67 17.82 -9.40 -10.00
C PRO A 67 18.78 -8.75 -10.98
N ALA A 68 18.25 -7.87 -11.84
CA ALA A 68 19.05 -7.19 -12.84
C ALA A 68 19.71 -5.94 -12.26
N THR A 69 19.29 -5.56 -11.06
CA THR A 69 19.84 -4.36 -10.42
C THR A 69 21.33 -4.53 -10.15
N ASN A 70 21.72 -5.70 -9.66
CA ASN A 70 23.11 -5.97 -9.35
C ASN A 70 23.95 -5.90 -10.62
N GLU A 71 23.43 -6.44 -11.71
CA GLU A 71 24.13 -6.43 -13.00
C GLU A 71 23.58 -5.34 -13.90
N SER A 72 23.57 -4.10 -13.41
CA SER A 72 23.06 -2.98 -14.18
C SER A 72 23.69 -1.67 -13.72
N PRO A 73 24.99 -1.54 -13.84
CA PRO A 73 25.73 -0.30 -13.41
C PRO A 73 25.47 0.86 -14.37
N GLY A 74 24.42 1.62 -14.10
CA GLY A 74 24.06 2.76 -14.94
C GLY A 74 22.60 3.15 -14.71
N ILE A 75 22.19 3.11 -13.44
CA ILE A 75 20.82 3.46 -13.08
C ILE A 75 20.61 4.97 -13.10
N ASP A 76 19.58 5.41 -13.82
CA ASP A 76 19.24 6.83 -13.93
C ASP A 76 17.77 7.00 -13.55
N TYR A 77 17.51 7.81 -12.54
CA TYR A 77 16.15 8.03 -12.06
C TYR A 77 15.22 8.58 -13.15
N VAL A 78 15.82 9.15 -14.19
CA VAL A 78 15.02 9.73 -15.27
C VAL A 78 14.18 8.66 -15.99
N GLN A 79 14.74 7.45 -16.14
CA GLN A 79 14.03 6.36 -16.83
C GLN A 79 13.21 5.52 -15.86
N ILE A 80 13.28 5.88 -14.59
CA ILE A 80 12.54 5.16 -13.54
C ILE A 80 11.31 5.97 -13.14
N GLY A 81 11.37 7.28 -13.36
CA GLY A 81 10.26 8.16 -13.01
C GLY A 81 10.27 8.47 -11.52
N PHE A 82 9.53 9.51 -11.14
CA PHE A 82 9.45 9.90 -9.74
C PHE A 82 8.61 8.88 -8.96
N PRO A 83 9.05 8.41 -7.81
CA PRO A 83 8.25 7.42 -7.01
C PRO A 83 7.12 8.11 -6.25
N PRO A 84 6.11 7.38 -5.85
CA PRO A 84 4.96 7.96 -5.10
C PRO A 84 5.39 8.44 -3.71
N LEU A 85 4.87 9.58 -3.28
CA LEU A 85 5.19 10.14 -1.97
C LEU A 85 3.97 10.78 -1.34
N LEU A 86 4.16 11.37 -0.18
CA LEU A 86 3.07 11.98 0.55
C LEU A 86 2.47 13.15 -0.24
N SER A 87 3.34 13.99 -0.80
CA SER A 87 2.86 15.15 -1.56
C SER A 87 2.05 14.73 -2.78
N ILE A 88 2.55 13.74 -3.52
CA ILE A 88 1.87 13.29 -4.71
C ILE A 88 0.53 12.67 -4.35
N VAL A 89 0.57 11.80 -3.36
CA VAL A 89 -0.62 11.10 -2.91
C VAL A 89 -1.61 12.05 -2.23
N SER A 90 -1.08 12.96 -1.42
CA SER A 90 -1.92 13.91 -0.68
C SER A 90 -2.78 14.75 -1.62
N ARG A 91 -2.31 14.96 -2.85
CA ARG A 91 -3.07 15.76 -3.81
C ARG A 91 -4.06 14.88 -4.56
N MET A 92 -3.79 13.58 -4.57
CA MET A 92 -4.67 12.65 -5.26
C MET A 92 -5.99 12.50 -4.50
N ASN A 93 -7.09 12.74 -5.19
CA ASN A 93 -8.41 12.64 -4.58
C ASN A 93 -8.77 11.18 -4.33
N GLN A 94 -9.64 10.97 -3.36
CA GLN A 94 -10.09 9.63 -3.03
C GLN A 94 -10.87 9.05 -4.21
N ALA A 95 -11.67 9.92 -4.84
CA ALA A 95 -12.49 9.53 -5.97
C ALA A 95 -11.65 9.16 -7.19
N THR A 96 -10.54 9.86 -7.41
CA THR A 96 -9.70 9.57 -8.57
C THR A 96 -9.13 8.16 -8.54
N VAL A 97 -8.53 7.78 -7.42
CA VAL A 97 -7.95 6.45 -7.29
C VAL A 97 -9.03 5.38 -7.23
N THR A 98 -10.21 5.76 -6.76
CA THR A 98 -11.33 4.82 -6.65
C THR A 98 -11.70 4.26 -8.02
N SER A 99 -11.80 5.14 -9.01
CA SER A 99 -12.14 4.73 -10.37
C SER A 99 -11.00 3.91 -10.98
N VAL A 100 -9.77 4.28 -10.64
CA VAL A 100 -8.60 3.59 -11.14
C VAL A 100 -8.63 2.11 -10.72
N LEU A 101 -9.33 1.83 -9.64
CA LEU A 101 -9.43 0.47 -9.14
C LEU A 101 -10.17 -0.43 -10.13
N GLU A 102 -11.19 0.13 -10.81
CA GLU A 102 -11.97 -0.65 -11.76
C GLU A 102 -11.09 -1.18 -12.90
N TYR A 103 -10.15 -0.35 -13.36
CA TYR A 103 -9.25 -0.75 -14.44
C TYR A 103 -8.42 -1.97 -14.03
N LEU A 104 -7.89 -1.93 -12.82
CA LEU A 104 -7.03 -2.99 -12.32
C LEU A 104 -7.75 -4.34 -12.33
N SER A 105 -9.01 -4.35 -11.91
CA SER A 105 -9.78 -5.57 -11.86
C SER A 105 -9.96 -6.16 -13.26
N ASN A 106 -10.05 -5.29 -14.25
CA ASN A 106 -10.23 -5.73 -15.64
C ASN A 106 -9.04 -6.55 -16.11
N TRP A 107 -7.84 -6.12 -15.71
CA TRP A 107 -6.62 -6.83 -16.09
C TRP A 107 -6.66 -8.30 -15.70
N PHE A 108 -7.22 -8.59 -14.53
CA PHE A 108 -7.28 -9.97 -14.03
C PHE A 108 -5.89 -10.57 -13.93
N GLY A 109 -5.59 -11.52 -14.80
CA GLY A 109 -4.29 -12.15 -14.80
C GLY A 109 -4.19 -13.21 -13.71
N GLU A 110 -5.25 -14.00 -13.55
CA GLU A 110 -5.29 -15.06 -12.53
C GLU A 110 -3.92 -15.70 -12.33
N ARG A 111 -3.69 -16.27 -11.14
CA ARG A 111 -2.42 -16.90 -10.78
C ARG A 111 -1.40 -15.84 -10.44
N ASP A 112 -1.61 -14.63 -10.95
CA ASP A 112 -0.70 -13.52 -10.68
C ASP A 112 -0.99 -12.95 -9.29
N PHE A 113 0.04 -12.42 -8.64
CA PHE A 113 -0.13 -11.84 -7.32
C PHE A 113 1.11 -10.98 -7.03
N THR A 114 1.50 -10.24 -8.06
CA THR A 114 2.68 -9.35 -8.02
C THR A 114 3.07 -8.96 -6.58
N PRO A 115 4.16 -9.48 -6.03
CA PRO A 115 4.59 -9.13 -4.63
C PRO A 115 5.21 -7.74 -4.60
N GLU A 116 5.44 -7.22 -5.81
CA GLU A 116 5.96 -5.87 -5.98
C GLU A 116 4.86 -4.89 -5.60
N LEU A 117 3.63 -5.31 -5.88
CA LEU A 117 2.44 -4.52 -5.63
C LEU A 117 2.22 -4.29 -4.13
N GLY A 118 2.71 -5.21 -3.30
CA GLY A 118 2.50 -5.12 -1.86
C GLY A 118 2.99 -3.79 -1.29
N ARG A 119 4.16 -3.33 -1.71
CA ARG A 119 4.67 -2.06 -1.23
C ARG A 119 3.70 -0.94 -1.64
N TRP A 120 3.21 -1.06 -2.86
CA TRP A 120 2.24 -0.10 -3.41
C TRP A 120 0.89 -0.24 -2.70
N LEU A 121 0.54 -1.45 -2.36
CA LEU A 121 -0.75 -1.74 -1.72
C LEU A 121 -0.96 -0.96 -0.42
N TYR A 122 0.04 -0.92 0.46
CA TYR A 122 -0.11 -0.20 1.72
C TYR A 122 -0.37 1.29 1.48
N ALA A 123 0.32 1.86 0.50
CA ALA A 123 0.15 3.28 0.18
C ALA A 123 -1.28 3.60 -0.26
N LEU A 124 -1.93 2.63 -0.92
CA LEU A 124 -3.28 2.84 -1.40
C LEU A 124 -4.25 3.10 -0.25
N LEU A 125 -4.15 2.32 0.81
CA LEU A 125 -5.02 2.49 1.97
C LEU A 125 -4.78 3.82 2.65
N ALA A 126 -3.52 4.24 2.72
CA ALA A 126 -3.17 5.50 3.37
C ALA A 126 -3.72 6.68 2.58
N CYS A 127 -4.21 6.42 1.37
CA CYS A 127 -4.76 7.48 0.53
C CYS A 127 -6.21 7.77 0.92
N LEU A 128 -6.80 6.87 1.70
CA LEU A 128 -8.19 7.03 2.12
C LEU A 128 -8.25 7.79 3.44
N GLU A 129 -9.25 8.67 3.56
CA GLU A 129 -9.46 9.48 4.76
C GLU A 129 -10.95 9.57 5.08
N LYS A 130 -11.28 9.88 6.33
CA LYS A 130 -12.69 9.98 6.72
C LYS A 130 -13.41 8.69 6.29
N PRO A 131 -14.68 8.53 6.59
CA PRO A 131 -15.43 7.30 6.18
C PRO A 131 -15.50 7.15 4.66
N LEU A 132 -15.44 5.91 4.19
CA LEU A 132 -15.49 5.63 2.75
C LEU A 132 -16.93 5.67 2.25
N LEU A 133 -17.10 6.22 1.05
CA LEU A 133 -18.44 6.31 0.47
C LEU A 133 -19.05 4.91 0.36
N PRO A 134 -20.36 4.77 0.31
CA PRO A 134 -21.00 3.43 0.21
C PRO A 134 -20.36 2.57 -0.89
N GLU A 135 -20.11 3.19 -2.04
CA GLU A 135 -19.51 2.49 -3.18
C GLU A 135 -18.07 2.06 -2.87
N ALA A 136 -17.28 2.98 -2.30
CA ALA A 136 -15.89 2.68 -1.98
C ALA A 136 -15.80 1.57 -0.94
N HIS A 137 -16.71 1.58 0.01
CA HIS A 137 -16.73 0.57 1.07
C HIS A 137 -17.00 -0.81 0.47
N SER A 138 -17.89 -0.86 -0.51
CA SER A 138 -18.23 -2.12 -1.14
C SER A 138 -17.03 -2.74 -1.86
N LEU A 139 -16.27 -1.90 -2.56
CA LEU A 139 -15.11 -2.38 -3.35
C LEU A 139 -14.02 -3.02 -2.50
N ILE A 140 -13.68 -2.43 -1.36
CA ILE A 140 -12.63 -3.00 -0.52
C ILE A 140 -12.98 -4.42 -0.10
N ARG A 141 -14.28 -4.68 0.02
CA ARG A 141 -14.75 -6.01 0.39
C ARG A 141 -14.53 -7.00 -0.76
N GLN A 142 -14.74 -6.54 -1.99
CA GLN A 142 -14.59 -7.39 -3.17
C GLN A 142 -13.19 -7.97 -3.34
N LEU A 143 -12.16 -7.13 -3.22
CA LEU A 143 -10.79 -7.59 -3.41
C LEU A 143 -10.37 -8.57 -2.31
N ALA A 144 -10.86 -8.35 -1.10
CA ALA A 144 -10.51 -9.23 0.01
C ALA A 144 -10.99 -10.66 -0.25
N ARG A 145 -12.14 -10.78 -0.90
CA ARG A 145 -12.72 -12.09 -1.18
C ARG A 145 -11.85 -12.89 -2.15
N ARG A 146 -11.26 -12.22 -3.12
CA ARG A 146 -10.43 -12.91 -4.11
C ARG A 146 -9.22 -13.55 -3.43
N CYS A 147 -8.61 -12.83 -2.50
CA CYS A 147 -7.45 -13.34 -1.78
C CYS A 147 -7.77 -14.69 -1.14
N SER A 148 -9.01 -14.84 -0.67
CA SER A 148 -9.43 -16.08 -0.03
C SER A 148 -9.31 -17.27 -1.00
N GLU A 149 -9.63 -17.03 -2.27
CA GLU A 149 -9.59 -18.10 -3.28
C GLU A 149 -8.16 -18.62 -3.49
N VAL A 150 -7.20 -17.72 -3.49
CA VAL A 150 -5.80 -18.11 -3.70
C VAL A 150 -5.30 -19.06 -2.62
N ARG A 151 -5.64 -18.74 -1.38
CA ARG A 151 -5.23 -19.53 -0.21
C ARG A 151 -5.74 -20.97 -0.29
N LEU A 152 -7.00 -21.15 -0.68
CA LEU A 152 -7.59 -22.49 -0.79
C LEU A 152 -6.84 -23.31 -1.85
N LEU A 153 -6.49 -22.65 -2.94
CA LEU A 153 -5.78 -23.31 -4.04
C LEU A 153 -4.43 -23.87 -3.58
N VAL A 154 -3.74 -23.15 -2.71
CA VAL A 154 -2.45 -23.60 -2.21
C VAL A 154 -2.56 -25.07 -1.78
N ASP A 155 -1.50 -25.84 -2.07
CA ASP A 155 -1.46 -27.26 -1.72
C ASP A 155 -0.84 -27.45 -0.33
N SER A 156 -0.02 -26.48 0.09
CA SER A 156 0.65 -26.55 1.40
C SER A 156 0.02 -25.57 2.39
N LYS A 157 -0.59 -26.11 3.43
CA LYS A 157 -1.23 -25.29 4.46
C LYS A 157 -0.19 -24.48 5.23
N ASP A 158 0.98 -25.09 5.48
CA ASP A 158 2.05 -24.43 6.22
C ASP A 158 2.93 -23.61 5.27
N ASP A 159 2.47 -23.46 4.02
CA ASP A 159 3.16 -22.69 2.96
C ASP A 159 4.35 -21.88 3.48
N GLU A 160 4.21 -20.55 3.45
CA GLU A 160 5.25 -19.64 3.90
C GLU A 160 4.72 -18.23 3.83
N ARG A 161 3.73 -18.04 2.96
CA ARG A 161 3.09 -16.73 2.77
C ARG A 161 1.73 -16.74 3.46
N VAL A 162 1.16 -17.93 3.54
CA VAL A 162 -0.12 -18.12 4.19
C VAL A 162 -0.20 -17.32 5.50
N PRO A 163 0.68 -17.55 6.47
CA PRO A 163 0.61 -16.79 7.76
C PRO A 163 0.61 -15.28 7.52
N ALA A 164 1.47 -14.81 6.61
CA ALA A 164 1.51 -13.39 6.29
C ALA A 164 0.19 -12.96 5.67
N LEU A 165 -0.32 -13.80 4.78
CA LEU A 165 -1.58 -13.51 4.11
C LEU A 165 -2.73 -13.45 5.11
N ASN A 166 -2.76 -14.39 6.04
CA ASN A 166 -3.83 -14.44 7.03
C ASN A 166 -3.84 -13.20 7.93
N LEU A 167 -2.66 -12.79 8.37
CA LEU A 167 -2.55 -11.63 9.24
C LEU A 167 -2.96 -10.35 8.50
N LEU A 168 -2.58 -10.29 7.23
CA LEU A 168 -2.88 -9.11 6.40
C LEU A 168 -4.39 -8.87 6.28
N ILE A 169 -5.15 -9.95 6.12
CA ILE A 169 -6.61 -9.87 6.00
C ILE A 169 -7.23 -9.28 7.27
N CYS A 170 -6.74 -9.74 8.43
CA CYS A 170 -7.28 -9.27 9.69
C CYS A 170 -7.25 -7.74 9.75
N LEU A 171 -6.24 -7.14 9.13
CA LEU A 171 -6.08 -5.68 9.13
C LEU A 171 -7.30 -5.00 8.48
N VAL A 172 -7.78 -5.57 7.38
CA VAL A 172 -8.92 -5.01 6.67
C VAL A 172 -10.16 -4.99 7.56
N SER A 173 -10.39 -6.09 8.28
CA SER A 173 -11.58 -6.21 9.12
C SER A 173 -11.63 -5.15 10.24
N ARG A 174 -10.50 -4.89 10.89
CA ARG A 174 -10.45 -3.94 11.99
C ARG A 174 -10.32 -2.50 11.52
N TYR A 175 -9.51 -2.28 10.49
CA TYR A 175 -9.30 -0.93 10.00
C TYR A 175 -10.61 -0.32 9.50
N PHE A 176 -11.36 -1.09 8.73
CA PHE A 176 -12.64 -0.63 8.19
C PHE A 176 -13.79 -1.09 9.10
N ASP A 177 -13.46 -1.87 10.11
CA ASP A 177 -14.45 -2.38 11.05
C ASP A 177 -15.44 -3.28 10.33
N GLN A 178 -14.97 -3.97 9.28
CA GLN A 178 -15.81 -4.89 8.52
C GLN A 178 -15.84 -6.25 9.23
N ARG A 179 -16.71 -6.35 10.24
CA ARG A 179 -16.82 -7.57 11.03
C ARG A 179 -17.29 -8.75 10.19
N ASP A 180 -17.77 -8.49 8.99
CA ASP A 180 -18.24 -9.57 8.12
C ASP A 180 -17.08 -10.51 7.78
N LEU A 181 -15.88 -9.95 7.65
CA LEU A 181 -14.69 -10.74 7.31
C LEU A 181 -13.92 -11.13 8.58
N ALA A 182 -14.32 -10.57 9.72
CA ALA A 182 -13.63 -10.87 10.98
C ALA A 182 -13.72 -12.36 11.29
N ASP A 183 -12.63 -12.90 11.83
CA ASP A 183 -12.58 -14.32 12.20
C ASP A 183 -13.01 -14.51 13.65
N GLU A 184 -14.32 -14.41 13.89
CA GLU A 184 -14.86 -14.57 15.23
C GLU A 184 -15.05 -16.07 15.55
N PRO A 185 -14.92 -16.48 16.80
CA PRO A 185 -15.09 -17.91 17.17
C PRO A 185 -16.52 -18.40 16.93
N SER A 186 -17.46 -17.49 17.03
CA SER A 186 -18.87 -17.82 16.82
C SER A 186 -19.70 -16.56 16.91
N LEU A 187 -19.27 -15.68 17.79
CA LEU A 187 -19.96 -14.41 18.00
C LEU A 187 -19.26 -13.59 19.07
N GLU A 188 -17.93 -13.68 19.09
CA GLU A 188 -17.13 -12.94 20.07
C GLU A 188 -17.59 -13.25 21.49
N TYR A 189 -17.88 -14.52 21.76
CA TYR A 189 -18.33 -14.93 23.09
C TYR A 189 -19.55 -14.12 23.51
N GLY B 1 18.87 31.96 13.25
CA GLY B 1 17.86 31.00 12.73
C GLY B 1 17.69 29.85 13.71
N GLN B 2 16.86 30.06 14.74
CA GLN B 2 16.63 29.03 15.75
C GLN B 2 15.93 27.82 15.13
N SER B 3 15.00 28.07 14.22
CA SER B 3 14.26 26.99 13.58
C SER B 3 13.79 25.98 14.60
N ASP B 4 13.33 24.82 14.12
CA ASP B 4 12.84 23.77 15.01
C ASP B 4 12.74 22.45 14.26
N ASP B 5 13.89 21.82 14.04
CA ASP B 5 13.92 20.55 13.33
C ASP B 5 13.17 19.47 14.11
N SER B 6 12.45 18.61 13.40
CA SER B 6 11.69 17.52 14.02
C SER B 6 12.09 16.17 13.42
N ASP B 7 11.10 15.30 13.20
CA ASP B 7 11.36 13.99 12.62
C ASP B 7 11.79 14.13 11.18
N ILE B 8 11.22 15.13 10.52
CA ILE B 8 11.51 15.43 9.14
C ILE B 8 11.85 14.18 8.31
N TRP B 9 13.10 13.76 8.36
CA TRP B 9 13.54 12.59 7.60
C TRP B 9 12.89 11.31 8.15
N ASP B 10 11.63 11.11 7.80
CA ASP B 10 10.90 9.94 8.25
C ASP B 10 9.65 9.73 7.39
N ASP B 11 9.60 10.43 6.26
CA ASP B 11 8.46 10.33 5.36
C ASP B 11 8.42 8.93 4.75
N THR B 12 9.54 8.23 4.82
CA THR B 12 9.63 6.88 4.28
C THR B 12 8.98 5.90 5.24
N ALA B 13 8.31 6.48 6.24
CA ALA B 13 7.64 5.68 7.25
C ALA B 13 6.78 4.59 6.62
N LEU B 14 6.13 4.92 5.51
CA LEU B 14 5.27 3.97 4.81
C LEU B 14 6.09 2.79 4.27
N ILE B 15 7.25 3.09 3.70
CA ILE B 15 8.09 2.05 3.11
C ILE B 15 8.62 1.06 4.15
N LYS B 16 9.07 1.57 5.29
CA LYS B 16 9.61 0.71 6.35
C LYS B 16 8.55 -0.25 6.87
N ALA B 17 7.33 0.23 6.95
CA ALA B 17 6.22 -0.56 7.45
C ALA B 17 6.01 -1.83 6.64
N TYR B 18 6.36 -1.78 5.36
CA TYR B 18 6.20 -2.94 4.48
C TYR B 18 7.02 -4.13 4.98
N ASP B 19 8.29 -3.89 5.30
CA ASP B 19 9.19 -4.95 5.75
C ASP B 19 8.79 -5.56 7.10
N LYS B 20 8.33 -4.74 8.03
CA LYS B 20 7.97 -5.22 9.36
C LYS B 20 6.82 -6.23 9.30
N ALA B 21 5.77 -5.92 8.55
CA ALA B 21 4.60 -6.81 8.44
C ALA B 21 4.98 -8.16 7.82
N VAL B 22 5.74 -8.10 6.74
CA VAL B 22 6.18 -9.32 6.05
C VAL B 22 7.26 -10.06 6.83
N ALA B 23 8.20 -9.29 7.37
CA ALA B 23 9.33 -9.86 8.11
C ALA B 23 8.89 -10.57 9.38
N SER B 24 7.64 -10.38 9.80
CA SER B 24 7.15 -11.03 11.01
C SER B 24 7.60 -12.49 11.04
N PHE B 25 6.84 -13.34 10.35
CA PHE B 25 7.17 -14.76 10.31
C PHE B 25 8.57 -14.97 9.74
N LYS B 26 8.86 -14.29 8.63
CA LYS B 26 10.17 -14.42 8.00
C LYS B 26 11.23 -13.69 8.84
N GLY A 1 -5.55 -19.17 25.93
CA GLY A 1 -4.24 -18.53 26.19
C GLY A 1 -4.18 -17.18 25.50
N TYR A 2 -5.35 -16.65 25.16
CA TYR A 2 -5.42 -15.36 24.49
C TYR A 2 -5.16 -14.23 25.48
N SER A 3 -4.14 -13.44 25.21
CA SER A 3 -3.79 -12.33 26.09
C SER A 3 -2.48 -11.67 25.66
N PRO A 4 -1.36 -12.38 25.71
CA PRO A 4 -0.03 -11.82 25.32
C PRO A 4 0.04 -11.50 23.82
N THR A 5 -0.88 -12.08 23.04
CA THR A 5 -0.89 -11.86 21.60
C THR A 5 -1.42 -10.46 21.27
N LEU A 6 -1.86 -9.74 22.30
CA LEU A 6 -2.38 -8.40 22.11
C LEU A 6 -1.30 -7.48 21.57
N GLN A 7 -0.09 -7.61 22.09
CA GLN A 7 1.02 -6.79 21.64
C GLN A 7 1.23 -6.95 20.15
N TRP A 8 1.26 -8.19 19.69
CA TRP A 8 1.46 -8.46 18.27
C TRP A 8 0.27 -7.98 17.45
N GLN A 9 -0.93 -8.17 17.99
CA GLN A 9 -2.16 -7.78 17.30
C GLN A 9 -2.26 -6.25 17.12
N GLN A 10 -1.88 -5.50 18.14
CA GLN A 10 -1.97 -4.05 18.06
C GLN A 10 -1.03 -3.48 16.98
N GLN A 11 0.16 -4.06 16.88
CA GLN A 11 1.15 -3.60 15.90
C GLN A 11 0.51 -3.41 14.51
N GLN A 12 -0.39 -4.29 14.13
CA GLN A 12 -1.03 -4.20 12.82
C GLN A 12 -1.84 -2.91 12.66
N VAL A 13 -2.97 -2.85 13.35
CA VAL A 13 -3.85 -1.68 13.26
C VAL A 13 -3.21 -0.43 13.84
N ALA A 14 -2.49 -0.58 14.94
CA ALA A 14 -1.86 0.57 15.61
C ALA A 14 -0.96 1.36 14.66
N GLN A 15 -0.24 0.64 13.83
CA GLN A 15 0.69 1.25 12.90
C GLN A 15 -0.01 2.17 11.90
N PHE A 16 -1.20 1.76 11.48
CA PHE A 16 -1.97 2.53 10.49
C PHE A 16 -2.24 3.95 10.99
N SER A 17 -2.69 4.07 12.23
CA SER A 17 -2.98 5.37 12.81
C SER A 17 -1.70 6.21 12.86
N THR A 18 -0.62 5.54 13.20
CA THR A 18 0.70 6.16 13.29
C THR A 18 1.16 6.69 11.94
N VAL A 19 0.93 5.92 10.87
CA VAL A 19 1.37 6.34 9.53
C VAL A 19 0.78 7.71 9.20
N ARG A 20 -0.49 7.92 9.55
CA ARG A 20 -1.14 9.20 9.26
C ARG A 20 -0.39 10.34 9.95
N GLN A 21 0.12 10.08 11.15
CA GLN A 21 0.84 11.09 11.91
C GLN A 21 2.10 11.55 11.17
N ASN A 22 2.78 10.61 10.52
CA ASN A 22 4.01 10.90 9.80
C ASN A 22 3.75 11.84 8.62
N VAL A 23 2.63 11.66 7.94
CA VAL A 23 2.29 12.49 6.79
C VAL A 23 2.18 13.96 7.19
N ASN A 24 1.52 14.21 8.31
CA ASN A 24 1.32 15.57 8.81
C ASN A 24 2.65 16.28 9.08
N LYS A 25 3.60 15.56 9.65
CA LYS A 25 4.90 16.14 9.99
C LYS A 25 5.64 16.62 8.75
N HIS A 26 5.58 15.84 7.68
CA HIS A 26 6.30 16.16 6.46
C HIS A 26 5.59 17.24 5.62
N ARG A 27 4.40 17.65 6.05
CA ARG A 27 3.69 18.69 5.30
C ARG A 27 4.53 19.96 5.26
N SER A 28 5.09 20.34 6.41
CA SER A 28 5.92 21.52 6.47
C SER A 28 7.18 21.36 5.62
N HIS A 29 7.80 20.18 5.72
CA HIS A 29 9.02 19.90 4.97
C HIS A 29 8.74 19.90 3.45
N TRP A 30 7.70 19.18 3.03
CA TRP A 30 7.37 19.11 1.62
C TRP A 30 7.13 20.51 1.04
N LYS A 31 6.51 21.37 1.83
CA LYS A 31 6.24 22.73 1.38
C LYS A 31 7.55 23.46 1.08
N SER A 32 8.56 23.22 1.91
CA SER A 32 9.85 23.88 1.74
C SER A 32 10.69 23.25 0.62
N GLN A 33 10.21 22.17 0.02
CA GLN A 33 10.96 21.52 -1.06
C GLN A 33 10.87 22.32 -2.36
N GLN A 34 11.95 22.30 -3.14
CA GLN A 34 11.98 23.03 -4.40
C GLN A 34 11.01 22.44 -5.41
N LEU A 35 10.99 21.12 -5.54
CA LEU A 35 10.08 20.47 -6.48
C LEU A 35 8.68 21.05 -6.33
N ASP A 36 8.04 20.72 -5.21
CA ASP A 36 6.69 21.18 -4.91
C ASP A 36 6.09 20.32 -3.81
N SER A 37 5.03 20.81 -3.19
CA SER A 37 4.38 20.09 -2.12
C SER A 37 3.62 18.87 -2.65
N ASN A 38 3.33 18.84 -3.95
CA ASN A 38 2.58 17.73 -4.54
C ASN A 38 2.96 17.50 -5.99
N VAL A 39 3.85 18.36 -6.50
CA VAL A 39 4.31 18.25 -7.88
C VAL A 39 3.12 18.05 -8.83
N THR A 40 3.40 17.92 -10.13
CA THR A 40 2.34 17.76 -11.15
C THR A 40 2.32 16.35 -11.71
N MET A 41 1.13 15.73 -11.69
CA MET A 41 0.93 14.38 -12.21
C MET A 41 0.16 14.47 -13.54
N PRO A 42 0.10 13.43 -14.36
CA PRO A 42 -0.65 13.50 -15.65
C PRO A 42 -2.12 13.91 -15.45
N LYS A 43 -2.61 14.75 -16.35
CA LYS A 43 -3.98 15.23 -16.28
C LYS A 43 -5.00 14.08 -16.26
N SER A 44 -6.17 14.36 -15.69
CA SER A 44 -7.24 13.38 -15.60
C SER A 44 -7.76 12.98 -16.97
N GLU A 45 -7.56 13.86 -17.96
CA GLU A 45 -8.04 13.59 -19.31
C GLU A 45 -7.26 12.43 -19.93
N ASP A 46 -6.29 11.91 -19.20
CA ASP A 46 -5.47 10.79 -19.68
C ASP A 46 -5.27 9.77 -18.57
N GLU A 47 -6.28 8.92 -18.38
CA GLU A 47 -6.24 7.90 -17.34
C GLU A 47 -5.00 7.00 -17.47
N GLU A 48 -4.54 6.81 -18.70
CA GLU A 48 -3.37 5.97 -18.92
C GLU A 48 -2.13 6.55 -18.23
N GLY A 49 -2.02 7.86 -18.24
CA GLY A 49 -0.88 8.53 -17.61
C GLY A 49 -0.85 8.29 -16.10
N TRP A 50 -2.03 8.33 -15.48
CA TRP A 50 -2.12 8.12 -14.03
C TRP A 50 -1.64 6.73 -13.67
N LYS A 51 -2.03 5.74 -14.46
CA LYS A 51 -1.62 4.36 -14.22
C LYS A 51 -0.11 4.26 -14.33
N LYS A 52 0.43 4.83 -15.39
CA LYS A 52 1.86 4.81 -15.64
C LYS A 52 2.63 5.58 -14.58
N PHE A 53 2.14 6.78 -14.25
CA PHE A 53 2.82 7.62 -13.26
C PHE A 53 2.74 7.04 -11.85
N CYS A 54 1.55 6.65 -11.42
CA CYS A 54 1.36 6.12 -10.07
C CYS A 54 2.02 4.76 -9.89
N LEU A 55 1.85 3.86 -10.86
CA LEU A 55 2.43 2.51 -10.77
C LEU A 55 3.73 2.41 -11.57
N GLY A 56 4.20 3.55 -12.08
CA GLY A 56 5.44 3.57 -12.85
C GLY A 56 5.30 2.76 -14.13
N GLU A 57 6.32 1.94 -14.44
CA GLU A 57 6.29 1.10 -15.63
C GLU A 57 7.26 -0.06 -15.48
N LYS A 58 8.38 0.18 -14.81
CA LYS A 58 9.38 -0.85 -14.59
C LYS A 58 8.82 -1.98 -13.74
N LEU A 59 8.03 -1.62 -12.74
CA LEU A 59 7.42 -2.62 -11.88
C LEU A 59 6.56 -3.54 -12.72
N CYS A 60 5.82 -2.94 -13.66
CA CYS A 60 4.97 -3.71 -14.55
C CYS A 60 5.83 -4.62 -15.42
N ALA A 61 6.98 -4.11 -15.86
CA ALA A 61 7.87 -4.90 -16.71
C ALA A 61 8.40 -6.11 -15.95
N ASP A 62 8.72 -5.92 -14.67
CA ASP A 62 9.24 -7.02 -13.85
C ASP A 62 9.37 -6.57 -12.41
N GLY A 63 10.39 -5.77 -12.14
CA GLY A 63 10.63 -5.27 -10.79
C GLY A 63 11.75 -4.22 -10.79
N ALA A 64 12.98 -4.69 -10.60
CA ALA A 64 14.12 -3.78 -10.56
C ALA A 64 15.42 -4.55 -10.76
N VAL A 65 15.36 -5.87 -10.58
CA VAL A 65 16.55 -6.73 -10.75
C VAL A 65 16.59 -7.31 -12.15
N GLY A 66 17.36 -6.68 -13.02
CA GLY A 66 17.48 -7.14 -14.40
C GLY A 66 17.94 -6.03 -15.33
N PRO A 67 17.08 -5.07 -15.58
CA PRO A 67 17.39 -3.91 -16.48
C PRO A 67 18.56 -3.09 -15.94
N ALA A 68 18.77 -3.16 -14.63
CA ALA A 68 19.86 -2.42 -13.99
C ALA A 68 20.34 -3.16 -12.74
N THR A 69 20.68 -4.44 -12.92
CA THR A 69 21.15 -5.26 -11.80
C THR A 69 22.46 -4.70 -11.25
N ASN A 70 23.40 -4.37 -12.16
CA ASN A 70 24.70 -3.82 -11.76
C ASN A 70 25.12 -2.67 -12.68
N GLU A 71 24.23 -2.29 -13.58
CA GLU A 71 24.53 -1.20 -14.52
C GLU A 71 24.16 0.14 -13.90
N SER A 72 25.17 0.88 -13.45
CA SER A 72 24.95 2.18 -12.81
C SER A 72 26.15 3.09 -13.05
N PRO A 73 26.55 3.23 -14.29
CA PRO A 73 27.72 4.09 -14.67
C PRO A 73 27.43 5.57 -14.41
N GLY A 74 26.15 5.91 -14.33
CA GLY A 74 25.75 7.28 -14.08
C GLY A 74 24.23 7.39 -14.07
N ILE A 75 23.66 7.43 -12.87
CA ILE A 75 22.21 7.51 -12.72
C ILE A 75 21.74 8.95 -12.81
N ASP A 76 20.69 9.19 -13.62
CA ASP A 76 20.12 10.53 -13.78
C ASP A 76 18.73 10.55 -13.14
N TYR A 77 18.52 11.48 -12.22
CA TYR A 77 17.23 11.57 -11.54
C TYR A 77 16.14 11.98 -12.53
N VAL A 78 16.55 12.57 -13.65
CA VAL A 78 15.63 13.03 -14.67
C VAL A 78 14.81 11.88 -15.27
N GLN A 79 15.46 10.75 -15.57
CA GLN A 79 14.77 9.61 -16.16
C GLN A 79 14.06 8.79 -15.10
N ILE A 80 14.20 9.22 -13.85
CA ILE A 80 13.58 8.55 -12.72
C ILE A 80 12.25 9.22 -12.36
N GLY A 81 12.11 10.49 -12.71
CA GLY A 81 10.87 11.21 -12.43
C GLY A 81 10.55 11.22 -10.94
N PHE A 82 9.37 11.77 -10.60
CA PHE A 82 8.94 11.83 -9.20
C PHE A 82 8.26 10.50 -8.80
N PRO A 83 8.73 9.78 -7.79
CA PRO A 83 8.08 8.51 -7.36
C PRO A 83 6.83 8.79 -6.55
N PRO A 84 5.93 7.84 -6.40
CA PRO A 84 4.69 8.06 -5.63
C PRO A 84 5.02 8.35 -4.17
N LEU A 85 4.32 9.31 -3.57
CA LEU A 85 4.57 9.70 -2.18
C LEU A 85 3.28 10.04 -1.47
N LEU A 86 3.38 10.13 -0.16
CA LEU A 86 2.24 10.44 0.68
C LEU A 86 1.72 11.85 0.36
N SER A 87 2.63 12.79 0.13
CA SER A 87 2.24 14.17 -0.17
C SER A 87 1.44 14.26 -1.46
N ILE A 88 1.88 13.57 -2.51
CA ILE A 88 1.15 13.60 -3.77
C ILE A 88 -0.21 12.94 -3.59
N VAL A 89 -0.18 11.81 -2.90
CA VAL A 89 -1.39 11.04 -2.63
C VAL A 89 -2.34 11.82 -1.72
N SER A 90 -1.77 12.51 -0.74
CA SER A 90 -2.56 13.30 0.20
C SER A 90 -3.42 14.33 -0.53
N ARG A 91 -2.91 14.84 -1.66
CA ARG A 91 -3.66 15.83 -2.43
C ARG A 91 -4.65 15.16 -3.36
N MET A 92 -4.41 13.89 -3.67
CA MET A 92 -5.31 13.15 -4.54
C MET A 92 -6.55 12.71 -3.76
N ASN A 93 -7.70 12.80 -4.41
CA ASN A 93 -8.95 12.43 -3.76
C ASN A 93 -9.01 10.93 -3.50
N GLN A 94 -9.76 10.55 -2.47
CA GLN A 94 -9.92 9.14 -2.14
C GLN A 94 -10.69 8.44 -3.25
N ALA A 95 -11.68 9.16 -3.78
CA ALA A 95 -12.53 8.66 -4.85
C ALA A 95 -11.78 8.48 -6.17
N THR A 96 -10.79 9.34 -6.44
CA THR A 96 -10.06 9.25 -7.70
C THR A 96 -9.34 7.90 -7.84
N VAL A 97 -8.59 7.51 -6.82
CA VAL A 97 -7.86 6.24 -6.87
C VAL A 97 -8.82 5.07 -6.74
N THR A 98 -9.99 5.31 -6.16
CA THR A 98 -10.98 4.25 -6.00
C THR A 98 -11.43 3.71 -7.35
N SER A 99 -11.71 4.63 -8.28
CA SER A 99 -12.13 4.24 -9.62
C SER A 99 -11.00 3.54 -10.35
N VAL A 100 -9.77 3.96 -10.07
CA VAL A 100 -8.60 3.37 -10.70
C VAL A 100 -8.50 1.89 -10.33
N LEU A 101 -9.02 1.54 -9.16
CA LEU A 101 -9.00 0.17 -8.70
C LEU A 101 -9.84 -0.69 -9.64
N GLU A 102 -10.99 -0.15 -10.04
CA GLU A 102 -11.91 -0.86 -10.92
C GLU A 102 -11.28 -1.15 -12.28
N TYR A 103 -10.49 -0.22 -12.80
CA TYR A 103 -9.87 -0.39 -14.10
C TYR A 103 -8.95 -1.62 -14.12
N LEU A 104 -8.06 -1.72 -13.13
CA LEU A 104 -7.11 -2.84 -13.10
C LEU A 104 -7.83 -4.19 -13.07
N SER A 105 -8.87 -4.27 -12.26
CA SER A 105 -9.63 -5.51 -12.14
C SER A 105 -10.22 -5.95 -13.49
N ASN A 106 -10.54 -4.96 -14.32
CA ASN A 106 -11.15 -5.24 -15.62
C ASN A 106 -10.24 -6.07 -16.51
N TRP A 107 -8.94 -5.77 -16.50
CA TRP A 107 -8.00 -6.52 -17.33
C TRP A 107 -8.04 -8.01 -17.01
N PHE A 108 -7.99 -8.34 -15.72
CA PHE A 108 -8.02 -9.74 -15.27
C PHE A 108 -7.27 -10.65 -16.26
N GLY A 109 -7.61 -11.93 -16.24
CA GLY A 109 -6.97 -12.88 -17.15
C GLY A 109 -5.50 -13.06 -16.81
N GLU A 110 -5.13 -12.73 -15.58
CA GLU A 110 -3.74 -12.85 -15.12
C GLU A 110 -3.68 -13.32 -13.67
N ARG A 111 -2.61 -14.04 -13.34
CA ARG A 111 -2.43 -14.55 -11.97
C ARG A 111 -1.60 -13.55 -11.17
N ASP A 112 -2.06 -12.30 -11.14
CA ASP A 112 -1.33 -11.27 -10.42
C ASP A 112 -1.55 -11.39 -8.91
N PHE A 113 -0.49 -11.08 -8.16
CA PHE A 113 -0.51 -11.13 -6.70
C PHE A 113 0.88 -10.80 -6.18
N THR A 114 1.80 -10.63 -7.14
CA THR A 114 3.22 -10.36 -6.84
C THR A 114 3.41 -9.67 -5.49
N PRO A 115 4.50 -9.95 -4.79
CA PRO A 115 4.78 -9.32 -3.45
C PRO A 115 5.21 -7.87 -3.62
N GLU A 116 5.50 -7.49 -4.85
CA GLU A 116 5.90 -6.12 -5.16
C GLU A 116 4.70 -5.19 -4.97
N LEU A 117 3.54 -5.67 -5.40
CA LEU A 117 2.30 -4.92 -5.31
C LEU A 117 1.94 -4.64 -3.84
N GLY A 118 2.37 -5.53 -2.95
CA GLY A 118 2.06 -5.36 -1.54
C GLY A 118 2.59 -4.03 -1.02
N ARG A 119 3.74 -3.60 -1.51
CA ARG A 119 4.28 -2.31 -1.10
C ARG A 119 3.30 -1.22 -1.49
N TRP A 120 2.77 -1.35 -2.71
CA TRP A 120 1.79 -0.41 -3.23
C TRP A 120 0.47 -0.51 -2.47
N LEU A 121 0.10 -1.73 -2.08
CA LEU A 121 -1.16 -1.99 -1.39
C LEU A 121 -1.35 -1.13 -0.13
N TYR A 122 -0.33 -1.03 0.71
CA TYR A 122 -0.46 -0.25 1.94
C TYR A 122 -0.77 1.22 1.64
N ALA A 123 -0.08 1.77 0.66
CA ALA A 123 -0.27 3.18 0.27
C ALA A 123 -1.71 3.43 -0.18
N LEU A 124 -2.32 2.42 -0.78
CA LEU A 124 -3.68 2.56 -1.30
C LEU A 124 -4.66 2.85 -0.16
N LEU A 125 -4.51 2.14 0.95
CA LEU A 125 -5.39 2.33 2.10
C LEU A 125 -5.23 3.74 2.67
N ALA A 126 -3.99 4.22 2.70
CA ALA A 126 -3.71 5.54 3.24
C ALA A 126 -4.38 6.64 2.40
N CYS A 127 -4.88 6.27 1.23
CA CYS A 127 -5.54 7.24 0.35
C CYS A 127 -7.01 7.42 0.74
N LEU A 128 -7.48 6.60 1.68
CA LEU A 128 -8.87 6.67 2.16
C LEU A 128 -8.94 7.50 3.45
N GLU A 129 -9.84 8.47 3.47
CA GLU A 129 -10.01 9.34 4.62
C GLU A 129 -10.98 8.72 5.64
N LYS A 130 -11.23 9.44 6.72
CA LYS A 130 -12.14 8.96 7.76
C LYS A 130 -13.43 8.39 7.15
N PRO A 131 -14.24 9.19 6.51
CA PRO A 131 -15.52 8.71 5.89
C PRO A 131 -15.26 7.71 4.75
N LEU A 132 -16.13 6.70 4.65
CA LEU A 132 -16.02 5.66 3.61
C LEU A 132 -17.32 5.59 2.80
N LEU A 133 -17.22 5.86 1.51
CA LEU A 133 -18.39 5.82 0.64
C LEU A 133 -19.00 4.40 0.67
N PRO A 134 -20.32 4.25 0.70
CA PRO A 134 -20.94 2.90 0.71
C PRO A 134 -20.33 1.99 -0.37
N GLU A 135 -20.10 2.56 -1.54
CA GLU A 135 -19.52 1.81 -2.65
C GLU A 135 -18.09 1.37 -2.34
N ALA A 136 -17.35 2.22 -1.65
CA ALA A 136 -15.97 1.92 -1.30
C ALA A 136 -15.91 0.70 -0.38
N HIS A 137 -16.88 0.59 0.50
CA HIS A 137 -16.94 -0.53 1.44
C HIS A 137 -17.19 -1.84 0.69
N SER A 138 -18.04 -1.77 -0.31
CA SER A 138 -18.38 -2.95 -1.11
C SER A 138 -17.18 -3.51 -1.87
N LEU A 139 -16.40 -2.62 -2.48
CA LEU A 139 -15.24 -3.04 -3.29
C LEU A 139 -14.14 -3.74 -2.49
N ILE A 140 -13.82 -3.23 -1.31
CA ILE A 140 -12.76 -3.83 -0.49
C ILE A 140 -13.10 -5.29 -0.17
N ARG A 141 -14.39 -5.59 -0.11
CA ARG A 141 -14.85 -6.95 0.16
C ARG A 141 -14.57 -7.85 -1.05
N GLN A 142 -14.77 -7.31 -2.25
CA GLN A 142 -14.59 -8.09 -3.49
C GLN A 142 -13.16 -8.61 -3.67
N LEU A 143 -12.16 -7.76 -3.48
CA LEU A 143 -10.77 -8.19 -3.66
C LEU A 143 -10.36 -9.25 -2.64
N ALA A 144 -10.89 -9.14 -1.42
CA ALA A 144 -10.56 -10.10 -0.36
C ALA A 144 -11.01 -11.51 -0.73
N ARG A 145 -12.13 -11.60 -1.42
CA ARG A 145 -12.67 -12.90 -1.82
C ARG A 145 -11.74 -13.63 -2.79
N ARG A 146 -11.15 -12.89 -3.73
CA ARG A 146 -10.26 -13.49 -4.72
C ARG A 146 -9.03 -14.10 -4.06
N CYS A 147 -8.49 -13.40 -3.07
CA CYS A 147 -7.31 -13.87 -2.34
C CYS A 147 -7.54 -15.26 -1.75
N SER A 148 -8.76 -15.51 -1.29
CA SER A 148 -9.09 -16.81 -0.70
C SER A 148 -8.86 -17.95 -1.70
N GLU A 149 -9.19 -17.70 -2.96
CA GLU A 149 -9.05 -18.72 -4.01
C GLU A 149 -7.58 -19.12 -4.21
N VAL A 150 -6.67 -18.13 -4.14
CA VAL A 150 -5.25 -18.38 -4.33
C VAL A 150 -4.71 -19.33 -3.26
N ARG A 151 -5.14 -19.10 -2.03
CA ARG A 151 -4.69 -19.90 -0.89
C ARG A 151 -5.08 -21.37 -1.03
N LEU A 152 -6.28 -21.64 -1.55
CA LEU A 152 -6.73 -23.02 -1.74
C LEU A 152 -5.83 -23.74 -2.73
N LEU A 153 -5.39 -23.01 -3.76
CA LEU A 153 -4.54 -23.56 -4.80
C LEU A 153 -3.22 -24.07 -4.22
N VAL A 154 -2.66 -23.34 -3.25
CA VAL A 154 -1.40 -23.75 -2.65
C VAL A 154 -1.43 -25.25 -2.32
N ASP A 155 -0.35 -25.93 -2.65
CA ASP A 155 -0.23 -27.36 -2.39
C ASP A 155 -0.21 -27.66 -0.89
N SER A 156 0.55 -26.85 -0.12
CA SER A 156 0.67 -27.05 1.33
C SER A 156 0.36 -25.77 2.10
N LYS A 157 -0.56 -25.87 3.05
CA LYS A 157 -0.96 -24.73 3.87
C LYS A 157 0.22 -24.24 4.71
N ASP A 158 1.11 -25.17 5.04
CA ASP A 158 2.27 -24.83 5.86
C ASP A 158 3.34 -24.14 5.01
N ASP A 159 2.96 -23.76 3.78
CA ASP A 159 3.85 -23.07 2.83
C ASP A 159 5.03 -22.37 3.51
N GLU A 160 4.95 -21.05 3.59
CA GLU A 160 6.00 -20.24 4.21
C GLU A 160 5.61 -18.77 4.13
N ARG A 161 4.78 -18.48 3.13
CA ARG A 161 4.27 -17.13 2.90
C ARG A 161 2.85 -17.03 3.44
N VAL A 162 2.16 -18.15 3.38
CA VAL A 162 0.79 -18.25 3.85
C VAL A 162 0.59 -17.56 5.22
N PRO A 163 1.45 -17.73 6.21
CA PRO A 163 1.23 -17.07 7.54
C PRO A 163 1.05 -15.55 7.40
N ALA A 164 1.87 -14.94 6.55
CA ALA A 164 1.77 -13.50 6.33
C ALA A 164 0.41 -13.16 5.74
N LEU A 165 -0.06 -13.99 4.81
CA LEU A 165 -1.35 -13.78 4.19
C LEU A 165 -2.46 -13.86 5.22
N ASN A 166 -2.36 -14.83 6.12
CA ASN A 166 -3.39 -15.02 7.13
C ASN A 166 -3.53 -13.78 8.03
N LEU A 167 -2.40 -13.21 8.44
CA LEU A 167 -2.40 -12.03 9.29
C LEU A 167 -2.90 -10.80 8.54
N LEU A 168 -2.56 -10.74 7.26
CA LEU A 168 -2.94 -9.60 6.41
C LEU A 168 -4.46 -9.45 6.34
N ILE A 169 -5.17 -10.55 6.25
CA ILE A 169 -6.63 -10.52 6.16
C ILE A 169 -7.22 -9.87 7.41
N CYS A 170 -6.69 -10.23 8.58
CA CYS A 170 -7.20 -9.68 9.84
C CYS A 170 -7.19 -8.15 9.84
N LEU A 171 -6.18 -7.57 9.19
CA LEU A 171 -6.03 -6.11 9.16
C LEU A 171 -7.27 -5.44 8.53
N VAL A 172 -7.73 -5.97 7.41
CA VAL A 172 -8.89 -5.41 6.74
C VAL A 172 -10.14 -5.48 7.62
N SER A 173 -10.33 -6.62 8.27
CA SER A 173 -11.50 -6.85 9.12
C SER A 173 -11.59 -5.88 10.31
N ARG A 174 -10.45 -5.37 10.78
CA ARG A 174 -10.47 -4.47 11.95
C ARG A 174 -10.70 -3.03 11.54
N TYR A 175 -9.97 -2.57 10.53
CA TYR A 175 -10.09 -1.19 10.08
C TYR A 175 -11.49 -0.91 9.55
N PHE A 176 -11.99 -1.82 8.71
CA PHE A 176 -13.32 -1.68 8.12
C PHE A 176 -14.39 -2.32 8.99
N ASP A 177 -13.95 -2.97 10.06
CA ASP A 177 -14.84 -3.64 11.00
C ASP A 177 -15.67 -4.72 10.31
N GLN A 178 -15.08 -5.35 9.29
CA GLN A 178 -15.77 -6.43 8.58
C GLN A 178 -15.48 -7.76 9.27
N ARG A 179 -16.23 -8.05 10.33
CA ARG A 179 -16.02 -9.28 11.09
C ARG A 179 -16.39 -10.51 10.28
N ASP A 180 -17.03 -10.30 9.14
CA ASP A 180 -17.45 -11.42 8.29
C ASP A 180 -16.23 -12.18 7.76
N LEU A 181 -15.14 -11.46 7.48
CA LEU A 181 -13.92 -12.07 6.95
C LEU A 181 -12.88 -12.27 8.05
N ALA A 182 -13.20 -11.85 9.27
CA ALA A 182 -12.25 -11.96 10.38
C ALA A 182 -11.85 -13.40 10.65
N ASP A 183 -12.83 -14.29 10.69
CA ASP A 183 -12.56 -15.69 10.96
C ASP A 183 -13.79 -16.52 10.66
N GLU A 184 -14.26 -16.43 9.42
CA GLU A 184 -15.44 -17.19 9.03
C GLU A 184 -15.14 -18.70 9.11
N PRO A 185 -16.11 -19.52 9.44
CA PRO A 185 -15.89 -21.00 9.55
C PRO A 185 -15.73 -21.64 8.19
N SER A 186 -16.81 -22.20 7.66
CA SER A 186 -16.80 -22.86 6.36
C SER A 186 -18.17 -22.74 5.70
N LEU A 187 -18.80 -21.59 5.90
CA LEU A 187 -20.12 -21.36 5.34
C LEU A 187 -21.04 -22.54 5.62
N GLU A 188 -20.75 -23.26 6.71
CA GLU A 188 -21.54 -24.42 7.08
C GLU A 188 -21.67 -25.39 5.92
N TYR A 189 -20.66 -25.39 5.06
CA TYR A 189 -20.63 -26.27 3.89
C TYR A 189 -20.94 -27.71 4.31
N GLY B 1 30.08 22.17 1.62
CA GLY B 1 29.32 23.40 1.24
C GLY B 1 28.29 23.74 2.32
N GLN B 2 27.45 24.73 2.03
CA GLN B 2 26.42 25.15 2.99
C GLN B 2 25.25 24.18 2.97
N SER B 3 24.23 24.51 3.77
CA SER B 3 23.04 23.66 3.86
C SER B 3 22.31 23.64 2.52
N ASP B 4 21.72 22.49 2.19
CA ASP B 4 20.97 22.33 0.93
C ASP B 4 19.71 21.53 1.19
N ASP B 5 19.30 21.50 2.45
CA ASP B 5 18.10 20.76 2.83
C ASP B 5 18.19 19.31 2.35
N SER B 6 17.28 18.48 2.86
CA SER B 6 17.27 17.08 2.49
C SER B 6 15.93 16.43 2.87
N ASP B 7 15.99 15.15 3.21
CA ASP B 7 14.79 14.40 3.60
C ASP B 7 14.60 14.41 5.11
N ILE B 8 15.53 15.07 5.79
CA ILE B 8 15.51 15.16 7.24
C ILE B 8 14.83 13.95 7.91
N TRP B 9 13.57 14.09 8.28
CA TRP B 9 12.85 13.00 8.92
C TRP B 9 12.40 11.98 7.87
N ASP B 10 12.97 10.77 7.94
CA ASP B 10 12.66 9.69 7.01
C ASP B 10 11.23 9.76 6.48
N ASP B 11 11.07 10.35 5.30
CA ASP B 11 9.76 10.47 4.69
C ASP B 11 9.31 9.12 4.12
N THR B 12 10.26 8.20 3.97
CA THR B 12 9.96 6.87 3.45
C THR B 12 9.37 6.01 4.54
N ALA B 13 9.00 6.65 5.65
CA ALA B 13 8.43 5.96 6.79
C ALA B 13 7.29 5.04 6.35
N LEU B 14 6.52 5.51 5.37
CA LEU B 14 5.41 4.73 4.86
C LEU B 14 5.94 3.44 4.24
N ILE B 15 7.05 3.55 3.51
CA ILE B 15 7.66 2.40 2.85
C ILE B 15 8.21 1.39 3.87
N LYS B 16 8.86 1.90 4.90
CA LYS B 16 9.44 1.04 5.93
C LYS B 16 8.39 0.14 6.58
N ALA B 17 7.17 0.67 6.67
CA ALA B 17 6.08 -0.07 7.29
C ALA B 17 5.82 -1.40 6.56
N TYR B 18 6.15 -1.44 5.28
CA TYR B 18 5.95 -2.65 4.48
C TYR B 18 6.75 -3.84 5.06
N ASP B 19 8.00 -3.59 5.42
CA ASP B 19 8.86 -4.65 5.94
C ASP B 19 8.36 -5.24 7.26
N LYS B 20 7.82 -4.40 8.14
CA LYS B 20 7.33 -4.87 9.44
C LYS B 20 6.16 -5.84 9.30
N ALA B 21 5.19 -5.51 8.46
CA ALA B 21 4.02 -6.35 8.27
C ALA B 21 4.40 -7.74 7.77
N VAL B 22 5.32 -7.79 6.80
CA VAL B 22 5.75 -9.07 6.26
C VAL B 22 6.65 -9.81 7.25
N ALA B 23 7.27 -9.07 8.16
CA ALA B 23 8.16 -9.65 9.16
C ALA B 23 7.40 -10.63 10.04
N SER B 24 6.09 -10.46 10.14
CA SER B 24 5.26 -11.33 10.97
C SER B 24 5.50 -12.80 10.64
N PHE B 25 6.30 -13.07 9.62
CA PHE B 25 6.59 -14.45 9.26
C PHE B 25 7.29 -15.17 10.42
N LYS B 26 8.28 -14.50 11.00
CA LYS B 26 9.02 -15.08 12.11
C LYS B 26 8.13 -15.21 13.35
N GLY A 1 -1.76 -21.16 23.41
CA GLY A 1 -3.22 -20.90 23.28
C GLY A 1 -3.44 -19.49 22.73
N TYR A 2 -4.65 -18.97 22.97
CA TYR A 2 -5.00 -17.63 22.50
C TYR A 2 -4.63 -16.59 23.56
N SER A 3 -3.69 -15.72 23.24
CA SER A 3 -3.26 -14.69 24.18
C SER A 3 -2.03 -13.95 23.64
N PRO A 4 -0.90 -14.61 23.50
CA PRO A 4 0.36 -13.98 22.99
C PRO A 4 0.20 -13.48 21.55
N THR A 5 -0.77 -14.04 20.83
CA THR A 5 -1.00 -13.65 19.45
C THR A 5 -1.47 -12.19 19.36
N LEU A 6 -1.82 -11.63 20.51
CA LEU A 6 -2.28 -10.24 20.55
C LEU A 6 -1.19 -9.30 20.08
N GLN A 7 0.05 -9.58 20.48
CA GLN A 7 1.16 -8.74 20.09
C GLN A 7 1.22 -8.62 18.57
N TRP A 8 1.03 -9.74 17.89
CA TRP A 8 1.04 -9.75 16.43
C TRP A 8 -0.13 -8.96 15.87
N GLN A 9 -1.30 -9.10 16.49
CA GLN A 9 -2.49 -8.40 16.03
C GLN A 9 -2.36 -6.88 16.20
N GLN A 10 -1.76 -6.46 17.31
CA GLN A 10 -1.61 -5.03 17.56
C GLN A 10 -0.73 -4.36 16.51
N GLN A 11 0.32 -5.05 16.09
CA GLN A 11 1.24 -4.51 15.09
C GLN A 11 0.52 -4.07 13.83
N GLN A 12 -0.48 -4.84 13.42
CA GLN A 12 -1.24 -4.52 12.20
C GLN A 12 -1.96 -3.16 12.32
N VAL A 13 -2.96 -3.12 13.18
CA VAL A 13 -3.77 -1.91 13.38
C VAL A 13 -2.96 -0.75 13.95
N ALA A 14 -2.07 -1.04 14.89
CA ALA A 14 -1.27 -0.01 15.54
C ALA A 14 -0.45 0.79 14.53
N GLN A 15 0.07 0.13 13.52
CA GLN A 15 0.89 0.79 12.51
C GLN A 15 0.08 1.80 11.69
N PHE A 16 -1.16 1.45 11.40
CA PHE A 16 -2.03 2.32 10.59
C PHE A 16 -2.22 3.69 11.23
N SER A 17 -2.53 3.72 12.53
CA SER A 17 -2.73 4.98 13.23
C SER A 17 -1.43 5.78 13.21
N THR A 18 -0.34 5.05 13.36
CA THR A 18 1.01 5.63 13.36
C THR A 18 1.34 6.27 12.02
N VAL A 19 0.97 5.62 10.92
CA VAL A 19 1.27 6.13 9.60
C VAL A 19 0.69 7.54 9.41
N ARG A 20 -0.53 7.76 9.88
CA ARG A 20 -1.15 9.07 9.73
C ARG A 20 -0.31 10.15 10.44
N GLN A 21 0.28 9.79 11.57
CA GLN A 21 1.09 10.74 12.33
C GLN A 21 2.32 11.19 11.54
N ASN A 22 2.88 10.27 10.77
CA ASN A 22 4.07 10.54 9.96
C ASN A 22 3.80 11.57 8.87
N VAL A 23 2.61 11.49 8.25
CA VAL A 23 2.25 12.41 7.17
C VAL A 23 2.15 13.85 7.69
N ASN A 24 1.55 14.02 8.85
CA ASN A 24 1.38 15.34 9.43
C ASN A 24 2.72 16.03 9.71
N LYS A 25 3.68 15.27 10.20
CA LYS A 25 4.99 15.82 10.52
C LYS A 25 5.72 16.38 9.29
N HIS A 26 5.62 15.67 8.18
CA HIS A 26 6.31 16.08 6.94
C HIS A 26 5.47 17.04 6.09
N ARG A 27 4.23 17.31 6.52
CA ARG A 27 3.37 18.21 5.77
C ARG A 27 4.03 19.59 5.63
N SER A 28 4.54 20.09 6.75
CA SER A 28 5.20 21.40 6.75
C SER A 28 6.50 21.36 5.94
N HIS A 29 7.27 20.28 6.11
CA HIS A 29 8.55 20.15 5.41
C HIS A 29 8.36 20.09 3.88
N TRP A 30 7.41 19.28 3.41
CA TRP A 30 7.19 19.17 1.97
C TRP A 30 6.85 20.54 1.36
N LYS A 31 6.15 21.36 2.11
CA LYS A 31 5.76 22.68 1.64
C LYS A 31 6.97 23.55 1.30
N SER A 32 8.01 23.46 2.13
CA SER A 32 9.22 24.26 1.95
C SER A 32 10.13 23.71 0.84
N GLN A 33 9.76 22.58 0.26
CA GLN A 33 10.60 21.99 -0.80
C GLN A 33 10.42 22.73 -2.12
N GLN A 34 11.50 22.77 -2.90
CA GLN A 34 11.49 23.46 -4.20
C GLN A 34 10.54 22.78 -5.19
N LEU A 35 10.56 21.45 -5.24
CA LEU A 35 9.68 20.72 -6.16
C LEU A 35 8.26 21.26 -6.06
N ASP A 36 7.63 20.99 -4.93
CA ASP A 36 6.27 21.41 -4.66
C ASP A 36 5.69 20.53 -3.55
N SER A 37 4.66 21.01 -2.89
CA SER A 37 4.04 20.26 -1.81
C SER A 37 3.33 19.01 -2.33
N ASN A 38 3.01 18.99 -3.63
CA ASN A 38 2.31 17.84 -4.22
C ASN A 38 2.68 17.64 -5.68
N VAL A 39 3.47 18.56 -6.23
CA VAL A 39 3.90 18.47 -7.62
C VAL A 39 2.71 18.17 -8.54
N THR A 40 2.96 18.15 -9.85
CA THR A 40 1.90 17.91 -10.84
C THR A 40 2.07 16.57 -11.52
N MET A 41 0.98 15.79 -11.56
CA MET A 41 0.98 14.46 -12.21
C MET A 41 0.33 14.58 -13.60
N PRO A 42 0.22 13.49 -14.33
CA PRO A 42 -0.40 13.53 -15.69
C PRO A 42 -1.86 13.99 -15.67
N LYS A 43 -2.26 14.75 -16.69
CA LYS A 43 -3.62 15.27 -16.78
C LYS A 43 -4.65 14.18 -16.50
N SER A 44 -5.78 14.59 -15.92
CA SER A 44 -6.86 13.65 -15.59
C SER A 44 -7.39 12.97 -16.85
N GLU A 45 -7.44 13.72 -17.96
CA GLU A 45 -7.96 13.16 -19.21
C GLU A 45 -7.03 12.07 -19.75
N ASP A 46 -5.81 12.00 -19.20
CA ASP A 46 -4.83 11.00 -19.62
C ASP A 46 -4.76 9.86 -18.62
N GLU A 47 -5.85 9.10 -18.53
CA GLU A 47 -5.92 8.00 -17.60
C GLU A 47 -4.71 7.08 -17.75
N GLU A 48 -4.17 6.98 -18.97
CA GLU A 48 -3.02 6.13 -19.20
C GLU A 48 -1.81 6.63 -18.42
N GLY A 49 -1.63 7.95 -18.40
CA GLY A 49 -0.51 8.55 -17.67
C GLY A 49 -0.59 8.28 -16.18
N TRP A 50 -1.80 8.33 -15.63
CA TRP A 50 -1.99 8.10 -14.20
C TRP A 50 -1.59 6.68 -13.83
N LYS A 51 -2.00 5.72 -14.64
CA LYS A 51 -1.67 4.32 -14.37
C LYS A 51 -0.15 4.14 -14.38
N LYS A 52 0.47 4.71 -15.41
CA LYS A 52 1.91 4.61 -15.57
C LYS A 52 2.64 5.34 -14.44
N PHE A 53 2.17 6.56 -14.14
CA PHE A 53 2.79 7.38 -13.10
C PHE A 53 2.52 6.84 -11.69
N CYS A 54 1.26 6.50 -11.43
CA CYS A 54 0.89 6.01 -10.10
C CYS A 54 1.56 4.68 -9.77
N LEU A 55 1.57 3.74 -10.73
CA LEU A 55 2.19 2.42 -10.49
C LEU A 55 3.60 2.39 -11.09
N GLY A 56 4.04 3.52 -11.63
CA GLY A 56 5.37 3.62 -12.22
C GLY A 56 5.51 2.72 -13.44
N GLU A 57 6.76 2.54 -13.88
CA GLU A 57 7.09 1.70 -15.04
C GLU A 57 8.27 0.80 -14.72
N LYS A 58 8.86 1.01 -13.54
CA LYS A 58 10.01 0.22 -13.10
C LYS A 58 9.64 -1.25 -12.94
N LEU A 59 8.36 -1.50 -12.65
CA LEU A 59 7.89 -2.87 -12.48
C LEU A 59 8.06 -3.64 -13.80
N CYS A 60 7.73 -2.97 -14.90
CA CYS A 60 7.84 -3.58 -16.22
C CYS A 60 9.30 -3.59 -16.69
N ALA A 61 10.11 -2.71 -16.11
CA ALA A 61 11.51 -2.62 -16.49
C ALA A 61 12.24 -3.92 -16.18
N ASP A 62 11.90 -4.53 -15.04
CA ASP A 62 12.53 -5.77 -14.63
C ASP A 62 11.82 -6.37 -13.42
N GLY A 63 11.94 -5.68 -12.27
CA GLY A 63 11.31 -6.16 -11.05
C GLY A 63 11.97 -5.55 -9.83
N ALA A 64 12.57 -6.39 -9.00
CA ALA A 64 13.23 -5.93 -7.79
C ALA A 64 14.55 -5.25 -8.12
N VAL A 65 14.99 -5.39 -9.38
CA VAL A 65 16.24 -4.78 -9.81
C VAL A 65 16.00 -3.34 -10.24
N GLY A 66 16.36 -2.39 -9.38
CA GLY A 66 16.18 -0.99 -9.67
C GLY A 66 16.77 -0.11 -8.56
N PRO A 67 16.10 -0.03 -7.44
CA PRO A 67 16.55 0.79 -6.28
C PRO A 67 17.91 0.32 -5.73
N ALA A 68 18.21 -0.97 -5.92
CA ALA A 68 19.47 -1.53 -5.46
C ALA A 68 20.55 -1.37 -6.53
N THR A 69 20.15 -0.86 -7.68
CA THR A 69 21.09 -0.67 -8.80
C THR A 69 22.20 0.30 -8.42
N ASN A 70 21.84 1.43 -7.80
CA ASN A 70 22.82 2.42 -7.40
C ASN A 70 22.24 3.31 -6.30
N GLU A 71 21.09 2.93 -5.79
CA GLU A 71 20.44 3.70 -4.74
C GLU A 71 20.25 5.15 -5.18
N SER A 72 20.20 5.37 -6.48
CA SER A 72 20.01 6.71 -7.01
C SER A 72 20.92 7.71 -6.28
N PRO A 73 22.17 7.81 -6.66
CA PRO A 73 23.14 8.74 -6.03
C PRO A 73 22.62 10.19 -6.00
N GLY A 74 21.88 10.56 -7.05
CA GLY A 74 21.32 11.92 -7.15
C GLY A 74 22.04 12.73 -8.23
N ILE A 75 22.26 12.11 -9.39
CA ILE A 75 22.95 12.78 -10.48
C ILE A 75 22.34 14.15 -10.77
N ASP A 76 21.24 14.16 -11.53
CA ASP A 76 20.57 15.41 -11.88
C ASP A 76 19.13 15.14 -12.30
N TYR A 77 18.95 14.63 -13.50
CA TYR A 77 17.61 14.34 -14.01
C TYR A 77 16.92 13.33 -13.11
N VAL A 78 17.71 12.47 -12.49
CA VAL A 78 17.17 11.45 -11.62
C VAL A 78 16.44 12.07 -10.44
N GLN A 79 17.00 13.12 -9.85
CA GLN A 79 16.38 13.76 -8.69
C GLN A 79 15.32 14.76 -9.10
N ILE A 80 15.20 14.97 -10.39
CA ILE A 80 14.19 15.89 -10.92
C ILE A 80 12.84 15.19 -11.04
N GLY A 81 12.86 13.86 -11.19
CA GLY A 81 11.63 13.09 -11.28
C GLY A 81 10.97 13.00 -9.91
N PHE A 82 9.63 13.12 -9.86
CA PHE A 82 8.90 13.07 -8.59
C PHE A 82 8.41 11.63 -8.31
N PRO A 83 8.97 10.92 -7.35
CA PRO A 83 8.50 9.53 -7.04
C PRO A 83 7.23 9.60 -6.20
N PRO A 84 6.45 8.54 -6.12
CA PRO A 84 5.20 8.57 -5.33
C PRO A 84 5.51 8.79 -3.85
N LEU A 85 4.70 9.66 -3.21
CA LEU A 85 4.91 9.98 -1.79
C LEU A 85 3.57 10.24 -1.11
N LEU A 86 3.63 10.33 0.22
CA LEU A 86 2.43 10.56 1.02
C LEU A 86 1.82 11.93 0.69
N SER A 87 2.69 12.93 0.50
CA SER A 87 2.22 14.29 0.22
C SER A 87 1.40 14.36 -1.07
N ILE A 88 1.89 13.72 -2.13
CA ILE A 88 1.16 13.72 -3.39
C ILE A 88 -0.13 12.94 -3.21
N VAL A 89 0.02 11.79 -2.59
CA VAL A 89 -1.10 10.89 -2.33
C VAL A 89 -2.08 11.52 -1.34
N SER A 90 -1.56 12.33 -0.43
CA SER A 90 -2.37 12.98 0.59
C SER A 90 -3.49 13.84 -0.01
N ARG A 91 -3.18 14.57 -1.08
CA ARG A 91 -4.19 15.44 -1.70
C ARG A 91 -5.02 14.64 -2.73
N MET A 92 -4.49 13.51 -3.16
CA MET A 92 -5.19 12.68 -4.12
C MET A 92 -6.56 12.32 -3.56
N ASN A 93 -7.59 12.43 -4.40
CA ASN A 93 -8.95 12.12 -3.98
C ASN A 93 -9.08 10.62 -3.74
N GLN A 94 -9.92 10.26 -2.78
CA GLN A 94 -10.16 8.87 -2.47
C GLN A 94 -10.89 8.20 -3.64
N ALA A 95 -11.81 8.97 -4.23
CA ALA A 95 -12.60 8.49 -5.35
C ALA A 95 -11.78 8.26 -6.61
N THR A 96 -10.74 9.07 -6.83
CA THR A 96 -9.93 8.91 -8.04
C THR A 96 -9.25 7.55 -8.12
N VAL A 97 -8.59 7.13 -7.05
CA VAL A 97 -7.91 5.84 -7.05
C VAL A 97 -8.92 4.70 -7.03
N THR A 98 -10.12 4.97 -6.51
CA THR A 98 -11.15 3.94 -6.43
C THR A 98 -11.57 3.47 -7.83
N SER A 99 -11.78 4.41 -8.75
CA SER A 99 -12.18 4.08 -10.11
C SER A 99 -11.05 3.38 -10.85
N VAL A 100 -9.83 3.81 -10.55
CA VAL A 100 -8.64 3.23 -11.17
C VAL A 100 -8.55 1.76 -10.79
N LEU A 101 -9.14 1.41 -9.65
CA LEU A 101 -9.14 0.04 -9.17
C LEU A 101 -9.91 -0.84 -10.15
N GLU A 102 -11.04 -0.31 -10.62
CA GLU A 102 -11.89 -1.05 -11.55
C GLU A 102 -11.20 -1.37 -12.87
N TYR A 103 -10.37 -0.45 -13.36
CA TYR A 103 -9.69 -0.67 -14.64
C TYR A 103 -8.77 -1.89 -14.58
N LEU A 104 -7.93 -1.97 -13.56
CA LEU A 104 -6.97 -3.08 -13.43
C LEU A 104 -7.70 -4.43 -13.38
N SER A 105 -8.78 -4.49 -12.63
CA SER A 105 -9.54 -5.73 -12.48
C SER A 105 -10.09 -6.20 -13.83
N ASN A 106 -10.42 -5.26 -14.69
CA ASN A 106 -11.01 -5.57 -16.00
C ASN A 106 -10.07 -6.42 -16.85
N TRP A 107 -8.78 -6.16 -16.78
CA TRP A 107 -7.81 -6.92 -17.57
C TRP A 107 -7.97 -8.42 -17.34
N PHE A 108 -8.13 -8.82 -16.07
CA PHE A 108 -8.29 -10.24 -15.72
C PHE A 108 -7.33 -11.11 -16.54
N GLY A 109 -7.55 -12.42 -16.51
CA GLY A 109 -6.71 -13.36 -17.25
C GLY A 109 -5.27 -13.37 -16.75
N GLU A 110 -5.08 -12.99 -15.48
CA GLU A 110 -3.74 -12.95 -14.88
C GLU A 110 -3.81 -13.38 -13.42
N ARG A 111 -2.79 -14.12 -12.97
CA ARG A 111 -2.73 -14.58 -11.58
C ARG A 111 -1.91 -13.60 -10.75
N ASP A 112 -2.34 -12.34 -10.72
CA ASP A 112 -1.61 -11.32 -9.96
C ASP A 112 -1.90 -11.44 -8.47
N PHE A 113 -0.85 -11.17 -7.68
CA PHE A 113 -0.91 -11.22 -6.23
C PHE A 113 0.48 -10.91 -5.69
N THR A 114 1.43 -10.78 -6.63
CA THR A 114 2.84 -10.53 -6.31
C THR A 114 3.01 -9.81 -4.96
N PRO A 115 4.05 -10.13 -4.20
CA PRO A 115 4.30 -9.49 -2.88
C PRO A 115 4.82 -8.06 -3.04
N GLU A 116 5.19 -7.74 -4.27
CA GLU A 116 5.67 -6.39 -4.57
C GLU A 116 4.52 -5.40 -4.49
N LEU A 117 3.37 -5.83 -4.99
CA LEU A 117 2.17 -4.99 -4.99
C LEU A 117 1.77 -4.58 -3.57
N GLY A 118 2.11 -5.43 -2.59
CA GLY A 118 1.74 -5.14 -1.21
C GLY A 118 2.28 -3.80 -0.76
N ARG A 119 3.46 -3.43 -1.22
CA ARG A 119 4.04 -2.15 -0.85
C ARG A 119 3.12 -1.03 -1.32
N TRP A 120 2.64 -1.17 -2.55
CA TRP A 120 1.73 -0.20 -3.14
C TRP A 120 0.37 -0.24 -2.46
N LEU A 121 -0.06 -1.44 -2.10
CA LEU A 121 -1.37 -1.64 -1.46
C LEU A 121 -1.56 -0.71 -0.26
N TYR A 122 -0.51 -0.50 0.52
CA TYR A 122 -0.60 0.36 1.70
C TYR A 122 -1.00 1.77 1.31
N ALA A 123 -0.49 2.26 0.19
CA ALA A 123 -0.80 3.61 -0.26
C ALA A 123 -2.29 3.79 -0.55
N LEU A 124 -2.95 2.75 -1.05
CA LEU A 124 -4.37 2.86 -1.38
C LEU A 124 -5.21 3.14 -0.13
N LEU A 125 -4.92 2.44 0.95
CA LEU A 125 -5.67 2.64 2.19
C LEU A 125 -5.47 4.04 2.76
N ALA A 126 -4.24 4.52 2.69
CA ALA A 126 -3.89 5.83 3.21
C ALA A 126 -4.57 6.94 2.41
N CYS A 127 -5.12 6.60 1.24
CA CYS A 127 -5.79 7.58 0.39
C CYS A 127 -7.24 7.79 0.82
N LEU A 128 -7.73 6.89 1.67
CA LEU A 128 -9.11 6.97 2.17
C LEU A 128 -9.14 7.84 3.43
N GLU A 129 -10.11 8.76 3.48
CA GLU A 129 -10.26 9.66 4.63
C GLU A 129 -11.25 9.08 5.64
N LYS A 130 -11.47 9.82 6.73
CA LYS A 130 -12.40 9.36 7.77
C LYS A 130 -13.66 8.75 7.14
N PRO A 131 -14.48 9.53 6.46
CA PRO A 131 -15.73 9.01 5.83
C PRO A 131 -15.42 7.99 4.72
N LEU A 132 -16.26 6.95 4.62
CA LEU A 132 -16.09 5.91 3.60
C LEU A 132 -17.37 5.78 2.77
N LEU A 133 -17.23 6.00 1.47
CA LEU A 133 -18.38 5.91 0.58
C LEU A 133 -18.98 4.50 0.63
N PRO A 134 -20.29 4.32 0.66
CA PRO A 134 -20.90 2.95 0.70
C PRO A 134 -20.26 2.04 -0.36
N GLU A 135 -20.02 2.59 -1.53
CA GLU A 135 -19.43 1.83 -2.63
C GLU A 135 -18.01 1.37 -2.26
N ALA A 136 -17.29 2.21 -1.51
CA ALA A 136 -15.92 1.87 -1.12
C ALA A 136 -15.88 0.60 -0.27
N HIS A 137 -16.86 0.44 0.60
CA HIS A 137 -16.92 -0.75 1.45
C HIS A 137 -17.14 -2.00 0.61
N SER A 138 -17.97 -1.88 -0.41
CA SER A 138 -18.27 -3.01 -1.28
C SER A 138 -17.04 -3.54 -2.02
N LEU A 139 -16.23 -2.65 -2.58
CA LEU A 139 -15.06 -3.05 -3.36
C LEU A 139 -14.00 -3.77 -2.52
N ILE A 140 -13.72 -3.29 -1.32
CA ILE A 140 -12.71 -3.93 -0.48
C ILE A 140 -13.09 -5.38 -0.18
N ARG A 141 -14.40 -5.63 -0.12
CA ARG A 141 -14.89 -6.98 0.13
C ARG A 141 -14.61 -7.90 -1.05
N GLN A 142 -14.72 -7.36 -2.26
CA GLN A 142 -14.51 -8.15 -3.49
C GLN A 142 -13.10 -8.73 -3.58
N LEU A 143 -12.09 -7.90 -3.35
CA LEU A 143 -10.70 -8.35 -3.46
C LEU A 143 -10.31 -9.32 -2.34
N ALA A 144 -10.88 -9.13 -1.16
CA ALA A 144 -10.57 -9.99 -0.03
C ALA A 144 -11.01 -11.44 -0.29
N ARG A 145 -12.13 -11.59 -0.98
CA ARG A 145 -12.66 -12.92 -1.28
C ARG A 145 -11.75 -13.67 -2.25
N ARG A 146 -11.17 -12.95 -3.21
CA ARG A 146 -10.29 -13.57 -4.20
C ARG A 146 -9.06 -14.16 -3.53
N CYS A 147 -8.52 -13.45 -2.56
CA CYS A 147 -7.34 -13.90 -1.84
C CYS A 147 -7.59 -15.28 -1.22
N SER A 148 -8.81 -15.50 -0.76
CA SER A 148 -9.16 -16.79 -0.13
C SER A 148 -9.02 -17.95 -1.12
N GLU A 149 -9.41 -17.74 -2.37
CA GLU A 149 -9.34 -18.78 -3.39
C GLU A 149 -7.90 -19.21 -3.67
N VAL A 150 -6.99 -18.24 -3.67
CA VAL A 150 -5.58 -18.52 -3.93
C VAL A 150 -4.99 -19.44 -2.85
N ARG A 151 -5.35 -19.17 -1.61
CA ARG A 151 -4.86 -19.92 -0.46
C ARG A 151 -5.26 -21.39 -0.52
N LEU A 152 -6.49 -21.68 -0.95
CA LEU A 152 -6.96 -23.06 -1.05
C LEU A 152 -6.10 -23.84 -2.05
N LEU A 153 -5.73 -23.15 -3.13
CA LEU A 153 -4.93 -23.77 -4.19
C LEU A 153 -3.57 -24.25 -3.66
N VAL A 154 -2.97 -23.47 -2.75
CA VAL A 154 -1.66 -23.82 -2.18
C VAL A 154 -1.55 -25.33 -1.96
N ASP A 155 -0.41 -25.88 -2.39
CA ASP A 155 -0.14 -27.31 -2.23
C ASP A 155 0.02 -27.68 -0.76
N SER A 156 0.68 -26.81 0.02
CA SER A 156 0.92 -27.08 1.45
C SER A 156 0.49 -25.91 2.34
N LYS A 157 -0.32 -26.21 3.33
CA LYS A 157 -0.81 -25.20 4.27
C LYS A 157 0.36 -24.59 5.04
N ASP A 158 1.44 -25.36 5.18
CA ASP A 158 2.61 -24.91 5.91
C ASP A 158 3.42 -23.92 5.07
N ASP A 159 2.86 -23.48 3.96
CA ASP A 159 3.55 -22.53 3.09
C ASP A 159 4.14 -21.39 3.92
N GLU A 160 5.34 -20.96 3.55
CA GLU A 160 6.04 -19.89 4.27
C GLU A 160 5.34 -18.54 4.13
N ARG A 161 4.52 -18.39 3.09
CA ARG A 161 3.80 -17.14 2.82
C ARG A 161 2.48 -17.09 3.58
N VAL A 162 1.88 -18.25 3.77
CA VAL A 162 0.59 -18.36 4.44
C VAL A 162 0.52 -17.51 5.73
N PRO A 163 1.49 -17.56 6.62
CA PRO A 163 1.45 -16.76 7.88
C PRO A 163 1.22 -15.27 7.60
N ALA A 164 1.94 -14.74 6.63
CA ALA A 164 1.79 -13.34 6.28
C ALA A 164 0.38 -13.07 5.74
N LEU A 165 -0.11 -14.00 4.93
CA LEU A 165 -1.44 -13.87 4.34
C LEU A 165 -2.54 -13.89 5.41
N ASN A 166 -2.42 -14.79 6.38
CA ASN A 166 -3.45 -14.91 7.40
C ASN A 166 -3.61 -13.62 8.24
N LEU A 167 -2.48 -13.04 8.66
CA LEU A 167 -2.52 -11.82 9.48
C LEU A 167 -3.06 -10.63 8.68
N LEU A 168 -2.70 -10.57 7.41
CA LEU A 168 -3.10 -9.47 6.54
C LEU A 168 -4.62 -9.39 6.41
N ILE A 169 -5.28 -10.54 6.27
CA ILE A 169 -6.73 -10.58 6.15
C ILE A 169 -7.40 -10.02 7.40
N CYS A 170 -6.89 -10.38 8.57
CA CYS A 170 -7.46 -9.92 9.82
C CYS A 170 -7.53 -8.40 9.88
N LEU A 171 -6.56 -7.74 9.30
CA LEU A 171 -6.50 -6.28 9.31
C LEU A 171 -7.74 -5.65 8.66
N VAL A 172 -8.14 -6.17 7.51
CA VAL A 172 -9.30 -5.65 6.78
C VAL A 172 -10.61 -5.82 7.58
N SER A 173 -10.79 -6.99 8.15
CA SER A 173 -12.01 -7.29 8.89
C SER A 173 -12.26 -6.36 10.08
N ARG A 174 -11.19 -5.97 10.77
CA ARG A 174 -11.32 -5.10 11.95
C ARG A 174 -11.38 -3.61 11.58
N TYR A 175 -10.54 -3.19 10.65
CA TYR A 175 -10.50 -1.78 10.28
C TYR A 175 -11.83 -1.31 9.68
N PHE A 176 -12.39 -2.11 8.77
CA PHE A 176 -13.66 -1.78 8.12
C PHE A 176 -14.83 -2.31 8.92
N ASP A 177 -14.53 -3.08 9.96
CA ASP A 177 -15.56 -3.64 10.82
C ASP A 177 -16.47 -4.59 10.04
N GLN A 178 -15.88 -5.33 9.11
CA GLN A 178 -16.65 -6.29 8.30
C GLN A 178 -16.79 -7.61 9.06
N ARG A 179 -17.67 -7.62 10.06
CA ARG A 179 -17.90 -8.81 10.87
C ARG A 179 -18.40 -9.98 10.02
N ASP A 180 -19.06 -9.67 8.91
CA ASP A 180 -19.57 -10.73 8.03
C ASP A 180 -18.41 -11.50 7.45
N LEU A 181 -17.30 -10.81 7.19
CA LEU A 181 -16.11 -11.44 6.61
C LEU A 181 -15.19 -11.94 7.74
N ALA A 182 -15.46 -11.52 8.97
CA ALA A 182 -14.64 -11.93 10.11
C ALA A 182 -15.02 -13.32 10.59
N ASP A 183 -14.00 -14.18 10.71
CA ASP A 183 -14.20 -15.56 11.18
C ASP A 183 -15.55 -16.13 10.73
N GLU A 184 -15.56 -16.73 9.55
CA GLU A 184 -16.78 -17.30 9.01
C GLU A 184 -17.24 -18.47 9.90
N PRO A 185 -18.53 -18.67 10.07
CA PRO A 185 -19.05 -19.78 10.93
C PRO A 185 -18.73 -21.15 10.33
N SER A 186 -18.61 -21.21 9.02
CA SER A 186 -18.30 -22.46 8.34
C SER A 186 -18.05 -22.21 6.86
N LEU A 187 -17.31 -21.15 6.56
CA LEU A 187 -17.00 -20.81 5.18
C LEU A 187 -18.30 -20.56 4.39
N GLU A 188 -19.42 -20.63 5.10
CA GLU A 188 -20.72 -20.42 4.47
C GLU A 188 -20.81 -21.20 3.15
N TYR A 189 -20.11 -22.32 3.07
CA TYR A 189 -20.13 -23.13 1.87
C TYR A 189 -21.57 -23.40 1.44
N GLY B 1 22.01 24.85 23.82
CA GLY B 1 20.71 25.31 23.26
C GLY B 1 20.94 25.86 21.85
N GLN B 2 22.06 25.46 21.24
CA GLN B 2 22.39 25.92 19.90
C GLN B 2 21.36 25.43 18.89
N SER B 3 20.94 24.17 19.03
CA SER B 3 19.96 23.60 18.11
C SER B 3 19.22 22.44 18.78
N ASP B 4 17.97 22.22 18.38
CA ASP B 4 17.17 21.15 18.94
C ASP B 4 16.01 20.81 18.02
N ASP B 5 16.26 20.87 16.72
CA ASP B 5 15.23 20.57 15.72
C ASP B 5 15.05 19.06 15.57
N SER B 6 13.96 18.66 14.93
CA SER B 6 13.68 17.23 14.72
C SER B 6 14.51 16.69 13.56
N ASP B 7 14.62 15.37 13.48
CA ASP B 7 15.38 14.73 12.41
C ASP B 7 14.48 14.37 11.26
N ILE B 8 13.20 14.69 11.40
CA ILE B 8 12.21 14.44 10.35
C ILE B 8 12.58 13.23 9.46
N TRP B 9 13.05 13.54 8.25
CA TRP B 9 13.46 12.55 7.25
C TRP B 9 12.95 11.13 7.55
N ASP B 10 11.62 11.03 7.70
CA ASP B 10 10.97 9.74 7.97
C ASP B 10 9.75 9.60 7.07
N ASP B 11 9.79 10.30 5.94
CA ASP B 11 8.69 10.27 4.97
C ASP B 11 8.56 8.88 4.34
N THR B 12 9.63 8.09 4.46
CA THR B 12 9.64 6.74 3.91
C THR B 12 8.96 5.78 4.88
N ALA B 13 8.31 6.35 5.89
CA ALA B 13 7.64 5.56 6.91
C ALA B 13 6.69 4.55 6.27
N LEU B 14 6.01 4.97 5.22
CA LEU B 14 5.07 4.09 4.54
C LEU B 14 5.80 2.92 3.88
N ILE B 15 6.96 3.21 3.29
CA ILE B 15 7.72 2.17 2.61
C ILE B 15 8.23 1.09 3.57
N LYS B 16 8.74 1.52 4.71
CA LYS B 16 9.25 0.57 5.72
C LYS B 16 8.15 -0.33 6.22
N ALA B 17 6.94 0.21 6.25
CA ALA B 17 5.79 -0.52 6.74
C ALA B 17 5.60 -1.82 5.96
N TYR B 18 6.03 -1.82 4.71
CA TYR B 18 5.92 -3.01 3.86
C TYR B 18 6.71 -4.19 4.44
N ASP B 19 7.96 -3.93 4.82
CA ASP B 19 8.84 -4.98 5.34
C ASP B 19 8.37 -5.58 6.68
N LYS B 20 7.88 -4.73 7.58
CA LYS B 20 7.47 -5.20 8.90
C LYS B 20 6.30 -6.18 8.85
N ALA B 21 5.29 -5.83 8.08
CA ALA B 21 4.09 -6.66 7.97
C ALA B 21 4.41 -7.99 7.29
N VAL B 22 5.20 -7.94 6.23
CA VAL B 22 5.61 -9.15 5.53
C VAL B 22 6.57 -9.96 6.38
N ALA B 23 7.50 -9.25 7.01
CA ALA B 23 8.50 -9.87 7.87
C ALA B 23 7.83 -10.67 8.99
N SER B 24 6.59 -10.31 9.30
CA SER B 24 5.85 -10.98 10.37
C SER B 24 5.81 -12.50 10.17
N PHE B 25 6.91 -13.16 10.52
CA PHE B 25 7.02 -14.60 10.40
C PHE B 25 8.15 -15.12 11.28
N LYS B 26 9.33 -14.57 11.11
CA LYS B 26 10.49 -14.99 11.90
C LYS B 26 10.41 -14.43 13.31
N GLY A 1 2.89 -15.04 25.07
CA GLY A 1 1.94 -14.43 24.10
C GLY A 1 0.65 -15.25 24.04
N TYR A 2 0.60 -16.32 24.83
CA TYR A 2 -0.57 -17.19 24.88
C TYR A 2 -1.81 -16.41 25.32
N SER A 3 -1.68 -15.69 26.43
CA SER A 3 -2.79 -14.89 26.97
C SER A 3 -2.75 -13.45 26.45
N PRO A 4 -1.64 -12.76 26.58
CA PRO A 4 -1.51 -11.36 26.10
C PRO A 4 -1.21 -11.27 24.61
N THR A 5 -1.99 -12.00 23.81
CA THR A 5 -1.78 -11.99 22.37
C THR A 5 -2.21 -10.66 21.77
N LEU A 6 -2.68 -9.76 22.64
CA LEU A 6 -3.13 -8.45 22.19
C LEU A 6 -1.97 -7.68 21.57
N GLN A 7 -0.80 -7.77 22.19
CA GLN A 7 0.37 -7.07 21.69
C GLN A 7 0.62 -7.46 20.23
N TRP A 8 0.49 -8.75 19.95
CA TRP A 8 0.69 -9.24 18.58
C TRP A 8 -0.39 -8.69 17.66
N GLN A 9 -1.62 -8.63 18.15
CA GLN A 9 -2.74 -8.15 17.34
C GLN A 9 -2.57 -6.66 17.02
N GLN A 10 -2.11 -5.90 18.00
CA GLN A 10 -1.93 -4.46 17.80
C GLN A 10 -0.90 -4.15 16.72
N GLN A 11 0.13 -4.97 16.60
CA GLN A 11 1.18 -4.75 15.60
C GLN A 11 0.58 -4.35 14.24
N GLN A 12 -0.52 -4.98 13.85
CA GLN A 12 -1.15 -4.70 12.56
C GLN A 12 -1.80 -3.32 12.55
N VAL A 13 -2.83 -3.18 13.36
CA VAL A 13 -3.58 -1.94 13.46
C VAL A 13 -2.68 -0.80 13.94
N ALA A 14 -1.86 -1.09 14.93
CA ALA A 14 -0.96 -0.08 15.48
C ALA A 14 -0.19 0.65 14.38
N GLN A 15 0.20 -0.09 13.35
CA GLN A 15 0.95 0.49 12.23
C GLN A 15 0.08 1.46 11.42
N PHE A 16 -1.19 1.08 11.23
CA PHE A 16 -2.11 1.91 10.43
C PHE A 16 -2.30 3.29 11.04
N SER A 17 -2.58 3.35 12.33
CA SER A 17 -2.78 4.63 12.99
C SER A 17 -1.50 5.45 12.91
N THR A 18 -0.38 4.75 13.05
CA THR A 18 0.95 5.34 13.01
C THR A 18 1.23 5.99 11.64
N VAL A 19 0.86 5.33 10.56
CA VAL A 19 1.12 5.88 9.22
C VAL A 19 0.49 7.27 9.08
N ARG A 20 -0.74 7.43 9.57
CA ARG A 20 -1.42 8.72 9.47
C ARG A 20 -0.60 9.82 10.17
N GLN A 21 0.03 9.46 11.29
CA GLN A 21 0.83 10.41 12.06
C GLN A 21 2.01 10.92 11.23
N ASN A 22 2.57 10.04 10.41
CA ASN A 22 3.73 10.38 9.58
C ASN A 22 3.39 11.47 8.57
N VAL A 23 2.17 11.43 8.03
CA VAL A 23 1.75 12.41 7.03
C VAL A 23 1.70 13.82 7.62
N ASN A 24 1.17 13.93 8.83
CA ASN A 24 1.02 15.22 9.51
C ASN A 24 2.38 15.89 9.76
N LYS A 25 3.35 15.12 10.20
CA LYS A 25 4.67 15.66 10.50
C LYS A 25 5.34 16.23 9.25
N HIS A 26 5.21 15.49 8.16
CA HIS A 26 5.84 15.87 6.90
C HIS A 26 5.08 16.99 6.19
N ARG A 27 3.92 17.38 6.72
CA ARG A 27 3.15 18.43 6.09
C ARG A 27 3.97 19.71 6.02
N SER A 28 4.65 20.04 7.11
CA SER A 28 5.49 21.23 7.14
C SER A 28 6.66 21.09 6.16
N HIS A 29 7.22 19.89 6.10
CA HIS A 29 8.35 19.61 5.22
C HIS A 29 7.99 19.84 3.75
N TRP A 30 6.89 19.26 3.31
CA TRP A 30 6.48 19.39 1.92
C TRP A 30 6.08 20.84 1.60
N LYS A 31 5.47 21.51 2.56
CA LYS A 31 5.04 22.89 2.38
C LYS A 31 6.23 23.80 2.06
N SER A 32 7.35 23.53 2.73
CA SER A 32 8.54 24.33 2.55
C SER A 32 9.27 23.96 1.26
N GLN A 33 8.78 22.93 0.57
CA GLN A 33 9.39 22.48 -0.70
C GLN A 33 8.61 23.01 -1.89
N GLN A 34 9.27 23.03 -3.06
CA GLN A 34 8.63 23.51 -4.28
C GLN A 34 7.79 22.42 -4.94
N LEU A 35 8.19 21.99 -6.14
CA LEU A 35 7.47 20.95 -6.87
C LEU A 35 7.46 19.64 -6.10
N ASP A 36 8.57 19.28 -5.49
CA ASP A 36 8.63 18.03 -4.76
C ASP A 36 7.47 17.94 -3.78
N SER A 37 6.83 19.07 -3.55
CA SER A 37 5.71 19.12 -2.63
C SER A 37 4.57 18.20 -3.10
N ASN A 38 4.27 18.24 -4.38
CA ASN A 38 3.19 17.42 -4.94
C ASN A 38 3.38 17.29 -6.44
N VAL A 39 4.47 17.89 -6.90
CA VAL A 39 4.85 17.89 -8.30
C VAL A 39 3.63 17.94 -9.23
N THR A 40 3.83 17.60 -10.50
CA THR A 40 2.75 17.61 -11.49
C THR A 40 2.40 16.20 -11.92
N MET A 41 1.10 15.88 -11.91
CA MET A 41 0.61 14.56 -12.31
C MET A 41 -0.14 14.67 -13.64
N PRO A 42 -0.19 13.62 -14.43
CA PRO A 42 -0.92 13.66 -15.74
C PRO A 42 -2.42 13.91 -15.55
N LYS A 43 -3.02 14.63 -16.49
CA LYS A 43 -4.43 14.95 -16.43
C LYS A 43 -5.27 13.74 -16.04
N SER A 44 -6.38 14.00 -15.35
CA SER A 44 -7.28 12.94 -14.92
C SER A 44 -7.85 12.19 -16.12
N GLU A 45 -8.17 12.92 -17.19
CA GLU A 45 -8.73 12.30 -18.38
C GLU A 45 -7.71 11.38 -19.03
N ASP A 46 -6.45 11.52 -18.63
CA ASP A 46 -5.38 10.69 -19.18
C ASP A 46 -5.07 9.53 -18.24
N GLU A 47 -6.02 8.60 -18.16
CA GLU A 47 -5.87 7.45 -17.27
C GLU A 47 -4.61 6.67 -17.61
N GLU A 48 -4.26 6.64 -18.90
CA GLU A 48 -3.06 5.92 -19.34
C GLU A 48 -1.82 6.51 -18.69
N GLY A 49 -1.77 7.84 -18.59
CA GLY A 49 -0.62 8.50 -17.99
C GLY A 49 -0.46 8.13 -16.52
N TRP A 50 -1.58 7.97 -15.83
CA TRP A 50 -1.55 7.61 -14.41
C TRP A 50 -0.96 6.21 -14.22
N LYS A 51 -1.44 5.26 -15.01
CA LYS A 51 -0.95 3.89 -14.92
C LYS A 51 0.52 3.82 -15.30
N LYS A 52 0.86 4.47 -16.40
CA LYS A 52 2.23 4.48 -16.89
C LYS A 52 3.19 5.17 -15.94
N PHE A 53 2.78 6.32 -15.42
CA PHE A 53 3.64 7.08 -14.53
C PHE A 53 3.74 6.44 -13.14
N CYS A 54 2.59 6.17 -12.53
CA CYS A 54 2.59 5.57 -11.19
C CYS A 54 2.79 4.06 -11.22
N LEU A 55 2.07 3.35 -12.10
CA LEU A 55 2.20 1.89 -12.19
C LEU A 55 3.08 1.47 -13.38
N GLY A 56 3.91 2.40 -13.86
CA GLY A 56 4.80 2.12 -15.00
C GLY A 56 5.27 0.66 -15.01
N GLU A 57 5.60 0.16 -16.20
CA GLU A 57 6.06 -1.21 -16.35
C GLU A 57 7.42 -1.43 -15.69
N LYS A 58 7.98 -0.35 -15.14
CA LYS A 58 9.28 -0.45 -14.48
C LYS A 58 9.21 -1.39 -13.29
N LEU A 59 8.14 -1.31 -12.52
CA LEU A 59 7.99 -2.17 -11.36
C LEU A 59 8.00 -3.62 -11.84
N CYS A 60 7.32 -3.87 -12.95
CA CYS A 60 7.28 -5.20 -13.53
C CYS A 60 8.69 -5.60 -13.96
N ALA A 61 9.43 -4.63 -14.50
CA ALA A 61 10.79 -4.87 -14.95
C ALA A 61 11.73 -5.05 -13.77
N ASP A 62 11.23 -4.77 -12.58
CA ASP A 62 12.03 -4.89 -11.35
C ASP A 62 13.05 -3.77 -11.26
N GLY A 63 13.33 -3.15 -12.40
CA GLY A 63 14.30 -2.05 -12.44
C GLY A 63 14.40 -1.49 -13.84
N ALA A 64 15.53 -1.75 -14.50
CA ALA A 64 15.74 -1.26 -15.85
C ALA A 64 16.83 -2.04 -16.56
N VAL A 65 17.12 -3.24 -16.06
CA VAL A 65 18.16 -4.09 -16.67
C VAL A 65 17.54 -5.09 -17.64
N GLY A 66 17.62 -4.80 -18.93
CA GLY A 66 17.06 -5.67 -19.96
C GLY A 66 16.52 -4.85 -21.14
N PRO A 67 15.38 -4.25 -20.97
CA PRO A 67 14.75 -3.41 -22.04
C PRO A 67 15.62 -2.21 -22.41
N ALA A 68 16.44 -1.76 -21.46
CA ALA A 68 17.34 -0.63 -21.68
C ALA A 68 18.54 -0.72 -20.77
N THR A 69 19.67 -0.21 -21.23
CA THR A 69 20.92 -0.24 -20.46
C THR A 69 21.83 0.88 -20.89
N ASN A 70 22.65 0.61 -21.89
CA ASN A 70 23.56 1.63 -22.41
C ASN A 70 22.77 2.78 -22.98
N GLU A 71 21.69 2.44 -23.70
CA GLU A 71 20.82 3.45 -24.29
C GLU A 71 19.82 3.95 -23.27
N SER A 72 20.23 4.91 -22.45
CA SER A 72 19.37 5.50 -21.43
C SER A 72 19.54 7.01 -21.40
N PRO A 73 19.15 7.68 -22.45
CA PRO A 73 19.25 9.17 -22.54
C PRO A 73 18.78 9.83 -21.25
N GLY A 74 19.68 9.95 -20.29
CA GLY A 74 19.37 10.52 -19.00
C GLY A 74 20.54 10.29 -18.06
N ILE A 75 20.24 10.06 -16.78
CA ILE A 75 21.30 9.82 -15.79
C ILE A 75 20.81 8.83 -14.73
N ASP A 76 19.86 9.26 -13.91
CA ASP A 76 19.32 8.40 -12.87
C ASP A 76 17.96 8.89 -12.41
N TYR A 77 17.95 9.99 -11.65
CA TYR A 77 16.71 10.55 -11.15
C TYR A 77 15.80 10.97 -12.32
N VAL A 78 16.41 11.37 -13.41
CA VAL A 78 15.68 11.81 -14.59
C VAL A 78 14.85 10.68 -15.20
N GLN A 79 15.42 9.47 -15.22
CA GLN A 79 14.72 8.31 -15.80
C GLN A 79 13.86 7.62 -14.75
N ILE A 80 13.72 8.28 -13.61
CA ILE A 80 12.89 7.75 -12.50
C ILE A 80 11.70 8.67 -12.26
N GLY A 81 11.81 9.93 -12.65
CA GLY A 81 10.72 10.88 -12.46
C GLY A 81 10.41 11.02 -10.97
N PHE A 82 9.27 11.65 -10.66
CA PHE A 82 8.87 11.83 -9.27
C PHE A 82 8.20 10.55 -8.75
N PRO A 83 8.75 9.84 -7.77
CA PRO A 83 8.10 8.60 -7.26
C PRO A 83 6.91 8.94 -6.37
N PRO A 84 6.01 8.02 -6.16
CA PRO A 84 4.81 8.27 -5.31
C PRO A 84 5.21 8.58 -3.87
N LEU A 85 4.55 9.56 -3.27
CA LEU A 85 4.84 9.97 -1.89
C LEU A 85 3.55 10.31 -1.17
N LEU A 86 3.65 10.48 0.14
CA LEU A 86 2.48 10.81 0.94
C LEU A 86 1.96 12.18 0.53
N SER A 87 2.88 13.11 0.25
CA SER A 87 2.50 14.47 -0.13
C SER A 87 1.70 14.49 -1.43
N ILE A 88 2.17 13.75 -2.43
CA ILE A 88 1.46 13.71 -3.70
C ILE A 88 0.10 13.08 -3.49
N VAL A 89 0.11 11.99 -2.74
CA VAL A 89 -1.10 11.25 -2.45
C VAL A 89 -2.04 12.08 -1.57
N SER A 90 -1.47 12.91 -0.70
CA SER A 90 -2.26 13.73 0.21
C SER A 90 -3.25 14.63 -0.53
N ARG A 91 -2.85 15.16 -1.70
CA ARG A 91 -3.73 16.04 -2.47
C ARG A 91 -4.65 15.21 -3.37
N MET A 92 -4.27 13.95 -3.60
CA MET A 92 -5.07 13.07 -4.43
C MET A 92 -6.39 12.75 -3.73
N ASN A 93 -7.49 12.88 -4.46
CA ASN A 93 -8.80 12.60 -3.90
C ASN A 93 -8.95 11.12 -3.59
N GLN A 94 -9.72 10.81 -2.56
CA GLN A 94 -9.97 9.42 -2.21
C GLN A 94 -10.75 8.74 -3.31
N ALA A 95 -11.69 9.48 -3.89
CA ALA A 95 -12.54 8.99 -4.96
C ALA A 95 -11.77 8.76 -6.27
N THR A 96 -10.72 9.53 -6.52
CA THR A 96 -9.96 9.38 -7.77
C THR A 96 -9.33 7.99 -7.88
N VAL A 97 -8.64 7.56 -6.83
CA VAL A 97 -8.01 6.23 -6.84
C VAL A 97 -9.07 5.14 -6.76
N THR A 98 -10.24 5.48 -6.23
CA THR A 98 -11.32 4.49 -6.11
C THR A 98 -11.71 4.01 -7.51
N SER A 99 -11.84 4.94 -8.44
CA SER A 99 -12.19 4.61 -9.81
C SER A 99 -11.08 3.81 -10.48
N VAL A 100 -9.84 4.14 -10.13
CA VAL A 100 -8.68 3.45 -10.69
C VAL A 100 -8.73 1.97 -10.36
N LEU A 101 -9.39 1.64 -9.26
CA LEU A 101 -9.51 0.25 -8.83
C LEU A 101 -10.32 -0.55 -9.84
N GLU A 102 -11.35 0.09 -10.40
CA GLU A 102 -12.22 -0.59 -11.37
C GLU A 102 -11.42 -1.04 -12.59
N TYR A 103 -10.46 -0.23 -13.00
CA TYR A 103 -9.63 -0.56 -14.16
C TYR A 103 -8.83 -1.85 -13.91
N LEU A 104 -8.19 -1.91 -12.76
CA LEU A 104 -7.35 -3.05 -12.41
C LEU A 104 -8.10 -4.38 -12.51
N SER A 105 -9.33 -4.40 -12.02
CA SER A 105 -10.13 -5.61 -12.04
C SER A 105 -10.60 -5.97 -13.45
N ASN A 106 -10.73 -4.97 -14.31
CA ASN A 106 -11.22 -5.17 -15.67
C ASN A 106 -10.32 -6.11 -16.47
N TRP A 107 -9.00 -5.97 -16.33
CA TRP A 107 -8.10 -6.84 -17.10
C TRP A 107 -8.45 -8.31 -16.89
N PHE A 108 -8.63 -8.71 -15.63
CA PHE A 108 -9.00 -10.09 -15.31
C PHE A 108 -8.18 -11.08 -16.14
N GLY A 109 -8.47 -12.37 -15.96
CA GLY A 109 -7.78 -13.42 -16.69
C GLY A 109 -6.28 -13.41 -16.37
N GLU A 110 -5.93 -12.97 -15.16
CA GLU A 110 -4.53 -12.91 -14.74
C GLU A 110 -4.39 -13.32 -13.28
N ARG A 111 -3.26 -13.95 -12.95
CA ARG A 111 -2.99 -14.40 -11.58
C ARG A 111 -2.12 -13.38 -10.87
N ASP A 112 -2.56 -12.13 -10.86
CA ASP A 112 -1.79 -11.07 -10.21
C ASP A 112 -1.93 -11.14 -8.70
N PHE A 113 -0.84 -10.83 -8.01
CA PHE A 113 -0.79 -10.82 -6.55
C PHE A 113 0.64 -10.47 -6.12
N THR A 114 1.50 -10.33 -7.13
CA THR A 114 2.93 -10.04 -6.95
C THR A 114 3.21 -9.33 -5.61
N PRO A 115 4.34 -9.59 -4.97
CA PRO A 115 4.70 -8.95 -3.67
C PRO A 115 5.11 -7.49 -3.85
N GLU A 116 5.33 -7.12 -5.11
CA GLU A 116 5.70 -5.75 -5.45
C GLU A 116 4.51 -4.84 -5.22
N LEU A 117 3.33 -5.34 -5.56
CA LEU A 117 2.08 -4.61 -5.40
C LEU A 117 1.79 -4.36 -3.92
N GLY A 118 2.30 -5.22 -3.06
CA GLY A 118 2.06 -5.09 -1.63
C GLY A 118 2.52 -3.74 -1.10
N ARG A 119 3.62 -3.21 -1.61
CA ARG A 119 4.06 -1.90 -1.14
C ARG A 119 3.01 -0.86 -1.52
N TRP A 120 2.46 -1.04 -2.72
CA TRP A 120 1.41 -0.17 -3.23
C TRP A 120 0.12 -0.36 -2.44
N LEU A 121 -0.14 -1.60 -2.05
CA LEU A 121 -1.36 -1.96 -1.33
C LEU A 121 -1.53 -1.13 -0.04
N TYR A 122 -0.45 -0.97 0.73
CA TYR A 122 -0.54 -0.22 1.98
C TYR A 122 -0.87 1.25 1.74
N ALA A 123 -0.30 1.82 0.68
CA ALA A 123 -0.53 3.23 0.37
C ALA A 123 -2.00 3.51 0.05
N LEU A 124 -2.67 2.56 -0.58
CA LEU A 124 -4.08 2.73 -0.95
C LEU A 124 -4.97 2.91 0.28
N LEU A 125 -4.75 2.10 1.30
CA LEU A 125 -5.55 2.19 2.51
C LEU A 125 -5.35 3.54 3.20
N ALA A 126 -4.10 4.00 3.18
CA ALA A 126 -3.77 5.27 3.81
C ALA A 126 -4.48 6.43 3.12
N CYS A 127 -4.94 6.19 1.90
CA CYS A 127 -5.63 7.22 1.13
C CYS A 127 -7.11 7.31 1.52
N LEU A 128 -7.60 6.28 2.21
CA LEU A 128 -9.00 6.24 2.66
C LEU A 128 -9.09 6.71 4.11
N GLU A 129 -9.89 7.75 4.33
CA GLU A 129 -10.08 8.33 5.67
C GLU A 129 -11.46 8.99 5.76
N LYS A 130 -11.79 9.51 6.94
CA LYS A 130 -13.08 10.16 7.15
C LYS A 130 -14.19 9.25 6.60
N PRO A 131 -15.43 9.70 6.61
CA PRO A 131 -16.56 8.87 6.08
C PRO A 131 -16.34 8.55 4.60
N LEU A 132 -16.71 7.34 4.20
CA LEU A 132 -16.53 6.89 2.81
C LEU A 132 -17.86 6.43 2.21
N LEU A 133 -18.00 6.64 0.90
CA LEU A 133 -19.23 6.27 0.20
C LEU A 133 -19.51 4.77 0.40
N PRO A 134 -20.76 4.35 0.37
CA PRO A 134 -21.13 2.91 0.55
C PRO A 134 -20.47 2.03 -0.51
N GLU A 135 -20.27 2.60 -1.70
CA GLU A 135 -19.66 1.87 -2.80
C GLU A 135 -18.23 1.44 -2.45
N ALA A 136 -17.50 2.31 -1.75
CA ALA A 136 -16.12 2.01 -1.37
C ALA A 136 -16.06 0.78 -0.46
N HIS A 137 -17.03 0.65 0.42
CA HIS A 137 -17.08 -0.49 1.35
C HIS A 137 -17.31 -1.79 0.58
N SER A 138 -18.18 -1.72 -0.42
CA SER A 138 -18.51 -2.90 -1.21
C SER A 138 -17.29 -3.44 -1.98
N LEU A 139 -16.53 -2.55 -2.60
CA LEU A 139 -15.37 -2.95 -3.41
C LEU A 139 -14.28 -3.63 -2.59
N ILE A 140 -13.95 -3.10 -1.42
CA ILE A 140 -12.91 -3.71 -0.59
C ILE A 140 -13.26 -5.15 -0.26
N ARG A 141 -14.54 -5.43 -0.18
CA ARG A 141 -15.01 -6.78 0.12
C ARG A 141 -14.73 -7.72 -1.06
N GLN A 142 -14.88 -7.21 -2.28
CA GLN A 142 -14.69 -8.01 -3.50
C GLN A 142 -13.27 -8.53 -3.64
N LEU A 143 -12.28 -7.67 -3.47
CA LEU A 143 -10.89 -8.07 -3.62
C LEU A 143 -10.45 -9.05 -2.53
N ALA A 144 -10.95 -8.85 -1.32
CA ALA A 144 -10.58 -9.72 -0.21
C ALA A 144 -11.02 -11.16 -0.46
N ARG A 145 -12.17 -11.32 -1.09
CA ARG A 145 -12.71 -12.64 -1.39
C ARG A 145 -11.80 -13.41 -2.34
N ARG A 146 -11.27 -12.70 -3.33
CA ARG A 146 -10.39 -13.32 -4.32
C ARG A 146 -9.13 -13.88 -3.68
N CYS A 147 -8.57 -13.12 -2.74
CA CYS A 147 -7.36 -13.55 -2.04
C CYS A 147 -7.57 -14.94 -1.43
N SER A 148 -8.77 -15.19 -0.91
CA SER A 148 -9.08 -16.48 -0.30
C SER A 148 -8.93 -17.62 -1.30
N GLU A 149 -9.33 -17.40 -2.55
CA GLU A 149 -9.26 -18.43 -3.59
C GLU A 149 -7.82 -18.84 -3.88
N VAL A 150 -6.91 -17.86 -3.90
CA VAL A 150 -5.51 -18.12 -4.19
C VAL A 150 -4.89 -19.03 -3.13
N ARG A 151 -5.22 -18.76 -1.87
CA ARG A 151 -4.69 -19.49 -0.74
C ARG A 151 -5.07 -20.98 -0.76
N LEU A 152 -6.30 -21.29 -1.14
CA LEU A 152 -6.74 -22.68 -1.21
C LEU A 152 -5.95 -23.44 -2.29
N LEU A 153 -5.68 -22.75 -3.38
CA LEU A 153 -4.94 -23.35 -4.50
C LEU A 153 -3.53 -23.76 -4.08
N VAL A 154 -2.88 -22.92 -3.27
CA VAL A 154 -1.52 -23.20 -2.81
C VAL A 154 -1.36 -24.69 -2.45
N ASP A 155 -0.20 -25.24 -2.80
CA ASP A 155 0.08 -26.65 -2.54
C ASP A 155 0.27 -26.92 -1.05
N SER A 156 0.88 -25.97 -0.33
CA SER A 156 1.14 -26.14 1.11
C SER A 156 0.97 -24.83 1.88
N LYS A 157 0.34 -24.93 3.04
CA LYS A 157 0.11 -23.77 3.91
C LYS A 157 1.41 -23.19 4.42
N ASP A 158 2.47 -23.99 4.40
CA ASP A 158 3.77 -23.55 4.88
C ASP A 158 4.47 -22.67 3.84
N ASP A 159 3.73 -22.28 2.80
CA ASP A 159 4.28 -21.43 1.75
C ASP A 159 5.07 -20.25 2.34
N GLU A 160 4.93 -20.04 3.65
CA GLU A 160 5.63 -18.95 4.35
C GLU A 160 5.12 -17.59 3.93
N ARG A 161 4.57 -17.50 2.72
CA ARG A 161 4.02 -16.24 2.22
C ARG A 161 2.55 -16.15 2.61
N VAL A 162 1.92 -17.31 2.65
CA VAL A 162 0.52 -17.43 3.02
C VAL A 162 0.24 -16.78 4.39
N PRO A 163 0.87 -17.22 5.47
CA PRO A 163 0.59 -16.62 6.81
C PRO A 163 0.81 -15.11 6.83
N ALA A 164 1.90 -14.65 6.23
CA ALA A 164 2.18 -13.21 6.18
C ALA A 164 1.06 -12.47 5.47
N LEU A 165 0.67 -12.98 4.30
CA LEU A 165 -0.40 -12.37 3.52
C LEU A 165 -1.71 -12.41 4.28
N ASN A 166 -1.98 -13.53 4.94
CA ASN A 166 -3.21 -13.69 5.69
C ASN A 166 -3.32 -12.68 6.84
N LEU A 167 -2.17 -12.27 7.37
CA LEU A 167 -2.14 -11.36 8.51
C LEU A 167 -2.82 -10.01 8.20
N LEU A 168 -2.54 -9.41 7.05
CA LEU A 168 -3.15 -8.11 6.74
C LEU A 168 -4.67 -8.20 6.56
N ILE A 169 -5.21 -9.41 6.58
CA ILE A 169 -6.66 -9.58 6.42
C ILE A 169 -7.38 -8.92 7.61
N CYS A 170 -6.83 -9.16 8.79
CA CYS A 170 -7.40 -8.61 10.01
C CYS A 170 -7.46 -7.08 9.96
N LEU A 171 -6.50 -6.48 9.27
CA LEU A 171 -6.44 -5.02 9.19
C LEU A 171 -7.69 -4.44 8.51
N VAL A 172 -8.10 -5.05 7.40
CA VAL A 172 -9.26 -4.58 6.65
C VAL A 172 -10.56 -4.68 7.47
N SER A 173 -10.76 -5.81 8.12
CA SER A 173 -11.98 -6.03 8.91
C SER A 173 -12.18 -5.03 10.05
N ARG A 174 -11.11 -4.72 10.78
CA ARG A 174 -11.19 -3.81 11.90
C ARG A 174 -11.30 -2.36 11.46
N TYR A 175 -10.49 -1.96 10.48
CA TYR A 175 -10.52 -0.58 10.04
C TYR A 175 -11.87 -0.22 9.43
N PHE A 176 -12.39 -1.08 8.57
CA PHE A 176 -13.67 -0.85 7.92
C PHE A 176 -14.81 -1.38 8.80
N ASP A 177 -14.43 -2.05 9.88
CA ASP A 177 -15.41 -2.61 10.80
C ASP A 177 -16.28 -3.66 10.12
N GLN A 178 -15.69 -4.38 9.18
CA GLN A 178 -16.41 -5.44 8.47
C GLN A 178 -16.24 -6.75 9.22
N ARG A 179 -17.02 -6.92 10.29
CA ARG A 179 -16.93 -8.13 11.11
C ARG A 179 -17.40 -9.36 10.34
N ASP A 180 -18.10 -9.15 9.23
CA ASP A 180 -18.60 -10.26 8.44
C ASP A 180 -17.44 -11.05 7.84
N LEU A 181 -16.35 -10.35 7.51
CA LEU A 181 -15.16 -10.99 6.92
C LEU A 181 -14.10 -11.26 7.98
N ALA A 182 -14.40 -10.93 9.22
CA ALA A 182 -13.45 -11.15 10.30
C ALA A 182 -13.18 -12.65 10.48
N ASP A 183 -11.94 -12.98 10.80
CA ASP A 183 -11.56 -14.38 10.98
C ASP A 183 -11.94 -14.86 12.38
N GLU A 184 -13.20 -15.23 12.55
CA GLU A 184 -13.68 -15.73 13.85
C GLU A 184 -13.29 -17.20 14.02
N PRO A 185 -13.01 -17.65 15.23
CA PRO A 185 -12.62 -19.08 15.48
C PRO A 185 -13.77 -20.03 15.19
N SER A 186 -14.99 -19.54 15.40
CA SER A 186 -16.18 -20.34 15.17
C SER A 186 -17.43 -19.49 15.37
N LEU A 187 -17.27 -18.16 15.28
CA LEU A 187 -18.38 -17.21 15.45
C LEU A 187 -18.83 -17.18 16.89
N GLU A 188 -19.10 -18.37 17.43
CA GLU A 188 -19.51 -18.48 18.82
C GLU A 188 -18.40 -17.95 19.71
N TYR A 189 -17.29 -17.57 19.07
CA TYR A 189 -16.15 -17.04 19.81
C TYR A 189 -15.72 -18.04 20.89
N GLY B 1 26.28 27.13 5.65
CA GLY B 1 25.20 27.34 6.66
C GLY B 1 23.87 27.56 5.94
N GLN B 2 23.80 27.16 4.68
CA GLN B 2 22.57 27.33 3.91
C GLN B 2 21.53 26.29 4.32
N SER B 3 20.28 26.72 4.44
CA SER B 3 19.20 25.80 4.83
C SER B 3 19.02 24.72 3.77
N ASP B 4 18.78 23.49 4.24
CA ASP B 4 18.57 22.36 3.34
C ASP B 4 18.09 21.14 4.10
N ASP B 5 17.04 21.32 4.89
CA ASP B 5 16.48 20.22 5.67
C ASP B 5 15.87 19.17 4.75
N SER B 6 16.08 17.90 5.09
CA SER B 6 15.54 16.79 4.30
C SER B 6 15.63 15.48 5.08
N ASP B 7 16.44 15.48 6.13
CA ASP B 7 16.61 14.29 6.96
C ASP B 7 15.62 14.30 8.11
N ILE B 8 14.81 15.36 8.16
CA ILE B 8 13.82 15.46 9.20
C ILE B 8 12.79 14.34 9.06
N TRP B 9 12.88 13.36 9.96
CA TRP B 9 11.98 12.21 9.93
C TRP B 9 11.81 11.70 8.49
N ASP B 10 12.58 10.67 8.14
CA ASP B 10 12.52 10.11 6.78
C ASP B 10 11.08 9.96 6.32
N ASP B 11 10.82 10.43 5.11
CA ASP B 11 9.49 10.35 4.51
C ASP B 11 9.18 8.92 4.07
N THR B 12 10.21 8.09 4.03
CA THR B 12 10.05 6.69 3.62
C THR B 12 9.45 5.87 4.74
N ALA B 13 8.95 6.58 5.76
CA ALA B 13 8.35 5.93 6.91
C ALA B 13 7.34 4.89 6.47
N LEU B 14 6.53 5.23 5.47
CA LEU B 14 5.52 4.31 4.96
C LEU B 14 6.18 3.11 4.28
N ILE B 15 7.25 3.35 3.54
CA ILE B 15 7.94 2.27 2.83
C ILE B 15 8.54 1.26 3.81
N LYS B 16 9.17 1.74 4.87
CA LYS B 16 9.77 0.85 5.86
C LYS B 16 8.71 -0.04 6.49
N ALA B 17 7.52 0.53 6.65
CA ALA B 17 6.41 -0.16 7.25
C ALA B 17 6.10 -1.46 6.50
N TYR B 18 6.39 -1.47 5.20
CA TYR B 18 6.15 -2.66 4.39
C TYR B 18 6.98 -3.84 4.89
N ASP B 19 8.25 -3.60 5.15
CA ASP B 19 9.16 -4.66 5.59
C ASP B 19 8.75 -5.24 6.95
N LYS B 20 8.27 -4.39 7.86
CA LYS B 20 7.91 -4.86 9.18
C LYS B 20 6.76 -5.87 9.15
N ALA B 21 5.73 -5.58 8.35
CA ALA B 21 4.59 -6.48 8.26
C ALA B 21 5.01 -7.84 7.72
N VAL B 22 5.85 -7.84 6.70
CA VAL B 22 6.35 -9.08 6.11
C VAL B 22 7.36 -9.74 7.04
N ALA B 23 8.06 -8.93 7.82
CA ALA B 23 9.08 -9.43 8.74
C ALA B 23 8.47 -10.37 9.77
N SER B 24 7.20 -10.17 10.08
CA SER B 24 6.51 -10.99 11.07
C SER B 24 6.55 -12.47 10.68
N PHE B 25 7.16 -12.77 9.53
CA PHE B 25 7.24 -14.16 9.05
C PHE B 25 8.51 -14.37 8.24
N LYS B 26 9.13 -13.29 7.79
CA LYS B 26 10.35 -13.38 7.00
C LYS B 26 10.11 -14.26 5.77
N GLY A 1 -0.29 -20.46 25.87
CA GLY A 1 -1.54 -19.88 26.44
C GLY A 1 -1.91 -18.63 25.66
N TYR A 2 -3.21 -18.47 25.39
CA TYR A 2 -3.69 -17.31 24.66
C TYR A 2 -3.75 -16.08 25.58
N SER A 3 -2.97 -15.06 25.24
CA SER A 3 -2.95 -13.84 26.05
C SER A 3 -1.82 -12.91 25.57
N PRO A 4 -0.58 -13.31 25.69
CA PRO A 4 0.58 -12.46 25.27
C PRO A 4 0.60 -12.25 23.75
N THR A 5 -0.10 -13.11 23.02
CA THR A 5 -0.16 -13.01 21.57
C THR A 5 -0.78 -11.69 21.12
N LEU A 6 -1.26 -10.91 22.08
CA LEU A 6 -1.87 -9.62 21.77
C LEU A 6 -0.84 -8.69 21.13
N GLN A 7 0.36 -8.69 21.68
CA GLN A 7 1.42 -7.82 21.16
C GLN A 7 1.61 -8.05 19.66
N TRP A 8 1.66 -9.31 19.26
CA TRP A 8 1.84 -9.64 17.85
C TRP A 8 0.64 -9.20 17.01
N GLN A 9 -0.56 -9.37 17.54
CA GLN A 9 -1.77 -9.00 16.82
C GLN A 9 -1.85 -7.48 16.59
N GLN A 10 -1.42 -6.72 17.58
CA GLN A 10 -1.47 -5.25 17.50
C GLN A 10 -0.55 -4.71 16.42
N GLN A 11 0.61 -5.34 16.24
CA GLN A 11 1.56 -4.88 15.23
C GLN A 11 0.87 -4.50 13.92
N GLN A 12 -0.13 -5.28 13.53
CA GLN A 12 -0.84 -5.04 12.27
C GLN A 12 -1.62 -3.73 12.31
N VAL A 13 -2.70 -3.71 13.08
CA VAL A 13 -3.55 -2.52 13.18
C VAL A 13 -2.80 -1.35 13.80
N ALA A 14 -1.98 -1.63 14.80
CA ALA A 14 -1.24 -0.58 15.49
C ALA A 14 -0.41 0.26 14.52
N GLN A 15 0.18 -0.40 13.53
CA GLN A 15 1.02 0.29 12.56
C GLN A 15 0.22 1.33 11.76
N PHE A 16 -1.02 0.98 11.43
CA PHE A 16 -1.88 1.86 10.64
C PHE A 16 -2.06 3.22 11.32
N SER A 17 -2.37 3.20 12.61
CA SER A 17 -2.57 4.46 13.34
C SER A 17 -1.28 5.26 13.33
N THR A 18 -0.17 4.54 13.49
CA THR A 18 1.16 5.14 13.50
C THR A 18 1.47 5.82 12.16
N VAL A 19 1.11 5.16 11.06
CA VAL A 19 1.39 5.71 9.73
C VAL A 19 0.76 7.10 9.57
N ARG A 20 -0.46 7.26 10.05
CA ARG A 20 -1.16 8.55 9.93
C ARG A 20 -0.35 9.66 10.60
N GLN A 21 0.29 9.32 11.72
CA GLN A 21 1.09 10.30 12.46
C GLN A 21 2.27 10.80 11.62
N ASN A 22 2.84 9.90 10.83
CA ASN A 22 4.01 10.23 10.00
C ASN A 22 3.68 11.29 8.96
N VAL A 23 2.49 11.19 8.37
CA VAL A 23 2.08 12.14 7.34
C VAL A 23 1.97 13.55 7.93
N ASN A 24 1.41 13.65 9.12
CA ASN A 24 1.22 14.94 9.76
C ASN A 24 2.55 15.68 10.00
N LYS A 25 3.57 14.94 10.41
CA LYS A 25 4.87 15.55 10.70
C LYS A 25 5.50 16.18 9.45
N HIS A 26 5.45 15.45 8.33
CA HIS A 26 6.05 15.93 7.08
C HIS A 26 5.10 16.86 6.33
N ARG A 27 3.89 17.05 6.85
CA ARG A 27 2.92 17.92 6.19
C ARG A 27 3.45 19.34 6.10
N SER A 28 4.02 19.84 7.19
CA SER A 28 4.55 21.19 7.21
C SER A 28 5.78 21.30 6.31
N HIS A 29 6.61 20.28 6.33
CA HIS A 29 7.84 20.26 5.53
C HIS A 29 7.51 20.32 4.02
N TRP A 30 6.54 19.54 3.57
CA TRP A 30 6.16 19.55 2.16
C TRP A 30 5.64 20.93 1.75
N LYS A 31 4.94 21.57 2.67
CA LYS A 31 4.35 22.88 2.42
C LYS A 31 5.42 23.92 2.07
N SER A 32 6.56 23.82 2.74
CA SER A 32 7.64 24.77 2.52
C SER A 32 8.39 24.49 1.22
N GLN A 33 8.01 23.42 0.51
CA GLN A 33 8.66 23.08 -0.75
C GLN A 33 7.91 23.69 -1.93
N GLN A 34 8.60 23.77 -3.07
CA GLN A 34 8.00 24.34 -4.28
C GLN A 34 7.13 23.30 -4.99
N LEU A 35 7.48 22.98 -6.24
CA LEU A 35 6.72 22.01 -7.02
C LEU A 35 6.85 20.61 -6.44
N ASP A 36 7.91 20.37 -5.70
CA ASP A 36 8.12 19.05 -5.11
C ASP A 36 7.00 18.74 -4.12
N SER A 37 6.26 19.78 -3.75
CA SER A 37 5.17 19.63 -2.80
C SER A 37 4.11 18.65 -3.32
N ASN A 38 3.81 18.71 -4.61
CA ASN A 38 2.80 17.82 -5.19
C ASN A 38 3.08 17.66 -6.67
N VAL A 39 4.07 18.40 -7.13
CA VAL A 39 4.48 18.36 -8.53
C VAL A 39 3.28 18.34 -9.47
N THR A 40 3.55 18.12 -10.77
CA THR A 40 2.50 18.05 -11.79
C THR A 40 2.39 16.63 -12.34
N MET A 41 1.17 16.09 -12.35
CA MET A 41 0.91 14.73 -12.84
C MET A 41 0.07 14.79 -14.13
N PRO A 42 -0.04 13.71 -14.89
CA PRO A 42 -0.84 13.75 -16.16
C PRO A 42 -2.33 14.06 -15.92
N LYS A 43 -2.90 14.86 -16.80
CA LYS A 43 -4.31 15.24 -16.68
C LYS A 43 -5.19 14.04 -16.38
N SER A 44 -6.35 14.32 -15.78
CA SER A 44 -7.31 13.28 -15.41
C SER A 44 -7.81 12.53 -16.64
N GLU A 45 -8.03 13.25 -17.73
CA GLU A 45 -8.55 12.63 -18.94
C GLU A 45 -7.53 11.65 -19.53
N ASP A 46 -6.28 11.70 -19.04
CA ASP A 46 -5.23 10.81 -19.54
C ASP A 46 -5.08 9.60 -18.62
N GLU A 47 -6.13 8.79 -18.55
CA GLU A 47 -6.12 7.61 -17.70
C GLU A 47 -4.87 6.76 -17.92
N GLU A 48 -4.45 6.64 -19.17
CA GLU A 48 -3.27 5.86 -19.50
C GLU A 48 -2.02 6.49 -18.90
N GLY A 49 -1.98 7.81 -18.88
CA GLY A 49 -0.84 8.53 -18.33
C GLY A 49 -0.67 8.28 -16.84
N TRP A 50 -1.78 8.17 -16.12
CA TRP A 50 -1.74 7.94 -14.67
C TRP A 50 -1.11 6.59 -14.35
N LYS A 51 -1.53 5.55 -15.05
CA LYS A 51 -0.99 4.21 -14.82
C LYS A 51 0.49 4.18 -15.15
N LYS A 52 0.84 4.78 -16.29
CA LYS A 52 2.23 4.81 -16.75
C LYS A 52 3.13 5.60 -15.81
N PHE A 53 2.65 6.75 -15.37
CA PHE A 53 3.46 7.62 -14.50
C PHE A 53 3.55 7.09 -13.07
N CYS A 54 2.42 6.75 -12.47
CA CYS A 54 2.39 6.29 -11.08
C CYS A 54 2.85 4.84 -10.89
N LEU A 55 2.36 3.91 -11.73
CA LEU A 55 2.72 2.49 -11.58
C LEU A 55 3.88 2.08 -12.50
N GLY A 56 4.40 3.04 -13.26
CA GLY A 56 5.52 2.74 -14.15
C GLY A 56 5.23 1.57 -15.07
N GLU A 57 6.26 0.76 -15.33
CA GLU A 57 6.12 -0.41 -16.20
C GLU A 57 7.40 -1.24 -16.15
N LYS A 58 8.50 -0.58 -15.81
CA LYS A 58 9.80 -1.24 -15.72
C LYS A 58 9.77 -2.33 -14.66
N LEU A 59 9.06 -2.06 -13.58
CA LEU A 59 8.97 -3.04 -12.50
C LEU A 59 8.37 -4.33 -13.06
N CYS A 60 7.35 -4.17 -13.89
CA CYS A 60 6.70 -5.31 -14.52
C CYS A 60 7.65 -5.98 -15.51
N ALA A 61 8.40 -5.17 -16.26
CA ALA A 61 9.33 -5.70 -17.25
C ALA A 61 10.43 -6.54 -16.59
N ASP A 62 10.96 -6.05 -15.47
CA ASP A 62 12.01 -6.78 -14.77
C ASP A 62 12.33 -6.13 -13.42
N GLY A 63 12.65 -4.85 -13.45
CA GLY A 63 12.98 -4.12 -12.22
C GLY A 63 14.42 -4.39 -11.80
N ALA A 64 15.24 -4.77 -12.77
CA ALA A 64 16.64 -5.07 -12.49
C ALA A 64 17.39 -3.80 -12.08
N VAL A 65 16.74 -2.65 -12.21
CA VAL A 65 17.37 -1.38 -11.84
C VAL A 65 17.62 -1.34 -10.33
N GLY A 66 18.88 -1.58 -9.95
CA GLY A 66 19.25 -1.57 -8.54
C GLY A 66 20.75 -1.35 -8.38
N PRO A 67 21.52 -2.33 -8.77
CA PRO A 67 23.02 -2.26 -8.66
C PRO A 67 23.61 -1.26 -9.65
N ALA A 68 23.02 -0.07 -9.71
CA ALA A 68 23.49 0.98 -10.61
C ALA A 68 23.55 0.48 -12.05
N THR A 69 22.49 -0.19 -12.48
CA THR A 69 22.41 -0.72 -13.84
C THR A 69 22.45 0.43 -14.85
N ASN A 70 21.69 1.47 -14.56
CA ASN A 70 21.62 2.65 -15.43
C ASN A 70 22.99 3.32 -15.53
N GLU A 71 23.74 3.29 -14.44
CA GLU A 71 25.07 3.89 -14.39
C GLU A 71 24.99 5.40 -14.65
N SER A 72 23.92 6.01 -14.17
CA SER A 72 23.74 7.46 -14.32
C SER A 72 24.14 7.92 -15.73
N PRO A 73 23.29 7.70 -16.70
CA PRO A 73 23.57 8.12 -18.10
C PRO A 73 23.92 9.60 -18.20
N GLY A 74 23.23 10.41 -17.39
CA GLY A 74 23.46 11.86 -17.37
C GLY A 74 23.44 12.36 -15.93
N ILE A 75 22.33 12.07 -15.22
CA ILE A 75 22.18 12.47 -13.82
C ILE A 75 21.70 11.28 -12.99
N ASP A 76 20.39 11.25 -12.67
CA ASP A 76 19.82 10.15 -11.89
C ASP A 76 18.33 10.41 -11.64
N TYR A 77 18.04 11.47 -10.91
CA TYR A 77 16.66 11.84 -10.57
C TYR A 77 15.86 12.19 -11.83
N VAL A 78 16.54 12.72 -12.83
CA VAL A 78 15.87 13.11 -14.07
C VAL A 78 15.24 11.92 -14.78
N GLN A 79 15.95 10.79 -14.80
CA GLN A 79 15.45 9.59 -15.47
C GLN A 79 14.58 8.77 -14.54
N ILE A 80 14.21 9.36 -13.40
CA ILE A 80 13.36 8.70 -12.41
C ILE A 80 12.04 9.45 -12.25
N GLY A 81 12.05 10.75 -12.57
CA GLY A 81 10.85 11.56 -12.46
C GLY A 81 10.44 11.70 -11.00
N PHE A 82 9.24 12.23 -10.76
CA PHE A 82 8.75 12.39 -9.39
C PHE A 82 8.13 11.07 -8.89
N PRO A 83 8.70 10.42 -7.89
CA PRO A 83 8.11 9.14 -7.39
C PRO A 83 6.89 9.40 -6.52
N PRO A 84 6.04 8.43 -6.32
CA PRO A 84 4.82 8.60 -5.48
C PRO A 84 5.17 8.86 -4.02
N LEU A 85 4.44 9.79 -3.39
CA LEU A 85 4.68 10.14 -1.99
C LEU A 85 3.37 10.49 -1.30
N LEU A 86 3.44 10.67 0.00
CA LEU A 86 2.25 11.01 0.78
C LEU A 86 1.70 12.37 0.35
N SER A 87 2.60 13.32 0.09
CA SER A 87 2.19 14.67 -0.28
C SER A 87 1.39 14.69 -1.59
N ILE A 88 1.86 13.96 -2.61
CA ILE A 88 1.15 13.92 -3.88
C ILE A 88 -0.19 13.22 -3.69
N VAL A 89 -0.14 12.13 -2.95
CA VAL A 89 -1.31 11.32 -2.68
C VAL A 89 -2.31 12.09 -1.83
N SER A 90 -1.80 12.83 -0.85
CA SER A 90 -2.66 13.62 0.03
C SER A 90 -3.53 14.58 -0.77
N ARG A 91 -3.07 14.93 -1.97
CA ARG A 91 -3.83 15.83 -2.85
C ARG A 91 -4.82 15.04 -3.69
N MET A 92 -4.54 13.75 -3.83
CA MET A 92 -5.40 12.86 -4.62
C MET A 92 -6.73 12.63 -3.89
N ASN A 93 -7.82 12.60 -4.65
CA ASN A 93 -9.13 12.37 -4.08
C ASN A 93 -9.34 10.89 -3.81
N GLN A 94 -10.18 10.59 -2.82
CA GLN A 94 -10.46 9.21 -2.47
C GLN A 94 -11.16 8.50 -3.63
N ALA A 95 -12.08 9.21 -4.25
CA ALA A 95 -12.85 8.68 -5.37
C ALA A 95 -11.99 8.42 -6.61
N THR A 96 -10.97 9.24 -6.82
CA THR A 96 -10.13 9.07 -8.01
C THR A 96 -9.43 7.72 -8.03
N VAL A 97 -8.76 7.35 -6.95
CA VAL A 97 -8.07 6.07 -6.90
C VAL A 97 -9.06 4.91 -6.85
N THR A 98 -10.27 5.19 -6.35
CA THR A 98 -11.29 4.16 -6.26
C THR A 98 -11.63 3.60 -7.64
N SER A 99 -11.81 4.50 -8.60
CA SER A 99 -12.12 4.09 -9.97
C SER A 99 -10.94 3.31 -10.55
N VAL A 100 -9.74 3.77 -10.23
CA VAL A 100 -8.51 3.14 -10.70
C VAL A 100 -8.41 1.70 -10.22
N LEU A 101 -9.17 1.38 -9.17
CA LEU A 101 -9.14 0.03 -8.61
C LEU A 101 -9.68 -0.99 -9.61
N GLU A 102 -10.79 -0.68 -10.27
CA GLU A 102 -11.41 -1.61 -11.21
C GLU A 102 -10.61 -1.81 -12.50
N TYR A 103 -10.15 -0.73 -13.11
CA TYR A 103 -9.41 -0.83 -14.37
C TYR A 103 -8.11 -1.62 -14.20
N LEU A 104 -7.33 -1.23 -13.20
CA LEU A 104 -6.03 -1.85 -12.96
C LEU A 104 -6.14 -3.35 -12.67
N SER A 105 -7.13 -3.75 -11.88
CA SER A 105 -7.29 -5.17 -11.52
C SER A 105 -7.47 -6.06 -12.76
N ASN A 106 -8.33 -5.64 -13.67
CA ASN A 106 -8.59 -6.43 -14.87
C ASN A 106 -7.36 -6.52 -15.78
N TRP A 107 -6.61 -5.43 -15.86
CA TRP A 107 -5.42 -5.36 -16.71
C TRP A 107 -4.38 -6.42 -16.34
N PHE A 108 -4.22 -6.68 -15.04
CA PHE A 108 -3.22 -7.64 -14.59
C PHE A 108 -1.84 -7.20 -15.05
N GLY A 109 -1.34 -7.82 -16.09
CA GLY A 109 -0.03 -7.45 -16.62
C GLY A 109 1.09 -7.83 -15.65
N GLU A 110 0.93 -8.98 -14.99
CA GLU A 110 1.93 -9.44 -14.05
C GLU A 110 1.57 -10.87 -13.63
N ARG A 111 1.66 -11.16 -12.33
CA ARG A 111 1.31 -12.48 -11.80
C ARG A 111 0.19 -12.35 -10.79
N ASP A 112 0.19 -13.23 -9.79
CA ASP A 112 -0.84 -13.23 -8.73
C ASP A 112 -0.19 -12.92 -7.38
N PHE A 113 -0.95 -12.31 -6.48
CA PHE A 113 -0.45 -11.94 -5.15
C PHE A 113 0.92 -11.30 -5.26
N THR A 114 1.27 -10.89 -6.48
CA THR A 114 2.55 -10.25 -6.75
C THR A 114 3.03 -9.40 -5.54
N PRO A 115 4.25 -9.59 -5.05
CA PRO A 115 4.74 -8.83 -3.84
C PRO A 115 5.04 -7.35 -4.13
N GLU A 116 5.20 -7.00 -5.40
CA GLU A 116 5.49 -5.61 -5.76
C GLU A 116 4.27 -4.73 -5.47
N LEU A 117 3.10 -5.27 -5.79
CA LEU A 117 1.84 -4.55 -5.59
C LEU A 117 1.56 -4.32 -4.11
N GLY A 118 2.07 -5.19 -3.24
CA GLY A 118 1.83 -5.06 -1.81
C GLY A 118 2.33 -3.72 -1.29
N ARG A 119 3.48 -3.27 -1.78
CA ARG A 119 4.01 -1.98 -1.35
C ARG A 119 3.03 -0.88 -1.74
N TRP A 120 2.50 -1.02 -2.96
CA TRP A 120 1.53 -0.07 -3.49
C TRP A 120 0.19 -0.20 -2.74
N LEU A 121 -0.16 -1.43 -2.40
CA LEU A 121 -1.42 -1.71 -1.69
C LEU A 121 -1.60 -0.84 -0.46
N TYR A 122 -0.53 -0.65 0.31
CA TYR A 122 -0.60 0.17 1.53
C TYR A 122 -1.05 1.58 1.21
N ALA A 123 -0.57 2.12 0.10
CA ALA A 123 -0.91 3.49 -0.29
C ALA A 123 -2.43 3.70 -0.39
N LEU A 124 -3.17 2.67 -0.79
CA LEU A 124 -4.62 2.81 -0.95
C LEU A 124 -5.31 3.17 0.38
N LEU A 125 -4.95 2.47 1.44
CA LEU A 125 -5.57 2.74 2.74
C LEU A 125 -5.22 4.14 3.24
N ALA A 126 -3.96 4.53 3.05
CA ALA A 126 -3.49 5.84 3.47
C ALA A 126 -4.21 6.94 2.71
N CYS A 127 -4.74 6.60 1.53
CA CYS A 127 -5.45 7.58 0.71
C CYS A 127 -6.91 7.71 1.16
N LEU A 128 -7.37 6.74 1.95
CA LEU A 128 -8.74 6.75 2.46
C LEU A 128 -8.75 7.35 3.86
N GLU A 129 -9.65 8.31 4.08
CA GLU A 129 -9.75 8.97 5.37
C GLU A 129 -10.64 8.15 6.31
N LYS A 130 -10.83 8.64 7.54
CA LYS A 130 -11.65 7.93 8.50
C LYS A 130 -12.96 7.45 7.85
N PRO A 131 -13.84 8.34 7.45
CA PRO A 131 -15.12 7.95 6.80
C PRO A 131 -14.90 7.32 5.42
N LEU A 132 -15.70 6.30 5.09
CA LEU A 132 -15.61 5.61 3.80
C LEU A 132 -16.95 5.72 3.08
N LEU A 133 -16.91 6.20 1.83
CA LEU A 133 -18.13 6.35 1.05
C LEU A 133 -18.86 5.01 0.95
N PRO A 134 -20.18 5.00 0.76
CA PRO A 134 -20.93 3.71 0.64
C PRO A 134 -20.28 2.76 -0.37
N GLU A 135 -19.88 3.29 -1.51
CA GLU A 135 -19.25 2.49 -2.55
C GLU A 135 -17.89 1.97 -2.11
N ALA A 136 -17.17 2.79 -1.34
CA ALA A 136 -15.84 2.40 -0.88
C ALA A 136 -15.91 1.15 0.00
N HIS A 137 -16.97 1.04 0.79
CA HIS A 137 -17.13 -0.13 1.67
C HIS A 137 -17.33 -1.40 0.84
N SER A 138 -18.11 -1.30 -0.22
CA SER A 138 -18.40 -2.45 -1.05
C SER A 138 -17.14 -3.02 -1.74
N LEU A 139 -16.31 -2.13 -2.29
CA LEU A 139 -15.11 -2.57 -3.02
C LEU A 139 -14.09 -3.26 -2.11
N ILE A 140 -13.85 -2.75 -0.91
CA ILE A 140 -12.87 -3.37 -0.01
C ILE A 140 -13.29 -4.80 0.29
N ARG A 141 -14.58 -5.05 0.27
CA ARG A 141 -15.10 -6.39 0.52
C ARG A 141 -14.77 -7.33 -0.65
N GLN A 142 -14.84 -6.81 -1.87
CA GLN A 142 -14.59 -7.62 -3.07
C GLN A 142 -13.18 -8.20 -3.11
N LEU A 143 -12.17 -7.37 -2.86
CA LEU A 143 -10.78 -7.84 -2.92
C LEU A 143 -10.49 -8.89 -1.85
N ALA A 144 -11.09 -8.74 -0.69
CA ALA A 144 -10.87 -9.68 0.41
C ALA A 144 -11.34 -11.09 0.04
N ARG A 145 -12.44 -11.17 -0.70
CA ARG A 145 -12.98 -12.48 -1.08
C ARG A 145 -12.05 -13.23 -2.03
N ARG A 146 -11.41 -12.52 -2.95
CA ARG A 146 -10.51 -13.15 -3.91
C ARG A 146 -9.31 -13.80 -3.21
N CYS A 147 -8.79 -13.10 -2.20
CA CYS A 147 -7.64 -13.59 -1.45
C CYS A 147 -7.93 -14.98 -0.87
N SER A 148 -9.17 -15.22 -0.48
CA SER A 148 -9.54 -16.50 0.11
C SER A 148 -9.22 -17.67 -0.83
N GLU A 149 -9.33 -17.43 -2.12
CA GLU A 149 -9.05 -18.47 -3.12
C GLU A 149 -7.61 -18.95 -3.02
N VAL A 150 -6.70 -18.03 -2.73
CA VAL A 150 -5.28 -18.36 -2.62
C VAL A 150 -5.03 -19.43 -1.55
N ARG A 151 -5.69 -19.31 -0.39
CA ARG A 151 -5.49 -20.27 0.69
C ARG A 151 -5.88 -21.69 0.26
N LEU A 152 -7.00 -21.83 -0.44
CA LEU A 152 -7.42 -23.15 -0.88
C LEU A 152 -6.37 -23.76 -1.81
N LEU A 153 -5.82 -22.93 -2.68
CA LEU A 153 -4.81 -23.40 -3.62
C LEU A 153 -3.56 -23.91 -2.89
N VAL A 154 -3.18 -23.21 -1.82
CA VAL A 154 -2.01 -23.60 -1.04
C VAL A 154 -2.12 -25.06 -0.63
N ASP A 155 -1.05 -25.82 -0.86
CA ASP A 155 -1.03 -27.23 -0.51
C ASP A 155 -1.07 -27.45 1.00
N SER A 156 -0.28 -26.68 1.74
CA SER A 156 -0.21 -26.82 3.20
C SER A 156 -0.23 -25.48 3.92
N LYS A 157 -0.82 -25.48 5.13
CA LYS A 157 -0.91 -24.28 5.94
C LYS A 157 0.48 -23.87 6.44
N ASP A 158 1.42 -24.79 6.31
CA ASP A 158 2.79 -24.53 6.75
C ASP A 158 3.51 -23.66 5.73
N ASP A 159 2.75 -23.14 4.78
CA ASP A 159 3.33 -22.29 3.74
C ASP A 159 3.90 -21.01 4.36
N GLU A 160 4.99 -20.52 3.78
CA GLU A 160 5.65 -19.32 4.29
C GLU A 160 4.80 -18.05 4.08
N ARG A 161 3.91 -18.08 3.08
CA ARG A 161 3.06 -16.93 2.78
C ARG A 161 1.83 -16.92 3.66
N VAL A 162 1.33 -18.12 3.95
CA VAL A 162 0.16 -18.28 4.78
C VAL A 162 0.20 -17.37 6.04
N PRO A 163 1.23 -17.41 6.86
CA PRO A 163 1.25 -16.55 8.09
C PRO A 163 1.06 -15.07 7.76
N ALA A 164 1.74 -14.59 6.71
CA ALA A 164 1.60 -13.20 6.29
C ALA A 164 0.18 -12.94 5.80
N LEU A 165 -0.34 -13.89 5.02
CA LEU A 165 -1.68 -13.76 4.47
C LEU A 165 -2.74 -13.75 5.57
N ASN A 166 -2.58 -14.62 6.55
CA ASN A 166 -3.57 -14.71 7.62
C ASN A 166 -3.71 -13.39 8.39
N LEU A 167 -2.57 -12.77 8.71
CA LEU A 167 -2.60 -11.51 9.45
C LEU A 167 -3.22 -10.39 8.62
N LEU A 168 -2.94 -10.41 7.32
CA LEU A 168 -3.41 -9.36 6.41
C LEU A 168 -4.96 -9.30 6.39
N ILE A 169 -5.63 -10.44 6.35
CA ILE A 169 -7.10 -10.46 6.32
C ILE A 169 -7.70 -9.85 7.58
N CYS A 170 -7.16 -10.24 8.75
CA CYS A 170 -7.68 -9.72 10.02
C CYS A 170 -7.68 -8.20 10.02
N LEU A 171 -6.65 -7.61 9.41
CA LEU A 171 -6.49 -6.16 9.37
C LEU A 171 -7.70 -5.49 8.69
N VAL A 172 -8.14 -6.05 7.57
CA VAL A 172 -9.27 -5.49 6.85
C VAL A 172 -10.56 -5.48 7.69
N SER A 173 -10.81 -6.59 8.39
CA SER A 173 -12.04 -6.70 9.20
C SER A 173 -12.14 -5.57 10.23
N ARG A 174 -11.04 -5.26 10.89
CA ARG A 174 -11.03 -4.20 11.89
C ARG A 174 -11.15 -2.85 11.20
N TYR A 175 -10.44 -2.71 10.09
CA TYR A 175 -10.45 -1.47 9.33
C TYR A 175 -11.85 -1.18 8.80
N PHE A 176 -12.48 -2.20 8.22
CA PHE A 176 -13.82 -2.04 7.66
C PHE A 176 -14.86 -2.08 8.79
N ASP A 177 -14.39 -2.53 9.97
CA ASP A 177 -15.23 -2.61 11.15
C ASP A 177 -16.37 -3.60 10.95
N GLN A 178 -16.20 -4.53 9.99
CA GLN A 178 -17.22 -5.54 9.70
C GLN A 178 -16.75 -6.91 10.19
N ARG A 179 -17.47 -7.46 11.15
CA ARG A 179 -17.14 -8.75 11.75
C ARG A 179 -17.31 -9.91 10.76
N ASP A 180 -17.85 -9.62 9.59
CA ASP A 180 -18.06 -10.67 8.60
C ASP A 180 -16.73 -11.25 8.11
N LEU A 181 -15.70 -10.39 8.04
CA LEU A 181 -14.37 -10.83 7.59
C LEU A 181 -13.51 -11.24 8.79
N ALA A 182 -13.98 -10.94 9.99
CA ALA A 182 -13.23 -11.29 11.20
C ALA A 182 -13.02 -12.80 11.29
N ASP A 183 -11.91 -13.21 11.89
CA ASP A 183 -11.58 -14.62 12.01
C ASP A 183 -12.71 -15.42 12.65
N GLU A 184 -13.25 -14.92 13.76
CA GLU A 184 -14.34 -15.64 14.42
C GLU A 184 -15.63 -15.56 13.60
N PRO A 185 -16.47 -16.56 13.64
CA PRO A 185 -17.75 -16.55 12.87
C PRO A 185 -18.79 -15.60 13.47
N SER A 186 -19.68 -16.15 14.30
CA SER A 186 -20.73 -15.34 14.95
C SER A 186 -21.05 -15.88 16.34
N LEU A 187 -20.09 -16.57 16.95
CA LEU A 187 -20.27 -17.12 18.29
C LEU A 187 -21.44 -18.11 18.31
N GLU A 188 -22.08 -18.31 17.15
CA GLU A 188 -23.20 -19.23 17.07
C GLU A 188 -24.28 -18.85 18.07
N TYR A 189 -24.43 -17.55 18.32
CA TYR A 189 -25.43 -17.06 19.27
C TYR A 189 -25.79 -15.62 18.94
N GLY B 1 12.63 32.10 8.24
CA GLY B 1 13.51 30.90 8.20
C GLY B 1 13.48 30.29 6.79
N GLN B 2 14.58 30.40 6.08
CA GLN B 2 14.67 29.86 4.73
C GLN B 2 14.57 28.34 4.76
N SER B 3 15.22 27.73 5.75
CA SER B 3 15.20 26.27 5.89
C SER B 3 15.35 25.87 7.35
N ASP B 4 14.71 24.77 7.73
CA ASP B 4 14.77 24.26 9.09
C ASP B 4 14.52 22.77 9.13
N ASP B 5 15.42 22.00 8.50
CA ASP B 5 15.27 20.55 8.46
C ASP B 5 15.47 19.95 9.85
N SER B 6 14.75 18.86 10.13
CA SER B 6 14.86 18.18 11.44
C SER B 6 14.89 16.66 11.26
N ASP B 7 13.97 15.96 11.94
CA ASP B 7 13.88 14.51 11.87
C ASP B 7 12.74 14.08 10.96
N ILE B 8 12.10 15.06 10.34
CA ILE B 8 10.98 14.79 9.45
C ILE B 8 11.34 13.76 8.37
N TRP B 9 12.61 13.35 8.35
CA TRP B 9 13.07 12.39 7.35
C TRP B 9 12.49 11.00 7.60
N ASP B 10 11.17 10.89 7.55
CA ASP B 10 10.48 9.62 7.75
C ASP B 10 9.29 9.52 6.80
N ASP B 11 9.38 10.26 5.70
CA ASP B 11 8.32 10.27 4.70
C ASP B 11 8.24 8.92 3.98
N THR B 12 9.29 8.12 4.13
CA THR B 12 9.34 6.79 3.51
C THR B 12 8.69 5.78 4.44
N ALA B 13 8.01 6.29 5.46
CA ALA B 13 7.34 5.45 6.44
C ALA B 13 6.47 4.40 5.75
N LEU B 14 5.83 4.78 4.67
CA LEU B 14 4.96 3.86 3.93
C LEU B 14 5.76 2.71 3.32
N ILE B 15 6.93 3.03 2.77
CA ILE B 15 7.77 2.02 2.13
C ILE B 15 8.31 0.99 3.14
N LYS B 16 8.77 1.46 4.29
CA LYS B 16 9.32 0.58 5.33
C LYS B 16 8.26 -0.39 5.84
N ALA B 17 7.04 0.09 5.92
CA ALA B 17 5.93 -0.70 6.43
C ALA B 17 5.76 -1.99 5.64
N TYR B 18 6.17 -1.96 4.37
CA TYR B 18 6.05 -3.15 3.53
C TYR B 18 6.86 -4.32 4.10
N ASP B 19 8.09 -4.05 4.52
CA ASP B 19 8.99 -5.08 5.04
C ASP B 19 8.53 -5.67 6.39
N LYS B 20 8.05 -4.81 7.28
CA LYS B 20 7.64 -5.27 8.62
C LYS B 20 6.47 -6.26 8.59
N ALA B 21 5.44 -5.93 7.84
CA ALA B 21 4.27 -6.79 7.76
C ALA B 21 4.61 -8.14 7.13
N VAL B 22 5.40 -8.09 6.06
CA VAL B 22 5.82 -9.32 5.39
C VAL B 22 6.83 -10.07 6.25
N ALA B 23 7.74 -9.34 6.87
CA ALA B 23 8.78 -9.94 7.70
C ALA B 23 8.16 -10.77 8.83
N SER B 24 6.93 -10.43 9.20
CA SER B 24 6.24 -11.14 10.27
C SER B 24 5.77 -12.52 9.83
N PHE B 25 6.31 -13.00 8.71
CA PHE B 25 5.92 -14.33 8.21
C PHE B 25 6.28 -15.39 9.24
N LYS B 26 7.52 -15.34 9.69
CA LYS B 26 8.01 -16.29 10.69
C LYS B 26 7.09 -16.34 11.90
N GLY A 1 -2.33 -17.97 26.12
CA GLY A 1 -1.23 -17.72 25.14
C GLY A 1 -1.73 -18.01 23.73
N TYR A 2 -1.89 -19.29 23.41
CA TYR A 2 -2.36 -19.69 22.10
C TYR A 2 -3.77 -19.14 21.86
N SER A 3 -4.62 -19.30 22.87
CA SER A 3 -5.99 -18.83 22.77
C SER A 3 -6.02 -17.31 22.49
N PRO A 4 -5.53 -16.50 23.39
CA PRO A 4 -5.51 -15.02 23.20
C PRO A 4 -4.47 -14.61 22.15
N THR A 5 -4.85 -14.66 20.87
CA THR A 5 -3.94 -14.30 19.78
C THR A 5 -4.20 -12.86 19.34
N LEU A 6 -5.05 -12.17 20.09
CA LEU A 6 -5.40 -10.79 19.80
C LEU A 6 -4.18 -9.87 19.90
N GLN A 7 -3.31 -10.17 20.85
CA GLN A 7 -2.13 -9.34 21.08
C GLN A 7 -1.31 -9.16 19.80
N TRP A 8 -1.08 -10.25 19.07
CA TRP A 8 -0.30 -10.16 17.84
C TRP A 8 -1.06 -9.34 16.79
N GLN A 9 -2.38 -9.55 16.75
CA GLN A 9 -3.21 -8.85 15.77
C GLN A 9 -3.19 -7.33 16.00
N GLN A 10 -3.17 -6.91 17.26
CA GLN A 10 -3.16 -5.49 17.58
C GLN A 10 -1.96 -4.81 16.93
N GLN A 11 -0.81 -5.48 16.99
CA GLN A 11 0.43 -4.92 16.44
C GLN A 11 0.26 -4.47 14.98
N GLN A 12 -0.49 -5.26 14.20
CA GLN A 12 -0.70 -4.93 12.79
C GLN A 12 -1.50 -3.65 12.62
N VAL A 13 -2.72 -3.64 13.14
CA VAL A 13 -3.59 -2.47 13.03
C VAL A 13 -3.02 -1.27 13.78
N ALA A 14 -2.47 -1.55 14.94
CA ALA A 14 -1.91 -0.50 15.78
C ALA A 14 -0.93 0.34 14.97
N GLN A 15 -0.14 -0.33 14.13
CA GLN A 15 0.84 0.35 13.29
C GLN A 15 0.17 1.21 12.22
N PHE A 16 -0.91 0.68 11.66
CA PHE A 16 -1.63 1.38 10.60
C PHE A 16 -2.15 2.74 11.07
N SER A 17 -2.80 2.77 12.22
CA SER A 17 -3.32 4.03 12.74
C SER A 17 -2.17 4.99 12.97
N THR A 18 -1.08 4.44 13.49
CA THR A 18 0.13 5.21 13.77
C THR A 18 0.71 5.82 12.50
N VAL A 19 0.74 5.05 11.42
CA VAL A 19 1.30 5.56 10.16
C VAL A 19 0.55 6.81 9.72
N ARG A 20 -0.77 6.81 9.88
CA ARG A 20 -1.59 7.96 9.49
C ARG A 20 -1.16 9.22 10.26
N GLN A 21 -0.77 9.04 11.52
CA GLN A 21 -0.35 10.18 12.33
C GLN A 21 0.85 10.87 11.70
N ASN A 22 1.79 10.08 11.21
CA ASN A 22 2.99 10.60 10.58
C ASN A 22 2.67 11.38 9.31
N VAL A 23 1.69 10.94 8.55
CA VAL A 23 1.35 11.64 7.31
C VAL A 23 1.07 13.11 7.59
N ASN A 24 0.61 13.40 8.80
CA ASN A 24 0.29 14.77 9.19
C ASN A 24 1.53 15.68 9.26
N LYS A 25 2.58 15.20 9.92
CA LYS A 25 3.79 15.99 10.09
C LYS A 25 4.51 16.24 8.75
N HIS A 26 4.41 15.28 7.84
CA HIS A 26 5.07 15.37 6.55
C HIS A 26 4.41 16.40 5.64
N ARG A 27 3.10 16.56 5.77
CA ARG A 27 2.38 17.51 4.94
C ARG A 27 2.95 18.92 5.09
N SER A 28 3.24 19.30 6.31
CA SER A 28 3.77 20.63 6.59
C SER A 28 5.11 20.87 5.88
N HIS A 29 6.00 19.88 5.93
CA HIS A 29 7.32 20.03 5.30
C HIS A 29 7.21 20.10 3.77
N TRP A 30 6.39 19.24 3.18
CA TRP A 30 6.23 19.22 1.73
C TRP A 30 5.69 20.58 1.26
N LYS A 31 4.94 21.24 2.12
CA LYS A 31 4.37 22.54 1.78
C LYS A 31 5.48 23.51 1.42
N SER A 32 6.70 23.15 1.80
CA SER A 32 7.86 23.99 1.51
C SER A 32 8.30 23.77 0.08
N GLN A 33 7.64 22.82 -0.60
CA GLN A 33 7.94 22.50 -2.00
C GLN A 33 6.65 22.18 -2.75
N GLN A 34 6.64 22.47 -4.05
CA GLN A 34 5.47 22.20 -4.89
C GLN A 34 5.64 20.90 -5.65
N LEU A 35 4.60 20.51 -6.38
CA LEU A 35 4.63 19.29 -7.17
C LEU A 35 5.71 19.38 -8.24
N ASP A 36 5.82 20.53 -8.86
CA ASP A 36 6.81 20.74 -9.90
C ASP A 36 8.22 20.58 -9.34
N SER A 37 8.31 20.51 -8.02
CA SER A 37 9.60 20.36 -7.37
C SER A 37 10.31 19.11 -7.91
N ASN A 38 9.56 18.02 -8.06
CA ASN A 38 10.14 16.77 -8.56
C ASN A 38 9.10 15.81 -9.11
N VAL A 39 7.86 16.29 -9.31
CA VAL A 39 6.80 15.42 -9.84
C VAL A 39 5.85 16.19 -10.75
N THR A 40 5.50 15.54 -11.87
CA THR A 40 4.56 16.10 -12.85
C THR A 40 3.30 15.25 -12.87
N MET A 41 2.14 15.87 -12.68
CA MET A 41 0.87 15.13 -12.70
C MET A 41 0.18 15.33 -14.06
N PRO A 42 -0.35 14.30 -14.69
CA PRO A 42 -1.01 14.42 -16.02
C PRO A 42 -2.42 15.03 -15.92
N LYS A 43 -2.81 15.73 -16.98
CA LYS A 43 -4.13 16.37 -17.03
C LYS A 43 -5.21 15.36 -16.64
N SER A 44 -6.13 15.80 -15.79
CA SER A 44 -7.21 14.94 -15.29
C SER A 44 -8.10 14.45 -16.43
N GLU A 45 -8.22 15.24 -17.49
CA GLU A 45 -9.06 14.84 -18.62
C GLU A 45 -8.49 13.62 -19.32
N ASP A 46 -7.36 13.13 -18.83
CA ASP A 46 -6.69 11.94 -19.40
C ASP A 46 -6.57 10.85 -18.34
N GLU A 47 -7.70 10.31 -17.93
CA GLU A 47 -7.73 9.27 -16.90
C GLU A 47 -6.99 8.01 -17.36
N GLU A 48 -7.23 7.60 -18.60
CA GLU A 48 -6.58 6.40 -19.13
C GLU A 48 -5.06 6.54 -19.06
N GLY A 49 -4.58 7.70 -19.48
CA GLY A 49 -3.15 7.98 -19.46
C GLY A 49 -2.63 8.05 -18.03
N TRP A 50 -3.46 8.55 -17.14
CA TRP A 50 -3.08 8.71 -15.74
C TRP A 50 -2.73 7.37 -15.06
N LYS A 51 -3.46 6.31 -15.42
CA LYS A 51 -3.23 5.00 -14.80
C LYS A 51 -1.79 4.51 -14.99
N LYS A 52 -1.25 4.68 -16.19
CA LYS A 52 0.13 4.22 -16.45
C LYS A 52 1.17 5.10 -15.74
N PHE A 53 0.87 6.39 -15.62
CA PHE A 53 1.81 7.33 -14.99
C PHE A 53 2.05 6.99 -13.52
N CYS A 54 0.97 6.73 -12.78
CA CYS A 54 1.09 6.45 -11.35
C CYS A 54 1.84 5.14 -11.09
N LEU A 55 1.48 4.09 -11.84
CA LEU A 55 2.13 2.78 -11.66
C LEU A 55 3.23 2.57 -12.71
N GLY A 56 3.47 3.59 -13.53
CA GLY A 56 4.51 3.49 -14.55
C GLY A 56 4.17 2.41 -15.58
N GLU A 57 5.18 2.00 -16.36
CA GLU A 57 5.00 0.97 -17.39
C GLU A 57 6.01 -0.16 -17.19
N LYS A 58 7.27 0.22 -16.97
CA LYS A 58 8.33 -0.77 -16.76
C LYS A 58 8.08 -1.60 -15.52
N LEU A 59 7.60 -0.96 -14.46
CA LEU A 59 7.33 -1.68 -13.22
C LEU A 59 6.29 -2.75 -13.52
N CYS A 60 5.29 -2.38 -14.31
CA CYS A 60 4.25 -3.31 -14.69
C CYS A 60 4.83 -4.46 -15.49
N ALA A 61 5.80 -4.14 -16.37
CA ALA A 61 6.43 -5.16 -17.20
C ALA A 61 7.12 -6.20 -16.33
N ASP A 62 7.74 -5.75 -15.24
CA ASP A 62 8.43 -6.64 -14.34
C ASP A 62 8.63 -5.98 -12.97
N GLY A 63 9.74 -5.24 -12.84
CA GLY A 63 10.05 -4.56 -11.59
C GLY A 63 11.54 -4.24 -11.48
N ALA A 64 12.36 -4.98 -12.22
CA ALA A 64 13.81 -4.76 -12.18
C ALA A 64 14.46 -5.23 -13.48
N VAL A 65 13.82 -4.94 -14.61
CA VAL A 65 14.36 -5.34 -15.93
C VAL A 65 14.74 -4.10 -16.74
N GLY A 66 16.03 -3.78 -16.76
CA GLY A 66 16.51 -2.63 -17.51
C GLY A 66 17.79 -2.06 -16.92
N PRO A 67 17.80 -1.82 -15.64
CA PRO A 67 18.98 -1.27 -14.93
C PRO A 67 20.25 -2.10 -15.17
N ALA A 68 20.09 -3.41 -15.19
CA ALA A 68 21.21 -4.30 -15.41
C ALA A 68 21.85 -4.04 -16.78
N THR A 69 21.01 -3.94 -17.81
CA THR A 69 21.51 -3.68 -19.15
C THR A 69 22.20 -2.32 -19.21
N ASN A 70 21.57 -1.32 -18.61
CA ASN A 70 22.11 0.03 -18.60
C ASN A 70 23.43 0.06 -17.81
N GLU A 71 23.49 -0.74 -16.75
CA GLU A 71 24.68 -0.81 -15.89
C GLU A 71 24.91 0.51 -15.18
N SER A 72 23.83 1.26 -14.95
CA SER A 72 23.89 2.54 -14.26
C SER A 72 25.21 3.29 -14.51
N PRO A 73 25.36 3.88 -15.67
CA PRO A 73 26.60 4.64 -16.02
C PRO A 73 26.56 6.05 -15.42
N GLY A 74 25.40 6.41 -14.87
CA GLY A 74 25.21 7.72 -14.27
C GLY A 74 23.72 7.97 -14.06
N ILE A 75 22.92 7.47 -14.99
CA ILE A 75 21.46 7.60 -14.93
C ILE A 75 20.87 6.41 -14.19
N ASP A 76 19.82 6.67 -13.42
CA ASP A 76 19.17 5.61 -12.65
C ASP A 76 17.78 6.05 -12.21
N TYR A 77 17.71 7.17 -11.52
CA TYR A 77 16.44 7.68 -11.02
C TYR A 77 15.47 7.97 -12.17
N VAL A 78 16.00 8.46 -13.27
CA VAL A 78 15.19 8.82 -14.45
C VAL A 78 14.58 7.58 -15.10
N GLN A 79 15.38 6.53 -15.24
CA GLN A 79 14.90 5.31 -15.88
C GLN A 79 14.06 4.49 -14.91
N ILE A 80 13.75 5.12 -13.77
CA ILE A 80 12.93 4.49 -12.73
C ILE A 80 11.62 5.27 -12.56
N GLY A 81 11.64 6.53 -12.96
CA GLY A 81 10.47 7.39 -12.84
C GLY A 81 10.32 7.92 -11.42
N PHE A 82 9.25 8.67 -11.19
CA PHE A 82 9.00 9.24 -9.87
C PHE A 82 8.29 8.20 -8.99
N PRO A 83 8.87 7.74 -7.89
CA PRO A 83 8.19 6.73 -7.03
C PRO A 83 7.12 7.40 -6.18
N PRO A 84 6.17 6.66 -5.66
CA PRO A 84 5.08 7.24 -4.83
C PRO A 84 5.63 7.84 -3.53
N LEU A 85 5.11 9.00 -3.15
CA LEU A 85 5.54 9.68 -1.93
C LEU A 85 4.36 10.37 -1.25
N LEU A 86 4.63 10.95 -0.11
CA LEU A 86 3.59 11.62 0.66
C LEU A 86 3.04 12.84 -0.10
N SER A 87 3.93 13.63 -0.70
CA SER A 87 3.51 14.81 -1.43
C SER A 87 2.68 14.47 -2.67
N ILE A 88 3.12 13.46 -3.43
CA ILE A 88 2.41 13.08 -4.65
C ILE A 88 1.01 12.59 -4.33
N VAL A 89 0.94 11.67 -3.37
CA VAL A 89 -0.32 11.10 -2.96
C VAL A 89 -1.19 12.13 -2.24
N SER A 90 -0.53 13.07 -1.56
CA SER A 90 -1.23 14.11 -0.81
C SER A 90 -2.19 14.92 -1.68
N ARG A 91 -1.78 15.20 -2.92
CA ARG A 91 -2.64 16.00 -3.82
C ARG A 91 -3.64 15.10 -4.52
N MET A 92 -3.33 13.81 -4.61
CA MET A 92 -4.23 12.86 -5.27
C MET A 92 -5.52 12.73 -4.49
N ASN A 93 -6.64 12.86 -5.19
CA ASN A 93 -7.96 12.75 -4.55
C ASN A 93 -8.31 11.29 -4.30
N GLN A 94 -9.14 11.05 -3.30
CA GLN A 94 -9.58 9.70 -2.98
C GLN A 94 -10.41 9.13 -4.14
N ALA A 95 -11.20 10.00 -4.75
CA ALA A 95 -12.05 9.61 -5.86
C ALA A 95 -11.24 9.15 -7.06
N THR A 96 -10.12 9.81 -7.34
CA THR A 96 -9.30 9.46 -8.49
C THR A 96 -8.76 8.03 -8.40
N VAL A 97 -8.18 7.67 -7.26
CA VAL A 97 -7.63 6.33 -7.10
C VAL A 97 -8.75 5.30 -7.06
N THR A 98 -9.92 5.72 -6.61
CA THR A 98 -11.06 4.80 -6.52
C THR A 98 -11.44 4.24 -7.89
N SER A 99 -11.49 5.12 -8.89
CA SER A 99 -11.83 4.68 -10.25
C SER A 99 -10.70 3.82 -10.82
N VAL A 100 -9.47 4.14 -10.45
CA VAL A 100 -8.29 3.41 -10.91
C VAL A 100 -8.33 1.96 -10.44
N LEU A 101 -9.13 1.70 -9.41
CA LEU A 101 -9.24 0.36 -8.86
C LEU A 101 -9.79 -0.64 -9.88
N GLU A 102 -10.79 -0.22 -10.66
CA GLU A 102 -11.40 -1.11 -11.65
C GLU A 102 -10.38 -1.58 -12.69
N TYR A 103 -9.50 -0.70 -13.11
CA TYR A 103 -8.49 -1.04 -14.10
C TYR A 103 -7.55 -2.12 -13.57
N LEU A 104 -7.19 -2.01 -12.30
CA LEU A 104 -6.28 -2.96 -11.67
C LEU A 104 -6.84 -4.38 -11.70
N SER A 105 -8.13 -4.50 -11.44
CA SER A 105 -8.78 -5.82 -11.40
C SER A 105 -8.76 -6.50 -12.77
N ASN A 106 -8.73 -5.70 -13.83
CA ASN A 106 -8.75 -6.26 -15.19
C ASN A 106 -7.55 -7.16 -15.44
N TRP A 107 -6.39 -6.78 -14.91
CA TRP A 107 -5.17 -7.57 -15.11
C TRP A 107 -5.37 -9.00 -14.61
N PHE A 108 -6.06 -9.16 -13.49
CA PHE A 108 -6.29 -10.49 -12.91
C PHE A 108 -5.02 -11.34 -12.98
N GLY A 109 -5.05 -12.39 -13.79
CA GLY A 109 -3.91 -13.27 -13.93
C GLY A 109 -3.86 -14.30 -12.81
N GLU A 110 -4.95 -14.36 -12.04
CA GLU A 110 -5.05 -15.31 -10.92
C GLU A 110 -3.70 -15.53 -10.23
N ARG A 111 -3.02 -16.58 -10.65
CA ARG A 111 -1.72 -16.93 -10.08
C ARG A 111 -0.85 -15.69 -9.92
N ASP A 112 -1.21 -14.61 -10.60
CA ASP A 112 -0.44 -13.39 -10.51
C ASP A 112 -0.75 -12.68 -9.20
N PHE A 113 0.26 -12.03 -8.63
CA PHE A 113 0.08 -11.30 -7.37
C PHE A 113 1.20 -10.28 -7.20
N THR A 114 2.30 -10.48 -7.94
CA THR A 114 3.45 -9.58 -7.87
C THR A 114 3.72 -9.14 -6.42
N PRO A 115 4.68 -9.73 -5.74
CA PRO A 115 4.99 -9.36 -4.32
C PRO A 115 5.14 -7.84 -4.16
N GLU A 116 5.93 -7.24 -5.04
CA GLU A 116 6.17 -5.80 -4.98
C GLU A 116 4.86 -5.03 -4.88
N LEU A 117 3.79 -5.65 -5.38
CA LEU A 117 2.48 -5.00 -5.33
C LEU A 117 2.11 -4.71 -3.88
N GLY A 118 2.58 -5.56 -2.97
CA GLY A 118 2.29 -5.38 -1.55
C GLY A 118 2.79 -4.03 -1.05
N ARG A 119 3.92 -3.58 -1.57
CA ARG A 119 4.44 -2.28 -1.16
C ARG A 119 3.44 -1.19 -1.55
N TRP A 120 2.87 -1.37 -2.74
CA TRP A 120 1.87 -0.45 -3.28
C TRP A 120 0.56 -0.57 -2.48
N LEU A 121 0.25 -1.79 -2.06
CA LEU A 121 -0.99 -2.06 -1.32
C LEU A 121 -1.12 -1.20 -0.06
N TYR A 122 -0.06 -1.08 0.72
CA TYR A 122 -0.12 -0.30 1.95
C TYR A 122 -0.43 1.17 1.65
N ALA A 123 0.18 1.71 0.61
CA ALA A 123 -0.03 3.11 0.24
C ALA A 123 -1.49 3.38 -0.14
N LEU A 124 -2.14 2.39 -0.73
CA LEU A 124 -3.53 2.56 -1.18
C LEU A 124 -4.45 2.85 -0.01
N LEU A 125 -4.29 2.10 1.08
CA LEU A 125 -5.11 2.29 2.27
C LEU A 125 -4.86 3.66 2.90
N ALA A 126 -3.60 4.07 2.89
CA ALA A 126 -3.21 5.36 3.47
C ALA A 126 -3.67 6.54 2.61
N CYS A 127 -4.17 6.27 1.41
CA CYS A 127 -4.63 7.33 0.52
C CYS A 127 -6.06 7.73 0.86
N LEU A 128 -6.71 6.94 1.71
CA LEU A 128 -8.08 7.24 2.13
C LEU A 128 -8.04 8.17 3.33
N GLU A 129 -8.96 9.14 3.36
CA GLU A 129 -9.03 10.12 4.45
C GLU A 129 -10.49 10.31 4.90
N LYS A 130 -11.19 11.23 4.23
CA LYS A 130 -12.58 11.50 4.58
C LYS A 130 -13.37 10.18 4.65
N PRO A 131 -14.64 10.22 4.97
CA PRO A 131 -15.47 8.96 5.05
C PRO A 131 -15.57 8.27 3.69
N LEU A 132 -15.67 6.94 3.71
CA LEU A 132 -15.76 6.18 2.47
C LEU A 132 -17.21 6.11 2.00
N LEU A 133 -17.44 6.47 0.74
CA LEU A 133 -18.77 6.44 0.18
C LEU A 133 -19.34 5.01 0.27
N PRO A 134 -20.64 4.84 0.29
CA PRO A 134 -21.23 3.47 0.36
C PRO A 134 -20.59 2.52 -0.66
N GLU A 135 -20.35 3.04 -1.85
CA GLU A 135 -19.74 2.26 -2.91
C GLU A 135 -18.32 1.85 -2.55
N ALA A 136 -17.59 2.79 -1.98
CA ALA A 136 -16.20 2.55 -1.60
C ALA A 136 -16.08 1.44 -0.56
N HIS A 137 -17.01 1.40 0.39
CA HIS A 137 -17.00 0.39 1.44
C HIS A 137 -17.24 -1.00 0.84
N SER A 138 -18.15 -1.07 -0.12
CA SER A 138 -18.47 -2.34 -0.76
C SER A 138 -17.27 -2.91 -1.52
N LEU A 139 -16.54 -2.04 -2.22
CA LEU A 139 -15.39 -2.46 -3.02
C LEU A 139 -14.27 -3.09 -2.20
N ILE A 140 -13.93 -2.51 -1.05
CA ILE A 140 -12.85 -3.08 -0.23
C ILE A 140 -13.19 -4.51 0.18
N ARG A 141 -14.48 -4.79 0.31
CA ARG A 141 -14.93 -6.13 0.67
C ARG A 141 -14.67 -7.11 -0.48
N GLN A 142 -14.87 -6.63 -1.71
CA GLN A 142 -14.71 -7.46 -2.91
C GLN A 142 -13.28 -7.99 -3.10
N LEU A 143 -12.28 -7.13 -2.99
CA LEU A 143 -10.89 -7.54 -3.20
C LEU A 143 -10.42 -8.53 -2.14
N ALA A 144 -10.86 -8.36 -0.91
CA ALA A 144 -10.45 -9.25 0.17
C ALA A 144 -10.92 -10.68 -0.11
N ARG A 145 -12.12 -10.82 -0.64
CA ARG A 145 -12.68 -12.13 -0.95
C ARG A 145 -11.90 -12.85 -2.06
N ARG A 146 -11.42 -12.09 -3.03
CA ARG A 146 -10.69 -12.67 -4.16
C ARG A 146 -9.40 -13.33 -3.68
N CYS A 147 -8.72 -12.70 -2.74
CA CYS A 147 -7.47 -13.23 -2.21
C CYS A 147 -7.64 -14.67 -1.71
N SER A 148 -8.82 -14.96 -1.16
CA SER A 148 -9.10 -16.29 -0.61
C SER A 148 -8.92 -17.40 -1.64
N GLU A 149 -9.20 -17.12 -2.91
CA GLU A 149 -9.07 -18.14 -3.95
C GLU A 149 -7.63 -18.64 -4.05
N VAL A 150 -6.68 -17.73 -3.88
CA VAL A 150 -5.27 -18.09 -3.95
C VAL A 150 -4.92 -19.12 -2.88
N ARG A 151 -5.44 -18.93 -1.67
CA ARG A 151 -5.17 -19.86 -0.57
C ARG A 151 -5.57 -21.28 -0.96
N LEU A 152 -6.72 -21.43 -1.61
CA LEU A 152 -7.19 -22.75 -2.01
C LEU A 152 -6.18 -23.39 -2.97
N LEU A 153 -5.64 -22.59 -3.87
CA LEU A 153 -4.66 -23.09 -4.84
C LEU A 153 -3.41 -23.58 -4.12
N VAL A 154 -3.01 -22.87 -3.06
CA VAL A 154 -1.83 -23.27 -2.30
C VAL A 154 -1.99 -24.68 -1.76
N ASP A 155 -0.97 -25.51 -1.99
CA ASP A 155 -0.99 -26.91 -1.53
C ASP A 155 -0.34 -27.08 -0.15
N SER A 156 0.30 -26.03 0.36
CA SER A 156 0.96 -26.12 1.67
C SER A 156 0.93 -24.79 2.42
N LYS A 157 0.76 -24.87 3.73
CA LYS A 157 0.71 -23.69 4.58
C LYS A 157 2.11 -23.11 4.76
N ASP A 158 3.11 -23.94 4.49
CA ASP A 158 4.50 -23.53 4.63
C ASP A 158 4.92 -22.67 3.44
N ASP A 159 3.94 -22.27 2.63
CA ASP A 159 4.21 -21.44 1.46
C ASP A 159 5.06 -20.23 1.81
N GLU A 160 5.29 -20.03 3.12
CA GLU A 160 6.11 -18.90 3.61
C GLU A 160 5.42 -17.56 3.37
N ARG A 161 4.53 -17.50 2.38
CA ARG A 161 3.82 -16.26 2.06
C ARG A 161 2.43 -16.24 2.71
N VAL A 162 1.83 -17.43 2.85
CA VAL A 162 0.49 -17.56 3.41
C VAL A 162 0.42 -16.99 4.85
N PRO A 163 1.37 -17.27 5.69
CA PRO A 163 1.36 -16.78 7.11
C PRO A 163 1.19 -15.27 7.20
N ALA A 164 1.90 -14.53 6.37
CA ALA A 164 1.78 -13.07 6.39
C ALA A 164 0.43 -12.65 5.86
N LEU A 165 -0.03 -13.34 4.81
CA LEU A 165 -1.31 -13.04 4.20
C LEU A 165 -2.46 -13.24 5.16
N ASN A 166 -2.45 -14.34 5.92
CA ASN A 166 -3.55 -14.61 6.83
C ASN A 166 -3.76 -13.46 7.82
N LEU A 167 -2.68 -12.93 8.37
CA LEU A 167 -2.76 -11.81 9.29
C LEU A 167 -3.28 -10.56 8.58
N LEU A 168 -2.93 -10.45 7.31
CA LEU A 168 -3.33 -9.30 6.49
C LEU A 168 -4.87 -9.20 6.40
N ILE A 169 -5.54 -10.33 6.26
CA ILE A 169 -7.00 -10.33 6.16
C ILE A 169 -7.63 -9.79 7.44
N CYS A 170 -7.10 -10.23 8.58
CA CYS A 170 -7.62 -9.79 9.88
C CYS A 170 -7.57 -8.26 9.97
N LEU A 171 -6.59 -7.66 9.31
CA LEU A 171 -6.41 -6.21 9.33
C LEU A 171 -7.65 -5.50 8.78
N VAL A 172 -8.16 -5.98 7.65
CA VAL A 172 -9.33 -5.38 7.02
C VAL A 172 -10.58 -5.47 7.90
N SER A 173 -10.82 -6.63 8.51
CA SER A 173 -12.01 -6.84 9.32
C SER A 173 -12.12 -5.89 10.52
N ARG A 174 -11.03 -5.72 11.26
CA ARG A 174 -11.04 -4.87 12.46
C ARG A 174 -11.02 -3.40 12.12
N TYR A 175 -10.16 -3.01 11.18
CA TYR A 175 -10.04 -1.60 10.83
C TYR A 175 -11.35 -1.05 10.28
N PHE A 176 -11.96 -1.80 9.37
CA PHE A 176 -13.22 -1.38 8.74
C PHE A 176 -14.41 -1.86 9.54
N ASP A 177 -14.14 -2.65 10.57
CA ASP A 177 -15.18 -3.18 11.45
C ASP A 177 -16.08 -4.16 10.70
N GLN A 178 -15.58 -4.72 9.60
CA GLN A 178 -16.35 -5.69 8.83
C GLN A 178 -16.29 -7.04 9.53
N ARG A 179 -17.05 -7.17 10.62
CA ARG A 179 -17.08 -8.41 11.38
C ARG A 179 -17.65 -9.54 10.55
N ASP A 180 -18.36 -9.19 9.50
CA ASP A 180 -18.97 -10.20 8.63
C ASP A 180 -17.87 -10.99 7.93
N LEU A 181 -16.76 -10.32 7.65
CA LEU A 181 -15.63 -10.95 6.96
C LEU A 181 -14.67 -11.60 7.96
N ALA A 182 -14.87 -11.31 9.25
CA ALA A 182 -13.99 -11.88 10.28
C ALA A 182 -14.08 -13.40 10.27
N ASP A 183 -12.93 -14.06 10.44
CA ASP A 183 -12.90 -15.52 10.45
C ASP A 183 -13.17 -16.05 11.86
N GLU A 184 -14.45 -16.15 12.21
CA GLU A 184 -14.83 -16.65 13.53
C GLU A 184 -14.71 -18.19 13.58
N PRO A 185 -14.44 -18.76 14.73
CA PRO A 185 -14.29 -20.24 14.86
C PRO A 185 -15.64 -20.97 14.77
N SER A 186 -16.72 -20.19 14.83
CA SER A 186 -18.08 -20.73 14.79
C SER A 186 -18.52 -21.05 16.20
N LEU A 187 -18.14 -20.17 17.12
CA LEU A 187 -18.47 -20.36 18.52
C LEU A 187 -17.86 -21.66 19.03
N GLU A 188 -18.64 -22.74 19.06
CA GLU A 188 -18.13 -24.02 19.53
C GLU A 188 -19.14 -25.12 19.27
N TYR A 189 -20.05 -24.89 18.32
CA TYR A 189 -21.07 -25.88 18.00
C TYR A 189 -21.83 -25.45 16.74
N GLY B 1 21.05 29.71 -0.26
CA GLY B 1 21.78 28.62 0.44
C GLY B 1 20.89 28.03 1.53
N GLN B 2 19.57 28.12 1.32
CA GLN B 2 18.62 27.59 2.29
C GLN B 2 18.69 26.06 2.29
N SER B 3 18.82 25.49 3.49
CA SER B 3 18.89 24.04 3.62
C SER B 3 17.54 23.40 3.36
N ASP B 4 17.54 22.22 2.75
CA ASP B 4 16.30 21.51 2.44
C ASP B 4 16.56 20.01 2.41
N ASP B 5 17.08 19.48 3.52
CA ASP B 5 17.38 18.05 3.59
C ASP B 5 16.10 17.24 3.56
N SER B 6 16.14 16.13 2.83
CA SER B 6 14.97 15.24 2.71
C SER B 6 14.95 14.24 3.86
N ASP B 7 16.06 14.15 4.56
CA ASP B 7 16.20 13.23 5.69
C ASP B 7 15.35 13.66 6.87
N ILE B 8 14.78 14.85 6.80
CA ILE B 8 13.95 15.35 7.90
C ILE B 8 13.02 14.25 8.38
N TRP B 9 13.40 13.68 9.49
CA TRP B 9 12.62 12.63 10.14
C TRP B 9 12.66 11.36 9.29
N ASP B 10 11.50 10.75 9.00
CA ASP B 10 11.46 9.52 8.20
C ASP B 10 10.20 9.49 7.33
N ASP B 11 10.29 10.09 6.15
CA ASP B 11 9.16 10.12 5.22
C ASP B 11 8.94 8.74 4.63
N THR B 12 9.96 7.90 4.70
CA THR B 12 9.90 6.55 4.16
C THR B 12 9.14 5.63 5.12
N ALA B 13 8.48 6.25 6.11
CA ALA B 13 7.73 5.50 7.10
C ALA B 13 6.86 4.44 6.45
N LEU B 14 6.28 4.76 5.29
CA LEU B 14 5.42 3.80 4.59
C LEU B 14 6.21 2.58 4.16
N ILE B 15 7.41 2.83 3.64
CA ILE B 15 8.26 1.75 3.16
C ILE B 15 8.73 0.83 4.28
N LYS B 16 9.12 1.41 5.41
CA LYS B 16 9.59 0.63 6.55
C LYS B 16 8.53 -0.34 7.03
N ALA B 17 7.29 0.12 7.03
CA ALA B 17 6.16 -0.68 7.49
C ALA B 17 6.01 -1.95 6.67
N TYR B 18 6.44 -1.92 5.41
CA TYR B 18 6.32 -3.09 4.55
C TYR B 18 7.12 -4.27 5.10
N ASP B 19 8.37 -4.03 5.45
CA ASP B 19 9.26 -5.08 5.96
C ASP B 19 8.80 -5.68 7.29
N LYS B 20 8.33 -4.84 8.21
CA LYS B 20 7.92 -5.31 9.53
C LYS B 20 6.73 -6.26 9.46
N ALA B 21 5.72 -5.89 8.68
CA ALA B 21 4.52 -6.70 8.56
C ALA B 21 4.83 -8.07 7.98
N VAL B 22 5.70 -8.10 6.98
CA VAL B 22 6.09 -9.35 6.35
C VAL B 22 6.99 -10.16 7.29
N ALA B 23 7.64 -9.47 8.22
CA ALA B 23 8.52 -10.13 9.17
C ALA B 23 7.74 -11.11 10.05
N SER B 24 6.44 -10.85 10.20
CA SER B 24 5.59 -11.71 11.01
C SER B 24 5.86 -13.19 10.74
N PHE B 25 6.56 -13.47 9.64
CA PHE B 25 6.89 -14.85 9.30
C PHE B 25 7.80 -15.43 10.38
N LYS B 26 8.80 -14.67 10.78
CA LYS B 26 9.74 -15.10 11.81
C LYS B 26 10.14 -16.55 11.60
N GLY A 1 3.31 -12.22 22.76
CA GLY A 1 4.13 -13.43 23.09
C GLY A 1 3.80 -14.54 22.11
N TYR A 2 4.32 -15.73 22.38
CA TYR A 2 4.07 -16.89 21.52
C TYR A 2 2.58 -17.22 21.48
N SER A 3 1.96 -17.35 22.66
CA SER A 3 0.53 -17.65 22.74
C SER A 3 -0.29 -16.36 22.67
N PRO A 4 0.04 -15.37 23.46
CA PRO A 4 -0.69 -14.07 23.45
C PRO A 4 -0.76 -13.48 22.04
N THR A 5 0.37 -13.52 21.34
CA THR A 5 0.48 -12.99 19.98
C THR A 5 -0.21 -11.63 19.85
N LEU A 6 -0.56 -11.03 20.97
CA LEU A 6 -1.22 -9.72 20.93
C LEU A 6 -0.28 -8.69 20.32
N GLN A 7 0.98 -8.74 20.73
CA GLN A 7 1.98 -7.81 20.21
C GLN A 7 2.02 -7.90 18.69
N TRP A 8 2.01 -9.13 18.17
CA TRP A 8 2.03 -9.35 16.74
C TRP A 8 0.76 -8.83 16.10
N GLN A 9 -0.36 -9.05 16.77
CA GLN A 9 -1.66 -8.62 16.26
C GLN A 9 -1.74 -7.09 16.16
N GLN A 10 -1.18 -6.40 17.16
CA GLN A 10 -1.21 -4.94 17.17
C GLN A 10 -0.43 -4.35 16.00
N GLN A 11 0.67 -5.00 15.62
CA GLN A 11 1.51 -4.50 14.52
C GLN A 11 0.68 -4.09 13.30
N GLN A 12 -0.37 -4.86 13.01
CA GLN A 12 -1.21 -4.55 11.85
C GLN A 12 -1.94 -3.22 12.02
N VAL A 13 -2.92 -3.19 12.93
CA VAL A 13 -3.71 -1.98 13.17
C VAL A 13 -2.88 -0.85 13.76
N ALA A 14 -1.97 -1.19 14.66
CA ALA A 14 -1.13 -0.19 15.33
C ALA A 14 -0.35 0.65 14.32
N GLN A 15 0.13 0.01 13.26
CA GLN A 15 0.91 0.70 12.25
C GLN A 15 0.10 1.77 11.52
N PHE A 16 -1.17 1.49 11.30
CA PHE A 16 -2.04 2.43 10.58
C PHE A 16 -2.12 3.78 11.30
N SER A 17 -2.35 3.75 12.61
CA SER A 17 -2.44 4.99 13.37
C SER A 17 -1.12 5.74 13.26
N THR A 18 -0.05 4.98 13.31
CA THR A 18 1.31 5.51 13.21
C THR A 18 1.53 6.19 11.85
N VAL A 19 1.03 5.58 10.78
CA VAL A 19 1.23 6.14 9.44
C VAL A 19 0.68 7.57 9.37
N ARG A 20 -0.49 7.81 9.96
CA ARG A 20 -1.08 9.14 9.92
C ARG A 20 -0.16 10.16 10.58
N GLN A 21 0.53 9.73 11.63
CA GLN A 21 1.43 10.61 12.36
C GLN A 21 2.57 11.09 11.45
N ASN A 22 3.04 10.20 10.56
CA ASN A 22 4.13 10.52 9.65
C ASN A 22 3.75 11.63 8.67
N VAL A 23 2.52 11.59 8.18
CA VAL A 23 2.05 12.58 7.21
C VAL A 23 2.04 13.99 7.82
N ASN A 24 1.57 14.09 9.05
CA ASN A 24 1.47 15.38 9.74
C ASN A 24 2.83 16.05 9.92
N LYS A 25 3.84 15.26 10.28
CA LYS A 25 5.19 15.80 10.51
C LYS A 25 5.78 16.41 9.24
N HIS A 26 5.63 15.71 8.13
CA HIS A 26 6.20 16.15 6.85
C HIS A 26 5.32 17.21 6.20
N ARG A 27 4.13 17.44 6.73
CA ARG A 27 3.23 18.42 6.14
C ARG A 27 3.90 19.79 6.13
N SER A 28 4.51 20.14 7.25
CA SER A 28 5.19 21.42 7.37
C SER A 28 6.40 21.47 6.43
N HIS A 29 7.14 20.36 6.36
CA HIS A 29 8.32 20.29 5.52
C HIS A 29 7.95 20.40 4.04
N TRP A 30 6.97 19.61 3.59
CA TRP A 30 6.56 19.64 2.20
C TRP A 30 6.10 21.05 1.81
N LYS A 31 5.45 21.74 2.73
CA LYS A 31 4.96 23.09 2.47
C LYS A 31 6.11 24.04 2.16
N SER A 32 7.21 23.85 2.87
CA SER A 32 8.38 24.71 2.70
C SER A 32 9.17 24.33 1.45
N GLN A 33 8.75 23.25 0.77
CA GLN A 33 9.45 22.81 -0.44
C GLN A 33 8.84 23.47 -1.69
N GLN A 34 9.56 23.38 -2.80
CA GLN A 34 9.09 23.97 -4.05
C GLN A 34 8.02 23.11 -4.72
N LEU A 35 8.28 22.66 -5.94
CA LEU A 35 7.30 21.84 -6.68
C LEU A 35 7.32 20.40 -6.14
N ASP A 36 8.33 20.09 -5.34
CA ASP A 36 8.45 18.76 -4.77
C ASP A 36 7.30 18.50 -3.82
N SER A 37 6.61 19.57 -3.45
CA SER A 37 5.49 19.47 -2.53
C SER A 37 4.42 18.52 -3.06
N ASN A 38 4.20 18.54 -4.37
CA ASN A 38 3.19 17.67 -4.97
C ASN A 38 3.44 17.53 -6.45
N VAL A 39 4.46 18.26 -6.91
CA VAL A 39 4.85 18.27 -8.32
C VAL A 39 3.63 18.20 -9.25
N THR A 40 3.89 17.92 -10.53
CA THR A 40 2.82 17.82 -11.54
C THR A 40 2.69 16.39 -12.04
N MET A 41 1.46 15.86 -12.03
CA MET A 41 1.19 14.50 -12.48
C MET A 41 0.48 14.51 -13.84
N PRO A 42 0.29 13.37 -14.50
CA PRO A 42 -0.38 13.34 -15.84
C PRO A 42 -1.84 13.81 -15.78
N LYS A 43 -2.25 14.55 -16.81
CA LYS A 43 -3.60 15.09 -16.88
C LYS A 43 -4.63 14.00 -16.55
N SER A 44 -5.70 14.41 -15.87
CA SER A 44 -6.77 13.49 -15.49
C SER A 44 -7.39 12.85 -16.72
N GLU A 45 -7.44 13.60 -17.82
CA GLU A 45 -8.02 13.09 -19.05
C GLU A 45 -7.18 11.95 -19.62
N ASP A 46 -5.94 11.82 -19.12
CA ASP A 46 -5.03 10.77 -19.58
C ASP A 46 -4.89 9.67 -18.54
N GLU A 47 -5.95 8.88 -18.38
CA GLU A 47 -5.95 7.81 -17.39
C GLU A 47 -4.74 6.88 -17.57
N GLU A 48 -4.30 6.72 -18.80
CA GLU A 48 -3.16 5.84 -19.07
C GLU A 48 -1.89 6.38 -18.41
N GLY A 49 -1.75 7.70 -18.39
CA GLY A 49 -0.58 8.33 -17.80
C GLY A 49 -0.51 8.09 -16.29
N TRP A 50 -1.66 8.12 -15.63
CA TRP A 50 -1.71 7.91 -14.19
C TRP A 50 -1.23 6.51 -13.83
N LYS A 51 -1.68 5.51 -14.58
CA LYS A 51 -1.27 4.15 -14.32
C LYS A 51 0.23 4.04 -14.47
N LYS A 52 0.75 4.62 -15.54
CA LYS A 52 2.18 4.59 -15.82
C LYS A 52 2.97 5.39 -14.78
N PHE A 53 2.48 6.58 -14.45
CA PHE A 53 3.15 7.45 -13.50
C PHE A 53 3.09 6.93 -12.06
N CYS A 54 1.88 6.60 -11.60
CA CYS A 54 1.70 6.14 -10.22
C CYS A 54 2.29 4.75 -9.97
N LEU A 55 2.04 3.81 -10.88
CA LEU A 55 2.53 2.43 -10.70
C LEU A 55 3.82 2.18 -11.48
N GLY A 56 4.30 3.22 -12.18
CA GLY A 56 5.53 3.09 -12.94
C GLY A 56 5.31 2.29 -14.23
N GLU A 57 6.40 1.97 -14.91
CA GLU A 57 6.33 1.19 -16.15
C GLU A 57 7.65 0.44 -16.36
N LYS A 58 8.75 1.13 -16.10
CA LYS A 58 10.07 0.54 -16.23
C LYS A 58 10.26 -0.58 -15.22
N LEU A 59 9.53 -0.47 -14.11
CA LEU A 59 9.63 -1.50 -13.07
C LEU A 59 9.22 -2.83 -13.66
N CYS A 60 8.13 -2.83 -14.42
CA CYS A 60 7.65 -4.05 -15.07
C CYS A 60 8.62 -4.50 -16.17
N ALA A 61 9.13 -3.53 -16.93
CA ALA A 61 10.05 -3.84 -18.01
C ALA A 61 11.36 -4.42 -17.48
N ASP A 62 11.84 -3.87 -16.38
CA ASP A 62 13.08 -4.34 -15.77
C ASP A 62 13.16 -3.93 -14.31
N GLY A 63 13.58 -2.70 -14.06
CA GLY A 63 13.72 -2.20 -12.70
C GLY A 63 15.09 -2.54 -12.13
N ALA A 64 15.96 -3.08 -12.99
CA ALA A 64 17.32 -3.47 -12.59
C ALA A 64 18.32 -2.45 -13.10
N VAL A 65 18.14 -1.18 -12.73
CA VAL A 65 19.05 -0.12 -13.16
C VAL A 65 20.14 0.10 -12.11
N GLY A 66 21.32 -0.48 -12.38
CA GLY A 66 22.44 -0.34 -11.46
C GLY A 66 23.74 -0.82 -12.10
N PRO A 67 23.88 -2.11 -12.28
CA PRO A 67 25.10 -2.72 -12.89
C PRO A 67 25.32 -2.23 -14.31
N ALA A 68 24.24 -1.77 -14.95
CA ALA A 68 24.30 -1.26 -16.33
C ALA A 68 23.59 0.08 -16.44
N THR A 69 24.28 1.14 -16.02
CA THR A 69 23.73 2.50 -16.05
C THR A 69 24.21 3.23 -17.31
N ASN A 70 24.99 2.54 -18.14
CA ASN A 70 25.50 3.14 -19.36
C ASN A 70 26.34 4.37 -19.02
N GLU A 71 27.08 4.29 -17.92
CA GLU A 71 27.91 5.40 -17.47
C GLU A 71 27.20 6.74 -17.65
N SER A 72 26.32 7.05 -16.72
CA SER A 72 25.55 8.29 -16.76
C SER A 72 25.27 8.79 -15.33
N PRO A 73 26.30 8.97 -14.55
CA PRO A 73 26.17 9.43 -13.14
C PRO A 73 25.66 10.88 -13.06
N GLY A 74 25.77 11.60 -14.16
CA GLY A 74 25.31 12.98 -14.20
C GLY A 74 23.80 13.01 -14.35
N ILE A 75 23.26 11.92 -14.90
CA ILE A 75 21.83 11.78 -15.11
C ILE A 75 21.27 10.66 -14.23
N ASP A 76 20.23 10.97 -13.47
CA ASP A 76 19.61 9.99 -12.58
C ASP A 76 18.21 10.44 -12.18
N TYR A 77 18.14 11.49 -11.38
CA TYR A 77 16.85 12.00 -10.92
C TYR A 77 15.94 12.33 -12.11
N VAL A 78 16.56 12.69 -13.22
CA VAL A 78 15.82 13.03 -14.44
C VAL A 78 15.12 11.80 -15.02
N GLN A 79 15.82 10.67 -15.03
CA GLN A 79 15.26 9.44 -15.60
C GLN A 79 14.51 8.64 -14.55
N ILE A 80 14.27 9.26 -13.39
CA ILE A 80 13.53 8.61 -12.30
C ILE A 80 12.20 9.34 -12.06
N GLY A 81 12.15 10.61 -12.46
CA GLY A 81 10.93 11.39 -12.28
C GLY A 81 10.58 11.51 -10.80
N PHE A 82 9.41 12.08 -10.51
CA PHE A 82 8.96 12.24 -9.14
C PHE A 82 8.30 10.93 -8.65
N PRO A 83 8.84 10.24 -7.66
CA PRO A 83 8.22 8.97 -7.16
C PRO A 83 7.00 9.26 -6.29
N PRO A 84 6.13 8.29 -6.13
CA PRO A 84 4.89 8.47 -5.31
C PRO A 84 5.24 8.69 -3.83
N LEU A 85 4.53 9.63 -3.19
CA LEU A 85 4.75 9.94 -1.78
C LEU A 85 3.43 10.32 -1.11
N LEU A 86 3.49 10.49 0.20
CA LEU A 86 2.29 10.85 0.97
C LEU A 86 1.77 12.22 0.53
N SER A 87 2.68 13.17 0.29
CA SER A 87 2.26 14.51 -0.09
C SER A 87 1.47 14.51 -1.40
N ILE A 88 1.96 13.81 -2.42
CA ILE A 88 1.24 13.76 -3.69
C ILE A 88 -0.09 13.03 -3.49
N VAL A 89 -0.02 11.93 -2.77
CA VAL A 89 -1.19 11.11 -2.51
C VAL A 89 -2.20 11.89 -1.67
N SER A 90 -1.71 12.64 -0.69
CA SER A 90 -2.60 13.42 0.17
C SER A 90 -3.40 14.40 -0.68
N ARG A 91 -2.87 14.72 -1.86
CA ARG A 91 -3.53 15.65 -2.78
C ARG A 91 -4.50 14.88 -3.68
N MET A 92 -4.27 13.58 -3.83
CA MET A 92 -5.13 12.75 -4.66
C MET A 92 -6.47 12.55 -3.97
N ASN A 93 -7.55 12.65 -4.75
CA ASN A 93 -8.89 12.50 -4.19
C ASN A 93 -9.17 11.02 -3.89
N GLN A 94 -10.00 10.80 -2.89
CA GLN A 94 -10.36 9.44 -2.50
C GLN A 94 -11.10 8.75 -3.64
N ALA A 95 -11.99 9.51 -4.26
CA ALA A 95 -12.80 9.01 -5.37
C ALA A 95 -11.98 8.74 -6.63
N THR A 96 -10.94 9.53 -6.88
CA THR A 96 -10.14 9.34 -8.09
C THR A 96 -9.46 7.97 -8.11
N VAL A 97 -8.78 7.63 -7.03
CA VAL A 97 -8.09 6.34 -6.96
C VAL A 97 -9.10 5.20 -6.88
N THR A 98 -10.29 5.50 -6.39
CA THR A 98 -11.33 4.48 -6.26
C THR A 98 -11.69 3.92 -7.64
N SER A 99 -11.85 4.81 -8.61
CA SER A 99 -12.17 4.39 -9.97
C SER A 99 -11.03 3.58 -10.56
N VAL A 100 -9.81 4.00 -10.26
CA VAL A 100 -8.61 3.32 -10.76
C VAL A 100 -8.57 1.87 -10.26
N LEU A 101 -9.23 1.60 -9.14
CA LEU A 101 -9.24 0.25 -8.57
C LEU A 101 -9.98 -0.71 -9.49
N GLU A 102 -11.06 -0.24 -10.11
CA GLU A 102 -11.85 -1.09 -10.99
C GLU A 102 -11.01 -1.61 -12.16
N TYR A 103 -10.15 -0.76 -12.69
CA TYR A 103 -9.30 -1.14 -13.81
C TYR A 103 -8.40 -2.32 -13.42
N LEU A 104 -7.81 -2.23 -12.24
CA LEU A 104 -6.90 -3.27 -11.75
C LEU A 104 -7.58 -4.63 -11.69
N SER A 105 -8.82 -4.67 -11.24
CA SER A 105 -9.55 -5.92 -11.12
C SER A 105 -9.75 -6.56 -12.51
N ASN A 106 -9.95 -5.72 -13.51
CA ASN A 106 -10.14 -6.18 -14.88
C ASN A 106 -8.89 -6.89 -15.39
N TRP A 107 -7.73 -6.41 -14.94
CA TRP A 107 -6.46 -6.96 -15.38
C TRP A 107 -6.43 -8.48 -15.23
N PHE A 108 -6.99 -8.98 -14.13
CA PHE A 108 -7.01 -10.42 -13.89
C PHE A 108 -5.61 -10.99 -14.01
N GLY A 109 -5.35 -11.72 -15.09
CA GLY A 109 -4.03 -12.29 -15.30
C GLY A 109 -3.82 -13.58 -14.54
N GLU A 110 -4.84 -14.44 -14.53
CA GLU A 110 -4.78 -15.72 -13.82
C GLU A 110 -4.69 -15.47 -12.33
N ARG A 111 -4.01 -16.36 -11.60
CA ARG A 111 -3.90 -16.22 -10.16
C ARG A 111 -2.70 -15.39 -9.79
N ASP A 112 -2.57 -14.25 -10.47
CA ASP A 112 -1.48 -13.32 -10.23
C ASP A 112 -1.88 -12.32 -9.16
N PHE A 113 -0.91 -11.90 -8.35
CA PHE A 113 -1.14 -10.92 -7.28
C PHE A 113 0.01 -9.93 -7.29
N THR A 114 1.20 -10.45 -7.57
CA THR A 114 2.40 -9.64 -7.65
C THR A 114 2.63 -8.88 -6.31
N PRO A 115 3.75 -9.08 -5.63
CA PRO A 115 4.01 -8.39 -4.34
C PRO A 115 4.45 -6.93 -4.52
N GLU A 116 4.63 -6.54 -5.78
CA GLU A 116 5.04 -5.16 -6.08
C GLU A 116 3.89 -4.21 -5.76
N LEU A 117 2.68 -4.65 -6.07
CA LEU A 117 1.47 -3.87 -5.83
C LEU A 117 1.23 -3.69 -4.33
N GLY A 118 1.71 -4.65 -3.56
CA GLY A 118 1.53 -4.62 -2.11
C GLY A 118 2.11 -3.33 -1.52
N ARG A 119 3.23 -2.85 -2.05
CA ARG A 119 3.82 -1.62 -1.57
C ARG A 119 2.86 -0.47 -1.83
N TRP A 120 2.18 -0.56 -2.97
CA TRP A 120 1.20 0.44 -3.36
C TRP A 120 -0.09 0.26 -2.56
N LEU A 121 -0.44 -0.99 -2.29
CA LEU A 121 -1.67 -1.33 -1.56
C LEU A 121 -1.78 -0.53 -0.26
N TYR A 122 -0.69 -0.44 0.49
CA TYR A 122 -0.70 0.28 1.76
C TYR A 122 -1.04 1.76 1.52
N ALA A 123 -0.53 2.32 0.44
CA ALA A 123 -0.77 3.73 0.13
C ALA A 123 -2.27 4.01 -0.06
N LEU A 124 -3.00 3.04 -0.60
CA LEU A 124 -4.43 3.23 -0.86
C LEU A 124 -5.21 3.48 0.43
N LEU A 125 -4.94 2.67 1.45
CA LEU A 125 -5.64 2.82 2.72
C LEU A 125 -5.33 4.18 3.34
N ALA A 126 -4.07 4.60 3.25
CA ALA A 126 -3.64 5.87 3.79
C ALA A 126 -4.36 7.04 3.11
N CYS A 127 -4.84 6.83 1.89
CA CYS A 127 -5.55 7.88 1.16
C CYS A 127 -7.03 7.94 1.57
N LEU A 128 -7.52 6.88 2.20
CA LEU A 128 -8.90 6.82 2.67
C LEU A 128 -8.98 7.35 4.10
N GLU A 129 -9.93 8.25 4.33
CA GLU A 129 -10.11 8.84 5.66
C GLU A 129 -11.08 8.02 6.50
N LYS A 130 -11.34 8.50 7.71
CA LYS A 130 -12.25 7.81 8.62
C LYS A 130 -13.55 7.41 7.89
N PRO A 131 -14.35 8.36 7.47
CA PRO A 131 -15.63 8.05 6.75
C PRO A 131 -15.37 7.35 5.42
N LEU A 132 -16.22 6.38 5.08
CA LEU A 132 -16.09 5.62 3.83
C LEU A 132 -17.38 5.70 3.01
N LEU A 133 -17.27 6.04 1.74
CA LEU A 133 -18.44 6.13 0.88
C LEU A 133 -19.06 4.72 0.73
N PRO A 134 -20.37 4.59 0.58
CA PRO A 134 -20.99 3.24 0.40
C PRO A 134 -20.28 2.40 -0.66
N GLU A 135 -19.91 3.05 -1.76
CA GLU A 135 -19.23 2.35 -2.86
C GLU A 135 -17.86 1.83 -2.44
N ALA A 136 -17.14 2.63 -1.68
CA ALA A 136 -15.81 2.27 -1.21
C ALA A 136 -15.83 1.03 -0.32
N HIS A 137 -16.84 0.92 0.53
CA HIS A 137 -16.95 -0.21 1.44
C HIS A 137 -17.20 -1.51 0.69
N SER A 138 -18.03 -1.44 -0.35
CA SER A 138 -18.36 -2.63 -1.13
C SER A 138 -17.14 -3.20 -1.85
N LEU A 139 -16.35 -2.33 -2.48
CA LEU A 139 -15.19 -2.76 -3.26
C LEU A 139 -14.11 -3.45 -2.42
N ILE A 140 -13.80 -2.91 -1.25
CA ILE A 140 -12.77 -3.50 -0.41
C ILE A 140 -13.12 -4.96 -0.08
N ARG A 141 -14.41 -5.24 0.00
CA ARG A 141 -14.87 -6.59 0.29
C ARG A 141 -14.61 -7.52 -0.91
N GLN A 142 -14.78 -6.99 -2.11
CA GLN A 142 -14.61 -7.76 -3.35
C GLN A 142 -13.19 -8.33 -3.50
N LEU A 143 -12.18 -7.50 -3.32
CA LEU A 143 -10.79 -7.94 -3.47
C LEU A 143 -10.41 -8.99 -2.42
N ALA A 144 -10.95 -8.85 -1.22
CA ALA A 144 -10.63 -9.79 -0.15
C ALA A 144 -11.06 -11.21 -0.51
N ARG A 145 -12.17 -11.33 -1.23
CA ARG A 145 -12.68 -12.63 -1.62
C ARG A 145 -11.73 -13.36 -2.57
N ARG A 146 -11.11 -12.63 -3.49
CA ARG A 146 -10.19 -13.26 -4.44
C ARG A 146 -8.98 -13.86 -3.72
N CYS A 147 -8.50 -13.14 -2.71
CA CYS A 147 -7.34 -13.60 -1.94
C CYS A 147 -7.59 -14.99 -1.34
N SER A 148 -8.82 -15.25 -0.91
CA SER A 148 -9.14 -16.56 -0.32
C SER A 148 -8.96 -17.69 -1.32
N GLU A 149 -9.27 -17.42 -2.58
CA GLU A 149 -9.16 -18.44 -3.63
C GLU A 149 -7.72 -18.89 -3.83
N VAL A 150 -6.79 -17.94 -3.77
CA VAL A 150 -5.37 -18.24 -3.96
C VAL A 150 -4.84 -19.16 -2.86
N ARG A 151 -5.24 -18.88 -1.64
CA ARG A 151 -4.79 -19.65 -0.48
C ARG A 151 -5.22 -21.13 -0.54
N LEU A 152 -6.43 -21.40 -1.01
CA LEU A 152 -6.93 -22.77 -1.12
C LEU A 152 -6.07 -23.57 -2.11
N LEU A 153 -5.62 -22.90 -3.15
CA LEU A 153 -4.82 -23.54 -4.17
C LEU A 153 -3.50 -24.06 -3.60
N VAL A 154 -2.90 -23.32 -2.67
CA VAL A 154 -1.64 -23.75 -2.05
C VAL A 154 -1.71 -25.22 -1.69
N ASP A 155 -0.63 -25.95 -1.97
CA ASP A 155 -0.55 -27.38 -1.68
C ASP A 155 0.00 -27.63 -0.28
N SER A 156 0.52 -26.58 0.36
CA SER A 156 1.09 -26.69 1.71
C SER A 156 0.70 -25.50 2.58
N LYS A 157 -0.01 -25.77 3.66
CA LYS A 157 -0.45 -24.72 4.58
C LYS A 157 0.75 -24.03 5.23
N ASP A 158 1.79 -24.80 5.51
CA ASP A 158 2.99 -24.26 6.15
C ASP A 158 3.88 -23.54 5.15
N ASP A 159 3.36 -23.33 3.94
CA ASP A 159 4.08 -22.64 2.84
C ASP A 159 5.23 -21.76 3.35
N GLU A 160 5.03 -20.45 3.29
CA GLU A 160 6.03 -19.49 3.73
C GLU A 160 5.45 -18.09 3.62
N ARG A 161 4.46 -17.96 2.74
CA ARG A 161 3.78 -16.69 2.50
C ARG A 161 2.41 -16.73 3.17
N VAL A 162 1.86 -17.93 3.24
CA VAL A 162 0.56 -18.16 3.85
C VAL A 162 0.40 -17.37 5.16
N PRO A 163 1.27 -17.52 6.15
CA PRO A 163 1.12 -16.77 7.43
C PRO A 163 1.01 -15.26 7.19
N ALA A 164 1.82 -14.73 6.26
CA ALA A 164 1.76 -13.31 5.95
C ALA A 164 0.40 -12.96 5.39
N LEU A 165 -0.08 -13.78 4.46
CA LEU A 165 -1.39 -13.56 3.85
C LEU A 165 -2.49 -13.65 4.90
N ASN A 166 -2.37 -14.63 5.79
CA ASN A 166 -3.38 -14.83 6.81
C ASN A 166 -3.49 -13.62 7.75
N LEU A 167 -2.35 -13.09 8.16
CA LEU A 167 -2.33 -11.93 9.05
C LEU A 167 -2.86 -10.68 8.34
N LEU A 168 -2.53 -10.55 7.07
CA LEU A 168 -2.93 -9.40 6.26
C LEU A 168 -4.45 -9.26 6.21
N ILE A 169 -5.15 -10.39 6.09
CA ILE A 169 -6.61 -10.39 6.04
C ILE A 169 -7.19 -9.84 7.33
N CYS A 170 -6.62 -10.23 8.47
CA CYS A 170 -7.11 -9.77 9.76
C CYS A 170 -7.20 -8.24 9.81
N LEU A 171 -6.27 -7.56 9.16
CA LEU A 171 -6.24 -6.09 9.16
C LEU A 171 -7.55 -5.51 8.60
N VAL A 172 -8.02 -6.05 7.49
CA VAL A 172 -9.25 -5.57 6.87
C VAL A 172 -10.48 -5.80 7.76
N SER A 173 -10.55 -6.96 8.39
CA SER A 173 -11.68 -7.30 9.23
C SER A 173 -11.91 -6.31 10.39
N ARG A 174 -10.83 -5.86 11.02
CA ARG A 174 -10.95 -4.95 12.16
C ARG A 174 -11.07 -3.49 11.73
N TYR A 175 -10.27 -3.08 10.75
CA TYR A 175 -10.30 -1.69 10.32
C TYR A 175 -11.67 -1.30 9.78
N PHE A 176 -12.24 -2.14 8.93
CA PHE A 176 -13.56 -1.86 8.34
C PHE A 176 -14.68 -2.49 9.17
N ASP A 177 -14.28 -3.28 10.16
CA ASP A 177 -15.25 -3.93 11.03
C ASP A 177 -16.27 -4.74 10.24
N GLN A 178 -15.85 -5.27 9.10
CA GLN A 178 -16.75 -6.09 8.29
C GLN A 178 -16.92 -7.47 8.92
N ARG A 179 -17.85 -7.58 9.85
CA ARG A 179 -18.08 -8.84 10.55
C ARG A 179 -18.57 -9.92 9.61
N ASP A 180 -19.05 -9.51 8.43
CA ASP A 180 -19.56 -10.48 7.46
C ASP A 180 -18.43 -11.36 6.94
N LEU A 181 -17.23 -10.80 6.86
CA LEU A 181 -16.05 -11.53 6.38
C LEU A 181 -15.21 -12.04 7.55
N ALA A 182 -15.51 -11.56 8.75
CA ALA A 182 -14.75 -11.98 9.94
C ALA A 182 -15.26 -13.32 10.47
N ASP A 183 -14.32 -14.23 10.73
CA ASP A 183 -14.62 -15.56 11.26
C ASP A 183 -15.96 -16.09 10.73
N GLU A 184 -15.90 -16.79 9.60
CA GLU A 184 -17.12 -17.35 9.02
C GLU A 184 -17.70 -18.41 9.96
N PRO A 185 -19.01 -18.60 9.97
CA PRO A 185 -19.66 -19.61 10.87
C PRO A 185 -19.25 -21.04 10.52
N SER A 186 -19.00 -21.25 9.23
CA SER A 186 -18.59 -22.56 8.69
C SER A 186 -19.08 -22.67 7.25
N LEU A 187 -19.19 -21.53 6.60
CA LEU A 187 -19.66 -21.47 5.22
C LEU A 187 -21.08 -22.03 5.13
N GLU A 188 -21.26 -23.09 4.35
CA GLU A 188 -22.58 -23.69 4.19
C GLU A 188 -22.49 -24.99 3.39
N TYR A 189 -21.30 -25.60 3.39
CA TYR A 189 -21.09 -26.84 2.65
C TYR A 189 -19.78 -27.50 3.07
N GLY B 1 23.24 0.86 6.06
CA GLY B 1 22.28 1.98 6.31
C GLY B 1 22.40 3.02 5.20
N GLN B 2 21.47 2.97 4.25
CA GLN B 2 21.47 3.90 3.13
C GLN B 2 21.25 5.32 3.62
N SER B 3 20.35 5.48 4.59
CA SER B 3 20.04 6.80 5.14
C SER B 3 19.49 6.68 6.56
N ASP B 4 19.70 7.73 7.35
CA ASP B 4 19.23 7.75 8.73
C ASP B 4 19.11 9.20 9.21
N ASP B 5 18.31 9.98 8.50
CA ASP B 5 18.11 11.38 8.85
C ASP B 5 17.10 11.54 9.98
N SER B 6 16.82 12.78 10.33
CA SER B 6 15.86 13.06 11.40
C SER B 6 14.46 12.62 11.01
N ASP B 7 13.49 12.98 11.84
CA ASP B 7 12.10 12.60 11.58
C ASP B 7 11.59 13.36 10.37
N ILE B 8 12.21 14.49 10.12
CA ILE B 8 11.84 15.35 9.02
C ILE B 8 12.00 14.66 7.67
N TRP B 9 13.14 14.00 7.47
CA TRP B 9 13.40 13.32 6.20
C TRP B 9 13.31 11.80 6.38
N ASP B 10 12.08 11.35 6.65
CA ASP B 10 11.78 9.93 6.84
C ASP B 10 10.47 9.60 6.13
N ASP B 11 10.28 10.25 4.99
CA ASP B 11 9.08 10.07 4.21
C ASP B 11 8.96 8.65 3.69
N THR B 12 10.06 7.91 3.76
CA THR B 12 10.07 6.53 3.31
C THR B 12 9.43 5.63 4.35
N ALA B 13 8.78 6.25 5.33
CA ALA B 13 8.13 5.53 6.41
C ALA B 13 7.15 4.50 5.84
N LEU B 14 6.46 4.87 4.77
CA LEU B 14 5.49 3.98 4.14
C LEU B 14 6.18 2.76 3.53
N ILE B 15 7.34 2.99 2.92
CA ILE B 15 8.06 1.90 2.26
C ILE B 15 8.54 0.84 3.26
N LYS B 16 9.07 1.29 4.39
CA LYS B 16 9.57 0.37 5.41
C LYS B 16 8.42 -0.50 5.93
N ALA B 17 7.26 0.11 6.03
CA ALA B 17 6.08 -0.58 6.56
C ALA B 17 5.77 -1.83 5.74
N TYR B 18 6.11 -1.81 4.46
CA TYR B 18 5.86 -2.96 3.59
C TYR B 18 6.64 -4.20 4.07
N ASP B 19 7.92 -4.01 4.38
CA ASP B 19 8.77 -5.13 4.80
C ASP B 19 8.35 -5.76 6.13
N LYS B 20 7.97 -4.93 7.10
CA LYS B 20 7.60 -5.44 8.42
C LYS B 20 6.38 -6.34 8.35
N ALA B 21 5.36 -5.89 7.65
CA ALA B 21 4.11 -6.64 7.54
C ALA B 21 4.35 -8.01 6.89
N VAL B 22 5.14 -8.01 5.82
CA VAL B 22 5.48 -9.24 5.13
C VAL B 22 6.43 -10.08 5.99
N ALA B 23 7.38 -9.40 6.62
CA ALA B 23 8.36 -10.08 7.47
C ALA B 23 7.67 -10.85 8.58
N SER B 24 6.44 -10.43 8.92
CA SER B 24 5.67 -11.08 9.98
C SER B 24 5.61 -12.59 9.77
N PHE B 25 6.67 -13.27 10.20
CA PHE B 25 6.74 -14.73 10.07
C PHE B 25 7.87 -15.27 10.95
N LYS B 26 8.87 -14.43 11.20
CA LYS B 26 10.00 -14.83 12.02
C LYS B 26 9.62 -14.82 13.50
N GLY A 1 5.35 -18.54 25.49
CA GLY A 1 4.24 -19.34 24.91
C GLY A 1 3.20 -18.41 24.30
N TYR A 2 1.94 -18.83 24.34
CA TYR A 2 0.85 -18.02 23.79
C TYR A 2 0.39 -16.99 24.82
N SER A 3 0.65 -15.72 24.53
CA SER A 3 0.26 -14.64 25.44
C SER A 3 0.72 -13.28 24.89
N PRO A 4 1.99 -13.10 24.61
CA PRO A 4 2.51 -11.81 24.07
C PRO A 4 2.20 -11.64 22.59
N THR A 5 1.59 -12.66 21.99
CA THR A 5 1.24 -12.61 20.57
C THR A 5 0.55 -11.30 20.22
N LEU A 6 0.17 -10.53 21.24
CA LEU A 6 -0.51 -9.25 21.00
C LEU A 6 0.41 -8.31 20.21
N GLN A 7 1.69 -8.29 20.57
CA GLN A 7 2.64 -7.43 19.88
C GLN A 7 2.73 -7.79 18.41
N TRP A 8 2.54 -9.06 18.10
CA TRP A 8 2.59 -9.52 16.71
C TRP A 8 1.35 -9.03 15.96
N GLN A 9 0.18 -9.21 16.56
CA GLN A 9 -1.08 -8.82 15.93
C GLN A 9 -1.20 -7.30 15.79
N GLN A 10 -0.80 -6.57 16.82
CA GLN A 10 -0.92 -5.10 16.80
C GLN A 10 0.00 -4.47 15.73
N GLN A 11 1.17 -5.05 15.54
CA GLN A 11 2.13 -4.50 14.58
C GLN A 11 1.45 -3.96 13.31
N GLN A 12 0.45 -4.68 12.82
CA GLN A 12 -0.25 -4.27 11.60
C GLN A 12 -1.07 -2.99 11.82
N VAL A 13 -2.16 -3.10 12.58
CA VAL A 13 -3.03 -1.96 12.84
C VAL A 13 -2.30 -0.86 13.62
N ALA A 14 -1.49 -1.27 14.59
CA ALA A 14 -0.75 -0.32 15.40
C ALA A 14 0.06 0.65 14.54
N GLN A 15 0.68 0.10 13.50
CA GLN A 15 1.50 0.90 12.61
C GLN A 15 0.64 1.92 11.84
N PHE A 16 -0.57 1.53 11.48
CA PHE A 16 -1.44 2.42 10.71
C PHE A 16 -1.70 3.73 11.45
N SER A 17 -2.01 3.64 12.74
CA SER A 17 -2.26 4.85 13.53
C SER A 17 -1.00 5.72 13.52
N THR A 18 0.13 5.06 13.64
CA THR A 18 1.43 5.71 13.62
C THR A 18 1.70 6.40 12.28
N VAL A 19 1.26 5.77 11.19
CA VAL A 19 1.48 6.33 9.85
C VAL A 19 0.87 7.74 9.76
N ARG A 20 -0.33 7.92 10.30
CA ARG A 20 -0.98 9.22 10.24
C ARG A 20 -0.11 10.28 10.91
N GLN A 21 0.55 9.89 11.98
CA GLN A 21 1.42 10.82 12.71
C GLN A 21 2.57 11.30 11.84
N ASN A 22 3.09 10.41 11.00
CA ASN A 22 4.21 10.75 10.13
C ASN A 22 3.85 11.84 9.13
N VAL A 23 2.63 11.79 8.62
CA VAL A 23 2.18 12.78 7.64
C VAL A 23 2.19 14.18 8.25
N ASN A 24 1.72 14.28 9.48
CA ASN A 24 1.66 15.57 10.18
C ASN A 24 3.05 16.19 10.31
N LYS A 25 4.05 15.37 10.60
CA LYS A 25 5.41 15.85 10.77
C LYS A 25 5.95 16.49 9.49
N HIS A 26 5.67 15.86 8.36
CA HIS A 26 6.15 16.37 7.08
C HIS A 26 5.34 17.57 6.60
N ARG A 27 4.25 17.89 7.31
CA ARG A 27 3.43 19.02 6.90
C ARG A 27 4.28 20.30 6.91
N SER A 28 5.06 20.48 7.97
CA SER A 28 5.93 21.65 8.08
C SER A 28 6.98 21.64 6.98
N HIS A 29 7.54 20.46 6.72
CA HIS A 29 8.56 20.31 5.70
C HIS A 29 7.97 20.62 4.31
N TRP A 30 6.81 20.04 4.02
CA TRP A 30 6.17 20.28 2.73
C TRP A 30 5.73 21.75 2.63
N LYS A 31 5.36 22.32 3.76
CA LYS A 31 4.94 23.72 3.79
C LYS A 31 6.10 24.61 3.35
N SER A 32 7.31 24.16 3.66
CA SER A 32 8.51 24.92 3.32
C SER A 32 8.82 24.81 1.83
N GLN A 33 7.99 24.06 1.10
CA GLN A 33 8.17 23.88 -0.35
C GLN A 33 9.55 23.31 -0.69
N GLN A 34 9.54 22.33 -1.62
CA GLN A 34 10.77 21.68 -2.07
C GLN A 34 10.76 21.61 -3.61
N LEU A 35 10.54 20.40 -4.15
CA LEU A 35 10.48 20.24 -5.60
C LEU A 35 9.32 21.05 -6.15
N ASP A 36 8.18 20.95 -5.47
CA ASP A 36 6.97 21.66 -5.86
C ASP A 36 5.89 21.42 -4.82
N SER A 37 4.74 22.06 -5.02
CA SER A 37 3.62 21.91 -4.11
C SER A 37 3.00 20.53 -4.24
N ASN A 38 3.28 19.88 -5.38
CA ASN A 38 2.74 18.55 -5.64
C ASN A 38 3.30 17.98 -6.93
N VAL A 39 4.22 18.71 -7.57
CA VAL A 39 4.81 18.27 -8.83
C VAL A 39 3.69 17.99 -9.85
N THR A 40 4.01 18.06 -11.14
CA THR A 40 3.00 17.85 -12.19
C THR A 40 2.97 16.39 -12.66
N MET A 41 1.75 15.86 -12.76
CA MET A 41 1.54 14.47 -13.19
C MET A 41 0.74 14.46 -14.50
N PRO A 42 0.48 13.32 -15.10
CA PRO A 42 -0.29 13.25 -16.38
C PRO A 42 -1.72 13.78 -16.25
N LYS A 43 -2.17 14.47 -17.30
CA LYS A 43 -3.51 15.05 -17.31
C LYS A 43 -4.56 14.06 -16.80
N SER A 44 -5.56 14.59 -16.11
CA SER A 44 -6.64 13.76 -15.56
C SER A 44 -7.40 13.04 -16.66
N GLU A 45 -7.60 13.72 -17.79
CA GLU A 45 -8.35 13.13 -18.90
C GLU A 45 -7.60 11.93 -19.49
N ASP A 46 -6.32 11.80 -19.16
CA ASP A 46 -5.51 10.68 -19.65
C ASP A 46 -5.29 9.66 -18.55
N GLU A 47 -6.36 8.94 -18.20
CA GLU A 47 -6.32 7.95 -17.14
C GLU A 47 -5.17 6.96 -17.33
N GLU A 48 -4.77 6.72 -18.57
CA GLU A 48 -3.69 5.78 -18.83
C GLU A 48 -2.37 6.28 -18.23
N GLY A 49 -2.15 7.59 -18.30
CA GLY A 49 -0.93 8.18 -17.78
C GLY A 49 -0.80 8.01 -16.26
N TRP A 50 -1.91 8.17 -15.55
CA TRP A 50 -1.91 8.05 -14.09
C TRP A 50 -1.50 6.65 -13.64
N LYS A 51 -2.03 5.64 -14.32
CA LYS A 51 -1.73 4.26 -13.97
C LYS A 51 -0.23 4.01 -14.12
N LYS A 52 0.31 4.51 -15.21
CA LYS A 52 1.73 4.35 -15.48
C LYS A 52 2.59 5.16 -14.52
N PHE A 53 2.20 6.42 -14.30
CA PHE A 53 2.95 7.32 -13.43
C PHE A 53 2.88 6.89 -11.96
N CYS A 54 1.69 6.59 -11.49
CA CYS A 54 1.50 6.20 -10.09
C CYS A 54 2.21 4.89 -9.77
N LEU A 55 2.09 3.90 -10.66
CA LEU A 55 2.72 2.59 -10.43
C LEU A 55 4.07 2.51 -11.15
N GLY A 56 4.47 3.61 -11.77
CA GLY A 56 5.75 3.66 -12.47
C GLY A 56 5.97 2.40 -13.30
N GLU A 57 7.22 1.96 -13.34
CA GLU A 57 7.59 0.76 -14.10
C GLU A 57 8.88 0.17 -13.55
N LYS A 58 9.57 0.94 -12.72
CA LYS A 58 10.83 0.49 -12.11
C LYS A 58 10.59 -0.73 -11.22
N LEU A 59 9.40 -0.83 -10.66
CA LEU A 59 9.08 -1.97 -9.81
C LEU A 59 9.19 -3.24 -10.63
N CYS A 60 8.66 -3.19 -11.85
CA CYS A 60 8.73 -4.33 -12.74
C CYS A 60 10.18 -4.64 -13.08
N ALA A 61 10.95 -3.58 -13.33
CA ALA A 61 12.37 -3.73 -13.66
C ALA A 61 13.20 -3.84 -12.39
N ASP A 62 12.53 -3.83 -11.23
CA ASP A 62 13.20 -3.93 -9.94
C ASP A 62 14.01 -2.66 -9.64
N GLY A 63 14.25 -1.86 -10.68
CA GLY A 63 15.00 -0.61 -10.52
C GLY A 63 16.49 -0.83 -10.76
N ALA A 64 16.86 -2.09 -10.99
CA ALA A 64 18.26 -2.44 -11.25
C ALA A 64 19.20 -1.67 -10.31
N VAL A 65 18.89 -1.73 -9.01
CA VAL A 65 19.71 -1.04 -8.02
C VAL A 65 20.95 -1.86 -7.68
N GLY A 66 22.06 -1.50 -8.33
CA GLY A 66 23.32 -2.21 -8.10
C GLY A 66 24.31 -1.95 -9.23
N PRO A 67 24.06 -2.50 -10.39
CA PRO A 67 24.94 -2.33 -11.58
C PRO A 67 25.07 -0.86 -11.99
N ALA A 68 24.05 -0.07 -11.69
CA ALA A 68 24.06 1.35 -12.04
C ALA A 68 23.28 2.16 -11.00
N THR A 69 23.85 3.30 -10.61
CA THR A 69 23.21 4.16 -9.62
C THR A 69 23.82 5.54 -9.63
N ASN A 70 23.19 6.47 -10.35
CA ASN A 70 23.68 7.84 -10.42
C ASN A 70 25.15 7.87 -10.86
N GLU A 71 25.52 6.94 -11.75
CA GLU A 71 26.89 6.88 -12.26
C GLU A 71 27.06 7.83 -13.44
N SER A 72 26.26 8.89 -13.44
CA SER A 72 26.31 9.89 -14.52
C SER A 72 25.94 11.27 -13.99
N PRO A 73 26.82 11.88 -13.24
CA PRO A 73 26.59 13.24 -12.65
C PRO A 73 26.13 14.25 -13.71
N GLY A 74 24.83 14.26 -13.98
CA GLY A 74 24.27 15.18 -14.97
C GLY A 74 22.84 14.78 -15.31
N ILE A 75 22.69 13.56 -15.81
CA ILE A 75 21.37 13.02 -16.19
C ILE A 75 21.01 11.84 -15.30
N ASP A 76 19.84 11.91 -14.68
CA ASP A 76 19.38 10.84 -13.81
C ASP A 76 17.95 11.11 -13.35
N TYR A 77 17.80 12.08 -12.46
CA TYR A 77 16.49 12.43 -11.92
C TYR A 77 15.47 12.66 -13.02
N VAL A 78 15.92 13.22 -14.14
CA VAL A 78 15.02 13.50 -15.26
C VAL A 78 14.49 12.23 -15.91
N GLN A 79 15.34 11.19 -15.99
CA GLN A 79 14.93 9.93 -16.62
C GLN A 79 14.33 8.97 -15.60
N ILE A 80 14.21 9.44 -14.37
CA ILE A 80 13.63 8.63 -13.28
C ILE A 80 12.24 9.14 -12.93
N GLY A 81 12.00 10.41 -13.24
CA GLY A 81 10.70 11.01 -12.94
C GLY A 81 10.52 11.18 -11.44
N PHE A 82 9.48 11.93 -11.05
CA PHE A 82 9.21 12.16 -9.63
C PHE A 82 8.38 11.00 -9.05
N PRO A 83 8.82 10.32 -8.01
CA PRO A 83 8.03 9.20 -7.41
C PRO A 83 6.92 9.73 -6.52
N PRO A 84 5.91 8.95 -6.25
CA PRO A 84 4.77 9.38 -5.38
C PRO A 84 5.22 9.60 -3.94
N LEU A 85 4.71 10.65 -3.30
CA LEU A 85 5.04 10.96 -1.91
C LEU A 85 3.84 11.58 -1.20
N LEU A 86 4.08 12.12 -0.01
CA LEU A 86 3.01 12.70 0.80
C LEU A 86 2.35 13.89 0.09
N SER A 87 3.15 14.76 -0.50
CA SER A 87 2.61 15.95 -1.16
C SER A 87 1.74 15.58 -2.37
N ILE A 88 2.23 14.66 -3.19
CA ILE A 88 1.47 14.24 -4.38
C ILE A 88 0.18 13.55 -3.98
N VAL A 89 0.29 12.64 -3.03
CA VAL A 89 -0.85 11.87 -2.57
C VAL A 89 -1.85 12.78 -1.84
N SER A 90 -1.34 13.80 -1.17
CA SER A 90 -2.19 14.72 -0.41
C SER A 90 -3.26 15.36 -1.30
N ARG A 91 -2.89 15.74 -2.52
CA ARG A 91 -3.85 16.37 -3.44
C ARG A 91 -4.62 15.32 -4.23
N MET A 92 -4.06 14.10 -4.31
CA MET A 92 -4.73 13.03 -5.04
C MET A 92 -6.08 12.72 -4.40
N ASN A 93 -7.12 12.73 -5.22
CA ASN A 93 -8.46 12.44 -4.73
C ASN A 93 -8.60 10.97 -4.37
N GLN A 94 -9.34 10.68 -3.32
CA GLN A 94 -9.55 9.31 -2.89
C GLN A 94 -10.34 8.56 -3.96
N ALA A 95 -11.26 9.27 -4.59
CA ALA A 95 -12.10 8.70 -5.63
C ALA A 95 -11.29 8.32 -6.87
N THR A 96 -10.26 9.09 -7.21
CA THR A 96 -9.47 8.80 -8.40
C THR A 96 -8.81 7.42 -8.33
N VAL A 97 -8.15 7.10 -7.22
CA VAL A 97 -7.49 5.81 -7.10
C VAL A 97 -8.51 4.68 -7.01
N THR A 98 -9.69 5.00 -6.51
CA THR A 98 -10.75 4.00 -6.39
C THR A 98 -11.12 3.43 -7.76
N SER A 99 -11.26 4.30 -8.76
CA SER A 99 -11.60 3.87 -10.11
C SER A 99 -10.46 3.07 -10.72
N VAL A 100 -9.23 3.47 -10.41
CA VAL A 100 -8.03 2.79 -10.92
C VAL A 100 -8.02 1.34 -10.44
N LEU A 101 -8.78 1.04 -9.40
CA LEU A 101 -8.84 -0.32 -8.85
C LEU A 101 -9.39 -1.32 -9.86
N GLU A 102 -10.40 -0.91 -10.62
CA GLU A 102 -11.01 -1.81 -11.60
C GLU A 102 -9.99 -2.26 -12.65
N TYR A 103 -9.14 -1.35 -13.07
CA TYR A 103 -8.11 -1.64 -14.07
C TYR A 103 -7.12 -2.68 -13.54
N LEU A 104 -6.81 -2.58 -12.26
CA LEU A 104 -5.84 -3.49 -11.64
C LEU A 104 -6.29 -4.96 -11.65
N SER A 105 -7.55 -5.21 -11.32
CA SER A 105 -8.04 -6.59 -11.25
C SER A 105 -8.24 -7.27 -12.61
N ASN A 106 -8.93 -6.60 -13.53
CA ASN A 106 -9.24 -7.19 -14.83
C ASN A 106 -7.99 -7.42 -15.70
N TRP A 107 -7.13 -6.42 -15.80
CA TRP A 107 -5.93 -6.53 -16.63
C TRP A 107 -4.94 -7.54 -16.08
N PHE A 108 -4.85 -7.66 -14.76
CA PHE A 108 -3.90 -8.59 -14.15
C PHE A 108 -2.49 -8.30 -14.66
N GLY A 109 -2.04 -9.12 -15.59
CA GLY A 109 -0.72 -8.93 -16.16
C GLY A 109 0.37 -9.24 -15.14
N GLU A 110 0.15 -10.29 -14.35
CA GLU A 110 1.13 -10.68 -13.35
C GLU A 110 0.73 -12.04 -12.79
N ARG A 111 0.84 -12.19 -11.46
CA ARG A 111 0.47 -13.45 -10.80
C ARG A 111 -0.62 -13.18 -9.77
N ASP A 112 -0.68 -14.04 -8.75
CA ASP A 112 -1.67 -13.91 -7.68
C ASP A 112 -1.03 -13.38 -6.41
N PHE A 113 -1.82 -12.68 -5.60
CA PHE A 113 -1.33 -12.10 -4.35
C PHE A 113 0.00 -11.41 -4.57
N THR A 114 0.31 -11.16 -5.84
CA THR A 114 1.57 -10.51 -6.23
C THR A 114 2.03 -9.49 -5.17
N PRO A 115 3.29 -9.47 -4.79
CA PRO A 115 3.81 -8.52 -3.75
C PRO A 115 3.94 -7.08 -4.27
N GLU A 116 3.92 -6.90 -5.59
CA GLU A 116 4.07 -5.55 -6.15
C GLU A 116 2.87 -4.68 -5.80
N LEU A 117 1.67 -5.25 -5.93
CA LEU A 117 0.44 -4.53 -5.62
C LEU A 117 0.33 -4.31 -4.12
N GLY A 118 0.84 -5.24 -3.34
CA GLY A 118 0.77 -5.15 -1.89
C GLY A 118 1.43 -3.85 -1.40
N ARG A 119 2.57 -3.49 -2.00
CA ARG A 119 3.24 -2.26 -1.60
C ARG A 119 2.31 -1.08 -1.88
N TRP A 120 1.58 -1.20 -2.98
CA TRP A 120 0.62 -0.19 -3.40
C TRP A 120 -0.62 -0.23 -2.49
N LEU A 121 -1.01 -1.44 -2.10
CA LEU A 121 -2.20 -1.65 -1.27
C LEU A 121 -2.19 -0.77 -0.03
N TYR A 122 -1.04 -0.67 0.64
CA TYR A 122 -0.95 0.15 1.85
C TYR A 122 -1.26 1.61 1.55
N ALA A 123 -0.82 2.09 0.40
CA ALA A 123 -1.04 3.49 0.02
C ALA A 123 -2.53 3.84 -0.09
N LEU A 124 -3.35 2.92 -0.58
CA LEU A 124 -4.78 3.20 -0.74
C LEU A 124 -5.44 3.46 0.63
N LEU A 125 -5.10 2.67 1.63
CA LEU A 125 -5.67 2.86 2.95
C LEU A 125 -5.30 4.22 3.51
N ALA A 126 -4.05 4.61 3.31
CA ALA A 126 -3.58 5.90 3.79
C ALA A 126 -4.33 7.02 3.09
N CYS A 127 -4.83 6.76 1.89
CA CYS A 127 -5.57 7.76 1.13
C CYS A 127 -7.03 7.80 1.57
N LEU A 128 -7.46 6.75 2.28
CA LEU A 128 -8.83 6.66 2.79
C LEU A 128 -8.86 7.08 4.26
N GLU A 129 -9.77 8.00 4.58
CA GLU A 129 -9.91 8.49 5.94
C GLU A 129 -11.31 9.08 6.15
N LYS A 130 -11.91 9.53 5.04
CA LYS A 130 -13.26 10.11 5.09
C LYS A 130 -14.26 8.95 5.10
N PRO A 131 -15.55 9.23 5.14
CA PRO A 131 -16.57 8.13 5.14
C PRO A 131 -16.52 7.32 3.84
N LEU A 132 -16.73 6.01 3.95
CA LEU A 132 -16.69 5.14 2.78
C LEU A 132 -18.00 5.21 2.01
N LEU A 133 -17.89 5.39 0.70
CA LEU A 133 -19.08 5.46 -0.14
C LEU A 133 -19.66 4.05 -0.31
N PRO A 134 -20.92 3.89 -0.62
CA PRO A 134 -21.51 2.53 -0.81
C PRO A 134 -20.65 1.68 -1.75
N GLU A 135 -20.20 2.30 -2.84
CA GLU A 135 -19.40 1.60 -3.83
C GLU A 135 -17.99 1.27 -3.30
N ALA A 136 -17.39 2.20 -2.58
CA ALA A 136 -16.04 1.99 -2.04
C ALA A 136 -15.99 0.81 -1.07
N HIS A 137 -16.99 0.71 -0.21
CA HIS A 137 -17.05 -0.37 0.78
C HIS A 137 -17.23 -1.71 0.05
N SER A 138 -18.02 -1.70 -0.99
CA SER A 138 -18.28 -2.90 -1.76
C SER A 138 -17.01 -3.45 -2.40
N LEU A 139 -16.19 -2.56 -2.97
CA LEU A 139 -14.95 -2.99 -3.65
C LEU A 139 -13.96 -3.69 -2.73
N ILE A 140 -13.75 -3.16 -1.53
CA ILE A 140 -12.79 -3.77 -0.61
C ILE A 140 -13.22 -5.20 -0.27
N ARG A 141 -14.52 -5.44 -0.31
CA ARG A 141 -15.07 -6.77 -0.03
C ARG A 141 -14.71 -7.73 -1.17
N GLN A 142 -14.71 -7.23 -2.40
CA GLN A 142 -14.43 -8.06 -3.58
C GLN A 142 -13.02 -8.66 -3.57
N LEU A 143 -12.01 -7.84 -3.30
CA LEU A 143 -10.62 -8.30 -3.32
C LEU A 143 -10.32 -9.31 -2.22
N ALA A 144 -10.91 -9.12 -1.06
CA ALA A 144 -10.67 -10.03 0.06
C ALA A 144 -11.17 -11.45 -0.20
N ARG A 145 -12.35 -11.56 -0.82
CA ARG A 145 -12.94 -12.88 -1.10
C ARG A 145 -12.11 -13.68 -2.10
N ARG A 146 -11.59 -13.00 -3.12
CA ARG A 146 -10.80 -13.68 -4.15
C ARG A 146 -9.55 -14.32 -3.56
N CYS A 147 -8.90 -13.61 -2.65
CA CYS A 147 -7.68 -14.12 -2.01
C CYS A 147 -7.95 -15.49 -1.37
N SER A 148 -9.16 -15.70 -0.85
CA SER A 148 -9.51 -16.96 -0.21
C SER A 148 -9.40 -18.17 -1.13
N GLU A 149 -9.77 -18.01 -2.40
CA GLU A 149 -9.73 -19.14 -3.33
C GLU A 149 -8.28 -19.64 -3.56
N VAL A 150 -7.34 -18.69 -3.63
CA VAL A 150 -5.94 -19.02 -3.85
C VAL A 150 -5.38 -19.88 -2.72
N ARG A 151 -5.75 -19.51 -1.49
CA ARG A 151 -5.27 -20.23 -0.31
C ARG A 151 -5.71 -21.70 -0.31
N LEU A 152 -6.95 -21.95 -0.75
CA LEU A 152 -7.47 -23.32 -0.80
C LEU A 152 -6.64 -24.16 -1.78
N LEU A 153 -6.21 -23.51 -2.87
CA LEU A 153 -5.44 -24.20 -3.90
C LEU A 153 -4.12 -24.73 -3.32
N VAL A 154 -3.51 -23.97 -2.42
CA VAL A 154 -2.25 -24.40 -1.81
C VAL A 154 -2.41 -25.81 -1.23
N ASP A 155 -1.40 -26.65 -1.44
CA ASP A 155 -1.43 -28.04 -0.97
C ASP A 155 -0.79 -28.19 0.40
N SER A 156 -0.01 -27.19 0.84
CA SER A 156 0.67 -27.28 2.15
C SER A 156 0.54 -25.97 2.94
N LYS A 157 0.31 -26.11 4.23
CA LYS A 157 0.17 -24.94 5.11
C LYS A 157 1.54 -24.37 5.45
N ASP A 158 2.56 -25.19 5.28
CA ASP A 158 3.93 -24.77 5.57
C ASP A 158 4.47 -23.94 4.41
N ASP A 159 3.58 -23.57 3.49
CA ASP A 159 3.96 -22.77 2.34
C ASP A 159 4.86 -21.60 2.74
N GLU A 160 4.97 -21.34 4.05
CA GLU A 160 5.80 -20.25 4.57
C GLU A 160 5.23 -18.88 4.20
N ARG A 161 4.46 -18.83 3.12
CA ARG A 161 3.85 -17.56 2.68
C ARG A 161 2.44 -17.42 3.23
N VAL A 162 1.77 -18.57 3.40
CA VAL A 162 0.39 -18.61 3.90
C VAL A 162 0.23 -17.85 5.23
N PRO A 163 1.11 -18.03 6.18
CA PRO A 163 0.99 -17.34 7.50
C PRO A 163 0.85 -15.82 7.33
N ALA A 164 1.68 -15.25 6.48
CA ALA A 164 1.62 -13.81 6.21
C ALA A 164 0.30 -13.44 5.57
N LEU A 165 -0.10 -14.22 4.56
CA LEU A 165 -1.34 -13.96 3.85
C LEU A 165 -2.55 -14.10 4.78
N ASN A 166 -2.56 -15.16 5.57
CA ASN A 166 -3.71 -15.40 6.45
C ASN A 166 -3.91 -14.23 7.39
N LEU A 167 -2.82 -13.70 7.93
CA LEU A 167 -2.87 -12.56 8.85
C LEU A 167 -3.35 -11.30 8.13
N LEU A 168 -2.98 -11.18 6.86
CA LEU A 168 -3.33 -9.99 6.07
C LEU A 168 -4.85 -9.79 5.98
N ILE A 169 -5.61 -10.87 5.75
CA ILE A 169 -7.07 -10.75 5.66
C ILE A 169 -7.64 -10.27 7.00
N CYS A 170 -7.13 -10.80 8.10
CA CYS A 170 -7.61 -10.41 9.42
C CYS A 170 -7.57 -8.89 9.60
N LEU A 171 -6.55 -8.26 9.03
CA LEU A 171 -6.38 -6.81 9.15
C LEU A 171 -7.59 -6.08 8.55
N VAL A 172 -8.07 -6.58 7.41
CA VAL A 172 -9.21 -5.97 6.73
C VAL A 172 -10.49 -6.02 7.59
N SER A 173 -10.74 -7.15 8.23
CA SER A 173 -11.94 -7.32 9.04
C SER A 173 -12.01 -6.33 10.21
N ARG A 174 -10.88 -6.08 10.85
CA ARG A 174 -10.85 -5.18 12.01
C ARG A 174 -10.74 -3.72 11.60
N TYR A 175 -9.88 -3.44 10.63
CA TYR A 175 -9.68 -2.07 10.20
C TYR A 175 -10.97 -1.47 9.62
N PHE A 176 -11.64 -2.22 8.76
CA PHE A 176 -12.88 -1.74 8.15
C PHE A 176 -14.08 -2.04 9.04
N ASP A 177 -13.82 -2.77 10.12
CA ASP A 177 -14.89 -3.14 11.05
C ASP A 177 -15.87 -4.09 10.39
N GLN A 178 -15.44 -4.70 9.29
CA GLN A 178 -16.29 -5.64 8.55
C GLN A 178 -16.23 -7.02 9.21
N ARG A 179 -17.07 -7.22 10.22
CA ARG A 179 -17.09 -8.49 10.96
C ARG A 179 -17.52 -9.65 10.07
N ASP A 180 -17.97 -9.35 8.86
CA ASP A 180 -18.40 -10.40 7.94
C ASP A 180 -17.24 -11.33 7.58
N LEU A 181 -16.03 -10.76 7.51
CA LEU A 181 -14.84 -11.55 7.19
C LEU A 181 -14.13 -12.00 8.46
N ALA A 182 -14.55 -11.46 9.61
CA ALA A 182 -13.91 -11.82 10.87
C ALA A 182 -14.09 -13.32 11.14
N ASP A 183 -13.03 -13.96 11.64
CA ASP A 183 -13.07 -15.38 11.93
C ASP A 183 -13.64 -15.65 13.33
N GLU A 184 -14.79 -15.07 13.62
CA GLU A 184 -15.41 -15.25 14.93
C GLU A 184 -16.01 -16.66 15.03
N PRO A 185 -16.15 -17.24 16.21
CA PRO A 185 -16.75 -18.61 16.35
C PRO A 185 -18.06 -18.74 15.56
N SER A 186 -18.90 -17.72 15.68
CA SER A 186 -20.21 -17.68 15.00
C SER A 186 -21.14 -16.77 15.78
N LEU A 187 -21.19 -17.01 17.09
CA LEU A 187 -22.03 -16.23 18.00
C LEU A 187 -21.16 -15.42 18.95
N GLU A 188 -19.92 -15.19 18.54
CA GLU A 188 -18.96 -14.44 19.35
C GLU A 188 -18.80 -15.10 20.72
N TYR A 189 -18.94 -16.43 20.76
CA TYR A 189 -18.81 -17.18 22.00
C TYR A 189 -18.43 -18.62 21.71
N GLY B 1 26.52 25.56 2.57
CA GLY B 1 25.20 24.89 2.39
C GLY B 1 24.89 24.04 3.61
N GLN B 2 24.62 24.70 4.73
CA GLN B 2 24.32 24.00 5.98
C GLN B 2 23.10 23.11 5.81
N SER B 3 23.34 21.83 5.52
CA SER B 3 22.25 20.87 5.36
C SER B 3 21.70 20.46 6.72
N ASP B 4 20.47 19.94 6.73
CA ASP B 4 19.84 19.53 7.98
C ASP B 4 18.65 18.61 7.71
N ASP B 5 18.68 17.94 6.57
CA ASP B 5 17.59 17.02 6.21
C ASP B 5 17.57 15.81 7.12
N SER B 6 16.37 15.38 7.51
CA SER B 6 16.24 14.21 8.38
C SER B 6 14.79 13.72 8.40
N ASP B 7 13.85 14.66 8.31
CA ASP B 7 12.43 14.30 8.32
C ASP B 7 11.96 13.93 6.93
N ILE B 8 12.68 14.40 5.93
CA ILE B 8 12.35 14.14 4.55
C ILE B 8 12.42 12.65 4.25
N TRP B 9 13.46 12.00 4.74
CA TRP B 9 13.66 10.57 4.50
C TRP B 9 12.65 9.74 5.30
N ASP B 10 11.94 10.40 6.21
CA ASP B 10 10.94 9.71 7.02
C ASP B 10 9.65 9.55 6.23
N ASP B 11 9.59 10.14 5.05
CA ASP B 11 8.41 10.04 4.19
C ASP B 11 8.24 8.62 3.71
N THR B 12 9.35 7.88 3.69
CA THR B 12 9.34 6.49 3.27
C THR B 12 8.83 5.62 4.40
N ALA B 13 8.32 6.29 5.44
CA ALA B 13 7.80 5.59 6.61
C ALA B 13 6.72 4.60 6.19
N LEU B 14 5.90 5.01 5.24
CA LEU B 14 4.83 4.15 4.74
C LEU B 14 5.45 2.92 4.07
N ILE B 15 6.53 3.15 3.34
CA ILE B 15 7.20 2.09 2.62
C ILE B 15 7.80 1.05 3.58
N LYS B 16 8.42 1.54 4.65
CA LYS B 16 9.04 0.65 5.65
C LYS B 16 8.01 -0.31 6.23
N ALA B 17 6.80 0.18 6.42
CA ALA B 17 5.72 -0.60 7.01
C ALA B 17 5.43 -1.86 6.18
N TYR B 18 5.71 -1.79 4.88
CA TYR B 18 5.46 -2.93 4.00
C TYR B 18 6.29 -4.16 4.40
N ASP B 19 7.59 -3.96 4.62
CA ASP B 19 8.49 -5.07 4.95
C ASP B 19 8.16 -5.78 6.26
N LYS B 20 7.88 -5.03 7.32
CA LYS B 20 7.60 -5.63 8.62
C LYS B 20 6.32 -6.48 8.60
N ALA B 21 5.30 -6.04 7.89
CA ALA B 21 4.05 -6.79 7.83
C ALA B 21 4.27 -8.18 7.24
N VAL B 22 4.95 -8.21 6.09
CA VAL B 22 5.24 -9.47 5.41
C VAL B 22 6.27 -10.27 6.21
N ALA B 23 7.29 -9.59 6.73
CA ALA B 23 8.33 -10.26 7.50
C ALA B 23 7.75 -10.99 8.70
N SER B 24 6.56 -10.57 9.12
CA SER B 24 5.91 -11.19 10.28
C SER B 24 5.80 -12.70 10.12
N PHE B 25 6.89 -13.39 10.41
CA PHE B 25 6.92 -14.85 10.31
C PHE B 25 8.09 -15.40 11.12
N LYS B 26 9.13 -14.59 11.31
CA LYS B 26 10.29 -15.02 12.07
C LYS B 26 9.87 -15.72 13.36
N GLY A 1 6.70 -18.95 27.47
CA GLY A 1 6.35 -17.58 27.93
C GLY A 1 5.24 -17.01 27.05
N TYR A 2 4.38 -17.89 26.55
CA TYR A 2 3.28 -17.47 25.70
C TYR A 2 2.14 -16.90 26.54
N SER A 3 1.79 -15.65 26.28
CA SER A 3 0.72 -14.99 27.00
C SER A 3 0.56 -13.55 26.52
N PRO A 4 1.61 -12.75 26.54
CA PRO A 4 1.54 -11.35 26.08
C PRO A 4 1.62 -11.25 24.56
N THR A 5 0.87 -12.11 23.88
CA THR A 5 0.87 -12.13 22.42
C THR A 5 0.01 -10.98 21.89
N LEU A 6 -0.52 -10.17 22.80
CA LEU A 6 -1.35 -9.03 22.43
C LEU A 6 -0.55 -8.03 21.60
N GLN A 7 0.71 -7.81 22.01
CA GLN A 7 1.57 -6.87 21.30
C GLN A 7 1.67 -7.24 19.83
N TRP A 8 1.77 -8.52 19.53
CA TRP A 8 1.89 -8.98 18.15
C TRP A 8 0.66 -8.57 17.33
N GLN A 9 -0.52 -8.74 17.90
CA GLN A 9 -1.76 -8.40 17.20
C GLN A 9 -1.87 -6.90 16.91
N GLN A 10 -1.43 -6.09 17.87
CA GLN A 10 -1.50 -4.63 17.73
C GLN A 10 -0.67 -4.13 16.55
N GLN A 11 0.49 -4.75 16.32
CA GLN A 11 1.37 -4.34 15.22
C GLN A 11 0.59 -4.05 13.94
N GLN A 12 -0.43 -4.85 13.66
CA GLN A 12 -1.22 -4.68 12.44
C GLN A 12 -2.00 -3.37 12.46
N VAL A 13 -3.04 -3.32 13.28
CA VAL A 13 -3.89 -2.13 13.38
C VAL A 13 -3.13 -0.92 13.91
N ALA A 14 -2.26 -1.16 14.89
CA ALA A 14 -1.49 -0.08 15.51
C ALA A 14 -0.67 0.70 14.49
N GLN A 15 -0.12 0.01 13.51
CA GLN A 15 0.71 0.65 12.49
C GLN A 15 -0.10 1.66 11.66
N PHE A 16 -1.34 1.31 11.37
CA PHE A 16 -2.19 2.18 10.54
C PHE A 16 -2.39 3.56 11.17
N SER A 17 -2.73 3.60 12.45
CA SER A 17 -2.92 4.87 13.14
C SER A 17 -1.62 5.66 13.11
N THR A 18 -0.53 4.93 13.30
CA THR A 18 0.80 5.51 13.31
C THR A 18 1.14 6.15 11.96
N VAL A 19 0.78 5.50 10.86
CA VAL A 19 1.08 6.04 9.54
C VAL A 19 0.48 7.44 9.39
N ARG A 20 -0.75 7.61 9.87
CA ARG A 20 -1.39 8.91 9.77
C ARG A 20 -0.58 9.99 10.48
N GLN A 21 0.04 9.61 11.60
CA GLN A 21 0.86 10.57 12.36
C GLN A 21 2.03 11.08 11.54
N ASN A 22 2.61 10.19 10.74
CA ASN A 22 3.76 10.53 9.91
C ASN A 22 3.43 11.58 8.86
N VAL A 23 2.25 11.49 8.27
CA VAL A 23 1.85 12.43 7.23
C VAL A 23 1.72 13.85 7.79
N ASN A 24 1.13 13.95 8.97
CA ASN A 24 0.92 15.25 9.60
C ASN A 24 2.24 15.98 9.88
N LYS A 25 3.24 15.24 10.35
CA LYS A 25 4.53 15.85 10.66
C LYS A 25 5.21 16.42 9.42
N HIS A 26 5.17 15.66 8.34
CA HIS A 26 5.82 16.07 7.10
C HIS A 26 4.98 17.10 6.34
N ARG A 27 3.80 17.41 6.85
CA ARG A 27 2.93 18.37 6.18
C ARG A 27 3.63 19.72 6.04
N SER A 28 4.26 20.17 7.12
CA SER A 28 4.97 21.45 7.11
C SER A 28 6.17 21.38 6.16
N HIS A 29 6.80 20.20 6.12
CA HIS A 29 7.97 19.99 5.28
C HIS A 29 7.64 20.16 3.79
N TRP A 30 6.58 19.51 3.33
CA TRP A 30 6.20 19.60 1.93
C TRP A 30 5.76 21.01 1.54
N LYS A 31 5.13 21.71 2.46
CA LYS A 31 4.65 23.07 2.19
C LYS A 31 5.82 23.98 1.83
N SER A 32 6.98 23.74 2.45
CA SER A 32 8.17 24.54 2.21
C SER A 32 8.90 24.08 0.95
N GLN A 33 8.43 23.00 0.33
CA GLN A 33 9.07 22.47 -0.88
C GLN A 33 8.35 22.96 -2.14
N GLN A 34 9.10 23.07 -3.23
CA GLN A 34 8.53 23.53 -4.49
C GLN A 34 7.66 22.43 -5.13
N LEU A 35 8.05 21.97 -6.31
CA LEU A 35 7.28 20.94 -7.00
C LEU A 35 7.24 19.63 -6.19
N ASP A 36 8.34 19.27 -5.57
CA ASP A 36 8.38 18.05 -4.79
C ASP A 36 7.21 18.01 -3.82
N SER A 37 6.57 19.15 -3.64
CA SER A 37 5.44 19.25 -2.74
C SER A 37 4.32 18.30 -3.18
N ASN A 38 4.05 18.28 -4.47
CA ASN A 38 2.99 17.44 -5.00
C ASN A 38 3.16 17.30 -6.51
N VAL A 39 4.21 17.96 -7.00
CA VAL A 39 4.56 17.99 -8.41
C VAL A 39 3.33 18.00 -9.32
N THR A 40 3.55 17.75 -10.62
CA THR A 40 2.47 17.73 -11.61
C THR A 40 2.28 16.31 -12.14
N MET A 41 1.05 15.81 -12.09
CA MET A 41 0.73 14.45 -12.56
C MET A 41 -0.04 14.50 -13.89
N PRO A 42 -0.12 13.42 -14.67
CA PRO A 42 -0.87 13.46 -15.96
C PRO A 42 -2.35 13.81 -15.77
N LYS A 43 -2.90 14.53 -16.73
CA LYS A 43 -4.29 14.93 -16.66
C LYS A 43 -5.20 13.74 -16.36
N SER A 44 -6.26 13.99 -15.59
CA SER A 44 -7.20 12.94 -15.22
C SER A 44 -7.85 12.35 -16.47
N GLU A 45 -8.00 13.17 -17.51
CA GLU A 45 -8.63 12.71 -18.74
C GLU A 45 -7.74 11.69 -19.44
N ASP A 46 -6.47 11.61 -19.01
CA ASP A 46 -5.50 10.68 -19.58
C ASP A 46 -5.21 9.54 -18.61
N GLU A 47 -6.17 8.63 -18.46
CA GLU A 47 -6.00 7.50 -17.56
C GLU A 47 -4.75 6.70 -17.90
N GLU A 48 -4.35 6.77 -19.17
CA GLU A 48 -3.17 6.06 -19.62
C GLU A 48 -1.92 6.58 -18.92
N GLY A 49 -1.86 7.89 -18.74
CA GLY A 49 -0.71 8.51 -18.07
C GLY A 49 -0.63 8.10 -16.61
N TRP A 50 -1.79 7.99 -15.98
CA TRP A 50 -1.87 7.61 -14.57
C TRP A 50 -1.42 6.17 -14.35
N LYS A 51 -1.91 5.26 -15.19
CA LYS A 51 -1.57 3.85 -15.06
C LYS A 51 -0.07 3.62 -15.22
N LYS A 52 0.51 4.17 -16.26
CA LYS A 52 1.93 3.98 -16.52
C LYS A 52 2.80 4.75 -15.52
N PHE A 53 2.45 6.00 -15.26
CA PHE A 53 3.24 6.82 -14.36
C PHE A 53 3.21 6.31 -12.91
N CYS A 54 2.01 6.04 -12.40
CA CYS A 54 1.87 5.58 -11.02
C CYS A 54 2.37 4.14 -10.82
N LEU A 55 2.01 3.23 -11.73
CA LEU A 55 2.41 1.82 -11.59
C LEU A 55 3.65 1.51 -12.44
N GLY A 56 4.21 2.53 -13.06
CA GLY A 56 5.40 2.35 -13.88
C GLY A 56 5.11 1.51 -15.12
N GLU A 57 6.05 0.65 -15.48
CA GLU A 57 5.90 -0.21 -16.65
C GLU A 57 7.06 -1.20 -16.72
N LYS A 58 8.26 -0.70 -16.44
CA LYS A 58 9.46 -1.54 -16.48
C LYS A 58 9.40 -2.63 -15.42
N LEU A 59 8.69 -2.36 -14.34
CA LEU A 59 8.56 -3.33 -13.26
C LEU A 59 7.89 -4.58 -13.81
N CYS A 60 6.85 -4.38 -14.61
CA CYS A 60 6.12 -5.49 -15.22
C CYS A 60 7.01 -6.18 -16.25
N ALA A 61 7.74 -5.40 -17.04
CA ALA A 61 8.61 -5.95 -18.07
C ALA A 61 9.68 -6.87 -17.47
N ASP A 62 10.36 -6.37 -16.44
CA ASP A 62 11.41 -7.15 -15.79
C ASP A 62 10.83 -8.13 -14.77
N GLY A 63 11.30 -8.05 -13.53
CA GLY A 63 10.83 -8.94 -12.47
C GLY A 63 11.96 -9.20 -11.47
N ALA A 64 12.62 -10.35 -11.62
CA ALA A 64 13.71 -10.70 -10.72
C ALA A 64 14.88 -9.74 -10.90
N VAL A 65 15.12 -9.35 -12.15
CA VAL A 65 16.22 -8.43 -12.45
C VAL A 65 15.78 -6.99 -12.18
N GLY A 66 16.19 -6.45 -11.03
CA GLY A 66 15.83 -5.08 -10.66
C GLY A 66 16.88 -4.46 -9.76
N PRO A 67 16.97 -4.91 -8.54
CA PRO A 67 17.95 -4.38 -7.55
C PRO A 67 19.39 -4.54 -8.05
N ALA A 68 19.62 -5.57 -8.86
CA ALA A 68 20.96 -5.80 -9.41
C ALA A 68 21.25 -4.85 -10.55
N THR A 69 20.19 -4.25 -11.09
CA THR A 69 20.33 -3.31 -12.19
C THR A 69 20.60 -1.90 -11.66
N ASN A 70 20.65 -1.77 -10.34
CA ASN A 70 20.88 -0.47 -9.72
C ASN A 70 22.33 -0.02 -9.92
N GLU A 71 22.89 -0.33 -11.08
CA GLU A 71 24.27 0.04 -11.40
C GLU A 71 24.30 1.47 -11.93
N SER A 72 23.25 2.23 -11.61
CA SER A 72 23.13 3.62 -12.04
C SER A 72 24.50 4.32 -12.05
N PRO A 73 25.15 4.48 -13.20
CA PRO A 73 26.49 5.14 -13.25
C PRO A 73 26.39 6.66 -13.10
N GLY A 74 25.17 7.19 -13.25
CA GLY A 74 24.93 8.63 -13.13
C GLY A 74 24.07 9.15 -14.29
N ILE A 75 22.92 8.50 -14.50
CA ILE A 75 22.03 8.93 -15.58
C ILE A 75 21.50 10.33 -15.31
N ASP A 76 21.13 10.60 -14.05
CA ASP A 76 20.60 11.89 -13.64
C ASP A 76 19.10 11.95 -13.88
N TYR A 77 18.69 11.97 -15.14
CA TYR A 77 17.26 12.02 -15.46
C TYR A 77 16.52 10.95 -14.68
N VAL A 78 17.27 9.96 -14.22
CA VAL A 78 16.70 8.87 -13.45
C VAL A 78 16.14 9.37 -12.13
N GLN A 79 16.84 10.33 -11.50
CA GLN A 79 16.41 10.88 -10.21
C GLN A 79 15.62 12.16 -10.39
N ILE A 80 15.41 12.55 -11.64
CA ILE A 80 14.64 13.75 -11.93
C ILE A 80 13.15 13.44 -11.90
N GLY A 81 12.81 12.19 -12.15
CA GLY A 81 11.41 11.76 -12.13
C GLY A 81 10.86 11.85 -10.72
N PHE A 82 9.55 12.10 -10.60
CA PHE A 82 8.91 12.22 -9.28
C PHE A 82 8.35 10.86 -8.83
N PRO A 83 8.92 10.22 -7.82
CA PRO A 83 8.38 8.90 -7.34
C PRO A 83 7.15 9.13 -6.48
N PRO A 84 6.33 8.13 -6.27
CA PRO A 84 5.11 8.29 -5.43
C PRO A 84 5.49 8.61 -3.98
N LEU A 85 4.77 9.56 -3.38
CA LEU A 85 5.04 9.97 -2.00
C LEU A 85 3.74 10.32 -1.28
N LEU A 86 3.84 10.50 0.02
CA LEU A 86 2.69 10.83 0.84
C LEU A 86 2.11 12.19 0.44
N SER A 87 2.99 13.15 0.15
CA SER A 87 2.54 14.49 -0.23
C SER A 87 1.72 14.48 -1.52
N ILE A 88 2.20 13.74 -2.53
CA ILE A 88 1.47 13.66 -3.80
C ILE A 88 0.14 12.97 -3.57
N VAL A 89 0.21 11.90 -2.81
CA VAL A 89 -0.96 11.09 -2.49
C VAL A 89 -1.94 11.89 -1.62
N SER A 90 -1.40 12.75 -0.77
CA SER A 90 -2.23 13.56 0.13
C SER A 90 -3.24 14.41 -0.62
N ARG A 91 -2.85 14.96 -1.77
CA ARG A 91 -3.77 15.81 -2.54
C ARG A 91 -4.64 14.96 -3.47
N MET A 92 -4.20 13.73 -3.72
CA MET A 92 -4.97 12.84 -4.58
C MET A 92 -6.34 12.58 -3.99
N ASN A 93 -7.36 12.64 -4.82
CA ASN A 93 -8.72 12.41 -4.37
C ASN A 93 -8.95 10.93 -4.08
N GLN A 94 -9.77 10.65 -3.07
CA GLN A 94 -10.09 9.27 -2.71
C GLN A 94 -10.85 8.60 -3.85
N ALA A 95 -11.74 9.36 -4.46
CA ALA A 95 -12.57 8.87 -5.54
C ALA A 95 -11.75 8.54 -6.78
N THR A 96 -10.70 9.31 -7.05
CA THR A 96 -9.90 9.07 -8.25
C THR A 96 -9.23 7.69 -8.24
N VAL A 97 -8.53 7.35 -7.15
CA VAL A 97 -7.86 6.05 -7.07
C VAL A 97 -8.87 4.92 -6.91
N THR A 98 -10.03 5.23 -6.37
CA THR A 98 -11.05 4.21 -6.15
C THR A 98 -11.49 3.62 -7.50
N SER A 99 -11.71 4.49 -8.48
CA SER A 99 -12.12 4.07 -9.81
C SER A 99 -11.01 3.26 -10.46
N VAL A 100 -9.77 3.70 -10.25
CA VAL A 100 -8.61 3.01 -10.82
C VAL A 100 -8.56 1.57 -10.34
N LEU A 101 -9.15 1.31 -9.18
CA LEU A 101 -9.16 -0.04 -8.61
C LEU A 101 -9.98 -0.98 -9.51
N GLU A 102 -11.12 -0.48 -9.98
CA GLU A 102 -12.02 -1.29 -10.80
C GLU A 102 -11.45 -1.60 -12.19
N TYR A 103 -10.85 -0.61 -12.85
CA TYR A 103 -10.31 -0.82 -14.19
C TYR A 103 -9.20 -1.87 -14.20
N LEU A 104 -8.23 -1.69 -13.32
CA LEU A 104 -7.08 -2.60 -13.25
C LEU A 104 -7.50 -4.03 -12.95
N SER A 105 -8.45 -4.20 -12.06
CA SER A 105 -8.93 -5.53 -11.68
C SER A 105 -9.61 -6.22 -12.87
N ASN A 106 -10.21 -5.43 -13.76
CA ASN A 106 -10.93 -5.96 -14.91
C ASN A 106 -10.01 -6.77 -15.85
N TRP A 107 -8.77 -6.32 -15.99
CA TRP A 107 -7.84 -7.01 -16.88
C TRP A 107 -7.76 -8.50 -16.53
N PHE A 108 -7.62 -8.80 -15.23
CA PHE A 108 -7.54 -10.20 -14.75
C PHE A 108 -6.91 -11.12 -15.80
N GLY A 109 -7.41 -12.35 -15.88
CA GLY A 109 -6.89 -13.32 -16.84
C GLY A 109 -5.53 -13.86 -16.40
N GLU A 110 -5.18 -13.61 -15.16
CA GLU A 110 -3.90 -14.06 -14.61
C GLU A 110 -3.99 -14.17 -13.09
N ARG A 111 -3.16 -15.03 -12.51
CA ARG A 111 -3.13 -15.21 -11.06
C ARG A 111 -2.24 -14.15 -10.43
N ASP A 112 -2.67 -12.89 -10.55
CA ASP A 112 -1.90 -11.78 -9.99
C ASP A 112 -2.08 -11.69 -8.48
N PHE A 113 -1.02 -11.32 -7.79
CA PHE A 113 -1.02 -11.16 -6.34
C PHE A 113 0.37 -10.74 -5.90
N THR A 114 1.27 -10.63 -6.88
CA THR A 114 2.68 -10.26 -6.66
C THR A 114 2.85 -9.44 -5.37
N PRO A 115 3.92 -9.64 -4.62
CA PRO A 115 4.16 -8.90 -3.35
C PRO A 115 4.64 -7.47 -3.62
N GLU A 116 4.91 -7.17 -4.87
CA GLU A 116 5.37 -5.84 -5.26
C GLU A 116 4.26 -4.82 -5.04
N LEU A 117 3.04 -5.22 -5.40
CA LEU A 117 1.86 -4.36 -5.27
C LEU A 117 1.56 -4.07 -3.79
N GLY A 118 1.94 -5.00 -2.93
CA GLY A 118 1.67 -4.83 -1.50
C GLY A 118 2.26 -3.53 -0.98
N ARG A 119 3.46 -3.18 -1.44
CA ARG A 119 4.08 -1.93 -1.01
C ARG A 119 3.18 -0.77 -1.44
N TRP A 120 2.71 -0.85 -2.68
CA TRP A 120 1.83 0.17 -3.24
C TRP A 120 0.45 0.15 -2.55
N LEU A 121 -0.01 -1.06 -2.23
CA LEU A 121 -1.32 -1.25 -1.59
C LEU A 121 -1.48 -0.37 -0.34
N TYR A 122 -0.42 -0.26 0.46
CA TYR A 122 -0.49 0.54 1.69
C TYR A 122 -0.84 1.99 1.38
N ALA A 123 -0.30 2.54 0.29
CA ALA A 123 -0.55 3.93 -0.06
C ALA A 123 -2.05 4.20 -0.28
N LEU A 124 -2.77 3.21 -0.83
CA LEU A 124 -4.20 3.40 -1.10
C LEU A 124 -4.98 3.67 0.19
N LEU A 125 -4.69 2.91 1.23
CA LEU A 125 -5.39 3.07 2.50
C LEU A 125 -5.09 4.45 3.10
N ALA A 126 -3.84 4.87 2.97
CA ALA A 126 -3.39 6.15 3.51
C ALA A 126 -4.13 7.32 2.85
N CYS A 127 -4.66 7.10 1.65
CA CYS A 127 -5.37 8.16 0.94
C CYS A 127 -6.82 8.26 1.43
N LEU A 128 -7.30 7.21 2.09
CA LEU A 128 -8.67 7.19 2.62
C LEU A 128 -8.67 7.80 4.03
N GLU A 129 -9.59 8.72 4.25
CA GLU A 129 -9.72 9.39 5.55
C GLU A 129 -10.68 8.63 6.47
N LYS A 130 -10.88 9.16 7.67
CA LYS A 130 -11.76 8.51 8.63
C LYS A 130 -13.06 8.04 7.96
N PRO A 131 -13.90 8.94 7.49
CA PRO A 131 -15.18 8.55 6.81
C PRO A 131 -14.93 7.79 5.51
N LEU A 132 -15.77 6.77 5.26
CA LEU A 132 -15.68 5.96 4.04
C LEU A 132 -17.00 5.99 3.29
N LEU A 133 -16.95 6.26 1.99
CA LEU A 133 -18.16 6.33 1.18
C LEU A 133 -18.83 4.94 1.10
N PRO A 134 -20.15 4.85 0.98
CA PRO A 134 -20.84 3.53 0.88
C PRO A 134 -20.21 2.61 -0.18
N GLU A 135 -19.90 3.19 -1.34
CA GLU A 135 -19.31 2.41 -2.44
C GLU A 135 -17.93 1.89 -2.07
N ALA A 136 -17.18 2.68 -1.30
CA ALA A 136 -15.83 2.28 -0.90
C ALA A 136 -15.85 1.00 -0.07
N HIS A 137 -16.89 0.83 0.74
CA HIS A 137 -17.00 -0.37 1.58
C HIS A 137 -17.16 -1.63 0.72
N SER A 138 -17.95 -1.52 -0.34
CA SER A 138 -18.21 -2.64 -1.22
C SER A 138 -16.93 -3.17 -1.89
N LEU A 139 -16.10 -2.28 -2.39
CA LEU A 139 -14.86 -2.67 -3.08
C LEU A 139 -13.84 -3.37 -2.17
N ILE A 140 -13.66 -2.89 -0.96
CA ILE A 140 -12.68 -3.49 -0.06
C ILE A 140 -13.09 -4.91 0.33
N ARG A 141 -14.38 -5.15 0.40
CA ARG A 141 -14.89 -6.47 0.76
C ARG A 141 -14.67 -7.50 -0.36
N GLN A 142 -14.88 -7.09 -1.60
CA GLN A 142 -14.77 -8.00 -2.75
C GLN A 142 -13.34 -8.51 -2.98
N LEU A 143 -12.34 -7.65 -2.85
CA LEU A 143 -10.96 -8.08 -3.09
C LEU A 143 -10.49 -9.10 -2.05
N ALA A 144 -10.95 -8.94 -0.81
CA ALA A 144 -10.55 -9.84 0.26
C ALA A 144 -11.02 -11.28 0.00
N ARG A 145 -12.21 -11.42 -0.57
CA ARG A 145 -12.77 -12.74 -0.85
C ARG A 145 -11.96 -13.50 -1.89
N ARG A 146 -11.49 -12.79 -2.91
CA ARG A 146 -10.70 -13.42 -3.97
C ARG A 146 -9.39 -13.99 -3.44
N CYS A 147 -8.76 -13.26 -2.53
CA CYS A 147 -7.48 -13.68 -1.94
C CYS A 147 -7.59 -15.07 -1.31
N SER A 148 -8.74 -15.37 -0.71
CA SER A 148 -8.95 -16.65 -0.06
C SER A 148 -8.84 -17.83 -1.03
N GLU A 149 -9.37 -17.67 -2.23
CA GLU A 149 -9.34 -18.75 -3.21
C GLU A 149 -7.91 -19.12 -3.61
N VAL A 150 -7.07 -18.10 -3.76
CA VAL A 150 -5.68 -18.32 -4.15
C VAL A 150 -4.91 -19.11 -3.09
N ARG A 151 -5.17 -18.79 -1.84
CA ARG A 151 -4.49 -19.42 -0.71
C ARG A 151 -4.74 -20.93 -0.64
N LEU A 152 -5.97 -21.36 -0.90
CA LEU A 152 -6.30 -22.80 -0.85
C LEU A 152 -5.55 -23.59 -1.92
N LEU A 153 -5.43 -22.98 -3.11
CA LEU A 153 -4.78 -23.62 -4.25
C LEU A 153 -3.32 -23.95 -3.98
N VAL A 154 -2.64 -23.07 -3.24
CA VAL A 154 -1.21 -23.26 -2.92
C VAL A 154 -0.82 -24.73 -2.82
N ASP A 155 0.45 -25.02 -3.06
CA ASP A 155 0.96 -26.40 -2.99
C ASP A 155 0.83 -26.93 -1.57
N SER A 156 1.03 -26.06 -0.57
CA SER A 156 0.93 -26.48 0.83
C SER A 156 0.55 -25.30 1.72
N LYS A 157 -0.26 -25.57 2.74
CA LYS A 157 -0.68 -24.53 3.68
C LYS A 157 0.51 -23.99 4.46
N ASP A 158 1.46 -24.87 4.75
CA ASP A 158 2.65 -24.50 5.52
C ASP A 158 3.68 -23.81 4.63
N ASP A 159 3.26 -23.47 3.41
CA ASP A 159 4.15 -22.81 2.43
C ASP A 159 5.25 -21.97 3.08
N GLU A 160 5.05 -20.66 3.09
CA GLU A 160 6.02 -19.73 3.67
C GLU A 160 5.45 -18.33 3.56
N ARG A 161 4.59 -18.14 2.57
CA ARG A 161 3.95 -16.85 2.31
C ARG A 161 2.57 -16.81 2.95
N VAL A 162 1.94 -17.97 3.04
CA VAL A 162 0.61 -18.08 3.61
C VAL A 162 0.52 -17.38 4.99
N PRO A 163 1.47 -17.58 5.88
CA PRO A 163 1.43 -16.94 7.24
C PRO A 163 1.29 -15.41 7.14
N ALA A 164 2.06 -14.80 6.25
CA ALA A 164 1.98 -13.35 6.07
C ALA A 164 0.61 -12.97 5.53
N LEU A 165 0.13 -13.77 4.58
CA LEU A 165 -1.16 -13.52 3.97
C LEU A 165 -2.30 -13.60 4.99
N ASN A 166 -2.22 -14.57 5.88
CA ASN A 166 -3.28 -14.77 6.87
C ASN A 166 -3.44 -13.54 7.79
N LEU A 167 -2.32 -12.99 8.26
CA LEU A 167 -2.36 -11.83 9.14
C LEU A 167 -2.92 -10.61 8.41
N LEU A 168 -2.55 -10.49 7.14
CA LEU A 168 -2.97 -9.37 6.29
C LEU A 168 -4.50 -9.30 6.17
N ILE A 169 -5.14 -10.45 6.02
CA ILE A 169 -6.60 -10.52 5.89
C ILE A 169 -7.29 -10.01 7.16
N CYS A 170 -6.78 -10.42 8.31
CA CYS A 170 -7.37 -10.00 9.59
C CYS A 170 -7.35 -8.48 9.71
N LEU A 171 -6.34 -7.85 9.15
CA LEU A 171 -6.19 -6.40 9.21
C LEU A 171 -7.38 -5.70 8.56
N VAL A 172 -7.79 -6.20 7.40
CA VAL A 172 -8.92 -5.60 6.69
C VAL A 172 -10.22 -5.71 7.49
N SER A 173 -10.42 -6.86 8.12
CA SER A 173 -11.63 -7.08 8.90
C SER A 173 -11.83 -6.02 9.97
N ARG A 174 -10.77 -5.69 10.70
CA ARG A 174 -10.87 -4.67 11.74
C ARG A 174 -11.06 -3.30 11.11
N TYR A 175 -10.34 -3.06 10.02
CA TYR A 175 -10.42 -1.78 9.34
C TYR A 175 -11.83 -1.55 8.78
N PHE A 176 -12.38 -2.57 8.13
CA PHE A 176 -13.72 -2.48 7.54
C PHE A 176 -14.79 -2.72 8.61
N ASP A 177 -14.34 -3.10 9.80
CA ASP A 177 -15.23 -3.35 10.94
C ASP A 177 -15.97 -4.68 10.79
N GLN A 178 -15.76 -5.38 9.69
CA GLN A 178 -16.43 -6.66 9.46
C GLN A 178 -15.67 -7.78 10.19
N ARG A 179 -16.07 -8.05 11.42
CA ARG A 179 -15.43 -9.10 12.21
C ARG A 179 -15.83 -10.48 11.69
N ASP A 180 -16.80 -10.52 10.80
CA ASP A 180 -17.26 -11.79 10.24
C ASP A 180 -16.20 -12.37 9.32
N LEU A 181 -15.41 -11.49 8.71
CA LEU A 181 -14.34 -11.90 7.79
C LEU A 181 -13.04 -12.14 8.55
N ALA A 182 -13.06 -11.91 9.86
CA ALA A 182 -11.87 -12.09 10.67
C ALA A 182 -11.38 -13.53 10.58
N ASP A 183 -12.32 -14.46 10.37
CA ASP A 183 -11.99 -15.87 10.25
C ASP A 183 -11.21 -16.38 11.46
N GLU A 184 -11.53 -15.84 12.64
CA GLU A 184 -10.85 -16.26 13.87
C GLU A 184 -11.57 -17.49 14.46
N PRO A 185 -10.86 -18.37 15.14
CA PRO A 185 -11.49 -19.58 15.75
C PRO A 185 -12.25 -19.23 17.04
N SER A 186 -11.62 -19.46 18.18
CA SER A 186 -12.24 -19.16 19.47
C SER A 186 -11.17 -19.07 20.55
N LEU A 187 -9.95 -18.72 20.15
CA LEU A 187 -8.84 -18.59 21.08
C LEU A 187 -8.56 -19.91 21.78
N GLU A 188 -9.36 -20.93 21.46
CA GLU A 188 -9.20 -22.24 22.07
C GLU A 188 -8.98 -22.12 23.57
N TYR A 189 -9.43 -21.01 24.15
CA TYR A 189 -9.29 -20.79 25.58
C TYR A 189 -10.18 -19.65 26.05
N GLY B 1 28.46 24.99 0.20
CA GLY B 1 27.60 24.71 1.40
C GLY B 1 26.24 25.36 1.18
N GLN B 2 25.19 24.54 1.12
CA GLN B 2 23.83 25.03 0.93
C GLN B 2 22.82 24.09 1.59
N SER B 3 21.65 24.63 1.91
CA SER B 3 20.60 23.84 2.54
C SER B 3 20.04 22.79 1.58
N ASP B 4 19.74 21.61 2.10
CA ASP B 4 19.20 20.53 1.29
C ASP B 4 18.35 19.60 2.15
N ASP B 5 17.85 20.13 3.25
CA ASP B 5 17.03 19.35 4.17
C ASP B 5 15.67 19.04 3.54
N SER B 6 15.11 17.89 3.90
CA SER B 6 13.81 17.48 3.37
C SER B 6 13.44 16.08 3.84
N ASP B 7 14.41 15.16 3.82
CA ASP B 7 14.18 13.79 4.26
C ASP B 7 14.66 13.60 5.69
N ILE B 8 15.14 14.69 6.28
CA ILE B 8 15.65 14.67 7.64
C ILE B 8 14.86 13.72 8.54
N TRP B 9 13.53 13.73 8.44
CA TRP B 9 12.69 12.88 9.27
C TRP B 9 12.65 11.45 8.72
N ASP B 10 11.45 11.00 8.33
CA ASP B 10 11.29 9.65 7.79
C ASP B 10 10.06 9.59 6.88
N ASP B 11 10.15 10.27 5.74
CA ASP B 11 9.04 10.30 4.79
C ASP B 11 8.86 8.94 4.13
N THR B 12 9.89 8.10 4.23
CA THR B 12 9.83 6.76 3.65
C THR B 12 9.10 5.82 4.60
N ALA B 13 8.48 6.40 5.63
CA ALA B 13 7.76 5.61 6.62
C ALA B 13 6.84 4.60 5.96
N LEU B 14 6.23 5.02 4.85
CA LEU B 14 5.31 4.14 4.13
C LEU B 14 6.04 2.95 3.51
N ILE B 15 7.21 3.22 2.94
CA ILE B 15 7.97 2.17 2.27
C ILE B 15 8.44 1.09 3.24
N LYS B 16 8.98 1.52 4.37
CA LYS B 16 9.49 0.59 5.37
C LYS B 16 8.36 -0.24 6.00
N ALA B 17 7.15 0.32 6.00
CA ALA B 17 6.01 -0.40 6.58
C ALA B 17 5.78 -1.72 5.85
N TYR B 18 6.15 -1.76 4.58
CA TYR B 18 5.99 -2.97 3.76
C TYR B 18 6.78 -4.15 4.34
N ASP B 19 8.02 -3.91 4.73
CA ASP B 19 8.87 -4.99 5.24
C ASP B 19 8.39 -5.57 6.57
N LYS B 20 7.94 -4.72 7.49
CA LYS B 20 7.49 -5.18 8.80
C LYS B 20 6.28 -6.11 8.71
N ALA B 21 5.29 -5.71 7.93
CA ALA B 21 4.06 -6.51 7.81
C ALA B 21 4.35 -7.88 7.20
N VAL B 22 5.10 -7.89 6.11
CA VAL B 22 5.47 -9.13 5.44
C VAL B 22 6.43 -9.94 6.29
N ALA B 23 7.38 -9.24 6.90
CA ALA B 23 8.37 -9.90 7.76
C ALA B 23 7.70 -10.65 8.90
N SER B 24 6.49 -10.21 9.26
CA SER B 24 5.75 -10.84 10.34
C SER B 24 5.60 -12.34 10.12
N PHE B 25 6.65 -13.08 10.44
CA PHE B 25 6.65 -14.53 10.29
C PHE B 25 7.81 -15.14 11.08
N LYS B 26 8.89 -14.39 11.21
CA LYS B 26 10.06 -14.87 11.94
C LYS B 26 9.85 -14.71 13.45
N GLY A 1 1.24 -12.65 25.24
CA GLY A 1 1.80 -13.91 25.80
C GLY A 1 1.18 -15.11 25.10
N TYR A 2 1.22 -16.27 25.76
CA TYR A 2 0.65 -17.48 25.19
C TYR A 2 -0.85 -17.31 24.93
N SER A 3 -1.57 -16.85 25.95
CA SER A 3 -3.02 -16.65 25.84
C SER A 3 -3.32 -15.22 25.35
N PRO A 4 -2.81 -14.20 25.99
CA PRO A 4 -3.04 -12.79 25.59
C PRO A 4 -2.11 -12.34 24.48
N THR A 5 -2.11 -13.08 23.37
CA THR A 5 -1.26 -12.75 22.23
C THR A 5 -1.91 -11.64 21.39
N LEU A 6 -2.99 -11.08 21.92
CA LEU A 6 -3.70 -10.01 21.24
C LEU A 6 -2.79 -8.80 21.04
N GLN A 7 -1.99 -8.50 22.05
CA GLN A 7 -1.08 -7.36 21.97
C GLN A 7 -0.20 -7.48 20.72
N TRP A 8 0.35 -8.65 20.51
CA TRP A 8 1.22 -8.89 19.36
C TRP A 8 0.42 -8.72 18.07
N GLN A 9 -0.82 -9.22 18.07
CA GLN A 9 -1.67 -9.12 16.89
C GLN A 9 -1.98 -7.66 16.55
N GLN A 10 -2.20 -6.85 17.59
CA GLN A 10 -2.51 -5.44 17.38
C GLN A 10 -1.36 -4.72 16.67
N GLN A 11 -0.13 -5.13 16.96
CA GLN A 11 1.05 -4.51 16.35
C GLN A 11 0.82 -4.20 14.87
N GLN A 12 0.13 -5.10 14.18
CA GLN A 12 -0.13 -4.92 12.74
C GLN A 12 -1.04 -3.71 12.48
N VAL A 13 -2.30 -3.83 12.86
CA VAL A 13 -3.28 -2.75 12.65
C VAL A 13 -2.90 -1.50 13.43
N ALA A 14 -2.43 -1.69 14.65
CA ALA A 14 -2.05 -0.56 15.51
C ALA A 14 -1.08 0.37 14.80
N GLN A 15 -0.13 -0.24 14.10
CA GLN A 15 0.87 0.52 13.39
C GLN A 15 0.25 1.36 12.28
N PHE A 16 -0.77 0.83 11.65
CA PHE A 16 -1.43 1.54 10.54
C PHE A 16 -1.97 2.89 10.98
N SER A 17 -2.63 2.93 12.14
CA SER A 17 -3.17 4.20 12.65
C SER A 17 -2.03 5.17 12.88
N THR A 18 -0.94 4.63 13.41
CA THR A 18 0.26 5.40 13.69
C THR A 18 0.85 5.97 12.39
N VAL A 19 0.84 5.19 11.33
CA VAL A 19 1.39 5.61 10.04
C VAL A 19 0.69 6.88 9.55
N ARG A 20 -0.63 6.94 9.70
CA ARG A 20 -1.38 8.11 9.26
C ARG A 20 -0.89 9.37 9.95
N GLN A 21 -0.50 9.23 11.21
CA GLN A 21 0.00 10.37 11.98
C GLN A 21 1.27 10.93 11.36
N ASN A 22 2.11 10.03 10.84
CA ASN A 22 3.38 10.44 10.22
C ASN A 22 3.13 11.30 8.98
N VAL A 23 2.11 10.95 8.21
CA VAL A 23 1.79 11.68 7.00
C VAL A 23 1.40 13.13 7.31
N ASN A 24 0.62 13.31 8.37
CA ASN A 24 0.16 14.64 8.76
C ASN A 24 1.30 15.60 9.08
N LYS A 25 2.31 15.10 9.80
CA LYS A 25 3.45 15.93 10.17
C LYS A 25 4.22 16.42 8.95
N HIS A 26 4.41 15.52 8.00
CA HIS A 26 5.16 15.81 6.78
C HIS A 26 4.33 16.63 5.79
N ARG A 27 3.03 16.74 6.04
CA ARG A 27 2.16 17.51 5.16
C ARG A 27 2.61 18.97 5.11
N SER A 28 2.92 19.52 6.27
CA SER A 28 3.36 20.90 6.38
C SER A 28 4.68 21.14 5.65
N HIS A 29 5.59 20.18 5.72
CA HIS A 29 6.90 20.34 5.08
C HIS A 29 6.77 20.44 3.56
N TRP A 30 5.89 19.64 2.97
CA TRP A 30 5.71 19.68 1.52
C TRP A 30 5.07 21.02 1.10
N LYS A 31 4.36 21.65 2.03
CA LYS A 31 3.70 22.92 1.74
C LYS A 31 4.71 23.97 1.28
N SER A 32 5.91 23.89 1.83
CA SER A 32 6.96 24.83 1.48
C SER A 32 7.56 24.48 0.14
N GLN A 33 6.89 23.59 -0.59
CA GLN A 33 7.33 23.17 -1.92
C GLN A 33 6.14 22.98 -2.83
N GLN A 34 6.32 23.29 -4.12
CA GLN A 34 5.25 23.15 -5.10
C GLN A 34 5.28 21.77 -5.72
N LEU A 35 4.25 21.44 -6.50
CA LEU A 35 4.18 20.13 -7.13
C LEU A 35 5.34 19.96 -8.11
N ASP A 36 5.65 21.00 -8.84
CA ASP A 36 6.75 20.94 -9.79
C ASP A 36 8.03 20.56 -9.08
N SER A 37 7.97 20.48 -7.76
CA SER A 37 9.14 20.14 -6.97
C SER A 37 9.76 18.85 -7.49
N ASN A 38 8.91 17.86 -7.76
CA ASN A 38 9.40 16.57 -8.26
C ASN A 38 8.23 15.66 -8.65
N VAL A 39 7.05 16.25 -8.92
CA VAL A 39 5.88 15.45 -9.29
C VAL A 39 5.06 16.13 -10.40
N THR A 40 4.83 15.36 -11.47
CA THR A 40 4.02 15.83 -12.60
C THR A 40 2.74 14.99 -12.67
N MET A 41 1.59 15.64 -12.44
CA MET A 41 0.29 14.93 -12.46
C MET A 41 -0.42 15.14 -13.81
N PRO A 42 -0.49 14.15 -14.69
CA PRO A 42 -1.19 14.31 -16.00
C PRO A 42 -2.63 14.82 -15.83
N LYS A 43 -3.07 15.62 -16.79
CA LYS A 43 -4.41 16.21 -16.75
C LYS A 43 -5.48 15.16 -16.49
N SER A 44 -6.57 15.62 -15.91
CA SER A 44 -7.70 14.76 -15.59
C SER A 44 -8.31 14.18 -16.87
N GLU A 45 -8.27 14.94 -17.95
CA GLU A 45 -8.84 14.49 -19.21
C GLU A 45 -8.04 13.31 -19.76
N ASP A 46 -6.85 13.08 -19.21
CA ASP A 46 -5.99 11.97 -19.63
C ASP A 46 -5.91 10.91 -18.55
N GLU A 47 -7.05 10.29 -18.25
CA GLU A 47 -7.09 9.26 -17.22
C GLU A 47 -6.21 8.08 -17.58
N GLU A 48 -6.26 7.66 -18.84
CA GLU A 48 -5.46 6.54 -19.28
C GLU A 48 -3.98 6.83 -19.05
N GLY A 49 -3.57 8.05 -19.40
CA GLY A 49 -2.19 8.47 -19.21
C GLY A 49 -1.85 8.54 -17.73
N TRP A 50 -2.84 8.92 -16.94
CA TRP A 50 -2.66 9.06 -15.48
C TRP A 50 -2.37 7.69 -14.84
N LYS A 51 -3.13 6.67 -15.23
CA LYS A 51 -2.93 5.34 -14.66
C LYS A 51 -1.51 4.85 -14.92
N LYS A 52 -1.04 5.07 -16.13
CA LYS A 52 0.30 4.67 -16.52
C LYS A 52 1.35 5.41 -15.69
N PHE A 53 1.14 6.71 -15.52
CA PHE A 53 2.07 7.55 -14.76
C PHE A 53 2.14 7.11 -13.29
N CYS A 54 0.99 6.86 -12.68
CA CYS A 54 0.94 6.47 -11.28
C CYS A 54 1.68 5.14 -11.05
N LEU A 55 1.47 4.16 -11.92
CA LEU A 55 2.13 2.85 -11.79
C LEU A 55 3.36 2.78 -12.70
N GLY A 56 3.65 3.89 -13.40
CA GLY A 56 4.80 3.94 -14.29
C GLY A 56 4.85 2.73 -15.20
N GLU A 57 6.01 2.10 -15.27
CA GLU A 57 6.19 0.92 -16.11
C GLU A 57 7.46 0.17 -15.72
N LYS A 58 7.59 -0.11 -14.42
CA LYS A 58 8.76 -0.81 -13.91
C LYS A 58 8.83 -2.23 -14.48
N LEU A 59 7.68 -2.88 -14.61
CA LEU A 59 7.65 -4.23 -15.13
C LEU A 59 8.26 -4.23 -16.53
N CYS A 60 7.91 -3.21 -17.30
CA CYS A 60 8.44 -3.07 -18.65
C CYS A 60 9.94 -2.86 -18.59
N ALA A 61 10.38 -2.05 -17.61
CA ALA A 61 11.80 -1.78 -17.46
C ALA A 61 12.57 -3.05 -17.12
N ASP A 62 11.97 -3.90 -16.29
CA ASP A 62 12.62 -5.15 -15.90
C ASP A 62 12.85 -6.05 -17.12
N GLY A 63 11.84 -6.14 -17.97
CA GLY A 63 11.93 -6.97 -19.17
C GLY A 63 11.70 -8.43 -18.83
N ALA A 64 11.90 -8.78 -17.56
CA ALA A 64 11.71 -10.15 -17.10
C ALA A 64 12.19 -11.17 -18.12
N VAL A 65 13.12 -10.76 -18.98
CA VAL A 65 13.65 -11.67 -20.00
C VAL A 65 14.40 -12.83 -19.33
N GLY A 66 15.23 -12.51 -18.34
CA GLY A 66 15.98 -13.53 -17.61
C GLY A 66 17.37 -13.05 -17.21
N PRO A 67 18.17 -12.66 -18.17
CA PRO A 67 19.56 -12.18 -17.90
C PRO A 67 19.60 -11.01 -16.90
N ALA A 68 18.61 -10.12 -17.01
CA ALA A 68 18.52 -8.95 -16.13
C ALA A 68 17.54 -9.19 -15.00
N THR A 69 17.77 -10.27 -14.23
CA THR A 69 16.89 -10.62 -13.11
C THR A 69 17.69 -10.67 -11.81
N ASN A 70 17.31 -9.84 -10.84
CA ASN A 70 17.98 -9.80 -9.56
C ASN A 70 19.50 -9.62 -9.73
N GLU A 71 19.93 -9.41 -10.98
CA GLU A 71 21.36 -9.23 -11.28
C GLU A 71 21.68 -7.76 -11.42
N SER A 72 20.63 -6.96 -11.47
CA SER A 72 20.74 -5.51 -11.60
C SER A 72 21.95 -5.10 -12.45
N PRO A 73 21.93 -5.42 -13.71
CA PRO A 73 23.06 -5.05 -14.64
C PRO A 73 23.34 -3.56 -14.61
N GLY A 74 22.27 -2.78 -14.50
CA GLY A 74 22.37 -1.33 -14.47
C GLY A 74 20.98 -0.71 -14.36
N ILE A 75 20.68 -0.10 -13.22
CA ILE A 75 19.36 0.51 -13.00
C ILE A 75 19.41 2.03 -13.09
N ASP A 76 18.58 2.60 -13.96
CA ASP A 76 18.49 4.05 -14.12
C ASP A 76 17.16 4.52 -13.54
N TYR A 77 17.23 5.39 -12.54
CA TYR A 77 16.02 5.89 -11.90
C TYR A 77 15.13 6.59 -12.92
N VAL A 78 15.73 7.01 -14.04
CA VAL A 78 14.99 7.72 -15.08
C VAL A 78 13.89 6.85 -15.70
N GLN A 79 14.21 5.60 -16.03
CA GLN A 79 13.21 4.71 -16.65
C GLN A 79 12.30 4.12 -15.60
N ILE A 80 12.51 4.54 -14.36
CA ILE A 80 11.69 4.09 -13.23
C ILE A 80 10.72 5.18 -12.81
N GLY A 81 11.06 6.42 -13.13
CA GLY A 81 10.22 7.56 -12.79
C GLY A 81 10.30 7.85 -11.30
N PHE A 82 9.63 8.91 -10.86
CA PHE A 82 9.65 9.27 -9.45
C PHE A 82 8.84 8.24 -8.64
N PRO A 83 9.30 7.80 -7.48
CA PRO A 83 8.55 6.82 -6.66
C PRO A 83 7.40 7.49 -5.90
N PRO A 84 6.42 6.75 -5.47
CA PRO A 84 5.26 7.31 -4.73
C PRO A 84 5.70 7.88 -3.38
N LEU A 85 5.17 9.06 -3.02
CA LEU A 85 5.51 9.72 -1.76
C LEU A 85 4.30 10.44 -1.19
N LEU A 86 4.51 11.08 -0.06
CA LEU A 86 3.43 11.81 0.60
C LEU A 86 2.92 12.94 -0.27
N SER A 87 3.84 13.68 -0.88
CA SER A 87 3.46 14.81 -1.74
C SER A 87 2.64 14.35 -2.93
N ILE A 88 3.09 13.28 -3.58
CA ILE A 88 2.38 12.76 -4.74
C ILE A 88 0.97 12.32 -4.33
N VAL A 89 0.92 11.54 -3.27
CA VAL A 89 -0.32 10.99 -2.76
C VAL A 89 -1.22 12.10 -2.19
N SER A 90 -0.63 13.05 -1.49
CA SER A 90 -1.38 14.13 -0.86
C SER A 90 -2.27 14.89 -1.85
N ARG A 91 -1.81 15.04 -3.09
CA ARG A 91 -2.61 15.76 -4.09
C ARG A 91 -3.61 14.81 -4.76
N MET A 92 -3.31 13.52 -4.72
CA MET A 92 -4.21 12.53 -5.30
C MET A 92 -5.41 12.30 -4.39
N ASN A 93 -6.61 12.39 -4.94
CA ASN A 93 -7.82 12.20 -4.16
C ASN A 93 -8.04 10.71 -3.86
N GLN A 94 -8.74 10.44 -2.77
CA GLN A 94 -9.04 9.07 -2.38
C GLN A 94 -9.95 8.43 -3.43
N ALA A 95 -10.88 9.22 -3.95
CA ALA A 95 -11.81 8.75 -4.96
C ALA A 95 -11.09 8.48 -6.28
N THR A 96 -10.08 9.28 -6.60
CA THR A 96 -9.35 9.11 -7.85
C THR A 96 -8.67 7.74 -7.93
N VAL A 97 -7.90 7.39 -6.90
CA VAL A 97 -7.22 6.10 -6.91
C VAL A 97 -8.21 4.95 -6.77
N THR A 98 -9.37 5.24 -6.19
CA THR A 98 -10.38 4.21 -6.01
C THR A 98 -10.82 3.66 -7.38
N SER A 99 -11.03 4.55 -8.34
CA SER A 99 -11.43 4.14 -9.68
C SER A 99 -10.29 3.40 -10.37
N VAL A 100 -9.06 3.82 -10.08
CA VAL A 100 -7.88 3.21 -10.65
C VAL A 100 -7.79 1.74 -10.23
N LEU A 101 -8.46 1.42 -9.13
CA LEU A 101 -8.47 0.05 -8.60
C LEU A 101 -9.09 -0.89 -9.63
N GLU A 102 -10.12 -0.43 -10.31
CA GLU A 102 -10.83 -1.24 -11.31
C GLU A 102 -9.91 -1.69 -12.44
N TYR A 103 -8.98 -0.83 -12.86
CA TYR A 103 -8.07 -1.18 -13.96
C TYR A 103 -7.22 -2.40 -13.60
N LEU A 104 -6.67 -2.39 -12.39
CA LEU A 104 -5.82 -3.50 -11.93
C LEU A 104 -6.60 -4.81 -11.96
N SER A 105 -7.87 -4.74 -11.60
CA SER A 105 -8.71 -5.92 -11.57
C SER A 105 -8.79 -6.58 -12.95
N ASN A 106 -8.88 -5.77 -13.98
CA ASN A 106 -8.97 -6.28 -15.34
C ASN A 106 -7.72 -7.08 -15.69
N TRP A 107 -6.57 -6.59 -15.26
CA TRP A 107 -5.31 -7.28 -15.54
C TRP A 107 -5.33 -8.72 -15.02
N PHE A 108 -6.00 -8.92 -13.88
CA PHE A 108 -6.10 -10.25 -13.25
C PHE A 108 -6.07 -11.38 -14.28
N GLY A 109 -7.23 -11.93 -14.60
CA GLY A 109 -7.30 -13.01 -15.57
C GLY A 109 -6.31 -14.13 -15.25
N GLU A 110 -5.80 -14.13 -14.03
CA GLU A 110 -4.84 -15.16 -13.63
C GLU A 110 -4.58 -15.07 -12.13
N ARG A 111 -4.10 -16.17 -11.55
CA ARG A 111 -3.82 -16.19 -10.11
C ARG A 111 -2.60 -15.33 -9.80
N ASP A 112 -2.53 -14.17 -10.43
CA ASP A 112 -1.43 -13.24 -10.21
C ASP A 112 -1.75 -12.30 -9.04
N PHE A 113 -0.72 -11.87 -8.33
CA PHE A 113 -0.88 -10.95 -7.19
C PHE A 113 0.28 -9.96 -7.22
N THR A 114 1.42 -10.44 -7.71
CA THR A 114 2.60 -9.60 -7.84
C THR A 114 3.00 -8.99 -6.48
N PRO A 115 4.19 -9.25 -5.96
CA PRO A 115 4.61 -8.68 -4.64
C PRO A 115 5.05 -7.21 -4.76
N GLU A 116 5.13 -6.73 -6.00
CA GLU A 116 5.50 -5.34 -6.23
C GLU A 116 4.38 -4.42 -5.76
N LEU A 117 3.16 -4.87 -5.97
CA LEU A 117 1.97 -4.10 -5.60
C LEU A 117 1.84 -4.00 -4.08
N GLY A 118 2.37 -4.98 -3.37
CA GLY A 118 2.28 -5.01 -1.91
C GLY A 118 2.88 -3.75 -1.28
N ARG A 119 4.03 -3.29 -1.79
CA ARG A 119 4.63 -2.07 -1.25
C ARG A 119 3.68 -0.91 -1.51
N TRP A 120 3.07 -0.95 -2.70
CA TRP A 120 2.09 0.05 -3.11
C TRP A 120 0.79 -0.10 -2.32
N LEU A 121 0.43 -1.35 -2.03
CA LEU A 121 -0.82 -1.65 -1.31
C LEU A 121 -0.97 -0.82 -0.03
N TYR A 122 0.09 -0.70 0.76
CA TYR A 122 0.01 0.08 1.99
C TYR A 122 -0.34 1.55 1.70
N ALA A 123 0.25 2.08 0.64
CA ALA A 123 0.01 3.48 0.25
C ALA A 123 -1.46 3.72 -0.10
N LEU A 124 -2.11 2.71 -0.68
CA LEU A 124 -3.50 2.85 -1.10
C LEU A 124 -4.42 3.15 0.08
N LEU A 125 -4.24 2.42 1.17
CA LEU A 125 -5.07 2.63 2.36
C LEU A 125 -4.82 4.03 2.93
N ALA A 126 -3.57 4.48 2.88
CA ALA A 126 -3.23 5.79 3.39
C ALA A 126 -3.88 6.89 2.55
N CYS A 127 -4.38 6.53 1.38
CA CYS A 127 -5.03 7.50 0.49
C CYS A 127 -6.49 7.70 0.89
N LEU A 128 -6.96 6.88 1.83
CA LEU A 128 -8.34 6.96 2.31
C LEU A 128 -8.38 7.79 3.60
N GLU A 129 -9.24 8.80 3.62
CA GLU A 129 -9.36 9.67 4.78
C GLU A 129 -10.28 9.04 5.83
N LYS A 130 -10.39 9.69 6.98
CA LYS A 130 -11.23 9.20 8.06
C LYS A 130 -12.57 8.69 7.51
N PRO A 131 -13.40 9.54 6.97
CA PRO A 131 -14.72 9.13 6.40
C PRO A 131 -14.54 8.20 5.20
N LEU A 132 -15.41 7.21 5.07
CA LEU A 132 -15.36 6.26 3.96
C LEU A 132 -16.68 6.26 3.21
N LEU A 133 -16.63 6.55 1.91
CA LEU A 133 -17.84 6.57 1.10
C LEU A 133 -18.47 5.17 1.08
N PRO A 134 -19.76 5.07 0.91
CA PRO A 134 -20.44 3.74 0.87
C PRO A 134 -19.86 2.84 -0.23
N GLU A 135 -19.49 3.47 -1.34
CA GLU A 135 -18.92 2.73 -2.48
C GLU A 135 -17.53 2.21 -2.12
N ALA A 136 -16.75 3.04 -1.42
CA ALA A 136 -15.39 2.67 -1.04
C ALA A 136 -15.41 1.45 -0.12
N HIS A 137 -16.39 1.41 0.77
CA HIS A 137 -16.52 0.30 1.71
C HIS A 137 -16.86 -0.99 0.96
N SER A 138 -17.72 -0.87 -0.04
CA SER A 138 -18.13 -2.03 -0.82
C SER A 138 -16.97 -2.64 -1.61
N LEU A 139 -16.13 -1.77 -2.20
CA LEU A 139 -15.01 -2.24 -3.02
C LEU A 139 -13.97 -3.03 -2.23
N ILE A 140 -13.63 -2.57 -1.03
CA ILE A 140 -12.63 -3.27 -0.22
C ILE A 140 -13.08 -4.70 0.06
N ARG A 141 -14.38 -4.90 0.14
CA ARG A 141 -14.93 -6.24 0.38
C ARG A 141 -14.72 -7.13 -0.85
N GLN A 142 -14.83 -6.54 -2.04
CA GLN A 142 -14.70 -7.28 -3.29
C GLN A 142 -13.32 -7.91 -3.47
N LEU A 143 -12.26 -7.12 -3.27
CA LEU A 143 -10.91 -7.63 -3.47
C LEU A 143 -10.50 -8.66 -2.42
N ALA A 144 -10.96 -8.46 -1.18
CA ALA A 144 -10.60 -9.37 -0.10
C ALA A 144 -11.13 -10.78 -0.32
N ARG A 145 -12.34 -10.89 -0.88
CA ARG A 145 -12.95 -12.20 -1.11
C ARG A 145 -12.16 -13.03 -2.12
N ARG A 146 -11.68 -12.38 -3.19
CA ARG A 146 -10.93 -13.08 -4.23
C ARG A 146 -9.60 -13.62 -3.69
N CYS A 147 -8.94 -12.84 -2.84
CA CYS A 147 -7.66 -13.24 -2.29
C CYS A 147 -7.76 -14.60 -1.59
N SER A 148 -8.87 -14.84 -0.88
CA SER A 148 -9.04 -16.10 -0.18
C SER A 148 -9.03 -17.29 -1.13
N GLU A 149 -9.55 -17.09 -2.33
CA GLU A 149 -9.60 -18.17 -3.30
C GLU A 149 -8.19 -18.62 -3.64
N VAL A 150 -7.28 -17.65 -3.75
CA VAL A 150 -5.89 -17.94 -4.06
C VAL A 150 -5.25 -18.80 -2.98
N ARG A 151 -5.57 -18.53 -1.72
CA ARG A 151 -5.00 -19.30 -0.61
C ARG A 151 -5.27 -20.79 -0.83
N LEU A 152 -6.47 -21.13 -1.28
CA LEU A 152 -6.84 -22.53 -1.52
C LEU A 152 -5.97 -23.17 -2.61
N LEU A 153 -5.67 -22.41 -3.65
CA LEU A 153 -4.88 -22.93 -4.78
C LEU A 153 -3.46 -23.34 -4.36
N VAL A 154 -2.85 -22.54 -3.48
CA VAL A 154 -1.48 -22.80 -3.01
C VAL A 154 -1.12 -24.28 -3.04
N ASP A 155 0.15 -24.57 -3.31
CA ASP A 155 0.62 -25.95 -3.38
C ASP A 155 0.47 -26.63 -2.01
N SER A 156 0.72 -25.89 -0.95
CA SER A 156 0.62 -26.44 0.40
C SER A 156 0.59 -25.32 1.44
N LYS A 157 0.30 -25.68 2.69
CA LYS A 157 0.24 -24.70 3.77
C LYS A 157 1.62 -24.10 4.01
N ASP A 158 2.66 -24.86 3.71
CA ASP A 158 4.03 -24.40 3.91
C ASP A 158 4.46 -23.43 2.81
N ASP A 159 3.51 -22.96 2.01
CA ASP A 159 3.80 -22.03 0.91
C ASP A 159 4.67 -20.85 1.37
N GLU A 160 4.97 -20.76 2.67
CA GLU A 160 5.78 -19.66 3.22
C GLU A 160 5.09 -18.31 3.10
N ARG A 161 4.18 -18.18 2.13
CA ARG A 161 3.45 -16.92 1.92
C ARG A 161 2.16 -16.92 2.72
N VAL A 162 1.60 -18.11 2.90
CA VAL A 162 0.34 -18.29 3.62
C VAL A 162 0.34 -17.54 4.98
N PRO A 163 1.37 -17.64 5.78
CA PRO A 163 1.39 -16.95 7.12
C PRO A 163 1.16 -15.44 7.01
N ALA A 164 1.83 -14.81 6.06
CA ALA A 164 1.68 -13.38 5.87
C ALA A 164 0.30 -13.06 5.32
N LEU A 165 -0.15 -13.89 4.38
CA LEU A 165 -1.44 -13.68 3.75
C LEU A 165 -2.57 -13.77 4.79
N ASN A 166 -2.49 -14.77 5.65
CA ASN A 166 -3.52 -14.96 6.66
C ASN A 166 -3.64 -13.73 7.57
N LEU A 167 -2.51 -13.17 7.96
CA LEU A 167 -2.51 -11.99 8.82
C LEU A 167 -3.09 -10.78 8.08
N LEU A 168 -2.85 -10.73 6.77
CA LEU A 168 -3.32 -9.64 5.94
C LEU A 168 -4.85 -9.53 5.95
N ILE A 169 -5.53 -10.66 5.87
CA ILE A 169 -6.99 -10.67 5.87
C ILE A 169 -7.56 -10.13 7.17
N CYS A 170 -6.98 -10.54 8.29
CA CYS A 170 -7.45 -10.09 9.59
C CYS A 170 -7.37 -8.57 9.70
N LEU A 171 -6.36 -7.98 9.06
CA LEU A 171 -6.15 -6.53 9.13
C LEU A 171 -7.35 -5.75 8.56
N VAL A 172 -7.87 -6.19 7.43
CA VAL A 172 -9.00 -5.53 6.80
C VAL A 172 -10.26 -5.60 7.68
N SER A 173 -10.50 -6.78 8.24
CA SER A 173 -11.68 -7.01 9.09
C SER A 173 -11.68 -6.12 10.34
N ARG A 174 -10.48 -5.80 10.87
CA ARG A 174 -10.39 -5.00 12.09
C ARG A 174 -10.41 -3.50 11.81
N TYR A 175 -9.63 -3.06 10.84
CA TYR A 175 -9.57 -1.63 10.53
C TYR A 175 -10.93 -1.11 10.08
N PHE A 176 -11.58 -1.84 9.17
CA PHE A 176 -12.89 -1.45 8.66
C PHE A 176 -14.00 -2.03 9.53
N ASP A 177 -13.61 -2.87 10.49
CA ASP A 177 -14.57 -3.51 11.39
C ASP A 177 -15.61 -4.32 10.62
N GLN A 178 -15.20 -4.93 9.51
CA GLN A 178 -16.11 -5.73 8.70
C GLN A 178 -16.22 -7.15 9.26
N ARG A 179 -17.13 -7.32 10.21
CA ARG A 179 -17.33 -8.61 10.85
C ARG A 179 -17.69 -9.68 9.82
N ASP A 180 -18.19 -9.24 8.66
CA ASP A 180 -18.58 -10.18 7.62
C ASP A 180 -17.34 -10.96 7.12
N LEU A 181 -16.18 -10.28 7.09
CA LEU A 181 -14.94 -10.90 6.65
C LEU A 181 -14.20 -11.51 7.84
N ALA A 182 -14.63 -11.17 9.05
CA ALA A 182 -13.98 -11.69 10.25
C ALA A 182 -14.32 -13.16 10.45
N ASP A 183 -13.30 -14.02 10.42
CA ASP A 183 -13.52 -15.45 10.59
C ASP A 183 -13.72 -15.78 12.06
N GLU A 184 -14.97 -15.75 12.49
CA GLU A 184 -15.31 -16.05 13.88
C GLU A 184 -15.11 -17.54 14.16
N PRO A 185 -14.74 -17.92 15.37
CA PRO A 185 -14.52 -19.36 15.72
C PRO A 185 -15.81 -20.17 15.61
N SER A 186 -16.92 -19.52 15.93
CA SER A 186 -18.23 -20.14 15.87
C SER A 186 -19.30 -19.12 16.24
N LEU A 187 -18.91 -18.18 17.09
CA LEU A 187 -19.83 -17.13 17.54
C LEU A 187 -19.13 -16.21 18.55
N GLU A 188 -18.87 -16.75 19.74
CA GLU A 188 -18.20 -15.96 20.79
C GLU A 188 -17.96 -16.81 22.03
N TYR A 189 -17.22 -17.90 21.85
CA TYR A 189 -16.89 -18.79 22.95
C TYR A 189 -18.09 -18.99 23.87
N GLY B 1 22.53 29.93 5.48
CA GLY B 1 22.45 29.31 4.12
C GLY B 1 21.09 29.57 3.52
N GLN B 2 20.37 28.48 3.22
CA GLN B 2 19.05 28.60 2.64
C GLN B 2 18.28 27.28 2.73
N SER B 3 18.45 26.59 3.86
CA SER B 3 17.78 25.30 4.06
C SER B 3 17.64 25.00 5.56
N ASP B 4 16.74 24.08 5.88
CA ASP B 4 16.52 23.71 7.27
C ASP B 4 15.73 22.42 7.34
N ASP B 5 16.43 21.29 7.25
CA ASP B 5 15.78 20.00 7.29
C ASP B 5 15.15 19.76 8.66
N SER B 6 13.97 19.15 8.67
CA SER B 6 13.27 18.87 9.94
C SER B 6 12.35 17.66 9.79
N ASP B 7 11.55 17.65 8.73
CA ASP B 7 10.61 16.55 8.48
C ASP B 7 11.18 15.58 7.43
N ILE B 8 12.41 15.84 7.00
CA ILE B 8 13.04 15.00 6.00
C ILE B 8 13.46 13.67 6.59
N TRP B 9 12.67 13.16 7.53
CA TRP B 9 13.00 11.88 8.18
C TRP B 9 11.72 11.12 8.52
N ASP B 10 11.82 9.81 8.58
CA ASP B 10 10.67 8.95 8.88
C ASP B 10 9.64 9.04 7.76
N ASP B 11 10.00 9.75 6.69
CA ASP B 11 9.11 9.90 5.54
C ASP B 11 8.95 8.55 4.82
N THR B 12 9.99 7.74 4.90
CA THR B 12 9.98 6.43 4.27
C THR B 12 9.19 5.46 5.13
N ALA B 13 8.50 6.00 6.12
CA ALA B 13 7.71 5.19 7.04
C ALA B 13 6.86 4.19 6.26
N LEU B 14 6.37 4.61 5.09
CA LEU B 14 5.53 3.74 4.27
C LEU B 14 6.32 2.54 3.74
N ILE B 15 7.54 2.79 3.27
CA ILE B 15 8.35 1.73 2.68
C ILE B 15 8.76 0.67 3.71
N LYS B 16 9.20 1.13 4.88
CA LYS B 16 9.64 0.23 5.94
C LYS B 16 8.47 -0.54 6.52
N ALA B 17 7.28 0.02 6.44
CA ALA B 17 6.09 -0.64 6.97
C ALA B 17 5.89 -1.97 6.26
N TYR B 18 6.30 -2.04 5.01
CA TYR B 18 6.16 -3.27 4.22
C TYR B 18 6.97 -4.43 4.82
N ASP B 19 8.22 -4.15 5.19
CA ASP B 19 9.10 -5.18 5.75
C ASP B 19 8.61 -5.75 7.08
N LYS B 20 8.13 -4.87 7.97
CA LYS B 20 7.69 -5.31 9.30
C LYS B 20 6.50 -6.26 9.22
N ALA B 21 5.51 -5.92 8.40
CA ALA B 21 4.32 -6.75 8.27
C ALA B 21 4.69 -8.14 7.75
N VAL B 22 5.57 -8.19 6.77
CA VAL B 22 6.01 -9.45 6.20
C VAL B 22 6.91 -10.20 7.18
N ALA B 23 7.52 -9.46 8.11
CA ALA B 23 8.39 -10.06 9.11
C ALA B 23 7.61 -11.06 9.96
N SER B 24 6.31 -10.82 10.11
CA SER B 24 5.46 -11.69 10.91
C SER B 24 5.67 -13.15 10.52
N PHE B 25 6.39 -13.37 9.42
CA PHE B 25 6.67 -14.72 8.97
C PHE B 25 7.48 -15.48 10.02
N LYS B 26 8.52 -14.84 10.54
CA LYS B 26 9.37 -15.46 11.55
C LYS B 26 8.62 -15.58 12.87
N GLY A 1 -4.30 -18.17 24.01
CA GLY A 1 -3.07 -17.60 23.39
C GLY A 1 -3.34 -16.17 22.93
N TYR A 2 -4.49 -15.63 23.32
CA TYR A 2 -4.85 -14.27 22.93
C TYR A 2 -3.85 -13.29 23.53
N SER A 3 -3.50 -13.53 24.79
CA SER A 3 -2.57 -12.67 25.51
C SER A 3 -1.30 -12.39 24.70
N PRO A 4 -0.49 -13.38 24.43
CA PRO A 4 0.78 -13.19 23.67
C PRO A 4 0.55 -12.61 22.27
N THR A 5 -0.60 -12.90 21.68
CA THR A 5 -0.91 -12.39 20.35
C THR A 5 -1.25 -10.91 20.39
N LEU A 6 -1.52 -10.40 21.58
CA LEU A 6 -1.87 -8.99 21.73
C LEU A 6 -0.70 -8.12 21.24
N GLN A 7 0.51 -8.50 21.61
CA GLN A 7 1.69 -7.74 21.19
C GLN A 7 1.84 -7.75 19.69
N TRP A 8 1.69 -8.92 19.07
CA TRP A 8 1.82 -9.04 17.62
C TRP A 8 0.63 -8.40 16.90
N GLN A 9 -0.58 -8.66 17.39
CA GLN A 9 -1.78 -8.13 16.77
C GLN A 9 -1.85 -6.59 16.85
N GLN A 10 -1.50 -6.01 17.98
CA GLN A 10 -1.55 -4.55 18.13
C GLN A 10 -0.57 -3.87 17.18
N GLN A 11 0.62 -4.43 17.05
CA GLN A 11 1.65 -3.87 16.17
C GLN A 11 1.15 -3.71 14.74
N GLN A 12 0.37 -4.67 14.26
CA GLN A 12 -0.12 -4.63 12.88
C GLN A 12 -0.96 -3.37 12.65
N VAL A 13 -2.11 -3.28 13.31
CA VAL A 13 -3.01 -2.13 13.16
C VAL A 13 -2.37 -0.85 13.69
N ALA A 14 -1.66 -0.96 14.79
CA ALA A 14 -1.03 0.19 15.43
C ALA A 14 -0.20 1.03 14.46
N GLN A 15 0.48 0.38 13.53
CA GLN A 15 1.34 1.11 12.60
C GLN A 15 0.55 2.08 11.72
N PHE A 16 -0.63 1.66 11.30
CA PHE A 16 -1.46 2.50 10.45
C PHE A 16 -1.79 3.82 11.12
N SER A 17 -2.12 3.75 12.41
CA SER A 17 -2.45 4.96 13.17
C SER A 17 -1.25 5.89 13.21
N THR A 18 -0.07 5.28 13.31
CA THR A 18 1.20 5.99 13.34
C THR A 18 1.47 6.67 11.99
N VAL A 19 1.11 6.01 10.90
CA VAL A 19 1.36 6.56 9.56
C VAL A 19 0.67 7.92 9.40
N ARG A 20 -0.55 8.05 9.87
CA ARG A 20 -1.28 9.31 9.74
C ARG A 20 -0.49 10.44 10.41
N GLN A 21 0.16 10.12 11.51
CA GLN A 21 0.95 11.11 12.25
C GLN A 21 2.12 11.61 11.39
N ASN A 22 2.69 10.71 10.61
CA ASN A 22 3.83 11.02 9.75
C ASN A 22 3.46 12.01 8.65
N VAL A 23 2.25 11.92 8.14
CA VAL A 23 1.84 12.83 7.08
C VAL A 23 1.86 14.28 7.59
N ASN A 24 1.38 14.45 8.81
CA ASN A 24 1.31 15.78 9.43
C ASN A 24 2.68 16.42 9.62
N LYS A 25 3.66 15.66 10.11
CA LYS A 25 4.98 16.22 10.37
C LYS A 25 5.67 16.70 9.09
N HIS A 26 5.47 15.96 8.00
CA HIS A 26 6.10 16.27 6.72
C HIS A 26 5.26 17.25 5.91
N ARG A 27 4.06 17.56 6.38
CA ARG A 27 3.19 18.47 5.64
C ARG A 27 3.87 19.83 5.50
N SER A 28 4.43 20.32 6.61
CA SER A 28 5.12 21.61 6.60
C SER A 28 6.42 21.52 5.81
N HIS A 29 7.15 20.42 5.99
CA HIS A 29 8.44 20.22 5.33
C HIS A 29 8.28 20.14 3.80
N TRP A 30 7.35 19.33 3.31
CA TRP A 30 7.15 19.20 1.87
C TRP A 30 6.74 20.54 1.26
N LYS A 31 6.05 21.37 2.04
CA LYS A 31 5.58 22.67 1.56
C LYS A 31 6.74 23.56 1.10
N SER A 32 7.83 23.53 1.86
CA SER A 32 9.00 24.35 1.54
C SER A 32 9.85 23.74 0.44
N GLN A 33 9.36 22.66 -0.19
CA GLN A 33 10.11 21.98 -1.26
C GLN A 33 9.58 22.40 -2.64
N GLN A 34 10.45 22.32 -3.64
CA GLN A 34 10.07 22.68 -5.01
C GLN A 34 9.22 21.58 -5.65
N LEU A 35 9.68 21.04 -6.77
CA LEU A 35 8.94 19.98 -7.45
C LEU A 35 9.09 18.66 -6.68
N ASP A 36 8.36 18.55 -5.58
CA ASP A 36 8.40 17.36 -4.75
C ASP A 36 7.17 17.32 -3.87
N SER A 37 6.61 18.50 -3.63
CA SER A 37 5.42 18.62 -2.80
C SER A 37 4.26 17.86 -3.42
N ASN A 38 4.13 17.94 -4.74
CA ASN A 38 3.07 17.25 -5.43
C ASN A 38 3.43 17.07 -6.90
N VAL A 39 4.62 17.56 -7.24
CA VAL A 39 5.12 17.49 -8.61
C VAL A 39 4.00 17.64 -9.63
N THR A 40 4.25 17.21 -10.87
CA THR A 40 3.27 17.32 -11.96
C THR A 40 2.73 15.94 -12.34
N MET A 41 1.40 15.84 -12.46
CA MET A 41 0.73 14.60 -12.83
C MET A 41 -0.15 14.84 -14.06
N PRO A 42 -0.38 13.84 -14.88
CA PRO A 42 -1.22 14.00 -16.10
C PRO A 42 -2.66 14.41 -15.76
N LYS A 43 -3.21 15.32 -16.56
CA LYS A 43 -4.57 15.81 -16.34
C LYS A 43 -5.55 14.66 -16.16
N SER A 44 -6.59 14.91 -15.36
CA SER A 44 -7.61 13.90 -15.09
C SER A 44 -8.35 13.50 -16.35
N GLU A 45 -8.35 14.39 -17.34
CA GLU A 45 -9.05 14.10 -18.60
C GLU A 45 -8.38 12.95 -19.33
N ASP A 46 -7.28 12.46 -18.75
CA ASP A 46 -6.52 11.34 -19.33
C ASP A 46 -6.27 10.29 -18.25
N GLU A 47 -7.25 9.42 -18.05
CA GLU A 47 -7.14 8.38 -17.03
C GLU A 47 -5.94 7.46 -17.31
N GLU A 48 -5.62 7.27 -18.59
CA GLU A 48 -4.50 6.42 -18.96
C GLU A 48 -3.20 6.97 -18.38
N GLY A 49 -3.09 8.30 -18.33
CA GLY A 49 -1.89 8.95 -17.81
C GLY A 49 -1.68 8.63 -16.33
N TRP A 50 -2.76 8.65 -15.56
CA TRP A 50 -2.68 8.37 -14.13
C TRP A 50 -2.28 6.92 -13.86
N LYS A 51 -2.91 6.00 -14.56
CA LYS A 51 -2.65 4.57 -14.38
C LYS A 51 -1.20 4.22 -14.71
N LYS A 52 -0.73 4.68 -15.85
CA LYS A 52 0.63 4.37 -16.27
C LYS A 52 1.67 5.18 -15.48
N PHE A 53 1.42 6.47 -15.32
CA PHE A 53 2.35 7.35 -14.61
C PHE A 53 2.50 6.96 -13.15
N CYS A 54 1.39 6.72 -12.46
CA CYS A 54 1.42 6.38 -11.05
C CYS A 54 2.09 5.03 -10.81
N LEU A 55 1.76 4.04 -11.63
CA LEU A 55 2.34 2.69 -11.47
C LEU A 55 3.56 2.51 -12.39
N GLY A 56 3.90 3.56 -13.14
CA GLY A 56 5.05 3.51 -14.04
C GLY A 56 5.07 2.21 -14.84
N GLU A 57 6.15 2.00 -15.60
CA GLU A 57 6.31 0.79 -16.42
C GLU A 57 7.76 0.32 -16.38
N LYS A 58 8.63 1.17 -15.85
CA LYS A 58 10.06 0.84 -15.77
C LYS A 58 10.30 -0.37 -14.87
N LEU A 59 9.44 -0.55 -13.88
CA LEU A 59 9.60 -1.68 -12.97
C LEU A 59 9.55 -2.97 -13.77
N CYS A 60 8.63 -3.04 -14.72
CA CYS A 60 8.51 -4.22 -15.56
C CYS A 60 9.78 -4.42 -16.39
N ALA A 61 10.32 -3.31 -16.90
CA ALA A 61 11.53 -3.38 -17.72
C ALA A 61 12.73 -3.89 -16.92
N ASP A 62 12.84 -3.44 -15.68
CA ASP A 62 13.96 -3.87 -14.84
C ASP A 62 13.85 -5.35 -14.50
N GLY A 63 12.88 -5.70 -13.66
CA GLY A 63 12.67 -7.08 -13.27
C GLY A 63 13.70 -7.52 -12.23
N ALA A 64 14.53 -6.58 -11.79
CA ALA A 64 15.56 -6.90 -10.80
C ALA A 64 16.05 -5.62 -10.13
N VAL A 65 15.17 -4.97 -9.36
CA VAL A 65 15.52 -3.75 -8.64
C VAL A 65 16.00 -4.08 -7.23
N GLY A 66 17.32 -4.12 -7.07
CA GLY A 66 17.91 -4.43 -5.78
C GLY A 66 19.40 -4.11 -5.76
N PRO A 67 20.18 -4.94 -6.39
CA PRO A 67 21.68 -4.76 -6.47
C PRO A 67 22.06 -3.43 -7.14
N ALA A 68 21.21 -2.98 -8.07
CA ALA A 68 21.47 -1.73 -8.78
C ALA A 68 20.85 -0.55 -8.04
N THR A 69 20.10 -0.85 -6.98
CA THR A 69 19.46 0.19 -6.18
C THR A 69 20.51 1.09 -5.53
N ASN A 70 21.50 0.47 -4.91
CA ASN A 70 22.57 1.21 -4.26
C ASN A 70 23.37 2.00 -5.28
N GLU A 71 23.61 1.38 -6.43
CA GLU A 71 24.38 2.02 -7.49
C GLU A 71 23.60 3.14 -8.17
N SER A 72 22.61 3.68 -7.45
CA SER A 72 21.79 4.75 -8.00
C SER A 72 20.91 5.37 -6.92
N PRO A 73 21.49 6.07 -5.98
CA PRO A 73 20.72 6.72 -4.88
C PRO A 73 19.60 7.62 -5.40
N GLY A 74 19.88 8.31 -6.50
CA GLY A 74 18.89 9.21 -7.10
C GLY A 74 19.56 10.16 -8.09
N ILE A 75 20.04 9.62 -9.21
CA ILE A 75 20.71 10.41 -10.24
C ILE A 75 19.98 10.29 -11.57
N ASP A 76 19.67 11.42 -12.19
CA ASP A 76 18.99 11.43 -13.49
C ASP A 76 17.65 10.73 -13.44
N TYR A 77 17.69 9.41 -13.26
CA TYR A 77 16.47 8.59 -13.21
C TYR A 77 15.44 9.17 -12.24
N VAL A 78 15.92 9.74 -11.14
CA VAL A 78 15.01 10.30 -10.14
C VAL A 78 14.19 11.46 -10.69
N GLN A 79 14.84 12.41 -11.35
CA GLN A 79 14.15 13.58 -11.90
C GLN A 79 13.40 13.23 -13.16
N ILE A 80 13.45 11.96 -13.51
CA ILE A 80 12.77 11.45 -14.70
C ILE A 80 11.49 10.70 -14.30
N GLY A 81 11.45 10.21 -13.07
CA GLY A 81 10.28 9.47 -12.58
C GLY A 81 10.10 9.68 -11.09
N PHE A 82 9.19 10.57 -10.73
CA PHE A 82 8.93 10.85 -9.31
C PHE A 82 8.20 9.66 -8.68
N PRO A 83 8.71 9.06 -7.62
CA PRO A 83 8.03 7.89 -6.97
C PRO A 83 6.85 8.36 -6.10
N PRO A 84 5.93 7.49 -5.81
CA PRO A 84 4.74 7.86 -4.98
C PRO A 84 5.15 8.23 -3.55
N LEU A 85 4.52 9.27 -3.00
CA LEU A 85 4.82 9.73 -1.65
C LEU A 85 3.55 10.21 -0.97
N LEU A 86 3.65 10.44 0.32
CA LEU A 86 2.51 10.91 1.10
C LEU A 86 2.05 12.29 0.60
N SER A 87 3.03 13.14 0.28
CA SER A 87 2.72 14.49 -0.19
C SER A 87 1.93 14.48 -1.50
N ILE A 88 2.33 13.65 -2.46
CA ILE A 88 1.62 13.59 -3.73
C ILE A 88 0.22 13.03 -3.52
N VAL A 89 0.14 12.00 -2.72
CA VAL A 89 -1.12 11.34 -2.44
C VAL A 89 -2.06 12.24 -1.65
N SER A 90 -1.49 13.11 -0.81
CA SER A 90 -2.29 14.00 0.03
C SER A 90 -3.20 14.90 -0.82
N ARG A 91 -2.75 15.28 -2.01
CA ARG A 91 -3.55 16.15 -2.87
C ARG A 91 -4.52 15.34 -3.73
N MET A 92 -4.21 14.05 -3.89
CA MET A 92 -5.07 13.16 -4.67
C MET A 92 -6.31 12.80 -3.87
N ASN A 93 -7.45 12.77 -4.55
CA ASN A 93 -8.70 12.44 -3.88
C ASN A 93 -8.80 10.95 -3.62
N GLN A 94 -9.54 10.60 -2.58
CA GLN A 94 -9.74 9.21 -2.23
C GLN A 94 -10.50 8.51 -3.33
N ALA A 95 -11.47 9.22 -3.90
CA ALA A 95 -12.30 8.70 -4.97
C ALA A 95 -11.50 8.47 -6.25
N THR A 96 -10.46 9.28 -6.47
CA THR A 96 -9.66 9.15 -7.69
C THR A 96 -9.01 7.78 -7.81
N VAL A 97 -8.35 7.33 -6.75
CA VAL A 97 -7.69 6.02 -6.78
C VAL A 97 -8.72 4.90 -6.75
N THR A 98 -9.90 5.19 -6.22
CA THR A 98 -10.96 4.19 -6.14
C THR A 98 -11.35 3.72 -7.54
N SER A 99 -11.48 4.66 -8.47
CA SER A 99 -11.84 4.31 -9.85
C SER A 99 -10.70 3.55 -10.52
N VAL A 100 -9.47 3.91 -10.16
CA VAL A 100 -8.29 3.26 -10.72
C VAL A 100 -8.25 1.79 -10.33
N LEU A 101 -8.98 1.44 -9.27
CA LEU A 101 -9.04 0.06 -8.80
C LEU A 101 -9.67 -0.87 -9.83
N GLU A 102 -10.69 -0.39 -10.54
CA GLU A 102 -11.38 -1.22 -11.52
C GLU A 102 -10.43 -1.70 -12.62
N TYR A 103 -9.51 -0.83 -13.04
CA TYR A 103 -8.57 -1.18 -14.08
C TYR A 103 -7.67 -2.34 -13.63
N LEU A 104 -7.24 -2.28 -12.38
CA LEU A 104 -6.35 -3.30 -11.83
C LEU A 104 -6.99 -4.71 -11.86
N SER A 105 -8.26 -4.80 -11.51
CA SER A 105 -8.94 -6.08 -11.48
C SER A 105 -8.95 -6.78 -12.84
N ASN A 106 -9.26 -6.03 -13.89
CA ASN A 106 -9.32 -6.60 -15.24
C ASN A 106 -7.95 -7.13 -15.68
N TRP A 107 -6.90 -6.37 -15.37
CA TRP A 107 -5.54 -6.73 -15.74
C TRP A 107 -5.14 -8.08 -15.14
N PHE A 108 -5.46 -8.27 -13.86
CA PHE A 108 -5.14 -9.51 -13.14
C PHE A 108 -3.64 -9.67 -12.94
N GLY A 109 -2.86 -9.04 -13.80
CA GLY A 109 -1.42 -9.10 -13.67
C GLY A 109 -0.91 -10.52 -13.64
N GLU A 110 -1.51 -11.40 -14.46
CA GLU A 110 -1.10 -12.81 -14.51
C GLU A 110 -0.75 -13.33 -13.11
N ARG A 111 0.54 -13.54 -12.84
CA ARG A 111 0.95 -14.05 -11.53
C ARG A 111 0.19 -13.33 -10.42
N ASP A 112 -0.31 -14.11 -9.46
CA ASP A 112 -1.10 -13.58 -8.36
C ASP A 112 -0.23 -13.18 -7.17
N PHE A 113 -0.87 -12.51 -6.21
CA PHE A 113 -0.22 -12.03 -5.00
C PHE A 113 1.12 -11.37 -5.31
N THR A 114 1.33 -11.08 -6.59
CA THR A 114 2.58 -10.46 -7.03
C THR A 114 3.09 -9.44 -5.98
N PRO A 115 4.36 -9.40 -5.69
CA PRO A 115 4.91 -8.50 -4.62
C PRO A 115 4.86 -7.01 -4.96
N GLU A 116 4.72 -6.67 -6.25
CA GLU A 116 4.69 -5.25 -6.64
C GLU A 116 3.43 -4.56 -6.12
N LEU A 117 2.29 -5.23 -6.23
CA LEU A 117 1.01 -4.67 -5.77
C LEU A 117 0.96 -4.56 -4.25
N GLY A 118 1.54 -5.53 -3.57
CA GLY A 118 1.52 -5.53 -2.11
C GLY A 118 2.14 -4.26 -1.54
N ARG A 119 3.27 -3.85 -2.09
CA ARG A 119 3.92 -2.63 -1.61
C ARG A 119 2.98 -1.45 -1.80
N TRP A 120 2.31 -1.44 -2.95
CA TRP A 120 1.35 -0.41 -3.29
C TRP A 120 0.09 -0.52 -2.43
N LEU A 121 -0.30 -1.76 -2.15
CA LEU A 121 -1.52 -2.03 -1.38
C LEU A 121 -1.60 -1.20 -0.08
N TYR A 122 -0.51 -1.11 0.66
CA TYR A 122 -0.53 -0.35 1.92
C TYR A 122 -0.82 1.13 1.67
N ALA A 123 -0.25 1.67 0.60
CA ALA A 123 -0.45 3.09 0.28
C ALA A 123 -1.92 3.41 0.03
N LEU A 124 -2.65 2.46 -0.54
CA LEU A 124 -4.06 2.65 -0.84
C LEU A 124 -4.88 2.93 0.41
N LEU A 125 -4.65 2.13 1.45
CA LEU A 125 -5.39 2.29 2.70
C LEU A 125 -5.08 3.65 3.34
N ALA A 126 -3.82 4.05 3.30
CA ALA A 126 -3.40 5.32 3.88
C ALA A 126 -4.13 6.49 3.21
N CYS A 127 -4.65 6.27 2.01
CA CYS A 127 -5.36 7.31 1.28
C CYS A 127 -6.81 7.41 1.75
N LEU A 128 -7.28 6.38 2.45
CA LEU A 128 -8.65 6.35 2.97
C LEU A 128 -8.66 6.79 4.45
N GLU A 129 -9.50 7.78 4.76
CA GLU A 129 -9.62 8.29 6.13
C GLU A 129 -11.07 8.67 6.43
N LYS A 130 -11.56 9.70 5.74
CA LYS A 130 -12.93 10.15 5.93
C LYS A 130 -13.87 8.94 5.80
N PRO A 131 -15.17 9.13 5.90
CA PRO A 131 -16.14 7.99 5.78
C PRO A 131 -16.05 7.35 4.40
N LEU A 132 -16.26 6.03 4.34
CA LEU A 132 -16.18 5.30 3.08
C LEU A 132 -17.55 5.22 2.42
N LEU A 133 -17.62 5.66 1.16
CA LEU A 133 -18.88 5.62 0.43
C LEU A 133 -19.38 4.18 0.34
N PRO A 134 -20.67 3.95 0.18
CA PRO A 134 -21.20 2.56 0.07
C PRO A 134 -20.42 1.74 -0.97
N GLU A 135 -20.07 2.40 -2.07
CA GLU A 135 -19.35 1.73 -3.16
C GLU A 135 -17.93 1.33 -2.72
N ALA A 136 -17.31 2.16 -1.89
CA ALA A 136 -15.95 1.87 -1.42
C ALA A 136 -15.91 0.57 -0.62
N HIS A 137 -16.95 0.34 0.18
CA HIS A 137 -17.02 -0.88 0.99
C HIS A 137 -17.13 -2.11 0.09
N SER A 138 -17.91 -1.96 -0.98
CA SER A 138 -18.14 -3.07 -1.91
C SER A 138 -16.85 -3.54 -2.58
N LEU A 139 -16.03 -2.60 -3.06
CA LEU A 139 -14.80 -2.97 -3.76
C LEU A 139 -13.78 -3.69 -2.89
N ILE A 140 -13.57 -3.20 -1.67
CA ILE A 140 -12.60 -3.84 -0.77
C ILE A 140 -13.02 -5.28 -0.51
N ARG A 141 -14.32 -5.52 -0.55
CA ARG A 141 -14.85 -6.87 -0.34
C ARG A 141 -14.50 -7.78 -1.52
N GLN A 142 -14.51 -7.24 -2.73
CA GLN A 142 -14.23 -8.02 -3.93
C GLN A 142 -12.81 -8.60 -3.95
N LEU A 143 -11.82 -7.77 -3.65
CA LEU A 143 -10.42 -8.23 -3.67
C LEU A 143 -10.14 -9.23 -2.56
N ALA A 144 -10.78 -9.05 -1.42
CA ALA A 144 -10.58 -9.96 -0.29
C ALA A 144 -11.03 -11.38 -0.64
N ARG A 145 -12.12 -11.49 -1.37
CA ARG A 145 -12.65 -12.80 -1.76
C ARG A 145 -11.69 -13.53 -2.71
N ARG A 146 -11.04 -12.79 -3.59
CA ARG A 146 -10.12 -13.39 -4.54
C ARG A 146 -8.94 -14.05 -3.82
N CYS A 147 -8.47 -13.40 -2.77
CA CYS A 147 -7.34 -13.92 -1.99
C CYS A 147 -7.66 -15.30 -1.41
N SER A 148 -8.90 -15.50 -0.97
CA SER A 148 -9.28 -16.79 -0.38
C SER A 148 -9.08 -17.94 -1.36
N GLU A 149 -9.29 -17.67 -2.64
CA GLU A 149 -9.12 -18.70 -3.67
C GLU A 149 -7.68 -19.19 -3.71
N VAL A 150 -6.74 -18.26 -3.56
CA VAL A 150 -5.33 -18.60 -3.60
C VAL A 150 -4.95 -19.56 -2.46
N ARG A 151 -5.48 -19.30 -1.28
CA ARG A 151 -5.17 -20.14 -0.12
C ARG A 151 -5.55 -21.60 -0.41
N LEU A 152 -6.70 -21.80 -1.02
CA LEU A 152 -7.16 -23.14 -1.35
C LEU A 152 -6.22 -23.82 -2.34
N LEU A 153 -5.54 -23.01 -3.16
CA LEU A 153 -4.62 -23.54 -4.17
C LEU A 153 -3.25 -23.83 -3.55
N VAL A 154 -3.07 -23.48 -2.28
CA VAL A 154 -1.79 -23.73 -1.60
C VAL A 154 -1.56 -25.22 -1.41
N ASP A 155 -0.37 -25.68 -1.80
CA ASP A 155 -0.02 -27.09 -1.67
C ASP A 155 0.12 -27.50 -0.21
N SER A 156 0.64 -26.61 0.63
CA SER A 156 0.83 -26.93 2.05
C SER A 156 0.91 -25.66 2.90
N LYS A 157 0.66 -25.81 4.19
CA LYS A 157 0.70 -24.69 5.13
C LYS A 157 2.11 -24.16 5.27
N ASP A 158 3.07 -24.95 4.84
CA ASP A 158 4.48 -24.58 4.93
C ASP A 158 4.85 -23.59 3.82
N ASP A 159 3.84 -23.09 3.12
CA ASP A 159 4.06 -22.14 2.04
C ASP A 159 4.74 -20.87 2.55
N GLU A 160 4.82 -20.73 3.88
CA GLU A 160 5.45 -19.56 4.51
C GLU A 160 4.68 -18.27 4.25
N ARG A 161 3.90 -18.24 3.17
CA ARG A 161 3.10 -17.07 2.84
C ARG A 161 1.80 -17.13 3.61
N VAL A 162 1.33 -18.35 3.79
CA VAL A 162 0.10 -18.62 4.51
C VAL A 162 -0.01 -17.78 5.80
N PRO A 163 0.92 -17.89 6.73
CA PRO A 163 0.84 -17.09 7.99
C PRO A 163 0.71 -15.59 7.70
N ALA A 164 1.51 -15.10 6.76
CA ALA A 164 1.44 -13.68 6.40
C ALA A 164 0.07 -13.37 5.80
N LEU A 165 -0.40 -14.27 4.95
CA LEU A 165 -1.69 -14.08 4.30
C LEU A 165 -2.81 -14.09 5.33
N ASN A 166 -2.74 -15.01 6.28
CA ASN A 166 -3.79 -15.12 7.29
C ASN A 166 -3.91 -13.83 8.10
N LEU A 167 -2.77 -13.26 8.48
CA LEU A 167 -2.76 -12.02 9.25
C LEU A 167 -3.33 -10.86 8.42
N LEU A 168 -3.02 -10.88 7.13
CA LEU A 168 -3.42 -9.82 6.21
C LEU A 168 -4.96 -9.69 6.15
N ILE A 169 -5.66 -10.80 6.09
CA ILE A 169 -7.13 -10.79 6.03
C ILE A 169 -7.72 -10.15 7.29
N CYS A 170 -7.17 -10.52 8.45
CA CYS A 170 -7.67 -9.99 9.71
C CYS A 170 -7.60 -8.47 9.75
N LEU A 171 -6.55 -7.90 9.16
CA LEU A 171 -6.36 -6.45 9.16
C LEU A 171 -7.54 -5.73 8.50
N VAL A 172 -7.98 -6.24 7.36
CA VAL A 172 -9.10 -5.64 6.62
C VAL A 172 -10.39 -5.65 7.46
N SER A 173 -10.68 -6.77 8.09
CA SER A 173 -11.92 -6.91 8.88
C SER A 173 -12.01 -5.88 10.01
N ARG A 174 -10.89 -5.65 10.69
CA ARG A 174 -10.88 -4.71 11.81
C ARG A 174 -10.91 -3.25 11.33
N TYR A 175 -10.15 -2.97 10.28
CA TYR A 175 -10.09 -1.60 9.78
C TYR A 175 -11.45 -1.13 9.27
N PHE A 176 -12.12 -1.96 8.48
CA PHE A 176 -13.43 -1.63 7.91
C PHE A 176 -14.56 -2.13 8.80
N ASP A 177 -14.21 -2.87 9.85
CA ASP A 177 -15.19 -3.40 10.79
C ASP A 177 -16.24 -4.26 10.09
N GLN A 178 -15.83 -4.96 9.03
CA GLN A 178 -16.74 -5.84 8.30
C GLN A 178 -16.71 -7.24 8.92
N ARG A 179 -17.59 -7.47 9.89
CA ARG A 179 -17.66 -8.75 10.57
C ARG A 179 -17.98 -9.88 9.59
N ASP A 180 -18.46 -9.51 8.41
CA ASP A 180 -18.82 -10.50 7.40
C ASP A 180 -17.61 -11.33 6.98
N LEU A 181 -16.42 -10.70 6.95
CA LEU A 181 -15.19 -11.39 6.57
C LEU A 181 -14.41 -11.82 7.81
N ALA A 182 -14.83 -11.34 8.98
CA ALA A 182 -14.15 -11.70 10.22
C ALA A 182 -14.32 -13.18 10.54
N ASP A 183 -13.29 -13.79 11.12
CA ASP A 183 -13.34 -15.21 11.47
C ASP A 183 -13.88 -15.39 12.88
N GLU A 184 -15.21 -15.33 13.01
CA GLU A 184 -15.83 -15.49 14.32
C GLU A 184 -15.84 -16.98 14.73
N PRO A 185 -15.76 -17.29 16.00
CA PRO A 185 -15.76 -18.71 16.47
C PRO A 185 -17.16 -19.34 16.35
N SER A 186 -17.95 -19.24 17.41
CA SER A 186 -19.30 -19.81 17.41
C SER A 186 -20.23 -19.01 18.33
N LEU A 187 -19.95 -17.72 18.46
CA LEU A 187 -20.77 -16.86 19.31
C LEU A 187 -20.80 -17.38 20.74
N GLU A 188 -20.04 -18.44 21.00
CA GLU A 188 -19.99 -19.03 22.33
C GLU A 188 -21.39 -19.37 22.82
N TYR A 189 -22.31 -19.57 21.86
CA TYR A 189 -23.68 -19.91 22.20
C TYR A 189 -24.26 -18.89 23.17
N GLY B 1 19.13 30.68 20.21
CA GLY B 1 19.47 29.41 19.52
C GLY B 1 19.65 29.68 18.02
N GLN B 2 20.81 29.31 17.50
CA GLN B 2 21.10 29.52 16.08
C GLN B 2 20.15 28.69 15.22
N SER B 3 19.91 27.46 15.63
CA SER B 3 19.02 26.57 14.89
C SER B 3 18.52 25.46 15.79
N ASP B 4 17.45 24.79 15.36
CA ASP B 4 16.87 23.70 16.15
C ASP B 4 15.87 22.92 15.29
N ASP B 5 16.19 22.77 14.01
CA ASP B 5 15.32 22.05 13.09
C ASP B 5 15.42 20.55 13.31
N SER B 6 14.30 19.85 13.14
CA SER B 6 14.27 18.40 13.32
C SER B 6 14.93 17.69 12.14
N ASP B 7 15.26 16.41 12.32
CA ASP B 7 15.91 15.63 11.28
C ASP B 7 14.88 15.06 10.33
N ILE B 8 13.60 15.27 10.64
CA ILE B 8 12.50 14.82 9.79
C ILE B 8 12.86 13.54 9.01
N TRP B 9 13.15 13.71 7.72
CA TRP B 9 13.52 12.61 6.83
C TRP B 9 12.89 11.28 7.26
N ASP B 10 11.56 11.26 7.40
CA ASP B 10 10.83 10.05 7.80
C ASP B 10 9.69 9.78 6.82
N ASP B 11 9.81 10.31 5.61
CA ASP B 11 8.80 10.13 4.59
C ASP B 11 8.69 8.66 4.17
N THR B 12 9.82 7.96 4.19
CA THR B 12 9.85 6.56 3.81
C THR B 12 9.38 5.69 4.98
N ALA B 13 8.84 6.36 6.00
CA ALA B 13 8.35 5.66 7.19
C ALA B 13 7.30 4.62 6.82
N LEU B 14 6.44 4.99 5.88
CA LEU B 14 5.37 4.09 5.43
C LEU B 14 5.95 2.85 4.75
N ILE B 15 7.03 3.03 3.99
CA ILE B 15 7.65 1.92 3.29
C ILE B 15 8.19 0.88 4.28
N LYS B 16 8.81 1.37 5.35
CA LYS B 16 9.37 0.48 6.36
C LYS B 16 8.29 -0.42 6.97
N ALA B 17 7.11 0.16 7.19
CA ALA B 17 6.00 -0.58 7.79
C ALA B 17 5.61 -1.81 6.98
N TYR B 18 5.81 -1.75 5.66
CA TYR B 18 5.46 -2.87 4.78
C TYR B 18 6.26 -4.13 5.14
N ASP B 19 7.56 -3.96 5.36
CA ASP B 19 8.44 -5.09 5.65
C ASP B 19 8.07 -5.76 6.99
N LYS B 20 7.65 -4.96 7.97
CA LYS B 20 7.30 -5.52 9.28
C LYS B 20 6.10 -6.45 9.20
N ALA B 21 5.07 -6.05 8.46
CA ALA B 21 3.86 -6.87 8.33
C ALA B 21 4.20 -8.22 7.72
N VAL B 22 5.04 -8.21 6.68
CA VAL B 22 5.45 -9.43 6.01
C VAL B 22 6.35 -10.25 6.94
N ALA B 23 7.21 -9.53 7.67
CA ALA B 23 8.13 -10.18 8.60
C ALA B 23 7.36 -11.01 9.62
N SER B 24 6.12 -10.61 9.88
CA SER B 24 5.28 -11.32 10.86
C SER B 24 5.22 -12.83 10.56
N PHE B 25 6.25 -13.53 10.99
CA PHE B 25 6.33 -14.98 10.77
C PHE B 25 7.51 -15.55 11.56
N LYS B 26 8.59 -14.78 11.65
CA LYS B 26 9.77 -15.22 12.38
C LYS B 26 9.49 -15.27 13.88
N GLY A 1 4.12 -17.10 25.14
CA GLY A 1 4.45 -16.40 23.87
C GLY A 1 3.35 -16.69 22.84
N TYR A 2 3.06 -17.98 22.65
CA TYR A 2 2.02 -18.38 21.70
C TYR A 2 0.67 -17.82 22.15
N SER A 3 0.39 -17.98 23.43
CA SER A 3 -0.87 -17.51 23.98
C SER A 3 -1.04 -16.01 23.74
N PRO A 4 -0.17 -15.18 24.29
CA PRO A 4 -0.26 -13.70 24.10
C PRO A 4 0.16 -13.29 22.68
N THR A 5 -0.81 -13.27 21.76
CA THR A 5 -0.54 -12.90 20.36
C THR A 5 -1.06 -11.49 20.08
N LEU A 6 -1.36 -10.75 21.15
CA LEU A 6 -1.87 -9.39 21.01
C LEU A 6 -0.81 -8.50 20.37
N GLN A 7 0.44 -8.70 20.75
CA GLN A 7 1.53 -7.90 20.22
C GLN A 7 1.58 -7.99 18.69
N TRP A 8 1.39 -9.20 18.17
CA TRP A 8 1.41 -9.40 16.72
C TRP A 8 0.22 -8.70 16.05
N GLN A 9 -0.93 -8.76 16.70
CA GLN A 9 -2.14 -8.14 16.14
C GLN A 9 -2.03 -6.63 16.05
N GLN A 10 -1.42 -6.02 17.06
CA GLN A 10 -1.27 -4.57 17.08
C GLN A 10 -0.41 -4.07 15.91
N GLN A 11 0.71 -4.73 15.68
CA GLN A 11 1.61 -4.33 14.59
C GLN A 11 0.84 -3.94 13.34
N GLN A 12 -0.22 -4.68 13.04
CA GLN A 12 -1.02 -4.42 11.85
C GLN A 12 -1.75 -3.07 11.94
N VAL A 13 -2.79 -3.02 12.79
CA VAL A 13 -3.58 -1.81 12.96
C VAL A 13 -2.77 -0.65 13.56
N ALA A 14 -1.92 -0.99 14.52
CA ALA A 14 -1.11 0.03 15.19
C ALA A 14 -0.34 0.87 14.21
N GLN A 15 0.18 0.24 13.17
CA GLN A 15 0.98 0.93 12.18
C GLN A 15 0.14 1.92 11.36
N PHE A 16 -1.08 1.55 11.06
CA PHE A 16 -1.96 2.40 10.24
C PHE A 16 -2.20 3.77 10.91
N SER A 17 -2.53 3.76 12.18
CA SER A 17 -2.76 5.01 12.90
C SER A 17 -1.49 5.83 12.91
N THR A 18 -0.38 5.13 13.12
CA THR A 18 0.95 5.72 13.18
C THR A 18 1.30 6.40 11.84
N VAL A 19 0.98 5.75 10.73
CA VAL A 19 1.32 6.31 9.42
C VAL A 19 0.70 7.71 9.27
N ARG A 20 -0.54 7.88 9.72
CA ARG A 20 -1.20 9.17 9.61
C ARG A 20 -0.41 10.24 10.36
N GLN A 21 0.19 9.85 11.48
CA GLN A 21 0.98 10.78 12.29
C GLN A 21 2.18 11.30 11.50
N ASN A 22 2.76 10.41 10.70
CA ASN A 22 3.94 10.75 9.90
C ASN A 22 3.61 11.81 8.86
N VAL A 23 2.42 11.75 8.29
CA VAL A 23 2.01 12.71 7.27
C VAL A 23 1.94 14.12 7.83
N ASN A 24 1.38 14.24 9.03
CA ASN A 24 1.20 15.54 9.68
C ASN A 24 2.55 16.25 9.92
N LYS A 25 3.53 15.50 10.41
CA LYS A 25 4.85 16.08 10.69
C LYS A 25 5.53 16.57 9.43
N HIS A 26 5.42 15.78 8.37
CA HIS A 26 6.06 16.08 7.10
C HIS A 26 5.27 17.09 6.27
N ARG A 27 4.09 17.47 6.74
CA ARG A 27 3.29 18.44 6.00
C ARG A 27 4.06 19.75 5.83
N SER A 28 4.69 20.19 6.92
CA SER A 28 5.46 21.42 6.89
C SER A 28 6.70 21.28 6.01
N HIS A 29 7.34 20.11 6.08
CA HIS A 29 8.56 19.86 5.29
C HIS A 29 8.27 19.89 3.79
N TRP A 30 7.22 19.20 3.35
CA TRP A 30 6.89 19.17 1.93
C TRP A 30 6.58 20.57 1.42
N LYS A 31 6.01 21.41 2.27
CA LYS A 31 5.66 22.77 1.87
C LYS A 31 6.90 23.54 1.41
N SER A 32 8.01 23.31 2.08
CA SER A 32 9.26 23.99 1.74
C SER A 32 9.97 23.33 0.57
N GLN A 33 9.33 22.37 -0.10
CA GLN A 33 9.97 21.70 -1.23
C GLN A 33 9.96 22.61 -2.46
N GLN A 34 11.08 22.65 -3.18
CA GLN A 34 11.19 23.49 -4.36
C GLN A 34 10.26 23.02 -5.48
N LEU A 35 10.26 21.72 -5.76
CA LEU A 35 9.42 21.18 -6.83
C LEU A 35 8.04 21.83 -6.82
N ASP A 36 7.23 21.48 -5.84
CA ASP A 36 5.88 22.02 -5.71
C ASP A 36 5.14 21.28 -4.59
N SER A 37 4.10 21.89 -4.06
CA SER A 37 3.32 21.30 -2.98
C SER A 37 2.60 20.03 -3.43
N ASN A 38 2.43 19.85 -4.74
CA ASN A 38 1.75 18.66 -5.26
C ASN A 38 2.27 18.28 -6.63
N VAL A 39 3.09 19.15 -7.22
CA VAL A 39 3.65 18.87 -8.54
C VAL A 39 2.52 18.50 -9.52
N THR A 40 2.85 18.41 -10.81
CA THR A 40 1.84 18.07 -11.83
C THR A 40 1.97 16.62 -12.28
N MET A 41 0.84 15.91 -12.28
CA MET A 41 0.80 14.50 -12.69
C MET A 41 0.23 14.39 -14.11
N PRO A 42 0.10 13.20 -14.66
CA PRO A 42 -0.44 13.02 -16.05
C PRO A 42 -1.88 13.53 -16.21
N LYS A 43 -2.15 14.09 -17.38
CA LYS A 43 -3.47 14.62 -17.67
C LYS A 43 -4.56 13.60 -17.32
N SER A 44 -5.59 14.07 -16.62
CA SER A 44 -6.68 13.21 -16.17
C SER A 44 -7.38 12.54 -17.35
N GLU A 45 -7.47 13.24 -18.48
CA GLU A 45 -8.13 12.70 -19.66
C GLU A 45 -7.35 11.53 -20.23
N ASP A 46 -6.28 11.12 -19.53
CA ASP A 46 -5.46 9.99 -19.97
C ASP A 46 -5.11 9.12 -18.77
N GLU A 47 -6.04 8.25 -18.40
CA GLU A 47 -5.86 7.36 -17.26
C GLU A 47 -4.61 6.50 -17.42
N GLU A 48 -4.26 6.18 -18.66
CA GLU A 48 -3.09 5.36 -18.91
C GLU A 48 -1.86 6.02 -18.32
N GLY A 49 -1.81 7.34 -18.40
CA GLY A 49 -0.68 8.11 -17.88
C GLY A 49 -0.57 7.92 -16.37
N TRP A 50 -1.71 7.94 -15.69
CA TRP A 50 -1.76 7.78 -14.24
C TRP A 50 -1.29 6.40 -13.79
N LYS A 51 -1.65 5.38 -14.55
CA LYS A 51 -1.27 4.02 -14.19
C LYS A 51 0.24 3.91 -14.10
N LYS A 52 0.93 4.43 -15.11
CA LYS A 52 2.38 4.39 -15.16
C LYS A 52 2.97 5.26 -14.06
N PHE A 53 2.44 6.47 -13.96
CA PHE A 53 2.92 7.45 -12.99
C PHE A 53 2.69 7.00 -11.53
N CYS A 54 1.47 6.58 -11.23
CA CYS A 54 1.13 6.17 -9.87
C CYS A 54 1.81 4.87 -9.47
N LEU A 55 1.85 3.89 -10.38
CA LEU A 55 2.46 2.59 -10.09
C LEU A 55 3.88 2.53 -10.66
N GLY A 56 4.39 3.67 -11.11
CA GLY A 56 5.75 3.73 -11.64
C GLY A 56 6.01 2.58 -12.62
N GLU A 57 7.28 2.41 -12.98
CA GLU A 57 7.68 1.35 -13.92
C GLU A 57 8.94 0.64 -13.41
N LYS A 58 9.60 1.24 -12.42
CA LYS A 58 10.81 0.66 -11.85
C LYS A 58 10.50 -0.66 -11.16
N LEU A 59 9.36 -0.73 -10.49
CA LEU A 59 8.97 -1.95 -9.81
C LEU A 59 8.85 -3.05 -10.84
N CYS A 60 8.26 -2.71 -11.97
CA CYS A 60 8.11 -3.66 -13.06
C CYS A 60 9.48 -4.10 -13.58
N ALA A 61 10.38 -3.13 -13.72
CA ALA A 61 11.73 -3.42 -14.19
C ALA A 61 12.45 -4.35 -13.21
N ASP A 62 12.39 -4.01 -11.93
CA ASP A 62 13.03 -4.83 -10.90
C ASP A 62 12.66 -4.31 -9.51
N GLY A 63 13.57 -3.59 -8.88
CA GLY A 63 13.33 -3.05 -7.55
C GLY A 63 14.59 -2.39 -7.00
N ALA A 64 15.31 -3.10 -6.17
CA ALA A 64 16.53 -2.57 -5.58
C ALA A 64 17.30 -3.67 -4.85
N VAL A 65 17.81 -4.63 -5.62
CA VAL A 65 18.56 -5.73 -5.04
C VAL A 65 19.83 -5.21 -4.37
N GLY A 66 20.54 -4.31 -5.05
CA GLY A 66 21.77 -3.72 -4.51
C GLY A 66 22.77 -3.39 -5.60
N PRO A 67 23.17 -4.36 -6.38
CA PRO A 67 24.16 -4.16 -7.50
C PRO A 67 23.72 -3.07 -8.47
N ALA A 68 22.43 -3.05 -8.75
CA ALA A 68 21.87 -2.06 -9.68
C ALA A 68 22.06 -0.65 -9.13
N THR A 69 22.07 -0.54 -7.81
CA THR A 69 22.23 0.75 -7.16
C THR A 69 23.58 1.35 -7.50
N ASN A 70 24.63 0.54 -7.43
CA ASN A 70 25.97 1.00 -7.74
C ASN A 70 26.06 1.41 -9.21
N GLU A 71 25.41 0.63 -10.06
CA GLU A 71 25.42 0.91 -11.49
C GLU A 71 24.66 2.21 -11.77
N SER A 72 25.40 3.27 -12.06
CA SER A 72 24.80 4.57 -12.36
C SER A 72 25.55 5.26 -13.51
N PRO A 73 25.49 4.70 -14.70
CA PRO A 73 26.16 5.28 -15.89
C PRO A 73 25.76 6.75 -16.10
N GLY A 74 24.49 7.04 -15.83
CA GLY A 74 23.99 8.40 -15.99
C GLY A 74 22.47 8.43 -15.73
N ILE A 75 22.10 8.63 -14.47
CA ILE A 75 20.69 8.67 -14.11
C ILE A 75 20.10 10.05 -14.31
N ASP A 76 18.97 10.12 -15.03
CA ASP A 76 18.27 11.39 -15.28
C ASP A 76 16.93 11.36 -14.57
N TYR A 77 16.81 12.17 -13.53
CA TYR A 77 15.56 12.23 -12.77
C TYR A 77 14.38 12.40 -13.72
N VAL A 78 14.66 12.82 -14.94
CA VAL A 78 13.62 13.06 -15.93
C VAL A 78 12.83 11.78 -16.28
N GLN A 79 13.51 10.67 -16.50
CA GLN A 79 12.82 9.42 -16.87
C GLN A 79 12.32 8.67 -15.64
N ILE A 80 12.77 9.11 -14.49
CA ILE A 80 12.38 8.49 -13.22
C ILE A 80 11.04 9.05 -12.75
N GLY A 81 10.72 10.25 -13.20
CA GLY A 81 9.46 10.88 -12.83
C GLY A 81 9.31 10.97 -11.32
N PHE A 82 8.24 11.65 -10.88
CA PHE A 82 7.98 11.79 -9.45
C PHE A 82 7.15 10.60 -8.91
N PRO A 83 7.65 9.82 -7.97
CA PRO A 83 6.86 8.66 -7.42
C PRO A 83 5.83 9.18 -6.42
N PRO A 84 4.82 8.39 -6.10
CA PRO A 84 3.78 8.84 -5.15
C PRO A 84 4.37 9.08 -3.77
N LEU A 85 3.94 10.16 -3.12
CA LEU A 85 4.46 10.52 -1.79
C LEU A 85 3.35 11.10 -0.92
N LEU A 86 3.74 11.59 0.24
CA LEU A 86 2.78 12.15 1.18
C LEU A 86 2.07 13.39 0.63
N SER A 87 2.83 14.28 0.01
CA SER A 87 2.26 15.52 -0.52
C SER A 87 1.32 15.31 -1.70
N ILE A 88 1.71 14.49 -2.67
CA ILE A 88 0.86 14.25 -3.84
C ILE A 88 -0.37 13.45 -3.45
N VAL A 89 -0.15 12.40 -2.69
CA VAL A 89 -1.23 11.53 -2.27
C VAL A 89 -2.25 12.29 -1.44
N SER A 90 -1.76 13.15 -0.55
CA SER A 90 -2.66 13.93 0.30
C SER A 90 -3.60 14.79 -0.56
N ARG A 91 -3.15 15.11 -1.77
CA ARG A 91 -3.96 15.92 -2.69
C ARG A 91 -4.87 15.03 -3.52
N MET A 92 -4.49 13.76 -3.66
CA MET A 92 -5.28 12.82 -4.44
C MET A 92 -6.58 12.47 -3.72
N ASN A 93 -7.66 12.37 -4.50
CA ASN A 93 -8.95 12.04 -3.93
C ASN A 93 -9.05 10.54 -3.65
N GLN A 94 -9.79 10.19 -2.61
CA GLN A 94 -9.98 8.79 -2.27
C GLN A 94 -10.78 8.10 -3.38
N ALA A 95 -11.75 8.84 -3.91
CA ALA A 95 -12.61 8.34 -4.97
C ALA A 95 -11.87 8.16 -6.29
N THR A 96 -10.93 9.05 -6.62
CA THR A 96 -10.20 8.93 -7.88
C THR A 96 -9.39 7.64 -7.97
N VAL A 97 -8.60 7.35 -6.93
CA VAL A 97 -7.79 6.13 -6.94
C VAL A 97 -8.67 4.90 -6.83
N THR A 98 -9.85 5.06 -6.25
CA THR A 98 -10.78 3.95 -6.10
C THR A 98 -11.19 3.40 -7.47
N SER A 99 -11.50 4.30 -8.40
CA SER A 99 -11.90 3.90 -9.75
C SER A 99 -10.73 3.25 -10.48
N VAL A 100 -9.53 3.74 -10.20
CA VAL A 100 -8.33 3.20 -10.82
C VAL A 100 -8.19 1.73 -10.43
N LEU A 101 -8.72 1.39 -9.26
CA LEU A 101 -8.67 0.02 -8.76
C LEU A 101 -9.46 -0.89 -9.70
N GLU A 102 -10.62 -0.40 -10.15
CA GLU A 102 -11.49 -1.17 -11.04
C GLU A 102 -10.79 -1.51 -12.36
N TYR A 103 -9.99 -0.60 -12.88
CA TYR A 103 -9.31 -0.83 -14.15
C TYR A 103 -8.39 -2.06 -14.09
N LEU A 104 -7.55 -2.11 -13.06
CA LEU A 104 -6.59 -3.21 -12.94
C LEU A 104 -7.30 -4.57 -12.88
N SER A 105 -8.38 -4.64 -12.12
CA SER A 105 -9.12 -5.90 -11.98
C SER A 105 -9.69 -6.36 -13.32
N ASN A 106 -9.99 -5.40 -14.19
CA ASN A 106 -10.60 -5.71 -15.48
C ASN A 106 -9.73 -6.61 -16.35
N TRP A 107 -8.42 -6.37 -16.35
CA TRP A 107 -7.54 -7.19 -17.18
C TRP A 107 -7.74 -8.69 -16.89
N PHE A 108 -7.76 -9.05 -15.60
CA PHE A 108 -7.96 -10.44 -15.20
C PHE A 108 -7.23 -11.40 -16.16
N GLY A 109 -7.59 -12.69 -16.08
CA GLY A 109 -6.96 -13.69 -16.95
C GLY A 109 -5.53 -13.98 -16.53
N GLU A 110 -5.24 -13.80 -15.25
CA GLU A 110 -3.89 -14.05 -14.75
C GLU A 110 -3.91 -14.25 -13.23
N ARG A 111 -2.94 -15.02 -12.73
CA ARG A 111 -2.84 -15.27 -11.29
C ARG A 111 -2.03 -14.17 -10.65
N ASP A 112 -2.55 -12.93 -10.70
CA ASP A 112 -1.85 -11.80 -10.12
C ASP A 112 -1.99 -11.77 -8.60
N PHE A 113 -0.93 -11.35 -7.94
CA PHE A 113 -0.88 -11.24 -6.48
C PHE A 113 0.51 -10.78 -6.07
N THR A 114 1.37 -10.64 -7.08
CA THR A 114 2.77 -10.22 -6.90
C THR A 114 2.95 -9.38 -5.61
N PRO A 115 4.08 -9.51 -4.93
CA PRO A 115 4.34 -8.75 -3.67
C PRO A 115 4.70 -7.29 -3.95
N GLU A 116 4.91 -6.97 -5.22
CA GLU A 116 5.25 -5.60 -5.60
C GLU A 116 4.08 -4.67 -5.31
N LEU A 117 2.88 -5.15 -5.63
CA LEU A 117 1.67 -4.37 -5.42
C LEU A 117 1.42 -4.16 -3.92
N GLY A 118 1.82 -5.13 -3.12
CA GLY A 118 1.62 -5.05 -1.68
C GLY A 118 2.29 -3.80 -1.09
N ARG A 119 3.45 -3.44 -1.64
CA ARG A 119 4.14 -2.24 -1.17
C ARG A 119 3.26 -1.03 -1.45
N TRP A 120 2.63 -1.06 -2.62
CA TRP A 120 1.74 0.00 -3.06
C TRP A 120 0.41 -0.07 -2.28
N LEU A 121 -0.04 -1.29 -2.00
CA LEU A 121 -1.30 -1.52 -1.30
C LEU A 121 -1.42 -0.68 -0.03
N TYR A 122 -0.36 -0.63 0.76
CA TYR A 122 -0.39 0.15 1.99
C TYR A 122 -0.71 1.61 1.69
N ALA A 123 -0.14 2.11 0.60
CA ALA A 123 -0.36 3.50 0.20
C ALA A 123 -1.83 3.78 -0.11
N LEU A 124 -2.52 2.80 -0.69
CA LEU A 124 -3.92 2.97 -1.06
C LEU A 124 -4.81 3.21 0.15
N LEU A 125 -4.61 2.42 1.21
CA LEU A 125 -5.43 2.57 2.41
C LEU A 125 -5.26 3.95 3.02
N ALA A 126 -4.03 4.44 2.99
CA ALA A 126 -3.74 5.76 3.55
C ALA A 126 -4.42 6.85 2.72
N CYS A 127 -4.91 6.47 1.53
CA CYS A 127 -5.58 7.43 0.65
C CYS A 127 -7.05 7.56 1.01
N LEU A 128 -7.54 6.67 1.88
CA LEU A 128 -8.93 6.70 2.32
C LEU A 128 -9.06 7.51 3.60
N GLU A 129 -9.96 8.48 3.59
CA GLU A 129 -10.17 9.35 4.75
C GLU A 129 -11.16 8.74 5.72
N LYS A 130 -11.39 9.43 6.83
CA LYS A 130 -12.33 8.95 7.85
C LYS A 130 -13.62 8.42 7.19
N PRO A 131 -14.39 9.27 6.54
CA PRO A 131 -15.65 8.83 5.86
C PRO A 131 -15.38 7.87 4.71
N LEU A 132 -16.25 6.88 4.55
CA LEU A 132 -16.13 5.89 3.47
C LEU A 132 -17.39 5.90 2.62
N LEU A 133 -17.23 6.07 1.32
CA LEU A 133 -18.38 6.09 0.42
C LEU A 133 -18.95 4.66 0.31
N PRO A 134 -20.26 4.49 0.18
CA PRO A 134 -20.85 3.11 0.05
C PRO A 134 -20.11 2.27 -1.00
N GLU A 135 -19.75 2.90 -2.10
CA GLU A 135 -19.05 2.20 -3.17
C GLU A 135 -17.65 1.76 -2.72
N ALA A 136 -16.97 2.62 -1.98
CA ALA A 136 -15.62 2.32 -1.49
C ALA A 136 -15.64 1.11 -0.56
N HIS A 137 -16.68 1.03 0.26
CA HIS A 137 -16.83 -0.08 1.20
C HIS A 137 -17.07 -1.39 0.46
N SER A 138 -17.88 -1.31 -0.60
CA SER A 138 -18.20 -2.49 -1.39
C SER A 138 -16.97 -3.07 -2.09
N LEU A 139 -16.13 -2.19 -2.64
CA LEU A 139 -14.95 -2.62 -3.38
C LEU A 139 -13.92 -3.37 -2.52
N ILE A 140 -13.67 -2.89 -1.31
CA ILE A 140 -12.69 -3.55 -0.45
C ILE A 140 -13.11 -4.99 -0.18
N ARG A 141 -14.42 -5.24 -0.17
CA ARG A 141 -14.93 -6.59 0.05
C ARG A 141 -14.64 -7.49 -1.15
N GLN A 142 -14.70 -6.91 -2.35
CA GLN A 142 -14.48 -7.67 -3.59
C GLN A 142 -13.07 -8.27 -3.69
N LEU A 143 -12.05 -7.46 -3.42
CA LEU A 143 -10.67 -7.94 -3.53
C LEU A 143 -10.35 -9.00 -2.49
N ALA A 144 -10.93 -8.87 -1.29
CA ALA A 144 -10.67 -9.83 -0.23
C ALA A 144 -11.14 -11.23 -0.60
N ARG A 145 -12.28 -11.31 -1.29
CA ARG A 145 -12.84 -12.61 -1.68
C ARG A 145 -11.95 -13.32 -2.69
N ARG A 146 -11.36 -12.56 -3.61
CA ARG A 146 -10.49 -13.15 -4.63
C ARG A 146 -9.28 -13.83 -3.98
N CYS A 147 -8.71 -13.16 -2.98
CA CYS A 147 -7.55 -13.69 -2.27
C CYS A 147 -7.81 -15.07 -1.68
N SER A 148 -9.04 -15.30 -1.24
CA SER A 148 -9.40 -16.58 -0.63
C SER A 148 -9.15 -17.73 -1.60
N GLU A 149 -9.33 -17.47 -2.88
CA GLU A 149 -9.12 -18.49 -3.91
C GLU A 149 -7.67 -18.98 -3.91
N VAL A 150 -6.75 -18.04 -3.65
CA VAL A 150 -5.33 -18.38 -3.65
C VAL A 150 -5.02 -19.45 -2.60
N ARG A 151 -5.60 -19.30 -1.41
CA ARG A 151 -5.34 -20.27 -0.33
C ARG A 151 -5.78 -21.67 -0.77
N LEU A 152 -6.93 -21.76 -1.42
CA LEU A 152 -7.43 -23.05 -1.87
C LEU A 152 -6.51 -23.66 -2.94
N LEU A 153 -6.02 -22.82 -3.86
CA LEU A 153 -5.17 -23.28 -4.95
C LEU A 153 -3.83 -23.88 -4.46
N VAL A 154 -3.20 -23.26 -3.48
CA VAL A 154 -1.92 -23.78 -2.98
C VAL A 154 -2.10 -25.18 -2.40
N ASP A 155 -1.07 -26.00 -2.52
CA ASP A 155 -1.11 -27.36 -2.00
C ASP A 155 -0.96 -27.38 -0.48
N SER A 156 -0.05 -26.55 0.03
CA SER A 156 0.20 -26.48 1.48
C SER A 156 -0.58 -25.34 2.11
N LYS A 157 -1.37 -25.65 3.13
CA LYS A 157 -2.17 -24.65 3.82
C LYS A 157 -1.26 -23.63 4.51
N ASP A 158 -0.13 -24.11 5.05
CA ASP A 158 0.82 -23.24 5.74
C ASP A 158 1.81 -22.63 4.76
N ASP A 159 2.00 -23.29 3.63
CA ASP A 159 2.93 -22.80 2.60
C ASP A 159 4.20 -22.23 3.24
N GLU A 160 4.43 -20.94 3.04
CA GLU A 160 5.60 -20.28 3.58
C GLU A 160 5.38 -18.77 3.55
N ARG A 161 4.52 -18.34 2.62
CA ARG A 161 4.21 -16.91 2.45
C ARG A 161 2.78 -16.65 2.88
N VAL A 162 1.94 -17.66 2.72
CA VAL A 162 0.54 -17.56 3.07
C VAL A 162 0.31 -17.02 4.49
N PRO A 163 1.06 -17.44 5.51
CA PRO A 163 0.82 -16.94 6.90
C PRO A 163 0.85 -15.41 6.97
N ALA A 164 1.84 -14.82 6.31
CA ALA A 164 1.98 -13.37 6.29
C ALA A 164 0.82 -12.72 5.54
N LEU A 165 0.50 -13.27 4.37
CA LEU A 165 -0.58 -12.74 3.54
C LEU A 165 -1.92 -12.86 4.27
N ASN A 166 -2.13 -13.99 4.92
CA ASN A 166 -3.37 -14.21 5.64
C ASN A 166 -3.52 -13.25 6.81
N LEU A 167 -2.40 -12.82 7.38
CA LEU A 167 -2.42 -11.94 8.54
C LEU A 167 -3.11 -10.60 8.26
N LEU A 168 -2.84 -9.98 7.12
CA LEU A 168 -3.46 -8.67 6.84
C LEU A 168 -4.97 -8.79 6.67
N ILE A 169 -5.50 -10.00 6.63
CA ILE A 169 -6.94 -10.18 6.48
C ILE A 169 -7.63 -9.62 7.71
N CYS A 170 -7.05 -9.89 8.87
CA CYS A 170 -7.59 -9.41 10.14
C CYS A 170 -7.61 -7.88 10.16
N LEU A 171 -6.64 -7.27 9.51
CA LEU A 171 -6.54 -5.81 9.49
C LEU A 171 -7.79 -5.17 8.88
N VAL A 172 -8.25 -5.70 7.76
CA VAL A 172 -9.44 -5.16 7.10
C VAL A 172 -10.70 -5.31 7.95
N SER A 173 -10.86 -6.47 8.57
CA SER A 173 -12.05 -6.76 9.37
C SER A 173 -12.20 -5.82 10.57
N ARG A 174 -11.10 -5.40 11.18
CA ARG A 174 -11.16 -4.52 12.35
C ARG A 174 -11.24 -3.04 11.96
N TYR A 175 -10.40 -2.64 11.02
CA TYR A 175 -10.38 -1.24 10.61
C TYR A 175 -11.74 -0.83 10.03
N PHE A 176 -12.29 -1.68 9.16
CA PHE A 176 -13.60 -1.41 8.55
C PHE A 176 -14.72 -1.99 9.41
N ASP A 177 -14.34 -2.73 10.44
CA ASP A 177 -15.30 -3.33 11.36
C ASP A 177 -16.18 -4.35 10.63
N GLN A 178 -15.65 -4.95 9.56
CA GLN A 178 -16.40 -5.94 8.79
C GLN A 178 -16.16 -7.33 9.36
N ARG A 179 -16.96 -7.70 10.35
CA ARG A 179 -16.83 -9.00 10.99
C ARG A 179 -17.09 -10.11 9.97
N ASP A 180 -17.60 -9.73 8.80
CA ASP A 180 -17.87 -10.71 7.76
C ASP A 180 -16.56 -11.33 7.26
N LEU A 181 -15.49 -10.53 7.26
CA LEU A 181 -14.19 -10.98 6.82
C LEU A 181 -13.36 -11.53 7.99
N ALA A 182 -13.83 -11.30 9.21
CA ALA A 182 -13.13 -11.77 10.40
C ALA A 182 -13.03 -13.29 10.41
N ASP A 183 -11.88 -13.80 10.83
CA ASP A 183 -11.66 -15.25 10.89
C ASP A 183 -12.10 -15.79 12.25
N GLU A 184 -13.39 -16.04 12.40
CA GLU A 184 -13.93 -16.57 13.65
C GLU A 184 -13.36 -17.97 13.90
N PRO A 185 -13.20 -18.37 15.15
CA PRO A 185 -12.65 -19.73 15.48
C PRO A 185 -13.58 -20.85 15.03
N SER A 186 -14.87 -20.54 14.91
CA SER A 186 -15.85 -21.53 14.49
C SER A 186 -17.21 -20.88 14.25
N LEU A 187 -17.20 -19.66 13.73
CA LEU A 187 -18.43 -18.93 13.46
C LEU A 187 -19.25 -18.77 14.74
N GLU A 188 -18.72 -19.24 15.86
CA GLU A 188 -19.42 -19.14 17.14
C GLU A 188 -20.81 -19.74 17.02
N TYR A 189 -20.98 -20.71 16.13
CA TYR A 189 -22.27 -21.34 15.93
C TYR A 189 -22.84 -21.85 17.25
N GLY B 1 17.63 22.14 22.65
CA GLY B 1 16.89 23.17 23.45
C GLY B 1 16.04 24.01 22.51
N GLN B 2 16.65 25.05 21.95
CA GLN B 2 15.93 25.94 21.03
C GLN B 2 15.52 25.19 19.77
N SER B 3 16.42 24.35 19.28
CA SER B 3 16.14 23.58 18.07
C SER B 3 17.03 22.35 18.00
N ASP B 4 16.55 21.31 17.33
CA ASP B 4 17.31 20.08 17.20
C ASP B 4 16.74 19.20 16.10
N ASP B 5 16.27 19.83 15.03
CA ASP B 5 15.71 19.09 13.91
C ASP B 5 14.66 18.11 14.38
N SER B 6 14.22 17.22 13.49
CA SER B 6 13.20 16.22 13.83
C SER B 6 13.38 14.96 12.98
N ASP B 7 12.29 14.24 12.78
CA ASP B 7 12.34 13.00 12.00
C ASP B 7 12.62 13.32 10.54
N ILE B 8 12.06 14.43 10.10
CA ILE B 8 12.21 14.90 8.73
C ILE B 8 12.43 13.77 7.73
N TRP B 9 13.68 13.31 7.61
CA TRP B 9 14.01 12.23 6.68
C TRP B 9 13.40 10.91 7.16
N ASP B 10 12.07 10.82 7.12
CA ASP B 10 11.37 9.61 7.54
C ASP B 10 10.05 9.49 6.79
N ASP B 11 9.94 10.22 5.69
CA ASP B 11 8.72 10.19 4.88
C ASP B 11 8.54 8.83 4.23
N THR B 12 9.64 8.06 4.17
CA THR B 12 9.59 6.73 3.58
C THR B 12 9.01 5.75 4.60
N ALA B 13 8.46 6.30 5.68
CA ALA B 13 7.87 5.49 6.74
C ALA B 13 6.90 4.47 6.14
N LEU B 14 6.16 4.89 5.12
CA LEU B 14 5.20 4.01 4.46
C LEU B 14 5.91 2.86 3.76
N ILE B 15 7.05 3.16 3.15
CA ILE B 15 7.80 2.16 2.41
C ILE B 15 8.25 1.00 3.30
N LYS B 16 8.82 1.35 4.44
CA LYS B 16 9.33 0.37 5.39
C LYS B 16 8.22 -0.45 6.01
N ALA B 17 7.05 0.15 6.12
CA ALA B 17 5.91 -0.50 6.73
C ALA B 17 5.61 -1.83 6.04
N TYR B 18 5.93 -1.92 4.76
CA TYR B 18 5.70 -3.15 4.01
C TYR B 18 6.55 -4.30 4.57
N ASP B 19 7.81 -4.00 4.89
CA ASP B 19 8.75 -5.01 5.37
C ASP B 19 8.33 -5.64 6.70
N LYS B 20 7.94 -4.83 7.68
CA LYS B 20 7.58 -5.36 8.99
C LYS B 20 6.32 -6.21 8.95
N ALA B 21 5.34 -5.81 8.15
CA ALA B 21 4.09 -6.56 8.06
C ALA B 21 4.33 -7.98 7.57
N VAL B 22 5.13 -8.11 6.52
CA VAL B 22 5.44 -9.42 5.97
C VAL B 22 6.37 -10.19 6.90
N ALA B 23 7.10 -9.45 7.72
CA ALA B 23 8.05 -10.06 8.66
C ALA B 23 7.33 -11.00 9.64
N SER B 24 6.04 -10.73 9.87
CA SER B 24 5.26 -11.54 10.80
C SER B 24 5.39 -13.04 10.49
N PHE B 25 6.07 -13.36 9.39
CA PHE B 25 6.28 -14.76 9.04
C PHE B 25 7.08 -15.47 10.13
N LYS B 26 8.14 -14.82 10.58
CA LYS B 26 8.99 -15.38 11.62
C LYS B 26 8.15 -15.87 12.79
N GLY A 1 1.23 -13.74 26.84
CA GLY A 1 -0.23 -13.45 26.67
C GLY A 1 -0.85 -14.50 25.74
N TYR A 2 -0.82 -15.76 26.17
CA TYR A 2 -1.38 -16.84 25.35
C TYR A 2 -2.87 -16.61 25.09
N SER A 3 -3.62 -16.32 26.15
CA SER A 3 -5.05 -16.08 26.02
C SER A 3 -5.34 -14.66 25.55
N PRO A 4 -4.83 -13.65 26.23
CA PRO A 4 -5.05 -12.23 25.84
C PRO A 4 -4.11 -11.80 24.71
N THR A 5 -4.10 -12.55 23.62
CA THR A 5 -3.24 -12.24 22.49
C THR A 5 -3.82 -11.09 21.68
N LEU A 6 -4.84 -10.44 22.22
CA LEU A 6 -5.48 -9.33 21.53
C LEU A 6 -4.50 -8.19 21.34
N GLN A 7 -3.70 -7.92 22.37
CA GLN A 7 -2.73 -6.84 22.30
C GLN A 7 -1.80 -7.05 21.10
N TRP A 8 -1.30 -8.27 20.95
CA TRP A 8 -0.40 -8.59 19.86
C TRP A 8 -1.08 -8.33 18.51
N GLN A 9 -2.33 -8.73 18.39
CA GLN A 9 -3.07 -8.55 17.15
C GLN A 9 -3.18 -7.07 16.79
N GLN A 10 -3.36 -6.23 17.80
CA GLN A 10 -3.50 -4.79 17.57
C GLN A 10 -2.25 -4.20 16.91
N GLN A 11 -1.08 -4.70 17.29
CA GLN A 11 0.18 -4.22 16.74
C GLN A 11 0.07 -3.88 15.24
N GLN A 12 -0.65 -4.72 14.50
CA GLN A 12 -0.80 -4.52 13.05
C GLN A 12 -1.62 -3.26 12.73
N VAL A 13 -2.92 -3.30 13.04
CA VAL A 13 -3.80 -2.16 12.76
C VAL A 13 -3.33 -0.93 13.52
N ALA A 14 -2.92 -1.11 14.77
CA ALA A 14 -2.47 -0.01 15.59
C ALA A 14 -1.39 0.78 14.86
N GLN A 15 -0.53 0.06 14.14
CA GLN A 15 0.56 0.66 13.40
C GLN A 15 0.03 1.60 12.32
N PHE A 16 -1.08 1.23 11.72
CA PHE A 16 -1.67 2.03 10.64
C PHE A 16 -2.01 3.44 11.11
N SER A 17 -2.63 3.56 12.28
CA SER A 17 -2.98 4.88 12.80
C SER A 17 -1.69 5.68 13.03
N THR A 18 -0.68 4.97 13.53
CA THR A 18 0.62 5.55 13.80
C THR A 18 1.28 6.06 12.52
N VAL A 19 1.16 5.30 11.43
CA VAL A 19 1.77 5.69 10.17
C VAL A 19 1.25 7.07 9.74
N ARG A 20 -0.04 7.31 9.94
CA ARG A 20 -0.63 8.59 9.56
C ARG A 20 0.10 9.73 10.27
N GLN A 21 0.51 9.48 11.50
CA GLN A 21 1.20 10.51 12.29
C GLN A 21 2.50 10.94 11.58
N ASN A 22 3.19 9.98 10.99
CA ASN A 22 4.45 10.24 10.30
C ASN A 22 4.23 11.19 9.12
N VAL A 23 3.12 11.01 8.42
CA VAL A 23 2.80 11.85 7.26
C VAL A 23 2.70 13.31 7.68
N ASN A 24 2.04 13.55 8.81
CA ASN A 24 1.86 14.90 9.33
C ASN A 24 3.22 15.58 9.57
N LYS A 25 4.20 14.82 10.05
CA LYS A 25 5.51 15.38 10.33
C LYS A 25 6.15 15.97 9.08
N HIS A 26 6.02 15.26 7.97
CA HIS A 26 6.61 15.72 6.71
C HIS A 26 5.74 16.77 6.04
N ARG A 27 4.59 17.06 6.63
CA ARG A 27 3.68 18.05 6.05
C ARG A 27 4.38 19.40 5.93
N SER A 28 5.10 19.78 6.98
CA SER A 28 5.82 21.05 6.97
C SER A 28 6.92 21.03 5.90
N HIS A 29 7.56 19.87 5.77
CA HIS A 29 8.64 19.70 4.80
C HIS A 29 8.11 19.92 3.37
N TRP A 30 7.02 19.24 3.04
CA TRP A 30 6.44 19.38 1.69
C TRP A 30 5.82 20.77 1.51
N LYS A 31 5.27 21.31 2.58
CA LYS A 31 4.62 22.62 2.53
C LYS A 31 5.60 23.70 2.08
N SER A 32 6.85 23.51 2.46
CA SER A 32 7.90 24.47 2.12
C SER A 32 8.33 24.29 0.68
N GLN A 33 7.69 23.35 -0.03
CA GLN A 33 8.00 23.09 -1.44
C GLN A 33 6.72 22.81 -2.22
N GLN A 34 6.79 22.97 -3.54
CA GLN A 34 5.64 22.74 -4.41
C GLN A 34 5.63 21.31 -4.93
N LEU A 35 4.52 20.89 -5.51
CA LEU A 35 4.40 19.55 -6.05
C LEU A 35 5.42 19.37 -7.18
N ASP A 36 5.58 20.41 -7.98
CA ASP A 36 6.52 20.38 -9.09
C ASP A 36 7.95 20.31 -8.59
N SER A 37 8.12 20.47 -7.29
CA SER A 37 9.44 20.44 -6.69
C SER A 37 10.19 19.18 -7.08
N ASN A 38 9.50 18.04 -7.09
CA ASN A 38 10.15 16.76 -7.45
C ASN A 38 9.20 15.83 -8.18
N VAL A 39 8.05 16.33 -8.64
CA VAL A 39 7.11 15.46 -9.35
C VAL A 39 6.08 16.25 -10.17
N THR A 40 5.75 15.71 -11.34
CA THR A 40 4.75 16.32 -12.24
C THR A 40 3.50 15.45 -12.30
N MET A 41 2.33 16.05 -12.09
CA MET A 41 1.06 15.31 -12.12
C MET A 41 0.34 15.56 -13.46
N PRO A 42 -0.17 14.54 -14.14
CA PRO A 42 -0.87 14.74 -15.44
C PRO A 42 -2.29 15.28 -15.26
N LYS A 43 -2.76 16.06 -16.23
CA LYS A 43 -4.09 16.65 -16.17
C LYS A 43 -5.11 15.63 -15.64
N SER A 44 -6.11 16.14 -14.91
CA SER A 44 -7.14 15.30 -14.32
C SER A 44 -7.97 14.57 -15.38
N GLU A 45 -8.18 15.21 -16.53
CA GLU A 45 -8.99 14.63 -17.59
C GLU A 45 -8.24 13.50 -18.31
N ASP A 46 -6.94 13.40 -18.09
CA ASP A 46 -6.13 12.36 -18.75
C ASP A 46 -6.12 11.07 -17.95
N GLU A 47 -7.26 10.39 -17.92
CA GLU A 47 -7.37 9.14 -17.18
C GLU A 47 -6.21 8.19 -17.50
N GLU A 48 -5.83 8.14 -18.76
CA GLU A 48 -4.73 7.26 -19.18
C GLU A 48 -3.41 7.69 -18.52
N GLY A 49 -3.24 9.00 -18.38
CA GLY A 49 -2.01 9.53 -17.79
C GLY A 49 -1.85 9.14 -16.32
N TRP A 50 -2.96 9.11 -15.60
CA TRP A 50 -2.92 8.77 -14.16
C TRP A 50 -2.55 7.31 -13.92
N LYS A 51 -3.18 6.40 -14.65
CA LYS A 51 -2.91 4.98 -14.44
C LYS A 51 -1.44 4.66 -14.74
N LYS A 52 -0.92 5.15 -15.86
CA LYS A 52 0.47 4.87 -16.22
C LYS A 52 1.45 5.67 -15.34
N PHE A 53 1.17 6.95 -15.15
CA PHE A 53 2.04 7.80 -14.35
C PHE A 53 2.07 7.37 -12.88
N CYS A 54 0.90 7.13 -12.31
CA CYS A 54 0.84 6.73 -10.90
C CYS A 54 1.54 5.41 -10.67
N LEU A 55 1.31 4.43 -11.55
CA LEU A 55 1.94 3.11 -11.41
C LEU A 55 3.24 3.07 -12.21
N GLY A 56 3.54 4.16 -12.91
CA GLY A 56 4.77 4.24 -13.70
C GLY A 56 4.90 3.03 -14.62
N GLU A 57 6.06 2.93 -15.28
CA GLU A 57 6.34 1.84 -16.21
C GLU A 57 7.77 1.36 -16.04
N LYS A 58 8.49 1.97 -15.10
CA LYS A 58 9.89 1.61 -14.84
C LYS A 58 10.00 0.17 -14.36
N LEU A 59 8.97 -0.33 -13.69
CA LEU A 59 9.01 -1.69 -13.19
C LEU A 59 9.15 -2.65 -14.37
N CYS A 60 8.38 -2.37 -15.43
CA CYS A 60 8.44 -3.19 -16.63
C CYS A 60 9.81 -3.08 -17.28
N ALA A 61 10.37 -1.87 -17.26
CA ALA A 61 11.68 -1.63 -17.87
C ALA A 61 12.76 -2.41 -17.15
N ASP A 62 12.66 -2.52 -15.83
CA ASP A 62 13.66 -3.25 -15.06
C ASP A 62 13.70 -4.71 -15.49
N GLY A 63 12.51 -5.31 -15.63
CA GLY A 63 12.42 -6.71 -16.03
C GLY A 63 12.87 -7.64 -14.91
N ALA A 64 13.15 -7.06 -13.75
CA ALA A 64 13.59 -7.85 -12.61
C ALA A 64 13.71 -6.97 -11.37
N VAL A 65 12.59 -6.81 -10.66
CA VAL A 65 12.57 -5.98 -9.44
C VAL A 65 12.60 -6.87 -8.19
N GLY A 66 13.81 -7.09 -7.67
CA GLY A 66 13.99 -7.91 -6.47
C GLY A 66 15.37 -8.55 -6.43
N PRO A 67 15.73 -9.26 -7.47
CA PRO A 67 17.06 -9.93 -7.55
C PRO A 67 18.22 -8.96 -7.32
N ALA A 68 18.08 -7.74 -7.84
CA ALA A 68 19.11 -6.72 -7.68
C ALA A 68 18.50 -5.33 -7.69
N THR A 69 19.01 -4.44 -6.82
CA THR A 69 18.51 -3.07 -6.74
C THR A 69 19.63 -2.08 -7.02
N ASN A 70 20.79 -2.60 -7.40
CA ASN A 70 21.93 -1.75 -7.70
C ASN A 70 21.62 -0.87 -8.89
N GLU A 71 20.43 -1.04 -9.44
CA GLU A 71 20.01 -0.27 -10.61
C GLU A 71 19.54 1.12 -10.18
N SER A 72 19.98 1.57 -9.01
CA SER A 72 19.59 2.88 -8.51
C SER A 72 20.61 3.39 -7.51
N PRO A 73 21.74 3.85 -7.98
CA PRO A 73 22.83 4.39 -7.10
C PRO A 73 22.30 5.46 -6.13
N GLY A 74 21.39 6.29 -6.64
CA GLY A 74 20.82 7.34 -5.81
C GLY A 74 19.98 8.31 -6.65
N ILE A 75 20.32 8.43 -7.94
CA ILE A 75 19.61 9.32 -8.85
C ILE A 75 19.34 8.61 -10.18
N ASP A 76 19.21 9.40 -11.25
CA ASP A 76 18.96 8.86 -12.58
C ASP A 76 17.56 8.26 -12.68
N TYR A 77 17.25 7.32 -11.79
CA TYR A 77 15.93 6.68 -11.79
C TYR A 77 14.83 7.68 -11.41
N VAL A 78 15.22 8.71 -10.65
CA VAL A 78 14.28 9.73 -10.20
C VAL A 78 13.71 10.54 -11.35
N GLN A 79 14.56 10.94 -12.28
CA GLN A 79 14.11 11.75 -13.42
C GLN A 79 13.50 10.88 -14.51
N ILE A 80 13.50 9.59 -14.25
CA ILE A 80 12.94 8.60 -15.19
C ILE A 80 11.57 8.13 -14.70
N GLY A 81 11.35 8.19 -13.40
CA GLY A 81 10.09 7.75 -12.84
C GLY A 81 10.04 8.05 -11.36
N PHE A 82 9.28 9.07 -11.02
CA PHE A 82 9.14 9.46 -9.62
C PHE A 82 8.31 8.41 -8.86
N PRO A 83 8.78 7.89 -7.75
CA PRO A 83 8.02 6.86 -6.99
C PRO A 83 6.87 7.50 -6.21
N PRO A 84 5.87 6.73 -5.83
CA PRO A 84 4.71 7.25 -5.08
C PRO A 84 5.12 7.79 -3.70
N LEU A 85 4.53 8.91 -3.30
CA LEU A 85 4.84 9.53 -2.01
C LEU A 85 3.56 10.08 -1.37
N LEU A 86 3.70 10.48 -0.12
CA LEU A 86 2.56 11.02 0.62
C LEU A 86 2.09 12.31 -0.05
N SER A 87 3.03 13.15 -0.48
CA SER A 87 2.69 14.41 -1.13
C SER A 87 1.92 14.18 -2.42
N ILE A 88 2.37 13.22 -3.22
CA ILE A 88 1.71 12.94 -4.48
C ILE A 88 0.30 12.43 -4.20
N VAL A 89 0.22 11.51 -3.25
CA VAL A 89 -1.05 10.92 -2.88
C VAL A 89 -1.95 11.95 -2.18
N SER A 90 -1.32 12.89 -1.47
CA SER A 90 -2.06 13.91 -0.73
C SER A 90 -2.98 14.72 -1.65
N ARG A 91 -2.55 15.00 -2.87
CA ARG A 91 -3.36 15.78 -3.80
C ARG A 91 -4.34 14.88 -4.55
N MET A 92 -4.03 13.59 -4.59
CA MET A 92 -4.89 12.63 -5.25
C MET A 92 -6.20 12.46 -4.48
N ASN A 93 -7.30 12.51 -5.20
CA ASN A 93 -8.61 12.36 -4.57
C ASN A 93 -8.86 10.90 -4.22
N GLN A 94 -9.68 10.67 -3.20
CA GLN A 94 -10.03 9.32 -2.79
C GLN A 94 -10.80 8.64 -3.91
N ALA A 95 -11.70 9.41 -4.52
CA ALA A 95 -12.55 8.93 -5.59
C ALA A 95 -11.77 8.61 -6.87
N THR A 96 -10.72 9.37 -7.16
CA THR A 96 -9.96 9.12 -8.39
C THR A 96 -9.34 7.72 -8.41
N VAL A 97 -8.66 7.34 -7.33
CA VAL A 97 -8.04 6.03 -7.27
C VAL A 97 -9.09 4.93 -7.18
N THR A 98 -10.26 5.28 -6.65
CA THR A 98 -11.35 4.31 -6.51
C THR A 98 -11.77 3.77 -7.88
N SER A 99 -11.91 4.66 -8.85
CA SER A 99 -12.31 4.24 -10.20
C SER A 99 -11.19 3.41 -10.84
N VAL A 100 -9.96 3.80 -10.56
CA VAL A 100 -8.79 3.12 -11.10
C VAL A 100 -8.76 1.67 -10.61
N LEU A 101 -9.44 1.40 -9.51
CA LEU A 101 -9.46 0.06 -8.94
C LEU A 101 -10.11 -0.94 -9.90
N GLU A 102 -11.17 -0.52 -10.59
CA GLU A 102 -11.87 -1.42 -11.50
C GLU A 102 -10.96 -1.93 -12.62
N TYR A 103 -10.11 -1.05 -13.14
CA TYR A 103 -9.18 -1.41 -14.20
C TYR A 103 -8.24 -2.53 -13.74
N LEU A 104 -7.70 -2.36 -12.54
CA LEU A 104 -6.75 -3.32 -11.98
C LEU A 104 -7.34 -4.72 -11.87
N SER A 105 -8.59 -4.82 -11.46
CA SER A 105 -9.23 -6.11 -11.30
C SER A 105 -9.43 -6.84 -12.62
N ASN A 106 -9.63 -6.08 -13.70
CA ASN A 106 -9.85 -6.69 -15.01
C ASN A 106 -8.65 -7.52 -15.46
N TRP A 107 -7.45 -6.99 -15.27
CA TRP A 107 -6.24 -7.72 -15.65
C TRP A 107 -6.00 -8.91 -14.74
N PHE A 108 -6.32 -8.75 -13.47
CA PHE A 108 -6.12 -9.83 -12.50
C PHE A 108 -6.89 -11.07 -12.91
N GLY A 109 -6.61 -12.19 -12.23
CA GLY A 109 -7.28 -13.44 -12.50
C GLY A 109 -6.65 -14.18 -13.67
N GLU A 110 -5.36 -13.91 -13.92
CA GLU A 110 -4.63 -14.55 -15.01
C GLU A 110 -3.40 -15.27 -14.46
N ARG A 111 -2.68 -14.60 -13.57
CA ARG A 111 -1.49 -15.17 -12.93
C ARG A 111 -0.77 -14.10 -12.13
N ASP A 112 -1.23 -12.86 -12.26
CA ASP A 112 -0.59 -11.76 -11.54
C ASP A 112 -0.99 -11.74 -10.08
N PHE A 113 -0.05 -11.32 -9.24
CA PHE A 113 -0.27 -11.25 -7.80
C PHE A 113 1.01 -10.74 -7.14
N THR A 114 1.92 -10.23 -7.97
CA THR A 114 3.23 -9.69 -7.54
C THR A 114 3.25 -9.35 -6.04
N PRO A 115 4.29 -9.70 -5.29
CA PRO A 115 4.34 -9.40 -3.84
C PRO A 115 4.63 -7.93 -3.57
N GLU A 116 5.65 -7.38 -4.22
CA GLU A 116 6.03 -5.98 -4.03
C GLU A 116 4.82 -5.07 -4.23
N LEU A 117 3.84 -5.53 -4.99
CA LEU A 117 2.64 -4.74 -5.23
C LEU A 117 2.01 -4.40 -3.88
N GLY A 118 2.25 -5.25 -2.89
CA GLY A 118 1.71 -5.03 -1.56
C GLY A 118 2.16 -3.68 -1.02
N ARG A 119 3.36 -3.25 -1.39
CA ARG A 119 3.85 -1.96 -0.93
C ARG A 119 2.88 -0.86 -1.35
N TRP A 120 2.30 -1.02 -2.55
CA TRP A 120 1.32 -0.07 -3.07
C TRP A 120 0.00 -0.19 -2.30
N LEU A 121 -0.37 -1.42 -1.92
CA LEU A 121 -1.63 -1.66 -1.21
C LEU A 121 -1.77 -0.78 0.04
N TYR A 122 -0.71 -0.67 0.84
CA TYR A 122 -0.77 0.16 2.04
C TYR A 122 -1.08 1.61 1.70
N ALA A 123 -0.51 2.09 0.60
CA ALA A 123 -0.72 3.47 0.18
C ALA A 123 -2.20 3.74 -0.14
N LEU A 124 -2.91 2.73 -0.65
CA LEU A 124 -4.32 2.89 -1.02
C LEU A 124 -5.17 3.23 0.21
N LEU A 125 -4.94 2.54 1.32
CA LEU A 125 -5.69 2.80 2.54
C LEU A 125 -5.42 4.21 3.04
N ALA A 126 -4.16 4.62 2.94
CA ALA A 126 -3.76 5.95 3.39
C ALA A 126 -4.50 7.04 2.59
N CYS A 127 -5.00 6.67 1.40
CA CYS A 127 -5.71 7.63 0.56
C CYS A 127 -7.18 7.75 0.98
N LEU A 128 -7.64 6.79 1.81
CA LEU A 128 -9.03 6.81 2.29
C LEU A 128 -9.06 7.42 3.70
N GLU A 129 -9.93 8.42 3.87
CA GLU A 129 -10.06 9.10 5.16
C GLU A 129 -11.05 8.37 6.07
N LYS A 130 -11.26 8.90 7.27
CA LYS A 130 -12.17 8.28 8.23
C LYS A 130 -13.49 7.86 7.56
N PRO A 131 -14.22 8.75 6.92
CA PRO A 131 -15.52 8.39 6.27
C PRO A 131 -15.29 7.51 5.04
N LEU A 132 -16.19 6.54 4.85
CA LEU A 132 -16.11 5.61 3.71
C LEU A 132 -17.41 5.65 2.89
N LEU A 133 -17.26 5.83 1.58
CA LEU A 133 -18.43 5.86 0.70
C LEU A 133 -19.06 4.47 0.65
N PRO A 134 -20.35 4.37 0.41
CA PRO A 134 -21.04 3.05 0.36
C PRO A 134 -20.41 2.16 -0.71
N GLU A 135 -20.04 2.76 -1.84
CA GLU A 135 -19.42 2.03 -2.93
C GLU A 135 -18.02 1.59 -2.55
N ALA A 136 -17.32 2.44 -1.79
CA ALA A 136 -15.95 2.15 -1.36
C ALA A 136 -15.91 0.91 -0.47
N HIS A 137 -16.93 0.75 0.37
CA HIS A 137 -17.00 -0.39 1.27
C HIS A 137 -17.17 -1.68 0.47
N SER A 138 -17.97 -1.62 -0.58
CA SER A 138 -18.22 -2.79 -1.41
C SER A 138 -16.96 -3.29 -2.11
N LEU A 139 -16.16 -2.37 -2.66
CA LEU A 139 -14.94 -2.74 -3.39
C LEU A 139 -13.89 -3.44 -2.52
N ILE A 140 -13.65 -2.94 -1.32
CA ILE A 140 -12.64 -3.54 -0.45
C ILE A 140 -12.99 -4.99 -0.19
N ARG A 141 -14.28 -5.30 -0.20
CA ARG A 141 -14.72 -6.68 0.01
C ARG A 141 -14.35 -7.57 -1.17
N GLN A 142 -14.47 -7.01 -2.38
CA GLN A 142 -14.18 -7.77 -3.61
C GLN A 142 -12.73 -8.27 -3.68
N LEU A 143 -11.77 -7.39 -3.40
CA LEU A 143 -10.35 -7.78 -3.48
C LEU A 143 -10.02 -8.86 -2.46
N ALA A 144 -10.64 -8.80 -1.28
CA ALA A 144 -10.36 -9.78 -0.24
C ALA A 144 -10.74 -11.18 -0.70
N ARG A 145 -11.82 -11.28 -1.47
CA ARG A 145 -12.30 -12.56 -1.96
C ARG A 145 -11.29 -13.20 -2.92
N ARG A 146 -10.65 -12.39 -3.75
CA ARG A 146 -9.69 -12.91 -4.70
C ARG A 146 -8.50 -13.56 -3.99
N CYS A 147 -8.04 -12.92 -2.92
CA CYS A 147 -6.91 -13.46 -2.15
C CYS A 147 -7.24 -14.85 -1.60
N SER A 148 -8.49 -15.06 -1.21
CA SER A 148 -8.90 -16.35 -0.66
C SER A 148 -8.71 -17.48 -1.68
N GLU A 149 -8.93 -17.18 -2.95
CA GLU A 149 -8.79 -18.20 -4.00
C GLU A 149 -7.36 -18.69 -4.14
N VAL A 150 -6.40 -17.78 -4.03
CA VAL A 150 -4.98 -18.14 -4.15
C VAL A 150 -4.54 -19.10 -3.04
N ARG A 151 -5.00 -18.82 -1.83
CA ARG A 151 -4.64 -19.62 -0.65
C ARG A 151 -5.11 -21.07 -0.78
N LEU A 152 -6.30 -21.28 -1.33
CA LEU A 152 -6.85 -22.63 -1.50
C LEU A 152 -5.96 -23.45 -2.44
N LEU A 153 -5.41 -22.77 -3.45
CA LEU A 153 -4.55 -23.43 -4.43
C LEU A 153 -3.31 -24.03 -3.76
N VAL A 154 -2.76 -23.31 -2.78
CA VAL A 154 -1.57 -23.81 -2.08
C VAL A 154 -1.81 -25.25 -1.62
N ASP A 155 -0.82 -26.10 -1.87
CA ASP A 155 -0.91 -27.51 -1.48
C ASP A 155 -0.39 -27.71 -0.06
N SER A 156 0.48 -26.81 0.40
CA SER A 156 1.06 -26.90 1.75
C SER A 156 0.51 -25.78 2.65
N LYS A 157 -0.21 -26.18 3.68
CA LYS A 157 -0.79 -25.23 4.62
C LYS A 157 0.31 -24.49 5.37
N ASP A 158 1.40 -25.19 5.64
CA ASP A 158 2.53 -24.61 6.37
C ASP A 158 3.37 -23.71 5.48
N ASP A 159 2.86 -23.41 4.27
CA ASP A 159 3.60 -22.54 3.33
C ASP A 159 4.25 -21.37 4.07
N GLU A 160 5.31 -20.84 3.47
CA GLU A 160 6.04 -19.71 4.05
C GLU A 160 5.30 -18.38 3.87
N ARG A 161 4.40 -18.33 2.90
CA ARG A 161 3.63 -17.11 2.62
C ARG A 161 2.35 -17.06 3.44
N VAL A 162 1.80 -18.24 3.72
CA VAL A 162 0.56 -18.34 4.47
C VAL A 162 0.56 -17.44 5.72
N PRO A 163 1.59 -17.44 6.54
CA PRO A 163 1.61 -16.60 7.78
C PRO A 163 1.35 -15.13 7.49
N ALA A 164 1.99 -14.62 6.44
CA ALA A 164 1.82 -13.21 6.06
C ALA A 164 0.43 -12.98 5.49
N LEU A 165 -0.02 -13.91 4.65
CA LEU A 165 -1.32 -13.79 4.02
C LEU A 165 -2.43 -13.80 5.06
N ASN A 166 -2.35 -14.71 6.03
CA ASN A 166 -3.39 -14.81 7.04
C ASN A 166 -3.48 -13.54 7.90
N LEU A 167 -2.32 -13.02 8.29
CA LEU A 167 -2.27 -11.82 9.14
C LEU A 167 -2.80 -10.58 8.40
N LEU A 168 -2.45 -10.46 7.12
CA LEU A 168 -2.86 -9.31 6.31
C LEU A 168 -4.39 -9.21 6.20
N ILE A 169 -5.04 -10.35 6.00
CA ILE A 169 -6.49 -10.39 5.88
C ILE A 169 -7.16 -9.91 7.17
N CYS A 170 -6.64 -10.34 8.30
CA CYS A 170 -7.22 -9.97 9.59
C CYS A 170 -7.32 -8.45 9.72
N LEU A 171 -6.36 -7.74 9.14
CA LEU A 171 -6.33 -6.27 9.22
C LEU A 171 -7.59 -5.67 8.61
N VAL A 172 -7.99 -6.17 7.45
CA VAL A 172 -9.16 -5.65 6.75
C VAL A 172 -10.43 -5.84 7.57
N SER A 173 -10.60 -7.02 8.15
CA SER A 173 -11.80 -7.33 8.92
C SER A 173 -11.98 -6.40 10.13
N ARG A 174 -10.87 -6.01 10.76
CA ARG A 174 -10.96 -5.15 11.94
C ARG A 174 -11.06 -3.68 11.58
N TYR A 175 -10.23 -3.22 10.64
CA TYR A 175 -10.26 -1.81 10.27
C TYR A 175 -11.63 -1.41 9.71
N PHE A 176 -12.16 -2.24 8.81
CA PHE A 176 -13.46 -1.96 8.20
C PHE A 176 -14.58 -2.60 9.01
N ASP A 177 -14.20 -3.41 9.99
CA ASP A 177 -15.16 -4.08 10.86
C ASP A 177 -16.03 -5.05 10.07
N GLN A 178 -15.49 -5.59 8.97
CA GLN A 178 -16.24 -6.54 8.16
C GLN A 178 -16.30 -7.90 8.86
N ARG A 179 -17.19 -8.01 9.83
CA ARG A 179 -17.34 -9.24 10.61
C ARG A 179 -17.86 -10.39 9.73
N ASP A 180 -18.49 -10.06 8.62
CA ASP A 180 -19.02 -11.09 7.73
C ASP A 180 -17.87 -11.87 7.11
N LEU A 181 -16.75 -11.19 6.88
CA LEU A 181 -15.57 -11.81 6.27
C LEU A 181 -14.59 -12.27 7.36
N ALA A 182 -14.85 -11.87 8.61
CA ALA A 182 -13.99 -12.24 9.72
C ALA A 182 -13.99 -13.75 9.94
N ASP A 183 -12.97 -14.42 9.39
CA ASP A 183 -12.78 -15.88 9.49
C ASP A 183 -14.06 -16.62 9.89
N GLU A 184 -15.08 -16.54 9.05
CA GLU A 184 -16.34 -17.21 9.35
C GLU A 184 -16.14 -18.73 9.30
N PRO A 185 -16.82 -19.50 10.13
CA PRO A 185 -16.67 -20.98 10.13
C PRO A 185 -17.37 -21.62 8.93
N SER A 186 -18.64 -21.28 8.75
CA SER A 186 -19.41 -21.81 7.65
C SER A 186 -20.76 -21.11 7.56
N LEU A 187 -20.79 -19.82 7.92
CA LEU A 187 -22.02 -19.03 7.87
C LEU A 187 -23.04 -19.57 8.87
N GLU A 188 -23.51 -20.79 8.62
CA GLU A 188 -24.48 -21.42 9.51
C GLU A 188 -24.01 -21.31 10.95
N TYR A 189 -22.73 -20.95 11.12
CA TYR A 189 -22.15 -20.79 12.47
C TYR A 189 -21.21 -19.59 12.51
N GLY B 1 22.43 30.60 18.73
CA GLY B 1 21.48 29.69 18.01
C GLY B 1 20.91 30.42 16.80
N GLN B 2 21.75 30.62 15.79
CA GLN B 2 21.32 31.30 14.57
C GLN B 2 20.26 30.47 13.84
N SER B 3 20.47 29.16 13.80
CA SER B 3 19.53 28.27 13.13
C SER B 3 19.62 26.86 13.71
N ASP B 4 18.52 26.11 13.61
CA ASP B 4 18.49 24.74 14.12
C ASP B 4 17.23 24.04 13.63
N ASP B 5 17.20 23.77 12.33
CA ASP B 5 16.03 23.11 11.73
C ASP B 5 16.07 21.61 11.99
N SER B 6 14.93 20.96 11.75
CA SER B 6 14.82 19.51 11.96
C SER B 6 15.45 18.75 10.80
N ASP B 7 15.88 17.52 11.06
CA ASP B 7 16.50 16.70 10.03
C ASP B 7 15.45 15.99 9.18
N ILE B 8 14.19 16.17 9.54
CA ILE B 8 13.08 15.58 8.80
C ILE B 8 13.47 14.29 8.06
N TRP B 9 13.66 14.42 6.74
CA TRP B 9 14.03 13.32 5.84
C TRP B 9 13.72 11.94 6.44
N ASP B 10 12.44 11.62 6.49
CA ASP B 10 11.96 10.34 7.00
C ASP B 10 10.64 10.01 6.33
N ASP B 11 10.49 10.51 5.10
CA ASP B 11 9.28 10.32 4.33
C ASP B 11 9.11 8.86 3.94
N THR B 12 10.18 8.08 4.09
CA THR B 12 10.13 6.67 3.76
C THR B 12 9.39 5.92 4.86
N ALA B 13 8.75 6.70 5.73
CA ALA B 13 7.99 6.14 6.84
C ALA B 13 6.96 5.14 6.34
N LEU B 14 6.31 5.46 5.22
CA LEU B 14 5.30 4.56 4.66
C LEU B 14 5.93 3.25 4.24
N ILE B 15 7.11 3.35 3.63
CA ILE B 15 7.81 2.17 3.14
C ILE B 15 8.21 1.24 4.28
N LYS B 16 8.70 1.83 5.37
CA LYS B 16 9.14 1.03 6.52
C LYS B 16 7.99 0.17 7.08
N ALA B 17 6.79 0.73 7.07
CA ALA B 17 5.63 0.02 7.60
C ALA B 17 5.38 -1.28 6.84
N TYR B 18 5.73 -1.30 5.56
CA TYR B 18 5.54 -2.50 4.75
C TYR B 18 6.36 -3.67 5.28
N ASP B 19 7.62 -3.43 5.59
CA ASP B 19 8.52 -4.48 6.06
C ASP B 19 8.08 -5.08 7.40
N LYS B 20 7.60 -4.24 8.31
CA LYS B 20 7.20 -4.71 9.63
C LYS B 20 6.04 -5.73 9.54
N ALA B 21 5.02 -5.41 8.75
CA ALA B 21 3.87 -6.30 8.61
C ALA B 21 4.25 -7.65 7.99
N VAL B 22 5.01 -7.62 6.91
CA VAL B 22 5.42 -8.84 6.22
C VAL B 22 6.51 -9.59 7.00
N ALA B 23 7.47 -8.84 7.53
CA ALA B 23 8.58 -9.42 8.27
C ALA B 23 8.18 -9.95 9.63
N SER B 24 6.96 -9.64 10.07
CA SER B 24 6.51 -10.10 11.37
C SER B 24 6.89 -11.57 11.59
N PHE B 25 6.07 -12.47 11.08
CA PHE B 25 6.33 -13.91 11.22
C PHE B 25 7.68 -14.29 10.62
N LYS B 26 7.94 -13.82 9.40
CA LYS B 26 9.20 -14.10 8.70
C LYS B 26 10.16 -12.93 8.80
N GLY A 1 1.55 -11.71 24.91
CA GLY A 1 1.47 -12.97 25.71
C GLY A 1 0.14 -13.67 25.41
N TYR A 2 -0.07 -14.81 26.06
CA TYR A 2 -1.31 -15.57 25.87
C TYR A 2 -2.52 -14.74 26.27
N SER A 3 -2.47 -14.16 27.46
CA SER A 3 -3.57 -13.35 27.96
C SER A 3 -3.52 -11.94 27.34
N PRO A 4 -2.42 -11.22 27.46
CA PRO A 4 -2.30 -9.85 26.89
C PRO A 4 -1.98 -9.88 25.39
N THR A 5 -2.72 -10.70 24.66
CA THR A 5 -2.50 -10.83 23.22
C THR A 5 -3.08 -9.62 22.49
N LEU A 6 -3.66 -8.69 23.25
CA LEU A 6 -4.25 -7.49 22.67
C LEU A 6 -3.18 -6.66 21.97
N GLN A 7 -2.02 -6.55 22.61
CA GLN A 7 -0.92 -5.77 22.04
C GLN A 7 -0.61 -6.28 20.64
N TRP A 8 -0.59 -7.60 20.47
CA TRP A 8 -0.33 -8.20 19.17
C TRP A 8 -1.41 -7.83 18.18
N GLN A 9 -2.66 -7.82 18.64
CA GLN A 9 -3.79 -7.49 17.79
C GLN A 9 -3.76 -6.03 17.35
N GLN A 10 -3.38 -5.16 18.26
CA GLN A 10 -3.32 -3.73 17.97
C GLN A 10 -2.35 -3.43 16.82
N GLN A 11 -1.23 -4.13 16.79
CA GLN A 11 -0.23 -3.92 15.74
C GLN A 11 -0.87 -3.72 14.37
N GLN A 12 -1.93 -4.48 14.09
CA GLN A 12 -2.60 -4.39 12.80
C GLN A 12 -3.21 -3.00 12.57
N VAL A 13 -4.30 -2.72 13.26
CA VAL A 13 -4.98 -1.43 13.12
C VAL A 13 -4.11 -0.28 13.60
N ALA A 14 -3.39 -0.51 14.69
CA ALA A 14 -2.53 0.53 15.26
C ALA A 14 -1.59 1.14 14.22
N GLN A 15 -1.09 0.32 13.31
CA GLN A 15 -0.18 0.81 12.28
C GLN A 15 -0.84 1.83 11.34
N PHE A 16 -2.11 1.60 11.04
CA PHE A 16 -2.84 2.49 10.14
C PHE A 16 -2.90 3.92 10.69
N SER A 17 -3.24 4.06 11.96
CA SER A 17 -3.30 5.38 12.58
C SER A 17 -1.93 6.04 12.52
N THR A 18 -0.92 5.21 12.74
CA THR A 18 0.47 5.65 12.70
C THR A 18 0.85 6.19 11.31
N VAL A 19 0.42 5.50 10.26
CA VAL A 19 0.76 5.93 8.90
C VAL A 19 0.28 7.37 8.69
N ARG A 20 -0.90 7.69 9.20
CA ARG A 20 -1.45 9.03 9.06
C ARG A 20 -0.55 10.06 9.74
N GLN A 21 0.05 9.66 10.87
CA GLN A 21 0.92 10.58 11.61
C GLN A 21 2.11 11.02 10.76
N ASN A 22 2.61 10.11 9.92
CA ASN A 22 3.76 10.39 9.06
C ASN A 22 3.44 11.46 8.01
N VAL A 23 2.22 11.48 7.50
CA VAL A 23 1.86 12.45 6.48
C VAL A 23 1.92 13.86 7.06
N ASN A 24 1.42 14.02 8.28
CA ASN A 24 1.36 15.32 8.96
C ASN A 24 2.75 15.88 9.29
N LYS A 25 3.64 15.03 9.78
CA LYS A 25 4.97 15.47 10.19
C LYS A 25 5.79 15.92 8.97
N HIS A 26 5.57 15.29 7.84
CA HIS A 26 6.29 15.65 6.61
C HIS A 26 5.61 16.82 5.91
N ARG A 27 4.49 17.26 6.47
CA ARG A 27 3.76 18.39 5.88
C ARG A 27 4.67 19.61 5.82
N SER A 28 5.39 19.86 6.90
CA SER A 28 6.31 20.99 6.96
C SER A 28 7.42 20.82 5.93
N HIS A 29 7.90 19.58 5.80
CA HIS A 29 8.98 19.26 4.87
C HIS A 29 8.55 19.53 3.43
N TRP A 30 7.40 19.03 3.03
CA TRP A 30 6.92 19.22 1.66
C TRP A 30 6.50 20.67 1.38
N LYS A 31 5.83 21.31 2.34
CA LYS A 31 5.36 22.68 2.14
C LYS A 31 6.54 23.64 1.94
N SER A 32 7.73 23.17 2.28
CA SER A 32 8.93 24.00 2.15
C SER A 32 9.39 24.05 0.70
N GLN A 33 8.72 23.27 -0.16
CA GLN A 33 9.06 23.27 -1.59
C GLN A 33 7.82 22.98 -2.42
N GLN A 34 7.84 23.37 -3.68
CA GLN A 34 6.71 23.15 -4.57
C GLN A 34 6.63 21.68 -5.01
N LEU A 35 5.44 21.25 -5.41
CA LEU A 35 5.25 19.86 -5.86
C LEU A 35 6.07 19.60 -7.11
N ASP A 36 6.10 20.59 -8.00
CA ASP A 36 6.85 20.48 -9.24
C ASP A 36 8.32 20.22 -8.94
N SER A 37 8.65 20.25 -7.66
CA SER A 37 10.02 20.06 -7.23
C SER A 37 10.62 18.77 -7.81
N ASN A 38 9.83 17.70 -7.87
CA ASN A 38 10.34 16.43 -8.40
C ASN A 38 9.23 15.53 -8.95
N VAL A 39 8.04 16.07 -9.17
CA VAL A 39 6.93 15.27 -9.70
C VAL A 39 6.02 16.07 -10.63
N THR A 40 5.62 15.42 -11.73
CA THR A 40 4.71 16.02 -12.72
C THR A 40 3.38 15.28 -12.68
N MET A 41 2.30 15.97 -12.33
CA MET A 41 0.99 15.35 -12.27
C MET A 41 0.39 15.25 -13.69
N PRO A 42 -0.45 14.28 -13.97
CA PRO A 42 -1.09 14.12 -15.31
C PRO A 42 -1.51 15.43 -15.97
N LYS A 43 -1.98 15.31 -17.22
CA LYS A 43 -2.46 16.45 -18.00
C LYS A 43 -3.97 16.33 -18.25
N SER A 44 -4.44 16.77 -19.42
CA SER A 44 -5.87 16.71 -19.72
C SER A 44 -6.38 15.27 -19.76
N GLU A 45 -5.57 14.35 -20.25
CA GLU A 45 -5.97 12.94 -20.35
C GLU A 45 -6.08 12.32 -18.95
N ASP A 46 -5.95 13.19 -17.94
CA ASP A 46 -6.02 12.81 -16.52
C ASP A 46 -6.26 11.33 -16.25
N GLU A 47 -7.45 10.85 -16.58
CA GLU A 47 -7.78 9.46 -16.29
C GLU A 47 -6.68 8.51 -16.76
N GLU A 48 -6.34 8.59 -18.04
CA GLU A 48 -5.32 7.70 -18.59
C GLU A 48 -3.97 7.98 -17.94
N GLY A 49 -3.69 9.27 -17.72
CA GLY A 49 -2.43 9.66 -17.10
C GLY A 49 -2.33 9.19 -15.65
N TRP A 50 -3.46 9.17 -14.95
CA TRP A 50 -3.45 8.75 -13.54
C TRP A 50 -2.99 7.30 -13.41
N LYS A 51 -3.57 6.43 -14.21
CA LYS A 51 -3.21 5.01 -14.15
C LYS A 51 -1.76 4.81 -14.57
N LYS A 52 -1.38 5.47 -15.66
CA LYS A 52 -0.03 5.37 -16.20
C LYS A 52 1.01 6.02 -15.28
N PHE A 53 0.70 7.23 -14.81
CA PHE A 53 1.63 7.98 -13.96
C PHE A 53 1.71 7.44 -12.53
N CYS A 54 0.55 7.13 -11.94
CA CYS A 54 0.54 6.64 -10.56
C CYS A 54 1.37 5.37 -10.42
N LEU A 55 1.21 4.43 -11.35
CA LEU A 55 1.98 3.18 -11.30
C LEU A 55 3.21 3.29 -12.21
N GLY A 56 3.35 4.43 -12.89
CA GLY A 56 4.50 4.65 -13.76
C GLY A 56 4.67 3.51 -14.76
N GLU A 57 5.85 3.48 -15.40
CA GLU A 57 6.16 2.44 -16.39
C GLU A 57 7.57 1.90 -16.13
N LYS A 58 7.95 1.82 -14.86
CA LYS A 58 9.27 1.32 -14.49
C LYS A 58 9.46 -0.11 -14.94
N LEU A 59 8.39 -0.90 -14.89
CA LEU A 59 8.47 -2.29 -15.31
C LEU A 59 8.88 -2.32 -16.78
N CYS A 60 8.29 -1.42 -17.56
CA CYS A 60 8.61 -1.34 -18.98
C CYS A 60 10.06 -0.94 -19.17
N ALA A 61 10.54 -0.02 -18.32
CA ALA A 61 11.92 0.44 -18.40
C ALA A 61 12.90 -0.72 -18.18
N ASP A 62 12.56 -1.61 -17.24
CA ASP A 62 13.40 -2.77 -16.93
C ASP A 62 12.57 -4.04 -16.91
N GLY A 63 12.57 -4.74 -15.77
CA GLY A 63 11.82 -5.97 -15.63
C GLY A 63 12.43 -6.83 -14.52
N ALA A 64 13.01 -7.95 -14.90
CA ALA A 64 13.63 -8.84 -13.93
C ALA A 64 14.81 -8.16 -13.25
N VAL A 65 15.52 -7.34 -14.02
CA VAL A 65 16.68 -6.63 -13.48
C VAL A 65 16.24 -5.38 -12.73
N GLY A 66 16.25 -5.47 -11.41
CA GLY A 66 15.86 -4.33 -10.57
C GLY A 66 16.40 -4.49 -9.15
N PRO A 67 16.08 -5.58 -8.50
CA PRO A 67 16.55 -5.85 -7.10
C PRO A 67 18.08 -5.79 -7.01
N ALA A 68 18.74 -6.36 -8.00
CA ALA A 68 20.20 -6.36 -8.03
C ALA A 68 20.74 -4.94 -8.19
N THR A 69 20.03 -4.14 -8.98
CA THR A 69 20.43 -2.74 -9.22
C THR A 69 20.19 -1.90 -7.97
N ASN A 70 20.35 -2.51 -6.80
CA ASN A 70 20.16 -1.79 -5.55
C ASN A 70 21.27 -0.75 -5.37
N GLU A 71 22.30 -0.86 -6.19
CA GLU A 71 23.43 0.07 -6.14
C GLU A 71 23.04 1.40 -6.76
N SER A 72 21.74 1.65 -6.83
CA SER A 72 21.21 2.90 -7.41
C SER A 72 20.14 3.49 -6.49
N PRO A 73 20.55 4.09 -5.40
CA PRO A 73 19.61 4.71 -4.41
C PRO A 73 18.67 5.69 -5.09
N GLY A 74 19.18 6.43 -6.07
CA GLY A 74 18.37 7.39 -6.80
C GLY A 74 19.22 8.16 -7.81
N ILE A 75 19.62 7.48 -8.88
CA ILE A 75 20.44 8.09 -9.94
C ILE A 75 19.78 7.89 -11.30
N ASP A 76 19.64 8.98 -12.05
CA ASP A 76 19.06 8.95 -13.39
C ASP A 76 17.65 8.32 -13.41
N TYR A 77 17.58 7.03 -13.10
CA TYR A 77 16.31 6.31 -13.11
C TYR A 77 15.27 7.06 -12.28
N VAL A 78 15.73 7.69 -11.21
CA VAL A 78 14.82 8.42 -10.31
C VAL A 78 14.15 9.60 -11.02
N GLN A 79 14.93 10.41 -11.72
CA GLN A 79 14.36 11.58 -12.41
C GLN A 79 13.61 11.14 -13.65
N ILE A 80 13.65 9.86 -13.91
CA ILE A 80 12.95 9.26 -15.06
C ILE A 80 11.66 8.61 -14.60
N GLY A 81 11.62 8.24 -13.33
CA GLY A 81 10.45 7.60 -12.75
C GLY A 81 10.36 7.90 -11.26
N PHE A 82 9.57 8.92 -10.92
CA PHE A 82 9.42 9.29 -9.53
C PHE A 82 8.63 8.21 -8.78
N PRO A 83 9.13 7.67 -7.66
CA PRO A 83 8.39 6.64 -6.91
C PRO A 83 7.22 7.26 -6.14
N PRO A 84 6.25 6.48 -5.75
CA PRO A 84 5.07 7.01 -5.00
C PRO A 84 5.49 7.57 -3.66
N LEU A 85 4.91 8.71 -3.28
CA LEU A 85 5.21 9.36 -2.00
C LEU A 85 3.95 9.91 -1.37
N LEU A 86 4.04 10.21 -0.09
CA LEU A 86 2.90 10.74 0.65
C LEU A 86 2.47 12.09 0.06
N SER A 87 3.43 12.92 -0.32
CA SER A 87 3.12 14.24 -0.87
C SER A 87 2.34 14.13 -2.18
N ILE A 88 2.78 13.25 -3.07
CA ILE A 88 2.08 13.09 -4.35
C ILE A 88 0.69 12.55 -4.10
N VAL A 89 0.63 11.55 -3.25
CA VAL A 89 -0.62 10.88 -2.90
C VAL A 89 -1.54 11.81 -2.11
N SER A 90 -0.94 12.61 -1.23
CA SER A 90 -1.69 13.52 -0.36
C SER A 90 -2.57 14.48 -1.16
N ARG A 91 -2.11 14.92 -2.33
CA ARG A 91 -2.89 15.86 -3.14
C ARG A 91 -3.90 15.10 -4.01
N MET A 92 -3.67 13.80 -4.18
CA MET A 92 -4.57 12.97 -4.97
C MET A 92 -5.84 12.65 -4.17
N ASN A 93 -6.97 12.65 -4.85
CA ASN A 93 -8.24 12.38 -4.20
C ASN A 93 -8.39 10.90 -3.88
N GLN A 94 -9.15 10.61 -2.83
CA GLN A 94 -9.40 9.23 -2.44
C GLN A 94 -10.20 8.51 -3.53
N ALA A 95 -11.13 9.25 -4.13
CA ALA A 95 -11.98 8.73 -5.18
C ALA A 95 -11.19 8.42 -6.45
N THR A 96 -10.13 9.19 -6.71
CA THR A 96 -9.33 8.98 -7.90
C THR A 96 -8.71 7.58 -7.93
N VAL A 97 -8.09 7.19 -6.82
CA VAL A 97 -7.47 5.86 -6.76
C VAL A 97 -8.53 4.76 -6.68
N THR A 98 -9.71 5.11 -6.18
CA THR A 98 -10.79 4.14 -6.04
C THR A 98 -11.20 3.57 -7.41
N SER A 99 -11.36 4.45 -8.38
CA SER A 99 -11.73 4.01 -9.73
C SER A 99 -10.61 3.19 -10.35
N VAL A 100 -9.38 3.62 -10.11
CA VAL A 100 -8.19 2.94 -10.63
C VAL A 100 -8.11 1.51 -10.11
N LEU A 101 -8.78 1.25 -8.99
CA LEU A 101 -8.77 -0.09 -8.39
C LEU A 101 -9.49 -1.10 -9.29
N GLU A 102 -10.64 -0.69 -9.84
CA GLU A 102 -11.43 -1.57 -10.69
C GLU A 102 -10.78 -1.88 -12.04
N TYR A 103 -10.27 -0.86 -12.72
CA TYR A 103 -9.66 -1.06 -14.04
C TYR A 103 -8.46 -2.01 -13.96
N LEU A 104 -7.56 -1.71 -13.05
CA LEU A 104 -6.34 -2.50 -12.88
C LEU A 104 -6.69 -3.93 -12.48
N SER A 105 -7.77 -4.08 -11.73
CA SER A 105 -8.20 -5.40 -11.27
C SER A 105 -8.47 -6.32 -12.46
N ASN A 106 -9.06 -5.77 -13.51
CA ASN A 106 -9.37 -6.56 -14.69
C ASN A 106 -8.11 -7.18 -15.28
N TRP A 107 -7.03 -6.40 -15.32
CA TRP A 107 -5.77 -6.89 -15.86
C TRP A 107 -5.34 -8.12 -15.05
N PHE A 108 -5.54 -8.05 -13.74
CA PHE A 108 -5.18 -9.15 -12.85
C PHE A 108 -6.12 -10.33 -13.06
N GLY A 109 -5.97 -11.36 -12.23
CA GLY A 109 -6.83 -12.54 -12.32
C GLY A 109 -6.36 -13.51 -13.40
N GLU A 110 -5.06 -13.50 -13.69
CA GLU A 110 -4.49 -14.39 -14.71
C GLU A 110 -3.22 -15.05 -14.17
N ARG A 111 -2.57 -14.36 -13.22
CA ARG A 111 -1.34 -14.86 -12.59
C ARG A 111 -0.70 -13.74 -11.78
N ASP A 112 -1.26 -12.53 -11.89
CA ASP A 112 -0.70 -11.39 -11.18
C ASP A 112 -1.07 -11.44 -9.71
N PHE A 113 -0.11 -11.01 -8.89
CA PHE A 113 -0.25 -10.96 -7.43
C PHE A 113 1.10 -10.61 -6.84
N THR A 114 2.06 -10.37 -7.74
CA THR A 114 3.45 -10.06 -7.37
C THR A 114 3.57 -9.46 -5.96
N PRO A 115 4.61 -9.77 -5.22
CA PRO A 115 4.79 -9.23 -3.84
C PRO A 115 5.26 -7.78 -3.89
N GLU A 116 5.50 -7.33 -5.12
CA GLU A 116 5.91 -5.96 -5.37
C GLU A 116 4.74 -5.02 -5.12
N LEU A 117 3.56 -5.50 -5.49
CA LEU A 117 2.32 -4.75 -5.34
C LEU A 117 1.98 -4.50 -3.87
N GLY A 118 2.42 -5.39 -2.99
CA GLY A 118 2.10 -5.26 -1.56
C GLY A 118 2.58 -3.93 -1.00
N ARG A 119 3.75 -3.48 -1.40
CA ARG A 119 4.26 -2.21 -0.90
C ARG A 119 3.29 -1.09 -1.31
N TRP A 120 2.80 -1.21 -2.54
CA TRP A 120 1.84 -0.25 -3.10
C TRP A 120 0.46 -0.42 -2.45
N LEU A 121 0.10 -1.67 -2.18
CA LEU A 121 -1.20 -2.00 -1.59
C LEU A 121 -1.52 -1.16 -0.36
N TYR A 122 -0.56 -1.01 0.55
CA TYR A 122 -0.80 -0.23 1.77
C TYR A 122 -1.11 1.23 1.44
N ALA A 123 -0.45 1.78 0.44
CA ALA A 123 -0.65 3.17 0.06
C ALA A 123 -2.11 3.46 -0.24
N LEU A 124 -2.83 2.48 -0.78
CA LEU A 124 -4.24 2.69 -1.11
C LEU A 124 -5.08 3.03 0.13
N LEU A 125 -4.83 2.31 1.22
CA LEU A 125 -5.57 2.54 2.46
C LEU A 125 -5.29 3.92 3.04
N ALA A 126 -4.04 4.36 2.95
CA ALA A 126 -3.64 5.66 3.48
C ALA A 126 -4.33 6.79 2.71
N CYS A 127 -4.88 6.46 1.54
CA CYS A 127 -5.56 7.47 0.72
C CYS A 127 -7.01 7.66 1.17
N LEU A 128 -7.53 6.71 1.95
CA LEU A 128 -8.90 6.79 2.45
C LEU A 128 -8.90 7.54 3.79
N GLU A 129 -9.85 8.46 3.94
CA GLU A 129 -9.95 9.26 5.16
C GLU A 129 -10.95 8.63 6.13
N LYS A 130 -11.20 9.31 7.24
CA LYS A 130 -12.13 8.81 8.25
C LYS A 130 -13.41 8.27 7.59
N PRO A 131 -14.20 9.12 6.97
CA PRO A 131 -15.46 8.67 6.29
C PRO A 131 -15.19 7.74 5.12
N LEU A 132 -16.06 6.75 4.93
CA LEU A 132 -15.93 5.78 3.84
C LEU A 132 -17.18 5.79 2.98
N LEU A 133 -17.02 6.04 1.68
CA LEU A 133 -18.17 6.07 0.78
C LEU A 133 -18.86 4.70 0.76
N PRO A 134 -20.19 4.62 0.70
CA PRO A 134 -20.87 3.29 0.66
C PRO A 134 -20.24 2.35 -0.36
N GLU A 135 -19.91 2.89 -1.53
CA GLU A 135 -19.31 2.09 -2.60
C GLU A 135 -17.92 1.60 -2.21
N ALA A 136 -17.17 2.43 -1.49
CA ALA A 136 -15.82 2.06 -1.07
C ALA A 136 -15.84 0.82 -0.19
N HIS A 137 -16.84 0.71 0.67
CA HIS A 137 -16.95 -0.44 1.57
C HIS A 137 -17.24 -1.72 0.79
N SER A 138 -18.09 -1.61 -0.22
CA SER A 138 -18.45 -2.76 -1.03
C SER A 138 -17.25 -3.32 -1.81
N LEU A 139 -16.47 -2.42 -2.42
CA LEU A 139 -15.32 -2.84 -3.24
C LEU A 139 -14.24 -3.58 -2.46
N ILE A 140 -13.90 -3.12 -1.27
CA ILE A 140 -12.87 -3.77 -0.48
C ILE A 140 -13.24 -5.22 -0.20
N ARG A 141 -14.53 -5.50 -0.12
CA ARG A 141 -14.98 -6.86 0.12
C ARG A 141 -14.67 -7.74 -1.09
N GLN A 142 -14.80 -7.16 -2.29
CA GLN A 142 -14.59 -7.91 -3.53
C GLN A 142 -13.16 -8.41 -3.69
N LEU A 143 -12.17 -7.54 -3.47
CA LEU A 143 -10.78 -7.95 -3.64
C LEU A 143 -10.34 -8.97 -2.59
N ALA A 144 -10.86 -8.84 -1.38
CA ALA A 144 -10.49 -9.76 -0.30
C ALA A 144 -10.90 -11.20 -0.62
N ARG A 145 -12.04 -11.36 -1.26
CA ARG A 145 -12.55 -12.69 -1.60
C ARG A 145 -11.63 -13.41 -2.60
N ARG A 146 -11.12 -12.68 -3.58
CA ARG A 146 -10.25 -13.26 -4.59
C ARG A 146 -8.95 -13.76 -3.97
N CYS A 147 -8.43 -13.02 -2.99
CA CYS A 147 -7.19 -13.38 -2.33
C CYS A 147 -7.30 -14.80 -1.73
N SER A 148 -8.48 -15.15 -1.23
CA SER A 148 -8.69 -16.46 -0.63
C SER A 148 -8.38 -17.58 -1.61
N GLU A 149 -8.65 -17.35 -2.89
CA GLU A 149 -8.39 -18.36 -3.92
C GLU A 149 -6.91 -18.71 -3.97
N VAL A 150 -6.07 -17.70 -3.80
CA VAL A 150 -4.62 -17.90 -3.84
C VAL A 150 -4.16 -18.89 -2.77
N ARG A 151 -4.73 -18.80 -1.58
CA ARG A 151 -4.35 -19.69 -0.47
C ARG A 151 -4.55 -21.17 -0.85
N LEU A 152 -5.65 -21.50 -1.52
CA LEU A 152 -5.92 -22.89 -1.89
C LEU A 152 -4.86 -23.45 -2.86
N LEU A 153 -4.44 -22.64 -3.82
CA LEU A 153 -3.48 -23.08 -4.84
C LEU A 153 -2.11 -23.46 -4.25
N VAL A 154 -1.64 -22.69 -3.26
CA VAL A 154 -0.33 -22.94 -2.63
C VAL A 154 0.00 -24.43 -2.58
N ASP A 155 1.30 -24.73 -2.60
CA ASP A 155 1.75 -26.11 -2.54
C ASP A 155 1.34 -26.76 -1.22
N SER A 156 1.43 -26.00 -0.14
CA SER A 156 1.05 -26.50 1.18
C SER A 156 0.78 -25.35 2.13
N LYS A 157 0.03 -25.63 3.19
CA LYS A 157 -0.30 -24.60 4.18
C LYS A 157 0.96 -24.11 4.87
N ASP A 158 1.93 -25.01 5.03
CA ASP A 158 3.19 -24.67 5.70
C ASP A 158 4.16 -23.96 4.75
N ASP A 159 3.66 -23.56 3.58
CA ASP A 159 4.47 -22.87 2.58
C ASP A 159 5.49 -21.92 3.22
N GLU A 160 5.18 -20.63 3.20
CA GLU A 160 6.05 -19.61 3.76
C GLU A 160 5.37 -18.26 3.63
N ARG A 161 4.47 -18.17 2.66
CA ARG A 161 3.72 -16.95 2.39
C ARG A 161 2.38 -16.95 3.13
N VAL A 162 1.83 -18.15 3.30
CA VAL A 162 0.54 -18.31 3.97
C VAL A 162 0.49 -17.55 5.31
N PRO A 163 1.49 -17.64 6.15
CA PRO A 163 1.49 -16.95 7.47
C PRO A 163 1.27 -15.44 7.32
N ALA A 164 1.98 -14.84 6.36
CA ALA A 164 1.84 -13.41 6.13
C ALA A 164 0.46 -13.09 5.57
N LEU A 165 -0.02 -13.96 4.67
CA LEU A 165 -1.32 -13.76 4.06
C LEU A 165 -2.43 -13.81 5.09
N ASN A 166 -2.36 -14.75 6.02
CA ASN A 166 -3.41 -14.89 7.01
C ASN A 166 -3.58 -13.63 7.87
N LEU A 167 -2.46 -13.07 8.33
CA LEU A 167 -2.50 -11.85 9.16
C LEU A 167 -3.00 -10.65 8.34
N LEU A 168 -2.61 -10.58 7.08
CA LEU A 168 -3.00 -9.47 6.22
C LEU A 168 -4.52 -9.35 6.10
N ILE A 169 -5.20 -10.49 5.97
CA ILE A 169 -6.66 -10.52 5.87
C ILE A 169 -7.29 -9.97 7.14
N CYS A 170 -6.76 -10.37 8.29
CA CYS A 170 -7.29 -9.93 9.58
C CYS A 170 -7.35 -8.41 9.68
N LEU A 171 -6.38 -7.72 9.09
CA LEU A 171 -6.32 -6.27 9.17
C LEU A 171 -7.58 -5.63 8.56
N VAL A 172 -8.00 -6.13 7.40
CA VAL A 172 -9.18 -5.60 6.73
C VAL A 172 -10.44 -5.77 7.59
N SER A 173 -10.58 -6.94 8.21
CA SER A 173 -11.75 -7.23 9.03
C SER A 173 -11.94 -6.26 10.21
N ARG A 174 -10.84 -5.91 10.89
CA ARG A 174 -10.93 -5.03 12.05
C ARG A 174 -11.08 -3.56 11.69
N TYR A 175 -10.28 -3.10 10.72
CA TYR A 175 -10.34 -1.70 10.35
C TYR A 175 -11.71 -1.31 9.81
N PHE A 176 -12.26 -2.15 8.93
CA PHE A 176 -13.58 -1.89 8.34
C PHE A 176 -14.68 -2.54 9.18
N ASP A 177 -14.26 -3.31 10.19
CA ASP A 177 -15.20 -3.99 11.08
C ASP A 177 -16.04 -5.00 10.30
N GLN A 178 -15.47 -5.58 9.25
CA GLN A 178 -16.17 -6.59 8.45
C GLN A 178 -16.03 -7.95 9.09
N ARG A 179 -16.86 -8.22 10.09
CA ARG A 179 -16.81 -9.49 10.79
C ARG A 179 -17.19 -10.64 9.86
N ASP A 180 -17.71 -10.30 8.69
CA ASP A 180 -18.10 -11.33 7.73
C ASP A 180 -16.86 -12.05 7.21
N LEU A 181 -15.75 -11.32 7.08
CA LEU A 181 -14.50 -11.89 6.59
C LEU A 181 -13.62 -12.33 7.77
N ALA A 182 -14.03 -11.98 8.98
CA ALA A 182 -13.26 -12.36 10.16
C ALA A 182 -13.18 -13.87 10.29
N ASP A 183 -12.01 -14.35 10.70
CA ASP A 183 -11.79 -15.79 10.86
C ASP A 183 -12.33 -16.25 12.22
N GLU A 184 -13.61 -16.57 12.25
CA GLU A 184 -14.24 -17.03 13.49
C GLU A 184 -13.63 -18.37 13.92
N PRO A 185 -13.56 -18.67 15.20
CA PRO A 185 -12.98 -19.96 15.68
C PRO A 185 -13.86 -21.15 15.29
N SER A 186 -14.85 -21.45 16.12
CA SER A 186 -15.76 -22.56 15.86
C SER A 186 -17.08 -22.35 16.58
N LEU A 187 -17.44 -21.09 16.79
CA LEU A 187 -18.68 -20.76 17.47
C LEU A 187 -18.71 -21.38 18.86
N GLU A 188 -17.62 -22.03 19.24
CA GLU A 188 -17.53 -22.66 20.55
C GLU A 188 -18.69 -23.62 20.76
N TYR A 189 -19.18 -24.20 19.66
CA TYR A 189 -20.29 -25.14 19.73
C TYR A 189 -20.05 -26.17 20.83
N GLY B 1 22.27 21.86 23.69
CA GLY B 1 21.84 21.29 22.38
C GLY B 1 22.29 22.19 21.25
N GLN B 2 23.32 21.76 20.53
CA GLN B 2 23.84 22.53 19.41
C GLN B 2 22.78 22.62 18.31
N SER B 3 22.05 21.52 18.11
CA SER B 3 21.00 21.47 17.09
C SER B 3 19.93 20.44 17.45
N ASP B 4 18.77 20.55 16.83
CA ASP B 4 17.67 19.62 17.09
C ASP B 4 16.70 19.61 15.91
N ASP B 5 17.22 19.25 14.74
CA ASP B 5 16.40 19.21 13.54
C ASP B 5 15.41 18.05 13.62
N SER B 6 14.22 18.26 13.06
CA SER B 6 13.20 17.22 13.08
C SER B 6 13.65 15.99 12.30
N ASP B 7 12.76 15.01 12.18
CA ASP B 7 13.08 13.78 11.46
C ASP B 7 13.24 14.08 9.99
N ILE B 8 12.44 15.01 9.50
CA ILE B 8 12.45 15.42 8.11
C ILE B 8 12.79 14.27 7.16
N TRP B 9 14.09 14.00 6.99
CA TRP B 9 14.54 12.94 6.10
C TRP B 9 14.08 11.58 6.63
N ASP B 10 12.78 11.34 6.54
CA ASP B 10 12.20 10.09 7.01
C ASP B 10 10.91 9.80 6.25
N ASP B 11 10.87 10.20 4.99
CA ASP B 11 9.69 9.99 4.17
C ASP B 11 9.47 8.50 3.92
N THR B 12 10.51 7.72 4.18
CA THR B 12 10.45 6.27 3.97
C THR B 12 9.68 5.61 5.12
N ALA B 13 9.05 6.45 5.94
CA ALA B 13 8.29 5.96 7.08
C ALA B 13 7.25 4.94 6.64
N LEU B 14 6.52 5.26 5.58
CA LEU B 14 5.49 4.36 5.06
C LEU B 14 6.12 3.06 4.55
N ILE B 15 7.27 3.19 3.89
CA ILE B 15 7.97 2.03 3.33
C ILE B 15 8.40 1.08 4.45
N LYS B 16 8.93 1.63 5.54
CA LYS B 16 9.37 0.81 6.66
C LYS B 16 8.21 -0.04 7.20
N ALA B 17 7.03 0.54 7.21
CA ALA B 17 5.85 -0.14 7.71
C ALA B 17 5.57 -1.44 6.94
N TYR B 18 5.97 -1.48 5.67
CA TYR B 18 5.76 -2.66 4.84
C TYR B 18 6.48 -3.89 5.44
N ASP B 19 7.72 -3.69 5.85
CA ASP B 19 8.53 -4.78 6.40
C ASP B 19 7.94 -5.38 7.69
N LYS B 20 7.40 -4.52 8.56
CA LYS B 20 6.84 -4.99 9.82
C LYS B 20 5.65 -5.93 9.62
N ALA B 21 4.77 -5.58 8.69
CA ALA B 21 3.60 -6.41 8.42
C ALA B 21 4.00 -7.79 7.92
N VAL B 22 4.99 -7.82 7.03
CA VAL B 22 5.48 -9.08 6.47
C VAL B 22 6.29 -9.83 7.51
N ALA B 23 6.82 -9.10 8.49
CA ALA B 23 7.63 -9.70 9.54
C ALA B 23 6.82 -10.73 10.32
N SER B 24 5.51 -10.56 10.33
CA SER B 24 4.64 -11.48 11.06
C SER B 24 4.98 -12.94 10.72
N PHE B 25 5.85 -13.16 9.74
CA PHE B 25 6.22 -14.50 9.36
C PHE B 25 6.84 -15.24 10.55
N LYS B 26 7.76 -14.59 11.24
CA LYS B 26 8.41 -15.20 12.40
C LYS B 26 7.38 -15.51 13.49
N GLY A 1 -4.64 -20.73 25.13
CA GLY A 1 -4.98 -19.61 26.06
C GLY A 1 -5.01 -18.31 25.28
N TYR A 2 -6.19 -17.70 25.18
CA TYR A 2 -6.33 -16.44 24.45
C TYR A 2 -5.85 -15.28 25.32
N SER A 3 -4.86 -14.56 24.84
CA SER A 3 -4.31 -13.42 25.57
C SER A 3 -3.05 -12.88 24.89
N PRO A 4 -1.99 -13.65 24.82
CA PRO A 4 -0.73 -13.20 24.16
C PRO A 4 -0.91 -12.98 22.66
N THR A 5 -1.94 -13.59 22.08
CA THR A 5 -2.22 -13.45 20.66
C THR A 5 -2.67 -12.02 20.35
N LEU A 6 -3.04 -11.28 21.39
CA LEU A 6 -3.49 -9.90 21.20
C LEU A 6 -2.39 -9.05 20.59
N GLN A 7 -1.15 -9.28 21.04
CA GLN A 7 -0.02 -8.52 20.52
C GLN A 7 0.05 -8.66 19.02
N TRP A 8 -0.15 -9.88 18.53
CA TRP A 8 -0.13 -10.15 17.09
C TRP A 8 -1.27 -9.40 16.40
N GLN A 9 -2.43 -9.38 17.02
CA GLN A 9 -3.58 -8.70 16.44
C GLN A 9 -3.37 -7.19 16.35
N GLN A 10 -2.76 -6.61 17.38
CA GLN A 10 -2.53 -5.17 17.40
C GLN A 10 -1.64 -4.71 16.24
N GLN A 11 -0.62 -5.51 15.91
CA GLN A 11 0.30 -5.15 14.83
C GLN A 11 -0.45 -4.76 13.56
N GLN A 12 -1.54 -5.45 13.27
CA GLN A 12 -2.32 -5.16 12.08
C GLN A 12 -2.95 -3.76 12.13
N VAL A 13 -3.90 -3.57 13.04
CA VAL A 13 -4.58 -2.28 13.19
C VAL A 13 -3.64 -1.17 13.66
N ALA A 14 -2.75 -1.52 14.57
CA ALA A 14 -1.82 -0.53 15.13
C ALA A 14 -1.02 0.17 14.04
N GLN A 15 -0.63 -0.57 13.01
CA GLN A 15 0.15 0.00 11.91
C GLN A 15 -0.60 1.09 11.18
N PHE A 16 -1.90 0.90 11.01
CA PHE A 16 -2.73 1.87 10.29
C PHE A 16 -2.71 3.23 10.97
N SER A 17 -2.91 3.24 12.28
CA SER A 17 -2.91 4.51 13.03
C SER A 17 -1.54 5.15 12.93
N THR A 18 -0.51 4.32 12.94
CA THR A 18 0.87 4.76 12.84
C THR A 18 1.12 5.47 11.51
N VAL A 19 0.62 4.92 10.41
CA VAL A 19 0.85 5.52 9.09
C VAL A 19 0.35 6.96 9.08
N ARG A 20 -0.80 7.22 9.69
CA ARG A 20 -1.35 8.57 9.73
C ARG A 20 -0.38 9.53 10.44
N GLN A 21 0.28 9.04 11.48
CA GLN A 21 1.22 9.86 12.24
C GLN A 21 2.38 10.34 11.36
N ASN A 22 2.81 9.50 10.45
CA ASN A 22 3.93 9.81 9.56
C ASN A 22 3.60 11.02 8.67
N VAL A 23 2.38 11.09 8.18
CA VAL A 23 1.96 12.18 7.32
C VAL A 23 2.05 13.52 8.03
N ASN A 24 1.60 13.55 9.27
CA ASN A 24 1.60 14.78 10.06
C ASN A 24 3.00 15.36 10.25
N LYS A 25 3.98 14.50 10.49
CA LYS A 25 5.35 14.96 10.71
C LYS A 25 5.92 15.65 9.47
N HIS A 26 5.69 15.06 8.31
CA HIS A 26 6.21 15.61 7.06
C HIS A 26 5.37 16.79 6.57
N ARG A 27 4.25 17.04 7.24
CA ARG A 27 3.39 18.14 6.84
C ARG A 27 4.16 19.46 6.91
N SER A 28 4.92 19.64 7.98
CA SER A 28 5.72 20.85 8.15
C SER A 28 6.75 20.97 7.04
N HIS A 29 7.39 19.85 6.70
CA HIS A 29 8.41 19.83 5.66
C HIS A 29 7.79 20.23 4.32
N TRP A 30 6.65 19.63 3.97
CA TRP A 30 6.00 19.95 2.71
C TRP A 30 5.54 21.41 2.71
N LYS A 31 5.12 21.89 3.87
CA LYS A 31 4.67 23.26 4.00
C LYS A 31 5.80 24.21 3.63
N SER A 32 7.03 23.79 3.93
CA SER A 32 8.20 24.59 3.64
C SER A 32 8.55 24.53 2.16
N GLN A 33 7.74 23.81 1.37
CA GLN A 33 7.94 23.67 -0.07
C GLN A 33 9.28 23.01 -0.40
N GLN A 34 9.24 22.14 -1.40
CA GLN A 34 10.42 21.41 -1.88
C GLN A 34 10.50 21.50 -3.40
N LEU A 35 10.38 20.37 -4.09
CA LEU A 35 10.43 20.37 -5.55
C LEU A 35 9.27 21.20 -6.09
N ASP A 36 8.10 20.97 -5.51
CA ASP A 36 6.88 21.67 -5.89
C ASP A 36 5.79 21.41 -4.86
N SER A 37 4.69 22.13 -4.98
CA SER A 37 3.58 21.94 -4.05
C SER A 37 2.92 20.58 -4.27
N ASN A 38 3.17 20.01 -5.45
CA ASN A 38 2.62 18.71 -5.79
C ASN A 38 3.17 18.19 -7.10
N VAL A 39 4.16 18.91 -7.66
CA VAL A 39 4.75 18.50 -8.92
C VAL A 39 3.63 18.33 -9.96
N THR A 40 4.00 18.23 -11.24
CA THR A 40 2.99 18.10 -12.30
C THR A 40 2.76 16.64 -12.66
N MET A 41 1.48 16.27 -12.73
CA MET A 41 1.08 14.89 -13.08
C MET A 41 0.38 14.91 -14.45
N PRO A 42 0.23 13.79 -15.13
CA PRO A 42 -0.46 13.79 -16.47
C PRO A 42 -1.85 14.43 -16.41
N LYS A 43 -2.16 15.20 -17.45
CA LYS A 43 -3.44 15.89 -17.53
C LYS A 43 -4.62 14.95 -17.27
N SER A 44 -5.66 15.49 -16.65
CA SER A 44 -6.84 14.70 -16.34
C SER A 44 -7.50 14.22 -17.63
N GLU A 45 -7.27 14.95 -18.72
CA GLU A 45 -7.84 14.57 -20.01
C GLU A 45 -7.23 13.26 -20.46
N ASP A 46 -6.14 12.87 -19.83
CA ASP A 46 -5.45 11.61 -20.14
C ASP A 46 -5.29 10.80 -18.86
N GLU A 47 -6.38 10.16 -18.44
CA GLU A 47 -6.37 9.37 -17.21
C GLU A 47 -5.36 8.23 -17.29
N GLU A 48 -5.22 7.61 -18.45
CA GLU A 48 -4.27 6.51 -18.60
C GLU A 48 -2.89 6.94 -18.13
N GLY A 49 -2.68 8.25 -18.05
CA GLY A 49 -1.41 8.80 -17.61
C GLY A 49 -1.10 8.44 -16.15
N TRP A 50 -2.14 8.42 -15.32
CA TRP A 50 -1.97 8.09 -13.91
C TRP A 50 -1.58 6.63 -13.73
N LYS A 51 -2.24 5.75 -14.47
CA LYS A 51 -1.97 4.32 -14.35
C LYS A 51 -0.51 4.01 -14.67
N LYS A 52 -0.02 4.52 -15.79
CA LYS A 52 1.36 4.26 -16.19
C LYS A 52 2.35 5.04 -15.31
N PHE A 53 2.06 6.31 -15.07
CA PHE A 53 2.96 7.16 -14.28
C PHE A 53 3.08 6.71 -12.82
N CYS A 54 1.94 6.48 -12.16
CA CYS A 54 1.95 6.07 -10.76
C CYS A 54 2.44 4.64 -10.54
N LEU A 55 1.97 3.71 -11.38
CA LEU A 55 2.36 2.29 -11.23
C LEU A 55 3.56 1.96 -12.12
N GLY A 56 4.02 2.93 -12.89
CA GLY A 56 5.17 2.70 -13.77
C GLY A 56 4.84 1.67 -14.84
N GLU A 57 5.88 1.09 -15.45
CA GLU A 57 5.71 0.08 -16.50
C GLU A 57 6.78 -0.99 -16.37
N LYS A 58 8.02 -0.56 -16.27
CA LYS A 58 9.13 -1.50 -16.13
C LYS A 58 9.03 -2.26 -14.82
N LEU A 59 8.45 -1.63 -13.80
CA LEU A 59 8.31 -2.29 -12.51
C LEU A 59 7.48 -3.56 -12.70
N CYS A 60 6.43 -3.46 -13.51
CA CYS A 60 5.58 -4.60 -13.78
C CYS A 60 6.37 -5.69 -14.49
N ALA A 61 7.19 -5.29 -15.45
CA ALA A 61 8.00 -6.23 -16.22
C ALA A 61 9.05 -6.89 -15.34
N ASP A 62 9.68 -6.09 -14.48
CA ASP A 62 10.74 -6.58 -13.57
C ASP A 62 10.29 -6.46 -12.12
N GLY A 63 10.08 -5.23 -11.66
CA GLY A 63 9.67 -5.00 -10.28
C GLY A 63 10.85 -5.14 -9.33
N ALA A 64 11.30 -6.36 -9.15
CA ALA A 64 12.43 -6.63 -8.27
C ALA A 64 13.03 -8.00 -8.57
N VAL A 65 13.04 -8.37 -9.84
CA VAL A 65 13.59 -9.66 -10.24
C VAL A 65 15.07 -9.75 -9.90
N GLY A 66 15.81 -8.69 -10.18
CA GLY A 66 17.24 -8.67 -9.91
C GLY A 66 17.82 -7.27 -10.13
N PRO A 67 18.05 -6.50 -9.09
CA PRO A 67 18.62 -5.13 -9.25
C PRO A 67 19.91 -5.18 -10.06
N ALA A 68 20.48 -6.39 -10.13
CA ALA A 68 21.71 -6.60 -10.90
C ALA A 68 21.48 -6.32 -12.38
N THR A 69 20.21 -6.21 -12.75
CA THR A 69 19.85 -5.94 -14.14
C THR A 69 20.44 -4.62 -14.60
N ASN A 70 20.32 -3.60 -13.75
CA ASN A 70 20.85 -2.28 -14.08
C ASN A 70 22.37 -2.34 -14.20
N GLU A 71 22.85 -2.99 -15.25
CA GLU A 71 24.28 -3.13 -15.48
C GLU A 71 24.87 -1.81 -15.98
N SER A 72 24.27 -0.70 -15.58
CA SER A 72 24.74 0.62 -16.00
C SER A 72 24.41 1.67 -14.94
N PRO A 73 25.08 1.63 -13.82
CA PRO A 73 24.86 2.61 -12.71
C PRO A 73 25.09 4.05 -13.17
N GLY A 74 24.03 4.66 -13.71
CA GLY A 74 24.11 6.03 -14.19
C GLY A 74 22.70 6.62 -14.31
N ILE A 75 22.05 6.31 -15.42
CA ILE A 75 20.69 6.80 -15.66
C ILE A 75 19.70 5.89 -14.92
N ASP A 76 18.77 6.50 -14.20
CA ASP A 76 17.79 5.72 -13.46
C ASP A 76 16.65 6.61 -12.98
N TYR A 77 16.99 7.61 -12.18
CA TYR A 77 16.01 8.53 -11.63
C TYR A 77 15.19 9.19 -12.74
N VAL A 78 15.87 9.54 -13.82
CA VAL A 78 15.22 10.21 -14.94
C VAL A 78 14.17 9.32 -15.60
N GLN A 79 14.54 8.06 -15.84
CA GLN A 79 13.64 7.11 -16.48
C GLN A 79 12.58 6.64 -15.51
N ILE A 80 12.54 7.29 -14.35
CA ILE A 80 11.57 6.97 -13.29
C ILE A 80 10.67 8.18 -13.04
N GLY A 81 11.17 9.37 -13.37
CA GLY A 81 10.40 10.59 -13.17
C GLY A 81 10.18 10.84 -11.67
N PHE A 82 9.33 11.80 -11.35
CA PHE A 82 9.06 12.08 -9.94
C PHE A 82 8.23 10.93 -9.33
N PRO A 83 8.70 10.26 -8.30
CA PRO A 83 7.92 9.15 -7.68
C PRO A 83 6.78 9.68 -6.82
N PRO A 84 5.78 8.89 -6.56
CA PRO A 84 4.62 9.33 -5.72
C PRO A 84 5.04 9.56 -4.28
N LEU A 85 4.53 10.63 -3.67
CA LEU A 85 4.86 10.96 -2.29
C LEU A 85 3.65 11.55 -1.58
N LEU A 86 3.88 12.04 -0.37
CA LEU A 86 2.79 12.59 0.44
C LEU A 86 2.16 13.82 -0.24
N SER A 87 2.98 14.71 -0.77
CA SER A 87 2.47 15.92 -1.41
C SER A 87 1.63 15.62 -2.65
N ILE A 88 2.11 14.72 -3.50
CA ILE A 88 1.36 14.38 -4.71
C ILE A 88 0.06 13.67 -4.34
N VAL A 89 0.16 12.73 -3.41
CA VAL A 89 -0.99 11.97 -2.98
C VAL A 89 -1.97 12.87 -2.23
N SER A 90 -1.44 13.76 -1.39
CA SER A 90 -2.28 14.66 -0.63
C SER A 90 -3.17 15.48 -1.55
N ARG A 91 -2.70 15.69 -2.77
CA ARG A 91 -3.47 16.46 -3.77
C ARG A 91 -4.41 15.53 -4.51
N MET A 92 -4.10 14.24 -4.51
CA MET A 92 -4.92 13.26 -5.18
C MET A 92 -6.18 12.99 -4.37
N ASN A 93 -7.33 12.99 -5.05
CA ASN A 93 -8.59 12.75 -4.37
C ASN A 93 -8.75 11.28 -4.03
N GLN A 94 -9.54 11.00 -3.00
CA GLN A 94 -9.79 9.63 -2.58
C GLN A 94 -10.54 8.88 -3.67
N ALA A 95 -11.47 9.57 -4.31
CA ALA A 95 -12.28 9.00 -5.37
C ALA A 95 -11.46 8.67 -6.61
N THR A 96 -10.44 9.47 -6.93
CA THR A 96 -9.65 9.20 -8.13
C THR A 96 -8.96 7.84 -8.05
N VAL A 97 -8.30 7.54 -6.93
CA VAL A 97 -7.62 6.26 -6.78
C VAL A 97 -8.62 5.10 -6.72
N THR A 98 -9.83 5.40 -6.27
CA THR A 98 -10.86 4.37 -6.19
C THR A 98 -11.16 3.81 -7.58
N SER A 99 -11.27 4.70 -8.56
CA SER A 99 -11.53 4.29 -9.94
C SER A 99 -10.32 3.54 -10.53
N VAL A 100 -9.13 3.96 -10.11
CA VAL A 100 -7.90 3.34 -10.59
C VAL A 100 -7.89 1.86 -10.24
N LEU A 101 -8.69 1.50 -9.25
CA LEU A 101 -8.80 0.12 -8.80
C LEU A 101 -9.39 -0.75 -9.92
N GLU A 102 -10.20 -0.13 -10.78
CA GLU A 102 -10.85 -0.84 -11.88
C GLU A 102 -9.84 -1.49 -12.83
N TYR A 103 -8.74 -0.80 -13.13
CA TYR A 103 -7.74 -1.37 -14.04
C TYR A 103 -7.16 -2.67 -13.49
N LEU A 104 -6.82 -2.67 -12.21
CA LEU A 104 -6.23 -3.85 -11.57
C LEU A 104 -7.17 -5.05 -11.70
N SER A 105 -8.46 -4.79 -11.58
CA SER A 105 -9.44 -5.86 -11.68
C SER A 105 -9.44 -6.49 -13.07
N ASN A 106 -9.14 -5.67 -14.09
CA ASN A 106 -9.13 -6.14 -15.47
C ASN A 106 -8.13 -7.27 -15.65
N TRP A 107 -6.96 -7.15 -15.01
CA TRP A 107 -5.94 -8.19 -15.12
C TRP A 107 -6.51 -9.54 -14.66
N PHE A 108 -7.40 -9.48 -13.68
CA PHE A 108 -8.05 -10.68 -13.12
C PHE A 108 -7.07 -11.46 -12.26
N GLY A 109 -5.81 -11.40 -12.60
CA GLY A 109 -4.79 -12.09 -11.84
C GLY A 109 -5.00 -13.60 -11.85
N GLU A 110 -5.39 -14.15 -13.01
CA GLU A 110 -5.62 -15.59 -13.12
C GLU A 110 -4.53 -16.35 -12.38
N ARG A 111 -3.43 -16.66 -13.08
CA ARG A 111 -2.31 -17.35 -12.46
C ARG A 111 -1.34 -16.30 -11.93
N ASP A 112 -1.53 -15.08 -12.41
CA ASP A 112 -0.69 -13.95 -12.00
C ASP A 112 -1.26 -13.29 -10.76
N PHE A 113 -0.39 -12.63 -10.01
CA PHE A 113 -0.79 -11.93 -8.79
C PHE A 113 0.17 -10.75 -8.58
N THR A 114 1.37 -10.89 -9.12
CA THR A 114 2.37 -9.84 -9.02
C THR A 114 2.51 -9.34 -7.56
N PRO A 115 3.54 -9.72 -6.84
CA PRO A 115 3.73 -9.27 -5.43
C PRO A 115 4.33 -7.86 -5.34
N GLU A 116 4.45 -7.22 -6.50
CA GLU A 116 4.95 -5.85 -6.57
C GLU A 116 3.89 -4.90 -6.02
N LEU A 117 2.64 -5.27 -6.26
CA LEU A 117 1.48 -4.49 -5.86
C LEU A 117 1.37 -4.35 -4.34
N GLY A 118 1.89 -5.31 -3.61
CA GLY A 118 1.79 -5.27 -2.16
C GLY A 118 2.38 -3.98 -1.60
N ARG A 119 3.49 -3.54 -2.17
CA ARG A 119 4.10 -2.29 -1.73
C ARG A 119 3.12 -1.14 -2.01
N TRP A 120 2.41 -1.28 -3.12
CA TRP A 120 1.41 -0.30 -3.54
C TRP A 120 0.13 -0.43 -2.72
N LEU A 121 -0.21 -1.67 -2.37
CA LEU A 121 -1.43 -1.97 -1.61
C LEU A 121 -1.57 -1.08 -0.37
N TYR A 122 -0.48 -0.90 0.36
CA TYR A 122 -0.51 -0.07 1.56
C TYR A 122 -0.88 1.36 1.22
N ALA A 123 -0.38 1.85 0.09
CA ALA A 123 -0.65 3.23 -0.32
C ALA A 123 -2.15 3.51 -0.50
N LEU A 124 -2.91 2.53 -0.99
CA LEU A 124 -4.34 2.74 -1.21
C LEU A 124 -5.08 3.06 0.10
N LEU A 125 -4.77 2.33 1.16
CA LEU A 125 -5.42 2.56 2.44
C LEU A 125 -5.08 3.93 3.01
N ALA A 126 -3.85 4.36 2.83
CA ALA A 126 -3.40 5.65 3.33
C ALA A 126 -4.23 6.79 2.75
N CYS A 127 -4.83 6.57 1.59
CA CYS A 127 -5.65 7.60 0.95
C CYS A 127 -7.07 7.60 1.52
N LEU A 128 -7.40 6.53 2.23
CA LEU A 128 -8.73 6.40 2.85
C LEU A 128 -8.65 6.76 4.34
N GLU A 129 -9.52 7.66 4.77
CA GLU A 129 -9.55 8.11 6.16
C GLU A 129 -10.98 8.38 6.60
N LYS A 130 -11.63 9.32 5.89
CA LYS A 130 -13.01 9.68 6.19
C LYS A 130 -13.91 8.46 5.91
N PRO A 131 -15.20 8.57 6.10
CA PRO A 131 -16.14 7.44 5.85
C PRO A 131 -16.13 7.02 4.38
N LEU A 132 -16.26 5.72 4.13
CA LEU A 132 -16.26 5.19 2.76
C LEU A 132 -17.67 5.27 2.18
N LEU A 133 -17.76 5.71 0.93
CA LEU A 133 -19.05 5.81 0.27
C LEU A 133 -19.69 4.42 0.24
N PRO A 134 -20.99 4.31 0.13
CA PRO A 134 -21.63 2.96 0.08
C PRO A 134 -20.95 2.04 -0.93
N GLU A 135 -20.65 2.60 -2.09
CA GLU A 135 -20.00 1.83 -3.15
C GLU A 135 -18.54 1.50 -2.78
N ALA A 136 -17.84 2.47 -2.20
CA ALA A 136 -16.43 2.28 -1.83
C ALA A 136 -16.28 1.16 -0.78
N HIS A 137 -17.20 1.12 0.17
CA HIS A 137 -17.17 0.10 1.22
C HIS A 137 -17.39 -1.28 0.61
N SER A 138 -18.30 -1.35 -0.35
CA SER A 138 -18.60 -2.61 -1.00
C SER A 138 -17.39 -3.19 -1.74
N LEU A 139 -16.64 -2.30 -2.43
CA LEU A 139 -15.48 -2.74 -3.22
C LEU A 139 -14.37 -3.36 -2.38
N ILE A 140 -14.04 -2.78 -1.23
CA ILE A 140 -12.97 -3.32 -0.41
C ILE A 140 -13.29 -4.76 -0.02
N ARG A 141 -14.58 -5.07 0.09
CA ARG A 141 -15.00 -6.43 0.44
C ARG A 141 -14.76 -7.39 -0.75
N GLN A 142 -14.97 -6.89 -1.96
CA GLN A 142 -14.82 -7.71 -3.17
C GLN A 142 -13.41 -8.26 -3.36
N LEU A 143 -12.40 -7.39 -3.24
CA LEU A 143 -11.01 -7.83 -3.44
C LEU A 143 -10.59 -8.85 -2.39
N ALA A 144 -11.09 -8.71 -1.17
CA ALA A 144 -10.74 -9.63 -0.09
C ALA A 144 -11.20 -11.05 -0.41
N ARG A 145 -12.35 -11.17 -1.06
CA ARG A 145 -12.91 -12.47 -1.40
C ARG A 145 -12.02 -13.24 -2.38
N ARG A 146 -11.46 -12.55 -3.37
CA ARG A 146 -10.62 -13.19 -4.36
C ARG A 146 -9.34 -13.74 -3.73
N CYS A 147 -8.78 -12.98 -2.79
CA CYS A 147 -7.56 -13.38 -2.10
C CYS A 147 -7.71 -14.75 -1.43
N SER A 148 -8.90 -15.01 -0.90
CA SER A 148 -9.16 -16.29 -0.22
C SER A 148 -8.99 -17.49 -1.14
N GLU A 149 -9.47 -17.37 -2.38
CA GLU A 149 -9.39 -18.48 -3.33
C GLU A 149 -7.94 -18.85 -3.67
N VAL A 150 -7.09 -17.85 -3.83
CA VAL A 150 -5.69 -18.09 -4.17
C VAL A 150 -4.97 -18.84 -3.04
N ARG A 151 -5.27 -18.47 -1.82
CA ARG A 151 -4.63 -19.07 -0.65
C ARG A 151 -4.87 -20.57 -0.55
N LEU A 152 -6.10 -21.03 -0.78
CA LEU A 152 -6.44 -22.45 -0.71
C LEU A 152 -5.70 -23.26 -1.79
N LEU A 153 -5.59 -22.70 -2.98
CA LEU A 153 -4.95 -23.39 -4.10
C LEU A 153 -3.48 -23.71 -3.83
N VAL A 154 -2.81 -22.82 -3.08
CA VAL A 154 -1.39 -22.98 -2.75
C VAL A 154 -0.98 -24.45 -2.67
N ASP A 155 0.29 -24.72 -2.94
CA ASP A 155 0.81 -26.08 -2.89
C ASP A 155 0.69 -26.65 -1.48
N SER A 156 0.96 -25.82 -0.47
CA SER A 156 0.88 -26.25 0.92
C SER A 156 0.50 -25.08 1.83
N LYS A 157 -0.22 -25.37 2.89
CA LYS A 157 -0.65 -24.34 3.83
C LYS A 157 0.56 -23.72 4.54
N ASP A 158 1.57 -24.54 4.80
CA ASP A 158 2.77 -24.08 5.49
C ASP A 158 3.71 -23.34 4.54
N ASP A 159 3.22 -23.05 3.34
CA ASP A 159 4.00 -22.36 2.30
C ASP A 159 5.09 -21.44 2.89
N GLU A 160 4.84 -20.14 2.86
CA GLU A 160 5.79 -19.16 3.36
C GLU A 160 5.15 -17.78 3.27
N ARG A 161 4.21 -17.67 2.33
CA ARG A 161 3.48 -16.42 2.10
C ARG A 161 2.14 -16.45 2.83
N VAL A 162 1.60 -17.65 2.99
CA VAL A 162 0.32 -17.82 3.65
C VAL A 162 0.28 -17.10 5.02
N PRO A 163 1.29 -17.21 5.85
CA PRO A 163 1.30 -16.53 7.17
C PRO A 163 1.05 -15.03 7.06
N ALA A 164 1.73 -14.39 6.11
CA ALA A 164 1.55 -12.95 5.90
C ALA A 164 0.16 -12.66 5.34
N LEU A 165 -0.28 -13.51 4.42
CA LEU A 165 -1.59 -13.32 3.80
C LEU A 165 -2.69 -13.43 4.84
N ASN A 166 -2.56 -14.40 5.74
CA ASN A 166 -3.59 -14.60 6.76
C ASN A 166 -3.74 -13.34 7.63
N LEU A 167 -2.61 -12.74 8.00
CA LEU A 167 -2.62 -11.53 8.81
C LEU A 167 -3.24 -10.38 8.05
N LEU A 168 -2.99 -10.36 6.75
CA LEU A 168 -3.48 -9.28 5.87
C LEU A 168 -5.01 -9.20 5.90
N ILE A 169 -5.67 -10.33 5.86
CA ILE A 169 -7.13 -10.37 5.89
C ILE A 169 -7.67 -9.80 7.20
N CYS A 170 -7.03 -10.18 8.30
CA CYS A 170 -7.46 -9.73 9.62
C CYS A 170 -7.50 -8.21 9.72
N LEU A 171 -6.51 -7.54 9.12
CA LEU A 171 -6.41 -6.09 9.18
C LEU A 171 -7.67 -5.40 8.63
N VAL A 172 -8.15 -5.86 7.48
CA VAL A 172 -9.34 -5.27 6.86
C VAL A 172 -10.60 -5.45 7.73
N SER A 173 -10.77 -6.64 8.28
CA SER A 173 -11.96 -6.96 9.08
C SER A 173 -12.13 -6.10 10.33
N ARG A 174 -11.05 -5.81 11.04
CA ARG A 174 -11.13 -5.04 12.28
C ARG A 174 -11.10 -3.53 12.05
N TYR A 175 -10.22 -3.06 11.17
CA TYR A 175 -10.14 -1.63 10.94
C TYR A 175 -11.46 -1.08 10.40
N PHE A 176 -12.03 -1.78 9.42
CA PHE A 176 -13.31 -1.37 8.82
C PHE A 176 -14.48 -1.91 9.64
N ASP A 177 -14.16 -2.73 10.63
CA ASP A 177 -15.17 -3.33 11.51
C ASP A 177 -16.02 -4.35 10.75
N GLN A 178 -15.55 -4.80 9.58
CA GLN A 178 -16.30 -5.78 8.81
C GLN A 178 -16.12 -7.16 9.42
N ARG A 179 -16.97 -7.49 10.39
CA ARG A 179 -16.90 -8.77 11.06
C ARG A 179 -17.18 -9.90 10.07
N ASP A 180 -17.61 -9.53 8.87
CA ASP A 180 -17.88 -10.52 7.84
C ASP A 180 -16.59 -11.21 7.40
N LEU A 181 -15.50 -10.45 7.40
CA LEU A 181 -14.19 -10.98 7.01
C LEU A 181 -13.44 -11.53 8.23
N ALA A 182 -13.95 -11.21 9.43
CA ALA A 182 -13.31 -11.66 10.65
C ALA A 182 -13.35 -13.18 10.78
N ASP A 183 -12.31 -13.84 10.25
CA ASP A 183 -12.22 -15.29 10.32
C ASP A 183 -13.59 -15.95 10.10
N GLU A 184 -14.08 -15.89 8.87
CA GLU A 184 -15.37 -16.49 8.55
C GLU A 184 -15.30 -18.01 8.72
N PRO A 185 -16.39 -18.66 9.09
CA PRO A 185 -16.40 -20.15 9.27
C PRO A 185 -16.23 -20.89 7.96
N SER A 186 -16.47 -20.19 6.85
CA SER A 186 -16.37 -20.78 5.51
C SER A 186 -17.66 -21.50 5.17
N LEU A 187 -18.74 -21.09 5.84
CA LEU A 187 -20.05 -21.69 5.61
C LEU A 187 -20.05 -23.18 5.95
N GLU A 188 -18.89 -23.70 6.33
CA GLU A 188 -18.77 -25.10 6.70
C GLU A 188 -19.40 -25.99 5.63
N TYR A 189 -19.28 -25.58 4.37
CA TYR A 189 -19.83 -26.35 3.27
C TYR A 189 -19.47 -27.82 3.39
N GLY B 1 24.55 27.28 5.45
CA GLY B 1 24.64 28.71 5.84
C GLY B 1 23.25 29.21 6.25
N GLN B 2 22.46 29.64 5.27
CA GLN B 2 21.11 30.13 5.54
C GLN B 2 20.24 29.02 6.09
N SER B 3 20.37 27.82 5.52
CA SER B 3 19.58 26.68 5.96
C SER B 3 20.30 25.37 5.63
N ASP B 4 20.02 24.33 6.42
CA ASP B 4 20.64 23.01 6.22
C ASP B 4 19.60 21.92 6.46
N ASP B 5 18.34 22.29 6.32
CA ASP B 5 17.25 21.34 6.51
C ASP B 5 17.46 20.55 7.81
N SER B 6 16.70 19.46 7.98
CA SER B 6 16.81 18.64 9.19
C SER B 6 16.60 17.16 8.87
N ASP B 7 16.11 16.42 9.86
CA ASP B 7 15.88 14.98 9.71
C ASP B 7 14.51 14.69 9.13
N ILE B 8 13.83 15.72 8.64
CA ILE B 8 12.50 15.54 8.06
C ILE B 8 12.48 14.50 6.94
N TRP B 9 13.64 13.90 6.66
CA TRP B 9 13.72 12.89 5.60
C TRP B 9 13.27 11.53 6.12
N ASP B 10 11.96 11.31 6.10
CA ASP B 10 11.38 10.05 6.57
C ASP B 10 10.04 9.80 5.89
N ASP B 11 9.84 10.42 4.72
CA ASP B 11 8.61 10.25 3.98
C ASP B 11 8.50 8.82 3.49
N THR B 12 9.62 8.11 3.53
CA THR B 12 9.67 6.72 3.11
C THR B 12 9.09 5.85 4.23
N ALA B 13 8.48 6.51 5.19
CA ALA B 13 7.89 5.82 6.34
C ALA B 13 6.86 4.81 5.87
N LEU B 14 6.08 5.18 4.86
CA LEU B 14 5.06 4.27 4.33
C LEU B 14 5.74 3.06 3.70
N ILE B 15 6.82 3.33 2.98
CA ILE B 15 7.56 2.28 2.30
C ILE B 15 8.18 1.28 3.29
N LYS B 16 8.75 1.82 4.36
CA LYS B 16 9.37 0.99 5.40
C LYS B 16 8.35 0.04 6.03
N ALA B 17 7.13 0.52 6.16
CA ALA B 17 6.05 -0.24 6.77
C ALA B 17 5.82 -1.55 6.04
N TYR B 18 6.14 -1.59 4.76
CA TYR B 18 5.95 -2.81 3.97
C TYR B 18 6.73 -3.99 4.57
N ASP B 19 7.99 -3.75 4.91
CA ASP B 19 8.84 -4.79 5.46
C ASP B 19 8.38 -5.28 6.84
N LYS B 20 7.83 -4.37 7.64
CA LYS B 20 7.39 -4.72 8.99
C LYS B 20 6.26 -5.76 8.97
N ALA B 21 5.27 -5.52 8.12
CA ALA B 21 4.13 -6.42 8.03
C ALA B 21 4.56 -7.81 7.56
N VAL B 22 5.44 -7.85 6.56
CA VAL B 22 5.92 -9.13 6.03
C VAL B 22 6.89 -9.79 7.01
N ALA B 23 7.53 -8.98 7.86
CA ALA B 23 8.48 -9.49 8.85
C ALA B 23 7.77 -10.43 9.81
N SER B 24 6.47 -10.24 9.98
CA SER B 24 5.69 -11.07 10.88
C SER B 24 5.89 -12.55 10.54
N PHE B 25 6.52 -12.81 9.41
CA PHE B 25 6.80 -14.17 8.99
C PHE B 25 7.74 -14.84 10.00
N LYS B 26 8.78 -14.12 10.38
CA LYS B 26 9.77 -14.64 11.33
C LYS B 26 9.09 -15.01 12.65
N GLY A 1 -2.10 -14.47 28.62
CA GLY A 1 -3.33 -13.95 27.95
C GLY A 1 -3.51 -14.67 26.62
N TYR A 2 -3.61 -16.00 26.68
CA TYR A 2 -3.78 -16.80 25.46
C TYR A 2 -5.11 -16.43 24.79
N SER A 3 -6.15 -16.37 25.61
CA SER A 3 -7.47 -16.02 25.10
C SER A 3 -7.50 -14.58 24.61
N PRO A 4 -7.23 -13.61 25.46
CA PRO A 4 -7.21 -12.17 25.06
C PRO A 4 -5.97 -11.83 24.24
N THR A 5 -6.05 -12.06 22.93
CA THR A 5 -4.93 -11.75 22.03
C THR A 5 -5.21 -10.46 21.27
N LEU A 6 -6.11 -9.65 21.81
CA LEU A 6 -6.46 -8.38 21.17
C LEU A 6 -5.24 -7.47 21.12
N GLN A 7 -4.49 -7.41 22.21
CA GLN A 7 -3.31 -6.55 22.26
C GLN A 7 -2.37 -6.93 21.12
N TRP A 8 -2.14 -8.22 20.96
CA TRP A 8 -1.27 -8.72 19.91
C TRP A 8 -1.89 -8.47 18.54
N GLN A 9 -3.20 -8.65 18.44
CA GLN A 9 -3.91 -8.46 17.18
C GLN A 9 -3.82 -7.00 16.73
N GLN A 10 -3.92 -6.07 17.69
CA GLN A 10 -3.86 -4.64 17.36
C GLN A 10 -2.51 -4.27 16.75
N GLN A 11 -1.43 -4.89 17.24
CA GLN A 11 -0.10 -4.59 16.75
C GLN A 11 -0.09 -4.39 15.22
N GLN A 12 -0.85 -5.22 14.52
CA GLN A 12 -0.91 -5.13 13.06
C GLN A 12 -1.48 -3.79 12.60
N VAL A 13 -2.79 -3.59 12.81
CA VAL A 13 -3.45 -2.36 12.39
C VAL A 13 -2.90 -1.15 13.15
N ALA A 14 -2.66 -1.35 14.45
CA ALA A 14 -2.15 -0.28 15.30
C ALA A 14 -1.13 0.61 14.57
N GLN A 15 -0.31 -0.01 13.74
CA GLN A 15 0.71 0.73 12.98
C GLN A 15 0.06 1.72 12.02
N PHE A 16 -1.05 1.29 11.44
CA PHE A 16 -1.76 2.12 10.47
C PHE A 16 -2.14 3.46 11.08
N SER A 17 -2.62 3.43 12.32
CA SER A 17 -3.00 4.67 13.00
C SER A 17 -1.76 5.56 13.15
N THR A 18 -0.66 4.91 13.50
CA THR A 18 0.62 5.57 13.67
C THR A 18 1.11 6.17 12.35
N VAL A 19 0.91 5.44 11.24
CA VAL A 19 1.37 5.90 9.94
C VAL A 19 0.75 7.28 9.62
N ARG A 20 -0.52 7.47 9.98
CA ARG A 20 -1.20 8.73 9.72
C ARG A 20 -0.48 9.87 10.45
N GLN A 21 0.02 9.59 11.64
CA GLN A 21 0.72 10.60 12.43
C GLN A 21 1.98 11.06 11.72
N ASN A 22 2.64 10.14 11.03
CA ASN A 22 3.89 10.44 10.32
C ASN A 22 3.65 11.41 9.16
N VAL A 23 2.53 11.25 8.47
CA VAL A 23 2.24 12.11 7.33
C VAL A 23 2.07 13.57 7.76
N ASN A 24 1.37 13.78 8.87
CA ASN A 24 1.12 15.13 9.38
C ASN A 24 2.43 15.85 9.69
N LYS A 25 3.36 15.12 10.28
CA LYS A 25 4.67 15.68 10.64
C LYS A 25 5.42 16.15 9.39
N HIS A 26 5.31 15.38 8.32
CA HIS A 26 6.00 15.71 7.07
C HIS A 26 5.22 16.74 6.26
N ARG A 27 4.08 17.18 6.77
CA ARG A 27 3.28 18.17 6.07
C ARG A 27 4.09 19.44 5.86
N SER A 28 4.77 19.87 6.92
CA SER A 28 5.61 21.07 6.85
C SER A 28 6.82 20.83 5.94
N HIS A 29 7.34 19.61 5.98
CA HIS A 29 8.51 19.25 5.19
C HIS A 29 8.23 19.39 3.68
N TRP A 30 7.13 18.81 3.22
CA TRP A 30 6.80 18.89 1.80
C TRP A 30 6.42 20.31 1.39
N LYS A 31 5.79 21.05 2.30
CA LYS A 31 5.38 22.41 2.02
C LYS A 31 6.58 23.29 1.67
N SER A 32 7.68 23.05 2.38
CA SER A 32 8.89 23.84 2.17
C SER A 32 9.63 23.37 0.91
N GLN A 33 9.10 22.34 0.25
CA GLN A 33 9.72 21.82 -0.98
C GLN A 33 9.00 22.36 -2.21
N GLN A 34 9.70 22.36 -3.35
CA GLN A 34 9.12 22.86 -4.59
C GLN A 34 8.23 21.81 -5.25
N LEU A 35 8.63 21.35 -6.44
CA LEU A 35 7.85 20.36 -7.18
C LEU A 35 7.77 19.04 -6.40
N ASP A 36 8.85 18.65 -5.76
CA ASP A 36 8.86 17.40 -5.03
C ASP A 36 7.70 17.35 -4.07
N SER A 37 7.08 18.50 -3.83
CA SER A 37 5.96 18.57 -2.92
C SER A 37 4.79 17.69 -3.39
N ASN A 38 4.50 17.75 -4.69
CA ASN A 38 3.41 16.97 -5.24
C ASN A 38 3.59 16.86 -6.74
N VAL A 39 4.70 17.42 -7.20
CA VAL A 39 5.08 17.45 -8.60
C VAL A 39 3.86 17.57 -9.52
N THR A 40 4.06 17.28 -10.81
CA THR A 40 2.99 17.36 -11.81
C THR A 40 2.62 15.97 -12.31
N MET A 41 1.32 15.66 -12.35
CA MET A 41 0.83 14.36 -12.82
C MET A 41 -0.20 14.55 -13.94
N PRO A 42 -0.34 13.61 -14.86
CA PRO A 42 -1.34 13.71 -15.96
C PRO A 42 -2.70 14.25 -15.48
N LYS A 43 -3.20 15.26 -16.19
CA LYS A 43 -4.47 15.88 -15.84
C LYS A 43 -5.60 14.86 -15.81
N SER A 44 -6.71 15.27 -15.20
CA SER A 44 -7.88 14.39 -15.12
C SER A 44 -8.37 14.05 -16.51
N GLU A 45 -8.09 14.92 -17.47
CA GLU A 45 -8.51 14.68 -18.84
C GLU A 45 -7.75 13.49 -19.41
N ASP A 46 -6.68 13.12 -18.73
CA ASP A 46 -5.85 11.98 -19.14
C ASP A 46 -5.79 10.94 -18.03
N GLU A 47 -6.96 10.42 -17.68
CA GLU A 47 -7.05 9.44 -16.60
C GLU A 47 -6.27 8.17 -16.96
N GLU A 48 -6.29 7.78 -18.23
CA GLU A 48 -5.58 6.58 -18.65
C GLU A 48 -4.08 6.74 -18.38
N GLY A 49 -3.56 7.90 -18.73
CA GLY A 49 -2.14 8.19 -18.52
C GLY A 49 -1.82 8.30 -17.03
N TRP A 50 -2.79 8.79 -16.27
CA TRP A 50 -2.59 8.98 -14.83
C TRP A 50 -2.29 7.65 -14.13
N LYS A 51 -3.11 6.64 -14.41
CA LYS A 51 -2.90 5.34 -13.80
C LYS A 51 -1.59 4.71 -14.30
N LYS A 52 -1.29 4.89 -15.57
CA LYS A 52 -0.06 4.36 -16.16
C LYS A 52 1.17 5.01 -15.52
N PHE A 53 1.12 6.33 -15.36
CA PHE A 53 2.24 7.06 -14.78
C PHE A 53 2.51 6.61 -13.34
N CYS A 54 1.44 6.49 -12.56
CA CYS A 54 1.56 6.11 -11.15
C CYS A 54 2.16 4.71 -11.00
N LEU A 55 1.69 3.76 -11.82
CA LEU A 55 2.19 2.38 -11.77
C LEU A 55 3.30 2.16 -12.79
N GLY A 56 3.61 3.19 -13.57
CA GLY A 56 4.67 3.09 -14.57
C GLY A 56 4.57 1.78 -15.34
N GLU A 57 5.71 1.32 -15.87
CA GLU A 57 5.73 0.07 -16.62
C GLU A 57 7.17 -0.32 -16.95
N LYS A 58 8.00 0.68 -17.24
CA LYS A 58 9.40 0.43 -17.58
C LYS A 58 10.13 -0.17 -16.39
N LEU A 59 9.78 0.27 -15.19
CA LEU A 59 10.42 -0.26 -13.99
C LEU A 59 10.18 -1.76 -13.92
N CYS A 60 8.95 -2.17 -14.24
CA CYS A 60 8.61 -3.58 -14.24
C CYS A 60 9.44 -4.32 -15.28
N ALA A 61 9.68 -3.66 -16.42
CA ALA A 61 10.46 -4.26 -17.49
C ALA A 61 11.88 -4.57 -17.03
N ASP A 62 12.44 -3.68 -16.21
CA ASP A 62 13.80 -3.87 -15.71
C ASP A 62 13.87 -5.16 -14.89
N GLY A 63 12.89 -5.34 -14.00
CA GLY A 63 12.85 -6.53 -13.16
C GLY A 63 13.88 -6.44 -12.03
N ALA A 64 14.47 -5.26 -11.87
CA ALA A 64 15.46 -5.05 -10.82
C ALA A 64 15.86 -3.59 -10.72
N VAL A 65 15.06 -2.82 -9.96
CA VAL A 65 15.32 -1.39 -9.76
C VAL A 65 15.82 -1.14 -8.34
N GLY A 66 17.14 -1.08 -8.20
CA GLY A 66 17.74 -0.84 -6.88
C GLY A 66 19.23 -0.54 -7.00
N PRO A 67 20.02 -1.55 -7.23
CA PRO A 67 21.51 -1.40 -7.38
C PRO A 67 21.87 -0.49 -8.55
N ALA A 68 21.04 -0.48 -9.57
CA ALA A 68 21.28 0.35 -10.75
C ALA A 68 21.31 1.83 -10.37
N THR A 69 20.48 2.20 -9.40
CA THR A 69 20.40 3.58 -8.94
C THR A 69 21.75 4.03 -8.37
N ASN A 70 22.35 3.15 -7.58
CA ASN A 70 23.65 3.46 -6.97
C ASN A 70 24.71 3.63 -8.04
N GLU A 71 24.58 2.86 -9.13
CA GLU A 71 25.55 2.94 -10.22
C GLU A 71 25.40 4.23 -11.02
N SER A 72 24.73 5.21 -10.40
CA SER A 72 24.50 6.52 -11.04
C SER A 72 25.65 6.91 -11.98
N PRO A 73 25.54 6.67 -13.27
CA PRO A 73 26.63 7.01 -14.22
C PRO A 73 26.71 8.51 -14.50
N GLY A 74 25.62 9.22 -14.17
CA GLY A 74 25.56 10.67 -14.40
C GLY A 74 24.12 11.13 -14.45
N ILE A 75 23.23 10.23 -14.85
CA ILE A 75 21.79 10.53 -14.95
C ILE A 75 21.03 9.79 -13.86
N ASP A 76 20.19 10.52 -13.12
CA ASP A 76 19.37 9.91 -12.07
C ASP A 76 17.97 9.65 -12.60
N TYR A 77 17.60 8.39 -12.67
CA TYR A 77 16.29 8.01 -13.18
C TYR A 77 15.18 8.59 -12.32
N VAL A 78 15.52 8.96 -11.09
CA VAL A 78 14.55 9.51 -10.16
C VAL A 78 13.98 10.83 -10.69
N GLN A 79 14.84 11.72 -11.17
CA GLN A 79 14.38 13.01 -11.68
C GLN A 79 13.66 12.82 -12.99
N ILE A 80 13.76 11.61 -13.52
CA ILE A 80 13.09 11.26 -14.78
C ILE A 80 11.75 10.60 -14.48
N GLY A 81 11.64 10.02 -13.30
CA GLY A 81 10.40 9.34 -12.88
C GLY A 81 10.16 9.58 -11.41
N PHE A 82 9.13 10.35 -11.11
CA PHE A 82 8.79 10.65 -9.73
C PHE A 82 8.24 9.40 -9.02
N PRO A 83 8.87 8.89 -7.97
CA PRO A 83 8.38 7.68 -7.26
C PRO A 83 7.18 8.03 -6.38
N PRO A 84 6.38 7.06 -6.00
CA PRO A 84 5.18 7.33 -5.15
C PRO A 84 5.60 7.84 -3.77
N LEU A 85 4.88 8.85 -3.28
CA LEU A 85 5.16 9.45 -1.97
C LEU A 85 3.88 9.87 -1.28
N LEU A 86 3.98 10.11 0.02
CA LEU A 86 2.82 10.52 0.80
C LEU A 86 2.32 11.88 0.33
N SER A 87 3.25 12.79 0.02
CA SER A 87 2.88 14.13 -0.40
C SER A 87 2.08 14.11 -1.71
N ILE A 88 2.53 13.32 -2.69
CA ILE A 88 1.79 13.26 -3.95
C ILE A 88 0.44 12.63 -3.70
N VAL A 89 0.44 11.56 -2.93
CA VAL A 89 -0.77 10.84 -2.60
C VAL A 89 -1.72 11.70 -1.78
N SER A 90 -1.17 12.47 -0.84
CA SER A 90 -1.99 13.33 -0.01
C SER A 90 -2.83 14.28 -0.86
N ARG A 91 -2.35 14.57 -2.07
CA ARG A 91 -3.08 15.46 -2.98
C ARG A 91 -4.08 14.66 -3.81
N MET A 92 -3.83 13.36 -3.94
CA MET A 92 -4.72 12.50 -4.71
C MET A 92 -6.01 12.25 -3.93
N ASN A 93 -7.13 12.31 -4.63
CA ASN A 93 -8.42 12.09 -3.99
C ASN A 93 -8.64 10.61 -3.70
N GLN A 94 -9.42 10.32 -2.66
CA GLN A 94 -9.71 8.94 -2.31
C GLN A 94 -10.53 8.29 -3.43
N ALA A 95 -11.44 9.07 -3.98
CA ALA A 95 -12.31 8.60 -5.05
C ALA A 95 -11.55 8.35 -6.34
N THR A 96 -10.54 9.17 -6.64
CA THR A 96 -9.78 9.02 -7.89
C THR A 96 -9.05 7.67 -7.94
N VAL A 97 -8.31 7.33 -6.88
CA VAL A 97 -7.59 6.07 -6.85
C VAL A 97 -8.55 4.89 -6.77
N THR A 98 -9.74 5.14 -6.22
CA THR A 98 -10.73 4.08 -6.10
C THR A 98 -11.13 3.55 -7.48
N SER A 99 -11.35 4.46 -8.41
CA SER A 99 -11.73 4.09 -9.78
C SER A 99 -10.58 3.33 -10.43
N VAL A 100 -9.37 3.79 -10.17
CA VAL A 100 -8.17 3.17 -10.73
C VAL A 100 -8.08 1.71 -10.28
N LEU A 101 -8.72 1.40 -9.17
CA LEU A 101 -8.73 0.04 -8.64
C LEU A 101 -9.40 -0.90 -9.65
N GLU A 102 -10.46 -0.41 -10.28
CA GLU A 102 -11.20 -1.21 -11.25
C GLU A 102 -10.33 -1.67 -12.42
N TYR A 103 -9.43 -0.81 -12.90
CA TYR A 103 -8.58 -1.19 -14.03
C TYR A 103 -7.73 -2.42 -13.71
N LEU A 104 -7.10 -2.43 -12.53
CA LEU A 104 -6.24 -3.55 -12.14
C LEU A 104 -7.03 -4.86 -12.12
N SER A 105 -8.28 -4.79 -11.66
CA SER A 105 -9.10 -5.98 -11.57
C SER A 105 -9.30 -6.62 -12.95
N ASN A 106 -9.51 -5.77 -13.96
CA ASN A 106 -9.72 -6.25 -15.32
C ASN A 106 -8.48 -6.98 -15.85
N TRP A 107 -7.32 -6.52 -15.45
CA TRP A 107 -6.06 -7.13 -15.90
C TRP A 107 -6.04 -8.63 -15.59
N PHE A 108 -6.52 -9.01 -14.42
CA PHE A 108 -6.52 -10.42 -14.02
C PHE A 108 -5.12 -10.98 -14.05
N GLY A 109 -4.78 -11.67 -15.12
CA GLY A 109 -3.47 -12.26 -15.26
C GLY A 109 -3.38 -13.60 -14.51
N GLU A 110 -4.45 -14.38 -14.58
CA GLU A 110 -4.52 -15.67 -13.91
C GLU A 110 -4.42 -15.49 -12.39
N ARG A 111 -3.63 -16.35 -11.75
CA ARG A 111 -3.48 -16.30 -10.30
C ARG A 111 -2.29 -15.42 -9.91
N ASP A 112 -2.24 -14.22 -10.49
CA ASP A 112 -1.16 -13.26 -10.20
C ASP A 112 -1.57 -12.34 -9.05
N PHE A 113 -0.58 -11.86 -8.29
CA PHE A 113 -0.83 -10.96 -7.17
C PHE A 113 0.30 -9.93 -7.13
N THR A 114 1.49 -10.37 -7.53
CA THR A 114 2.65 -9.48 -7.57
C THR A 114 2.94 -8.86 -6.18
N PRO A 115 4.08 -9.09 -5.57
CA PRO A 115 4.40 -8.51 -4.23
C PRO A 115 4.82 -7.04 -4.32
N GLU A 116 4.93 -6.54 -5.54
CA GLU A 116 5.30 -5.15 -5.75
C GLU A 116 4.16 -4.24 -5.30
N LEU A 117 2.94 -4.69 -5.56
CA LEU A 117 1.73 -3.94 -5.20
C LEU A 117 1.57 -3.83 -3.69
N GLY A 118 2.10 -4.80 -2.96
CA GLY A 118 1.97 -4.79 -1.50
C GLY A 118 2.55 -3.52 -0.90
N ARG A 119 3.66 -3.04 -1.43
CA ARG A 119 4.26 -1.81 -0.93
C ARG A 119 3.28 -0.66 -1.20
N TRP A 120 2.67 -0.73 -2.37
CA TRP A 120 1.69 0.26 -2.81
C TRP A 120 0.39 0.11 -2.02
N LEU A 121 0.02 -1.14 -1.71
CA LEU A 121 -1.22 -1.45 -1.01
C LEU A 121 -1.41 -0.60 0.25
N TYR A 122 -0.34 -0.40 1.01
CA TYR A 122 -0.44 0.39 2.24
C TYR A 122 -0.86 1.82 1.93
N ALA A 123 -0.32 2.38 0.84
CA ALA A 123 -0.62 3.75 0.45
C ALA A 123 -2.11 3.92 0.10
N LEU A 124 -2.73 2.87 -0.44
CA LEU A 124 -4.13 2.96 -0.83
C LEU A 124 -5.03 3.25 0.36
N LEU A 125 -4.81 2.54 1.47
CA LEU A 125 -5.62 2.75 2.66
C LEU A 125 -5.42 4.17 3.21
N ALA A 126 -4.18 4.61 3.18
CA ALA A 126 -3.83 5.94 3.67
C ALA A 126 -4.48 7.03 2.82
N CYS A 127 -4.98 6.65 1.64
CA CYS A 127 -5.61 7.62 0.74
C CYS A 127 -7.08 7.82 1.08
N LEU A 128 -7.63 6.94 1.92
CA LEU A 128 -9.02 7.04 2.33
C LEU A 128 -9.11 7.90 3.60
N GLU A 129 -10.01 8.88 3.56
CA GLU A 129 -10.20 9.79 4.70
C GLU A 129 -11.17 9.19 5.71
N LYS A 130 -11.33 9.86 6.86
CA LYS A 130 -12.24 9.38 7.89
C LYS A 130 -13.55 8.86 7.28
N PRO A 131 -14.34 9.70 6.67
CA PRO A 131 -15.62 9.27 6.04
C PRO A 131 -15.35 8.35 4.85
N LEU A 132 -16.20 7.33 4.69
CA LEU A 132 -16.07 6.35 3.60
C LEU A 132 -17.34 6.31 2.76
N LEU A 133 -17.18 6.45 1.45
CA LEU A 133 -18.32 6.41 0.53
C LEU A 133 -18.90 4.99 0.49
N PRO A 134 -20.21 4.82 0.39
CA PRO A 134 -20.80 3.45 0.33
C PRO A 134 -20.10 2.55 -0.69
N GLU A 135 -19.75 3.12 -1.84
CA GLU A 135 -19.07 2.37 -2.90
C GLU A 135 -17.69 1.88 -2.44
N ALA A 136 -17.04 2.68 -1.59
CA ALA A 136 -15.72 2.32 -1.09
C ALA A 136 -15.76 1.02 -0.29
N HIS A 137 -16.82 0.85 0.49
CA HIS A 137 -16.99 -0.36 1.30
C HIS A 137 -17.17 -1.59 0.42
N SER A 138 -17.94 -1.42 -0.64
CA SER A 138 -18.23 -2.51 -1.55
C SER A 138 -16.98 -3.06 -2.24
N LEU A 139 -16.13 -2.15 -2.72
CA LEU A 139 -14.91 -2.56 -3.44
C LEU A 139 -13.93 -3.32 -2.57
N ILE A 140 -13.70 -2.87 -1.34
CA ILE A 140 -12.76 -3.57 -0.47
C ILE A 140 -13.18 -5.01 -0.25
N ARG A 141 -14.49 -5.25 -0.30
CA ARG A 141 -15.01 -6.60 -0.12
C ARG A 141 -14.62 -7.49 -1.31
N GLN A 142 -14.65 -6.91 -2.52
CA GLN A 142 -14.33 -7.66 -3.74
C GLN A 142 -12.90 -8.22 -3.75
N LEU A 143 -11.93 -7.40 -3.43
CA LEU A 143 -10.52 -7.83 -3.46
C LEU A 143 -10.20 -8.85 -2.36
N ALA A 144 -10.81 -8.70 -1.20
CA ALA A 144 -10.54 -9.60 -0.07
C ALA A 144 -10.97 -11.04 -0.39
N ARG A 145 -12.09 -11.18 -1.09
CA ARG A 145 -12.60 -12.50 -1.44
C ARG A 145 -11.66 -13.26 -2.40
N ARG A 146 -11.08 -12.54 -3.36
CA ARG A 146 -10.18 -13.17 -4.32
C ARG A 146 -8.93 -13.73 -3.66
N CYS A 147 -8.39 -12.99 -2.70
CA CYS A 147 -7.18 -13.40 -1.99
C CYS A 147 -7.35 -14.80 -1.38
N SER A 148 -8.56 -15.09 -0.91
CA SER A 148 -8.84 -16.39 -0.29
C SER A 148 -8.53 -17.55 -1.24
N GLU A 149 -8.74 -17.32 -2.53
CA GLU A 149 -8.50 -18.35 -3.52
C GLU A 149 -7.03 -18.77 -3.54
N VAL A 150 -6.14 -17.80 -3.32
CA VAL A 150 -4.70 -18.08 -3.34
C VAL A 150 -4.33 -19.12 -2.27
N ARG A 151 -4.89 -18.98 -1.07
CA ARG A 151 -4.57 -19.90 0.01
C ARG A 151 -4.97 -21.34 -0.34
N LEU A 152 -6.14 -21.51 -0.95
CA LEU A 152 -6.61 -22.83 -1.34
C LEU A 152 -5.66 -23.46 -2.36
N LEU A 153 -5.18 -22.65 -3.30
CA LEU A 153 -4.27 -23.12 -4.34
C LEU A 153 -2.96 -23.62 -3.73
N VAL A 154 -2.47 -22.92 -2.71
CA VAL A 154 -1.22 -23.32 -2.06
C VAL A 154 -1.26 -24.80 -1.68
N ASP A 155 -0.16 -25.50 -1.99
CA ASP A 155 -0.06 -26.92 -1.69
C ASP A 155 0.08 -27.20 -0.19
N SER A 156 0.79 -26.32 0.52
CA SER A 156 1.00 -26.52 1.98
C SER A 156 0.91 -25.21 2.75
N LYS A 157 0.33 -25.29 3.94
CA LYS A 157 0.16 -24.13 4.81
C LYS A 157 1.53 -23.64 5.30
N ASP A 158 2.50 -24.54 5.32
CA ASP A 158 3.84 -24.21 5.78
C ASP A 158 4.63 -23.48 4.69
N ASP A 159 3.91 -23.09 3.63
CA ASP A 159 4.53 -22.38 2.51
C ASP A 159 5.56 -21.36 2.97
N GLU A 160 5.19 -20.09 2.97
CA GLU A 160 6.08 -19.02 3.36
C GLU A 160 5.33 -17.70 3.31
N ARG A 161 4.30 -17.68 2.47
CA ARG A 161 3.47 -16.48 2.29
C ARG A 161 2.18 -16.64 3.09
N VAL A 162 1.78 -17.90 3.23
CA VAL A 162 0.57 -18.24 3.96
C VAL A 162 0.45 -17.46 5.29
N PRO A 163 1.41 -17.54 6.20
CA PRO A 163 1.29 -16.79 7.49
C PRO A 163 1.09 -15.29 7.26
N ALA A 164 1.83 -14.73 6.32
CA ALA A 164 1.69 -13.31 6.01
C ALA A 164 0.32 -13.02 5.41
N LEU A 165 -0.12 -13.91 4.52
CA LEU A 165 -1.42 -13.73 3.87
C LEU A 165 -2.55 -13.79 4.90
N ASN A 166 -2.48 -14.76 5.79
CA ASN A 166 -3.52 -14.93 6.81
C ASN A 166 -3.61 -13.71 7.73
N LEU A 167 -2.45 -13.21 8.14
CA LEU A 167 -2.40 -12.04 9.04
C LEU A 167 -2.93 -10.79 8.34
N LEU A 168 -2.62 -10.67 7.06
CA LEU A 168 -3.02 -9.51 6.26
C LEU A 168 -4.54 -9.37 6.20
N ILE A 169 -5.23 -10.49 6.06
CA ILE A 169 -6.69 -10.48 5.99
C ILE A 169 -7.30 -9.89 7.26
N CYS A 170 -6.77 -10.27 8.41
CA CYS A 170 -7.30 -9.78 9.69
C CYS A 170 -7.34 -8.25 9.72
N LEU A 171 -6.39 -7.60 9.07
CA LEU A 171 -6.33 -6.13 9.08
C LEU A 171 -7.59 -5.52 8.45
N VAL A 172 -8.02 -6.07 7.32
CA VAL A 172 -9.19 -5.57 6.63
C VAL A 172 -10.46 -5.71 7.49
N SER A 173 -10.63 -6.87 8.12
CA SER A 173 -11.82 -7.09 8.93
C SER A 173 -12.00 -6.02 9.99
N ARG A 174 -10.91 -5.62 10.65
CA ARG A 174 -10.99 -4.59 11.67
C ARG A 174 -11.24 -3.23 11.02
N TYR A 175 -10.56 -2.99 9.90
CA TYR A 175 -10.71 -1.73 9.20
C TYR A 175 -12.15 -1.54 8.68
N PHE A 176 -12.68 -2.60 8.08
CA PHE A 176 -14.03 -2.57 7.55
C PHE A 176 -15.04 -2.75 8.69
N ASP A 177 -14.51 -3.03 9.87
CA ASP A 177 -15.37 -3.23 11.04
C ASP A 177 -16.42 -4.29 10.72
N GLN A 178 -16.20 -5.04 9.64
CA GLN A 178 -17.13 -6.10 9.24
C GLN A 178 -16.69 -7.44 9.83
N ARG A 179 -17.36 -7.85 10.90
CA ARG A 179 -17.04 -9.10 11.58
C ARG A 179 -17.54 -10.30 10.77
N ASP A 180 -18.32 -10.03 9.74
CA ASP A 180 -18.84 -11.12 8.91
C ASP A 180 -17.72 -11.82 8.16
N LEU A 181 -16.70 -11.05 7.77
CA LEU A 181 -15.55 -11.61 7.03
C LEU A 181 -14.47 -12.06 8.00
N ALA A 182 -14.63 -11.73 9.28
CA ALA A 182 -13.65 -12.11 10.29
C ALA A 182 -13.64 -13.62 10.50
N ASP A 183 -12.48 -14.16 10.86
CA ASP A 183 -12.35 -15.60 11.08
C ASP A 183 -12.79 -15.94 12.51
N GLU A 184 -14.10 -16.09 12.70
CA GLU A 184 -14.63 -16.43 14.00
C GLU A 184 -14.26 -17.87 14.38
N PRO A 185 -14.07 -18.18 15.65
CA PRO A 185 -13.71 -19.56 16.08
C PRO A 185 -14.88 -20.54 15.93
N SER A 186 -15.66 -20.68 17.00
CA SER A 186 -16.82 -21.58 17.00
C SER A 186 -17.88 -21.09 17.97
N LEU A 187 -17.94 -19.78 18.16
CA LEU A 187 -18.92 -19.18 19.06
C LEU A 187 -18.77 -19.75 20.48
N GLU A 188 -17.77 -20.61 20.67
CA GLU A 188 -17.52 -21.22 21.97
C GLU A 188 -18.79 -21.90 22.48
N TYR A 189 -19.67 -22.27 21.57
CA TYR A 189 -20.90 -22.94 21.94
C TYR A 189 -21.66 -23.41 20.70
N GLY B 1 18.47 29.61 5.41
CA GLY B 1 19.60 29.13 6.26
C GLY B 1 19.16 29.09 7.71
N GLN B 2 17.94 29.52 7.97
CA GLN B 2 17.42 29.53 9.34
C GLN B 2 17.32 28.11 9.86
N SER B 3 16.88 27.20 9.00
CA SER B 3 16.73 25.81 9.38
C SER B 3 16.78 24.90 8.15
N ASP B 4 17.03 23.61 8.37
CA ASP B 4 17.09 22.66 7.27
C ASP B 4 17.17 21.24 7.82
N ASP B 5 16.01 20.73 8.24
CA ASP B 5 15.95 19.38 8.78
C ASP B 5 16.33 18.35 7.72
N SER B 6 17.09 17.34 8.15
CA SER B 6 17.53 16.27 7.25
C SER B 6 17.42 14.91 7.94
N ASP B 7 17.34 14.94 9.26
CA ASP B 7 17.25 13.71 10.05
C ASP B 7 15.87 13.08 9.92
N ILE B 8 14.99 13.81 9.27
CA ILE B 8 13.62 13.37 9.06
C ILE B 8 13.51 11.86 8.81
N TRP B 9 14.19 11.38 7.77
CA TRP B 9 14.20 9.95 7.37
C TRP B 9 13.02 9.17 7.95
N ASP B 10 11.83 9.76 7.87
CA ASP B 10 10.60 9.12 8.38
C ASP B 10 9.52 9.18 7.31
N ASP B 11 9.79 9.92 6.24
CA ASP B 11 8.84 10.03 5.15
C ASP B 11 8.69 8.68 4.45
N THR B 12 9.73 7.88 4.54
CA THR B 12 9.76 6.56 3.94
C THR B 12 8.96 5.59 4.81
N ALA B 13 8.23 6.15 5.77
CA ALA B 13 7.44 5.35 6.69
C ALA B 13 6.62 4.31 5.96
N LEU B 14 6.09 4.67 4.80
CA LEU B 14 5.28 3.75 4.02
C LEU B 14 6.10 2.56 3.50
N ILE B 15 7.31 2.85 3.03
CA ILE B 15 8.16 1.81 2.44
C ILE B 15 8.58 0.75 3.47
N LYS B 16 9.04 1.20 4.63
CA LYS B 16 9.48 0.29 5.69
C LYS B 16 8.31 -0.52 6.23
N ALA B 17 7.13 0.08 6.15
CA ALA B 17 5.92 -0.56 6.64
C ALA B 17 5.68 -1.90 5.93
N TYR B 18 6.17 -1.99 4.70
CA TYR B 18 6.03 -3.22 3.91
C TYR B 18 6.84 -4.37 4.54
N ASP B 19 8.06 -4.07 4.98
CA ASP B 19 8.95 -5.09 5.54
C ASP B 19 8.42 -5.70 6.86
N LYS B 20 7.96 -4.86 7.78
CA LYS B 20 7.50 -5.35 9.08
C LYS B 20 6.25 -6.24 8.95
N ALA B 21 5.34 -5.90 8.06
CA ALA B 21 4.13 -6.69 7.89
C ALA B 21 4.46 -8.10 7.41
N VAL B 22 5.36 -8.17 6.43
CA VAL B 22 5.77 -9.46 5.89
C VAL B 22 6.66 -10.22 6.87
N ALA B 23 7.28 -9.48 7.79
CA ALA B 23 8.16 -10.10 8.78
C ALA B 23 7.40 -11.14 9.59
N SER B 24 6.09 -10.98 9.71
CA SER B 24 5.26 -11.92 10.46
C SER B 24 5.62 -13.37 10.14
N PHE B 25 6.40 -13.56 9.08
CA PHE B 25 6.82 -14.91 8.69
C PHE B 25 7.67 -15.52 9.80
N LYS B 26 8.62 -14.75 10.32
CA LYS B 26 9.49 -15.23 11.39
C LYS B 26 8.68 -15.55 12.64
N GLY A 1 2.80 -17.34 21.37
CA GLY A 1 1.85 -18.44 21.71
C GLY A 1 0.47 -18.10 21.12
N TYR A 2 -0.39 -19.12 21.04
CA TYR A 2 -1.73 -18.92 20.49
C TYR A 2 -2.49 -17.93 21.35
N SER A 3 -2.39 -18.13 22.66
CA SER A 3 -3.08 -17.25 23.62
C SER A 3 -2.55 -15.81 23.54
N PRO A 4 -1.29 -15.59 23.85
CA PRO A 4 -0.68 -14.21 23.82
C PRO A 4 -0.58 -13.65 22.40
N THR A 5 -1.32 -14.27 21.47
CA THR A 5 -1.29 -13.82 20.09
C THR A 5 -1.83 -12.39 19.98
N LEU A 6 -2.26 -11.83 21.11
CA LEU A 6 -2.79 -10.47 21.13
C LEU A 6 -1.71 -9.48 20.70
N GLN A 7 -0.48 -9.69 21.17
CA GLN A 7 0.62 -8.81 20.84
C GLN A 7 0.82 -8.75 19.32
N TRP A 8 0.76 -9.91 18.68
CA TRP A 8 0.94 -9.99 17.23
C TRP A 8 -0.21 -9.28 16.49
N GLN A 9 -1.43 -9.48 16.99
CA GLN A 9 -2.60 -8.89 16.35
C GLN A 9 -2.57 -7.36 16.38
N GLN A 10 -2.17 -6.79 17.51
CA GLN A 10 -2.13 -5.34 17.64
C GLN A 10 -1.10 -4.70 16.69
N GLN A 11 0.06 -5.31 16.58
CA GLN A 11 1.11 -4.78 15.71
C GLN A 11 0.61 -4.50 14.31
N GLN A 12 -0.24 -5.36 13.79
CA GLN A 12 -0.78 -5.18 12.44
C GLN A 12 -1.65 -3.93 12.35
N VAL A 13 -2.81 -3.98 13.01
CA VAL A 13 -3.76 -2.85 12.99
C VAL A 13 -3.21 -1.60 13.66
N ALA A 14 -2.51 -1.76 14.78
CA ALA A 14 -1.97 -0.63 15.52
C ALA A 14 -1.04 0.22 14.66
N GLN A 15 -0.24 -0.45 13.83
CA GLN A 15 0.72 0.24 12.98
C GLN A 15 0.03 1.19 12.01
N PHE A 16 -1.13 0.78 11.51
CA PHE A 16 -1.87 1.59 10.53
C PHE A 16 -2.21 2.97 11.09
N SER A 17 -2.73 3.04 12.30
CA SER A 17 -3.07 4.33 12.91
C SER A 17 -1.81 5.18 13.04
N THR A 18 -0.74 4.51 13.44
CA THR A 18 0.56 5.14 13.63
C THR A 18 1.09 5.73 12.31
N VAL A 19 0.91 5.00 11.21
CA VAL A 19 1.37 5.46 9.91
C VAL A 19 0.76 6.82 9.56
N ARG A 20 -0.53 6.98 9.84
CA ARG A 20 -1.22 8.24 9.54
C ARG A 20 -0.58 9.41 10.29
N GLN A 21 -0.14 9.15 11.52
CA GLN A 21 0.48 10.21 12.33
C GLN A 21 1.75 10.72 11.67
N ASN A 22 2.51 9.81 11.06
CA ASN A 22 3.76 10.15 10.40
C ASN A 22 3.53 11.07 9.20
N VAL A 23 2.45 10.82 8.47
CA VAL A 23 2.14 11.61 7.28
C VAL A 23 1.93 13.09 7.66
N ASN A 24 1.24 13.31 8.76
CA ASN A 24 0.97 14.68 9.22
C ASN A 24 2.26 15.44 9.53
N LYS A 25 3.22 14.76 10.13
CA LYS A 25 4.49 15.41 10.50
C LYS A 25 5.24 15.94 9.28
N HIS A 26 5.26 15.13 8.21
CA HIS A 26 5.99 15.50 7.00
C HIS A 26 5.14 16.41 6.10
N ARG A 27 3.88 16.58 6.43
CA ARG A 27 3.00 17.44 5.63
C ARG A 27 3.52 18.87 5.64
N SER A 28 3.91 19.34 6.82
CA SER A 28 4.42 20.69 6.97
C SER A 28 5.66 20.91 6.11
N HIS A 29 6.53 19.90 6.01
CA HIS A 29 7.75 20.04 5.23
C HIS A 29 7.40 20.22 3.73
N TRP A 30 6.44 19.45 3.23
CA TRP A 30 6.06 19.58 1.82
C TRP A 30 5.49 20.97 1.54
N LYS A 31 4.76 21.50 2.51
CA LYS A 31 4.15 22.82 2.38
C LYS A 31 5.20 23.89 2.15
N SER A 32 6.45 23.52 2.40
CA SER A 32 7.56 24.45 2.24
C SER A 32 7.89 24.63 0.76
N GLN A 33 7.24 23.82 -0.10
CA GLN A 33 7.47 23.91 -1.54
C GLN A 33 6.21 23.53 -2.32
N GLN A 34 6.15 23.94 -3.58
CA GLN A 34 4.99 23.64 -4.42
C GLN A 34 5.03 22.19 -4.90
N LEU A 35 3.89 21.69 -5.36
CA LEU A 35 3.79 20.32 -5.86
C LEU A 35 4.64 20.14 -7.11
N ASP A 36 4.61 21.14 -7.97
CA ASP A 36 5.36 21.09 -9.21
C ASP A 36 6.85 21.05 -8.91
N SER A 37 7.20 21.31 -7.67
CA SER A 37 8.58 21.31 -7.25
C SER A 37 9.26 19.97 -7.56
N ASN A 38 8.55 18.86 -7.37
CA ASN A 38 9.12 17.53 -7.61
C ASN A 38 8.14 16.56 -8.26
N VAL A 39 7.03 17.04 -8.82
CA VAL A 39 6.08 16.12 -9.45
C VAL A 39 5.12 16.82 -10.40
N THR A 40 4.80 16.12 -11.50
CA THR A 40 3.86 16.59 -12.51
C THR A 40 2.63 15.68 -12.51
N MET A 41 1.45 16.26 -12.30
CA MET A 41 0.21 15.47 -12.27
C MET A 41 -0.56 15.59 -13.60
N PRO A 42 -0.58 14.56 -14.43
CA PRO A 42 -1.32 14.62 -15.74
C PRO A 42 -2.78 15.05 -15.60
N LYS A 43 -3.24 15.82 -16.57
CA LYS A 43 -4.61 16.33 -16.58
C LYS A 43 -5.62 15.20 -16.37
N SER A 44 -6.68 15.51 -15.63
CA SER A 44 -7.73 14.54 -15.34
C SER A 44 -8.45 14.09 -16.62
N GLU A 45 -8.39 14.93 -17.64
CA GLU A 45 -9.05 14.61 -18.90
C GLU A 45 -8.39 13.43 -19.59
N ASP A 46 -7.30 12.93 -19.00
CA ASP A 46 -6.57 11.78 -19.56
C ASP A 46 -6.31 10.73 -18.48
N GLU A 47 -7.29 9.86 -18.29
CA GLU A 47 -7.19 8.81 -17.29
C GLU A 47 -6.06 7.83 -17.61
N GLU A 48 -5.92 7.48 -18.88
CA GLU A 48 -4.88 6.54 -19.30
C GLU A 48 -3.50 7.10 -18.98
N GLY A 49 -3.30 8.37 -19.29
CA GLY A 49 -2.02 9.02 -19.02
C GLY A 49 -1.76 9.09 -17.52
N TRP A 50 -2.83 9.29 -16.76
CA TRP A 50 -2.72 9.40 -15.30
C TRP A 50 -2.28 8.07 -14.68
N LYS A 51 -2.92 6.98 -15.10
CA LYS A 51 -2.59 5.65 -14.58
C LYS A 51 -1.12 5.33 -14.84
N LYS A 52 -0.67 5.63 -16.03
CA LYS A 52 0.71 5.36 -16.41
C LYS A 52 1.69 6.12 -15.53
N PHE A 53 1.40 7.40 -15.29
CA PHE A 53 2.28 8.23 -14.47
C PHE A 53 2.32 7.75 -13.02
N CYS A 54 1.14 7.46 -12.45
CA CYS A 54 1.07 7.02 -11.06
C CYS A 54 1.67 5.64 -10.82
N LEU A 55 1.38 4.68 -11.70
CA LEU A 55 1.89 3.31 -11.55
C LEU A 55 3.17 3.08 -12.35
N GLY A 56 3.63 4.10 -13.07
CA GLY A 56 4.86 3.98 -13.87
C GLY A 56 6.09 4.32 -13.05
N GLU A 57 7.22 4.51 -13.74
CA GLU A 57 8.49 4.85 -13.10
C GLU A 57 8.94 3.77 -12.12
N LYS A 58 8.18 3.58 -11.05
CA LYS A 58 8.53 2.56 -10.04
C LYS A 58 8.61 1.17 -10.65
N LEU A 59 7.59 0.78 -11.40
CA LEU A 59 7.59 -0.54 -12.02
C LEU A 59 8.84 -0.66 -12.89
N CYS A 60 9.12 0.40 -13.63
CA CYS A 60 10.30 0.43 -14.48
C CYS A 60 11.56 0.41 -13.61
N ALA A 61 11.51 1.09 -12.47
CA ALA A 61 12.66 1.15 -11.57
C ALA A 61 12.98 -0.23 -11.00
N ASP A 62 11.93 -0.99 -10.68
CA ASP A 62 12.11 -2.31 -10.11
C ASP A 62 13.18 -3.10 -10.85
N GLY A 63 12.76 -3.88 -11.85
CA GLY A 63 13.70 -4.67 -12.62
C GLY A 63 14.44 -5.66 -11.71
N ALA A 64 13.77 -6.14 -10.68
CA ALA A 64 14.37 -7.07 -9.74
C ALA A 64 15.58 -6.43 -9.07
N VAL A 65 15.32 -5.63 -8.05
CA VAL A 65 16.39 -4.94 -7.32
C VAL A 65 16.96 -5.84 -6.23
N GLY A 66 18.03 -6.54 -6.58
CA GLY A 66 18.68 -7.44 -5.61
C GLY A 66 20.01 -7.94 -6.16
N PRO A 67 20.03 -8.42 -7.37
CA PRO A 67 21.27 -8.95 -8.01
C PRO A 67 22.04 -7.85 -8.74
N ALA A 68 21.59 -6.61 -8.58
CA ALA A 68 22.22 -5.47 -9.24
C ALA A 68 22.17 -5.65 -10.75
N THR A 69 21.06 -6.19 -11.23
CA THR A 69 20.87 -6.41 -12.67
C THR A 69 20.84 -5.08 -13.42
N ASN A 70 20.15 -4.11 -12.87
CA ASN A 70 20.03 -2.79 -13.50
C ASN A 70 21.40 -2.13 -13.65
N GLU A 71 22.26 -2.31 -12.65
CA GLU A 71 23.60 -1.72 -12.68
C GLU A 71 23.50 -0.20 -12.81
N SER A 72 22.62 0.41 -12.03
CA SER A 72 22.43 1.86 -12.05
C SER A 72 22.06 2.38 -10.67
N PRO A 73 23.03 2.49 -9.79
CA PRO A 73 22.80 2.99 -8.40
C PRO A 73 22.09 4.35 -8.39
N GLY A 74 22.43 5.20 -9.34
CA GLY A 74 21.84 6.52 -9.44
C GLY A 74 22.60 7.39 -10.44
N ILE A 75 22.59 6.97 -11.70
CA ILE A 75 23.29 7.71 -12.74
C ILE A 75 22.75 9.14 -12.84
N ASP A 76 21.54 9.26 -13.37
CA ASP A 76 20.91 10.58 -13.53
C ASP A 76 19.41 10.44 -13.72
N TYR A 77 18.96 10.40 -14.97
CA TYR A 77 17.54 10.28 -15.27
C TYR A 77 16.93 9.11 -14.54
N VAL A 78 17.76 8.15 -14.18
CA VAL A 78 17.28 6.96 -13.49
C VAL A 78 16.71 7.34 -12.12
N GLN A 79 17.30 8.35 -11.47
CA GLN A 79 16.85 8.78 -10.14
C GLN A 79 16.01 10.05 -10.20
N ILE A 80 15.76 10.55 -11.40
CA ILE A 80 14.93 11.76 -11.56
C ILE A 80 13.46 11.39 -11.53
N GLY A 81 13.14 10.15 -11.88
CA GLY A 81 11.75 9.70 -11.87
C GLY A 81 11.10 10.05 -10.53
N PHE A 82 9.80 10.31 -10.55
CA PHE A 82 9.07 10.68 -9.33
C PHE A 82 8.28 9.49 -8.77
N PRO A 83 8.74 8.83 -7.72
CA PRO A 83 7.98 7.70 -7.13
C PRO A 83 6.84 8.24 -6.26
N PRO A 84 5.85 7.44 -5.94
CA PRO A 84 4.72 7.92 -5.10
C PRO A 84 5.22 8.34 -3.72
N LEU A 85 4.69 9.47 -3.22
CA LEU A 85 5.08 9.99 -1.91
C LEU A 85 3.89 10.63 -1.20
N LEU A 86 4.18 11.22 -0.06
CA LEU A 86 3.16 11.86 0.76
C LEU A 86 2.51 13.04 0.03
N SER A 87 3.34 13.90 -0.56
CA SER A 87 2.82 15.08 -1.26
C SER A 87 2.02 14.70 -2.51
N ILE A 88 2.54 13.75 -3.27
CA ILE A 88 1.87 13.33 -4.50
C ILE A 88 0.51 12.74 -4.17
N VAL A 89 0.51 11.84 -3.21
CA VAL A 89 -0.72 11.17 -2.78
C VAL A 89 -1.68 12.16 -2.11
N SER A 90 -1.13 13.04 -1.29
CA SER A 90 -1.95 14.01 -0.56
C SER A 90 -2.80 14.85 -1.51
N ARG A 91 -2.30 15.09 -2.72
CA ARG A 91 -3.04 15.88 -3.70
C ARG A 91 -4.00 14.99 -4.47
N MET A 92 -3.72 13.69 -4.47
CA MET A 92 -4.58 12.75 -5.18
C MET A 92 -5.91 12.61 -4.46
N ASN A 93 -6.99 12.77 -5.21
CA ASN A 93 -8.34 12.67 -4.62
C ASN A 93 -8.71 11.22 -4.33
N GLN A 94 -9.59 11.03 -3.35
CA GLN A 94 -10.05 9.69 -3.00
C GLN A 94 -10.82 9.09 -4.17
N ALA A 95 -11.60 9.93 -4.83
CA ALA A 95 -12.40 9.50 -5.97
C ALA A 95 -11.52 9.11 -7.14
N THR A 96 -10.41 9.82 -7.35
CA THR A 96 -9.52 9.53 -8.47
C THR A 96 -8.92 8.14 -8.37
N VAL A 97 -8.35 7.79 -7.22
CA VAL A 97 -7.75 6.47 -7.07
C VAL A 97 -8.81 5.38 -7.04
N THR A 98 -10.02 5.75 -6.62
CA THR A 98 -11.12 4.78 -6.55
C THR A 98 -11.43 4.20 -7.94
N SER A 99 -11.49 5.07 -8.94
CA SER A 99 -11.76 4.64 -10.30
C SER A 99 -10.58 3.84 -10.86
N VAL A 100 -9.38 4.23 -10.44
CA VAL A 100 -8.16 3.57 -10.89
C VAL A 100 -8.16 2.09 -10.51
N LEU A 101 -8.93 1.76 -9.47
CA LEU A 101 -9.03 0.39 -9.00
C LEU A 101 -9.62 -0.51 -10.09
N GLU A 102 -10.51 0.06 -10.89
CA GLU A 102 -11.18 -0.71 -11.94
C GLU A 102 -10.21 -1.28 -12.96
N TYR A 103 -9.21 -0.51 -13.38
CA TYR A 103 -8.26 -0.99 -14.39
C TYR A 103 -7.49 -2.22 -13.89
N LEU A 104 -7.02 -2.17 -12.65
CA LEU A 104 -6.23 -3.27 -12.10
C LEU A 104 -7.04 -4.57 -12.10
N SER A 105 -8.31 -4.47 -11.77
CA SER A 105 -9.15 -5.65 -11.74
C SER A 105 -9.24 -6.30 -13.12
N ASN A 106 -9.25 -5.46 -14.15
CA ASN A 106 -9.35 -5.94 -15.52
C ASN A 106 -8.16 -6.82 -15.89
N TRP A 107 -6.99 -6.46 -15.38
CA TRP A 107 -5.78 -7.24 -15.66
C TRP A 107 -5.95 -8.70 -15.23
N PHE A 108 -6.59 -8.91 -14.08
CA PHE A 108 -6.79 -10.27 -13.58
C PHE A 108 -5.51 -11.08 -13.70
N GLY A 109 -5.46 -11.91 -14.72
CA GLY A 109 -4.29 -12.76 -14.94
C GLY A 109 -4.33 -13.99 -14.06
N GLU A 110 -5.51 -14.25 -13.50
CA GLU A 110 -5.71 -15.41 -12.63
C GLU A 110 -4.49 -15.71 -11.74
N ARG A 111 -3.81 -16.80 -12.04
CA ARG A 111 -2.65 -17.20 -11.26
C ARG A 111 -1.70 -16.03 -10.97
N ASP A 112 -1.92 -14.91 -11.64
CA ASP A 112 -1.05 -13.75 -11.42
C ASP A 112 -1.45 -13.03 -10.12
N PHE A 113 -0.46 -12.49 -9.42
CA PHE A 113 -0.72 -11.77 -8.18
C PHE A 113 0.54 -10.99 -7.78
N THR A 114 1.28 -10.56 -8.81
CA THR A 114 2.53 -9.80 -8.66
C THR A 114 2.69 -9.18 -7.25
N PRO A 115 3.76 -9.49 -6.52
CA PRO A 115 3.97 -8.92 -5.14
C PRO A 115 4.51 -7.49 -5.21
N GLU A 116 4.70 -7.00 -6.42
CA GLU A 116 5.18 -5.65 -6.63
C GLU A 116 4.09 -4.66 -6.21
N LEU A 117 2.85 -5.04 -6.48
CA LEU A 117 1.70 -4.22 -6.14
C LEU A 117 1.53 -4.13 -4.63
N GLY A 118 1.99 -5.14 -3.92
CA GLY A 118 1.86 -5.17 -2.47
C GLY A 118 2.49 -3.93 -1.83
N ARG A 119 3.66 -3.52 -2.31
CA ARG A 119 4.30 -2.33 -1.78
C ARG A 119 3.39 -1.12 -2.02
N TRP A 120 2.71 -1.17 -3.16
CA TRP A 120 1.78 -0.12 -3.56
C TRP A 120 0.47 -0.23 -2.77
N LEU A 121 0.06 -1.47 -2.49
CA LEU A 121 -1.19 -1.73 -1.78
C LEU A 121 -1.31 -0.97 -0.45
N TYR A 122 -0.24 -0.95 0.33
CA TYR A 122 -0.29 -0.25 1.61
C TYR A 122 -0.61 1.23 1.41
N ALA A 123 -0.03 1.80 0.37
CA ALA A 123 -0.25 3.21 0.07
C ALA A 123 -1.72 3.50 -0.23
N LEU A 124 -2.40 2.54 -0.83
CA LEU A 124 -3.81 2.71 -1.20
C LEU A 124 -4.69 2.94 0.03
N LEU A 125 -4.48 2.13 1.07
CA LEU A 125 -5.29 2.24 2.27
C LEU A 125 -5.08 3.60 2.95
N ALA A 126 -3.83 4.07 2.98
CA ALA A 126 -3.51 5.34 3.62
C ALA A 126 -4.07 6.52 2.82
N CYS A 127 -4.55 6.27 1.61
CA CYS A 127 -5.08 7.33 0.76
C CYS A 127 -6.53 7.64 1.10
N LEU A 128 -7.19 6.76 1.86
CA LEU A 128 -8.59 6.97 2.24
C LEU A 128 -8.69 7.67 3.59
N GLU A 129 -9.64 8.60 3.69
CA GLU A 129 -9.87 9.36 4.93
C GLU A 129 -11.36 9.52 5.17
N LYS A 130 -11.73 9.83 6.40
CA LYS A 130 -13.14 10.02 6.74
C LYS A 130 -13.93 8.76 6.30
N PRO A 131 -15.22 8.70 6.53
CA PRO A 131 -16.02 7.50 6.13
C PRO A 131 -15.99 7.29 4.61
N LEU A 132 -15.98 6.02 4.21
CA LEU A 132 -15.95 5.66 2.79
C LEU A 132 -17.35 5.62 2.20
N LEU A 133 -17.47 6.10 0.96
CA LEU A 133 -18.77 6.12 0.29
C LEU A 133 -19.33 4.69 0.21
N PRO A 134 -20.64 4.50 0.09
CA PRO A 134 -21.21 3.13 0.00
C PRO A 134 -20.48 2.26 -1.03
N GLU A 135 -20.18 2.85 -2.18
CA GLU A 135 -19.49 2.14 -3.24
C GLU A 135 -18.09 1.75 -2.82
N ALA A 136 -17.39 2.70 -2.20
CA ALA A 136 -16.01 2.48 -1.77
C ALA A 136 -15.95 1.36 -0.72
N HIS A 137 -16.92 1.34 0.18
CA HIS A 137 -16.98 0.31 1.23
C HIS A 137 -17.22 -1.06 0.61
N SER A 138 -18.09 -1.10 -0.39
CA SER A 138 -18.42 -2.35 -1.05
C SER A 138 -17.21 -2.96 -1.77
N LEU A 139 -16.44 -2.11 -2.44
CA LEU A 139 -15.28 -2.57 -3.22
C LEU A 139 -14.19 -3.21 -2.36
N ILE A 140 -13.88 -2.62 -1.21
CA ILE A 140 -12.83 -3.18 -0.35
C ILE A 140 -13.17 -4.60 0.05
N ARG A 141 -14.46 -4.90 0.14
CA ARG A 141 -14.91 -6.24 0.49
C ARG A 141 -14.65 -7.22 -0.65
N GLN A 142 -14.86 -6.76 -1.89
CA GLN A 142 -14.69 -7.60 -3.08
C GLN A 142 -13.27 -8.14 -3.24
N LEU A 143 -12.27 -7.26 -3.11
CA LEU A 143 -10.88 -7.67 -3.29
C LEU A 143 -10.44 -8.68 -2.24
N ALA A 144 -10.96 -8.55 -1.03
CA ALA A 144 -10.58 -9.47 0.05
C ALA A 144 -10.99 -10.90 -0.28
N ARG A 145 -12.13 -11.05 -0.95
CA ARG A 145 -12.64 -12.37 -1.31
C ARG A 145 -11.71 -13.07 -2.32
N ARG A 146 -11.16 -12.31 -3.26
CA ARG A 146 -10.27 -12.89 -4.26
C ARG A 146 -9.01 -13.45 -3.62
N CYS A 147 -8.49 -12.73 -2.62
CA CYS A 147 -7.29 -13.16 -1.92
C CYS A 147 -7.49 -14.50 -1.23
N SER A 148 -8.68 -14.73 -0.68
CA SER A 148 -8.97 -15.98 0.02
C SER A 148 -8.89 -17.18 -0.93
N GLU A 149 -9.29 -16.97 -2.19
CA GLU A 149 -9.28 -18.06 -3.17
C GLU A 149 -7.85 -18.54 -3.47
N VAL A 150 -6.92 -17.60 -3.56
CA VAL A 150 -5.53 -17.94 -3.86
C VAL A 150 -4.90 -18.78 -2.74
N ARG A 151 -5.20 -18.41 -1.51
CA ARG A 151 -4.65 -19.09 -0.34
C ARG A 151 -5.07 -20.56 -0.28
N LEU A 152 -6.31 -20.85 -0.61
CA LEU A 152 -6.78 -22.24 -0.60
C LEU A 152 -6.01 -23.06 -1.64
N LEU A 153 -5.76 -22.43 -2.79
CA LEU A 153 -5.04 -23.08 -3.88
C LEU A 153 -3.62 -23.46 -3.48
N VAL A 154 -2.98 -22.59 -2.68
CA VAL A 154 -1.60 -22.83 -2.22
C VAL A 154 -1.31 -24.32 -2.01
N ASP A 155 -0.17 -24.76 -2.51
CA ASP A 155 0.24 -26.15 -2.40
C ASP A 155 0.44 -26.55 -0.94
N SER A 156 1.04 -25.66 -0.14
CA SER A 156 1.29 -25.96 1.28
C SER A 156 1.36 -24.70 2.13
N LYS A 157 1.03 -24.85 3.41
CA LYS A 157 1.04 -23.73 4.36
C LYS A 157 2.46 -23.16 4.51
N ASP A 158 3.46 -23.98 4.16
CA ASP A 158 4.84 -23.56 4.29
C ASP A 158 5.25 -22.62 3.16
N ASP A 159 4.26 -22.16 2.41
CA ASP A 159 4.52 -21.24 1.31
C ASP A 159 5.39 -20.05 1.79
N GLU A 160 5.59 -19.96 3.11
CA GLU A 160 6.40 -18.89 3.70
C GLU A 160 5.73 -17.52 3.55
N ARG A 161 4.87 -17.37 2.55
CA ARG A 161 4.17 -16.10 2.31
C ARG A 161 2.76 -16.16 2.91
N VAL A 162 2.20 -17.36 2.97
CA VAL A 162 0.85 -17.55 3.50
C VAL A 162 0.71 -16.91 4.91
N PRO A 163 1.65 -17.12 5.80
CA PRO A 163 1.55 -16.54 7.18
C PRO A 163 1.33 -15.03 7.16
N ALA A 164 2.07 -14.31 6.33
CA ALA A 164 1.89 -12.86 6.22
C ALA A 164 0.50 -12.54 5.68
N LEU A 165 0.07 -13.33 4.70
CA LEU A 165 -1.23 -13.13 4.09
C LEU A 165 -2.36 -13.33 5.08
N ASN A 166 -2.21 -14.34 5.95
CA ASN A 166 -3.25 -14.62 6.92
C ASN A 166 -3.52 -13.41 7.81
N LEU A 167 -2.45 -12.75 8.26
CA LEU A 167 -2.59 -11.57 9.11
C LEU A 167 -3.21 -10.42 8.32
N LEU A 168 -2.93 -10.39 7.02
CA LEU A 168 -3.41 -9.34 6.13
C LEU A 168 -4.94 -9.29 6.10
N ILE A 169 -5.57 -10.46 6.05
CA ILE A 169 -7.03 -10.52 5.99
C ILE A 169 -7.65 -9.96 7.28
N CYS A 170 -7.08 -10.34 8.41
CA CYS A 170 -7.59 -9.88 9.71
C CYS A 170 -7.63 -8.36 9.77
N LEU A 171 -6.64 -7.72 9.17
CA LEU A 171 -6.52 -6.27 9.17
C LEU A 171 -7.76 -5.61 8.54
N VAL A 172 -8.20 -6.14 7.40
CA VAL A 172 -9.35 -5.60 6.70
C VAL A 172 -10.64 -5.66 7.53
N SER A 173 -10.87 -6.80 8.18
CA SER A 173 -12.08 -7.01 8.97
C SER A 173 -12.19 -6.07 10.18
N ARG A 174 -11.07 -5.76 10.80
CA ARG A 174 -11.07 -4.90 12.00
C ARG A 174 -11.09 -3.42 11.65
N TYR A 175 -10.28 -3.03 10.68
CA TYR A 175 -10.23 -1.62 10.31
C TYR A 175 -11.57 -1.13 9.80
N PHE A 176 -12.20 -1.92 8.93
CA PHE A 176 -13.50 -1.56 8.37
C PHE A 176 -14.63 -2.12 9.21
N ASP A 177 -14.26 -2.91 10.22
CA ASP A 177 -15.22 -3.53 11.12
C ASP A 177 -16.18 -4.45 10.36
N GLN A 178 -15.69 -5.05 9.29
CA GLN A 178 -16.51 -5.96 8.49
C GLN A 178 -16.56 -7.32 9.18
N ARG A 179 -17.46 -7.44 10.15
CA ARG A 179 -17.59 -8.68 10.92
C ARG A 179 -18.10 -9.83 10.05
N ASP A 180 -18.71 -9.51 8.91
CA ASP A 180 -19.22 -10.55 8.03
C ASP A 180 -18.05 -11.34 7.44
N LEU A 181 -16.93 -10.66 7.21
CA LEU A 181 -15.74 -11.29 6.64
C LEU A 181 -14.81 -11.79 7.75
N ALA A 182 -15.13 -11.41 8.99
CA ALA A 182 -14.31 -11.82 10.12
C ALA A 182 -14.38 -13.33 10.31
N ASP A 183 -13.25 -13.92 10.71
CA ASP A 183 -13.19 -15.37 10.93
C ASP A 183 -13.63 -15.70 12.36
N GLU A 184 -14.93 -15.80 12.57
CA GLU A 184 -15.47 -16.12 13.89
C GLU A 184 -15.37 -17.64 14.15
N PRO A 185 -15.21 -18.07 15.38
CA PRO A 185 -15.11 -19.52 15.69
C PRO A 185 -16.46 -20.22 15.58
N SER A 186 -17.20 -20.28 16.68
CA SER A 186 -18.51 -20.93 16.69
C SER A 186 -19.38 -20.33 17.79
N LEU A 187 -19.06 -19.11 18.21
CA LEU A 187 -19.82 -18.44 19.26
C LEU A 187 -19.79 -19.26 20.54
N GLU A 188 -19.08 -20.38 20.51
CA GLU A 188 -18.99 -21.24 21.68
C GLU A 188 -20.38 -21.57 22.21
N TYR A 189 -21.36 -21.56 21.32
CA TYR A 189 -22.73 -21.87 21.69
C TYR A 189 -23.55 -22.19 20.45
N GLY B 1 20.20 29.75 10.72
CA GLY B 1 20.61 30.78 9.72
C GLY B 1 19.73 30.65 8.47
N GLN B 2 20.36 30.26 7.36
CA GLN B 2 19.63 30.10 6.10
C GLN B 2 18.60 28.98 6.20
N SER B 3 18.99 27.88 6.84
CA SER B 3 18.09 26.74 6.99
C SER B 3 18.53 25.86 8.16
N ASP B 4 17.66 24.95 8.58
CA ASP B 4 17.96 24.06 9.68
C ASP B 4 17.05 22.84 9.62
N ASP B 5 17.50 21.83 8.90
CA ASP B 5 16.71 20.62 8.74
C ASP B 5 16.77 19.78 10.01
N SER B 6 15.89 18.77 10.10
CA SER B 6 15.85 17.90 11.27
C SER B 6 15.26 16.53 10.90
N ASP B 7 14.22 16.13 11.65
CA ASP B 7 13.56 14.83 11.40
C ASP B 7 12.44 14.98 10.38
N ILE B 8 12.38 16.13 9.73
CA ILE B 8 11.34 16.40 8.74
C ILE B 8 11.28 15.26 7.71
N TRP B 9 12.20 14.31 7.78
CA TRP B 9 12.21 13.18 6.85
C TRP B 9 11.33 12.05 7.36
N ASP B 10 11.90 10.85 7.43
CA ASP B 10 11.14 9.69 7.90
C ASP B 10 9.85 9.56 7.10
N ASP B 11 9.82 10.22 5.95
CA ASP B 11 8.65 10.18 5.09
C ASP B 11 8.52 8.79 4.47
N THR B 12 9.65 8.09 4.38
CA THR B 12 9.67 6.74 3.83
C THR B 12 9.16 5.77 4.89
N ALA B 13 8.62 6.34 5.96
CA ALA B 13 8.09 5.56 7.07
C ALA B 13 7.08 4.54 6.57
N LEU B 14 6.30 4.93 5.57
CA LEU B 14 5.30 4.03 5.01
C LEU B 14 5.97 2.82 4.38
N ILE B 15 7.10 3.07 3.71
CA ILE B 15 7.81 2.00 3.03
C ILE B 15 8.35 0.98 4.03
N LYS B 16 8.91 1.48 5.13
CA LYS B 16 9.47 0.61 6.16
C LYS B 16 8.40 -0.34 6.71
N ALA B 17 7.19 0.16 6.81
CA ALA B 17 6.09 -0.62 7.36
C ALA B 17 5.86 -1.90 6.54
N TYR B 18 6.21 -1.87 5.27
CA TYR B 18 6.03 -3.02 4.40
C TYR B 18 6.84 -4.24 4.91
N ASP B 19 8.10 -4.00 5.21
CA ASP B 19 9.00 -5.07 5.67
C ASP B 19 8.60 -5.64 7.04
N LYS B 20 8.22 -4.77 7.97
CA LYS B 20 7.87 -5.22 9.32
C LYS B 20 6.65 -6.14 9.34
N ALA B 21 5.62 -5.78 8.56
CA ALA B 21 4.41 -6.58 8.51
C ALA B 21 4.71 -7.97 7.96
N VAL B 22 5.54 -8.01 6.93
CA VAL B 22 5.91 -9.28 6.32
C VAL B 22 6.85 -10.05 7.25
N ALA B 23 7.54 -9.32 8.12
CA ALA B 23 8.47 -9.93 9.06
C ALA B 23 7.72 -10.88 9.99
N SER B 24 6.42 -10.65 10.12
CA SER B 24 5.58 -11.48 10.99
C SER B 24 5.77 -12.97 10.71
N PHE B 25 6.56 -13.29 9.69
CA PHE B 25 6.83 -14.67 9.35
C PHE B 25 7.48 -15.39 10.54
N LYS B 26 8.46 -14.74 11.15
CA LYS B 26 9.15 -15.32 12.28
C LYS B 26 8.16 -15.67 13.39
N GLY A 1 -0.97 -12.01 28.49
CA GLY A 1 -1.42 -13.33 29.02
C GLY A 1 -1.90 -14.20 27.86
N TYR A 2 -2.01 -15.51 28.12
CA TYR A 2 -2.44 -16.44 27.10
C TYR A 2 -3.86 -16.09 26.62
N SER A 3 -4.80 -15.93 27.56
CA SER A 3 -6.16 -15.61 27.18
C SER A 3 -6.21 -14.24 26.48
N PRO A 4 -5.75 -13.18 27.12
CA PRO A 4 -5.74 -11.83 26.49
C PRO A 4 -4.58 -11.67 25.51
N THR A 5 -4.87 -11.84 24.22
CA THR A 5 -3.85 -11.73 23.17
C THR A 5 -4.14 -10.53 22.29
N LEU A 6 -4.96 -9.61 22.81
CA LEU A 6 -5.33 -8.42 22.09
C LEU A 6 -4.11 -7.56 21.79
N GLN A 7 -3.20 -7.47 22.76
CA GLN A 7 -2.00 -6.66 22.59
C GLN A 7 -1.23 -7.09 21.34
N TRP A 8 -1.05 -8.38 21.17
CA TRP A 8 -0.33 -8.88 20.01
C TRP A 8 -1.10 -8.58 18.72
N GLN A 9 -2.41 -8.76 18.76
CA GLN A 9 -3.25 -8.55 17.59
C GLN A 9 -3.30 -7.07 17.14
N GLN A 10 -3.37 -6.16 18.10
CA GLN A 10 -3.45 -4.73 17.75
C GLN A 10 -2.21 -4.26 17.01
N GLN A 11 -1.05 -4.80 17.38
CA GLN A 11 0.21 -4.40 16.74
C GLN A 11 0.04 -4.26 15.21
N GLN A 12 -0.73 -5.15 14.61
CA GLN A 12 -0.92 -5.11 13.15
C GLN A 12 -1.57 -3.78 12.72
N VAL A 13 -2.83 -3.60 13.06
CA VAL A 13 -3.54 -2.37 12.69
C VAL A 13 -2.90 -1.16 13.34
N ALA A 14 -2.49 -1.32 14.59
CA ALA A 14 -1.85 -0.24 15.35
C ALA A 14 -0.91 0.56 14.46
N GLN A 15 -0.23 -0.14 13.56
CA GLN A 15 0.74 0.50 12.67
C GLN A 15 0.05 1.52 11.75
N PHE A 16 -1.15 1.19 11.31
CA PHE A 16 -1.88 2.07 10.40
C PHE A 16 -2.12 3.44 11.02
N SER A 17 -2.59 3.47 12.27
CA SER A 17 -2.84 4.73 12.95
C SER A 17 -1.55 5.52 13.05
N THR A 18 -0.48 4.79 13.31
CA THR A 18 0.85 5.36 13.43
C THR A 18 1.29 5.99 12.11
N VAL A 19 1.01 5.32 11.00
CA VAL A 19 1.41 5.82 9.69
C VAL A 19 0.83 7.23 9.45
N ARG A 20 -0.43 7.45 9.84
CA ARG A 20 -1.05 8.75 9.65
C ARG A 20 -0.26 9.85 10.37
N GLN A 21 0.28 9.50 11.53
CA GLN A 21 1.05 10.47 12.31
C GLN A 21 2.29 10.93 11.54
N ASN A 22 2.90 10.01 10.82
CA ASN A 22 4.11 10.30 10.05
C ASN A 22 3.84 11.29 8.94
N VAL A 23 2.69 11.17 8.30
CA VAL A 23 2.33 12.05 7.19
C VAL A 23 2.23 13.50 7.67
N ASN A 24 1.62 13.69 8.83
CA ASN A 24 1.43 15.01 9.39
C ASN A 24 2.78 15.72 9.61
N LYS A 25 3.76 14.96 10.07
CA LYS A 25 5.10 15.51 10.33
C LYS A 25 5.73 16.05 9.06
N HIS A 26 5.55 15.32 7.95
CA HIS A 26 6.14 15.70 6.67
C HIS A 26 5.27 16.72 5.93
N ARG A 27 4.13 17.08 6.52
CA ARG A 27 3.25 18.04 5.86
C ARG A 27 3.99 19.36 5.63
N SER A 28 4.71 19.80 6.65
CA SER A 28 5.47 21.04 6.56
C SER A 28 6.66 20.88 5.60
N HIS A 29 7.23 19.68 5.59
CA HIS A 29 8.39 19.39 4.74
C HIS A 29 8.05 19.56 3.26
N TRP A 30 6.97 18.94 2.81
CA TRP A 30 6.57 19.05 1.41
C TRP A 30 6.07 20.46 1.06
N LYS A 31 5.43 21.09 2.02
CA LYS A 31 4.89 22.44 1.82
C LYS A 31 6.00 23.42 1.46
N SER A 32 7.16 23.24 2.08
CA SER A 32 8.29 24.13 1.83
C SER A 32 9.01 23.75 0.53
N GLN A 33 8.59 22.65 -0.09
CA GLN A 33 9.21 22.19 -1.36
C GLN A 33 8.43 22.70 -2.56
N GLN A 34 9.09 22.70 -3.72
CA GLN A 34 8.45 23.17 -4.95
C GLN A 34 7.56 22.09 -5.56
N LEU A 35 7.92 21.61 -6.75
CA LEU A 35 7.16 20.57 -7.44
C LEU A 35 7.14 19.28 -6.64
N ASP A 36 8.25 18.94 -6.02
CA ASP A 36 8.32 17.71 -5.25
C ASP A 36 7.17 17.65 -4.28
N SER A 37 6.52 18.79 -4.07
CA SER A 37 5.40 18.86 -3.15
C SER A 37 4.27 17.94 -3.58
N ASN A 38 3.97 17.92 -4.87
CA ASN A 38 2.90 17.08 -5.39
C ASN A 38 3.01 17.01 -6.90
N VAL A 39 4.17 17.45 -7.37
CA VAL A 39 4.49 17.47 -8.79
C VAL A 39 3.28 17.71 -9.68
N THR A 40 3.42 17.38 -10.97
CA THR A 40 2.35 17.58 -11.96
C THR A 40 1.66 16.27 -12.32
N MET A 41 0.32 16.30 -12.33
CA MET A 41 -0.47 15.14 -12.68
C MET A 41 -0.63 15.02 -14.20
N PRO A 42 -0.80 13.84 -14.74
CA PRO A 42 -0.95 13.65 -16.21
C PRO A 42 -2.36 14.02 -16.71
N LYS A 43 -2.89 15.13 -16.22
CA LYS A 43 -4.22 15.58 -16.62
C LYS A 43 -5.28 14.51 -16.35
N SER A 44 -6.38 14.94 -15.76
CA SER A 44 -7.46 14.02 -15.46
C SER A 44 -8.07 13.46 -16.74
N GLU A 45 -7.92 14.22 -17.83
CA GLU A 45 -8.46 13.79 -19.12
C GLU A 45 -7.72 12.56 -19.65
N ASP A 46 -6.56 12.25 -19.07
CA ASP A 46 -5.77 11.08 -19.51
C ASP A 46 -5.67 10.07 -18.37
N GLU A 47 -6.79 9.40 -18.07
CA GLU A 47 -6.84 8.43 -16.99
C GLU A 47 -5.71 7.40 -17.11
N GLU A 48 -5.37 7.03 -18.34
CA GLU A 48 -4.32 6.05 -18.57
C GLU A 48 -2.99 6.55 -17.99
N GLY A 49 -2.77 7.86 -18.10
CA GLY A 49 -1.54 8.48 -17.61
C GLY A 49 -1.43 8.35 -16.09
N TRP A 50 -2.57 8.43 -15.39
CA TRP A 50 -2.56 8.33 -13.93
C TRP A 50 -2.01 6.99 -13.47
N LYS A 51 -2.47 5.90 -14.09
CA LYS A 51 -2.01 4.56 -13.72
C LYS A 51 -0.50 4.46 -13.95
N LYS A 52 -0.09 4.89 -15.13
CA LYS A 52 1.32 4.85 -15.52
C LYS A 52 2.17 5.77 -14.65
N PHE A 53 1.69 6.98 -14.43
CA PHE A 53 2.40 7.98 -13.65
C PHE A 53 2.52 7.58 -12.17
N CYS A 54 1.40 7.19 -11.56
CA CYS A 54 1.39 6.82 -10.15
C CYS A 54 2.11 5.49 -9.88
N LEU A 55 1.88 4.48 -10.72
CA LEU A 55 2.53 3.17 -10.53
C LEU A 55 3.83 3.09 -11.31
N GLY A 56 4.17 4.18 -12.00
CA GLY A 56 5.39 4.21 -12.79
C GLY A 56 5.37 3.15 -13.87
N GLU A 57 6.54 2.90 -14.47
CA GLU A 57 6.68 1.91 -15.54
C GLU A 57 8.00 1.16 -15.39
N LYS A 58 8.94 1.76 -14.68
CA LYS A 58 10.25 1.15 -14.47
C LYS A 58 10.13 -0.15 -13.68
N LEU A 59 9.10 -0.23 -12.84
CA LEU A 59 8.89 -1.44 -12.05
C LEU A 59 8.63 -2.61 -12.99
N CYS A 60 7.83 -2.35 -14.02
CA CYS A 60 7.51 -3.37 -15.02
C CYS A 60 8.77 -3.80 -15.77
N ALA A 61 9.64 -2.85 -16.08
CA ALA A 61 10.86 -3.14 -16.80
C ALA A 61 11.74 -4.10 -16.02
N ASP A 62 11.95 -3.80 -14.74
CA ASP A 62 12.77 -4.65 -13.89
C ASP A 62 12.73 -4.19 -12.45
N GLY A 63 13.07 -2.92 -12.23
CA GLY A 63 13.07 -2.34 -10.89
C GLY A 63 14.38 -2.68 -10.15
N ALA A 64 15.35 -3.20 -10.89
CA ALA A 64 16.64 -3.56 -10.28
C ALA A 64 16.42 -4.33 -8.98
N VAL A 65 15.77 -5.48 -9.09
CA VAL A 65 15.52 -6.30 -7.91
C VAL A 65 16.83 -6.77 -7.28
N GLY A 66 17.75 -7.25 -8.12
CA GLY A 66 19.04 -7.72 -7.64
C GLY A 66 19.86 -8.34 -8.77
N PRO A 67 19.27 -9.26 -9.49
CA PRO A 67 19.96 -9.97 -10.63
C PRO A 67 20.50 -8.98 -11.67
N ALA A 68 19.75 -7.92 -11.93
CA ALA A 68 20.16 -6.90 -12.92
C ALA A 68 20.61 -5.63 -12.21
N THR A 69 21.85 -5.64 -11.71
CA THR A 69 22.41 -4.48 -11.01
C THR A 69 23.56 -3.88 -11.79
N ASN A 70 24.11 -4.65 -12.72
CA ASN A 70 25.22 -4.17 -13.53
C ASN A 70 24.69 -3.20 -14.57
N GLU A 71 23.40 -2.87 -14.45
CA GLU A 71 22.75 -1.94 -15.40
C GLU A 71 22.67 -0.54 -14.80
N SER A 72 23.83 0.09 -14.64
CA SER A 72 23.89 1.44 -14.07
C SER A 72 25.10 2.20 -14.62
N PRO A 73 25.25 2.23 -15.92
CA PRO A 73 26.38 2.95 -16.58
C PRO A 73 26.28 4.46 -16.39
N GLY A 74 25.08 4.92 -16.05
CA GLY A 74 24.85 6.35 -15.83
C GLY A 74 23.36 6.60 -15.61
N ILE A 75 22.97 6.73 -14.34
CA ILE A 75 21.57 6.95 -14.00
C ILE A 75 21.22 8.44 -14.05
N ASP A 76 20.17 8.77 -14.79
CA ASP A 76 19.71 10.16 -14.90
C ASP A 76 18.28 10.26 -14.37
N TYR A 77 18.12 10.96 -13.27
CA TYR A 77 16.81 11.11 -12.64
C TYR A 77 15.77 11.59 -13.65
N VAL A 78 16.22 12.15 -14.76
CA VAL A 78 15.29 12.66 -15.77
C VAL A 78 14.44 11.53 -16.36
N GLN A 79 15.01 10.32 -16.48
CA GLN A 79 14.28 9.17 -17.06
C GLN A 79 13.65 8.31 -15.96
N ILE A 80 13.70 8.80 -14.73
CA ILE A 80 13.13 8.08 -13.59
C ILE A 80 11.77 8.66 -13.23
N GLY A 81 11.56 9.91 -13.59
CA GLY A 81 10.29 10.58 -13.30
C GLY A 81 10.10 10.78 -11.79
N PHE A 82 8.92 11.28 -11.43
CA PHE A 82 8.59 11.52 -10.02
C PHE A 82 8.05 10.23 -9.38
N PRO A 83 8.68 9.67 -8.36
CA PRO A 83 8.17 8.42 -7.72
C PRO A 83 7.00 8.72 -6.80
N PRO A 84 6.19 7.75 -6.48
CA PRO A 84 5.02 7.97 -5.57
C PRO A 84 5.47 8.34 -4.16
N LEU A 85 4.78 9.31 -3.56
CA LEU A 85 5.12 9.75 -2.20
C LEU A 85 3.86 10.15 -1.46
N LEU A 86 3.99 10.35 -0.17
CA LEU A 86 2.87 10.73 0.67
C LEU A 86 2.33 12.10 0.21
N SER A 87 3.23 13.00 -0.13
CA SER A 87 2.83 14.35 -0.56
C SER A 87 1.97 14.30 -1.82
N ILE A 88 2.40 13.50 -2.80
CA ILE A 88 1.64 13.39 -4.05
C ILE A 88 0.30 12.73 -3.77
N VAL A 89 0.36 11.68 -2.98
CA VAL A 89 -0.82 10.92 -2.62
C VAL A 89 -1.76 11.77 -1.78
N SER A 90 -1.19 12.57 -0.87
CA SER A 90 -2.00 13.42 -0.01
C SER A 90 -2.87 14.35 -0.84
N ARG A 91 -2.41 14.68 -2.05
CA ARG A 91 -3.18 15.56 -2.94
C ARG A 91 -4.18 14.74 -3.74
N MET A 92 -3.92 13.44 -3.87
CA MET A 92 -4.81 12.57 -4.63
C MET A 92 -6.14 12.41 -3.90
N ASN A 93 -7.22 12.56 -4.64
CA ASN A 93 -8.55 12.43 -4.05
C ASN A 93 -8.89 10.97 -3.74
N GLN A 94 -9.73 10.77 -2.74
CA GLN A 94 -10.14 9.42 -2.35
C GLN A 94 -10.91 8.77 -3.48
N ALA A 95 -11.78 9.56 -4.10
CA ALA A 95 -12.61 9.09 -5.20
C ALA A 95 -11.80 8.79 -6.46
N THR A 96 -10.76 9.56 -6.74
CA THR A 96 -9.97 9.35 -7.96
C THR A 96 -9.33 7.97 -8.00
N VAL A 97 -8.64 7.58 -6.94
CA VAL A 97 -8.00 6.28 -6.91
C VAL A 97 -9.03 5.16 -6.84
N THR A 98 -10.20 5.48 -6.30
CA THR A 98 -11.26 4.48 -6.15
C THR A 98 -11.70 3.95 -7.52
N SER A 99 -11.87 4.85 -8.48
CA SER A 99 -12.28 4.45 -9.83
C SER A 99 -11.15 3.67 -10.51
N VAL A 100 -9.93 4.06 -10.19
CA VAL A 100 -8.74 3.43 -10.78
C VAL A 100 -8.65 1.96 -10.36
N LEU A 101 -9.36 1.60 -9.29
CA LEU A 101 -9.34 0.23 -8.78
C LEU A 101 -9.89 -0.77 -9.80
N GLU A 102 -10.97 -0.40 -10.48
CA GLU A 102 -11.60 -1.31 -11.45
C GLU A 102 -10.64 -1.67 -12.58
N TYR A 103 -9.96 -0.67 -13.10
CA TYR A 103 -9.00 -0.88 -14.20
C TYR A 103 -7.81 -1.73 -13.72
N LEU A 104 -7.53 -1.63 -12.44
CA LEU A 104 -6.42 -2.36 -11.83
C LEU A 104 -6.67 -3.86 -11.95
N SER A 105 -7.89 -4.28 -11.65
CA SER A 105 -8.26 -5.69 -11.70
C SER A 105 -8.31 -6.20 -13.14
N ASN A 106 -8.62 -5.31 -14.08
CA ASN A 106 -8.71 -5.69 -15.49
C ASN A 106 -7.36 -6.16 -16.03
N TRP A 107 -6.28 -5.51 -15.60
CA TRP A 107 -4.96 -5.88 -16.09
C TRP A 107 -4.64 -7.35 -15.81
N PHE A 108 -4.99 -7.82 -14.63
CA PHE A 108 -4.71 -9.20 -14.27
C PHE A 108 -3.29 -9.59 -14.60
N GLY A 109 -3.10 -10.19 -15.77
CA GLY A 109 -1.77 -10.60 -16.19
C GLY A 109 -1.37 -11.94 -15.57
N GLU A 110 -2.35 -12.80 -15.36
CA GLU A 110 -2.10 -14.11 -14.76
C GLU A 110 -1.37 -13.95 -13.42
N ARG A 111 -0.83 -15.06 -12.91
CA ARG A 111 -0.12 -15.08 -11.62
C ARG A 111 -0.75 -14.09 -10.65
N ASP A 112 -1.62 -14.58 -9.80
CA ASP A 112 -2.27 -13.73 -8.83
C ASP A 112 -1.30 -13.40 -7.70
N PHE A 113 -1.67 -12.43 -6.87
CA PHE A 113 -0.82 -12.00 -5.77
C PHE A 113 0.52 -11.51 -6.33
N THR A 114 1.14 -10.57 -5.65
CA THR A 114 2.41 -10.05 -6.11
C THR A 114 3.04 -9.16 -5.01
N PRO A 115 4.31 -9.34 -4.66
CA PRO A 115 4.96 -8.55 -3.57
C PRO A 115 5.23 -7.08 -3.95
N GLU A 116 5.32 -6.80 -5.24
CA GLU A 116 5.59 -5.43 -5.68
C GLU A 116 4.40 -4.50 -5.41
N LEU A 117 3.21 -5.02 -5.67
CA LEU A 117 1.98 -4.25 -5.47
C LEU A 117 1.70 -4.02 -3.99
N GLY A 118 2.17 -4.92 -3.14
CA GLY A 118 1.93 -4.79 -1.70
C GLY A 118 2.46 -3.46 -1.18
N ARG A 119 3.59 -3.01 -1.70
CA ARG A 119 4.15 -1.73 -1.28
C ARG A 119 3.15 -0.62 -1.63
N TRP A 120 2.54 -0.78 -2.79
CA TRP A 120 1.55 0.18 -3.27
C TRP A 120 0.26 0.06 -2.49
N LEU A 121 -0.09 -1.18 -2.12
CA LEU A 121 -1.33 -1.47 -1.41
C LEU A 121 -1.46 -0.63 -0.12
N TYR A 122 -0.37 -0.52 0.63
CA TYR A 122 -0.41 0.24 1.88
C TYR A 122 -0.77 1.70 1.60
N ALA A 123 -0.25 2.23 0.51
CA ALA A 123 -0.50 3.62 0.14
C ALA A 123 -1.99 3.87 -0.11
N LEU A 124 -2.69 2.87 -0.64
CA LEU A 124 -4.11 3.01 -0.95
C LEU A 124 -4.94 3.31 0.30
N LEU A 125 -4.70 2.56 1.36
CA LEU A 125 -5.45 2.76 2.60
C LEU A 125 -5.15 4.15 3.19
N ALA A 126 -3.89 4.55 3.10
CA ALA A 126 -3.47 5.85 3.63
C ALA A 126 -4.25 6.98 2.96
N CYS A 127 -4.77 6.74 1.77
CA CYS A 127 -5.53 7.77 1.05
C CYS A 127 -6.98 7.79 1.55
N LEU A 128 -7.39 6.74 2.26
CA LEU A 128 -8.74 6.63 2.80
C LEU A 128 -8.73 7.00 4.29
N GLU A 129 -9.58 7.95 4.66
CA GLU A 129 -9.67 8.39 6.06
C GLU A 129 -11.05 9.02 6.30
N LYS A 130 -11.69 9.47 5.22
CA LYS A 130 -13.02 10.08 5.32
C LYS A 130 -14.06 8.95 5.37
N PRO A 131 -15.32 9.26 5.39
CA PRO A 131 -16.39 8.22 5.43
C PRO A 131 -16.33 7.36 4.16
N LEU A 132 -16.62 6.08 4.31
CA LEU A 132 -16.59 5.15 3.17
C LEU A 132 -17.95 5.13 2.48
N LEU A 133 -17.96 5.47 1.19
CA LEU A 133 -19.20 5.48 0.43
C LEU A 133 -19.71 4.04 0.28
N PRO A 134 -20.99 3.82 0.06
CA PRO A 134 -21.52 2.43 -0.12
C PRO A 134 -20.70 1.63 -1.14
N GLU A 135 -20.37 2.30 -2.25
CA GLU A 135 -19.59 1.67 -3.32
C GLU A 135 -18.16 1.35 -2.86
N ALA A 136 -17.51 2.31 -2.20
CA ALA A 136 -16.14 2.12 -1.75
C ALA A 136 -16.06 0.98 -0.74
N HIS A 137 -17.05 0.90 0.14
CA HIS A 137 -17.09 -0.14 1.16
C HIS A 137 -17.31 -1.51 0.52
N SER A 138 -18.18 -1.54 -0.50
CA SER A 138 -18.49 -2.78 -1.19
C SER A 138 -17.28 -3.36 -1.93
N LEU A 139 -16.53 -2.49 -2.62
CA LEU A 139 -15.38 -2.93 -3.40
C LEU A 139 -14.27 -3.57 -2.55
N ILE A 140 -13.95 -2.96 -1.42
CA ILE A 140 -12.90 -3.52 -0.57
C ILE A 140 -13.24 -4.94 -0.17
N ARG A 141 -14.53 -5.24 -0.09
CA ARG A 141 -14.99 -6.58 0.25
C ARG A 141 -14.72 -7.57 -0.89
N GLN A 142 -14.92 -7.10 -2.13
CA GLN A 142 -14.76 -7.95 -3.32
C GLN A 142 -13.34 -8.50 -3.47
N LEU A 143 -12.33 -7.63 -3.34
CA LEU A 143 -10.95 -8.06 -3.51
C LEU A 143 -10.53 -9.10 -2.45
N ALA A 144 -11.04 -8.96 -1.25
CA ALA A 144 -10.70 -9.89 -0.18
C ALA A 144 -11.16 -11.30 -0.52
N ARG A 145 -12.30 -11.40 -1.19
CA ARG A 145 -12.85 -12.71 -1.54
C ARG A 145 -11.94 -13.47 -2.51
N ARG A 146 -11.33 -12.75 -3.46
CA ARG A 146 -10.44 -13.40 -4.42
C ARG A 146 -9.21 -13.97 -3.73
N CYS A 147 -8.70 -13.25 -2.75
CA CYS A 147 -7.52 -13.68 -2.01
C CYS A 147 -7.75 -15.05 -1.39
N SER A 148 -8.97 -15.30 -0.90
CA SER A 148 -9.28 -16.58 -0.28
C SER A 148 -9.22 -17.73 -1.29
N GLU A 149 -9.63 -17.45 -2.53
CA GLU A 149 -9.64 -18.49 -3.55
C GLU A 149 -8.25 -19.03 -3.82
N VAL A 150 -7.27 -18.15 -4.00
CA VAL A 150 -5.89 -18.58 -4.28
C VAL A 150 -5.28 -19.33 -3.09
N ARG A 151 -5.69 -18.99 -1.88
CA ARG A 151 -5.15 -19.62 -0.68
C ARG A 151 -5.48 -21.12 -0.62
N LEU A 152 -6.67 -21.51 -1.04
CA LEU A 152 -7.04 -22.93 -1.02
C LEU A 152 -6.15 -23.73 -2.00
N LEU A 153 -5.76 -23.07 -3.08
CA LEU A 153 -4.93 -23.71 -4.12
C LEU A 153 -3.57 -24.15 -3.59
N VAL A 154 -2.98 -23.35 -2.70
CA VAL A 154 -1.65 -23.67 -2.14
C VAL A 154 -1.49 -25.18 -1.92
N ASP A 155 -0.27 -25.67 -2.13
CA ASP A 155 0.01 -27.10 -1.98
C ASP A 155 -0.10 -27.55 -0.53
N SER A 156 0.03 -26.61 0.41
CA SER A 156 -0.06 -26.94 1.83
C SER A 156 -0.50 -25.75 2.67
N LYS A 157 -1.31 -26.02 3.69
CA LYS A 157 -1.80 -24.97 4.57
C LYS A 157 -0.65 -24.36 5.38
N ASP A 158 0.36 -25.16 5.67
CA ASP A 158 1.51 -24.69 6.45
C ASP A 158 2.46 -23.87 5.59
N ASP A 159 2.03 -23.53 4.38
CA ASP A 159 2.87 -22.75 3.47
C ASP A 159 3.59 -21.62 4.21
N GLU A 160 4.73 -21.21 3.67
CA GLU A 160 5.54 -20.15 4.28
C GLU A 160 4.91 -18.77 4.09
N ARG A 161 4.06 -18.62 3.07
CA ARG A 161 3.43 -17.34 2.78
C ARG A 161 2.12 -17.19 3.54
N VAL A 162 1.46 -18.31 3.77
CA VAL A 162 0.18 -18.33 4.46
C VAL A 162 0.18 -17.42 5.72
N PRO A 163 1.17 -17.49 6.59
CA PRO A 163 1.19 -16.64 7.83
C PRO A 163 1.03 -15.15 7.53
N ALA A 164 1.74 -14.67 6.51
CA ALA A 164 1.64 -13.25 6.14
C ALA A 164 0.26 -12.96 5.60
N LEU A 165 -0.22 -13.83 4.73
CA LEU A 165 -1.53 -13.67 4.12
C LEU A 165 -2.62 -13.73 5.18
N ASN A 166 -2.51 -14.67 6.11
CA ASN A 166 -3.52 -14.81 7.15
C ASN A 166 -3.68 -13.52 7.95
N LEU A 167 -2.56 -12.91 8.33
CA LEU A 167 -2.60 -11.68 9.10
C LEU A 167 -3.19 -10.53 8.28
N LEU A 168 -2.90 -10.53 6.99
CA LEU A 168 -3.36 -9.48 6.08
C LEU A 168 -4.89 -9.40 6.03
N ILE A 169 -5.56 -10.55 5.98
CA ILE A 169 -7.03 -10.57 5.94
C ILE A 169 -7.63 -9.97 7.20
N CYS A 170 -7.10 -10.33 8.35
CA CYS A 170 -7.62 -9.82 9.61
C CYS A 170 -7.59 -8.30 9.65
N LEU A 171 -6.58 -7.72 9.01
CA LEU A 171 -6.41 -6.27 9.00
C LEU A 171 -7.61 -5.56 8.36
N VAL A 172 -8.07 -6.07 7.22
CA VAL A 172 -9.19 -5.47 6.51
C VAL A 172 -10.48 -5.49 7.35
N SER A 173 -10.76 -6.63 7.98
CA SER A 173 -11.98 -6.78 8.78
C SER A 173 -12.07 -5.79 9.96
N ARG A 174 -10.98 -5.63 10.68
CA ARG A 174 -10.98 -4.74 11.84
C ARG A 174 -10.99 -3.27 11.45
N TYR A 175 -10.18 -2.92 10.45
CA TYR A 175 -10.09 -1.53 10.03
C TYR A 175 -11.43 -1.00 9.54
N PHE A 176 -12.11 -1.79 8.70
CA PHE A 176 -13.40 -1.40 8.15
C PHE A 176 -14.53 -1.90 9.06
N ASP A 177 -14.14 -2.69 10.06
CA ASP A 177 -15.10 -3.25 11.01
C ASP A 177 -16.05 -4.23 10.33
N GLN A 178 -15.60 -4.82 9.21
CA GLN A 178 -16.42 -5.77 8.48
C GLN A 178 -16.32 -7.15 9.12
N ARG A 179 -17.18 -7.39 10.12
CA ARG A 179 -17.18 -8.67 10.82
C ARG A 179 -17.44 -9.81 9.85
N ASP A 180 -17.93 -9.47 8.67
CA ASP A 180 -18.21 -10.48 7.65
C ASP A 180 -16.90 -11.13 7.20
N LEU A 181 -15.82 -10.34 7.20
CA LEU A 181 -14.51 -10.84 6.80
C LEU A 181 -13.73 -11.36 8.01
N ALA A 182 -14.22 -11.06 9.21
CA ALA A 182 -13.55 -11.51 10.42
C ALA A 182 -13.54 -13.03 10.50
N ASP A 183 -12.47 -13.63 9.95
CA ASP A 183 -12.29 -15.10 9.93
C ASP A 183 -13.61 -15.86 10.10
N GLU A 184 -14.52 -15.70 9.14
CA GLU A 184 -15.82 -16.38 9.19
C GLU A 184 -15.66 -17.86 8.85
N PRO A 185 -16.46 -18.74 9.41
CA PRO A 185 -16.36 -20.20 9.13
C PRO A 185 -16.85 -20.55 7.72
N SER A 186 -17.54 -19.60 7.10
CA SER A 186 -18.10 -19.79 5.76
C SER A 186 -19.47 -20.45 5.88
N LEU A 187 -20.21 -20.03 6.90
CA LEU A 187 -21.54 -20.58 7.15
C LEU A 187 -21.43 -22.10 7.33
N GLU A 188 -22.09 -22.86 6.47
CA GLU A 188 -22.06 -24.30 6.56
C GLU A 188 -22.72 -24.93 5.34
N TYR A 189 -22.84 -24.13 4.27
CA TYR A 189 -23.46 -24.60 3.02
C TYR A 189 -24.60 -25.58 3.28
N GLY B 1 31.10 17.86 2.08
CA GLY B 1 30.00 16.89 2.41
C GLY B 1 29.62 17.04 3.88
N GLN B 2 29.29 18.26 4.27
CA GLN B 2 28.91 18.53 5.65
C GLN B 2 27.63 17.79 5.99
N SER B 3 26.66 17.84 5.07
CA SER B 3 25.38 17.17 5.28
C SER B 3 24.68 16.94 3.94
N ASP B 4 23.71 16.05 3.94
CA ASP B 4 22.97 15.75 2.72
C ASP B 4 21.72 14.93 3.03
N ASP B 5 21.05 15.29 4.12
CA ASP B 5 19.84 14.58 4.52
C ASP B 5 18.70 14.85 3.53
N SER B 6 17.90 13.83 3.26
CA SER B 6 16.76 13.93 2.33
C SER B 6 15.51 13.35 2.97
N ASP B 7 15.68 12.24 3.70
CA ASP B 7 14.56 11.58 4.37
C ASP B 7 14.42 12.09 5.79
N ILE B 8 15.35 12.95 6.21
CA ILE B 8 15.37 13.54 7.56
C ILE B 8 14.71 12.61 8.59
N TRP B 9 13.44 12.90 8.91
CA TRP B 9 12.72 12.10 9.88
C TRP B 9 12.54 10.67 9.37
N ASP B 10 11.59 10.48 8.47
CA ASP B 10 11.34 9.16 7.89
C ASP B 10 10.25 9.23 6.83
N ASP B 11 10.56 9.88 5.71
CA ASP B 11 9.59 10.01 4.63
C ASP B 11 9.28 8.65 4.03
N THR B 12 10.23 7.73 4.18
CA THR B 12 10.06 6.37 3.67
C THR B 12 9.18 5.56 4.63
N ALA B 13 8.55 6.28 5.56
CA ALA B 13 7.69 5.64 6.55
C ALA B 13 6.73 4.67 5.88
N LEU B 14 6.18 5.07 4.74
CA LEU B 14 5.25 4.19 4.02
C LEU B 14 5.98 2.94 3.54
N ILE B 15 7.19 3.15 3.02
CA ILE B 15 7.99 2.05 2.48
C ILE B 15 8.44 1.09 3.58
N LYS B 16 8.87 1.63 4.71
CA LYS B 16 9.33 0.81 5.83
C LYS B 16 8.24 -0.13 6.32
N ALA B 17 7.01 0.36 6.33
CA ALA B 17 5.88 -0.43 6.81
C ALA B 17 5.69 -1.72 6.00
N TYR B 18 6.08 -1.68 4.74
CA TYR B 18 5.94 -2.87 3.89
C TYR B 18 6.75 -4.04 4.45
N ASP B 19 7.99 -3.79 4.82
CA ASP B 19 8.88 -4.83 5.32
C ASP B 19 8.41 -5.41 6.66
N LYS B 20 7.90 -4.56 7.54
CA LYS B 20 7.47 -5.03 8.87
C LYS B 20 6.33 -6.03 8.82
N ALA B 21 5.30 -5.73 8.03
CA ALA B 21 4.14 -6.62 7.93
C ALA B 21 4.53 -7.95 7.30
N VAL B 22 5.30 -7.89 6.23
CA VAL B 22 5.77 -9.09 5.56
C VAL B 22 6.77 -9.85 6.43
N ALA B 23 7.66 -9.08 7.06
CA ALA B 23 8.70 -9.67 7.90
C ALA B 23 8.08 -10.51 9.01
N SER B 24 6.82 -10.22 9.35
CA SER B 24 6.14 -10.96 10.40
C SER B 24 6.03 -12.43 10.05
N PHE B 25 7.16 -13.12 10.12
CA PHE B 25 7.22 -14.55 9.81
C PHE B 25 8.37 -15.21 10.58
N LYS B 26 9.36 -14.41 10.96
CA LYS B 26 10.51 -14.93 11.69
C LYS B 26 10.08 -15.53 13.02
N GLY A 1 -5.08 -18.42 19.67
CA GLY A 1 -5.82 -18.03 20.90
C GLY A 1 -6.26 -16.57 20.80
N TYR A 2 -6.59 -15.98 21.94
CA TYR A 2 -7.04 -14.58 22.01
C TYR A 2 -5.98 -13.73 22.71
N SER A 3 -5.57 -14.17 23.88
CA SER A 3 -4.57 -13.47 24.68
C SER A 3 -3.25 -13.28 23.92
N PRO A 4 -2.55 -14.33 23.61
CA PRO A 4 -1.23 -14.25 22.89
C PRO A 4 -1.37 -13.57 21.52
N THR A 5 -2.57 -13.63 20.93
CA THR A 5 -2.79 -13.03 19.62
C THR A 5 -2.87 -11.51 19.73
N LEU A 6 -2.99 -11.01 20.94
CA LEU A 6 -3.09 -9.56 21.14
C LEU A 6 -1.82 -8.89 20.63
N GLN A 7 -0.68 -9.48 20.94
CA GLN A 7 0.58 -8.91 20.50
C GLN A 7 0.70 -8.94 18.99
N TRP A 8 0.37 -10.08 18.38
CA TRP A 8 0.44 -10.22 16.93
C TRP A 8 -0.62 -9.37 16.23
N GLN A 9 -1.84 -9.39 16.75
CA GLN A 9 -2.94 -8.64 16.15
C GLN A 9 -2.73 -7.12 16.23
N GLN A 10 -2.21 -6.63 17.36
CA GLN A 10 -1.99 -5.19 17.52
C GLN A 10 -0.94 -4.65 16.54
N GLN A 11 0.13 -5.40 16.32
CA GLN A 11 1.18 -4.94 15.41
C GLN A 11 0.62 -4.50 14.06
N GLN A 12 -0.36 -5.22 13.54
CA GLN A 12 -0.92 -4.87 12.24
C GLN A 12 -1.68 -3.55 12.29
N VAL A 13 -2.77 -3.51 13.05
CA VAL A 13 -3.59 -2.29 13.16
C VAL A 13 -2.82 -1.14 13.80
N ALA A 14 -2.03 -1.45 14.81
CA ALA A 14 -1.28 -0.41 15.53
C ALA A 14 -0.39 0.38 14.58
N GLN A 15 0.20 -0.32 13.61
CA GLN A 15 1.09 0.34 12.64
C GLN A 15 0.32 1.37 11.79
N PHE A 16 -0.92 1.05 11.47
CA PHE A 16 -1.75 1.93 10.64
C PHE A 16 -1.91 3.30 11.30
N SER A 17 -2.24 3.30 12.59
CA SER A 17 -2.41 4.56 13.32
C SER A 17 -1.12 5.36 13.28
N THR A 18 -0.02 4.64 13.41
CA THR A 18 1.31 5.23 13.39
C THR A 18 1.60 5.91 12.05
N VAL A 19 1.20 5.28 10.96
CA VAL A 19 1.44 5.85 9.63
C VAL A 19 0.80 7.25 9.53
N ARG A 20 -0.40 7.40 10.05
CA ARG A 20 -1.09 8.68 10.00
C ARG A 20 -0.29 9.76 10.73
N GLN A 21 0.37 9.38 11.83
CA GLN A 21 1.16 10.34 12.60
C GLN A 21 2.29 10.91 11.75
N ASN A 22 2.89 10.06 10.92
CA ASN A 22 4.00 10.48 10.07
C ASN A 22 3.56 11.53 9.05
N VAL A 23 2.36 11.38 8.53
CA VAL A 23 1.82 12.32 7.53
C VAL A 23 1.68 13.72 8.12
N ASN A 24 1.20 13.80 9.35
CA ASN A 24 0.98 15.08 10.00
C ASN A 24 2.28 15.89 10.11
N LYS A 25 3.37 15.22 10.46
CA LYS A 25 4.67 15.90 10.61
C LYS A 25 5.13 16.49 9.28
N HIS A 26 4.96 15.72 8.22
CA HIS A 26 5.40 16.15 6.89
C HIS A 26 4.48 17.22 6.32
N ARG A 27 3.33 17.43 6.95
CA ARG A 27 2.40 18.45 6.47
C ARG A 27 3.06 19.83 6.51
N SER A 28 3.70 20.13 7.62
CA SER A 28 4.39 21.42 7.77
C SER A 28 5.54 21.51 6.77
N HIS A 29 6.25 20.41 6.57
CA HIS A 29 7.38 20.38 5.65
C HIS A 29 6.93 20.63 4.20
N TRP A 30 5.87 19.97 3.77
CA TRP A 30 5.37 20.17 2.41
C TRP A 30 4.82 21.59 2.26
N LYS A 31 4.19 22.08 3.30
CA LYS A 31 3.61 23.42 3.30
C LYS A 31 4.68 24.46 3.03
N SER A 32 5.93 24.12 3.34
CA SER A 32 7.05 25.04 3.16
C SER A 32 7.43 25.13 1.69
N GLN A 33 6.78 24.34 0.84
CA GLN A 33 7.06 24.36 -0.60
C GLN A 33 5.78 24.11 -1.39
N GLN A 34 5.76 24.54 -2.65
CA GLN A 34 4.60 24.35 -3.51
C GLN A 34 4.56 22.92 -4.05
N LEU A 35 3.49 22.59 -4.75
CA LEU A 35 3.34 21.25 -5.32
C LEU A 35 4.43 20.99 -6.36
N ASP A 36 4.74 22.02 -7.13
CA ASP A 36 5.75 21.92 -8.18
C ASP A 36 7.10 21.51 -7.61
N SER A 37 7.14 21.32 -6.30
CA SER A 37 8.38 20.95 -5.62
C SER A 37 9.04 19.74 -6.28
N ASN A 38 8.26 18.72 -6.62
CA ASN A 38 8.84 17.54 -7.27
C ASN A 38 7.75 16.59 -7.77
N VAL A 39 6.60 17.13 -8.16
CA VAL A 39 5.49 16.27 -8.65
C VAL A 39 4.74 16.92 -9.81
N THR A 40 4.78 16.25 -10.96
CA THR A 40 4.06 16.69 -12.17
C THR A 40 2.96 15.67 -12.49
N MET A 41 1.71 16.12 -12.57
CA MET A 41 0.62 15.20 -12.89
C MET A 41 0.43 15.15 -14.41
N PRO A 42 0.16 13.99 -15.00
CA PRO A 42 -0.01 13.88 -16.48
C PRO A 42 -1.38 14.40 -16.93
N LYS A 43 -1.77 15.54 -16.37
CA LYS A 43 -3.06 16.15 -16.71
C LYS A 43 -4.21 15.19 -16.40
N SER A 44 -5.26 15.72 -15.79
CA SER A 44 -6.42 14.93 -15.43
C SER A 44 -7.10 14.35 -16.69
N GLU A 45 -7.02 15.09 -17.78
CA GLU A 45 -7.66 14.65 -19.03
C GLU A 45 -7.01 13.39 -19.61
N ASP A 46 -5.80 13.04 -19.14
CA ASP A 46 -5.13 11.83 -19.66
C ASP A 46 -5.16 10.73 -18.60
N GLU A 47 -6.30 10.07 -18.47
CA GLU A 47 -6.47 9.01 -17.49
C GLU A 47 -5.39 7.94 -17.61
N GLU A 48 -5.02 7.59 -18.84
CA GLU A 48 -4.00 6.57 -19.05
C GLU A 48 -2.69 6.99 -18.42
N GLY A 49 -2.43 8.29 -18.41
CA GLY A 49 -1.20 8.83 -17.85
C GLY A 49 -1.08 8.56 -16.35
N TRP A 50 -2.21 8.60 -15.65
CA TRP A 50 -2.20 8.37 -14.20
C TRP A 50 -1.68 6.97 -13.86
N LYS A 51 -2.15 5.96 -14.58
CA LYS A 51 -1.68 4.60 -14.32
C LYS A 51 -0.19 4.52 -14.57
N LYS A 52 0.23 5.07 -15.69
CA LYS A 52 1.64 5.06 -16.07
C LYS A 52 2.48 5.86 -15.09
N PHE A 53 1.99 7.04 -14.71
CA PHE A 53 2.71 7.91 -13.79
C PHE A 53 2.68 7.41 -12.34
N CYS A 54 1.48 7.07 -11.85
CA CYS A 54 1.33 6.62 -10.46
C CYS A 54 1.90 5.22 -10.22
N LEU A 55 1.62 4.27 -11.13
CA LEU A 55 2.11 2.89 -10.97
C LEU A 55 3.36 2.65 -11.81
N GLY A 56 3.82 3.69 -12.50
CA GLY A 56 5.01 3.56 -13.33
C GLY A 56 4.70 2.84 -14.64
N GLU A 57 5.68 2.79 -15.55
CA GLU A 57 5.52 2.13 -16.84
C GLU A 57 6.32 0.82 -16.87
N LYS A 58 7.60 0.91 -16.51
CA LYS A 58 8.47 -0.26 -16.49
C LYS A 58 7.99 -1.28 -15.47
N LEU A 59 7.53 -0.80 -14.32
CA LEU A 59 7.04 -1.71 -13.30
C LEU A 59 5.87 -2.49 -13.86
N CYS A 60 5.01 -1.79 -14.59
CA CYS A 60 3.86 -2.43 -15.21
C CYS A 60 4.33 -3.47 -16.23
N ALA A 61 5.39 -3.13 -16.97
CA ALA A 61 5.92 -4.05 -17.97
C ALA A 61 6.48 -5.29 -17.31
N ASP A 62 7.14 -5.11 -16.17
CA ASP A 62 7.73 -6.22 -15.45
C ASP A 62 8.29 -5.75 -14.11
N GLY A 63 9.49 -5.16 -14.16
CA GLY A 63 10.15 -4.65 -12.95
C GLY A 63 11.20 -5.65 -12.48
N ALA A 64 11.07 -6.89 -12.92
CA ALA A 64 12.03 -7.93 -12.53
C ALA A 64 13.41 -7.62 -13.11
N VAL A 65 13.43 -7.09 -14.32
CA VAL A 65 14.69 -6.75 -14.98
C VAL A 65 15.14 -5.35 -14.59
N GLY A 66 16.06 -5.29 -13.63
CA GLY A 66 16.58 -4.00 -13.17
C GLY A 66 17.79 -4.21 -12.26
N PRO A 67 17.55 -4.63 -11.05
CA PRO A 67 18.65 -4.87 -10.06
C PRO A 67 19.62 -5.95 -10.54
N ALA A 68 19.11 -6.87 -11.36
CA ALA A 68 19.93 -7.95 -11.89
C ALA A 68 21.02 -7.41 -12.81
N THR A 69 20.68 -6.40 -13.60
CA THR A 69 21.64 -5.83 -14.54
C THR A 69 22.78 -5.15 -13.78
N ASN A 70 22.52 -3.98 -13.22
CA ASN A 70 23.55 -3.26 -12.47
C ASN A 70 24.82 -3.16 -13.31
N GLU A 71 24.65 -2.92 -14.61
CA GLU A 71 25.78 -2.83 -15.53
C GLU A 71 26.15 -1.37 -15.78
N SER A 72 25.91 -0.51 -14.79
CA SER A 72 26.21 0.91 -14.92
C SER A 72 26.40 1.55 -13.55
N PRO A 73 27.49 1.25 -12.90
CA PRO A 73 27.79 1.82 -11.55
C PRO A 73 27.64 3.35 -11.54
N GLY A 74 26.41 3.80 -11.33
CA GLY A 74 26.14 5.23 -11.30
C GLY A 74 24.66 5.50 -11.59
N ILE A 75 23.80 4.67 -11.03
CA ILE A 75 22.36 4.81 -11.24
C ILE A 75 21.93 6.28 -11.16
N ASP A 76 20.86 6.62 -11.86
CA ASP A 76 20.33 7.99 -11.84
C ASP A 76 18.85 7.95 -11.46
N TYR A 77 18.48 8.71 -10.44
CA TYR A 77 17.10 8.75 -9.98
C TYR A 77 16.19 9.37 -11.05
N VAL A 78 16.79 10.13 -11.94
CA VAL A 78 16.05 10.80 -13.00
C VAL A 78 15.32 9.81 -13.90
N GLN A 79 16.01 8.74 -14.30
CA GLN A 79 15.41 7.73 -15.18
C GLN A 79 14.49 6.82 -14.40
N ILE A 80 14.56 6.93 -13.10
CA ILE A 80 13.72 6.12 -12.22
C ILE A 80 12.37 6.79 -12.03
N GLY A 81 12.32 8.11 -12.23
CA GLY A 81 11.09 8.86 -12.07
C GLY A 81 10.78 9.11 -10.60
N PHE A 82 9.87 10.04 -10.33
CA PHE A 82 9.52 10.36 -8.95
C PHE A 82 8.64 9.24 -8.36
N PRO A 83 9.02 8.61 -7.26
CA PRO A 83 8.19 7.54 -6.65
C PRO A 83 7.02 8.15 -5.86
N PRO A 84 6.01 7.40 -5.57
CA PRO A 84 4.83 7.93 -4.81
C PRO A 84 5.24 8.36 -3.40
N LEU A 85 4.72 9.51 -2.96
CA LEU A 85 5.02 10.05 -1.63
C LEU A 85 3.80 10.78 -1.07
N LEU A 86 4.00 11.44 0.06
CA LEU A 86 2.92 12.17 0.72
C LEU A 86 2.38 13.30 -0.16
N SER A 87 3.30 14.05 -0.78
CA SER A 87 2.89 15.17 -1.63
C SER A 87 2.09 14.69 -2.83
N ILE A 88 2.55 13.62 -3.47
CA ILE A 88 1.86 13.08 -4.64
C ILE A 88 0.51 12.52 -4.24
N VAL A 89 0.51 11.73 -3.17
CA VAL A 89 -0.70 11.11 -2.68
C VAL A 89 -1.68 12.15 -2.12
N SER A 90 -1.13 13.11 -1.38
CA SER A 90 -1.96 14.15 -0.77
C SER A 90 -2.70 14.97 -1.81
N ARG A 91 -2.16 15.03 -3.03
CA ARG A 91 -2.80 15.79 -4.11
C ARG A 91 -3.82 14.92 -4.83
N MET A 92 -3.66 13.60 -4.70
CA MET A 92 -4.58 12.66 -5.34
C MET A 92 -5.89 12.61 -4.55
N ASN A 93 -7.00 12.75 -5.26
CA ASN A 93 -8.30 12.72 -4.60
C ASN A 93 -8.72 11.29 -4.26
N GLN A 94 -9.62 11.16 -3.29
CA GLN A 94 -10.11 9.84 -2.89
C GLN A 94 -10.88 9.21 -4.04
N ALA A 95 -11.68 10.03 -4.72
CA ALA A 95 -12.48 9.58 -5.84
C ALA A 95 -11.62 9.21 -7.04
N THR A 96 -10.50 9.92 -7.24
CA THR A 96 -9.62 9.64 -8.38
C THR A 96 -9.06 8.23 -8.34
N VAL A 97 -8.49 7.84 -7.20
CA VAL A 97 -7.92 6.50 -7.06
C VAL A 97 -9.02 5.44 -7.03
N THR A 98 -10.22 5.84 -6.61
CA THR A 98 -11.33 4.90 -6.52
C THR A 98 -11.69 4.33 -7.90
N SER A 99 -11.79 5.21 -8.89
CA SER A 99 -12.12 4.79 -10.25
C SER A 99 -11.00 3.97 -10.86
N VAL A 100 -9.76 4.35 -10.54
CA VAL A 100 -8.59 3.66 -11.05
C VAL A 100 -8.59 2.19 -10.61
N LEU A 101 -9.19 1.93 -9.46
CA LEU A 101 -9.25 0.56 -8.94
C LEU A 101 -10.08 -0.36 -9.84
N GLU A 102 -11.19 0.17 -10.38
CA GLU A 102 -12.07 -0.61 -11.24
C GLU A 102 -11.33 -1.10 -12.48
N TYR A 103 -10.51 -0.23 -13.07
CA TYR A 103 -9.77 -0.58 -14.28
C TYR A 103 -8.83 -1.76 -14.02
N LEU A 104 -8.09 -1.69 -12.93
CA LEU A 104 -7.11 -2.71 -12.58
C LEU A 104 -7.76 -4.11 -12.49
N SER A 105 -8.94 -4.17 -11.90
CA SER A 105 -9.63 -5.45 -11.76
C SER A 105 -9.96 -6.05 -13.12
N ASN A 106 -10.28 -5.19 -14.08
CA ASN A 106 -10.62 -5.62 -15.43
C ASN A 106 -9.43 -6.28 -16.14
N TRP A 107 -8.23 -5.78 -15.86
CA TRP A 107 -7.03 -6.30 -16.51
C TRP A 107 -6.91 -7.82 -16.34
N PHE A 108 -7.27 -8.30 -15.14
CA PHE A 108 -7.22 -9.75 -14.78
C PHE A 108 -6.96 -10.65 -15.99
N GLY A 109 -7.96 -11.43 -16.38
CA GLY A 109 -7.82 -12.32 -17.51
C GLY A 109 -6.62 -13.24 -17.37
N GLU A 110 -6.04 -13.28 -16.18
CA GLU A 110 -4.88 -14.13 -15.91
C GLU A 110 -4.87 -14.57 -14.45
N ARG A 111 -3.81 -15.28 -14.05
CA ARG A 111 -3.65 -15.75 -12.68
C ARG A 111 -2.67 -14.83 -11.96
N ASP A 112 -2.94 -13.53 -12.03
CA ASP A 112 -2.07 -12.54 -11.42
C ASP A 112 -2.29 -12.44 -9.91
N PHE A 113 -1.34 -11.80 -9.25
CA PHE A 113 -1.38 -11.60 -7.81
C PHE A 113 -0.13 -10.83 -7.42
N THR A 114 0.32 -10.01 -8.36
CA THR A 114 1.51 -9.17 -8.23
C THR A 114 1.90 -8.90 -6.77
N PRO A 115 2.72 -9.73 -6.17
CA PRO A 115 3.19 -9.53 -4.75
C PRO A 115 3.93 -8.20 -4.59
N GLU A 116 4.31 -7.62 -5.72
CA GLU A 116 4.98 -6.32 -5.72
C GLU A 116 3.98 -5.24 -5.32
N LEU A 117 2.72 -5.52 -5.63
CA LEU A 117 1.60 -4.63 -5.34
C LEU A 117 1.48 -4.35 -3.84
N GLY A 118 1.94 -5.28 -3.02
CA GLY A 118 1.83 -5.13 -1.57
C GLY A 118 2.47 -3.83 -1.10
N ARG A 119 3.61 -3.46 -1.68
CA ARG A 119 4.26 -2.21 -1.31
C ARG A 119 3.33 -1.05 -1.65
N TRP A 120 2.69 -1.17 -2.81
CA TRP A 120 1.75 -0.19 -3.30
C TRP A 120 0.45 -0.22 -2.47
N LEU A 121 0.07 -1.43 -2.06
CA LEU A 121 -1.18 -1.64 -1.31
C LEU A 121 -1.27 -0.77 -0.05
N TYR A 122 -0.19 -0.68 0.71
CA TYR A 122 -0.22 0.10 1.94
C TYR A 122 -0.52 1.57 1.63
N ALA A 123 0.07 2.08 0.56
CA ALA A 123 -0.16 3.48 0.18
C ALA A 123 -1.63 3.72 -0.18
N LEU A 124 -2.28 2.72 -0.76
CA LEU A 124 -3.68 2.86 -1.17
C LEU A 124 -4.59 3.14 0.02
N LEU A 125 -4.41 2.40 1.10
CA LEU A 125 -5.25 2.59 2.29
C LEU A 125 -5.02 3.95 2.92
N ALA A 126 -3.77 4.39 2.93
CA ALA A 126 -3.41 5.67 3.53
C ALA A 126 -3.92 6.84 2.70
N CYS A 127 -4.41 6.57 1.49
CA CYS A 127 -4.92 7.65 0.63
C CYS A 127 -6.37 7.99 0.99
N LEU A 128 -7.03 7.12 1.75
CA LEU A 128 -8.40 7.36 2.15
C LEU A 128 -8.45 8.28 3.37
N GLU A 129 -9.41 9.21 3.37
CA GLU A 129 -9.57 10.16 4.46
C GLU A 129 -11.04 10.29 4.86
N LYS A 130 -11.79 11.08 4.09
CA LYS A 130 -13.22 11.26 4.39
C LYS A 130 -13.90 9.89 4.55
N PRO A 131 -15.17 9.84 4.84
CA PRO A 131 -15.90 8.54 5.01
C PRO A 131 -15.90 7.72 3.72
N LEU A 132 -15.91 6.39 3.86
CA LEU A 132 -15.90 5.52 2.70
C LEU A 132 -17.31 5.37 2.13
N LEU A 133 -17.48 5.85 0.90
CA LEU A 133 -18.79 5.78 0.25
C LEU A 133 -19.26 4.32 0.18
N PRO A 134 -20.56 4.06 0.11
CA PRO A 134 -21.06 2.66 0.02
C PRO A 134 -20.34 1.85 -1.06
N GLU A 135 -20.10 2.49 -2.20
CA GLU A 135 -19.43 1.83 -3.31
C GLU A 135 -18.00 1.45 -2.96
N ALA A 136 -17.28 2.38 -2.35
CA ALA A 136 -15.88 2.13 -1.96
C ALA A 136 -15.82 1.04 -0.90
N HIS A 137 -16.78 1.07 0.02
CA HIS A 137 -16.83 0.08 1.11
C HIS A 137 -17.14 -1.31 0.54
N SER A 138 -18.04 -1.36 -0.43
CA SER A 138 -18.43 -2.62 -1.04
C SER A 138 -17.27 -3.29 -1.78
N LEU A 139 -16.52 -2.49 -2.55
CA LEU A 139 -15.42 -3.03 -3.36
C LEU A 139 -14.30 -3.65 -2.51
N ILE A 140 -13.91 -3.00 -1.43
CA ILE A 140 -12.83 -3.53 -0.59
C ILE A 140 -13.19 -4.92 -0.08
N ARG A 141 -14.47 -5.18 0.09
CA ARG A 141 -14.93 -6.49 0.54
C ARG A 141 -14.72 -7.56 -0.54
N GLN A 142 -14.96 -7.17 -1.80
CA GLN A 142 -14.86 -8.09 -2.95
C GLN A 142 -13.45 -8.66 -3.15
N LEU A 143 -12.44 -7.79 -3.12
CA LEU A 143 -11.06 -8.24 -3.34
C LEU A 143 -10.59 -9.21 -2.27
N ALA A 144 -11.02 -9.00 -1.02
CA ALA A 144 -10.60 -9.87 0.06
C ALA A 144 -11.10 -11.31 -0.14
N ARG A 145 -12.31 -11.43 -0.67
CA ARG A 145 -12.92 -12.76 -0.91
C ARG A 145 -12.12 -13.57 -1.93
N ARG A 146 -11.68 -12.92 -3.01
CA ARG A 146 -10.92 -13.61 -4.05
C ARG A 146 -9.60 -14.13 -3.51
N CYS A 147 -8.94 -13.33 -2.68
CA CYS A 147 -7.66 -13.71 -2.12
C CYS A 147 -7.78 -15.07 -1.41
N SER A 148 -8.91 -15.31 -0.78
CA SER A 148 -9.14 -16.57 -0.06
C SER A 148 -9.08 -17.78 -1.00
N GLU A 149 -9.60 -17.62 -2.21
CA GLU A 149 -9.62 -18.74 -3.17
C GLU A 149 -8.22 -19.19 -3.55
N VAL A 150 -7.33 -18.24 -3.79
CA VAL A 150 -5.95 -18.54 -4.17
C VAL A 150 -5.22 -19.27 -3.05
N ARG A 151 -5.47 -18.84 -1.81
CA ARG A 151 -4.80 -19.42 -0.66
C ARG A 151 -5.09 -20.92 -0.50
N LEU A 152 -6.30 -21.35 -0.83
CA LEU A 152 -6.65 -22.76 -0.71
C LEU A 152 -5.81 -23.61 -1.68
N LEU A 153 -5.55 -23.04 -2.86
CA LEU A 153 -4.78 -23.72 -3.90
C LEU A 153 -3.35 -24.05 -3.45
N VAL A 154 -2.79 -23.20 -2.59
CA VAL A 154 -1.42 -23.38 -2.09
C VAL A 154 -1.05 -24.85 -1.93
N ASP A 155 0.24 -25.13 -1.93
CA ASP A 155 0.74 -26.49 -1.78
C ASP A 155 0.32 -27.08 -0.44
N SER A 156 0.35 -26.26 0.61
CA SER A 156 -0.02 -26.73 1.94
C SER A 156 -0.51 -25.59 2.82
N LYS A 157 -1.31 -25.91 3.81
CA LYS A 157 -1.85 -24.91 4.73
C LYS A 157 -0.73 -24.32 5.57
N ASP A 158 0.27 -25.14 5.89
CA ASP A 158 1.39 -24.70 6.71
C ASP A 158 2.39 -23.87 5.90
N ASP A 159 2.01 -23.50 4.69
CA ASP A 159 2.89 -22.71 3.82
C ASP A 159 3.55 -21.58 4.62
N GLU A 160 4.76 -21.22 4.22
CA GLU A 160 5.53 -20.18 4.89
C GLU A 160 4.93 -18.78 4.65
N ARG A 161 4.19 -18.62 3.56
CA ARG A 161 3.58 -17.33 3.21
C ARG A 161 2.23 -17.16 3.85
N VAL A 162 1.55 -18.27 4.06
CA VAL A 162 0.22 -18.27 4.64
C VAL A 162 0.11 -17.32 5.87
N PRO A 163 1.02 -17.37 6.82
CA PRO A 163 0.93 -16.49 8.03
C PRO A 163 0.79 -15.00 7.67
N ALA A 164 1.57 -14.53 6.71
CA ALA A 164 1.49 -13.13 6.30
C ALA A 164 0.14 -12.86 5.65
N LEU A 165 -0.28 -13.78 4.80
CA LEU A 165 -1.55 -13.64 4.10
C LEU A 165 -2.72 -13.66 5.08
N ASN A 166 -2.68 -14.57 6.05
CA ASN A 166 -3.77 -14.69 7.02
C ASN A 166 -3.91 -13.41 7.84
N LEU A 167 -2.78 -12.84 8.24
CA LEU A 167 -2.81 -11.60 9.03
C LEU A 167 -3.33 -10.44 8.19
N LEU A 168 -3.01 -10.47 6.90
CA LEU A 168 -3.43 -9.40 5.98
C LEU A 168 -4.96 -9.27 5.91
N ILE A 169 -5.65 -10.41 5.85
CA ILE A 169 -7.12 -10.40 5.78
C ILE A 169 -7.74 -9.79 7.03
N CYS A 170 -7.23 -10.17 8.19
CA CYS A 170 -7.77 -9.67 9.45
C CYS A 170 -7.73 -8.14 9.52
N LEU A 171 -6.66 -7.55 9.00
CA LEU A 171 -6.48 -6.10 9.04
C LEU A 171 -7.63 -5.35 8.36
N VAL A 172 -8.03 -5.82 7.18
CA VAL A 172 -9.11 -5.17 6.44
C VAL A 172 -10.46 -5.25 7.18
N SER A 173 -10.76 -6.42 7.73
CA SER A 173 -12.04 -6.63 8.41
C SER A 173 -12.23 -5.75 9.65
N ARG A 174 -11.14 -5.49 10.38
CA ARG A 174 -11.24 -4.70 11.61
C ARG A 174 -11.16 -3.21 11.33
N TYR A 175 -10.23 -2.80 10.48
CA TYR A 175 -10.06 -1.40 10.17
C TYR A 175 -11.32 -0.80 9.54
N PHE A 176 -11.88 -1.51 8.56
CA PHE A 176 -13.09 -1.07 7.89
C PHE A 176 -14.32 -1.46 8.68
N ASP A 177 -14.09 -2.22 9.76
CA ASP A 177 -15.17 -2.68 10.64
C ASP A 177 -16.18 -3.51 9.88
N GLN A 178 -15.71 -4.32 8.94
CA GLN A 178 -16.58 -5.19 8.17
C GLN A 178 -16.81 -6.49 8.94
N ARG A 179 -17.74 -6.46 9.89
CA ARG A 179 -18.03 -7.62 10.71
C ARG A 179 -18.55 -8.79 9.88
N ASP A 180 -18.97 -8.50 8.65
CA ASP A 180 -19.48 -9.54 7.78
C ASP A 180 -18.32 -10.41 7.28
N LEU A 181 -17.10 -9.88 7.37
CA LEU A 181 -15.89 -10.60 6.93
C LEU A 181 -15.00 -10.94 8.13
N ALA A 182 -15.33 -10.39 9.30
CA ALA A 182 -14.54 -10.64 10.49
C ALA A 182 -14.92 -11.96 11.14
N ASP A 183 -13.93 -12.83 11.33
CA ASP A 183 -14.15 -14.14 11.95
C ASP A 183 -15.45 -14.77 11.46
N GLU A 184 -15.37 -15.49 10.34
CA GLU A 184 -16.54 -16.14 9.77
C GLU A 184 -17.02 -17.26 10.71
N PRO A 185 -18.31 -17.53 10.77
CA PRO A 185 -18.85 -18.60 11.66
C PRO A 185 -18.52 -20.01 11.14
N SER A 186 -19.45 -20.60 10.40
CA SER A 186 -19.25 -21.94 9.84
C SER A 186 -20.07 -22.12 8.58
N LEU A 187 -20.28 -21.03 7.85
CA LEU A 187 -21.04 -21.07 6.61
C LEU A 187 -22.45 -21.61 6.86
N GLU A 188 -22.76 -21.90 8.11
CA GLU A 188 -24.09 -22.42 8.46
C GLU A 188 -24.41 -23.66 7.62
N TYR A 189 -23.38 -24.42 7.30
CA TYR A 189 -23.57 -25.64 6.50
C TYR A 189 -22.35 -26.54 6.63
N GLY B 1 17.08 25.99 -5.96
CA GLY B 1 16.89 27.29 -5.24
C GLY B 1 17.76 27.32 -3.99
N GLN B 2 17.38 28.16 -3.02
CA GLN B 2 18.15 28.26 -1.79
C GLN B 2 18.10 26.97 -0.99
N SER B 3 16.91 26.36 -0.94
CA SER B 3 16.76 25.11 -0.20
C SER B 3 15.47 24.40 -0.63
N ASP B 4 15.42 23.09 -0.38
CA ASP B 4 14.24 22.30 -0.73
C ASP B 4 14.17 21.08 0.17
N ASP B 5 13.84 21.30 1.44
CA ASP B 5 13.75 20.20 2.40
C ASP B 5 12.55 19.31 2.08
N SER B 6 12.74 18.00 2.22
CA SER B 6 11.67 17.05 1.95
C SER B 6 12.01 15.68 2.51
N ASP B 7 13.29 15.32 2.45
CA ASP B 7 13.77 14.04 2.96
C ASP B 7 14.41 14.22 4.33
N ILE B 8 14.26 15.42 4.89
CA ILE B 8 14.84 15.72 6.19
C ILE B 8 14.24 14.85 7.29
N TRP B 9 12.94 14.62 7.25
CA TRP B 9 12.28 13.79 8.27
C TRP B 9 12.40 12.31 7.93
N ASP B 10 11.27 11.63 7.77
CA ASP B 10 11.26 10.20 7.44
C ASP B 10 10.07 9.90 6.53
N ASP B 11 10.11 10.44 5.32
CA ASP B 11 9.04 10.24 4.36
C ASP B 11 9.00 8.80 3.87
N THR B 12 10.08 8.07 4.09
CA THR B 12 10.17 6.67 3.68
C THR B 12 9.49 5.78 4.71
N ALA B 13 8.79 6.41 5.65
CA ALA B 13 8.10 5.67 6.70
C ALA B 13 7.19 4.61 6.11
N LEU B 14 6.54 4.94 4.99
CA LEU B 14 5.64 4.00 4.34
C LEU B 14 6.38 2.75 3.85
N ILE B 15 7.57 2.96 3.29
CA ILE B 15 8.34 1.84 2.75
C ILE B 15 8.75 0.85 3.83
N LYS B 16 9.17 1.39 4.95
CA LYS B 16 9.64 0.57 6.07
C LYS B 16 8.54 -0.33 6.62
N ALA B 17 7.33 0.20 6.69
CA ALA B 17 6.20 -0.56 7.23
C ALA B 17 5.95 -1.83 6.41
N TYR B 18 6.29 -1.79 5.13
CA TYR B 18 6.08 -2.95 4.25
C TYR B 18 6.88 -4.17 4.72
N ASP B 19 8.16 -3.97 4.99
CA ASP B 19 9.05 -5.06 5.39
C ASP B 19 8.69 -5.66 6.76
N LYS B 20 8.26 -4.82 7.69
CA LYS B 20 7.94 -5.29 9.04
C LYS B 20 6.75 -6.26 9.01
N ALA B 21 5.71 -5.90 8.27
CA ALA B 21 4.51 -6.76 8.17
C ALA B 21 4.84 -8.11 7.54
N VAL B 22 5.63 -8.09 6.47
CA VAL B 22 6.02 -9.31 5.78
C VAL B 22 7.04 -10.11 6.60
N ALA B 23 8.01 -9.39 7.16
CA ALA B 23 9.07 -10.04 7.94
C ALA B 23 8.59 -10.46 9.32
N SER B 24 7.39 -10.04 9.71
CA SER B 24 6.86 -10.41 11.02
C SER B 24 7.09 -11.91 11.27
N PHE B 25 6.21 -12.73 10.73
CA PHE B 25 6.32 -14.18 10.90
C PHE B 25 7.64 -14.68 10.35
N LYS B 26 7.98 -14.24 9.15
CA LYS B 26 9.22 -14.65 8.51
C LYS B 26 10.43 -14.02 9.19
N GLY A 1 2.32 -21.96 21.85
CA GLY A 1 1.43 -21.83 23.03
C GLY A 1 0.83 -20.42 23.06
N TYR A 2 0.22 -20.07 24.17
CA TYR A 2 -0.39 -18.75 24.32
C TYR A 2 0.64 -17.65 24.08
N SER A 3 1.28 -17.19 25.15
CA SER A 3 2.25 -16.12 25.02
C SER A 3 1.50 -14.85 24.62
N PRO A 4 1.53 -13.78 25.40
CA PRO A 4 0.79 -12.54 25.03
C PRO A 4 0.84 -12.24 23.55
N THR A 5 -0.13 -12.79 22.83
CA THR A 5 -0.21 -12.62 21.39
C THR A 5 -0.83 -11.27 21.05
N LEU A 6 -1.25 -10.53 22.07
CA LEU A 6 -1.87 -9.22 21.85
C LEU A 6 -0.87 -8.25 21.21
N GLN A 7 0.37 -8.27 21.68
CA GLN A 7 1.39 -7.37 21.12
C GLN A 7 1.53 -7.59 19.62
N TRP A 8 1.63 -8.84 19.21
CA TRP A 8 1.78 -9.17 17.80
C TRP A 8 0.52 -8.78 17.00
N GLN A 9 -0.65 -9.02 17.59
CA GLN A 9 -1.91 -8.71 16.92
C GLN A 9 -2.08 -7.21 16.69
N GLN A 10 -1.68 -6.42 17.67
CA GLN A 10 -1.82 -4.96 17.57
C GLN A 10 -0.95 -4.37 16.45
N GLN A 11 0.23 -4.95 16.25
CA GLN A 11 1.13 -4.45 15.21
C GLN A 11 0.39 -4.14 13.92
N GLN A 12 -0.59 -4.97 13.57
CA GLN A 12 -1.34 -4.78 12.34
C GLN A 12 -2.14 -3.48 12.36
N VAL A 13 -3.21 -3.47 13.16
CA VAL A 13 -4.07 -2.28 13.25
C VAL A 13 -3.33 -1.09 13.84
N ALA A 14 -2.51 -1.35 14.85
CA ALA A 14 -1.76 -0.30 15.52
C ALA A 14 -0.95 0.54 14.53
N GLN A 15 -0.40 -0.12 13.52
CA GLN A 15 0.42 0.55 12.51
C GLN A 15 -0.39 1.55 11.69
N PHE A 16 -1.64 1.20 11.39
CA PHE A 16 -2.51 2.05 10.58
C PHE A 16 -2.75 3.40 11.24
N SER A 17 -3.09 3.40 12.51
CA SER A 17 -3.33 4.66 13.23
C SER A 17 -2.05 5.49 13.23
N THR A 18 -0.94 4.78 13.41
CA THR A 18 0.38 5.39 13.43
C THR A 18 0.71 6.05 12.09
N VAL A 19 0.39 5.37 10.99
CA VAL A 19 0.71 5.90 9.66
C VAL A 19 0.07 7.28 9.46
N ARG A 20 -1.16 7.46 9.91
CA ARG A 20 -1.83 8.74 9.77
C ARG A 20 -1.02 9.84 10.44
N GLN A 21 -0.41 9.51 11.57
CA GLN A 21 0.40 10.48 12.33
C GLN A 21 1.62 10.91 11.54
N ASN A 22 2.20 9.98 10.78
CA ASN A 22 3.41 10.25 10.00
C ASN A 22 3.18 11.29 8.91
N VAL A 23 2.02 11.23 8.26
CA VAL A 23 1.72 12.16 7.18
C VAL A 23 1.63 13.60 7.71
N ASN A 24 0.99 13.78 8.85
CA ASN A 24 0.81 15.10 9.43
C ASN A 24 2.16 15.76 9.74
N LYS A 25 3.08 14.98 10.28
CA LYS A 25 4.40 15.51 10.64
C LYS A 25 5.17 16.00 9.41
N HIS A 26 5.07 15.25 8.32
CA HIS A 26 5.77 15.58 7.09
C HIS A 26 5.02 16.65 6.29
N ARG A 27 3.86 17.08 6.79
CA ARG A 27 3.08 18.10 6.11
C ARG A 27 3.91 19.38 5.97
N SER A 28 4.59 19.74 7.06
CA SER A 28 5.43 20.93 7.06
C SER A 28 6.66 20.73 6.16
N HIS A 29 7.16 19.50 6.14
CA HIS A 29 8.34 19.17 5.34
C HIS A 29 8.09 19.40 3.86
N TRP A 30 6.99 18.87 3.34
CA TRP A 30 6.67 19.02 1.92
C TRP A 30 6.35 20.48 1.58
N LYS A 31 5.72 21.16 2.52
CA LYS A 31 5.35 22.56 2.32
C LYS A 31 6.58 23.43 2.06
N SER A 32 7.66 23.13 2.77
CA SER A 32 8.89 23.88 2.63
C SER A 32 9.66 23.48 1.37
N GLN A 33 9.17 22.45 0.67
CA GLN A 33 9.83 21.99 -0.55
C GLN A 33 9.15 22.59 -1.77
N GLN A 34 9.87 22.59 -2.90
CA GLN A 34 9.34 23.16 -4.13
C GLN A 34 8.43 22.15 -4.84
N LEU A 35 8.84 21.72 -6.04
CA LEU A 35 8.06 20.76 -6.83
C LEU A 35 7.92 19.41 -6.11
N ASP A 36 8.98 18.98 -5.47
CA ASP A 36 8.95 17.69 -4.79
C ASP A 36 7.76 17.64 -3.86
N SER A 37 7.19 18.81 -3.59
CA SER A 37 6.05 18.89 -2.69
C SER A 37 4.88 18.05 -3.22
N ASN A 38 4.65 18.10 -4.52
CA ASN A 38 3.55 17.34 -5.11
C ASN A 38 3.74 17.28 -6.62
N VAL A 39 4.82 17.91 -7.08
CA VAL A 39 5.16 17.97 -8.50
C VAL A 39 3.92 18.01 -9.38
N THR A 40 4.08 17.68 -10.66
CA THR A 40 2.97 17.68 -11.62
C THR A 40 2.62 16.26 -12.05
N MET A 41 1.33 15.94 -12.02
CA MET A 41 0.83 14.61 -12.42
C MET A 41 -0.07 14.74 -13.65
N PRO A 42 -0.14 13.75 -14.51
CA PRO A 42 -1.00 13.82 -15.74
C PRO A 42 -2.48 14.01 -15.39
N LYS A 43 -3.17 14.79 -16.21
CA LYS A 43 -4.58 15.07 -16.00
C LYS A 43 -5.37 13.80 -15.75
N SER A 44 -6.49 13.96 -15.05
CA SER A 44 -7.36 12.84 -14.73
C SER A 44 -7.91 12.20 -16.00
N GLU A 45 -8.17 13.03 -17.01
CA GLU A 45 -8.71 12.52 -18.27
C GLU A 45 -7.67 11.66 -18.98
N ASP A 46 -6.42 11.75 -18.55
CA ASP A 46 -5.34 10.95 -19.14
C ASP A 46 -5.05 9.73 -18.29
N GLU A 47 -6.00 8.80 -18.27
CA GLU A 47 -5.86 7.58 -17.48
C GLU A 47 -4.58 6.83 -17.85
N GLU A 48 -4.20 6.90 -19.12
CA GLU A 48 -2.99 6.21 -19.57
C GLU A 48 -1.76 6.79 -18.88
N GLY A 49 -1.76 8.10 -18.73
CA GLY A 49 -0.63 8.78 -18.09
C GLY A 49 -0.49 8.36 -16.64
N TRP A 50 -1.61 8.17 -15.96
CA TRP A 50 -1.59 7.77 -14.56
C TRP A 50 -1.01 6.37 -14.40
N LYS A 51 -1.48 5.44 -15.22
CA LYS A 51 -1.00 4.06 -15.16
C LYS A 51 0.47 3.99 -15.55
N LYS A 52 0.79 4.66 -16.65
CA LYS A 52 2.15 4.65 -17.16
C LYS A 52 3.14 5.30 -16.20
N PHE A 53 2.77 6.45 -15.64
CA PHE A 53 3.65 7.17 -14.73
C PHE A 53 3.76 6.48 -13.36
N CYS A 54 2.62 6.18 -12.75
CA CYS A 54 2.62 5.56 -11.42
C CYS A 54 2.84 4.04 -11.48
N LEU A 55 2.12 3.35 -12.36
CA LEU A 55 2.23 1.89 -12.49
C LEU A 55 3.10 1.51 -13.68
N GLY A 56 3.86 2.47 -14.20
CA GLY A 56 4.73 2.25 -15.37
C GLY A 56 5.27 0.81 -15.41
N GLU A 57 5.37 0.27 -16.62
CA GLU A 57 5.85 -1.11 -16.81
C GLU A 57 7.38 -1.18 -16.77
N LYS A 58 8.01 -0.10 -16.30
CA LYS A 58 9.47 -0.08 -16.21
C LYS A 58 9.96 -1.12 -15.24
N LEU A 59 9.16 -1.39 -14.21
CA LEU A 59 9.53 -2.40 -13.23
C LEU A 59 9.65 -3.75 -13.92
N CYS A 60 8.71 -4.02 -14.82
CA CYS A 60 8.72 -5.26 -15.57
C CYS A 60 9.93 -5.33 -16.50
N ALA A 61 10.26 -4.18 -17.11
CA ALA A 61 11.39 -4.11 -18.04
C ALA A 61 12.60 -3.52 -17.31
N ASP A 62 13.46 -4.40 -16.82
CA ASP A 62 14.66 -3.96 -16.11
C ASP A 62 14.30 -3.08 -14.92
N GLY A 63 13.99 -1.81 -15.20
CA GLY A 63 13.63 -0.86 -14.14
C GLY A 63 14.88 -0.25 -13.51
N ALA A 64 16.02 -0.41 -14.18
CA ALA A 64 17.28 0.12 -13.69
C ALA A 64 17.46 -0.18 -12.21
N VAL A 65 17.62 -1.47 -11.89
CA VAL A 65 17.81 -1.88 -10.51
C VAL A 65 19.12 -1.34 -9.94
N GLY A 66 20.13 -1.19 -10.81
CA GLY A 66 21.43 -0.67 -10.35
C GLY A 66 22.42 -0.50 -11.50
N PRO A 67 22.69 -1.54 -12.25
CA PRO A 67 23.67 -1.50 -13.37
C PRO A 67 23.37 -0.39 -14.38
N ALA A 68 22.10 -0.19 -14.70
CA ALA A 68 21.71 0.85 -15.64
C ALA A 68 22.03 2.23 -15.08
N THR A 69 21.86 2.38 -13.78
CA THR A 69 22.15 3.64 -13.10
C THR A 69 23.61 4.00 -13.25
N ASN A 70 24.48 3.01 -13.08
CA ASN A 70 25.91 3.23 -13.20
C ASN A 70 26.28 3.75 -14.58
N GLU A 71 25.63 3.22 -15.60
CA GLU A 71 25.91 3.64 -16.98
C GLU A 71 25.79 5.14 -17.11
N SER A 72 25.15 5.74 -16.12
CA SER A 72 24.95 7.19 -16.08
C SER A 72 24.73 7.77 -17.47
N PRO A 73 23.56 7.58 -18.03
CA PRO A 73 23.22 8.11 -19.38
C PRO A 73 23.49 9.61 -19.49
N GLY A 74 23.13 10.34 -18.44
CA GLY A 74 23.34 11.78 -18.41
C GLY A 74 23.41 12.28 -16.98
N ILE A 75 22.38 11.94 -16.19
CA ILE A 75 22.30 12.36 -14.78
C ILE A 75 21.95 11.16 -13.89
N ASP A 76 20.64 10.97 -13.65
CA ASP A 76 20.17 9.86 -12.82
C ASP A 76 18.69 10.10 -12.47
N TYR A 77 18.44 11.17 -11.72
CA TYR A 77 17.07 11.49 -11.30
C TYR A 77 16.18 11.82 -12.51
N VAL A 78 16.79 12.35 -13.57
CA VAL A 78 16.05 12.74 -14.76
C VAL A 78 15.35 11.55 -15.42
N GLN A 79 16.00 10.39 -15.41
CA GLN A 79 15.42 9.20 -16.04
C GLN A 79 14.62 8.38 -15.04
N ILE A 80 14.47 8.91 -13.83
CA ILE A 80 13.70 8.24 -12.77
C ILE A 80 12.38 8.96 -12.53
N GLY A 81 12.33 10.24 -12.87
CA GLY A 81 11.12 11.02 -12.67
C GLY A 81 10.81 11.15 -11.18
N PHE A 82 9.63 11.69 -10.86
CA PHE A 82 9.23 11.85 -9.47
C PHE A 82 8.63 10.54 -8.94
N PRO A 83 9.20 9.91 -7.92
CA PRO A 83 8.63 8.65 -7.38
C PRO A 83 7.39 8.93 -6.53
N PRO A 84 6.55 7.95 -6.31
CA PRO A 84 5.31 8.15 -5.50
C PRO A 84 5.67 8.51 -4.07
N LEU A 85 4.92 9.45 -3.51
CA LEU A 85 5.16 9.91 -2.13
C LEU A 85 3.84 10.20 -1.45
N LEU A 86 3.88 10.36 -0.15
CA LEU A 86 2.68 10.63 0.63
C LEU A 86 2.08 11.98 0.23
N SER A 87 2.94 12.96 -0.02
CA SER A 87 2.46 14.30 -0.39
C SER A 87 1.66 14.28 -1.69
N ILE A 88 2.17 13.60 -2.71
CA ILE A 88 1.45 13.53 -3.99
C ILE A 88 0.14 12.79 -3.79
N VAL A 89 0.23 11.68 -3.06
CA VAL A 89 -0.93 10.85 -2.79
C VAL A 89 -1.94 11.58 -1.93
N SER A 90 -1.45 12.32 -0.94
CA SER A 90 -2.33 13.05 -0.04
C SER A 90 -3.21 14.03 -0.81
N ARG A 91 -2.77 14.40 -2.01
CA ARG A 91 -3.53 15.33 -2.85
C ARG A 91 -4.52 14.57 -3.70
N MET A 92 -4.25 13.28 -3.89
CA MET A 92 -5.13 12.43 -4.69
C MET A 92 -6.43 12.18 -3.96
N ASN A 93 -7.54 12.28 -4.70
CA ASN A 93 -8.85 12.06 -4.11
C ASN A 93 -9.11 10.58 -3.87
N GLN A 94 -9.96 10.30 -2.89
CA GLN A 94 -10.30 8.92 -2.56
C GLN A 94 -11.01 8.26 -3.73
N ALA A 95 -11.90 9.03 -4.35
CA ALA A 95 -12.69 8.54 -5.47
C ALA A 95 -11.82 8.27 -6.70
N THR A 96 -10.77 9.06 -6.90
CA THR A 96 -9.91 8.88 -8.09
C THR A 96 -9.24 7.51 -8.10
N VAL A 97 -8.63 7.12 -7.00
CA VAL A 97 -7.95 5.83 -6.94
C VAL A 97 -8.95 4.68 -6.88
N THR A 98 -10.15 4.97 -6.39
CA THR A 98 -11.19 3.94 -6.27
C THR A 98 -11.56 3.39 -7.65
N SER A 99 -11.76 4.27 -8.61
CA SER A 99 -12.10 3.86 -9.97
C SER A 99 -10.93 3.11 -10.60
N VAL A 100 -9.73 3.59 -10.33
CA VAL A 100 -8.52 2.97 -10.87
C VAL A 100 -8.40 1.53 -10.40
N LEU A 101 -9.03 1.21 -9.28
CA LEU A 101 -8.98 -0.14 -8.74
C LEU A 101 -9.67 -1.14 -9.69
N GLU A 102 -10.81 -0.74 -10.23
CA GLU A 102 -11.58 -1.62 -11.12
C GLU A 102 -10.86 -1.90 -12.45
N TYR A 103 -10.34 -0.85 -13.09
CA TYR A 103 -9.68 -1.01 -14.39
C TYR A 103 -8.47 -1.94 -14.32
N LEU A 104 -7.58 -1.68 -13.38
CA LEU A 104 -6.35 -2.47 -13.24
C LEU A 104 -6.65 -3.94 -12.96
N SER A 105 -7.62 -4.20 -12.10
CA SER A 105 -8.00 -5.56 -11.75
C SER A 105 -8.47 -6.35 -12.97
N ASN A 106 -9.10 -5.68 -13.91
CA ASN A 106 -9.62 -6.34 -15.12
C ASN A 106 -8.50 -6.98 -15.96
N TRP A 107 -7.36 -6.29 -16.07
CA TRP A 107 -6.26 -6.82 -16.87
C TRP A 107 -5.89 -8.23 -16.42
N PHE A 108 -5.74 -8.44 -15.11
CA PHE A 108 -5.39 -9.76 -14.59
C PHE A 108 -4.26 -10.38 -15.43
N GLY A 109 -3.92 -11.65 -15.18
CA GLY A 109 -2.87 -12.30 -15.95
C GLY A 109 -1.49 -11.73 -15.62
N GLU A 110 -1.25 -11.44 -14.34
CA GLU A 110 0.03 -10.90 -13.91
C GLU A 110 0.37 -11.46 -12.53
N ARG A 111 0.29 -12.78 -12.40
CA ARG A 111 0.57 -13.45 -11.14
C ARG A 111 -0.32 -12.91 -10.03
N ASP A 112 -0.28 -13.58 -8.87
CA ASP A 112 -1.10 -13.17 -7.71
C ASP A 112 -0.22 -12.76 -6.54
N PHE A 113 -0.85 -12.15 -5.53
CA PHE A 113 -0.14 -11.67 -4.35
C PHE A 113 1.17 -10.99 -4.74
N THR A 114 1.24 -10.60 -6.02
CA THR A 114 2.41 -9.92 -6.56
C THR A 114 3.02 -8.95 -5.50
N PRO A 115 4.31 -9.02 -5.21
CA PRO A 115 4.94 -8.15 -4.16
C PRO A 115 4.99 -6.67 -4.52
N GLU A 116 4.98 -6.35 -5.81
CA GLU A 116 5.04 -4.95 -6.23
C GLU A 116 3.76 -4.20 -5.84
N LEU A 117 2.62 -4.87 -6.02
CA LEU A 117 1.32 -4.28 -5.69
C LEU A 117 1.19 -4.05 -4.19
N GLY A 118 1.77 -4.95 -3.40
CA GLY A 118 1.66 -4.84 -1.94
C GLY A 118 2.21 -3.51 -1.45
N ARG A 119 3.30 -3.05 -2.02
CA ARG A 119 3.88 -1.78 -1.62
C ARG A 119 2.86 -0.67 -1.89
N TRP A 120 2.22 -0.77 -3.04
CA TRP A 120 1.21 0.19 -3.46
C TRP A 120 -0.07 0.01 -2.61
N LEU A 121 -0.38 -1.24 -2.29
CA LEU A 121 -1.58 -1.58 -1.52
C LEU A 121 -1.69 -0.74 -0.25
N TYR A 122 -0.58 -0.58 0.46
CA TYR A 122 -0.59 0.20 1.70
C TYR A 122 -0.99 1.65 1.44
N ALA A 123 -0.54 2.20 0.32
CA ALA A 123 -0.84 3.59 -0.03
C ALA A 123 -2.35 3.84 -0.17
N LEU A 124 -3.09 2.85 -0.66
CA LEU A 124 -4.53 3.04 -0.85
C LEU A 124 -5.25 3.30 0.49
N LEU A 125 -4.90 2.52 1.51
CA LEU A 125 -5.54 2.69 2.82
C LEU A 125 -5.21 4.07 3.40
N ALA A 126 -3.97 4.49 3.26
CA ALA A 126 -3.54 5.79 3.76
C ALA A 126 -4.34 6.92 3.13
N CYS A 127 -4.89 6.67 1.94
CA CYS A 127 -5.67 7.70 1.25
C CYS A 127 -7.12 7.71 1.75
N LEU A 128 -7.53 6.61 2.41
CA LEU A 128 -8.89 6.51 2.96
C LEU A 128 -8.87 6.92 4.43
N GLU A 129 -9.80 7.82 4.79
CA GLU A 129 -9.90 8.32 6.16
C GLU A 129 -10.87 7.46 6.97
N LYS A 130 -11.07 7.83 8.24
CA LYS A 130 -11.96 7.07 9.11
C LYS A 130 -13.26 6.72 8.36
N PRO A 131 -14.06 7.70 7.99
CA PRO A 131 -15.33 7.44 7.26
C PRO A 131 -15.06 6.84 5.87
N LEU A 132 -15.92 5.90 5.45
CA LEU A 132 -15.77 5.26 4.14
C LEU A 132 -17.05 5.46 3.32
N LEU A 133 -16.89 5.89 2.07
CA LEU A 133 -18.04 6.11 1.22
C LEU A 133 -18.78 4.79 1.02
N PRO A 134 -20.07 4.79 0.73
CA PRO A 134 -20.82 3.51 0.52
C PRO A 134 -20.11 2.59 -0.49
N GLU A 135 -19.65 3.18 -1.58
CA GLU A 135 -18.97 2.41 -2.62
C GLU A 135 -17.60 1.93 -2.17
N ALA A 136 -16.88 2.79 -1.45
CA ALA A 136 -15.54 2.43 -0.98
C ALA A 136 -15.59 1.28 0.02
N HIS A 137 -16.59 1.31 0.89
CA HIS A 137 -16.76 0.27 1.90
C HIS A 137 -17.09 -1.08 1.26
N SER A 138 -17.95 -1.05 0.25
CA SER A 138 -18.34 -2.28 -0.43
C SER A 138 -17.18 -2.94 -1.17
N LEU A 139 -16.38 -2.13 -1.87
CA LEU A 139 -15.26 -2.65 -2.67
C LEU A 139 -14.17 -3.34 -1.82
N ILE A 140 -13.81 -2.77 -0.68
CA ILE A 140 -12.76 -3.35 0.15
C ILE A 140 -13.12 -4.79 0.53
N ARG A 141 -14.41 -5.06 0.66
CA ARG A 141 -14.87 -6.39 1.01
C ARG A 141 -14.66 -7.36 -0.17
N GLN A 142 -14.91 -6.87 -1.38
CA GLN A 142 -14.80 -7.69 -2.60
C GLN A 142 -13.40 -8.27 -2.82
N LEU A 143 -12.38 -7.43 -2.70
CA LEU A 143 -11.00 -7.90 -2.92
C LEU A 143 -10.56 -8.92 -1.89
N ALA A 144 -11.01 -8.75 -0.65
CA ALA A 144 -10.63 -9.66 0.42
C ALA A 144 -11.12 -11.09 0.15
N ARG A 145 -12.31 -11.21 -0.43
CA ARG A 145 -12.88 -12.53 -0.72
C ARG A 145 -12.06 -13.31 -1.74
N ARG A 146 -11.56 -12.62 -2.77
CA ARG A 146 -10.77 -13.28 -3.82
C ARG A 146 -9.46 -13.83 -3.26
N CYS A 147 -8.84 -13.09 -2.35
CA CYS A 147 -7.57 -13.49 -1.76
C CYS A 147 -7.69 -14.88 -1.10
N SER A 148 -8.85 -15.17 -0.52
CA SER A 148 -9.07 -16.45 0.14
C SER A 148 -8.87 -17.62 -0.81
N GLU A 149 -9.18 -17.42 -2.08
CA GLU A 149 -9.01 -18.47 -3.07
C GLU A 149 -7.55 -18.88 -3.20
N VAL A 150 -6.66 -17.91 -3.08
CA VAL A 150 -5.23 -18.17 -3.20
C VAL A 150 -4.76 -19.19 -2.17
N ARG A 151 -5.21 -19.02 -0.92
CA ARG A 151 -4.80 -19.92 0.15
C ARG A 151 -5.22 -21.37 -0.15
N LEU A 152 -6.43 -21.54 -0.68
CA LEU A 152 -6.92 -22.88 -1.02
C LEU A 152 -6.06 -23.54 -2.07
N LEU A 153 -5.63 -22.75 -3.05
CA LEU A 153 -4.79 -23.27 -4.14
C LEU A 153 -3.46 -23.78 -3.60
N VAL A 154 -2.88 -23.07 -2.65
CA VAL A 154 -1.60 -23.49 -2.08
C VAL A 154 -1.66 -24.98 -1.71
N ASP A 155 -0.58 -25.70 -2.02
CA ASP A 155 -0.50 -27.13 -1.73
C ASP A 155 0.16 -27.39 -0.37
N SER A 156 0.75 -26.36 0.23
CA SER A 156 1.42 -26.50 1.53
C SER A 156 1.40 -25.21 2.32
N LYS A 157 1.20 -25.33 3.63
CA LYS A 157 1.17 -24.17 4.51
C LYS A 157 2.58 -23.69 4.79
N ASP A 158 3.55 -24.53 4.46
CA ASP A 158 4.95 -24.20 4.67
C ASP A 158 5.42 -23.26 3.57
N ASP A 159 4.47 -22.75 2.79
CA ASP A 159 4.79 -21.84 1.69
C ASP A 159 5.70 -20.70 2.16
N GLU A 160 5.88 -20.61 3.49
CA GLU A 160 6.73 -19.57 4.09
C GLU A 160 6.13 -18.17 3.92
N ARG A 161 5.32 -17.99 2.88
CA ARG A 161 4.67 -16.70 2.62
C ARG A 161 3.27 -16.69 3.22
N VAL A 162 2.68 -17.89 3.29
CA VAL A 162 1.33 -18.05 3.82
C VAL A 162 1.15 -17.33 5.17
N PRO A 163 2.06 -17.45 6.11
CA PRO A 163 1.92 -16.78 7.44
C PRO A 163 1.67 -15.28 7.29
N ALA A 164 2.42 -14.65 6.40
CA ALA A 164 2.24 -13.21 6.15
C ALA A 164 0.86 -12.96 5.56
N LEU A 165 0.46 -13.82 4.63
CA LEU A 165 -0.84 -13.67 3.98
C LEU A 165 -1.98 -13.83 4.99
N ASN A 166 -1.86 -14.83 5.86
CA ASN A 166 -2.92 -15.07 6.84
C ASN A 166 -3.09 -13.89 7.79
N LEU A 167 -1.97 -13.33 8.24
CA LEU A 167 -2.00 -12.19 9.16
C LEU A 167 -2.57 -10.96 8.48
N LEU A 168 -2.24 -10.79 7.22
CA LEU A 168 -2.68 -9.64 6.43
C LEU A 168 -4.21 -9.57 6.35
N ILE A 169 -4.85 -10.72 6.18
CA ILE A 169 -6.30 -10.78 6.08
C ILE A 169 -6.97 -10.24 7.35
N CYS A 170 -6.43 -10.60 8.50
CA CYS A 170 -7.00 -10.15 9.77
C CYS A 170 -7.10 -8.62 9.81
N LEU A 171 -6.15 -7.95 9.18
CA LEU A 171 -6.14 -6.49 9.18
C LEU A 171 -7.40 -5.91 8.54
N VAL A 172 -7.79 -6.47 7.39
CA VAL A 172 -8.97 -5.99 6.68
C VAL A 172 -10.23 -6.17 7.53
N SER A 173 -10.34 -7.32 8.18
CA SER A 173 -11.52 -7.62 9.00
C SER A 173 -11.76 -6.53 10.03
N ARG A 174 -10.69 -6.06 10.65
CA ARG A 174 -10.80 -5.00 11.64
C ARG A 174 -11.14 -3.69 10.97
N TYR A 175 -10.51 -3.46 9.82
CA TYR A 175 -10.72 -2.25 9.06
C TYR A 175 -12.17 -2.13 8.60
N PHE A 176 -12.71 -3.22 8.05
CA PHE A 176 -14.08 -3.23 7.57
C PHE A 176 -15.05 -3.21 8.74
N ASP A 177 -14.57 -3.63 9.91
CA ASP A 177 -15.37 -3.70 11.12
C ASP A 177 -16.02 -5.08 11.24
N GLN A 178 -15.99 -5.85 10.15
CA GLN A 178 -16.56 -7.21 10.18
C GLN A 178 -15.48 -8.19 10.58
N ARG A 179 -15.63 -8.76 11.78
CA ARG A 179 -14.65 -9.71 12.30
C ARG A 179 -14.80 -11.10 11.68
N ASP A 180 -15.83 -11.31 10.86
CA ASP A 180 -16.03 -12.62 10.27
C ASP A 180 -14.78 -13.04 9.51
N LEU A 181 -14.04 -12.04 9.02
CA LEU A 181 -12.80 -12.29 8.29
C LEU A 181 -11.62 -12.27 9.26
N ALA A 182 -11.88 -11.99 10.54
CA ALA A 182 -10.80 -11.94 11.50
C ALA A 182 -10.05 -13.25 11.55
N ASP A 183 -10.77 -14.35 11.66
CA ASP A 183 -10.15 -15.68 11.71
C ASP A 183 -11.21 -16.77 11.63
N GLU A 184 -12.47 -16.40 11.80
CA GLU A 184 -13.56 -17.37 11.75
C GLU A 184 -13.82 -17.80 10.30
N PRO A 185 -14.17 -19.06 10.05
CA PRO A 185 -14.44 -19.55 8.66
C PRO A 185 -15.80 -19.07 8.16
N SER A 186 -16.81 -19.25 8.99
CA SER A 186 -18.18 -18.85 8.64
C SER A 186 -19.03 -18.66 9.89
N LEU A 187 -18.45 -18.04 10.91
CA LEU A 187 -19.16 -17.81 12.16
C LEU A 187 -19.66 -19.15 12.73
N GLU A 188 -19.27 -20.25 12.10
CA GLU A 188 -19.68 -21.57 12.54
C GLU A 188 -21.20 -21.66 12.61
N TYR A 189 -21.88 -20.90 11.76
CA TYR A 189 -23.34 -20.90 11.74
C TYR A 189 -23.87 -22.30 11.41
N GLY B 1 26.33 22.15 2.46
CA GLY B 1 26.05 23.59 2.23
C GLY B 1 25.27 24.14 3.42
N GLN B 2 24.27 24.98 3.14
CA GLN B 2 23.46 25.56 4.20
C GLN B 2 22.70 24.48 4.95
N SER B 3 22.23 23.47 4.22
CA SER B 3 21.49 22.36 4.82
C SER B 3 21.66 21.08 4.00
N ASP B 4 21.56 19.94 4.68
CA ASP B 4 21.70 18.64 4.01
C ASP B 4 20.82 17.61 4.70
N ASP B 5 19.80 18.10 5.40
CA ASP B 5 18.88 17.23 6.09
C ASP B 5 18.01 16.46 5.11
N SER B 6 17.73 15.20 5.41
CA SER B 6 16.89 14.36 4.55
C SER B 6 16.26 13.23 5.33
N ASP B 7 16.89 12.87 6.46
CA ASP B 7 16.40 11.80 7.32
C ASP B 7 15.49 12.35 8.40
N ILE B 8 15.21 13.65 8.35
CA ILE B 8 14.35 14.25 9.37
C ILE B 8 13.09 13.41 9.56
N TRP B 9 13.11 12.67 10.65
CA TRP B 9 12.00 11.82 11.05
C TRP B 9 11.94 10.56 10.17
N ASP B 10 10.83 10.33 9.47
CA ASP B 10 10.72 9.13 8.61
C ASP B 10 9.69 9.37 7.49
N ASP B 11 10.12 10.09 6.45
CA ASP B 11 9.23 10.37 5.33
C ASP B 11 8.90 9.08 4.57
N THR B 12 9.86 8.17 4.53
CA THR B 12 9.69 6.89 3.85
C THR B 12 8.93 5.92 4.74
N ALA B 13 8.34 6.44 5.81
CA ALA B 13 7.60 5.64 6.76
C ALA B 13 6.64 4.70 6.04
N LEU B 14 6.05 5.19 4.95
CA LEU B 14 5.11 4.38 4.20
C LEU B 14 5.82 3.16 3.61
N ILE B 15 7.02 3.38 3.08
CA ILE B 15 7.79 2.30 2.46
C ILE B 15 8.29 1.29 3.50
N LYS B 16 8.76 1.79 4.63
CA LYS B 16 9.29 0.94 5.69
C LYS B 16 8.25 -0.05 6.20
N ALA B 17 7.01 0.40 6.29
CA ALA B 17 5.92 -0.43 6.79
C ALA B 17 5.73 -1.68 5.96
N TYR B 18 6.06 -1.60 4.67
CA TYR B 18 5.90 -2.75 3.77
C TYR B 18 6.78 -3.94 4.23
N ASP B 19 8.05 -3.66 4.49
CA ASP B 19 9.01 -4.70 4.89
C ASP B 19 8.67 -5.32 6.25
N LYS B 20 8.24 -4.51 7.20
CA LYS B 20 7.97 -5.00 8.55
C LYS B 20 6.81 -6.01 8.57
N ALA B 21 5.72 -5.70 7.87
CA ALA B 21 4.57 -6.59 7.85
C ALA B 21 4.93 -7.93 7.21
N VAL B 22 5.69 -7.86 6.14
CA VAL B 22 6.13 -9.07 5.45
C VAL B 22 7.23 -9.78 6.25
N ALA B 23 8.15 -8.99 6.79
CA ALA B 23 9.28 -9.52 7.54
C ALA B 23 8.87 -10.04 8.91
N SER B 24 7.64 -9.79 9.34
CA SER B 24 7.19 -10.25 10.65
C SER B 24 7.05 -11.77 10.71
N PHE B 25 7.99 -12.48 10.09
CA PHE B 25 7.96 -13.95 10.10
C PHE B 25 9.38 -14.50 10.07
N LYS B 26 10.29 -13.75 9.44
CA LYS B 26 11.69 -14.17 9.33
C LYS B 26 12.46 -13.77 10.59
N GLY A 1 0.00 -16.15 28.64
CA GLY A 1 0.52 -15.17 27.65
C GLY A 1 0.05 -15.56 26.24
N TYR A 2 0.09 -16.85 25.96
CA TYR A 2 -0.33 -17.35 24.65
C TYR A 2 -1.80 -17.02 24.36
N SER A 3 -2.66 -17.31 25.32
CA SER A 3 -4.08 -17.04 25.15
C SER A 3 -4.33 -15.58 24.76
N PRO A 4 -3.97 -14.64 25.60
CA PRO A 4 -4.17 -13.20 25.30
C PRO A 4 -3.23 -12.70 24.19
N THR A 5 -3.46 -13.20 22.97
CA THR A 5 -2.64 -12.81 21.83
C THR A 5 -3.16 -11.50 21.22
N LEU A 6 -4.14 -10.89 21.89
CA LEU A 6 -4.73 -9.65 21.42
C LEU A 6 -3.67 -8.54 21.35
N GLN A 7 -2.83 -8.47 22.37
CA GLN A 7 -1.79 -7.44 22.41
C GLN A 7 -0.88 -7.55 21.20
N TRP A 8 -0.45 -8.77 20.90
CA TRP A 8 0.42 -9.02 19.76
C TRP A 8 -0.27 -8.68 18.45
N GLN A 9 -1.55 -9.04 18.36
CA GLN A 9 -2.33 -8.81 17.14
C GLN A 9 -2.44 -7.30 16.84
N GLN A 10 -2.59 -6.50 17.88
CA GLN A 10 -2.72 -5.05 17.68
C GLN A 10 -1.50 -4.46 16.99
N GLN A 11 -0.32 -4.98 17.33
CA GLN A 11 0.92 -4.49 16.73
C GLN A 11 0.75 -4.21 15.24
N GLN A 12 0.00 -5.07 14.54
CA GLN A 12 -0.21 -4.90 13.10
C GLN A 12 -1.02 -3.65 12.78
N VAL A 13 -2.31 -3.67 13.12
CA VAL A 13 -3.19 -2.53 12.83
C VAL A 13 -2.75 -1.27 13.60
N ALA A 14 -2.34 -1.47 14.85
CA ALA A 14 -1.92 -0.35 15.68
C ALA A 14 -0.84 0.48 14.99
N GLN A 15 0.07 -0.21 14.31
CA GLN A 15 1.16 0.45 13.62
C GLN A 15 0.65 1.37 12.51
N PHE A 16 -0.42 0.95 11.85
CA PHE A 16 -1.01 1.73 10.76
C PHE A 16 -1.43 3.12 11.22
N SER A 17 -2.12 3.19 12.35
CA SER A 17 -2.58 4.49 12.87
C SER A 17 -1.37 5.37 13.24
N THR A 18 -0.35 4.71 13.77
CA THR A 18 0.88 5.36 14.18
C THR A 18 1.62 5.98 12.99
N VAL A 19 1.70 5.24 11.88
CA VAL A 19 2.40 5.73 10.70
C VAL A 19 1.73 6.99 10.15
N ARG A 20 0.41 7.05 10.24
CA ARG A 20 -0.34 8.21 9.76
C ARG A 20 0.13 9.48 10.45
N GLN A 21 0.50 9.35 11.72
CA GLN A 21 0.95 10.50 12.49
C GLN A 21 2.21 11.11 11.85
N ASN A 22 3.07 10.25 11.33
CA ASN A 22 4.30 10.69 10.69
C ASN A 22 4.01 11.52 9.45
N VAL A 23 2.98 11.15 8.72
CA VAL A 23 2.60 11.86 7.50
C VAL A 23 2.22 13.32 7.80
N ASN A 24 1.49 13.50 8.89
CA ASN A 24 1.03 14.84 9.28
C ASN A 24 2.20 15.80 9.52
N LYS A 25 3.26 15.31 10.17
CA LYS A 25 4.43 16.16 10.44
C LYS A 25 5.08 16.64 9.16
N HIS A 26 5.21 15.73 8.21
CA HIS A 26 5.85 16.06 6.93
C HIS A 26 4.96 16.91 6.05
N ARG A 27 3.70 17.06 6.44
CA ARG A 27 2.77 17.86 5.64
C ARG A 27 3.27 19.29 5.51
N SER A 28 3.72 19.85 6.63
CA SER A 28 4.23 21.22 6.64
C SER A 28 5.46 21.36 5.74
N HIS A 29 6.33 20.36 5.75
CA HIS A 29 7.55 20.40 4.96
C HIS A 29 7.25 20.47 3.44
N TRP A 30 6.34 19.63 2.97
CA TRP A 30 5.99 19.64 1.55
C TRP A 30 5.37 20.98 1.15
N LYS A 31 4.63 21.57 2.07
CA LYS A 31 3.98 22.86 1.82
C LYS A 31 5.02 23.90 1.42
N SER A 32 6.27 23.63 1.77
CA SER A 32 7.35 24.55 1.46
C SER A 32 7.74 24.42 -0.01
N GLN A 33 7.08 23.50 -0.71
CA GLN A 33 7.32 23.29 -2.14
C GLN A 33 6.03 22.88 -2.83
N GLN A 34 5.90 23.24 -4.11
CA GLN A 34 4.71 22.91 -4.88
C GLN A 34 4.89 21.59 -5.61
N LEU A 35 3.83 21.11 -6.24
CA LEU A 35 3.88 19.85 -6.97
C LEU A 35 4.86 19.95 -8.14
N ASP A 36 4.84 21.09 -8.81
CA ASP A 36 5.72 21.31 -9.94
C ASP A 36 7.17 21.22 -9.49
N SER A 37 7.38 21.18 -8.19
CA SER A 37 8.72 21.10 -7.64
C SER A 37 9.45 19.88 -8.18
N ASN A 38 8.74 18.75 -8.28
CA ASN A 38 9.34 17.51 -8.78
C ASN A 38 8.31 16.52 -9.31
N VAL A 39 7.06 16.97 -9.48
CA VAL A 39 6.02 16.06 -9.97
C VAL A 39 4.96 16.79 -10.80
N THR A 40 4.59 16.20 -11.94
CA THR A 40 3.56 16.75 -12.82
C THR A 40 2.35 15.81 -12.84
N MET A 41 1.15 16.36 -12.66
CA MET A 41 -0.06 15.54 -12.67
C MET A 41 -0.65 15.48 -14.10
N PRO A 42 -0.65 14.35 -14.78
CA PRO A 42 -1.23 14.26 -16.15
C PRO A 42 -2.64 14.83 -16.22
N LYS A 43 -2.96 15.44 -17.35
CA LYS A 43 -4.27 16.05 -17.54
C LYS A 43 -5.38 15.11 -17.13
N SER A 44 -6.36 15.64 -16.41
CA SER A 44 -7.50 14.85 -15.95
C SER A 44 -8.25 14.23 -17.13
N GLU A 45 -8.27 14.93 -18.25
CA GLU A 45 -8.97 14.42 -19.43
C GLU A 45 -8.30 13.17 -19.95
N ASP A 46 -7.08 12.91 -19.48
CA ASP A 46 -6.31 11.73 -19.89
C ASP A 46 -6.17 10.78 -18.71
N GLU A 47 -7.30 10.24 -18.27
CA GLU A 47 -7.30 9.32 -17.14
C GLU A 47 -6.48 8.07 -17.43
N GLU A 48 -6.56 7.59 -18.67
CA GLU A 48 -5.82 6.38 -19.05
C GLU A 48 -4.33 6.61 -18.81
N GLY A 49 -3.85 7.79 -19.20
CA GLY A 49 -2.44 8.12 -19.02
C GLY A 49 -2.08 8.21 -17.54
N TRP A 50 -3.03 8.69 -16.75
CA TRP A 50 -2.84 8.85 -15.31
C TRP A 50 -2.53 7.50 -14.64
N LYS A 51 -3.18 6.44 -15.10
CA LYS A 51 -2.96 5.14 -14.50
C LYS A 51 -1.48 4.78 -14.58
N LYS A 52 -0.86 5.08 -15.71
CA LYS A 52 0.56 4.80 -15.90
C LYS A 52 1.41 5.63 -14.94
N PHE A 53 1.09 6.92 -14.85
CA PHE A 53 1.84 7.85 -14.00
C PHE A 53 1.61 7.57 -12.52
N CYS A 54 0.37 7.29 -12.14
CA CYS A 54 0.04 7.03 -10.74
C CYS A 54 0.88 5.90 -10.16
N LEU A 55 1.02 4.79 -10.88
CA LEU A 55 1.80 3.66 -10.39
C LEU A 55 3.29 3.90 -10.64
N GLY A 56 3.62 4.42 -11.81
CA GLY A 56 5.03 4.70 -12.17
C GLY A 56 5.61 3.59 -13.04
N GLU A 57 6.67 3.93 -13.77
CA GLU A 57 7.34 2.97 -14.65
C GLU A 57 8.50 2.28 -13.94
N LYS A 58 8.56 2.44 -12.63
CA LYS A 58 9.64 1.83 -11.84
C LYS A 58 9.56 0.30 -11.92
N LEU A 59 8.35 -0.22 -12.02
CA LEU A 59 8.19 -1.68 -12.11
C LEU A 59 8.90 -2.18 -13.34
N CYS A 60 8.75 -1.45 -14.45
CA CYS A 60 9.41 -1.81 -15.69
C CYS A 60 10.93 -1.69 -15.53
N ALA A 61 11.35 -0.66 -14.81
CA ALA A 61 12.77 -0.41 -14.58
C ALA A 61 13.30 -1.36 -13.50
N ASP A 62 12.38 -2.00 -12.79
CA ASP A 62 12.73 -2.92 -11.73
C ASP A 62 13.61 -2.24 -10.70
N GLY A 63 13.55 -2.72 -9.47
CA GLY A 63 14.34 -2.14 -8.40
C GLY A 63 15.83 -2.31 -8.68
N ALA A 64 16.19 -3.42 -9.32
CA ALA A 64 17.59 -3.68 -9.63
C ALA A 64 18.44 -3.50 -8.39
N VAL A 65 18.03 -4.14 -7.31
CA VAL A 65 18.75 -4.05 -6.05
C VAL A 65 19.99 -4.94 -6.07
N GLY A 66 21.13 -4.35 -6.38
CA GLY A 66 22.38 -5.10 -6.44
C GLY A 66 23.58 -4.16 -6.36
N PRO A 67 23.83 -3.45 -7.43
CA PRO A 67 24.97 -2.47 -7.51
C PRO A 67 24.70 -1.21 -6.69
N ALA A 68 24.24 -1.40 -5.46
CA ALA A 68 23.94 -0.26 -4.59
C ALA A 68 22.97 0.69 -5.27
N THR A 69 21.70 0.30 -5.32
CA THR A 69 20.67 1.12 -5.95
C THR A 69 19.92 1.94 -4.90
N ASN A 70 19.84 1.40 -3.69
CA ASN A 70 19.16 2.09 -2.60
C ASN A 70 19.87 3.41 -2.30
N GLU A 71 21.20 3.38 -2.41
CA GLU A 71 22.01 4.57 -2.15
C GLU A 71 21.92 5.55 -3.32
N SER A 72 20.99 5.25 -4.23
CA SER A 72 20.77 6.08 -5.43
C SER A 72 21.05 7.57 -5.16
N PRO A 73 22.23 8.06 -5.48
CA PRO A 73 22.58 9.50 -5.23
C PRO A 73 22.04 10.41 -6.34
N GLY A 74 21.57 9.80 -7.43
CA GLY A 74 21.02 10.55 -8.57
C GLY A 74 21.70 10.12 -9.86
N ILE A 75 21.54 8.85 -10.22
CA ILE A 75 22.16 8.31 -11.42
C ILE A 75 21.54 8.90 -12.69
N ASP A 76 20.30 8.49 -12.98
CA ASP A 76 19.60 8.97 -14.18
C ASP A 76 18.18 8.39 -14.24
N TYR A 77 18.08 7.07 -14.27
CA TYR A 77 16.78 6.41 -14.35
C TYR A 77 15.90 6.76 -13.16
N VAL A 78 16.52 6.96 -12.01
CA VAL A 78 15.77 7.28 -10.80
C VAL A 78 15.04 8.61 -10.94
N GLN A 79 15.75 9.64 -11.37
CA GLN A 79 15.15 10.97 -11.49
C GLN A 79 14.15 11.01 -12.62
N ILE A 80 14.19 9.99 -13.44
CA ILE A 80 13.27 9.88 -14.56
C ILE A 80 11.96 9.28 -14.10
N GLY A 81 12.02 8.53 -13.00
CA GLY A 81 10.83 7.89 -12.41
C GLY A 81 10.56 8.44 -11.01
N PHE A 82 9.41 9.10 -10.84
CA PHE A 82 9.06 9.67 -9.54
C PHE A 82 8.26 8.66 -8.71
N PRO A 83 8.76 8.16 -7.59
CA PRO A 83 8.01 7.18 -6.76
C PRO A 83 6.94 7.88 -5.92
N PRO A 84 5.95 7.16 -5.47
CA PRO A 84 4.85 7.75 -4.66
C PRO A 84 5.36 8.30 -3.33
N LEU A 85 4.85 9.47 -2.94
CA LEU A 85 5.24 10.12 -1.70
C LEU A 85 4.06 10.84 -1.08
N LEU A 86 4.30 11.49 0.05
CA LEU A 86 3.24 12.19 0.76
C LEU A 86 2.68 13.34 -0.07
N SER A 87 3.55 14.13 -0.69
CA SER A 87 3.11 15.27 -1.49
C SER A 87 2.28 14.83 -2.69
N ILE A 88 2.74 13.79 -3.38
CA ILE A 88 2.01 13.30 -4.56
C ILE A 88 0.65 12.78 -4.14
N VAL A 89 0.66 11.94 -3.11
CA VAL A 89 -0.55 11.34 -2.59
C VAL A 89 -1.45 12.38 -1.94
N SER A 90 -0.83 13.39 -1.33
CA SER A 90 -1.57 14.44 -0.63
C SER A 90 -2.58 15.16 -1.53
N ARG A 91 -2.19 15.44 -2.78
CA ARG A 91 -3.08 16.15 -3.70
C ARG A 91 -4.02 15.18 -4.42
N MET A 92 -3.62 13.91 -4.46
CA MET A 92 -4.44 12.90 -5.12
C MET A 92 -5.67 12.60 -4.27
N ASN A 93 -6.84 12.67 -4.90
CA ASN A 93 -8.09 12.40 -4.19
C ASN A 93 -8.25 10.92 -3.89
N GLN A 94 -8.95 10.63 -2.81
CA GLN A 94 -9.21 9.25 -2.42
C GLN A 94 -10.09 8.59 -3.49
N ALA A 95 -11.03 9.38 -4.01
CA ALA A 95 -11.96 8.91 -5.02
C ALA A 95 -11.27 8.61 -6.35
N THR A 96 -10.24 9.39 -6.69
CA THR A 96 -9.55 9.19 -7.97
C THR A 96 -8.92 7.80 -8.07
N VAL A 97 -8.17 7.40 -7.06
CA VAL A 97 -7.53 6.08 -7.10
C VAL A 97 -8.57 4.98 -6.98
N THR A 98 -9.70 5.29 -6.36
CA THR A 98 -10.75 4.30 -6.18
C THR A 98 -11.26 3.81 -7.54
N SER A 99 -11.47 4.73 -8.46
CA SER A 99 -11.92 4.38 -9.81
C SER A 99 -10.85 3.55 -10.52
N VAL A 100 -9.60 3.97 -10.35
CA VAL A 100 -8.46 3.30 -10.97
C VAL A 100 -8.40 1.84 -10.52
N LEU A 101 -9.13 1.52 -9.46
CA LEU A 101 -9.15 0.16 -8.94
C LEU A 101 -9.73 -0.81 -9.97
N GLU A 102 -10.72 -0.36 -10.71
CA GLU A 102 -11.36 -1.21 -11.71
C GLU A 102 -10.35 -1.66 -12.76
N TYR A 103 -9.50 -0.75 -13.20
CA TYR A 103 -8.50 -1.07 -14.22
C TYR A 103 -7.51 -2.14 -13.71
N LEU A 104 -7.16 -2.03 -12.43
CA LEU A 104 -6.20 -2.96 -11.83
C LEU A 104 -6.72 -4.40 -11.89
N SER A 105 -8.00 -4.57 -11.59
CA SER A 105 -8.61 -5.89 -11.59
C SER A 105 -8.70 -6.47 -13.00
N ASN A 106 -8.83 -5.61 -14.00
CA ASN A 106 -8.93 -6.05 -15.38
C ASN A 106 -7.66 -6.77 -15.81
N TRP A 107 -6.53 -6.33 -15.29
CA TRP A 107 -5.25 -6.94 -15.64
C TRP A 107 -5.26 -8.45 -15.36
N PHE A 108 -5.87 -8.84 -14.24
CA PHE A 108 -5.93 -10.26 -13.87
C PHE A 108 -4.57 -10.92 -14.02
N GLY A 109 -4.36 -11.59 -15.14
CA GLY A 109 -3.09 -12.26 -15.38
C GLY A 109 -3.03 -13.62 -14.69
N GLU A 110 -4.16 -14.34 -14.73
CA GLU A 110 -4.27 -15.66 -14.11
C GLU A 110 -4.13 -15.55 -12.60
N ARG A 111 -3.27 -16.37 -12.01
CA ARG A 111 -3.08 -16.34 -10.57
C ARG A 111 -1.94 -15.39 -10.20
N ASP A 112 -2.00 -14.18 -10.74
CA ASP A 112 -0.99 -13.17 -10.46
C ASP A 112 -1.29 -12.49 -9.13
N PHE A 113 -0.23 -12.03 -8.46
CA PHE A 113 -0.36 -11.35 -7.17
C PHE A 113 0.74 -10.30 -7.06
N THR A 114 1.89 -10.60 -7.66
CA THR A 114 3.03 -9.70 -7.67
C THR A 114 3.46 -9.31 -6.24
N PRO A 115 4.71 -9.52 -5.85
CA PRO A 115 5.18 -9.17 -4.46
C PRO A 115 5.32 -7.66 -4.26
N GLU A 116 6.18 -7.03 -5.05
CA GLU A 116 6.42 -5.60 -4.92
C GLU A 116 5.11 -4.82 -4.96
N LEU A 117 4.10 -5.39 -5.61
CA LEU A 117 2.81 -4.73 -5.67
C LEU A 117 2.27 -4.55 -4.25
N GLY A 118 2.67 -5.44 -3.36
CA GLY A 118 2.21 -5.36 -1.97
C GLY A 118 2.62 -4.01 -1.36
N ARG A 119 3.76 -3.47 -1.77
CA ARG A 119 4.19 -2.18 -1.24
C ARG A 119 3.16 -1.12 -1.64
N TRP A 120 2.66 -1.24 -2.85
CA TRP A 120 1.66 -0.32 -3.37
C TRP A 120 0.34 -0.50 -2.62
N LEU A 121 0.03 -1.74 -2.26
CA LEU A 121 -1.22 -2.06 -1.57
C LEU A 121 -1.41 -1.22 -0.30
N TYR A 122 -0.38 -1.13 0.53
CA TYR A 122 -0.50 -0.35 1.77
C TYR A 122 -0.73 1.13 1.49
N ALA A 123 -0.07 1.65 0.47
CA ALA A 123 -0.19 3.05 0.10
C ALA A 123 -1.64 3.42 -0.23
N LEU A 124 -2.37 2.48 -0.79
CA LEU A 124 -3.76 2.73 -1.18
C LEU A 124 -4.62 3.07 0.04
N LEU A 125 -4.46 2.31 1.11
CA LEU A 125 -5.23 2.54 2.32
C LEU A 125 -4.92 3.91 2.92
N ALA A 126 -3.65 4.29 2.87
CA ALA A 126 -3.23 5.58 3.42
C ALA A 126 -3.84 6.73 2.62
N CYS A 127 -4.39 6.43 1.44
CA CYS A 127 -5.00 7.45 0.61
C CYS A 127 -6.45 7.71 1.04
N LEU A 128 -6.98 6.81 1.87
CA LEU A 128 -8.35 6.94 2.37
C LEU A 128 -8.32 7.57 3.76
N GLU A 129 -9.15 8.60 3.97
CA GLU A 129 -9.22 9.31 5.25
C GLU A 129 -10.69 9.56 5.62
N LYS A 130 -11.42 10.14 4.69
CA LYS A 130 -12.85 10.44 4.91
C LYS A 130 -13.63 9.12 4.94
N PRO A 131 -14.90 9.10 5.34
CA PRO A 131 -15.69 7.82 5.36
C PRO A 131 -15.82 7.22 3.96
N LEU A 132 -15.84 5.90 3.88
CA LEU A 132 -15.96 5.23 2.58
C LEU A 132 -17.39 5.29 2.06
N LEU A 133 -17.53 5.75 0.82
CA LEU A 133 -18.84 5.83 0.20
C LEU A 133 -19.46 4.42 0.14
N PRO A 134 -20.76 4.28 0.02
CA PRO A 134 -21.38 2.92 -0.04
C PRO A 134 -20.68 2.05 -1.09
N GLU A 135 -20.35 2.65 -2.23
CA GLU A 135 -19.68 1.93 -3.31
C GLU A 135 -18.26 1.53 -2.90
N ALA A 136 -17.53 2.49 -2.33
CA ALA A 136 -16.15 2.25 -1.93
C ALA A 136 -16.05 1.14 -0.89
N HIS A 137 -16.99 1.12 0.06
CA HIS A 137 -17.01 0.09 1.10
C HIS A 137 -17.26 -1.28 0.48
N SER A 138 -18.15 -1.31 -0.50
CA SER A 138 -18.49 -2.56 -1.17
C SER A 138 -17.28 -3.15 -1.90
N LEU A 139 -16.50 -2.29 -2.57
CA LEU A 139 -15.35 -2.73 -3.37
C LEU A 139 -14.25 -3.39 -2.53
N ILE A 140 -13.94 -2.84 -1.37
CA ILE A 140 -12.90 -3.41 -0.53
C ILE A 140 -13.26 -4.84 -0.15
N ARG A 141 -14.55 -5.12 -0.06
CA ARG A 141 -15.02 -6.46 0.27
C ARG A 141 -14.77 -7.42 -0.90
N GLN A 142 -14.96 -6.92 -2.13
CA GLN A 142 -14.80 -7.73 -3.34
C GLN A 142 -13.40 -8.30 -3.51
N LEU A 143 -12.38 -7.47 -3.36
CA LEU A 143 -11.00 -7.92 -3.52
C LEU A 143 -10.61 -8.94 -2.47
N ALA A 144 -11.10 -8.78 -1.25
CA ALA A 144 -10.78 -9.71 -0.17
C ALA A 144 -11.28 -11.12 -0.49
N ARG A 145 -12.45 -11.19 -1.12
CA ARG A 145 -13.04 -12.48 -1.46
C ARG A 145 -12.19 -13.24 -2.48
N ARG A 146 -11.61 -12.53 -3.43
CA ARG A 146 -10.79 -13.16 -4.46
C ARG A 146 -9.55 -13.78 -3.84
N CYS A 147 -8.98 -13.11 -2.84
CA CYS A 147 -7.79 -13.61 -2.17
C CYS A 147 -8.01 -15.01 -1.60
N SER A 148 -9.24 -15.29 -1.16
CA SER A 148 -9.56 -16.59 -0.58
C SER A 148 -9.27 -17.72 -1.58
N GLU A 149 -9.44 -17.44 -2.87
CA GLU A 149 -9.21 -18.44 -3.91
C GLU A 149 -7.75 -18.90 -3.88
N VAL A 150 -6.84 -17.98 -3.60
CA VAL A 150 -5.41 -18.30 -3.57
C VAL A 150 -5.11 -19.38 -2.54
N ARG A 151 -5.68 -19.26 -1.35
CA ARG A 151 -5.44 -20.24 -0.30
C ARG A 151 -5.96 -21.62 -0.69
N LEU A 152 -7.11 -21.66 -1.34
CA LEU A 152 -7.70 -22.93 -1.75
C LEU A 152 -6.78 -23.64 -2.74
N LEU A 153 -6.17 -22.87 -3.64
CA LEU A 153 -5.28 -23.42 -4.65
C LEU A 153 -4.07 -24.07 -3.98
N VAL A 154 -3.58 -23.46 -2.92
CA VAL A 154 -2.43 -24.00 -2.21
C VAL A 154 -2.71 -25.44 -1.78
N ASP A 155 -1.77 -26.33 -2.08
CA ASP A 155 -1.92 -27.76 -1.71
C ASP A 155 -1.32 -28.02 -0.34
N SER A 156 -0.35 -27.19 0.05
CA SER A 156 0.31 -27.32 1.35
C SER A 156 -0.14 -26.22 2.30
N LYS A 157 -0.80 -26.61 3.38
CA LYS A 157 -1.28 -25.64 4.36
C LYS A 157 -0.12 -24.95 5.07
N ASP A 158 0.99 -25.68 5.22
CA ASP A 158 2.15 -25.13 5.89
C ASP A 158 2.95 -24.21 4.98
N ASP A 159 2.37 -23.87 3.82
CA ASP A 159 3.04 -23.00 2.86
C ASP A 159 3.77 -21.85 3.58
N GLU A 160 4.84 -21.37 2.95
CA GLU A 160 5.64 -20.30 3.52
C GLU A 160 4.92 -18.94 3.45
N ARG A 161 3.96 -18.83 2.53
CA ARG A 161 3.22 -17.57 2.35
C ARG A 161 2.00 -17.51 3.27
N VAL A 162 1.43 -18.68 3.53
CA VAL A 162 0.23 -18.77 4.36
C VAL A 162 0.34 -17.88 5.64
N PRO A 163 1.42 -17.92 6.39
CA PRO A 163 1.55 -17.09 7.62
C PRO A 163 1.35 -15.60 7.35
N ALA A 164 1.97 -15.12 6.26
CA ALA A 164 1.85 -13.72 5.88
C ALA A 164 0.43 -13.40 5.40
N LEU A 165 -0.14 -14.34 4.64
CA LEU A 165 -1.48 -14.15 4.09
C LEU A 165 -2.52 -14.06 5.20
N ASN A 166 -2.42 -14.94 6.18
CA ASN A 166 -3.42 -14.96 7.25
C ASN A 166 -3.47 -13.65 8.02
N LEU A 167 -2.30 -13.11 8.38
CA LEU A 167 -2.23 -11.86 9.13
C LEU A 167 -2.75 -10.67 8.32
N LEU A 168 -2.43 -10.65 7.02
CA LEU A 168 -2.83 -9.55 6.15
C LEU A 168 -4.35 -9.38 6.09
N ILE A 169 -5.08 -10.48 6.01
CA ILE A 169 -6.54 -10.43 5.96
C ILE A 169 -7.11 -9.80 7.23
N CYS A 170 -6.58 -10.19 8.37
CA CYS A 170 -7.05 -9.66 9.65
C CYS A 170 -7.02 -8.14 9.68
N LEU A 171 -6.07 -7.55 8.98
CA LEU A 171 -5.94 -6.09 8.96
C LEU A 171 -7.20 -5.42 8.40
N VAL A 172 -7.71 -5.95 7.29
CA VAL A 172 -8.91 -5.39 6.66
C VAL A 172 -10.16 -5.48 7.54
N SER A 173 -10.39 -6.63 8.17
CA SER A 173 -11.58 -6.82 8.98
C SER A 173 -11.68 -5.86 10.18
N ARG A 174 -10.61 -5.72 10.95
CA ARG A 174 -10.62 -4.87 12.13
C ARG A 174 -10.61 -3.39 11.77
N TYR A 175 -9.83 -3.04 10.76
CA TYR A 175 -9.71 -1.64 10.37
C TYR A 175 -11.05 -1.06 9.91
N PHE A 176 -11.77 -1.80 9.07
CA PHE A 176 -13.07 -1.34 8.56
C PHE A 176 -14.20 -1.83 9.45
N ASP A 177 -13.85 -2.66 10.43
CA ASP A 177 -14.82 -3.21 11.38
C ASP A 177 -15.60 -4.38 10.75
N GLN A 178 -15.23 -4.78 9.54
CA GLN A 178 -15.90 -5.89 8.89
C GLN A 178 -15.54 -7.20 9.59
N ARG A 179 -16.10 -7.40 10.78
CA ARG A 179 -15.83 -8.60 11.56
C ARG A 179 -16.47 -9.83 10.92
N ASP A 180 -17.37 -9.60 9.97
CA ASP A 180 -18.04 -10.71 9.30
C ASP A 180 -17.03 -11.47 8.43
N LEU A 181 -16.06 -10.73 7.91
CA LEU A 181 -15.02 -11.33 7.05
C LEU A 181 -13.78 -11.70 7.87
N ALA A 182 -13.90 -11.62 9.20
CA ALA A 182 -12.77 -11.95 10.07
C ALA A 182 -12.34 -13.40 9.84
N ASP A 183 -13.31 -14.25 9.54
CA ASP A 183 -13.02 -15.66 9.27
C ASP A 183 -12.34 -16.33 10.46
N GLU A 184 -12.74 -15.96 11.67
CA GLU A 184 -12.15 -16.56 12.86
C GLU A 184 -12.54 -18.04 12.95
N PRO A 185 -11.74 -18.86 13.58
CA PRO A 185 -12.06 -20.31 13.74
C PRO A 185 -13.18 -20.53 14.76
N SER A 186 -13.54 -19.44 15.45
CA SER A 186 -14.59 -19.47 16.48
C SER A 186 -13.97 -19.71 17.85
N LEU A 187 -12.72 -19.27 18.00
CA LEU A 187 -12.02 -19.42 19.27
C LEU A 187 -11.98 -20.90 19.70
N GLU A 188 -11.94 -21.79 18.73
CA GLU A 188 -11.91 -23.22 19.02
C GLU A 188 -13.05 -23.60 19.98
N TYR A 189 -14.16 -22.88 19.89
CA TYR A 189 -15.31 -23.15 20.75
C TYR A 189 -15.88 -24.53 20.48
N GLY B 1 22.00 30.79 15.33
CA GLY B 1 21.00 30.08 14.47
C GLY B 1 21.67 28.86 13.85
N GLN B 2 20.99 27.72 13.95
CA GLN B 2 21.51 26.47 13.41
C GLN B 2 20.36 25.53 13.04
N SER B 3 20.66 24.56 12.18
CA SER B 3 19.65 23.60 11.75
C SER B 3 19.38 22.57 12.84
N ASP B 4 18.24 21.89 12.75
CA ASP B 4 17.85 20.88 13.74
C ASP B 4 17.02 19.79 13.09
N ASP B 5 17.19 19.64 11.78
CA ASP B 5 16.45 18.64 11.04
C ASP B 5 16.85 17.24 11.49
N SER B 6 15.88 16.33 11.58
CA SER B 6 16.16 14.98 12.00
C SER B 6 15.02 14.04 11.61
N ASP B 7 13.80 14.47 11.90
CA ASP B 7 12.61 13.69 11.59
C ASP B 7 12.05 14.06 10.23
N ILE B 8 12.71 15.00 9.56
CA ILE B 8 12.23 15.47 8.28
C ILE B 8 12.24 14.33 7.26
N TRP B 9 13.31 13.57 7.23
CA TRP B 9 13.46 12.46 6.27
C TRP B 9 12.93 11.15 6.84
N ASP B 10 11.69 11.19 7.33
CA ASP B 10 11.02 10.01 7.89
C ASP B 10 9.76 9.70 7.09
N ASP B 11 9.64 10.37 5.94
CA ASP B 11 8.48 10.17 5.07
C ASP B 11 8.51 8.77 4.47
N THR B 12 9.66 8.12 4.56
CA THR B 12 9.80 6.76 4.04
C THR B 12 9.18 5.79 5.03
N ALA B 13 8.47 6.36 6.01
CA ALA B 13 7.82 5.59 7.05
C ALA B 13 6.88 4.56 6.43
N LEU B 14 6.23 4.95 5.33
CA LEU B 14 5.29 4.04 4.66
C LEU B 14 6.03 2.80 4.14
N ILE B 15 7.21 3.03 3.57
CA ILE B 15 8.00 1.95 3.00
C ILE B 15 8.50 0.97 4.07
N LYS B 16 8.97 1.51 5.18
CA LYS B 16 9.49 0.70 6.28
C LYS B 16 8.43 -0.26 6.84
N ALA B 17 7.20 0.23 6.92
CA ALA B 17 6.11 -0.54 7.47
C ALA B 17 5.86 -1.81 6.65
N TYR B 18 6.18 -1.77 5.37
CA TYR B 18 5.98 -2.92 4.49
C TYR B 18 6.78 -4.14 4.98
N ASP B 19 8.04 -3.92 5.32
CA ASP B 19 8.91 -5.02 5.77
C ASP B 19 8.41 -5.66 7.06
N LYS B 20 7.92 -4.85 8.00
CA LYS B 20 7.47 -5.37 9.29
C LYS B 20 6.29 -6.33 9.16
N ALA B 21 5.33 -5.98 8.33
CA ALA B 21 4.15 -6.83 8.16
C ALA B 21 4.55 -8.19 7.57
N VAL B 22 5.41 -8.16 6.56
CA VAL B 22 5.87 -9.39 5.93
C VAL B 22 6.84 -10.14 6.84
N ALA B 23 7.47 -9.42 7.75
CA ALA B 23 8.42 -10.01 8.68
C ALA B 23 7.76 -11.13 9.49
N SER B 24 6.45 -11.06 9.64
CA SER B 24 5.71 -12.07 10.40
C SER B 24 6.08 -13.47 9.92
N PHE B 25 6.68 -13.55 8.73
CA PHE B 25 7.11 -14.84 8.19
C PHE B 25 8.13 -15.50 9.11
N LYS B 26 9.10 -14.71 9.56
CA LYS B 26 10.14 -15.23 10.45
C LYS B 26 9.58 -15.45 11.85
N GLY A 1 -0.19 -16.67 23.41
CA GLY A 1 -1.07 -15.53 23.79
C GLY A 1 -2.53 -15.89 23.56
N TYR A 2 -3.07 -16.72 24.43
CA TYR A 2 -4.47 -17.14 24.32
C TYR A 2 -5.43 -15.95 24.45
N SER A 3 -5.25 -15.14 25.50
CA SER A 3 -6.12 -13.98 25.76
C SER A 3 -5.49 -12.65 25.30
N PRO A 4 -4.19 -12.45 25.49
CA PRO A 4 -3.54 -11.16 25.09
C PRO A 4 -3.15 -11.14 23.60
N THR A 5 -3.70 -12.06 22.83
CA THR A 5 -3.40 -12.11 21.40
C THR A 5 -3.50 -10.71 20.78
N LEU A 6 -4.19 -9.82 21.48
CA LEU A 6 -4.39 -8.45 21.00
C LEU A 6 -3.05 -7.69 20.89
N GLN A 7 -2.14 -7.95 21.82
CA GLN A 7 -0.87 -7.22 21.82
C GLN A 7 -0.14 -7.36 20.47
N TRP A 8 0.17 -8.59 20.08
CA TRP A 8 0.88 -8.82 18.83
C TRP A 8 -0.01 -8.58 17.60
N GLN A 9 -1.27 -8.97 17.70
CA GLN A 9 -2.19 -8.82 16.58
C GLN A 9 -2.36 -7.34 16.18
N GLN A 10 -2.44 -6.47 17.19
CA GLN A 10 -2.62 -5.04 16.92
C GLN A 10 -1.40 -4.44 16.22
N GLN A 11 -0.20 -4.92 16.55
CA GLN A 11 1.03 -4.40 15.94
C GLN A 11 0.83 -4.03 14.46
N GLN A 12 0.03 -4.83 13.76
CA GLN A 12 -0.22 -4.56 12.33
C GLN A 12 -1.07 -3.32 12.16
N VAL A 13 -2.25 -3.33 12.77
CA VAL A 13 -3.17 -2.21 12.69
C VAL A 13 -2.59 -0.98 13.38
N ALA A 14 -2.03 -1.18 14.57
CA ALA A 14 -1.45 -0.08 15.33
C ALA A 14 -0.47 0.71 14.46
N GLN A 15 0.26 0.00 13.61
CA GLN A 15 1.23 0.64 12.74
C GLN A 15 0.55 1.51 11.67
N PHE A 16 -0.56 1.01 11.12
CA PHE A 16 -1.28 1.72 10.07
C PHE A 16 -1.78 3.09 10.54
N SER A 17 -2.41 3.13 11.70
CA SER A 17 -2.91 4.39 12.23
C SER A 17 -1.74 5.34 12.46
N THR A 18 -0.66 4.76 12.94
CA THR A 18 0.57 5.47 13.23
C THR A 18 1.17 6.07 11.95
N VAL A 19 1.14 5.32 10.86
CA VAL A 19 1.70 5.81 9.59
C VAL A 19 1.01 7.11 9.19
N ARG A 20 -0.30 7.17 9.37
CA ARG A 20 -1.06 8.37 9.02
C ARG A 20 -0.57 9.58 9.80
N GLN A 21 -0.19 9.35 11.07
CA GLN A 21 0.30 10.42 11.91
C GLN A 21 1.56 11.04 11.32
N ASN A 22 2.41 10.20 10.74
CA ASN A 22 3.66 10.64 10.14
C ASN A 22 3.41 11.57 8.97
N VAL A 23 2.36 11.28 8.20
CA VAL A 23 2.00 12.09 7.04
C VAL A 23 1.70 13.53 7.47
N ASN A 24 0.97 13.66 8.57
CA ASN A 24 0.59 14.97 9.09
C ASN A 24 1.82 15.80 9.44
N LYS A 25 2.83 15.15 10.01
CA LYS A 25 4.04 15.86 10.40
C LYS A 25 4.71 16.51 9.18
N HIS A 26 4.74 15.78 8.09
CA HIS A 26 5.38 16.27 6.87
C HIS A 26 4.49 17.28 6.14
N ARG A 27 3.27 17.43 6.61
CA ARG A 27 2.33 18.36 5.99
C ARG A 27 2.89 19.79 6.03
N SER A 28 3.42 20.17 7.19
CA SER A 28 3.99 21.49 7.35
C SER A 28 5.19 21.67 6.43
N HIS A 29 6.01 20.63 6.33
CA HIS A 29 7.20 20.68 5.49
C HIS A 29 6.83 20.81 4.00
N TRP A 30 5.85 20.03 3.55
CA TRP A 30 5.43 20.09 2.16
C TRP A 30 4.70 21.41 1.87
N LYS A 31 4.05 21.96 2.88
CA LYS A 31 3.31 23.21 2.72
C LYS A 31 4.22 24.32 2.24
N SER A 32 5.46 24.28 2.72
CA SER A 32 6.44 25.28 2.34
C SER A 32 6.96 24.98 0.94
N GLN A 33 6.32 24.02 0.27
CA GLN A 33 6.71 23.64 -1.09
C GLN A 33 5.45 23.47 -1.97
N GLN A 34 5.60 23.75 -3.26
CA GLN A 34 4.48 23.64 -4.21
C GLN A 34 4.46 22.25 -4.85
N LEU A 35 3.41 21.97 -5.62
CA LEU A 35 3.28 20.69 -6.29
C LEU A 35 4.43 20.52 -7.29
N ASP A 36 4.74 21.59 -8.00
CA ASP A 36 5.81 21.56 -8.98
C ASP A 36 7.16 21.32 -8.33
N SER A 37 7.18 21.35 -7.00
CA SER A 37 8.42 21.14 -6.27
C SER A 37 9.09 19.84 -6.69
N ASN A 38 8.28 18.79 -6.88
CA ASN A 38 8.83 17.49 -7.29
C ASN A 38 7.75 16.54 -7.78
N VAL A 39 6.60 17.08 -8.23
CA VAL A 39 5.51 16.21 -8.70
C VAL A 39 4.62 16.90 -9.72
N THR A 40 4.58 16.33 -10.93
CA THR A 40 3.73 16.82 -12.01
C THR A 40 2.65 15.78 -12.32
N MET A 41 1.39 16.15 -12.21
CA MET A 41 0.31 15.21 -12.48
C MET A 41 -0.02 15.24 -13.98
N PRO A 42 -0.37 14.12 -14.60
CA PRO A 42 -0.69 14.09 -16.05
C PRO A 42 -2.09 14.62 -16.35
N LYS A 43 -2.44 15.76 -15.75
CA LYS A 43 -3.74 16.37 -15.97
C LYS A 43 -4.86 15.39 -15.58
N SER A 44 -5.78 15.85 -14.74
CA SER A 44 -6.90 15.02 -14.33
C SER A 44 -7.73 14.64 -15.55
N GLU A 45 -7.66 15.48 -16.58
CA GLU A 45 -8.44 15.24 -17.80
C GLU A 45 -7.95 13.99 -18.53
N ASP A 46 -6.77 13.47 -18.15
CA ASP A 46 -6.21 12.26 -18.76
C ASP A 46 -6.05 11.16 -17.72
N GLU A 47 -7.16 10.52 -17.38
CA GLU A 47 -7.15 9.46 -16.38
C GLU A 47 -6.14 8.37 -16.72
N GLU A 48 -5.99 8.08 -18.01
CA GLU A 48 -5.06 7.04 -18.44
C GLU A 48 -3.65 7.37 -17.98
N GLY A 49 -3.33 8.66 -17.94
CA GLY A 49 -2.01 9.09 -17.51
C GLY A 49 -1.73 8.78 -16.04
N TRP A 50 -2.77 8.87 -15.21
CA TRP A 50 -2.63 8.58 -13.78
C TRP A 50 -2.21 7.14 -13.55
N LYS A 51 -2.85 6.22 -14.26
CA LYS A 51 -2.53 4.80 -14.11
C LYS A 51 -1.07 4.57 -14.50
N LYS A 52 -0.68 5.15 -15.62
CA LYS A 52 0.69 5.03 -16.12
C LYS A 52 1.68 5.73 -15.20
N PHE A 53 1.34 6.95 -14.80
CA PHE A 53 2.21 7.75 -13.95
C PHE A 53 2.29 7.22 -12.52
N CYS A 54 1.15 6.90 -11.92
CA CYS A 54 1.12 6.42 -10.55
C CYS A 54 1.82 5.07 -10.40
N LEU A 55 1.55 4.16 -11.33
CA LEU A 55 2.17 2.81 -11.28
C LEU A 55 3.38 2.74 -12.21
N GLY A 56 3.71 3.87 -12.84
CA GLY A 56 4.85 3.91 -13.76
C GLY A 56 4.66 2.95 -14.93
N GLU A 57 5.69 2.16 -15.23
CA GLU A 57 5.61 1.20 -16.33
C GLU A 57 6.73 0.17 -16.23
N LYS A 58 7.90 0.61 -15.79
CA LYS A 58 9.05 -0.29 -15.66
C LYS A 58 8.77 -1.39 -14.64
N LEU A 59 8.09 -1.04 -13.55
CA LEU A 59 7.77 -2.02 -12.54
C LEU A 59 6.90 -3.10 -13.15
N CYS A 60 5.94 -2.66 -13.96
CA CYS A 60 5.05 -3.59 -14.63
C CYS A 60 5.84 -4.47 -15.59
N ALA A 61 6.83 -3.86 -16.26
CA ALA A 61 7.64 -4.60 -17.21
C ALA A 61 8.41 -5.71 -16.51
N ASP A 62 8.92 -5.41 -15.31
CA ASP A 62 9.68 -6.40 -14.56
C ASP A 62 9.98 -5.91 -13.15
N GLY A 63 10.80 -4.86 -13.07
CA GLY A 63 11.18 -4.28 -11.79
C GLY A 63 12.44 -4.95 -11.25
N ALA A 64 12.96 -5.91 -12.02
CA ALA A 64 14.17 -6.62 -11.62
C ALA A 64 15.38 -5.69 -11.59
N VAL A 65 15.42 -4.77 -12.54
CA VAL A 65 16.53 -3.82 -12.62
C VAL A 65 16.28 -2.64 -11.68
N GLY A 66 16.92 -2.66 -10.52
CA GLY A 66 16.76 -1.59 -9.56
C GLY A 66 17.46 -1.91 -8.25
N PRO A 67 16.88 -2.75 -7.44
CA PRO A 67 17.47 -3.16 -6.13
C PRO A 67 18.81 -3.86 -6.29
N ALA A 68 18.96 -4.59 -7.40
CA ALA A 68 20.21 -5.30 -7.65
C ALA A 68 21.34 -4.33 -7.95
N THR A 69 21.04 -3.30 -8.76
CA THR A 69 22.03 -2.28 -9.12
C THR A 69 23.44 -2.86 -9.20
N ASN A 70 24.40 -2.18 -8.60
CA ASN A 70 25.79 -2.66 -8.61
C ASN A 70 26.27 -2.87 -10.04
N GLU A 71 25.85 -1.98 -10.92
CA GLU A 71 26.24 -2.06 -12.32
C GLU A 71 25.97 -0.73 -13.00
N SER A 72 25.77 0.30 -12.19
CA SER A 72 25.49 1.63 -12.70
C SER A 72 26.28 2.68 -11.93
N PRO A 73 27.56 2.77 -12.17
CA PRO A 73 28.44 3.77 -11.48
C PRO A 73 27.93 5.20 -11.72
N GLY A 74 27.00 5.64 -10.88
CA GLY A 74 26.41 6.98 -11.00
C GLY A 74 24.92 6.88 -11.27
N ILE A 75 24.15 6.67 -10.20
CA ILE A 75 22.70 6.53 -10.32
C ILE A 75 22.06 7.83 -10.80
N ASP A 76 21.09 7.70 -11.70
CA ASP A 76 20.37 8.86 -12.23
C ASP A 76 18.90 8.76 -11.81
N TYR A 77 18.39 9.80 -11.16
CA TYR A 77 17.00 9.81 -10.71
C TYR A 77 16.07 9.82 -11.93
N VAL A 78 16.60 10.24 -13.07
CA VAL A 78 15.82 10.32 -14.30
C VAL A 78 15.34 8.95 -14.80
N GLN A 79 16.22 7.95 -14.78
CA GLN A 79 15.85 6.61 -15.25
C GLN A 79 15.11 5.84 -14.17
N ILE A 80 15.01 6.45 -13.01
CA ILE A 80 14.32 5.84 -11.87
C ILE A 80 12.89 6.33 -11.80
N GLY A 81 12.64 7.50 -12.39
CA GLY A 81 11.30 8.06 -12.40
C GLY A 81 10.94 8.68 -11.05
N PHE A 82 9.68 9.09 -10.90
CA PHE A 82 9.22 9.70 -9.65
C PHE A 82 8.59 8.62 -8.75
N PRO A 83 9.22 8.22 -7.66
CA PRO A 83 8.64 7.19 -6.76
C PRO A 83 7.55 7.78 -5.87
N PRO A 84 6.68 6.98 -5.34
CA PRO A 84 5.58 7.47 -4.46
C PRO A 84 6.12 8.11 -3.18
N LEU A 85 5.53 9.24 -2.79
CA LEU A 85 5.93 9.96 -1.58
C LEU A 85 4.72 10.63 -0.96
N LEU A 86 4.93 11.30 0.15
CA LEU A 86 3.85 11.97 0.85
C LEU A 86 3.24 13.08 -0.01
N SER A 87 4.10 13.85 -0.70
CA SER A 87 3.62 14.94 -1.54
C SER A 87 2.74 14.43 -2.68
N ILE A 88 3.18 13.37 -3.34
CA ILE A 88 2.41 12.80 -4.45
C ILE A 88 1.10 12.24 -3.94
N VAL A 89 1.18 11.46 -2.87
CA VAL A 89 0.02 10.84 -2.28
C VAL A 89 -0.91 11.86 -1.63
N SER A 90 -0.32 12.85 -0.97
CA SER A 90 -1.07 13.88 -0.26
C SER A 90 -2.07 14.61 -1.16
N ARG A 91 -1.68 14.89 -2.40
CA ARG A 91 -2.58 15.62 -3.31
C ARG A 91 -3.56 14.68 -4.01
N MET A 92 -3.21 13.40 -4.07
CA MET A 92 -4.08 12.42 -4.73
C MET A 92 -5.42 12.34 -4.00
N ASN A 93 -6.50 12.41 -4.77
CA ASN A 93 -7.85 12.33 -4.20
C ASN A 93 -8.25 10.88 -3.97
N GLN A 94 -9.12 10.68 -2.99
CA GLN A 94 -9.60 9.33 -2.69
C GLN A 94 -10.39 8.78 -3.87
N ALA A 95 -11.14 9.67 -4.51
CA ALA A 95 -11.97 9.30 -5.64
C ALA A 95 -11.15 8.85 -6.83
N THR A 96 -9.98 9.44 -7.04
CA THR A 96 -9.15 9.10 -8.20
C THR A 96 -8.71 7.63 -8.17
N VAL A 97 -8.18 7.17 -7.04
CA VAL A 97 -7.71 5.79 -6.95
C VAL A 97 -8.89 4.82 -6.94
N THR A 98 -10.03 5.27 -6.44
CA THR A 98 -11.22 4.43 -6.36
C THR A 98 -11.69 3.96 -7.76
N SER A 99 -11.73 4.89 -8.71
CA SER A 99 -12.15 4.56 -10.06
C SER A 99 -11.11 3.71 -10.78
N VAL A 100 -9.85 3.98 -10.47
CA VAL A 100 -8.73 3.25 -11.06
C VAL A 100 -8.73 1.79 -10.60
N LEU A 101 -9.44 1.52 -9.52
CA LEU A 101 -9.48 0.17 -8.96
C LEU A 101 -10.13 -0.82 -9.93
N GLU A 102 -11.19 -0.40 -10.64
CA GLU A 102 -11.87 -1.32 -11.55
C GLU A 102 -10.94 -1.82 -12.66
N TYR A 103 -10.07 -0.94 -13.14
CA TYR A 103 -9.14 -1.31 -14.21
C TYR A 103 -8.19 -2.42 -13.74
N LEU A 104 -7.70 -2.30 -12.52
CA LEU A 104 -6.76 -3.27 -11.97
C LEU A 104 -7.34 -4.67 -11.92
N SER A 105 -8.60 -4.79 -11.53
CA SER A 105 -9.25 -6.09 -11.42
C SER A 105 -9.36 -6.77 -12.79
N ASN A 106 -9.68 -6.00 -13.82
CA ASN A 106 -9.84 -6.53 -15.17
C ASN A 106 -8.53 -7.11 -15.69
N TRP A 107 -7.42 -6.47 -15.35
CA TRP A 107 -6.11 -6.91 -15.81
C TRP A 107 -5.89 -8.38 -15.47
N PHE A 108 -6.33 -8.79 -14.28
CA PHE A 108 -6.20 -10.18 -13.78
C PHE A 108 -5.99 -11.20 -14.91
N GLY A 109 -7.01 -12.01 -15.16
CA GLY A 109 -6.92 -13.04 -16.18
C GLY A 109 -5.68 -13.92 -15.99
N GLU A 110 -5.02 -13.78 -14.86
CA GLU A 110 -3.81 -14.58 -14.57
C GLU A 110 -3.69 -14.83 -13.07
N ARG A 111 -2.64 -15.56 -12.69
CA ARG A 111 -2.41 -15.87 -11.28
C ARG A 111 -1.46 -14.83 -10.68
N ASP A 112 -1.81 -13.56 -10.85
CA ASP A 112 -0.97 -12.47 -10.33
C ASP A 112 -1.23 -12.24 -8.84
N PHE A 113 -0.18 -11.86 -8.14
CA PHE A 113 -0.27 -11.59 -6.71
C PHE A 113 1.07 -11.10 -6.21
N THR A 114 1.95 -10.75 -7.16
CA THR A 114 3.31 -10.27 -6.87
C THR A 114 3.44 -9.68 -5.46
N PRO A 115 4.52 -9.93 -4.75
CA PRO A 115 4.70 -9.40 -3.36
C PRO A 115 5.01 -7.91 -3.38
N GLU A 116 5.89 -7.50 -4.30
CA GLU A 116 6.28 -6.09 -4.40
C GLU A 116 5.05 -5.20 -4.46
N LEU A 117 3.96 -5.73 -5.01
CA LEU A 117 2.72 -4.96 -5.08
C LEU A 117 2.25 -4.61 -3.67
N GLY A 118 2.60 -5.48 -2.72
CA GLY A 118 2.20 -5.28 -1.34
C GLY A 118 2.69 -3.93 -0.83
N ARG A 119 3.86 -3.51 -1.29
CA ARG A 119 4.40 -2.22 -0.89
C ARG A 119 3.45 -1.13 -1.40
N TRP A 120 3.00 -1.31 -2.64
CA TRP A 120 2.07 -0.39 -3.27
C TRP A 120 0.70 -0.48 -2.61
N LEU A 121 0.32 -1.69 -2.23
CA LEU A 121 -1.00 -1.94 -1.61
C LEU A 121 -1.23 -1.03 -0.40
N TYR A 122 -0.21 -0.82 0.41
CA TYR A 122 -0.35 0.03 1.59
C TYR A 122 -0.75 1.45 1.20
N ALA A 123 -0.19 1.95 0.11
CA ALA A 123 -0.48 3.31 -0.34
C ALA A 123 -1.98 3.49 -0.63
N LEU A 124 -2.64 2.46 -1.15
CA LEU A 124 -4.07 2.57 -1.47
C LEU A 124 -4.90 2.86 -0.22
N LEU A 125 -4.62 2.16 0.87
CA LEU A 125 -5.37 2.36 2.11
C LEU A 125 -5.17 3.76 2.67
N ALA A 126 -3.94 4.26 2.61
CA ALA A 126 -3.62 5.59 3.11
C ALA A 126 -4.21 6.68 2.24
N CYS A 127 -4.75 6.29 1.08
CA CYS A 127 -5.34 7.24 0.15
C CYS A 127 -6.79 7.55 0.54
N LEU A 128 -7.31 6.83 1.54
CA LEU A 128 -8.68 7.04 2.00
C LEU A 128 -8.69 8.05 3.13
N GLU A 129 -9.66 8.96 3.08
CA GLU A 129 -9.81 10.01 4.08
C GLU A 129 -10.73 9.54 5.21
N LYS A 130 -10.81 10.32 6.27
CA LYS A 130 -11.66 9.96 7.41
C LYS A 130 -13.01 9.40 6.93
N PRO A 131 -13.84 10.20 6.30
CA PRO A 131 -15.16 9.73 5.78
C PRO A 131 -14.99 8.66 4.70
N LEU A 132 -15.88 7.65 4.70
CA LEU A 132 -15.83 6.57 3.70
C LEU A 132 -17.14 6.49 2.94
N LEU A 133 -17.06 6.63 1.62
CA LEU A 133 -18.26 6.57 0.80
C LEU A 133 -18.82 5.14 0.83
N PRO A 134 -20.10 4.96 0.65
CA PRO A 134 -20.72 3.60 0.65
C PRO A 134 -20.09 2.71 -0.42
N GLU A 135 -19.70 3.34 -1.52
CA GLU A 135 -19.07 2.61 -2.63
C GLU A 135 -17.69 2.10 -2.22
N ALA A 136 -16.95 2.93 -1.49
CA ALA A 136 -15.61 2.58 -1.04
C ALA A 136 -15.63 1.36 -0.12
N HIS A 137 -16.63 1.29 0.75
CA HIS A 137 -16.76 0.17 1.68
C HIS A 137 -17.07 -1.12 0.93
N SER A 138 -17.92 -1.02 -0.08
CA SER A 138 -18.31 -2.18 -0.87
C SER A 138 -17.14 -2.78 -1.64
N LEU A 139 -16.32 -1.91 -2.23
CA LEU A 139 -15.17 -2.36 -3.04
C LEU A 139 -14.12 -3.13 -2.24
N ILE A 140 -13.80 -2.67 -1.04
CA ILE A 140 -12.79 -3.36 -0.23
C ILE A 140 -13.23 -4.80 0.03
N ARG A 141 -14.54 -5.00 0.10
CA ARG A 141 -15.09 -6.33 0.34
C ARG A 141 -14.87 -7.23 -0.89
N GLN A 142 -15.01 -6.65 -2.08
CA GLN A 142 -14.87 -7.40 -3.32
C GLN A 142 -13.47 -8.02 -3.49
N LEU A 143 -12.42 -7.24 -3.26
CA LEU A 143 -11.05 -7.75 -3.43
C LEU A 143 -10.70 -8.79 -2.37
N ALA A 144 -11.23 -8.64 -1.18
CA ALA A 144 -10.94 -9.58 -0.10
C ALA A 144 -11.40 -10.99 -0.46
N ARG A 145 -12.54 -11.09 -1.14
CA ARG A 145 -13.09 -12.39 -1.52
C ARG A 145 -12.19 -13.12 -2.53
N ARG A 146 -11.59 -12.37 -3.46
CA ARG A 146 -10.73 -12.96 -4.48
C ARG A 146 -9.52 -13.64 -3.83
N CYS A 147 -8.93 -12.96 -2.86
CA CYS A 147 -7.75 -13.48 -2.17
C CYS A 147 -8.05 -14.86 -1.58
N SER A 148 -9.27 -15.06 -1.10
CA SER A 148 -9.66 -16.34 -0.52
C SER A 148 -9.55 -17.49 -1.53
N GLU A 149 -9.93 -17.23 -2.77
CA GLU A 149 -9.88 -18.26 -3.81
C GLU A 149 -8.46 -18.72 -4.09
N VAL A 150 -7.52 -17.79 -4.07
CA VAL A 150 -6.12 -18.11 -4.34
C VAL A 150 -5.56 -19.08 -3.28
N ARG A 151 -5.92 -18.82 -2.04
CA ARG A 151 -5.44 -19.62 -0.91
C ARG A 151 -5.90 -21.09 -1.00
N LEU A 152 -7.13 -21.31 -1.44
CA LEU A 152 -7.64 -22.68 -1.58
C LEU A 152 -6.84 -23.46 -2.61
N LEU A 153 -6.40 -22.77 -3.64
CA LEU A 153 -5.62 -23.39 -4.71
C LEU A 153 -4.31 -23.96 -4.16
N VAL A 154 -3.69 -23.25 -3.23
CA VAL A 154 -2.44 -23.73 -2.65
C VAL A 154 -2.59 -25.20 -2.21
N ASP A 155 -1.58 -26.00 -2.52
CA ASP A 155 -1.60 -27.43 -2.18
C ASP A 155 -1.03 -27.67 -0.78
N SER A 156 -0.20 -26.73 -0.31
CA SER A 156 0.43 -26.83 1.02
C SER A 156 -0.17 -25.81 1.98
N LYS A 157 -0.86 -26.30 3.00
CA LYS A 157 -1.46 -25.43 4.00
C LYS A 157 -0.39 -24.70 4.81
N ASP A 158 0.74 -25.37 5.02
CA ASP A 158 1.84 -24.80 5.78
C ASP A 158 2.68 -23.87 4.92
N ASP A 159 2.19 -23.54 3.72
CA ASP A 159 2.91 -22.65 2.80
C ASP A 159 3.64 -21.54 3.56
N GLU A 160 4.79 -21.17 3.06
CA GLU A 160 5.61 -20.13 3.67
C GLU A 160 4.96 -18.75 3.60
N ARG A 161 4.04 -18.56 2.66
CA ARG A 161 3.37 -17.27 2.48
C ARG A 161 2.08 -17.20 3.30
N VAL A 162 1.46 -18.37 3.49
CA VAL A 162 0.20 -18.47 4.20
C VAL A 162 0.19 -17.60 5.49
N PRO A 163 1.18 -17.64 6.34
CA PRO A 163 1.18 -16.82 7.58
C PRO A 163 0.94 -15.33 7.30
N ALA A 164 1.61 -14.81 6.28
CA ALA A 164 1.45 -13.40 5.92
C ALA A 164 0.04 -13.14 5.45
N LEU A 165 -0.49 -14.04 4.63
CA LEU A 165 -1.83 -13.88 4.11
C LEU A 165 -2.86 -13.90 5.23
N ASN A 166 -2.66 -14.79 6.19
CA ASN A 166 -3.62 -14.91 7.28
C ASN A 166 -3.73 -13.61 8.07
N LEU A 167 -2.59 -12.99 8.35
CA LEU A 167 -2.57 -11.74 9.11
C LEU A 167 -3.19 -10.59 8.30
N LEU A 168 -3.00 -10.63 6.99
CA LEU A 168 -3.51 -9.60 6.10
C LEU A 168 -5.03 -9.47 6.18
N ILE A 169 -5.73 -10.60 6.19
CA ILE A 169 -7.20 -10.58 6.25
C ILE A 169 -7.70 -9.96 7.55
N CYS A 170 -7.06 -10.32 8.66
CA CYS A 170 -7.47 -9.80 9.96
C CYS A 170 -7.42 -8.27 10.00
N LEU A 171 -6.43 -7.69 9.31
CA LEU A 171 -6.25 -6.25 9.29
C LEU A 171 -7.48 -5.53 8.74
N VAL A 172 -8.02 -6.04 7.65
CA VAL A 172 -9.20 -5.41 7.03
C VAL A 172 -10.42 -5.46 7.94
N SER A 173 -10.63 -6.60 8.59
CA SER A 173 -11.79 -6.79 9.47
C SER A 173 -11.86 -5.79 10.62
N ARG A 174 -10.75 -5.55 11.29
CA ARG A 174 -10.73 -4.62 12.42
C ARG A 174 -10.81 -3.17 11.99
N TYR A 175 -10.08 -2.82 10.94
CA TYR A 175 -10.07 -1.44 10.49
C TYR A 175 -11.45 -0.99 10.05
N PHE A 176 -12.12 -1.82 9.26
CA PHE A 176 -13.46 -1.51 8.76
C PHE A 176 -14.52 -2.10 9.68
N ASP A 177 -14.08 -2.86 10.67
CA ASP A 177 -14.99 -3.49 11.63
C ASP A 177 -15.97 -4.41 10.91
N GLN A 178 -15.52 -5.01 9.81
CA GLN A 178 -16.38 -5.92 9.05
C GLN A 178 -16.29 -7.33 9.62
N ARG A 179 -17.12 -7.62 10.61
CA ARG A 179 -17.12 -8.93 11.24
C ARG A 179 -17.40 -10.01 10.22
N ASP A 180 -17.87 -9.61 9.05
CA ASP A 180 -18.16 -10.56 7.98
C ASP A 180 -16.87 -11.21 7.49
N LEU A 181 -15.77 -10.44 7.52
CA LEU A 181 -14.47 -10.93 7.08
C LEU A 181 -13.69 -11.50 8.26
N ALA A 182 -14.17 -11.23 9.47
CA ALA A 182 -13.48 -11.71 10.66
C ALA A 182 -13.62 -13.22 10.82
N ASP A 183 -12.64 -13.96 10.32
CA ASP A 183 -12.66 -15.41 10.42
C ASP A 183 -14.06 -15.97 10.18
N GLU A 184 -14.53 -15.89 8.93
CA GLU A 184 -15.85 -16.39 8.60
C GLU A 184 -15.89 -17.91 8.80
N PRO A 185 -17.03 -18.48 9.17
CA PRO A 185 -17.15 -19.95 9.39
C PRO A 185 -17.11 -20.73 8.07
N SER A 186 -18.30 -21.05 7.54
CA SER A 186 -18.41 -21.78 6.28
C SER A 186 -19.63 -21.32 5.50
N LEU A 187 -19.94 -20.05 5.60
CA LEU A 187 -21.08 -19.48 4.90
C LEU A 187 -22.32 -20.33 5.17
N GLU A 188 -22.24 -21.20 6.17
CA GLU A 188 -23.37 -22.06 6.52
C GLU A 188 -23.83 -22.87 5.31
N TYR A 189 -22.89 -23.21 4.44
CA TYR A 189 -23.21 -23.98 3.24
C TYR A 189 -24.00 -25.22 3.61
N GLY B 1 29.53 22.20 1.66
CA GLY B 1 29.54 21.86 3.11
C GLY B 1 28.13 22.01 3.69
N GLN B 2 27.17 22.28 2.81
CA GLN B 2 25.78 22.45 3.23
C GLN B 2 25.12 21.08 3.40
N SER B 3 24.16 21.01 4.33
CA SER B 3 23.44 19.76 4.59
C SER B 3 21.93 20.02 4.67
N ASP B 4 21.18 19.38 3.79
CA ASP B 4 19.73 19.55 3.73
C ASP B 4 19.11 18.29 3.17
N ASP B 5 18.97 17.26 3.99
CA ASP B 5 18.41 16.01 3.52
C ASP B 5 16.93 16.17 3.17
N SER B 6 16.50 15.51 2.10
CA SER B 6 15.10 15.59 1.67
C SER B 6 14.23 14.62 2.47
N ASP B 7 14.87 13.63 3.10
CA ASP B 7 14.14 12.64 3.90
C ASP B 7 14.10 13.05 5.37
N ILE B 8 14.74 14.19 5.67
CA ILE B 8 14.80 14.73 7.04
C ILE B 8 14.69 13.64 8.10
N TRP B 9 13.50 13.46 8.66
CA TRP B 9 13.28 12.47 9.71
C TRP B 9 13.11 11.06 9.12
N ASP B 10 11.91 10.76 8.61
CA ASP B 10 11.65 9.43 8.03
C ASP B 10 10.43 9.46 7.12
N ASP B 11 10.59 10.07 5.95
CA ASP B 11 9.49 10.14 4.98
C ASP B 11 9.22 8.76 4.39
N THR B 12 10.21 7.87 4.51
CA THR B 12 10.11 6.52 3.98
C THR B 12 9.25 5.63 4.88
N ALA B 13 8.58 6.24 5.83
CA ALA B 13 7.75 5.50 6.77
C ALA B 13 6.85 4.52 6.03
N LEU B 14 6.33 4.93 4.89
CA LEU B 14 5.46 4.07 4.09
C LEU B 14 6.22 2.82 3.61
N ILE B 15 7.46 3.01 3.16
CA ILE B 15 8.28 1.91 2.65
C ILE B 15 8.67 0.91 3.73
N LYS B 16 9.09 1.40 4.89
CA LYS B 16 9.52 0.53 5.99
C LYS B 16 8.38 -0.37 6.45
N ALA B 17 7.19 0.16 6.39
CA ALA B 17 6.01 -0.58 6.84
C ALA B 17 5.85 -1.89 6.06
N TYR B 18 6.33 -1.91 4.82
CA TYR B 18 6.24 -3.12 3.99
C TYR B 18 7.01 -4.29 4.61
N ASP B 19 8.24 -4.03 5.05
CA ASP B 19 9.09 -5.07 5.62
C ASP B 19 8.58 -5.65 6.95
N LYS B 20 8.12 -4.78 7.84
CA LYS B 20 7.66 -5.24 9.16
C LYS B 20 6.46 -6.16 9.07
N ALA B 21 5.46 -5.77 8.29
CA ALA B 21 4.26 -6.58 8.16
C ALA B 21 4.60 -7.97 7.60
N VAL B 22 5.46 -8.00 6.59
CA VAL B 22 5.86 -9.27 5.98
C VAL B 22 6.78 -10.04 6.91
N ALA B 23 7.48 -9.33 7.77
CA ALA B 23 8.40 -9.97 8.71
C ALA B 23 7.65 -10.89 9.67
N SER B 24 6.37 -10.59 9.90
CA SER B 24 5.55 -11.40 10.80
C SER B 24 5.69 -12.89 10.48
N PHE B 25 6.32 -13.19 9.35
CA PHE B 25 6.53 -14.57 8.95
C PHE B 25 7.36 -15.32 10.00
N LYS B 26 8.44 -14.69 10.45
CA LYS B 26 9.30 -15.32 11.45
C LYS B 26 8.47 -15.85 12.61
N GLY A 1 6.75 -13.36 24.78
CA GLY A 1 6.04 -14.45 25.51
C GLY A 1 4.91 -14.98 24.64
N TYR A 2 4.68 -16.29 24.73
CA TYR A 2 3.61 -16.91 23.95
C TYR A 2 2.26 -16.34 24.37
N SER A 3 2.06 -16.26 25.68
CA SER A 3 0.82 -15.73 26.22
C SER A 3 0.61 -14.26 25.83
N PRO A 4 1.49 -13.38 26.23
CA PRO A 4 1.37 -11.92 25.89
C PRO A 4 1.63 -11.65 24.41
N THR A 5 1.00 -12.43 23.54
CA THR A 5 1.17 -12.27 22.10
C THR A 5 0.30 -11.13 21.59
N LEU A 6 -0.27 -10.37 22.52
CA LEU A 6 -1.14 -9.24 22.16
C LEU A 6 -0.35 -8.20 21.37
N GLN A 7 0.88 -7.95 21.81
CA GLN A 7 1.74 -6.97 21.15
C GLN A 7 1.90 -7.30 19.67
N TRP A 8 2.01 -8.58 19.35
CA TRP A 8 2.16 -9.01 17.97
C TRP A 8 0.93 -8.66 17.13
N GLN A 9 -0.25 -8.86 17.70
CA GLN A 9 -1.50 -8.58 16.99
C GLN A 9 -1.67 -7.08 16.72
N GLN A 10 -1.27 -6.26 17.68
CA GLN A 10 -1.42 -4.81 17.54
C GLN A 10 -0.57 -4.23 16.41
N GLN A 11 0.62 -4.77 16.22
CA GLN A 11 1.52 -4.28 15.19
C GLN A 11 0.79 -3.98 13.87
N GLN A 12 -0.17 -4.83 13.51
CA GLN A 12 -0.92 -4.64 12.27
C GLN A 12 -1.69 -3.32 12.28
N VAL A 13 -2.76 -3.25 13.07
CA VAL A 13 -3.58 -2.05 13.15
C VAL A 13 -2.81 -0.88 13.74
N ALA A 14 -1.97 -1.17 14.72
CA ALA A 14 -1.18 -0.14 15.40
C ALA A 14 -0.45 0.74 14.39
N GLN A 15 0.05 0.14 13.32
CA GLN A 15 0.78 0.90 12.31
C GLN A 15 -0.11 1.95 11.65
N PHE A 16 -1.37 1.61 11.44
CA PHE A 16 -2.31 2.52 10.78
C PHE A 16 -2.43 3.85 11.51
N SER A 17 -2.59 3.81 12.83
CA SER A 17 -2.70 5.04 13.61
C SER A 17 -1.40 5.82 13.52
N THR A 18 -0.30 5.08 13.61
CA THR A 18 1.05 5.64 13.54
C THR A 18 1.32 6.27 12.16
N VAL A 19 0.94 5.57 11.09
CA VAL A 19 1.19 6.08 9.75
C VAL A 19 0.55 7.46 9.57
N ARG A 20 -0.63 7.65 10.14
CA ARG A 20 -1.32 8.93 10.03
C ARG A 20 -0.48 10.05 10.65
N GLN A 21 0.22 9.73 11.73
CA GLN A 21 1.05 10.71 12.42
C GLN A 21 2.19 11.19 11.52
N ASN A 22 2.76 10.27 10.76
CA ASN A 22 3.88 10.59 9.87
C ASN A 22 3.47 11.60 8.79
N VAL A 23 2.28 11.42 8.23
CA VAL A 23 1.80 12.31 7.18
C VAL A 23 1.64 13.75 7.69
N ASN A 24 1.11 13.89 8.89
CA ASN A 24 0.87 15.20 9.49
C ASN A 24 2.17 15.99 9.67
N LYS A 25 3.23 15.33 10.10
CA LYS A 25 4.51 16.00 10.32
C LYS A 25 5.09 16.56 9.02
N HIS A 26 5.01 15.76 7.97
CA HIS A 26 5.55 16.18 6.68
C HIS A 26 4.64 17.17 5.98
N ARG A 27 3.43 17.34 6.51
CA ARG A 27 2.48 18.28 5.92
C ARG A 27 3.08 19.68 5.93
N SER A 28 3.67 20.05 7.06
CA SER A 28 4.28 21.37 7.22
C SER A 28 5.46 21.52 6.28
N HIS A 29 6.26 20.45 6.22
CA HIS A 29 7.46 20.45 5.40
C HIS A 29 7.13 20.62 3.91
N TRP A 30 6.14 19.89 3.40
CA TRP A 30 5.77 20.01 1.99
C TRP A 30 5.19 21.40 1.72
N LYS A 31 4.52 21.96 2.72
CA LYS A 31 3.93 23.29 2.58
C LYS A 31 5.01 24.31 2.22
N SER A 32 6.23 24.02 2.64
CA SER A 32 7.36 24.91 2.38
C SER A 32 7.83 24.78 0.94
N GLN A 33 7.18 23.88 0.18
CA GLN A 33 7.53 23.66 -1.23
C GLN A 33 6.26 23.40 -2.04
N GLN A 34 6.33 23.66 -3.33
CA GLN A 34 5.19 23.45 -4.23
C GLN A 34 5.28 22.06 -4.87
N LEU A 35 4.19 21.61 -5.47
CA LEU A 35 4.18 20.30 -6.11
C LEU A 35 5.19 20.27 -7.25
N ASP A 36 5.28 21.37 -7.98
CA ASP A 36 6.23 21.46 -9.07
C ASP A 36 7.63 21.13 -8.59
N SER A 37 7.75 20.97 -7.28
CA SER A 37 9.05 20.66 -6.66
C SER A 37 9.67 19.43 -7.32
N ASN A 38 8.86 18.40 -7.53
CA ASN A 38 9.38 17.18 -8.15
C ASN A 38 8.26 16.24 -8.61
N VAL A 39 7.08 16.79 -8.91
CA VAL A 39 5.96 15.93 -9.36
C VAL A 39 5.08 16.63 -10.41
N THR A 40 5.01 16.01 -11.59
CA THR A 40 4.17 16.51 -12.69
C THR A 40 3.04 15.51 -12.96
N MET A 41 1.80 15.98 -12.98
CA MET A 41 0.65 15.10 -13.24
C MET A 41 0.24 15.19 -14.72
N PRO A 42 -0.07 14.09 -15.37
CA PRO A 42 -0.48 14.12 -16.81
C PRO A 42 -1.88 14.70 -16.99
N LYS A 43 -2.28 15.52 -16.03
CA LYS A 43 -3.60 16.16 -16.03
C LYS A 43 -4.70 15.14 -15.78
N SER A 44 -5.78 15.62 -15.16
CA SER A 44 -6.93 14.78 -14.84
C SER A 44 -7.66 14.31 -16.10
N GLU A 45 -7.62 15.12 -17.15
CA GLU A 45 -8.32 14.78 -18.40
C GLU A 45 -7.73 13.55 -19.08
N ASP A 46 -6.53 13.14 -18.68
CA ASP A 46 -5.88 11.96 -19.29
C ASP A 46 -5.85 10.80 -18.30
N GLU A 47 -7.01 10.18 -18.08
CA GLU A 47 -7.10 9.08 -17.14
C GLU A 47 -6.02 8.03 -17.40
N GLU A 48 -5.71 7.79 -18.67
CA GLU A 48 -4.69 6.82 -19.02
C GLU A 48 -3.32 7.25 -18.51
N GLY A 49 -3.09 8.56 -18.47
CA GLY A 49 -1.82 9.10 -17.99
C GLY A 49 -1.58 8.75 -16.52
N TRP A 50 -2.65 8.74 -15.74
CA TRP A 50 -2.52 8.44 -14.31
C TRP A 50 -2.13 6.99 -14.09
N LYS A 51 -2.71 6.09 -14.86
CA LYS A 51 -2.41 4.66 -14.71
C LYS A 51 -0.94 4.37 -15.01
N LYS A 52 -0.47 4.87 -16.14
CA LYS A 52 0.93 4.63 -16.54
C LYS A 52 1.89 5.44 -15.68
N PHE A 53 1.57 6.72 -15.47
CA PHE A 53 2.44 7.61 -14.70
C PHE A 53 2.62 7.10 -13.27
N CYS A 54 1.53 6.74 -12.61
CA CYS A 54 1.60 6.26 -11.23
C CYS A 54 2.18 4.83 -11.14
N LEU A 55 1.73 3.94 -12.02
CA LEU A 55 2.21 2.54 -12.00
C LEU A 55 3.28 2.30 -13.04
N GLY A 56 3.82 3.38 -13.60
CA GLY A 56 4.87 3.27 -14.62
C GLY A 56 5.85 2.14 -14.32
N GLU A 57 6.60 1.73 -15.34
CA GLU A 57 7.57 0.66 -15.20
C GLU A 57 8.70 1.07 -14.26
N LYS A 58 8.64 2.30 -13.78
CA LYS A 58 9.65 2.82 -12.85
C LYS A 58 9.67 1.99 -11.57
N LEU A 59 8.51 1.41 -11.23
CA LEU A 59 8.42 0.58 -10.03
C LEU A 59 9.32 -0.64 -10.18
N CYS A 60 9.30 -1.23 -11.37
CA CYS A 60 10.11 -2.41 -11.66
C CYS A 60 11.54 -2.01 -12.01
N ALA A 61 11.72 -0.75 -12.39
CA ALA A 61 13.06 -0.27 -12.75
C ALA A 61 14.03 -0.42 -11.59
N ASP A 62 13.62 0.05 -10.40
CA ASP A 62 14.47 -0.05 -9.23
C ASP A 62 14.71 -1.51 -8.88
N GLY A 63 13.63 -2.29 -8.85
CA GLY A 63 13.73 -3.69 -8.52
C GLY A 63 13.92 -3.86 -7.02
N ALA A 64 15.06 -4.39 -6.63
CA ALA A 64 15.36 -4.57 -5.23
C ALA A 64 16.82 -4.92 -5.03
N VAL A 65 17.69 -4.33 -5.85
CA VAL A 65 19.12 -4.60 -5.77
C VAL A 65 19.68 -4.17 -4.42
N GLY A 66 19.28 -2.99 -3.96
CA GLY A 66 19.75 -2.45 -2.68
C GLY A 66 19.82 -0.94 -2.70
N PRO A 67 18.74 -0.28 -3.07
CA PRO A 67 18.71 1.20 -3.11
C PRO A 67 19.08 1.75 -1.73
N ALA A 68 18.62 1.05 -0.71
CA ALA A 68 18.91 1.41 0.65
C ALA A 68 20.39 1.15 0.93
N THR A 69 20.88 0.04 0.39
CA THR A 69 22.27 -0.36 0.54
C THR A 69 23.21 0.68 -0.09
N ASN A 70 22.85 1.13 -1.29
CA ASN A 70 23.67 2.11 -2.00
C ASN A 70 23.78 3.41 -1.23
N GLU A 71 22.69 3.82 -0.57
CA GLU A 71 22.67 5.06 0.20
C GLU A 71 23.02 6.24 -0.70
N SER A 72 22.66 6.13 -1.98
CA SER A 72 22.94 7.18 -2.95
C SER A 72 21.84 7.21 -4.01
N PRO A 73 20.62 7.50 -3.61
CA PRO A 73 19.47 7.57 -4.55
C PRO A 73 19.46 8.87 -5.36
N GLY A 74 20.12 8.85 -6.53
CA GLY A 74 20.17 10.03 -7.40
C GLY A 74 21.39 9.98 -8.30
N ILE A 75 21.93 8.78 -8.51
CA ILE A 75 23.10 8.62 -9.37
C ILE A 75 22.78 9.02 -10.81
N ASP A 76 21.63 8.58 -11.29
CA ASP A 76 21.18 8.88 -12.66
C ASP A 76 19.77 8.34 -12.89
N TYR A 77 19.65 7.02 -12.96
CA TYR A 77 18.36 6.37 -13.19
C TYR A 77 17.35 6.69 -12.09
N VAL A 78 17.84 6.87 -10.88
CA VAL A 78 16.97 7.13 -9.75
C VAL A 78 16.21 8.46 -9.91
N GLN A 79 16.93 9.52 -10.28
CA GLN A 79 16.29 10.84 -10.42
C GLN A 79 15.45 10.88 -11.68
N ILE A 80 15.61 9.87 -12.50
CA ILE A 80 14.85 9.76 -13.75
C ILE A 80 13.49 9.13 -13.47
N GLY A 81 13.42 8.35 -12.38
CA GLY A 81 12.17 7.70 -11.97
C GLY A 81 11.57 8.41 -10.77
N PHE A 82 10.24 8.57 -10.76
CA PHE A 82 9.55 9.24 -9.66
C PHE A 82 8.92 8.20 -8.72
N PRO A 83 9.50 7.89 -7.58
CA PRO A 83 8.91 6.89 -6.65
C PRO A 83 7.76 7.51 -5.85
N PRO A 84 6.87 6.70 -5.31
CA PRO A 84 5.72 7.22 -4.53
C PRO A 84 6.18 7.92 -3.26
N LEU A 85 5.56 9.07 -2.96
CA LEU A 85 5.89 9.85 -1.76
C LEU A 85 4.66 10.57 -1.24
N LEU A 86 4.82 11.25 -0.13
CA LEU A 86 3.72 11.97 0.47
C LEU A 86 3.23 13.08 -0.44
N SER A 87 4.17 13.78 -1.07
CA SER A 87 3.81 14.91 -1.95
C SER A 87 2.98 14.44 -3.14
N ILE A 88 3.39 13.34 -3.77
CA ILE A 88 2.65 12.83 -4.92
C ILE A 88 1.28 12.35 -4.49
N VAL A 89 1.27 11.59 -3.41
CA VAL A 89 0.05 11.03 -2.85
C VAL A 89 -0.87 12.10 -2.29
N SER A 90 -0.28 13.07 -1.59
CA SER A 90 -1.05 14.14 -0.97
C SER A 90 -1.94 14.85 -1.97
N ARG A 91 -1.56 14.83 -3.25
CA ARG A 91 -2.35 15.50 -4.28
C ARG A 91 -3.42 14.55 -4.80
N MET A 92 -3.19 13.25 -4.62
CA MET A 92 -4.15 12.25 -5.09
C MET A 92 -5.31 12.13 -4.11
N ASN A 93 -6.53 12.26 -4.63
CA ASN A 93 -7.72 12.16 -3.80
C ASN A 93 -8.07 10.69 -3.54
N GLN A 94 -8.89 10.46 -2.53
CA GLN A 94 -9.32 9.11 -2.21
C GLN A 94 -10.12 8.53 -3.37
N ALA A 95 -10.92 9.39 -3.99
CA ALA A 95 -11.75 9.01 -5.12
C ALA A 95 -10.92 8.69 -6.35
N THR A 96 -9.82 9.42 -6.57
CA THR A 96 -9.00 9.20 -7.76
C THR A 96 -8.40 7.79 -7.80
N VAL A 97 -7.78 7.37 -6.70
CA VAL A 97 -7.18 6.04 -6.65
C VAL A 97 -8.24 4.95 -6.66
N THR A 98 -9.43 5.30 -6.17
CA THR A 98 -10.53 4.33 -6.10
C THR A 98 -10.92 3.85 -7.50
N SER A 99 -11.04 4.78 -8.44
CA SER A 99 -11.39 4.43 -9.82
C SER A 99 -10.26 3.65 -10.48
N VAL A 100 -9.03 4.02 -10.12
CA VAL A 100 -7.86 3.37 -10.67
C VAL A 100 -7.83 1.88 -10.31
N LEU A 101 -8.54 1.54 -9.25
CA LEU A 101 -8.62 0.16 -8.77
C LEU A 101 -9.25 -0.75 -9.82
N GLU A 102 -10.27 -0.24 -10.51
CA GLU A 102 -11.00 -1.03 -11.50
C GLU A 102 -10.12 -1.51 -12.67
N TYR A 103 -9.22 -0.67 -13.16
CA TYR A 103 -8.38 -1.06 -14.29
C TYR A 103 -7.50 -2.28 -13.96
N LEU A 104 -6.87 -2.25 -12.79
CA LEU A 104 -5.96 -3.34 -12.40
C LEU A 104 -6.69 -4.68 -12.29
N SER A 105 -7.88 -4.67 -11.73
CA SER A 105 -8.64 -5.89 -11.54
C SER A 105 -8.94 -6.59 -12.87
N ASN A 106 -9.35 -5.82 -13.86
CA ASN A 106 -9.68 -6.36 -15.18
C ASN A 106 -8.46 -6.93 -15.90
N TRP A 107 -7.31 -6.31 -15.68
CA TRP A 107 -6.08 -6.74 -16.34
C TRP A 107 -5.75 -8.21 -16.06
N PHE A 108 -5.91 -8.64 -14.82
CA PHE A 108 -5.58 -10.03 -14.47
C PHE A 108 -4.14 -10.34 -14.83
N GLY A 109 -3.95 -10.85 -16.03
CA GLY A 109 -2.61 -11.18 -16.49
C GLY A 109 -2.09 -12.47 -15.87
N GLU A 110 -2.99 -13.44 -15.70
CA GLU A 110 -2.60 -14.71 -15.11
C GLU A 110 -1.93 -14.49 -13.75
N ARG A 111 -1.29 -15.55 -13.22
CA ARG A 111 -0.61 -15.51 -11.91
C ARG A 111 -1.22 -14.47 -10.98
N ASP A 112 -2.03 -14.94 -10.05
CA ASP A 112 -2.68 -14.06 -9.09
C ASP A 112 -1.68 -13.64 -8.02
N PHE A 113 -2.07 -12.65 -7.22
CA PHE A 113 -1.22 -12.13 -6.16
C PHE A 113 0.07 -11.60 -6.78
N THR A 114 0.65 -10.61 -6.13
CA THR A 114 1.88 -10.03 -6.62
C THR A 114 2.46 -9.07 -5.57
N PRO A 115 3.77 -9.07 -5.33
CA PRO A 115 4.39 -8.19 -4.30
C PRO A 115 4.46 -6.71 -4.68
N GLU A 116 4.41 -6.41 -5.98
CA GLU A 116 4.51 -5.01 -6.42
C GLU A 116 3.29 -4.19 -6.00
N LEU A 117 2.11 -4.77 -6.17
CA LEU A 117 0.86 -4.08 -5.81
C LEU A 117 0.73 -3.96 -4.29
N GLY A 118 1.27 -4.93 -3.57
CA GLY A 118 1.17 -4.93 -2.11
C GLY A 118 1.75 -3.65 -1.51
N ARG A 119 2.88 -3.20 -2.02
CA ARG A 119 3.50 -1.97 -1.51
C ARG A 119 2.54 -0.80 -1.73
N TRP A 120 1.87 -0.86 -2.87
CA TRP A 120 0.88 0.16 -3.24
C TRP A 120 -0.42 -0.03 -2.47
N LEU A 121 -0.77 -1.29 -2.23
CA LEU A 121 -2.00 -1.64 -1.52
C LEU A 121 -2.14 -0.88 -0.21
N TYR A 122 -1.07 -0.83 0.56
CA TYR A 122 -1.11 -0.12 1.84
C TYR A 122 -1.42 1.36 1.63
N ALA A 123 -0.87 1.92 0.55
CA ALA A 123 -1.08 3.33 0.24
C ALA A 123 -2.56 3.67 0.09
N LEU A 124 -3.35 2.73 -0.42
CA LEU A 124 -4.78 2.98 -0.62
C LEU A 124 -5.47 3.27 0.71
N LEU A 125 -5.16 2.48 1.73
CA LEU A 125 -5.77 2.68 3.04
C LEU A 125 -5.40 4.05 3.61
N ALA A 126 -4.14 4.42 3.42
CA ALA A 126 -3.66 5.71 3.92
C ALA A 126 -4.38 6.86 3.21
N CYS A 127 -4.88 6.59 1.99
CA CYS A 127 -5.58 7.61 1.22
C CYS A 127 -7.06 7.70 1.62
N LEU A 128 -7.55 6.66 2.30
CA LEU A 128 -8.95 6.64 2.75
C LEU A 128 -9.05 7.27 4.14
N GLU A 129 -10.01 8.17 4.30
CA GLU A 129 -10.22 8.86 5.58
C GLU A 129 -11.21 8.11 6.45
N LYS A 130 -11.50 8.67 7.62
CA LYS A 130 -12.43 8.05 8.55
C LYS A 130 -13.71 7.61 7.82
N PRO A 131 -14.49 8.53 7.29
CA PRO A 131 -15.74 8.19 6.56
C PRO A 131 -15.46 7.36 5.30
N LEU A 132 -16.34 6.39 5.01
CA LEU A 132 -16.19 5.54 3.83
C LEU A 132 -17.44 5.65 2.96
N LEU A 133 -17.25 5.87 1.66
CA LEU A 133 -18.37 5.99 0.75
C LEU A 133 -19.01 4.60 0.53
N PRO A 134 -20.28 4.52 0.19
CA PRO A 134 -20.93 3.19 -0.05
C PRO A 134 -20.11 2.34 -1.03
N GLU A 135 -19.63 2.96 -2.10
CA GLU A 135 -18.85 2.26 -3.12
C GLU A 135 -17.50 1.80 -2.58
N ALA A 136 -16.87 2.64 -1.76
CA ALA A 136 -15.55 2.31 -1.19
C ALA A 136 -15.64 1.06 -0.33
N HIS A 137 -16.74 0.94 0.41
CA HIS A 137 -16.94 -0.21 1.29
C HIS A 137 -17.10 -1.48 0.47
N SER A 138 -17.81 -1.36 -0.64
CA SER A 138 -18.07 -2.51 -1.51
C SER A 138 -16.78 -3.05 -2.13
N LEU A 139 -15.90 -2.15 -2.54
CA LEU A 139 -14.64 -2.53 -3.19
C LEU A 139 -13.70 -3.32 -2.27
N ILE A 140 -13.59 -2.90 -1.01
CA ILE A 140 -12.69 -3.59 -0.09
C ILE A 140 -13.12 -5.04 0.14
N ARG A 141 -14.43 -5.26 0.16
CA ARG A 141 -14.97 -6.60 0.38
C ARG A 141 -14.70 -7.55 -0.79
N GLN A 142 -14.82 -7.04 -2.03
CA GLN A 142 -14.65 -7.88 -3.21
C GLN A 142 -13.21 -8.40 -3.39
N LEU A 143 -12.21 -7.56 -3.15
CA LEU A 143 -10.82 -7.99 -3.33
C LEU A 143 -10.42 -9.03 -2.27
N ALA A 144 -10.94 -8.87 -1.06
CA ALA A 144 -10.61 -9.78 0.03
C ALA A 144 -11.06 -11.21 -0.27
N ARG A 145 -12.20 -11.33 -0.95
CA ARG A 145 -12.73 -12.66 -1.27
C ARG A 145 -11.81 -13.43 -2.22
N ARG A 146 -11.22 -12.73 -3.18
CA ARG A 146 -10.34 -13.39 -4.15
C ARG A 146 -9.12 -13.98 -3.45
N CYS A 147 -8.57 -13.24 -2.49
CA CYS A 147 -7.40 -13.69 -1.75
C CYS A 147 -7.66 -15.06 -1.10
N SER A 148 -8.90 -15.29 -0.67
CA SER A 148 -9.27 -16.54 -0.03
C SER A 148 -8.97 -17.73 -0.94
N GLU A 149 -9.13 -17.53 -2.25
CA GLU A 149 -8.88 -18.59 -3.22
C GLU A 149 -7.42 -19.05 -3.16
N VAL A 150 -6.52 -18.12 -2.94
CA VAL A 150 -5.10 -18.43 -2.88
C VAL A 150 -4.81 -19.47 -1.78
N ARG A 151 -5.40 -19.29 -0.61
CA ARG A 151 -5.17 -20.23 0.50
C ARG A 151 -5.61 -21.64 0.11
N LEU A 152 -6.75 -21.73 -0.58
CA LEU A 152 -7.26 -23.03 -1.00
C LEU A 152 -6.28 -23.71 -1.96
N LEU A 153 -5.69 -22.91 -2.84
CA LEU A 153 -4.73 -23.44 -3.82
C LEU A 153 -3.50 -24.01 -3.11
N VAL A 154 -3.05 -23.35 -2.05
CA VAL A 154 -1.88 -23.83 -1.31
C VAL A 154 -2.10 -25.28 -0.87
N ASP A 155 -1.08 -26.11 -1.09
CA ASP A 155 -1.17 -27.53 -0.72
C ASP A 155 -1.14 -27.73 0.79
N SER A 156 -0.25 -27.01 1.48
CA SER A 156 -0.11 -27.15 2.95
C SER A 156 0.03 -25.79 3.64
N LYS A 157 -0.44 -25.74 4.88
CA LYS A 157 -0.37 -24.53 5.69
C LYS A 157 1.07 -24.24 6.09
N ASP A 158 1.92 -25.23 5.91
CA ASP A 158 3.34 -25.10 6.29
C ASP A 158 4.09 -24.29 5.24
N ASP A 159 3.36 -23.67 4.32
CA ASP A 159 3.95 -22.85 3.26
C ASP A 159 4.92 -21.81 3.85
N GLU A 160 4.56 -20.54 3.73
CA GLU A 160 5.39 -19.45 4.23
C GLU A 160 4.65 -18.13 4.06
N ARG A 161 3.77 -18.11 3.06
CA ARG A 161 2.96 -16.92 2.77
C ARG A 161 1.68 -17.01 3.57
N VAL A 162 1.25 -18.23 3.77
CA VAL A 162 0.04 -18.51 4.53
C VAL A 162 -0.01 -17.67 5.83
N PRO A 163 0.95 -17.77 6.72
CA PRO A 163 0.93 -16.97 7.99
C PRO A 163 0.80 -15.47 7.70
N ALA A 164 1.55 -14.99 6.72
CA ALA A 164 1.47 -13.57 6.36
C ALA A 164 0.07 -13.25 5.85
N LEU A 165 -0.46 -14.14 5.03
CA LEU A 165 -1.79 -13.95 4.46
C LEU A 165 -2.87 -13.93 5.54
N ASN A 166 -2.78 -14.85 6.49
CA ASN A 166 -3.78 -14.93 7.54
C ASN A 166 -3.87 -13.66 8.39
N LEU A 167 -2.72 -13.13 8.79
CA LEU A 167 -2.69 -11.91 9.62
C LEU A 167 -3.16 -10.69 8.83
N LEU A 168 -2.81 -10.64 7.55
CA LEU A 168 -3.18 -9.50 6.70
C LEU A 168 -4.71 -9.34 6.62
N ILE A 169 -5.40 -10.46 6.46
CA ILE A 169 -6.86 -10.45 6.37
C ILE A 169 -7.48 -9.94 7.67
N CYS A 170 -6.93 -10.38 8.80
CA CYS A 170 -7.45 -9.99 10.11
C CYS A 170 -7.53 -8.46 10.24
N LEU A 171 -6.58 -7.77 9.64
CA LEU A 171 -6.55 -6.30 9.72
C LEU A 171 -7.83 -5.70 9.14
N VAL A 172 -8.25 -6.21 7.98
CA VAL A 172 -9.45 -5.70 7.31
C VAL A 172 -10.72 -5.91 8.16
N SER A 173 -10.87 -7.10 8.73
CA SER A 173 -12.05 -7.43 9.53
C SER A 173 -12.24 -6.51 10.73
N ARG A 174 -11.14 -6.08 11.34
CA ARG A 174 -11.23 -5.22 12.52
C ARG A 174 -11.35 -3.75 12.16
N TYR A 175 -10.54 -3.30 11.21
CA TYR A 175 -10.56 -1.89 10.83
C TYR A 175 -11.91 -1.46 10.24
N PHE A 176 -12.45 -2.28 9.34
CA PHE A 176 -13.73 -1.97 8.70
C PHE A 176 -14.88 -2.57 9.50
N ASP A 177 -14.54 -3.37 10.51
CA ASP A 177 -15.55 -3.99 11.35
C ASP A 177 -16.44 -4.93 10.54
N GLN A 178 -15.90 -5.47 9.45
CA GLN A 178 -16.67 -6.39 8.62
C GLN A 178 -16.68 -7.78 9.25
N ARG A 179 -17.55 -7.98 10.23
CA ARG A 179 -17.65 -9.26 10.90
C ARG A 179 -17.96 -10.38 9.91
N ASP A 180 -18.43 -10.00 8.72
CA ASP A 180 -18.78 -10.99 7.71
C ASP A 180 -17.54 -11.78 7.28
N LEU A 181 -16.38 -11.12 7.27
CA LEU A 181 -15.12 -11.78 6.89
C LEU A 181 -14.38 -12.29 8.12
N ALA A 182 -14.83 -11.89 9.30
CA ALA A 182 -14.19 -12.31 10.54
C ALA A 182 -14.41 -13.80 10.78
N ASP A 183 -13.38 -14.50 11.26
CA ASP A 183 -13.48 -15.94 11.53
C ASP A 183 -13.89 -16.18 12.98
N GLU A 184 -15.20 -16.09 13.24
CA GLU A 184 -15.72 -16.31 14.60
C GLU A 184 -15.91 -17.81 14.85
N PRO A 185 -15.77 -18.27 16.09
CA PRO A 185 -15.94 -19.72 16.41
C PRO A 185 -17.39 -20.18 16.25
N SER A 186 -18.33 -19.28 16.54
CA SER A 186 -19.74 -19.60 16.43
C SER A 186 -20.59 -18.40 16.80
N LEU A 187 -20.08 -17.20 16.50
CA LEU A 187 -20.79 -15.96 16.82
C LEU A 187 -21.03 -15.85 18.33
N GLU A 188 -20.60 -16.86 19.07
CA GLU A 188 -20.77 -16.85 20.52
C GLU A 188 -22.20 -16.47 20.88
N TYR A 189 -23.11 -16.59 19.91
CA TYR A 189 -24.50 -16.25 20.15
C TYR A 189 -25.20 -17.35 20.96
N GLY B 1 6.35 30.25 17.51
CA GLY B 1 6.88 31.03 16.35
C GLY B 1 8.32 30.61 16.06
N GLN B 2 8.98 30.02 17.07
CA GLN B 2 10.36 29.56 16.92
C GLN B 2 10.38 28.04 16.71
N SER B 3 11.20 27.58 15.77
CA SER B 3 11.32 26.15 15.49
C SER B 3 12.69 25.83 14.91
N ASP B 4 13.05 24.54 14.94
CA ASP B 4 14.35 24.10 14.42
C ASP B 4 14.22 22.68 13.86
N ASP B 5 13.08 22.40 13.24
CA ASP B 5 12.86 21.07 12.68
C ASP B 5 13.83 20.80 11.55
N SER B 6 14.35 19.57 11.51
CA SER B 6 15.30 19.17 10.47
C SER B 6 15.26 17.66 10.26
N ASP B 7 14.66 16.97 11.23
CA ASP B 7 14.55 15.51 11.19
C ASP B 7 13.31 15.08 10.42
N ILE B 8 12.67 16.03 9.72
CA ILE B 8 11.46 15.73 8.96
C ILE B 8 11.70 14.59 7.96
N TRP B 9 12.92 14.06 7.92
CA TRP B 9 13.25 12.99 6.99
C TRP B 9 12.78 11.64 7.52
N ASP B 10 11.55 11.28 7.17
CA ASP B 10 10.97 10.01 7.60
C ASP B 10 9.77 9.67 6.71
N ASP B 11 9.80 10.16 5.48
CA ASP B 11 8.72 9.92 4.53
C ASP B 11 8.71 8.46 4.07
N THR B 12 9.82 7.78 4.28
CA THR B 12 9.95 6.37 3.90
C THR B 12 9.29 5.47 4.94
N ALA B 13 8.59 6.10 5.87
CA ALA B 13 7.92 5.36 6.93
C ALA B 13 6.93 4.36 6.34
N LEU B 14 6.27 4.77 5.27
CA LEU B 14 5.29 3.91 4.61
C LEU B 14 5.95 2.67 4.01
N ILE B 15 7.14 2.85 3.43
CA ILE B 15 7.84 1.73 2.80
C ILE B 15 8.30 0.69 3.83
N LYS B 16 8.82 1.15 4.96
CA LYS B 16 9.30 0.23 6.00
C LYS B 16 8.17 -0.66 6.49
N ALA B 17 6.99 -0.08 6.61
CA ALA B 17 5.82 -0.80 7.10
C ALA B 17 5.51 -2.02 6.23
N TYR B 18 5.85 -1.94 4.95
CA TYR B 18 5.60 -3.05 4.04
C TYR B 18 6.41 -4.29 4.42
N ASP B 19 7.70 -4.10 4.67
CA ASP B 19 8.59 -5.22 4.99
C ASP B 19 8.24 -5.94 6.31
N LYS B 20 7.98 -5.17 7.37
CA LYS B 20 7.70 -5.78 8.67
C LYS B 20 6.42 -6.62 8.68
N ALA B 21 5.36 -6.13 8.04
CA ALA B 21 4.10 -6.86 8.01
C ALA B 21 4.26 -8.21 7.31
N VAL B 22 4.91 -8.17 6.15
CA VAL B 22 5.16 -9.39 5.38
C VAL B 22 6.18 -10.28 6.08
N ALA B 23 7.22 -9.66 6.63
CA ALA B 23 8.27 -10.40 7.32
C ALA B 23 7.69 -11.22 8.46
N SER B 24 6.54 -10.81 8.99
CA SER B 24 5.91 -11.52 10.10
C SER B 24 5.89 -13.02 9.85
N PHE B 25 6.97 -13.70 10.22
CA PHE B 25 7.07 -15.14 10.04
C PHE B 25 8.28 -15.70 10.79
N LYS B 26 9.29 -14.84 10.98
CA LYS B 26 10.51 -15.26 11.67
C LYS B 26 10.25 -15.43 13.16
#